data_7RY6
#
_entry.id   7RY6
#
_entity_poly.entity_id   1
_entity_poly.type   'polypeptide(L)'
_entity_poly.pdbx_seq_one_letter_code
;MPDESSWPNMTESTPFPLTPVQHAYLTGRMPGQTLGGVGCHLYQEFEGHCLTASQLEQAITTLLQRHPMLHIAFRPDGQQ
VWLPQPYWNGVTVHDLRHNDAESRQAYLDALRQRLSHRLLRVEIGETFDFQLTLLPDNRHRLHVNIDLLIMDASSFTLFF
DELNALLAGESLPAIDTRYDFRSYLLHQQKINQPLRDDARAYWLAKASTLPPAPVLPLACEPATLREVRNTRRRMIVPAT
RWHAFSNRAGEYGVTPTMALATCFSAVLARWGGLTRLLLNITLFDRQPLHPAVGAMLADFTNILLLDTACDGDTVSNLAR
KNQLTFTEDWEHRHWSGVELLRELKRQQRYPHGAPVVFTSNLGRSLYSSRAESPLGEPEWGISQTPQVWIDHLAFEHHGE
VWLQWDSNDALFPPALVETLFDAYCQLINQLCDDESAWQKPFADMLEHHHHHH
;
_entity_poly.pdbx_strand_id   A
#
# COMPACT_ATOMS: atom_id res chain seq x y z
N MET A 1 -31.11 32.86 6.45
CA MET A 1 -30.74 31.45 6.20
C MET A 1 -31.30 30.59 7.36
N PRO A 2 -32.45 29.87 7.14
CA PRO A 2 -33.15 29.12 8.22
C PRO A 2 -32.38 27.86 8.68
N ASP A 3 -32.51 27.51 9.98
CA ASP A 3 -31.90 26.28 10.56
C ASP A 3 -32.59 25.06 9.95
N GLU A 4 -31.82 24.28 9.18
CA GLU A 4 -32.34 23.14 8.40
C GLU A 4 -31.27 22.01 8.39
N SER A 5 -31.72 20.78 8.07
CA SER A 5 -30.83 19.61 7.94
C SER A 5 -29.82 19.82 6.80
N SER A 6 -28.54 19.49 7.08
CA SER A 6 -27.44 19.65 6.11
C SER A 6 -27.61 18.65 4.95
N TRP A 7 -27.55 19.18 3.71
CA TRP A 7 -27.85 18.43 2.48
C TRP A 7 -26.76 17.37 2.15
N PRO A 8 -27.08 16.34 1.30
CA PRO A 8 -26.05 15.44 0.72
C PRO A 8 -25.25 16.16 -0.40
N ASN A 9 -24.14 15.55 -0.84
CA ASN A 9 -23.24 16.19 -1.82
C ASN A 9 -23.94 16.25 -3.20
N MET A 10 -24.27 17.47 -3.63
CA MET A 10 -24.84 17.76 -4.96
C MET A 10 -23.72 18.06 -5.97
N THR A 11 -22.45 17.95 -5.50
CA THR A 11 -21.24 18.15 -6.29
C THR A 11 -20.90 16.86 -7.09
N GLU A 12 -21.89 16.38 -7.87
CA GLU A 12 -21.81 15.09 -8.59
C GLU A 12 -20.90 15.18 -9.83
N SER A 13 -20.79 16.40 -10.40
CA SER A 13 -19.92 16.71 -11.55
C SER A 13 -18.95 17.86 -11.21
N THR A 14 -19.21 18.53 -10.07
CA THR A 14 -18.44 19.68 -9.60
C THR A 14 -17.21 19.20 -8.81
N PRO A 15 -15.95 19.70 -9.15
CA PRO A 15 -14.69 19.30 -8.45
C PRO A 15 -14.82 19.39 -6.92
N PHE A 16 -14.59 18.26 -6.25
CA PHE A 16 -14.79 18.10 -4.81
C PHE A 16 -13.45 17.71 -4.16
N PRO A 17 -13.12 18.24 -2.92
CA PRO A 17 -11.93 17.82 -2.14
C PRO A 17 -11.76 16.28 -1.99
N LEU A 18 -10.58 15.88 -1.49
CA LEU A 18 -10.19 14.45 -1.36
C LEU A 18 -11.01 13.76 -0.25
N THR A 19 -10.80 12.43 -0.14
CA THR A 19 -11.42 11.58 0.89
C THR A 19 -10.89 11.97 2.30
N PRO A 20 -11.60 11.59 3.43
CA PRO A 20 -11.17 11.91 4.83
C PRO A 20 -9.84 11.23 5.25
N VAL A 21 -9.19 10.52 4.30
CA VAL A 21 -7.83 10.03 4.47
C VAL A 21 -6.86 11.22 4.42
N GLN A 22 -6.65 11.83 5.61
CA GLN A 22 -5.77 13.01 5.79
C GLN A 22 -4.31 12.70 5.37
N HIS A 23 -3.93 11.41 5.39
CA HIS A 23 -2.61 10.95 4.91
C HIS A 23 -2.45 11.24 3.41
N ALA A 24 -3.49 10.89 2.62
CA ALA A 24 -3.51 11.07 1.16
C ALA A 24 -3.65 12.56 0.79
N TYR A 25 -4.40 13.30 1.63
CA TYR A 25 -4.65 14.73 1.44
C TYR A 25 -3.39 15.56 1.75
N LEU A 26 -2.60 15.08 2.74
CA LEU A 26 -1.33 15.71 3.15
C LEU A 26 -0.29 15.54 2.03
N THR A 27 -0.22 14.31 1.49
CA THR A 27 0.71 13.95 0.40
C THR A 27 0.47 14.81 -0.86
N GLY A 28 -0.83 14.93 -1.25
CA GLY A 28 -1.20 15.63 -2.48
C GLY A 28 -1.08 17.15 -2.37
N ARG A 29 -1.55 17.71 -1.24
CA ARG A 29 -1.60 19.17 -1.04
C ARG A 29 -0.21 19.72 -0.65
N MET A 30 0.61 18.89 0.03
CA MET A 30 1.99 19.25 0.44
C MET A 30 2.99 18.25 -0.17
N PRO A 31 3.35 18.42 -1.49
CA PRO A 31 4.34 17.57 -2.18
C PRO A 31 5.77 18.06 -1.87
N GLY A 32 6.73 17.14 -1.97
CA GLY A 32 8.14 17.45 -1.69
C GLY A 32 8.55 17.07 -0.28
N GLN A 33 7.70 16.26 0.42
CA GLN A 33 8.05 15.70 1.74
C GLN A 33 9.12 14.61 1.48
N THR A 34 10.33 14.87 1.95
CA THR A 34 11.55 14.21 1.47
C THR A 34 11.71 12.81 2.03
N LEU A 35 11.52 12.67 3.36
CA LEU A 35 11.63 11.38 4.07
C LEU A 35 10.67 10.35 3.43
N GLY A 36 9.52 10.85 2.98
CA GLY A 36 8.52 10.05 2.29
C GLY A 36 8.76 9.94 0.79
N GLY A 37 10.04 9.85 0.38
CA GLY A 37 10.41 9.60 -1.01
C GLY A 37 10.11 10.77 -1.94
N VAL A 38 10.01 11.99 -1.35
CA VAL A 38 9.62 13.26 -2.03
C VAL A 38 8.09 13.29 -2.34
N GLY A 39 7.54 12.20 -2.90
CA GLY A 39 6.10 12.07 -3.18
C GLY A 39 5.66 10.62 -3.23
N CYS A 40 4.37 10.39 -3.57
CA CYS A 40 3.74 9.06 -3.56
C CYS A 40 3.81 8.43 -4.97
N HIS A 41 5.05 8.38 -5.53
CA HIS A 41 5.29 7.89 -6.89
C HIS A 41 5.75 6.43 -6.87
N LEU A 42 4.95 5.57 -7.47
CA LEU A 42 5.25 4.14 -7.66
C LEU A 42 5.16 3.80 -9.16
N TYR A 43 5.95 2.81 -9.58
CA TYR A 43 5.97 2.33 -10.95
C TYR A 43 5.59 0.85 -10.97
N GLN A 44 4.75 0.48 -11.92
CA GLN A 44 4.31 -0.90 -12.15
C GLN A 44 4.76 -1.28 -13.56
N GLU A 45 5.81 -2.11 -13.66
CA GLU A 45 6.35 -2.54 -14.96
C GLU A 45 6.20 -4.06 -15.13
N PHE A 46 5.25 -4.44 -15.99
CA PHE A 46 4.87 -5.85 -16.19
C PHE A 46 5.62 -6.41 -17.40
N GLU A 47 6.49 -7.39 -17.16
CA GLU A 47 7.28 -8.06 -18.22
C GLU A 47 6.49 -9.30 -18.68
N GLY A 48 6.10 -9.31 -19.97
CA GLY A 48 5.33 -10.41 -20.56
C GLY A 48 4.74 -10.02 -21.89
N HIS A 49 3.65 -10.69 -22.30
CA HIS A 49 2.92 -10.39 -23.55
C HIS A 49 1.46 -10.07 -23.19
N CYS A 50 0.99 -8.87 -23.57
CA CYS A 50 -0.41 -8.45 -23.34
C CYS A 50 -1.11 -8.18 -24.67
N LEU A 51 -0.50 -7.31 -25.51
CA LEU A 51 -1.02 -6.92 -26.84
C LEU A 51 -0.02 -5.94 -27.52
N THR A 52 -0.41 -5.35 -28.67
CA THR A 52 0.46 -4.47 -29.46
C THR A 52 0.28 -2.99 -29.00
N ALA A 53 1.26 -2.14 -29.35
CA ALA A 53 1.31 -0.72 -28.95
C ALA A 53 0.06 0.06 -29.36
N SER A 54 -0.37 -0.10 -30.62
CA SER A 54 -1.52 0.65 -31.17
C SER A 54 -2.85 0.16 -30.57
N GLN A 55 -2.90 -1.16 -30.27
CA GLN A 55 -4.06 -1.79 -29.61
C GLN A 55 -4.21 -1.29 -28.16
N LEU A 56 -3.06 -1.15 -27.47
CA LEU A 56 -2.99 -0.73 -26.06
C LEU A 56 -3.39 0.75 -25.93
N GLU A 57 -2.85 1.56 -26.83
CA GLU A 57 -3.06 3.01 -26.87
C GLU A 57 -4.54 3.35 -27.19
N GLN A 58 -5.10 2.62 -28.16
CA GLN A 58 -6.52 2.75 -28.55
C GLN A 58 -7.45 2.28 -27.42
N ALA A 59 -7.01 1.24 -26.68
CA ALA A 59 -7.77 0.70 -25.52
C ALA A 59 -7.92 1.75 -24.42
N ILE A 60 -6.84 2.51 -24.17
CA ILE A 60 -6.84 3.64 -23.20
C ILE A 60 -7.85 4.70 -23.63
N THR A 61 -7.86 5.01 -24.94
CA THR A 61 -8.76 6.02 -25.51
C THR A 61 -10.24 5.63 -25.32
N THR A 62 -10.51 4.32 -25.51
CA THR A 62 -11.86 3.73 -25.41
C THR A 62 -12.38 3.75 -23.94
N LEU A 63 -11.52 3.33 -22.99
CA LEU A 63 -11.86 3.29 -21.54
C LEU A 63 -12.11 4.70 -20.99
N LEU A 64 -11.27 5.66 -21.42
CA LEU A 64 -11.38 7.08 -21.02
C LEU A 64 -12.56 7.79 -21.74
N GLN A 65 -13.00 7.23 -22.88
CA GLN A 65 -14.22 7.71 -23.60
C GLN A 65 -15.49 7.32 -22.81
N ARG A 66 -15.36 6.25 -21.99
CA ARG A 66 -16.38 5.86 -20.99
C ARG A 66 -16.14 6.68 -19.70
N HIS A 67 -16.79 6.31 -18.58
CA HIS A 67 -16.54 6.94 -17.26
C HIS A 67 -16.41 5.84 -16.17
N PRO A 68 -15.22 5.17 -16.07
CA PRO A 68 -14.94 4.22 -14.98
C PRO A 68 -14.62 4.99 -13.69
N MET A 69 -14.95 4.42 -12.52
CA MET A 69 -14.83 5.09 -11.18
C MET A 69 -13.44 5.76 -10.98
N LEU A 70 -12.38 5.06 -11.45
CA LEU A 70 -10.96 5.50 -11.28
C LEU A 70 -10.51 6.46 -12.42
N HIS A 71 -11.44 7.26 -12.99
CA HIS A 71 -11.11 8.33 -13.99
C HIS A 71 -10.81 9.68 -13.28
N ILE A 72 -10.29 9.56 -12.05
CA ILE A 72 -10.02 10.67 -11.15
C ILE A 72 -8.60 11.23 -11.41
N ALA A 73 -8.47 12.55 -11.30
CA ALA A 73 -7.21 13.29 -11.45
C ALA A 73 -7.07 14.27 -10.27
N PHE A 74 -5.85 14.47 -9.77
CA PHE A 74 -5.62 15.36 -8.62
C PHE A 74 -5.21 16.76 -9.13
N ARG A 75 -6.02 17.76 -8.77
CA ARG A 75 -5.76 19.16 -9.07
C ARG A 75 -5.18 19.84 -7.80
N PRO A 76 -4.06 20.65 -7.91
CA PRO A 76 -3.26 21.11 -6.73
C PRO A 76 -4.03 22.06 -5.78
N ASP A 77 -5.25 22.46 -6.17
CA ASP A 77 -6.16 23.26 -5.33
C ASP A 77 -6.67 22.45 -4.10
N GLY A 78 -6.40 21.13 -4.08
CA GLY A 78 -6.85 20.25 -3.01
C GLY A 78 -8.17 19.57 -3.34
N GLN A 79 -8.62 19.73 -4.61
CA GLN A 79 -9.81 19.06 -5.16
C GLN A 79 -9.37 17.96 -6.12
N GLN A 80 -10.09 16.84 -6.10
CA GLN A 80 -9.97 15.77 -7.07
C GLN A 80 -11.07 15.93 -8.13
N VAL A 81 -10.68 15.93 -9.41
CA VAL A 81 -11.59 16.13 -10.55
C VAL A 81 -11.69 14.85 -11.38
N TRP A 82 -12.91 14.34 -11.54
CA TRP A 82 -13.23 13.16 -12.33
C TRP A 82 -13.81 13.64 -13.69
N LEU A 83 -13.05 13.49 -14.79
CA LEU A 83 -13.49 13.93 -16.13
C LEU A 83 -14.06 12.75 -16.94
N PRO A 84 -15.30 12.89 -17.54
CA PRO A 84 -15.87 11.89 -18.46
C PRO A 84 -15.16 11.88 -19.84
N GLN A 85 -14.32 12.91 -20.07
CA GLN A 85 -13.64 13.14 -21.35
C GLN A 85 -12.29 12.40 -21.40
N PRO A 86 -11.96 11.69 -22.54
CA PRO A 86 -10.62 11.13 -22.77
C PRO A 86 -9.59 12.25 -22.97
N TYR A 87 -8.72 12.44 -21.97
CA TYR A 87 -7.70 13.50 -21.98
C TYR A 87 -6.69 13.25 -23.12
N TRP A 88 -5.85 12.21 -22.94
CA TRP A 88 -4.83 11.80 -23.92
C TRP A 88 -4.23 10.44 -23.49
N ASN A 89 -3.47 9.79 -24.39
CA ASN A 89 -2.86 8.48 -24.17
C ASN A 89 -1.44 8.63 -23.61
N GLY A 90 -0.54 9.28 -24.39
CA GLY A 90 0.84 9.55 -23.93
C GLY A 90 1.74 8.30 -23.96
N VAL A 91 1.32 7.27 -24.71
CA VAL A 91 2.06 5.99 -24.78
C VAL A 91 3.30 6.12 -25.68
N THR A 92 4.49 6.18 -25.06
CA THR A 92 5.77 6.22 -25.79
C THR A 92 6.39 4.80 -25.84
N VAL A 93 6.64 4.31 -27.07
CA VAL A 93 7.15 2.95 -27.30
C VAL A 93 8.70 2.98 -27.35
N HIS A 94 9.32 1.99 -26.69
CA HIS A 94 10.78 1.82 -26.66
C HIS A 94 11.15 0.62 -27.53
N ASP A 95 12.02 0.85 -28.52
CA ASP A 95 12.48 -0.20 -29.43
C ASP A 95 13.72 -0.87 -28.85
N LEU A 96 13.52 -2.06 -28.27
CA LEU A 96 14.60 -2.96 -27.82
C LEU A 96 14.63 -4.19 -28.73
N ARG A 97 13.44 -4.57 -29.24
CA ARG A 97 13.25 -5.75 -30.10
C ARG A 97 13.94 -5.58 -31.45
N HIS A 98 13.66 -4.44 -32.10
CA HIS A 98 14.23 -4.10 -33.40
C HIS A 98 15.69 -3.64 -33.24
N ASN A 99 15.99 -3.08 -32.06
CA ASN A 99 17.28 -2.43 -31.78
C ASN A 99 18.23 -3.40 -31.05
N ASP A 100 19.42 -2.89 -30.68
CA ASP A 100 20.51 -3.66 -30.06
C ASP A 100 20.34 -3.71 -28.52
N ALA A 101 21.16 -4.56 -27.86
CA ALA A 101 21.20 -4.69 -26.39
C ALA A 101 21.66 -3.38 -25.70
N GLU A 102 22.38 -2.53 -26.45
CA GLU A 102 22.79 -1.18 -26.02
C GLU A 102 21.55 -0.31 -25.76
N SER A 103 20.59 -0.41 -26.70
CA SER A 103 19.33 0.37 -26.67
C SER A 103 18.51 0.04 -25.41
N ARG A 104 18.60 -1.23 -24.96
CA ARG A 104 17.98 -1.70 -23.72
C ARG A 104 18.54 -0.91 -22.52
N GLN A 105 19.87 -0.97 -22.39
CA GLN A 105 20.61 -0.32 -21.29
C GLN A 105 20.41 1.21 -21.32
N ALA A 106 20.27 1.77 -22.54
CA ALA A 106 20.06 3.20 -22.77
C ALA A 106 18.70 3.66 -22.22
N TYR A 107 17.64 2.89 -22.56
CA TYR A 107 16.26 3.25 -22.21
C TYR A 107 15.98 3.04 -20.71
N LEU A 108 16.41 1.89 -20.13
CA LEU A 108 16.14 1.55 -18.72
C LEU A 108 16.83 2.54 -17.75
N ASP A 109 18.03 3.02 -18.16
CA ASP A 109 18.81 3.99 -17.39
C ASP A 109 18.17 5.38 -17.50
N ALA A 110 17.82 5.75 -18.74
CA ALA A 110 17.21 7.06 -19.05
C ALA A 110 15.88 7.25 -18.31
N LEU A 111 15.04 6.18 -18.31
CA LEU A 111 13.69 6.24 -17.71
C LEU A 111 13.76 6.21 -16.17
N ARG A 112 14.88 5.70 -15.60
CA ARG A 112 15.10 5.67 -14.14
C ARG A 112 15.30 7.10 -13.59
N GLN A 113 16.23 7.84 -14.25
CA GLN A 113 16.53 9.26 -13.91
C GLN A 113 15.28 10.11 -14.18
N ARG A 114 14.70 9.90 -15.37
CA ARG A 114 13.50 10.58 -15.85
C ARG A 114 12.34 10.45 -14.84
N LEU A 115 12.10 9.21 -14.38
CA LEU A 115 11.02 8.86 -13.41
C LEU A 115 11.19 9.70 -12.13
N SER A 116 12.44 9.77 -11.66
CA SER A 116 12.80 10.44 -10.41
C SER A 116 12.69 11.98 -10.52
N HIS A 117 12.70 12.51 -11.75
CA HIS A 117 12.66 13.98 -12.01
C HIS A 117 11.43 14.36 -12.88
N ARG A 118 10.53 13.39 -13.15
CA ARG A 118 9.42 13.56 -14.11
C ARG A 118 8.44 14.64 -13.61
N LEU A 119 8.31 15.72 -14.40
CA LEU A 119 7.38 16.81 -14.10
C LEU A 119 5.97 16.41 -14.58
N LEU A 120 5.18 15.86 -13.64
CA LEU A 120 3.79 15.42 -13.90
C LEU A 120 2.90 16.62 -14.27
N ARG A 121 1.81 16.33 -15.03
CA ARG A 121 0.79 17.34 -15.38
C ARG A 121 -0.24 17.51 -14.23
N VAL A 122 0.15 17.08 -13.02
CA VAL A 122 -0.57 17.36 -11.76
C VAL A 122 -0.74 18.88 -11.54
N GLU A 123 0.17 19.66 -12.17
CA GLU A 123 0.15 21.14 -12.22
C GLU A 123 -1.24 21.71 -12.61
N ILE A 124 -1.95 20.99 -13.49
CA ILE A 124 -3.29 21.38 -13.99
C ILE A 124 -4.36 20.37 -13.55
N GLY A 125 -3.92 19.18 -13.10
CA GLY A 125 -4.82 18.14 -12.60
C GLY A 125 -4.53 16.77 -13.21
N GLU A 126 -4.85 16.63 -14.50
CA GLU A 126 -4.84 15.34 -15.21
C GLU A 126 -3.40 14.93 -15.57
N THR A 127 -2.88 13.91 -14.87
CA THR A 127 -1.54 13.39 -15.10
C THR A 127 -1.52 11.84 -15.13
N PHE A 128 -0.61 11.35 -15.97
CA PHE A 128 -0.34 9.94 -16.20
C PHE A 128 1.04 9.85 -16.87
N ASP A 129 1.68 8.68 -16.82
CA ASP A 129 2.88 8.41 -17.60
C ASP A 129 2.85 6.96 -18.08
N PHE A 130 2.88 6.76 -19.40
CA PHE A 130 2.94 5.42 -20.02
C PHE A 130 4.24 5.28 -20.79
N GLN A 131 5.05 4.30 -20.37
CA GLN A 131 6.28 3.88 -21.04
C GLN A 131 6.09 2.43 -21.46
N LEU A 132 5.88 2.18 -22.75
CA LEU A 132 5.65 0.82 -23.26
C LEU A 132 6.92 0.32 -23.95
N THR A 133 7.63 -0.57 -23.27
CA THR A 133 8.92 -1.11 -23.69
C THR A 133 8.71 -2.40 -24.51
N LEU A 134 9.14 -2.38 -25.77
CA LEU A 134 9.03 -3.54 -26.68
C LEU A 134 10.34 -4.35 -26.60
N LEU A 135 10.29 -5.48 -25.87
CA LEU A 135 11.47 -6.35 -25.64
C LEU A 135 11.66 -7.34 -26.83
N PRO A 136 12.92 -7.83 -27.08
CA PRO A 136 13.19 -8.89 -28.10
C PRO A 136 12.46 -10.22 -27.77
N ASP A 137 12.24 -11.03 -28.82
CA ASP A 137 11.54 -12.34 -28.75
C ASP A 137 10.04 -12.13 -28.43
N ASN A 138 9.45 -11.14 -29.14
CA ASN A 138 7.98 -10.83 -29.12
C ASN A 138 7.46 -10.36 -27.74
N ARG A 139 8.37 -10.09 -26.79
CA ARG A 139 8.01 -9.72 -25.40
C ARG A 139 7.80 -8.21 -25.28
N HIS A 140 7.16 -7.81 -24.18
CA HIS A 140 6.80 -6.40 -23.88
C HIS A 140 6.98 -6.14 -22.39
N ARG A 141 6.97 -4.86 -22.02
CA ARG A 141 7.02 -4.41 -20.64
C ARG A 141 6.20 -3.13 -20.50
N LEU A 142 5.02 -3.21 -19.85
CA LEU A 142 4.16 -2.04 -19.64
C LEU A 142 4.58 -1.36 -18.35
N HIS A 143 5.32 -0.26 -18.49
CA HIS A 143 5.95 0.48 -17.40
C HIS A 143 5.15 1.77 -17.18
N VAL A 144 4.21 1.74 -16.21
CA VAL A 144 3.33 2.89 -15.93
C VAL A 144 3.79 3.59 -14.64
N ASN A 145 4.00 4.92 -14.71
CA ASN A 145 4.50 5.73 -13.60
C ASN A 145 3.43 6.77 -13.23
N ILE A 146 3.01 6.80 -11.96
CA ILE A 146 1.97 7.74 -11.49
C ILE A 146 2.24 8.19 -10.03
N ASP A 147 2.06 9.50 -9.78
CA ASP A 147 2.00 10.08 -8.43
C ASP A 147 0.73 10.94 -8.35
N LEU A 148 -0.33 10.37 -7.75
CA LEU A 148 -1.66 11.01 -7.53
C LEU A 148 -2.67 9.94 -7.06
N LEU A 149 -3.92 10.39 -6.81
CA LEU A 149 -5.00 9.60 -6.19
C LEU A 149 -5.60 8.53 -7.16
N ILE A 150 -5.16 8.50 -8.43
CA ILE A 150 -5.72 7.59 -9.46
C ILE A 150 -5.24 6.13 -9.24
N MET A 151 -4.28 5.95 -8.32
CA MET A 151 -3.69 4.65 -7.99
C MET A 151 -3.96 4.32 -6.52
N ASP A 152 -4.19 3.03 -6.26
CA ASP A 152 -4.55 2.49 -4.94
C ASP A 152 -4.69 0.96 -5.07
N ALA A 153 -4.70 0.23 -3.95
CA ALA A 153 -4.90 -1.24 -3.93
C ALA A 153 -6.28 -1.61 -4.54
N SER A 154 -7.30 -0.80 -4.18
CA SER A 154 -8.68 -0.95 -4.68
C SER A 154 -8.74 -0.63 -6.20
N SER A 155 -8.13 0.51 -6.58
CA SER A 155 -8.11 0.99 -7.98
C SER A 155 -7.31 0.04 -8.89
N PHE A 156 -6.31 -0.65 -8.33
CA PHE A 156 -5.42 -1.56 -9.07
C PHE A 156 -6.13 -2.90 -9.34
N THR A 157 -6.87 -3.40 -8.33
CA THR A 157 -7.65 -4.65 -8.45
C THR A 157 -8.80 -4.47 -9.46
N LEU A 158 -9.43 -3.29 -9.39
CA LEU A 158 -10.47 -2.86 -10.34
C LEU A 158 -9.90 -2.84 -11.78
N PHE A 159 -8.75 -2.17 -11.92
CA PHE A 159 -8.11 -1.93 -13.22
C PHE A 159 -7.70 -3.25 -13.90
N PHE A 160 -6.95 -4.12 -13.18
CA PHE A 160 -6.35 -5.34 -13.78
C PHE A 160 -7.44 -6.30 -14.25
N ASP A 161 -8.55 -6.37 -13.49
CA ASP A 161 -9.68 -7.28 -13.76
C ASP A 161 -10.33 -6.91 -15.12
N GLU A 162 -10.70 -5.62 -15.26
CA GLU A 162 -11.25 -5.07 -16.53
C GLU A 162 -10.20 -5.09 -17.66
N LEU A 163 -8.92 -4.97 -17.28
CA LEU A 163 -7.78 -4.93 -18.22
C LEU A 163 -7.64 -6.26 -18.95
N ASN A 164 -7.42 -7.37 -18.19
CA ASN A 164 -7.15 -8.71 -18.78
C ASN A 164 -8.36 -9.22 -19.61
N ALA A 165 -9.58 -8.78 -19.23
CA ALA A 165 -10.80 -9.07 -20.02
C ALA A 165 -10.68 -8.39 -21.40
N LEU A 166 -10.34 -7.10 -21.37
CA LEU A 166 -10.20 -6.25 -22.57
C LEU A 166 -9.04 -6.76 -23.48
N LEU A 167 -7.96 -7.28 -22.84
CA LEU A 167 -6.76 -7.78 -23.57
C LEU A 167 -7.09 -9.09 -24.32
N ALA A 168 -7.96 -9.90 -23.70
CA ALA A 168 -8.46 -11.17 -24.29
C ALA A 168 -9.57 -10.88 -25.33
N GLY A 169 -10.15 -9.67 -25.27
CA GLY A 169 -11.28 -9.30 -26.13
C GLY A 169 -12.61 -9.82 -25.58
N GLU A 170 -12.61 -10.13 -24.29
CA GLU A 170 -13.78 -10.61 -23.54
C GLU A 170 -14.65 -9.43 -23.09
N SER A 171 -15.93 -9.44 -23.50
CA SER A 171 -16.94 -8.51 -23.00
C SER A 171 -17.46 -9.05 -21.64
N LEU A 172 -17.22 -8.27 -20.59
CA LEU A 172 -17.63 -8.62 -19.20
C LEU A 172 -19.05 -8.08 -18.92
N PRO A 173 -19.78 -8.64 -17.89
CA PRO A 173 -21.05 -8.06 -17.41
C PRO A 173 -20.87 -6.55 -17.05
N ALA A 174 -21.58 -5.66 -17.76
CA ALA A 174 -21.37 -4.21 -17.70
C ALA A 174 -21.63 -3.65 -16.29
N ILE A 175 -20.58 -3.11 -15.66
CA ILE A 175 -20.62 -2.64 -14.27
C ILE A 175 -21.28 -1.25 -14.26
N ASP A 176 -22.03 -0.95 -13.18
CA ASP A 176 -22.67 0.36 -13.00
C ASP A 176 -21.58 1.43 -12.79
N THR A 177 -21.24 2.13 -13.88
CA THR A 177 -20.16 3.13 -13.96
C THR A 177 -20.62 4.52 -13.45
N ARG A 178 -21.86 4.60 -12.93
CA ARG A 178 -22.49 5.88 -12.50
C ARG A 178 -22.05 6.27 -11.06
N TYR A 179 -21.08 5.51 -10.50
CA TYR A 179 -20.56 5.74 -9.14
C TYR A 179 -19.10 6.17 -9.20
N ASP A 180 -18.83 7.40 -8.75
CA ASP A 180 -17.47 7.95 -8.55
C ASP A 180 -17.27 8.19 -7.05
N PHE A 181 -16.11 8.79 -6.70
CA PHE A 181 -15.82 9.17 -5.29
C PHE A 181 -16.87 10.13 -4.72
N ARG A 182 -17.47 10.97 -5.59
CA ARG A 182 -18.57 11.90 -5.18
C ARG A 182 -19.82 11.17 -4.65
N SER A 183 -20.04 9.92 -5.14
CA SER A 183 -21.17 9.06 -4.70
C SER A 183 -20.93 8.52 -3.27
N TYR A 184 -19.66 8.16 -3.02
CA TYR A 184 -19.20 7.67 -1.71
C TYR A 184 -19.29 8.80 -0.67
N LEU A 185 -18.62 9.93 -0.97
CA LEU A 185 -18.58 11.14 -0.10
C LEU A 185 -19.99 11.73 0.11
N LEU A 186 -20.90 11.49 -0.85
CA LEU A 186 -22.32 11.90 -0.75
C LEU A 186 -22.94 11.29 0.52
N HIS A 187 -22.83 9.96 0.62
CA HIS A 187 -23.43 9.20 1.73
C HIS A 187 -22.62 9.35 3.03
N GLN A 188 -21.28 9.34 2.92
CA GLN A 188 -20.38 9.28 4.08
C GLN A 188 -20.37 10.59 4.87
N GLN A 189 -20.45 11.74 4.17
CA GLN A 189 -20.54 13.06 4.82
C GLN A 189 -21.96 13.34 5.31
N LYS A 190 -22.95 12.63 4.70
CA LYS A 190 -24.35 12.73 5.12
C LYS A 190 -24.53 12.00 6.48
N ILE A 191 -23.99 10.78 6.59
CA ILE A 191 -24.07 9.98 7.85
C ILE A 191 -23.03 10.47 8.87
N ASN A 192 -22.03 11.25 8.41
CA ASN A 192 -21.02 11.88 9.27
C ASN A 192 -21.68 12.91 10.21
N GLN A 193 -22.79 13.51 9.75
CA GLN A 193 -23.50 14.56 10.49
C GLN A 193 -23.86 14.09 11.95
N PRO A 194 -24.56 12.92 12.18
CA PRO A 194 -24.67 12.32 13.54
C PRO A 194 -23.45 11.43 13.95
N LEU A 195 -23.01 10.53 13.05
CA LEU A 195 -22.08 9.41 13.39
C LEU A 195 -20.64 9.88 13.73
N ARG A 196 -20.28 11.13 13.37
CA ARG A 196 -18.95 11.70 13.70
C ARG A 196 -18.75 11.84 15.22
N ASP A 197 -19.88 11.89 15.96
CA ASP A 197 -19.91 11.87 17.44
C ASP A 197 -19.22 10.59 17.95
N ASP A 198 -19.67 9.44 17.42
CA ASP A 198 -19.13 8.11 17.74
C ASP A 198 -17.72 7.94 17.17
N ALA A 199 -17.55 8.43 15.93
CA ALA A 199 -16.29 8.31 15.17
C ALA A 199 -15.14 8.99 15.91
N ARG A 200 -15.41 10.16 16.47
CA ARG A 200 -14.40 10.89 17.23
C ARG A 200 -14.22 10.25 18.61
N ALA A 201 -15.35 9.87 19.26
CA ALA A 201 -15.36 9.36 20.66
C ALA A 201 -14.47 8.11 20.84
N TYR A 202 -14.74 7.06 20.04
CA TYR A 202 -14.07 5.75 20.15
C TYR A 202 -12.62 5.81 19.60
N TRP A 203 -12.39 6.61 18.54
CA TRP A 203 -11.02 6.83 18.00
C TRP A 203 -10.17 7.67 19.00
N LEU A 204 -10.85 8.53 19.79
CA LEU A 204 -10.21 9.40 20.82
C LEU A 204 -9.86 8.53 22.05
N ALA A 205 -10.68 7.49 22.31
CA ALA A 205 -10.44 6.50 23.38
C ALA A 205 -9.06 5.84 23.19
N LYS A 206 -8.78 5.43 21.94
CA LYS A 206 -7.46 4.90 21.56
C LYS A 206 -6.41 6.01 21.48
N ALA A 207 -6.83 7.22 21.03
CA ALA A 207 -5.93 8.39 20.91
C ALA A 207 -5.47 8.92 22.29
N SER A 208 -6.13 8.45 23.36
CA SER A 208 -5.69 8.67 24.75
C SER A 208 -4.77 7.53 25.23
N THR A 209 -5.03 6.31 24.71
CA THR A 209 -4.38 5.06 25.20
C THR A 209 -3.01 4.78 24.55
N LEU A 210 -2.74 5.34 23.34
CA LEU A 210 -1.48 5.04 22.62
C LEU A 210 -0.39 6.11 22.96
N PRO A 211 0.90 5.71 23.09
CA PRO A 211 2.03 6.61 23.51
C PRO A 211 2.61 7.45 22.34
N PRO A 212 3.69 8.28 22.54
CA PRO A 212 4.45 8.92 21.43
C PRO A 212 4.74 7.94 20.27
N ALA A 213 4.43 8.39 19.03
CA ALA A 213 4.68 7.63 17.78
C ALA A 213 6.16 7.16 17.71
N PRO A 214 6.43 5.91 17.18
CA PRO A 214 7.74 5.20 17.36
C PRO A 214 8.97 6.09 17.12
N VAL A 215 9.82 6.21 18.17
CA VAL A 215 11.10 6.91 18.09
C VAL A 215 12.17 5.94 17.58
N LEU A 216 12.48 6.05 16.30
CA LEU A 216 13.55 5.29 15.64
C LEU A 216 14.63 6.27 15.19
N PRO A 217 15.95 5.96 15.42
CA PRO A 217 17.05 6.90 15.13
C PRO A 217 17.13 7.26 13.64
N LEU A 218 17.09 8.56 13.35
CA LEU A 218 17.31 9.10 12.01
C LEU A 218 18.76 9.59 11.97
N ALA A 219 19.53 9.13 10.96
CA ALA A 219 20.98 9.47 10.81
C ALA A 219 21.21 11.00 10.84
N CYS A 220 20.31 11.73 10.16
CA CYS A 220 20.24 13.19 10.17
C CYS A 220 18.77 13.64 10.13
N GLU A 221 18.55 14.97 10.19
CA GLU A 221 17.20 15.56 10.20
C GLU A 221 16.62 15.55 8.76
N PRO A 222 15.35 15.06 8.54
CA PRO A 222 14.72 15.02 7.18
C PRO A 222 14.61 16.41 6.53
N ALA A 223 14.62 17.45 7.39
CA ALA A 223 14.60 18.87 6.98
C ALA A 223 15.81 19.23 6.09
N THR A 224 16.97 18.65 6.43
CA THR A 224 18.24 18.91 5.72
C THR A 224 18.44 17.95 4.52
N LEU A 225 17.81 16.77 4.59
CA LEU A 225 17.86 15.79 3.49
C LEU A 225 16.83 16.15 2.43
N ARG A 226 17.28 16.65 1.27
CA ARG A 226 16.39 16.82 0.11
C ARG A 226 16.30 15.49 -0.64
N GLU A 227 17.48 14.90 -0.93
CA GLU A 227 17.58 13.76 -1.83
C GLU A 227 17.73 12.46 -1.02
N VAL A 228 16.70 11.62 -1.14
CA VAL A 228 16.62 10.30 -0.48
C VAL A 228 16.84 9.19 -1.51
N ARG A 229 17.32 8.04 -1.03
CA ARG A 229 17.48 6.83 -1.85
C ARG A 229 16.56 5.74 -1.32
N ASN A 230 15.80 5.12 -2.23
CA ASN A 230 14.88 4.02 -1.89
C ASN A 230 15.62 2.68 -1.94
N THR A 231 15.88 2.10 -0.77
CA THR A 231 16.46 0.75 -0.66
C THR A 231 15.37 -0.25 -0.25
N ARG A 232 14.93 -1.07 -1.22
CA ARG A 232 13.96 -2.16 -1.01
C ARG A 232 14.64 -3.52 -1.20
N ARG A 233 14.62 -4.34 -0.14
CA ARG A 233 15.20 -5.69 -0.14
C ARG A 233 14.10 -6.72 -0.40
N ARG A 234 14.37 -7.65 -1.33
CA ARG A 234 13.46 -8.77 -1.63
C ARG A 234 14.03 -10.07 -1.03
N MET A 235 13.15 -10.90 -0.47
CA MET A 235 13.53 -12.18 0.17
C MET A 235 12.50 -13.27 -0.15
N ILE A 236 12.95 -14.37 -0.79
CA ILE A 236 12.12 -15.56 -1.00
C ILE A 236 12.59 -16.67 -0.03
N VAL A 237 11.90 -16.80 1.11
CA VAL A 237 12.19 -17.84 2.11
C VAL A 237 11.31 -19.08 1.82
N PRO A 238 11.89 -20.34 1.94
CA PRO A 238 11.17 -21.63 1.85
C PRO A 238 9.71 -21.60 2.36
N ALA A 239 8.81 -22.09 1.50
CA ALA A 239 7.37 -22.15 1.75
C ALA A 239 7.02 -22.90 3.05
N THR A 240 7.82 -23.94 3.37
CA THR A 240 7.61 -24.77 4.57
C THR A 240 7.73 -23.92 5.85
N ARG A 241 8.85 -23.16 6.00
CA ARG A 241 9.13 -22.37 7.23
C ARG A 241 8.03 -21.34 7.51
N TRP A 242 7.69 -20.55 6.48
CA TRP A 242 6.71 -19.47 6.58
C TRP A 242 5.32 -20.02 6.93
N HIS A 243 4.87 -21.02 6.13
CA HIS A 243 3.54 -21.62 6.26
C HIS A 243 3.44 -22.55 7.48
N ALA A 244 4.60 -22.95 8.03
CA ALA A 244 4.65 -23.70 9.31
C ALA A 244 4.31 -22.78 10.48
N PHE A 245 4.78 -21.52 10.41
CA PHE A 245 4.47 -20.47 11.43
C PHE A 245 3.04 -19.95 11.20
N SER A 246 2.61 -19.90 9.92
CA SER A 246 1.23 -19.53 9.54
C SER A 246 0.24 -20.59 10.05
N ASN A 247 0.64 -21.86 9.94
CA ASN A 247 -0.12 -23.02 10.45
C ASN A 247 -0.09 -23.02 11.98
N ARG A 248 1.09 -22.65 12.55
CA ARG A 248 1.31 -22.61 14.02
C ARG A 248 0.43 -21.50 14.66
N ALA A 249 0.28 -20.40 13.91
CA ALA A 249 -0.52 -19.21 14.34
C ALA A 249 -2.02 -19.52 14.24
N GLY A 250 -2.42 -20.09 13.09
CA GLY A 250 -3.79 -20.51 12.84
C GLY A 250 -4.26 -21.57 13.84
N GLU A 251 -3.31 -22.45 14.20
CA GLU A 251 -3.49 -23.50 15.22
C GLU A 251 -3.61 -22.88 16.62
N TYR A 252 -2.81 -21.84 16.89
CA TYR A 252 -2.76 -21.18 18.20
C TYR A 252 -4.07 -20.41 18.47
N GLY A 253 -4.77 -20.00 17.40
CA GLY A 253 -6.06 -19.29 17.50
C GLY A 253 -5.93 -17.79 17.19
N VAL A 254 -4.96 -17.45 16.34
CA VAL A 254 -4.77 -16.08 15.82
C VAL A 254 -4.62 -16.14 14.29
N THR A 255 -4.60 -14.96 13.64
CA THR A 255 -4.59 -14.87 12.18
C THR A 255 -3.20 -15.25 11.62
N PRO A 256 -3.10 -16.26 10.69
CA PRO A 256 -1.82 -16.72 10.09
C PRO A 256 -1.01 -15.56 9.46
N THR A 257 -1.64 -14.86 8.50
CA THR A 257 -1.01 -13.78 7.72
C THR A 257 -0.57 -12.61 8.63
N MET A 258 -1.51 -12.18 9.48
CA MET A 258 -1.30 -11.05 10.41
C MET A 258 -0.15 -11.35 11.40
N ALA A 259 -0.11 -12.59 11.92
CA ALA A 259 0.87 -12.99 12.96
C ALA A 259 2.32 -12.84 12.46
N LEU A 260 2.58 -13.37 11.25
CA LEU A 260 3.91 -13.30 10.58
C LEU A 260 4.39 -11.84 10.45
N ALA A 261 3.54 -11.02 9.83
CA ALA A 261 3.87 -9.63 9.47
C ALA A 261 4.04 -8.74 10.72
N THR A 262 3.17 -8.94 11.71
CA THR A 262 3.15 -8.16 12.96
C THR A 262 4.39 -8.51 13.82
N CYS A 263 4.83 -9.78 13.79
CA CYS A 263 6.05 -10.21 14.53
C CYS A 263 7.29 -9.44 14.02
N PHE A 264 7.44 -9.34 12.68
CA PHE A 264 8.57 -8.63 12.06
C PHE A 264 8.49 -7.11 12.33
N SER A 265 7.30 -6.56 12.04
CA SER A 265 7.07 -5.11 11.97
C SER A 265 7.08 -4.44 13.36
N ALA A 266 6.45 -5.11 14.35
CA ALA A 266 6.34 -4.60 15.73
C ALA A 266 7.72 -4.59 16.39
N VAL A 267 8.42 -5.76 16.34
CA VAL A 267 9.76 -5.93 16.98
C VAL A 267 10.80 -4.93 16.39
N LEU A 268 10.71 -4.70 15.06
CA LEU A 268 11.60 -3.77 14.33
C LEU A 268 11.50 -2.34 14.91
N ALA A 269 10.26 -1.87 15.08
CA ALA A 269 9.95 -0.50 15.54
C ALA A 269 10.01 -0.40 17.08
N ARG A 270 9.80 -1.53 17.77
CA ARG A 270 9.73 -1.61 19.25
C ARG A 270 11.12 -1.36 19.86
N TRP A 271 12.19 -1.61 19.07
CA TRP A 271 13.59 -1.46 19.50
C TRP A 271 13.90 -0.02 20.01
N GLY A 272 13.12 0.97 19.54
CA GLY A 272 13.24 2.36 20.01
C GLY A 272 12.76 2.57 21.46
N GLY A 273 12.29 1.48 22.10
CA GLY A 273 11.87 1.47 23.51
C GLY A 273 10.36 1.51 23.70
N LEU A 274 9.61 1.29 22.59
CA LEU A 274 8.13 1.39 22.58
C LEU A 274 7.51 0.01 22.85
N THR A 275 7.23 -0.27 24.13
CA THR A 275 6.48 -1.47 24.57
C THR A 275 5.02 -1.40 24.06
N ARG A 276 4.47 -0.17 24.03
CA ARG A 276 3.18 0.14 23.41
C ARG A 276 3.49 0.88 22.10
N LEU A 277 2.85 0.48 20.99
CA LEU A 277 3.18 1.02 19.66
C LEU A 277 2.02 0.74 18.70
N LEU A 278 1.53 1.79 18.02
CA LEU A 278 0.46 1.67 17.01
C LEU A 278 1.08 1.21 15.65
N LEU A 279 0.78 -0.04 15.29
CA LEU A 279 1.18 -0.62 13.99
C LEU A 279 0.05 -0.38 12.99
N ASN A 280 0.42 -0.09 11.73
CA ASN A 280 -0.57 0.18 10.67
C ASN A 280 -0.67 -1.02 9.72
N ILE A 281 -1.82 -1.69 9.74
CA ILE A 281 -2.11 -2.84 8.88
C ILE A 281 -3.08 -2.39 7.80
N THR A 282 -2.81 -2.76 6.53
CA THR A 282 -3.72 -2.50 5.42
C THR A 282 -4.78 -3.62 5.37
N LEU A 283 -6.01 -3.27 5.80
CA LEU A 283 -7.18 -4.17 5.75
C LEU A 283 -8.00 -3.89 4.50
N PHE A 284 -8.69 -4.93 4.04
CA PHE A 284 -9.61 -4.87 2.91
C PHE A 284 -11.06 -5.06 3.42
N ASP A 285 -11.81 -3.96 3.42
CA ASP A 285 -13.23 -3.92 3.79
C ASP A 285 -13.98 -3.13 2.73
N ARG A 286 -14.71 -3.84 1.86
CA ARG A 286 -15.54 -3.21 0.82
C ARG A 286 -16.98 -3.12 1.34
N GLN A 287 -17.38 -1.90 1.76
CA GLN A 287 -18.76 -1.58 2.16
C GLN A 287 -19.69 -1.70 0.94
N PRO A 288 -20.70 -2.63 0.95
CA PRO A 288 -21.69 -2.77 -0.14
C PRO A 288 -22.95 -1.92 0.13
N LEU A 289 -22.74 -0.69 0.65
CA LEU A 289 -23.80 0.25 1.06
C LEU A 289 -24.85 0.47 -0.05
N HIS A 290 -24.37 0.64 -1.30
CA HIS A 290 -25.21 0.60 -2.51
C HIS A 290 -24.87 -0.68 -3.31
N PRO A 291 -25.83 -1.25 -4.12
CA PRO A 291 -25.60 -2.50 -4.91
C PRO A 291 -24.39 -2.42 -5.87
N ALA A 292 -24.24 -1.25 -6.53
CA ALA A 292 -23.17 -1.01 -7.51
C ALA A 292 -21.77 -1.03 -6.87
N VAL A 293 -21.68 -0.51 -5.62
CA VAL A 293 -20.42 -0.48 -4.85
C VAL A 293 -19.99 -1.91 -4.50
N GLY A 294 -20.99 -2.81 -4.32
CA GLY A 294 -20.75 -4.23 -4.05
C GLY A 294 -20.06 -4.99 -5.19
N ALA A 295 -19.97 -4.34 -6.39
CA ALA A 295 -19.34 -4.93 -7.59
C ALA A 295 -18.07 -4.16 -7.99
N MET A 296 -18.08 -2.82 -7.87
CA MET A 296 -16.93 -1.96 -8.27
C MET A 296 -16.06 -1.61 -7.05
N LEU A 297 -14.74 -1.62 -7.24
CA LEU A 297 -13.77 -1.38 -6.18
C LEU A 297 -13.43 0.12 -6.11
N ALA A 298 -14.10 0.82 -5.18
CA ALA A 298 -13.78 2.21 -4.79
C ALA A 298 -13.39 2.22 -3.31
N ASP A 299 -14.37 1.88 -2.46
CA ASP A 299 -14.12 1.62 -1.03
C ASP A 299 -13.69 0.17 -0.86
N PHE A 300 -12.55 -0.05 -0.19
CA PHE A 300 -11.90 -1.37 -0.07
C PHE A 300 -10.67 -1.25 0.82
N THR A 301 -9.75 -0.33 0.45
CA THR A 301 -8.52 -0.08 1.19
C THR A 301 -8.82 0.80 2.44
N ASN A 302 -8.94 0.14 3.61
CA ASN A 302 -9.17 0.81 4.90
C ASN A 302 -8.07 0.35 5.88
N ILE A 303 -7.23 1.31 6.32
CA ILE A 303 -6.06 1.03 7.17
C ILE A 303 -6.45 1.07 8.66
N LEU A 304 -5.73 0.30 9.46
CA LEU A 304 -6.09 -0.03 10.85
C LEU A 304 -4.86 0.18 11.76
N LEU A 305 -5.08 0.77 12.96
CA LEU A 305 -4.01 1.04 13.93
C LEU A 305 -4.17 0.11 15.15
N LEU A 306 -3.36 -0.95 15.16
CA LEU A 306 -3.35 -1.97 16.21
C LEU A 306 -2.16 -1.70 17.14
N ASP A 307 -2.44 -1.19 18.33
CA ASP A 307 -1.41 -0.91 19.34
C ASP A 307 -1.05 -2.20 20.11
N THR A 308 0.22 -2.60 19.98
CA THR A 308 0.80 -3.74 20.69
C THR A 308 0.93 -3.41 22.19
N ALA A 309 0.56 -4.37 23.06
CA ALA A 309 0.57 -4.19 24.53
C ALA A 309 1.99 -4.31 25.09
N CYS A 310 2.81 -5.16 24.47
CA CYS A 310 4.18 -5.45 24.92
C CYS A 310 4.91 -6.30 23.89
N ASP A 311 6.23 -6.33 24.00
CA ASP A 311 7.09 -7.27 23.27
C ASP A 311 8.24 -7.68 24.20
N GLY A 312 8.77 -8.88 23.97
CA GLY A 312 9.78 -9.47 24.83
C GLY A 312 9.19 -10.48 25.82
N ASP A 313 7.90 -10.80 25.63
CA ASP A 313 7.11 -11.66 26.55
C ASP A 313 6.79 -13.00 25.83
N THR A 314 6.14 -13.94 26.53
CA THR A 314 5.61 -15.18 25.94
C THR A 314 4.58 -14.88 24.83
N VAL A 315 4.48 -15.79 23.83
CA VAL A 315 3.56 -15.63 22.67
C VAL A 315 2.08 -15.54 23.13
N SER A 316 1.79 -16.10 24.30
CA SER A 316 0.44 -16.15 24.88
C SER A 316 -0.12 -14.74 25.11
N ASN A 317 0.68 -13.89 25.78
CA ASN A 317 0.28 -12.51 26.10
C ASN A 317 0.24 -11.65 24.83
N LEU A 318 1.27 -11.82 23.98
CA LEU A 318 1.47 -10.99 22.77
C LEU A 318 0.32 -11.18 21.76
N ALA A 319 0.12 -12.44 21.36
CA ALA A 319 -0.85 -12.83 20.32
C ALA A 319 -2.30 -12.56 20.77
N ARG A 320 -2.59 -12.83 22.05
CA ARG A 320 -3.95 -12.67 22.63
C ARG A 320 -4.33 -11.18 22.73
N LYS A 321 -3.37 -10.32 23.13
CA LYS A 321 -3.58 -8.86 23.23
C LYS A 321 -3.86 -8.25 21.85
N ASN A 322 -3.01 -8.60 20.86
CA ASN A 322 -3.13 -8.09 19.48
C ASN A 322 -4.43 -8.56 18.81
N GLN A 323 -4.84 -9.80 19.10
CA GLN A 323 -6.06 -10.41 18.54
C GLN A 323 -7.32 -9.78 19.17
N LEU A 324 -7.26 -9.53 20.49
CA LEU A 324 -8.36 -8.90 21.27
C LEU A 324 -8.62 -7.47 20.78
N THR A 325 -7.55 -6.69 20.71
CA THR A 325 -7.57 -5.27 20.33
C THR A 325 -7.95 -5.11 18.83
N PHE A 326 -7.59 -6.13 18.01
CA PHE A 326 -7.96 -6.19 16.57
C PHE A 326 -9.48 -6.39 16.41
N THR A 327 -10.10 -7.10 17.37
CA THR A 327 -11.55 -7.31 17.41
C THR A 327 -12.28 -5.98 17.74
N GLU A 328 -11.66 -5.16 18.60
CA GLU A 328 -12.14 -3.81 18.91
C GLU A 328 -11.99 -2.90 17.67
N ASP A 329 -10.87 -3.06 16.94
CA ASP A 329 -10.61 -2.33 15.68
C ASP A 329 -11.51 -2.82 14.54
N TRP A 330 -12.03 -4.05 14.66
CA TRP A 330 -12.98 -4.61 13.69
C TRP A 330 -14.37 -3.96 13.87
N GLU A 331 -14.60 -3.36 15.06
CA GLU A 331 -15.76 -2.47 15.29
C GLU A 331 -15.45 -1.05 14.74
N HIS A 332 -14.15 -0.71 14.71
CA HIS A 332 -13.65 0.59 14.21
C HIS A 332 -13.37 0.57 12.68
N ARG A 333 -13.90 -0.46 12.00
CA ARG A 333 -13.95 -0.50 10.51
C ARG A 333 -14.98 0.49 9.94
N HIS A 334 -15.80 1.13 10.81
CA HIS A 334 -16.83 2.12 10.40
C HIS A 334 -16.19 3.32 9.66
N TRP A 335 -14.96 3.68 10.08
CA TRP A 335 -14.15 4.76 9.46
C TRP A 335 -12.70 4.26 9.32
N SER A 336 -11.83 5.12 8.77
CA SER A 336 -10.41 4.80 8.58
C SER A 336 -9.62 5.09 9.88
N GLY A 337 -8.52 4.33 10.06
CA GLY A 337 -7.60 4.52 11.19
C GLY A 337 -6.90 5.88 11.17
N VAL A 338 -6.92 6.56 10.00
CA VAL A 338 -6.32 7.90 9.81
C VAL A 338 -6.89 8.91 10.83
N GLU A 339 -8.18 8.78 11.19
CA GLU A 339 -8.87 9.67 12.16
C GLU A 339 -8.29 9.56 13.58
N LEU A 340 -7.85 8.34 13.93
CA LEU A 340 -7.17 8.05 15.20
C LEU A 340 -5.82 8.81 15.26
N LEU A 341 -5.05 8.70 14.16
CA LEU A 341 -3.73 9.34 14.02
C LEU A 341 -3.89 10.87 13.87
N ARG A 342 -5.02 11.28 13.29
CA ARG A 342 -5.37 12.69 13.08
C ARG A 342 -5.71 13.34 14.42
N GLU A 343 -6.20 12.50 15.36
CA GLU A 343 -6.49 12.92 16.75
C GLU A 343 -5.17 12.96 17.57
N LEU A 344 -4.22 12.06 17.23
CA LEU A 344 -2.89 12.00 17.88
C LEU A 344 -2.06 13.26 17.54
N LYS A 345 -2.10 13.70 16.26
CA LYS A 345 -1.37 14.90 15.80
C LYS A 345 -2.03 16.19 16.33
N ARG A 346 -3.34 16.11 16.69
CA ARG A 346 -4.06 17.19 17.39
C ARG A 346 -3.60 17.29 18.85
N GLN A 347 -3.40 16.11 19.48
CA GLN A 347 -2.81 16.02 20.84
C GLN A 347 -1.31 16.39 20.81
N GLN A 348 -0.72 16.37 19.59
CA GLN A 348 0.66 16.79 19.31
C GLN A 348 1.70 15.84 20.00
N ARG A 349 1.25 14.62 20.33
CA ARG A 349 2.11 13.58 20.94
C ARG A 349 2.70 12.69 19.83
N TYR A 350 3.36 13.35 18.86
CA TYR A 350 4.02 12.68 17.74
C TYR A 350 5.47 13.21 17.59
N PRO A 351 6.50 12.38 17.93
CA PRO A 351 7.92 12.70 17.62
C PRO A 351 8.23 12.54 16.12
N HIS A 352 7.52 11.59 15.46
CA HIS A 352 7.67 11.30 14.02
C HIS A 352 6.31 11.41 13.30
N GLY A 353 5.24 10.90 13.93
CA GLY A 353 3.87 11.07 13.44
C GLY A 353 3.42 10.01 12.43
N ALA A 354 4.35 9.14 12.02
CA ALA A 354 4.05 8.03 11.09
C ALA A 354 4.35 6.68 11.76
N PRO A 355 3.44 5.66 11.61
CA PRO A 355 3.70 4.28 12.07
C PRO A 355 4.33 3.44 10.94
N VAL A 356 4.54 2.16 11.23
CA VAL A 356 5.09 1.20 10.27
C VAL A 356 3.93 0.49 9.56
N VAL A 357 3.86 0.63 8.22
CA VAL A 357 2.74 0.14 7.41
C VAL A 357 3.13 -1.19 6.73
N PHE A 358 2.36 -2.24 7.05
CA PHE A 358 2.55 -3.58 6.49
C PHE A 358 1.23 -4.19 6.01
N THR A 359 1.34 -5.04 4.99
CA THR A 359 0.27 -5.93 4.54
C THR A 359 0.87 -7.34 4.34
N SER A 360 0.11 -8.37 4.70
CA SER A 360 0.51 -9.76 4.52
C SER A 360 -0.61 -10.48 3.77
N ASN A 361 -0.40 -10.69 2.47
CA ASN A 361 -1.37 -11.37 1.60
C ASN A 361 -0.69 -12.61 1.03
N LEU A 362 -1.04 -13.75 1.60
CA LEU A 362 -0.64 -15.08 1.10
C LEU A 362 -1.85 -15.70 0.40
N GLY A 363 -1.65 -16.84 -0.27
CA GLY A 363 -2.72 -17.53 -0.97
C GLY A 363 -3.04 -16.87 -2.31
N ARG A 364 -1.98 -16.38 -2.97
CA ARG A 364 -2.05 -15.74 -4.28
C ARG A 364 -1.99 -16.80 -5.40
N SER A 365 -1.95 -16.36 -6.66
CA SER A 365 -1.76 -17.26 -7.81
C SER A 365 -0.37 -17.94 -7.75
N LEU A 366 -0.36 -19.29 -7.76
CA LEU A 366 0.88 -20.10 -7.76
C LEU A 366 1.43 -20.24 -9.19
N TYR A 367 1.60 -19.10 -9.88
CA TYR A 367 2.14 -19.03 -11.25
C TYR A 367 2.82 -17.68 -11.43
N SER A 368 2.05 -16.61 -11.18
CA SER A 368 2.54 -15.23 -11.21
C SER A 368 3.18 -14.85 -9.87
N SER A 369 4.23 -14.01 -9.91
CA SER A 369 4.92 -13.48 -8.71
C SER A 369 3.99 -12.56 -7.89
N ARG A 370 3.02 -11.94 -8.59
CA ARG A 370 1.97 -11.11 -8.01
C ARG A 370 0.63 -11.49 -8.66
N ALA A 371 -0.40 -11.79 -7.86
CA ALA A 371 -1.72 -12.26 -8.36
C ALA A 371 -2.49 -11.14 -9.09
N GLU A 372 -2.22 -9.89 -8.67
CA GLU A 372 -2.90 -8.70 -9.22
C GLU A 372 -2.37 -8.37 -10.64
N SER A 373 -1.29 -9.06 -11.07
CA SER A 373 -0.78 -8.98 -12.44
C SER A 373 -0.93 -10.35 -13.16
N PRO A 374 -2.00 -10.54 -14.01
CA PRO A 374 -2.17 -11.77 -14.81
C PRO A 374 -1.46 -11.70 -16.20
N LEU A 375 -1.32 -10.48 -16.76
CA LEU A 375 -0.78 -10.26 -18.12
C LEU A 375 0.77 -10.32 -18.15
N GLY A 376 1.41 -9.79 -17.09
CA GLY A 376 2.88 -9.72 -17.02
C GLY A 376 3.41 -9.89 -15.61
N GLU A 377 4.70 -10.28 -15.51
CA GLU A 377 5.44 -10.39 -14.24
C GLU A 377 6.01 -9.00 -13.85
N PRO A 378 5.46 -8.34 -12.79
CA PRO A 378 5.89 -6.99 -12.39
C PRO A 378 7.14 -7.01 -11.50
N GLU A 379 8.07 -6.08 -11.74
CA GLU A 379 9.26 -5.95 -10.88
C GLU A 379 8.90 -5.14 -9.62
N TRP A 380 9.51 -5.55 -8.49
CA TRP A 380 9.38 -4.89 -7.18
C TRP A 380 9.75 -3.37 -7.29
N GLY A 381 8.87 -2.51 -6.75
CA GLY A 381 8.98 -1.06 -6.95
C GLY A 381 9.25 -0.29 -5.67
N ILE A 382 8.73 0.94 -5.62
CA ILE A 382 8.92 1.89 -4.50
C ILE A 382 7.58 2.10 -3.77
N SER A 383 7.62 2.11 -2.43
CA SER A 383 6.43 2.30 -1.57
C SER A 383 6.70 3.39 -0.49
N GLN A 384 7.92 3.98 -0.51
CA GLN A 384 8.31 5.08 0.37
C GLN A 384 7.50 6.35 0.01
N THR A 385 6.45 6.60 0.79
CA THR A 385 5.49 7.69 0.55
C THR A 385 5.42 8.59 1.82
N PRO A 386 4.98 9.89 1.73
CA PRO A 386 4.89 10.79 2.93
C PRO A 386 4.07 10.24 4.11
N GLN A 387 3.20 9.25 3.81
CA GLN A 387 2.37 8.55 4.81
C GLN A 387 3.10 7.28 5.34
N VAL A 388 3.78 6.54 4.44
CA VAL A 388 4.50 5.28 4.79
C VAL A 388 6.01 5.56 4.89
N TRP A 389 6.56 5.49 6.11
CA TRP A 389 7.99 5.74 6.37
C TRP A 389 8.80 4.43 6.31
N ILE A 390 8.18 3.32 6.77
CA ILE A 390 8.74 1.97 6.64
C ILE A 390 7.70 1.05 5.99
N ASP A 391 8.07 0.48 4.83
CA ASP A 391 7.22 -0.41 4.03
C ASP A 391 7.55 -1.88 4.34
N HIS A 392 6.49 -2.71 4.50
CA HIS A 392 6.59 -4.18 4.57
C HIS A 392 5.45 -4.82 3.75
N LEU A 393 5.68 -5.02 2.45
CA LEU A 393 4.77 -5.80 1.58
C LEU A 393 5.16 -7.29 1.64
N ALA A 394 4.16 -8.18 1.71
CA ALA A 394 4.35 -9.63 1.58
C ALA A 394 3.55 -10.15 0.38
N PHE A 395 4.19 -11.00 -0.44
CA PHE A 395 3.64 -11.55 -1.69
C PHE A 395 3.81 -13.08 -1.66
N GLU A 396 3.18 -13.77 -2.63
CA GLU A 396 3.24 -15.24 -2.74
C GLU A 396 3.37 -15.66 -4.21
N HIS A 397 4.17 -16.71 -4.44
CA HIS A 397 4.46 -17.27 -5.77
C HIS A 397 4.96 -18.70 -5.55
N HIS A 398 4.26 -19.71 -6.15
CA HIS A 398 4.64 -21.14 -6.08
C HIS A 398 4.50 -21.69 -4.62
N GLY A 399 3.72 -20.97 -3.81
CA GLY A 399 3.56 -21.27 -2.38
C GLY A 399 4.61 -20.56 -1.52
N GLU A 400 5.65 -20.04 -2.17
CA GLU A 400 6.81 -19.41 -1.50
C GLU A 400 6.54 -17.91 -1.35
N VAL A 401 6.96 -17.33 -0.23
CA VAL A 401 6.63 -15.94 0.11
C VAL A 401 7.75 -14.99 -0.36
N TRP A 402 7.36 -13.98 -1.14
CA TRP A 402 8.24 -12.92 -1.61
C TRP A 402 8.06 -11.68 -0.71
N LEU A 403 9.01 -11.47 0.20
CA LEU A 403 9.04 -10.30 1.09
C LEU A 403 9.64 -9.10 0.34
N GLN A 404 9.08 -7.92 0.62
CA GLN A 404 9.47 -6.65 0.01
C GLN A 404 9.44 -5.59 1.12
N TRP A 405 10.62 -5.06 1.49
CA TRP A 405 10.75 -4.05 2.55
C TRP A 405 11.48 -2.82 2.00
N ASP A 406 10.73 -1.75 1.68
CA ASP A 406 11.33 -0.48 1.19
C ASP A 406 11.56 0.46 2.38
N SER A 407 12.72 1.14 2.37
CA SER A 407 13.18 1.98 3.48
C SER A 407 14.13 3.07 2.96
N ASN A 408 14.13 4.23 3.64
CA ASN A 408 15.01 5.36 3.31
C ASN A 408 16.46 4.98 3.67
N ASP A 409 17.29 4.82 2.64
CA ASP A 409 18.72 4.42 2.77
C ASP A 409 19.52 5.51 3.50
N ALA A 410 19.10 6.75 3.29
CA ALA A 410 19.80 7.94 3.81
C ALA A 410 19.67 8.09 5.35
N LEU A 411 18.71 7.35 5.95
CA LEU A 411 18.43 7.41 7.41
C LEU A 411 18.63 6.07 8.11
N PHE A 412 18.13 4.99 7.49
CA PHE A 412 18.12 3.64 8.08
C PHE A 412 19.40 2.88 7.69
N PRO A 413 20.36 2.65 8.65
CA PRO A 413 21.54 1.79 8.39
C PRO A 413 21.11 0.30 8.30
N PRO A 414 21.51 -0.44 7.21
CA PRO A 414 21.11 -1.86 6.99
C PRO A 414 21.36 -2.75 8.21
N ALA A 415 22.57 -2.61 8.82
CA ALA A 415 23.02 -3.42 9.98
C ALA A 415 21.97 -3.44 11.12
N LEU A 416 21.40 -2.26 11.40
CA LEU A 416 20.39 -2.07 12.45
C LEU A 416 19.14 -2.94 12.17
N VAL A 417 18.68 -2.88 10.91
CA VAL A 417 17.49 -3.59 10.44
C VAL A 417 17.75 -5.12 10.41
N GLU A 418 19.00 -5.52 10.08
CA GLU A 418 19.40 -6.93 9.94
C GLU A 418 19.66 -7.59 11.31
N THR A 419 19.92 -6.76 12.34
CA THR A 419 20.02 -7.23 13.75
C THR A 419 18.62 -7.62 14.27
N LEU A 420 17.62 -6.81 13.86
CA LEU A 420 16.22 -7.00 14.25
C LEU A 420 15.53 -8.05 13.37
N PHE A 421 16.05 -8.22 12.14
CA PHE A 421 15.64 -9.30 11.24
C PHE A 421 16.24 -10.64 11.71
N ASP A 422 17.49 -10.60 12.25
CA ASP A 422 18.17 -11.78 12.83
C ASP A 422 17.29 -12.40 13.93
N ALA A 423 16.72 -11.51 14.75
CA ALA A 423 15.73 -11.84 15.77
C ALA A 423 14.54 -12.59 15.15
N TYR A 424 13.92 -11.97 14.13
CA TYR A 424 12.73 -12.51 13.44
C TYR A 424 13.01 -13.87 12.76
N CYS A 425 14.24 -14.03 12.23
CA CYS A 425 14.63 -15.23 11.45
C CYS A 425 14.79 -16.45 12.39
N GLN A 426 15.38 -16.20 13.56
CA GLN A 426 15.55 -17.22 14.62
C GLN A 426 14.22 -17.48 15.33
N LEU A 427 13.37 -16.43 15.40
CA LEU A 427 12.05 -16.49 16.07
C LEU A 427 11.10 -17.40 15.30
N ILE A 428 10.97 -17.16 13.98
CA ILE A 428 10.03 -17.93 13.13
C ILE A 428 10.47 -19.38 13.02
N ASN A 429 11.80 -19.62 12.97
CA ASN A 429 12.37 -20.98 12.93
C ASN A 429 12.06 -21.74 14.24
N GLN A 430 12.31 -21.07 15.38
CA GLN A 430 12.17 -21.68 16.72
C GLN A 430 10.70 -22.00 17.02
N LEU A 431 9.80 -21.07 16.65
CA LEU A 431 8.38 -21.11 17.04
C LEU A 431 7.57 -22.03 16.09
N CYS A 432 7.95 -22.05 14.79
CA CYS A 432 7.23 -22.87 13.78
C CYS A 432 7.51 -24.36 13.98
N ASP A 433 8.78 -24.69 14.30
CA ASP A 433 9.22 -26.08 14.52
C ASP A 433 8.94 -26.54 15.96
N ASP A 434 9.09 -25.63 16.94
CA ASP A 434 9.05 -25.97 18.38
C ASP A 434 8.12 -25.04 19.17
N GLU A 435 7.24 -25.66 19.97
CA GLU A 435 6.37 -24.96 20.93
C GLU A 435 7.15 -24.45 22.15
N SER A 436 8.43 -24.88 22.29
CA SER A 436 9.37 -24.38 23.30
C SER A 436 9.48 -22.83 23.27
N ALA A 437 9.46 -22.24 22.07
CA ALA A 437 9.57 -20.77 21.88
C ALA A 437 8.33 -20.02 22.42
N TRP A 438 7.22 -20.75 22.63
CA TRP A 438 5.97 -20.19 23.20
C TRP A 438 6.19 -19.78 24.67
N GLN A 439 6.88 -20.65 25.43
CA GLN A 439 7.14 -20.47 26.87
C GLN A 439 8.45 -19.70 27.10
N LYS A 440 9.17 -19.36 26.00
CA LYS A 440 10.36 -18.51 26.07
C LYS A 440 9.98 -17.04 25.85
N PRO A 441 10.55 -16.09 26.65
CA PRO A 441 10.39 -14.64 26.39
C PRO A 441 11.07 -14.25 25.06
N PHE A 442 10.34 -13.48 24.24
CA PHE A 442 10.84 -12.97 22.93
C PHE A 442 12.04 -12.02 23.11
N ALA A 443 12.22 -11.48 24.34
CA ALA A 443 13.36 -10.60 24.71
C ALA A 443 14.70 -11.30 24.44
N ASP A 444 14.71 -12.62 24.70
CA ASP A 444 15.86 -13.52 24.43
C ASP A 444 16.27 -13.49 22.94
N MET A 445 15.31 -13.21 22.05
CA MET A 445 15.51 -13.33 20.61
C MET A 445 16.06 -12.02 19.99
N LEU A 446 15.55 -10.83 20.41
CA LEU A 446 15.95 -9.53 19.79
C LEU A 446 17.00 -8.78 20.62
N GLU A 447 16.81 -8.71 21.94
CA GLU A 447 17.69 -7.93 22.84
C GLU A 447 18.95 -8.73 23.21
N HIS A 448 18.79 -10.06 23.21
CA HIS A 448 19.89 -11.00 23.48
C HIS A 448 20.33 -11.65 22.17
N HIS A 449 21.65 -11.63 21.93
CA HIS A 449 22.29 -12.25 20.75
C HIS A 449 23.51 -13.07 21.24
N HIS A 450 24.55 -13.24 20.38
CA HIS A 450 25.71 -14.15 20.64
C HIS A 450 25.19 -15.59 20.85
N HIS A 451 24.33 -15.99 19.90
CA HIS A 451 23.60 -17.28 19.86
C HIS A 451 22.37 -17.28 20.81
N HIS A 452 22.50 -16.59 21.98
CA HIS A 452 21.50 -16.49 23.06
C HIS A 452 20.94 -17.87 23.48
N HIS A 453 21.45 -18.38 24.64
CA HIS A 453 21.33 -19.78 25.07
C HIS A 453 22.18 -20.67 24.14
N MET A 1 -30.36 21.27 -3.27
CA MET A 1 -29.24 22.21 -3.46
C MET A 1 -27.95 21.63 -2.82
N PRO A 2 -26.92 21.23 -3.67
CA PRO A 2 -25.63 20.73 -3.15
C PRO A 2 -24.79 21.85 -2.51
N ASP A 3 -24.83 21.93 -1.16
CA ASP A 3 -24.12 22.96 -0.39
C ASP A 3 -22.65 22.54 -0.16
N GLU A 4 -21.78 23.53 0.14
CA GLU A 4 -20.31 23.32 0.28
C GLU A 4 -19.93 22.73 1.65
N SER A 5 -20.90 22.64 2.58
CA SER A 5 -20.67 22.07 3.93
C SER A 5 -20.86 20.52 3.91
N SER A 6 -19.98 19.84 3.16
CA SER A 6 -20.04 18.37 3.00
C SER A 6 -18.70 17.82 2.45
N TRP A 7 -18.47 16.51 2.64
CA TRP A 7 -17.38 15.76 1.97
C TRP A 7 -17.82 15.43 0.52
N PRO A 8 -16.85 15.11 -0.43
CA PRO A 8 -17.12 14.79 -1.86
C PRO A 8 -18.49 14.12 -2.13
N ASN A 9 -19.23 14.70 -3.08
CA ASN A 9 -20.66 14.43 -3.31
C ASN A 9 -20.86 13.85 -4.72
N MET A 10 -21.91 13.04 -4.90
CA MET A 10 -22.34 12.60 -6.25
C MET A 10 -22.77 13.84 -7.08
N THR A 11 -23.25 14.88 -6.37
CA THR A 11 -23.59 16.20 -6.92
C THR A 11 -22.36 17.14 -6.81
N GLU A 12 -21.27 16.74 -7.48
CA GLU A 12 -19.94 17.43 -7.39
C GLU A 12 -19.84 18.60 -8.41
N SER A 13 -20.93 19.37 -8.56
CA SER A 13 -20.99 20.52 -9.49
C SER A 13 -19.95 21.64 -9.15
N THR A 14 -19.39 21.58 -7.94
CA THR A 14 -18.35 22.49 -7.45
C THR A 14 -17.09 21.68 -7.03
N PRO A 15 -15.86 22.29 -7.12
CA PRO A 15 -14.64 21.67 -6.56
C PRO A 15 -14.54 21.88 -5.03
N PHE A 16 -14.13 20.82 -4.33
CA PHE A 16 -13.92 20.82 -2.86
C PHE A 16 -12.41 20.69 -2.58
N PRO A 17 -11.90 21.06 -1.34
CA PRO A 17 -10.48 20.87 -0.95
C PRO A 17 -10.01 19.38 -1.00
N LEU A 18 -8.72 19.14 -0.65
CA LEU A 18 -8.16 17.77 -0.56
C LEU A 18 -8.90 16.96 0.52
N THR A 19 -9.06 15.65 0.27
CA THR A 19 -9.64 14.71 1.23
C THR A 19 -8.78 14.73 2.53
N PRO A 20 -9.43 14.85 3.75
CA PRO A 20 -8.73 14.95 5.08
C PRO A 20 -7.65 13.89 5.31
N VAL A 21 -7.84 12.69 4.70
CA VAL A 21 -6.92 11.53 4.81
C VAL A 21 -5.46 11.95 4.56
N GLN A 22 -4.59 11.60 5.52
CA GLN A 22 -3.18 12.03 5.59
C GLN A 22 -2.37 11.72 4.29
N HIS A 23 -2.84 10.76 3.47
CA HIS A 23 -2.18 10.43 2.18
C HIS A 23 -2.15 11.67 1.24
N ALA A 24 -3.36 12.14 0.90
CA ALA A 24 -3.55 13.30 -0.02
C ALA A 24 -3.19 14.63 0.66
N TYR A 25 -3.34 14.66 1.99
CA TYR A 25 -3.13 15.87 2.80
C TYR A 25 -1.63 16.23 2.89
N LEU A 26 -0.79 15.21 3.18
CA LEU A 26 0.64 15.40 3.45
C LEU A 26 1.40 15.69 2.15
N THR A 27 1.39 14.74 1.20
CA THR A 27 2.12 14.87 -0.09
C THR A 27 1.44 15.85 -1.07
N GLY A 28 0.20 16.26 -0.74
CA GLY A 28 -0.48 17.34 -1.46
C GLY A 28 0.01 18.72 -1.01
N ARG A 29 0.45 18.80 0.27
CA ARG A 29 1.08 20.01 0.85
C ARG A 29 2.61 19.98 0.62
N MET A 30 3.17 18.78 0.40
CA MET A 30 4.58 18.58 0.09
C MET A 30 4.68 17.89 -1.30
N PRO A 31 4.55 18.68 -2.43
CA PRO A 31 4.40 18.10 -3.79
C PRO A 31 5.68 17.36 -4.27
N GLY A 32 5.55 16.03 -4.41
CA GLY A 32 6.62 15.16 -4.91
C GLY A 32 7.70 14.85 -3.88
N GLN A 33 7.45 15.21 -2.59
CA GLN A 33 8.44 15.01 -1.52
C GLN A 33 8.56 13.51 -1.18
N THR A 34 9.79 13.00 -1.34
CA THR A 34 10.12 11.58 -1.18
C THR A 34 10.12 11.17 0.31
N LEU A 35 10.52 12.12 1.17
CA LEU A 35 10.61 11.92 2.64
C LEU A 35 9.20 11.70 3.23
N GLY A 36 8.20 12.37 2.64
CA GLY A 36 6.84 12.41 3.18
C GLY A 36 5.98 11.20 2.80
N GLY A 37 6.60 10.01 2.72
CA GLY A 37 5.90 8.78 2.34
C GLY A 37 5.90 8.52 0.84
N VAL A 38 6.51 9.46 0.08
CA VAL A 38 6.57 9.49 -1.41
C VAL A 38 5.16 9.65 -2.05
N GLY A 39 5.14 10.41 -3.14
CA GLY A 39 3.96 10.54 -4.00
C GLY A 39 4.37 10.97 -5.40
N CYS A 40 3.37 11.01 -6.32
CA CYS A 40 3.52 11.57 -7.68
C CYS A 40 4.30 10.66 -8.67
N HIS A 41 5.20 9.78 -8.18
CA HIS A 41 5.96 8.83 -9.02
C HIS A 41 6.09 7.47 -8.31
N LEU A 42 5.61 6.41 -8.97
CA LEU A 42 5.99 5.02 -8.64
C LEU A 42 6.42 4.30 -9.93
N TYR A 43 7.34 3.33 -9.81
CA TYR A 43 7.83 2.57 -10.96
C TYR A 43 7.11 1.20 -11.02
N GLN A 44 6.19 1.06 -11.99
CA GLN A 44 5.40 -0.17 -12.21
C GLN A 44 5.55 -0.62 -13.66
N GLU A 45 6.19 -1.78 -13.87
CA GLU A 45 6.23 -2.45 -15.18
C GLU A 45 5.78 -3.91 -15.02
N PHE A 46 5.07 -4.42 -16.03
CA PHE A 46 4.69 -5.86 -16.10
C PHE A 46 5.44 -6.53 -17.26
N GLU A 47 5.90 -7.76 -17.02
CA GLU A 47 6.62 -8.59 -18.00
C GLU A 47 5.67 -9.64 -18.61
N GLY A 48 5.93 -9.98 -19.88
CA GLY A 48 5.29 -11.10 -20.56
C GLY A 48 4.60 -10.67 -21.84
N HIS A 49 3.74 -11.56 -22.37
CA HIS A 49 2.91 -11.25 -23.55
C HIS A 49 1.42 -11.37 -23.17
N CYS A 50 0.72 -10.25 -23.29
CA CYS A 50 -0.74 -10.19 -23.18
C CYS A 50 -1.30 -9.74 -24.53
N LEU A 51 -0.61 -8.76 -25.16
CA LEU A 51 -0.96 -8.22 -26.47
C LEU A 51 0.21 -7.37 -27.04
N THR A 52 -0.06 -6.64 -28.15
CA THR A 52 0.93 -5.81 -28.85
C THR A 52 0.58 -4.29 -28.74
N ALA A 53 1.54 -3.42 -29.14
CA ALA A 53 1.50 -1.95 -29.02
C ALA A 53 0.17 -1.28 -29.41
N SER A 54 -0.31 -1.55 -30.64
CA SER A 54 -1.52 -0.90 -31.23
C SER A 54 -2.78 -1.23 -30.41
N GLN A 55 -2.86 -2.50 -30.00
CA GLN A 55 -4.02 -3.04 -29.26
C GLN A 55 -4.08 -2.46 -27.83
N LEU A 56 -2.88 -2.28 -27.21
CA LEU A 56 -2.73 -1.72 -25.84
C LEU A 56 -2.94 -0.19 -25.85
N GLU A 57 -2.56 0.44 -26.96
CA GLU A 57 -2.72 1.89 -27.17
C GLU A 57 -4.22 2.23 -27.15
N GLN A 58 -4.97 1.52 -28.00
CA GLN A 58 -6.44 1.62 -28.11
C GLN A 58 -7.11 1.32 -26.75
N ALA A 59 -6.59 0.29 -26.05
CA ALA A 59 -7.16 -0.22 -24.79
C ALA A 59 -7.25 0.86 -23.70
N ILE A 60 -6.09 1.44 -23.39
CA ILE A 60 -5.93 2.48 -22.36
C ILE A 60 -6.74 3.73 -22.75
N THR A 61 -6.67 4.08 -24.04
CA THR A 61 -7.39 5.23 -24.61
C THR A 61 -8.92 5.08 -24.48
N THR A 62 -9.46 3.85 -24.60
CA THR A 62 -10.91 3.57 -24.44
C THR A 62 -11.33 3.77 -22.96
N LEU A 63 -10.44 3.34 -22.04
CA LEU A 63 -10.63 3.47 -20.58
C LEU A 63 -10.58 4.96 -20.16
N LEU A 64 -9.86 5.77 -20.97
CA LEU A 64 -9.78 7.22 -20.79
C LEU A 64 -11.04 7.92 -21.39
N GLN A 65 -11.56 7.37 -22.51
CA GLN A 65 -12.73 7.93 -23.25
C GLN A 65 -14.05 7.80 -22.46
N ARG A 66 -14.07 6.93 -21.43
CA ARG A 66 -15.26 6.75 -20.56
C ARG A 66 -15.21 7.81 -19.43
N HIS A 67 -15.98 7.60 -18.34
CA HIS A 67 -15.90 8.43 -17.12
C HIS A 67 -15.37 7.55 -15.97
N PRO A 68 -14.01 7.46 -15.78
CA PRO A 68 -13.39 6.68 -14.69
C PRO A 68 -13.19 7.54 -13.41
N MET A 69 -13.58 6.99 -12.25
CA MET A 69 -13.54 7.71 -10.95
C MET A 69 -12.09 7.95 -10.47
N LEU A 70 -11.17 7.04 -10.83
CA LEU A 70 -9.74 7.13 -10.45
C LEU A 70 -8.99 8.21 -11.27
N HIS A 71 -9.70 8.86 -12.21
CA HIS A 71 -9.17 9.95 -13.07
C HIS A 71 -9.41 11.34 -12.41
N ILE A 72 -9.39 11.34 -11.07
CA ILE A 72 -9.51 12.55 -10.26
C ILE A 72 -8.18 13.32 -10.29
N ALA A 73 -8.24 14.58 -10.72
CA ALA A 73 -7.09 15.45 -10.89
C ALA A 73 -7.07 16.52 -9.79
N PHE A 74 -5.94 16.62 -9.08
CA PHE A 74 -5.78 17.53 -7.94
C PHE A 74 -5.23 18.89 -8.39
N ARG A 75 -5.43 19.88 -7.53
CA ARG A 75 -4.95 21.24 -7.72
C ARG A 75 -3.86 21.53 -6.67
N PRO A 76 -2.70 22.18 -7.06
CA PRO A 76 -1.58 22.51 -6.12
C PRO A 76 -2.00 23.52 -5.01
N ASP A 77 -3.16 24.21 -5.23
CA ASP A 77 -3.79 25.07 -4.20
C ASP A 77 -4.22 24.24 -2.97
N GLY A 78 -4.55 22.96 -3.23
CA GLY A 78 -5.06 22.04 -2.21
C GLY A 78 -6.54 21.75 -2.40
N GLN A 79 -6.90 21.40 -3.64
CA GLN A 79 -8.28 21.02 -4.01
C GLN A 79 -8.28 19.71 -4.82
N GLN A 80 -9.46 19.11 -4.94
CA GLN A 80 -9.71 17.93 -5.77
C GLN A 80 -10.82 18.25 -6.78
N VAL A 81 -10.61 17.86 -8.06
CA VAL A 81 -11.60 18.03 -9.13
C VAL A 81 -11.64 16.71 -9.94
N TRP A 82 -12.84 16.17 -10.15
CA TRP A 82 -13.03 14.91 -10.87
C TRP A 82 -13.21 15.25 -12.36
N LEU A 83 -12.15 15.02 -13.17
CA LEU A 83 -12.15 15.36 -14.60
C LEU A 83 -12.64 14.16 -15.44
N PRO A 84 -13.73 14.35 -16.26
CA PRO A 84 -14.18 13.33 -17.24
C PRO A 84 -13.50 13.51 -18.63
N GLN A 85 -12.46 14.37 -18.69
CA GLN A 85 -11.80 14.80 -19.95
C GLN A 85 -10.40 14.19 -20.07
N PRO A 86 -10.19 13.14 -20.94
CA PRO A 86 -8.86 12.54 -21.19
C PRO A 86 -7.93 13.49 -21.99
N TYR A 87 -6.90 14.02 -21.31
CA TYR A 87 -5.92 14.98 -21.89
C TYR A 87 -5.27 14.43 -23.18
N TRP A 88 -4.79 13.18 -23.10
CA TRP A 88 -3.99 12.54 -24.16
C TRP A 88 -4.04 10.99 -23.97
N ASN A 89 -3.45 10.25 -24.91
CA ASN A 89 -3.40 8.77 -24.87
C ASN A 89 -2.36 8.32 -23.82
N GLY A 90 -1.14 8.88 -23.95
CA GLY A 90 -0.04 8.62 -23.00
C GLY A 90 0.89 7.50 -23.48
N VAL A 91 0.36 6.60 -24.32
CA VAL A 91 1.07 5.36 -24.72
C VAL A 91 2.18 5.68 -25.75
N THR A 92 3.41 5.80 -25.23
CA THR A 92 4.61 6.05 -26.02
C THR A 92 5.37 4.73 -26.23
N VAL A 93 5.38 4.23 -27.48
CA VAL A 93 5.95 2.91 -27.79
C VAL A 93 7.44 3.04 -28.18
N HIS A 94 8.21 2.03 -27.77
CA HIS A 94 9.65 1.89 -28.04
C HIS A 94 9.86 0.54 -28.73
N ASP A 95 10.78 0.49 -29.68
CA ASP A 95 11.12 -0.74 -30.41
C ASP A 95 12.51 -1.21 -29.95
N LEU A 96 12.60 -2.48 -29.54
CA LEU A 96 13.87 -3.11 -29.14
C LEU A 96 14.15 -4.36 -30.01
N ARG A 97 13.39 -4.53 -31.11
CA ARG A 97 13.55 -5.66 -32.03
C ARG A 97 14.48 -5.28 -33.20
N HIS A 98 14.20 -4.14 -33.87
CA HIS A 98 15.08 -3.59 -34.91
C HIS A 98 16.23 -2.82 -34.24
N ASN A 99 15.93 -2.17 -33.11
CA ASN A 99 16.96 -1.53 -32.27
C ASN A 99 17.78 -2.59 -31.52
N ASP A 100 19.01 -2.21 -31.15
CA ASP A 100 19.97 -3.09 -30.46
C ASP A 100 19.55 -3.26 -28.98
N ALA A 101 20.08 -4.30 -28.30
CA ALA A 101 19.80 -4.55 -26.86
C ALA A 101 20.39 -3.44 -25.96
N GLU A 102 21.38 -2.71 -26.50
CA GLU A 102 21.97 -1.51 -25.89
C GLU A 102 20.86 -0.46 -25.64
N SER A 103 19.97 -0.32 -26.65
CA SER A 103 18.85 0.65 -26.62
C SER A 103 17.85 0.32 -25.51
N ARG A 104 17.76 -0.98 -25.13
CA ARG A 104 16.88 -1.44 -24.03
C ARG A 104 17.41 -0.94 -22.69
N GLN A 105 18.75 -1.01 -22.53
CA GLN A 105 19.46 -0.49 -21.35
C GLN A 105 19.29 1.04 -21.31
N ALA A 106 19.46 1.67 -22.49
CA ALA A 106 19.38 3.12 -22.64
C ALA A 106 18.00 3.67 -22.31
N TYR A 107 16.93 2.92 -22.68
CA TYR A 107 15.54 3.29 -22.33
C TYR A 107 15.24 2.99 -20.86
N LEU A 108 15.81 1.90 -20.31
CA LEU A 108 15.63 1.54 -18.88
C LEU A 108 16.21 2.66 -18.00
N ASP A 109 17.38 3.16 -18.43
CA ASP A 109 18.13 4.22 -17.73
C ASP A 109 17.48 5.60 -17.93
N ALA A 110 17.01 5.87 -19.17
CA ALA A 110 16.37 7.15 -19.55
C ALA A 110 15.04 7.32 -18.82
N LEU A 111 14.18 6.30 -18.92
CA LEU A 111 12.85 6.24 -18.24
C LEU A 111 13.00 6.44 -16.72
N ARG A 112 14.06 5.85 -16.13
CA ARG A 112 14.36 5.96 -14.69
C ARG A 112 14.74 7.40 -14.31
N GLN A 113 15.66 8.00 -15.10
CA GLN A 113 16.20 9.36 -14.85
C GLN A 113 15.08 10.41 -14.96
N ARG A 114 14.30 10.30 -16.04
CA ARG A 114 13.19 11.20 -16.36
C ARG A 114 12.04 11.01 -15.37
N LEU A 115 11.84 9.78 -14.87
CA LEU A 115 10.81 9.48 -13.85
C LEU A 115 11.09 10.25 -12.56
N SER A 116 12.38 10.27 -12.17
CA SER A 116 12.84 10.95 -10.95
C SER A 116 12.77 12.49 -11.11
N HIS A 117 13.24 13.00 -12.27
CA HIS A 117 13.51 14.44 -12.48
C HIS A 117 12.27 15.22 -12.96
N ARG A 118 11.32 14.54 -13.63
CA ARG A 118 10.16 15.20 -14.26
C ARG A 118 9.19 15.73 -13.19
N LEU A 119 8.89 17.03 -13.26
CA LEU A 119 7.85 17.64 -12.42
C LEU A 119 6.48 17.41 -13.09
N LEU A 120 5.45 17.16 -12.26
CA LEU A 120 4.09 16.87 -12.76
C LEU A 120 3.34 18.16 -13.09
N ARG A 121 2.43 18.05 -14.05
CA ARG A 121 1.56 19.15 -14.50
C ARG A 121 0.26 19.13 -13.66
N VAL A 122 0.42 18.87 -12.34
CA VAL A 122 -0.66 18.86 -11.32
C VAL A 122 -1.40 20.22 -11.27
N GLU A 123 -0.75 21.25 -11.83
CA GLU A 123 -1.35 22.59 -12.05
C GLU A 123 -2.71 22.49 -12.78
N ILE A 124 -2.74 21.76 -13.93
CA ILE A 124 -4.00 21.46 -14.65
C ILE A 124 -4.58 20.11 -14.16
N GLY A 125 -3.74 19.36 -13.42
CA GLY A 125 -4.11 18.08 -12.82
C GLY A 125 -3.77 16.88 -13.70
N GLU A 126 -4.08 17.02 -15.00
CA GLU A 126 -3.86 15.95 -16.00
C GLU A 126 -2.36 15.68 -16.19
N THR A 127 -1.87 14.65 -15.48
CA THR A 127 -0.53 14.11 -15.65
C THR A 127 -0.59 12.58 -15.54
N PHE A 128 -0.06 11.92 -16.57
CA PHE A 128 0.03 10.46 -16.69
C PHE A 128 1.05 10.15 -17.78
N ASP A 129 1.81 9.07 -17.60
CA ASP A 129 2.87 8.68 -18.53
C ASP A 129 2.88 7.16 -18.72
N PHE A 130 2.94 6.72 -19.99
CA PHE A 130 3.01 5.29 -20.35
C PHE A 130 4.19 5.12 -21.33
N GLN A 131 5.17 4.27 -20.97
CA GLN A 131 6.33 3.98 -21.83
C GLN A 131 6.39 2.47 -22.06
N LEU A 132 6.02 2.05 -23.27
CA LEU A 132 5.90 0.62 -23.62
C LEU A 132 7.13 0.19 -24.41
N THR A 133 8.00 -0.62 -23.78
CA THR A 133 9.16 -1.22 -24.43
C THR A 133 8.74 -2.56 -25.08
N LEU A 134 8.62 -2.53 -26.43
CA LEU A 134 8.32 -3.74 -27.24
C LEU A 134 9.66 -4.50 -27.41
N LEU A 135 9.78 -5.61 -26.67
CA LEU A 135 11.04 -6.37 -26.54
C LEU A 135 11.07 -7.59 -27.49
N PRO A 136 12.30 -8.18 -27.74
CA PRO A 136 12.42 -9.53 -28.35
C PRO A 136 11.82 -10.64 -27.45
N ASP A 137 11.76 -11.88 -28.00
CA ASP A 137 11.20 -13.09 -27.31
C ASP A 137 9.68 -12.91 -27.04
N ASN A 138 9.04 -12.03 -27.86
CA ASN A 138 7.58 -11.74 -27.81
C ASN A 138 7.18 -11.01 -26.50
N ARG A 139 8.20 -10.54 -25.76
CA ARG A 139 8.02 -9.89 -24.44
C ARG A 139 7.64 -8.41 -24.60
N HIS A 140 6.86 -7.92 -23.63
CA HIS A 140 6.32 -6.55 -23.60
C HIS A 140 6.33 -6.07 -22.16
N ARG A 141 6.90 -4.87 -21.93
CA ARG A 141 6.93 -4.23 -20.61
C ARG A 141 6.42 -2.79 -20.70
N LEU A 142 5.26 -2.53 -20.08
CA LEU A 142 4.71 -1.17 -19.98
C LEU A 142 5.16 -0.55 -18.64
N HIS A 143 6.13 0.37 -18.73
CA HIS A 143 6.65 1.14 -17.60
C HIS A 143 5.76 2.38 -17.41
N VAL A 144 4.84 2.32 -16.45
CA VAL A 144 3.82 3.37 -16.24
C VAL A 144 4.15 4.25 -15.01
N ASN A 145 3.88 5.55 -15.17
CA ASN A 145 3.97 6.57 -14.12
C ASN A 145 2.56 7.08 -13.80
N ILE A 146 2.18 6.99 -12.52
CA ILE A 146 0.86 7.42 -12.00
C ILE A 146 1.08 8.09 -10.61
N ASP A 147 0.16 8.99 -10.23
CA ASP A 147 0.17 9.64 -8.90
C ASP A 147 -0.51 8.73 -7.86
N LEU A 148 0.02 8.74 -6.62
CA LEU A 148 -0.39 7.83 -5.53
C LEU A 148 -1.59 8.39 -4.72
N LEU A 149 -1.83 9.70 -4.84
CA LEU A 149 -2.82 10.43 -4.00
C LEU A 149 -4.26 10.25 -4.53
N ILE A 150 -4.41 9.74 -5.78
CA ILE A 150 -5.74 9.63 -6.45
C ILE A 150 -6.55 8.46 -5.86
N MET A 151 -5.81 7.46 -5.35
CA MET A 151 -6.31 6.30 -4.58
C MET A 151 -5.12 5.36 -4.31
N ASP A 152 -5.19 4.61 -3.19
CA ASP A 152 -4.18 3.59 -2.81
C ASP A 152 -4.13 2.42 -3.85
N ALA A 153 -3.47 1.30 -3.47
CA ALA A 153 -3.12 0.16 -4.38
C ALA A 153 -4.33 -0.40 -5.19
N SER A 154 -5.56 -0.28 -4.63
CA SER A 154 -6.82 -0.76 -5.26
C SER A 154 -7.08 -0.14 -6.67
N SER A 155 -6.52 1.06 -6.93
CA SER A 155 -6.65 1.75 -8.23
C SER A 155 -5.94 0.97 -9.36
N PHE A 156 -4.71 0.54 -9.05
CA PHE A 156 -3.83 -0.19 -9.99
C PHE A 156 -4.38 -1.60 -10.23
N THR A 157 -4.78 -2.26 -9.12
CA THR A 157 -5.29 -3.63 -9.15
C THR A 157 -6.61 -3.72 -9.97
N LEU A 158 -7.47 -2.69 -9.79
CA LEU A 158 -8.76 -2.58 -10.52
C LEU A 158 -8.48 -2.37 -12.03
N PHE A 159 -7.53 -1.45 -12.33
CA PHE A 159 -7.14 -1.07 -13.70
C PHE A 159 -6.78 -2.30 -14.54
N PHE A 160 -5.78 -3.07 -14.08
CA PHE A 160 -5.28 -4.26 -14.82
C PHE A 160 -6.27 -5.44 -14.78
N ASP A 161 -7.17 -5.47 -13.77
CA ASP A 161 -8.19 -6.53 -13.62
C ASP A 161 -9.23 -6.44 -14.75
N GLU A 162 -9.91 -5.28 -14.84
CA GLU A 162 -10.92 -5.02 -15.89
C GLU A 162 -10.26 -4.99 -17.27
N LEU A 163 -9.01 -4.47 -17.32
CA LEU A 163 -8.19 -4.42 -18.55
C LEU A 163 -7.97 -5.84 -19.09
N ASN A 164 -7.78 -6.82 -18.18
CA ASN A 164 -7.62 -8.25 -18.57
C ASN A 164 -8.86 -8.75 -19.32
N ALA A 165 -10.06 -8.44 -18.78
CA ALA A 165 -11.36 -8.86 -19.37
C ALA A 165 -11.54 -8.27 -20.77
N LEU A 166 -11.15 -6.98 -20.91
CA LEU A 166 -11.20 -6.25 -22.18
C LEU A 166 -10.25 -6.89 -23.23
N LEU A 167 -9.01 -7.16 -22.81
CA LEU A 167 -7.91 -7.62 -23.70
C LEU A 167 -7.94 -9.13 -23.95
N ALA A 168 -8.80 -9.85 -23.20
CA ALA A 168 -9.04 -11.30 -23.41
C ALA A 168 -10.04 -11.53 -24.57
N GLY A 169 -10.64 -10.44 -25.07
CA GLY A 169 -11.69 -10.49 -26.09
C GLY A 169 -13.02 -10.95 -25.52
N GLU A 170 -13.18 -10.75 -24.20
CA GLU A 170 -14.38 -11.16 -23.43
C GLU A 170 -15.25 -9.93 -23.19
N SER A 171 -16.57 -10.11 -23.21
CA SER A 171 -17.51 -9.08 -22.75
C SER A 171 -17.54 -9.13 -21.21
N LEU A 172 -17.02 -8.07 -20.56
CA LEU A 172 -17.01 -7.97 -19.10
C LEU A 172 -18.39 -7.47 -18.62
N PRO A 173 -18.79 -7.74 -17.34
CA PRO A 173 -20.04 -7.18 -16.76
C PRO A 173 -20.13 -5.64 -16.85
N ALA A 174 -21.35 -5.11 -16.81
CA ALA A 174 -21.62 -3.67 -16.90
C ALA A 174 -20.98 -2.93 -15.71
N ILE A 175 -20.11 -1.94 -16.02
CA ILE A 175 -19.38 -1.19 -15.01
C ILE A 175 -20.33 -0.15 -14.41
N ASP A 176 -20.77 -0.37 -13.16
CA ASP A 176 -21.69 0.56 -12.48
C ASP A 176 -20.90 1.80 -12.04
N THR A 177 -20.93 2.82 -12.91
CA THR A 177 -20.34 4.14 -12.64
C THR A 177 -21.32 5.02 -11.83
N ARG A 178 -22.51 4.46 -11.50
CA ARG A 178 -23.55 5.17 -10.71
C ARG A 178 -23.06 5.39 -9.27
N TYR A 179 -22.30 4.40 -8.75
CA TYR A 179 -21.57 4.54 -7.49
C TYR A 179 -20.19 5.11 -7.78
N ASP A 180 -20.00 6.37 -7.43
CA ASP A 180 -18.72 7.06 -7.52
C ASP A 180 -17.89 6.77 -6.27
N PHE A 181 -16.60 7.14 -6.32
CA PHE A 181 -15.77 7.25 -5.10
C PHE A 181 -16.24 8.50 -4.30
N ARG A 182 -16.84 9.48 -5.04
CA ARG A 182 -17.59 10.62 -4.45
C ARG A 182 -18.74 10.11 -3.57
N SER A 183 -19.51 9.15 -4.12
CA SER A 183 -20.68 8.55 -3.45
C SER A 183 -20.29 7.80 -2.16
N TYR A 184 -19.01 7.35 -2.09
CA TYR A 184 -18.45 6.75 -0.87
C TYR A 184 -18.33 7.81 0.24
N LEU A 185 -17.67 8.95 -0.07
CA LEU A 185 -17.43 10.08 0.88
C LEU A 185 -18.75 10.77 1.28
N LEU A 186 -19.70 10.82 0.34
CA LEU A 186 -21.06 11.33 0.60
C LEU A 186 -21.77 10.41 1.61
N HIS A 187 -21.66 9.09 1.40
CA HIS A 187 -22.20 8.07 2.33
C HIS A 187 -21.54 8.19 3.71
N GLN A 188 -20.22 8.47 3.73
CA GLN A 188 -19.44 8.64 4.96
C GLN A 188 -19.93 9.87 5.72
N GLN A 189 -20.31 10.93 4.97
CA GLN A 189 -20.84 12.18 5.55
C GLN A 189 -22.24 11.95 6.13
N LYS A 190 -23.07 11.17 5.40
CA LYS A 190 -24.46 10.85 5.79
C LYS A 190 -24.49 10.11 7.13
N ILE A 191 -23.71 9.02 7.20
CA ILE A 191 -23.65 8.18 8.39
C ILE A 191 -22.92 8.90 9.53
N ASN A 192 -22.00 9.86 9.17
CA ASN A 192 -21.15 10.58 10.15
C ASN A 192 -22.00 11.44 11.08
N GLN A 193 -22.97 12.18 10.53
CA GLN A 193 -23.75 13.18 11.31
C GLN A 193 -24.39 12.56 12.61
N PRO A 194 -25.14 11.38 12.55
CA PRO A 194 -25.58 10.67 13.78
C PRO A 194 -24.46 9.84 14.47
N LEU A 195 -23.48 9.35 13.68
CA LEU A 195 -22.36 8.49 14.18
C LEU A 195 -21.29 9.33 14.89
N ARG A 196 -21.33 10.66 14.72
CA ARG A 196 -20.24 11.58 15.16
C ARG A 196 -20.06 11.56 16.68
N ASP A 197 -21.13 11.26 17.41
CA ASP A 197 -21.09 11.07 18.86
C ASP A 197 -20.24 9.82 19.19
N ASP A 198 -20.49 8.76 18.41
CA ASP A 198 -19.72 7.49 18.49
C ASP A 198 -18.31 7.67 17.90
N ALA A 199 -18.13 8.66 17.01
CA ALA A 199 -16.83 8.96 16.40
C ALA A 199 -15.93 9.66 17.41
N ARG A 200 -16.53 10.49 18.28
CA ARG A 200 -15.80 11.11 19.41
C ARG A 200 -15.52 10.07 20.50
N ALA A 201 -16.50 9.16 20.69
CA ALA A 201 -16.43 8.09 21.68
C ALA A 201 -15.30 7.08 21.37
N TYR A 202 -15.34 6.44 20.19
CA TYR A 202 -14.42 5.33 19.82
C TYR A 202 -13.04 5.85 19.33
N TRP A 203 -13.08 6.82 18.40
CA TRP A 203 -11.87 7.27 17.68
C TRP A 203 -10.90 8.00 18.62
N LEU A 204 -11.45 8.88 19.50
CA LEU A 204 -10.65 9.68 20.45
C LEU A 204 -10.32 8.86 21.71
N ALA A 205 -11.13 7.81 22.02
CA ALA A 205 -10.80 6.86 23.11
C ALA A 205 -9.46 6.20 22.81
N LYS A 206 -9.38 5.62 21.59
CA LYS A 206 -8.16 4.99 21.10
C LYS A 206 -7.05 6.03 20.97
N ALA A 207 -7.34 7.19 20.36
CA ALA A 207 -6.35 8.26 20.10
C ALA A 207 -5.73 8.83 21.40
N SER A 208 -6.39 8.60 22.55
CA SER A 208 -5.85 8.95 23.89
C SER A 208 -5.08 7.77 24.53
N THR A 209 -5.60 6.53 24.37
CA THR A 209 -5.07 5.33 25.09
C THR A 209 -4.00 4.55 24.28
N LEU A 210 -3.80 4.95 23.02
CA LEU A 210 -2.77 4.36 22.15
C LEU A 210 -1.37 4.83 22.60
N PRO A 211 -0.31 4.00 22.38
CA PRO A 211 1.09 4.39 22.63
C PRO A 211 1.58 5.58 21.73
N PRO A 212 2.73 6.23 22.09
CA PRO A 212 3.46 7.15 21.17
C PRO A 212 3.77 6.47 19.81
N ALA A 213 3.44 7.16 18.70
CA ALA A 213 3.55 6.62 17.33
C ALA A 213 5.01 6.23 16.97
N PRO A 214 5.23 5.06 16.26
CA PRO A 214 6.57 4.45 16.01
C PRO A 214 7.66 5.46 15.56
N VAL A 215 8.77 5.50 16.33
CA VAL A 215 9.90 6.38 16.02
C VAL A 215 10.93 5.64 15.14
N LEU A 216 11.48 6.36 14.17
CA LEU A 216 12.52 5.87 13.27
C LEU A 216 13.71 6.84 13.39
N PRO A 217 14.98 6.33 13.54
CA PRO A 217 16.18 7.20 13.68
C PRO A 217 16.38 8.07 12.41
N LEU A 218 16.51 9.39 12.62
CA LEU A 218 16.82 10.32 11.52
C LEU A 218 18.34 10.41 11.38
N ALA A 219 18.86 9.92 10.26
CA ALA A 219 20.28 10.01 9.89
C ALA A 219 20.65 11.47 9.59
N CYS A 220 19.66 12.24 9.09
CA CYS A 220 19.81 13.68 8.81
C CYS A 220 18.47 14.41 9.09
N GLU A 221 18.50 15.76 9.14
CA GLU A 221 17.31 16.61 9.38
C GLU A 221 16.33 16.54 8.18
N PRO A 222 14.98 16.73 8.40
CA PRO A 222 13.99 16.91 7.29
C PRO A 222 14.36 18.03 6.29
N ALA A 223 15.07 19.06 6.79
CA ALA A 223 15.61 20.17 5.98
C ALA A 223 16.78 19.70 5.09
N THR A 224 17.60 18.78 5.64
CA THR A 224 18.80 18.25 4.98
C THR A 224 18.42 17.21 3.90
N LEU A 225 17.40 16.39 4.20
CA LEU A 225 16.91 15.33 3.30
C LEU A 225 15.87 15.91 2.34
N ARG A 226 16.30 16.13 1.09
CA ARG A 226 15.46 16.69 0.02
C ARG A 226 14.94 15.54 -0.87
N GLU A 227 15.77 14.50 -1.02
CA GLU A 227 15.39 13.24 -1.71
C GLU A 227 16.02 12.05 -0.95
N VAL A 228 15.17 11.15 -0.44
CA VAL A 228 15.61 9.94 0.27
C VAL A 228 15.54 8.74 -0.68
N ARG A 229 16.43 7.77 -0.46
CA ARG A 229 16.52 6.56 -1.29
C ARG A 229 15.55 5.51 -0.73
N ASN A 230 14.49 5.20 -1.50
CA ASN A 230 13.56 4.10 -1.18
C ASN A 230 14.13 2.81 -1.77
N THR A 231 14.65 1.93 -0.91
CA THR A 231 15.26 0.67 -1.34
C THR A 231 14.43 -0.50 -0.77
N ARG A 232 13.73 -1.20 -1.66
CA ARG A 232 12.88 -2.33 -1.30
C ARG A 232 13.69 -3.64 -1.24
N ARG A 233 13.97 -4.08 0.00
CA ARG A 233 14.67 -5.35 0.28
C ARG A 233 13.67 -6.51 0.13
N ARG A 234 14.09 -7.61 -0.50
CA ARG A 234 13.23 -8.80 -0.69
C ARG A 234 13.96 -10.04 -0.12
N MET A 235 13.37 -10.63 0.94
CA MET A 235 13.95 -11.77 1.65
C MET A 235 13.14 -13.01 1.32
N ILE A 236 13.72 -13.89 0.49
CA ILE A 236 13.09 -15.14 0.07
C ILE A 236 13.42 -16.25 1.09
N VAL A 237 12.38 -16.74 1.78
CA VAL A 237 12.52 -17.80 2.79
C VAL A 237 11.51 -18.93 2.46
N PRO A 238 11.95 -20.24 2.48
CA PRO A 238 11.06 -21.42 2.30
C PRO A 238 9.77 -21.32 3.13
N ALA A 239 8.63 -21.33 2.43
CA ALA A 239 7.29 -21.24 3.02
C ALA A 239 6.90 -22.51 3.80
N THR A 240 7.69 -23.60 3.68
CA THR A 240 7.46 -24.86 4.43
C THR A 240 7.54 -24.63 5.96
N ARG A 241 8.71 -24.18 6.45
CA ARG A 241 8.92 -23.86 7.89
C ARG A 241 8.12 -22.60 8.29
N TRP A 242 7.91 -21.73 7.31
CA TRP A 242 7.14 -20.50 7.48
C TRP A 242 5.64 -20.81 7.65
N HIS A 243 5.20 -21.93 7.05
CA HIS A 243 3.84 -22.46 7.19
C HIS A 243 3.66 -22.99 8.62
N ALA A 244 4.77 -23.48 9.23
CA ALA A 244 4.78 -23.92 10.64
C ALA A 244 4.47 -22.74 11.59
N PHE A 245 4.91 -21.51 11.22
CA PHE A 245 4.49 -20.27 11.91
C PHE A 245 2.96 -20.10 11.80
N SER A 246 2.46 -20.29 10.56
CA SER A 246 1.01 -20.19 10.23
C SER A 246 0.20 -21.27 10.98
N ASN A 247 0.84 -22.43 11.30
CA ASN A 247 0.21 -23.51 12.10
C ASN A 247 -0.08 -22.99 13.51
N ARG A 248 0.93 -22.35 14.14
CA ARG A 248 0.79 -21.76 15.50
C ARG A 248 -0.34 -20.71 15.53
N ALA A 249 -0.28 -19.75 14.59
CA ALA A 249 -1.27 -18.67 14.47
C ALA A 249 -2.68 -19.23 14.23
N GLY A 250 -2.73 -20.28 13.39
CA GLY A 250 -3.99 -20.92 12.98
C GLY A 250 -4.67 -21.66 14.12
N GLU A 251 -3.88 -22.35 14.97
CA GLU A 251 -4.41 -23.08 16.14
C GLU A 251 -4.92 -22.09 17.21
N TYR A 252 -4.18 -20.99 17.37
CA TYR A 252 -4.56 -19.88 18.27
C TYR A 252 -5.83 -19.16 17.77
N GLY A 253 -6.12 -19.32 16.46
CA GLY A 253 -7.33 -18.78 15.83
C GLY A 253 -7.11 -17.40 15.25
N VAL A 254 -5.90 -16.84 15.44
CA VAL A 254 -5.53 -15.51 14.94
C VAL A 254 -5.04 -15.63 13.49
N THR A 255 -5.52 -14.74 12.61
CA THR A 255 -5.26 -14.79 11.17
C THR A 255 -3.75 -14.71 10.87
N PRO A 256 -3.14 -15.68 10.08
CA PRO A 256 -1.69 -15.65 9.74
C PRO A 256 -1.28 -14.39 8.93
N THR A 257 -2.27 -13.78 8.24
CA THR A 257 -2.09 -12.48 7.56
C THR A 257 -1.81 -11.37 8.60
N MET A 258 -2.64 -11.36 9.65
CA MET A 258 -2.59 -10.36 10.73
C MET A 258 -1.34 -10.57 11.62
N ALA A 259 -1.30 -11.75 12.26
CA ALA A 259 -0.29 -12.13 13.29
C ALA A 259 1.15 -11.94 12.79
N LEU A 260 1.39 -12.25 11.52
CA LEU A 260 2.74 -12.19 10.91
C LEU A 260 3.14 -10.74 10.57
N ALA A 261 2.22 -10.00 9.94
CA ALA A 261 2.47 -8.60 9.49
C ALA A 261 2.71 -7.68 10.71
N THR A 262 1.82 -7.83 11.71
CA THR A 262 1.87 -7.08 12.97
C THR A 262 3.10 -7.47 13.81
N CYS A 263 3.58 -8.73 13.65
CA CYS A 263 4.80 -9.22 14.34
C CYS A 263 6.05 -8.51 13.81
N PHE A 264 6.15 -8.37 12.48
CA PHE A 264 7.26 -7.63 11.83
C PHE A 264 7.27 -6.17 12.31
N SER A 265 6.08 -5.55 12.25
CA SER A 265 5.89 -4.14 12.61
C SER A 265 6.21 -3.87 14.10
N ALA A 266 5.88 -4.86 14.95
CA ALA A 266 6.11 -4.80 16.40
C ALA A 266 7.61 -4.75 16.69
N VAL A 267 8.33 -5.79 16.24
CA VAL A 267 9.77 -5.97 16.52
C VAL A 267 10.62 -4.82 15.89
N LEU A 268 10.15 -4.34 14.72
CA LEU A 268 10.76 -3.19 13.99
C LEU A 268 10.72 -1.92 14.85
N ALA A 269 9.51 -1.56 15.29
CA ALA A 269 9.23 -0.27 15.94
C ALA A 269 9.66 -0.25 17.43
N ARG A 270 9.60 -1.43 18.09
CA ARG A 270 9.95 -1.57 19.52
C ARG A 270 11.46 -1.44 19.74
N TRP A 271 12.25 -1.63 18.67
CA TRP A 271 13.71 -1.38 18.69
C TRP A 271 14.00 0.08 19.13
N GLY A 272 13.09 1.00 18.78
CA GLY A 272 13.21 2.42 19.15
C GLY A 272 12.87 2.72 20.62
N GLY A 273 12.64 1.66 21.42
CA GLY A 273 12.29 1.78 22.85
C GLY A 273 10.80 1.96 23.06
N LEU A 274 10.01 1.20 22.29
CA LEU A 274 8.55 1.17 22.39
C LEU A 274 8.11 -0.18 23.00
N THR A 275 7.96 -0.24 24.34
CA THR A 275 7.49 -1.44 25.07
C THR A 275 6.02 -1.77 24.74
N ARG A 276 5.31 -0.77 24.23
CA ARG A 276 3.89 -0.85 23.83
C ARG A 276 3.77 -0.17 22.45
N LEU A 277 2.85 -0.66 21.59
CA LEU A 277 2.83 -0.28 20.15
C LEU A 277 1.42 -0.29 19.54
N LEU A 278 1.29 0.57 18.51
CA LEU A 278 0.12 0.68 17.63
C LEU A 278 0.63 0.46 16.18
N LEU A 279 0.37 -0.72 15.63
CA LEU A 279 0.94 -1.15 14.34
C LEU A 279 -0.06 -0.92 13.22
N ASN A 280 0.42 -0.47 12.05
CA ASN A 280 -0.43 -0.16 10.88
C ASN A 280 -0.33 -1.31 9.87
N ILE A 281 -1.45 -2.04 9.70
CA ILE A 281 -1.54 -3.20 8.81
C ILE A 281 -2.80 -3.06 7.92
N THR A 282 -2.72 -3.61 6.70
CA THR A 282 -3.78 -3.49 5.69
C THR A 282 -4.92 -4.50 5.95
N LEU A 283 -6.10 -3.97 6.29
CA LEU A 283 -7.36 -4.72 6.35
C LEU A 283 -8.17 -4.42 5.08
N PHE A 284 -8.28 -5.43 4.21
CA PHE A 284 -9.17 -5.39 3.04
C PHE A 284 -10.59 -5.81 3.48
N ASP A 285 -11.51 -4.84 3.49
CA ASP A 285 -12.91 -5.08 3.89
C ASP A 285 -13.81 -4.88 2.68
N ARG A 286 -14.82 -5.74 2.56
CA ARG A 286 -15.83 -5.63 1.52
C ARG A 286 -17.01 -4.80 2.06
N GLN A 287 -16.96 -3.47 1.84
CA GLN A 287 -18.07 -2.55 2.15
C GLN A 287 -19.24 -2.79 1.18
N PRO A 288 -20.39 -3.40 1.65
CA PRO A 288 -21.53 -3.72 0.77
C PRO A 288 -22.59 -2.59 0.76
N LEU A 289 -22.11 -1.33 0.94
CA LEU A 289 -22.98 -0.15 1.10
C LEU A 289 -23.87 0.07 -0.15
N HIS A 290 -23.24 0.11 -1.33
CA HIS A 290 -23.93 0.23 -2.63
C HIS A 290 -23.76 -1.08 -3.42
N PRO A 291 -24.80 -1.52 -4.22
CA PRO A 291 -24.75 -2.80 -4.98
C PRO A 291 -23.61 -2.87 -6.04
N ALA A 292 -23.01 -1.72 -6.40
CA ALA A 292 -21.87 -1.65 -7.37
C ALA A 292 -20.63 -2.38 -6.84
N VAL A 293 -20.46 -2.36 -5.51
CA VAL A 293 -19.32 -3.01 -4.84
C VAL A 293 -19.42 -4.54 -4.97
N GLY A 294 -20.63 -5.05 -5.26
CA GLY A 294 -20.83 -6.46 -5.59
C GLY A 294 -20.03 -6.88 -6.84
N ALA A 295 -19.85 -5.92 -7.77
CA ALA A 295 -19.03 -6.10 -8.99
C ALA A 295 -17.55 -5.73 -8.70
N MET A 296 -17.36 -4.70 -7.84
CA MET A 296 -16.03 -4.15 -7.52
C MET A 296 -15.31 -5.01 -6.46
N LEU A 297 -13.99 -5.17 -6.62
CA LEU A 297 -13.17 -5.93 -5.65
C LEU A 297 -13.00 -5.11 -4.33
N ALA A 298 -13.90 -5.42 -3.36
CA ALA A 298 -13.88 -4.85 -1.99
C ALA A 298 -13.93 -3.30 -1.97
N ASP A 299 -13.54 -2.71 -0.83
CA ASP A 299 -13.37 -1.25 -0.66
C ASP A 299 -11.92 -0.87 -1.07
N PHE A 300 -11.49 0.41 -0.87
CA PHE A 300 -10.09 0.83 -1.14
C PHE A 300 -9.12 0.13 -0.16
N THR A 301 -7.80 0.22 -0.45
CA THR A 301 -6.75 -0.36 0.40
C THR A 301 -6.73 0.38 1.77
N ASN A 302 -7.41 -0.23 2.76
CA ASN A 302 -7.65 0.39 4.07
C ASN A 302 -6.63 -0.18 5.08
N ILE A 303 -6.16 0.69 5.95
CA ILE A 303 -5.06 0.43 6.89
C ILE A 303 -5.48 0.88 8.30
N LEU A 304 -5.17 0.08 9.34
CA LEU A 304 -5.72 0.29 10.71
C LEU A 304 -4.62 0.14 11.79
N LEU A 305 -4.79 0.90 12.90
CA LEU A 305 -3.85 0.91 14.04
C LEU A 305 -4.33 -0.08 15.13
N LEU A 306 -3.76 -1.30 15.10
CA LEU A 306 -4.03 -2.36 16.09
C LEU A 306 -2.94 -2.32 17.17
N ASP A 307 -3.34 -2.13 18.44
CA ASP A 307 -2.37 -2.07 19.56
C ASP A 307 -2.07 -3.49 20.11
N THR A 308 -0.79 -3.86 20.06
CA THR A 308 -0.26 -5.05 20.73
C THR A 308 0.12 -4.67 22.17
N ALA A 309 0.10 -5.66 23.09
CA ALA A 309 0.41 -5.45 24.52
C ALA A 309 1.87 -5.01 24.69
N CYS A 310 2.78 -5.87 24.20
CA CYS A 310 4.22 -5.69 24.41
C CYS A 310 5.01 -6.65 23.51
N ASP A 311 6.33 -6.58 23.62
CA ASP A 311 7.25 -7.64 23.13
C ASP A 311 8.02 -8.19 24.36
N GLY A 312 8.57 -9.39 24.23
CA GLY A 312 9.23 -10.05 25.35
C GLY A 312 8.24 -10.71 26.28
N ASP A 313 7.24 -11.35 25.69
CA ASP A 313 6.16 -12.03 26.41
C ASP A 313 5.77 -13.30 25.64
N THR A 314 4.94 -14.15 26.26
CA THR A 314 4.40 -15.35 25.63
C THR A 314 3.50 -14.99 24.42
N VAL A 315 3.60 -15.77 23.32
CA VAL A 315 2.86 -15.52 22.07
C VAL A 315 1.32 -15.63 22.30
N SER A 316 0.93 -16.44 23.30
CA SER A 316 -0.49 -16.65 23.66
C SER A 316 -1.16 -15.32 24.08
N ASN A 317 -0.42 -14.48 24.83
CA ASN A 317 -0.91 -13.18 25.33
C ASN A 317 -0.93 -12.12 24.21
N LEU A 318 0.17 -12.08 23.44
CA LEU A 318 0.40 -11.06 22.40
C LEU A 318 -0.57 -11.24 21.22
N ALA A 319 -0.77 -12.51 20.82
CA ALA A 319 -1.72 -12.89 19.76
C ALA A 319 -3.17 -12.60 20.18
N ARG A 320 -3.43 -12.73 21.49
CA ARG A 320 -4.77 -12.47 22.07
C ARG A 320 -5.12 -10.97 21.97
N LYS A 321 -4.11 -10.09 22.20
CA LYS A 321 -4.26 -8.63 22.02
C LYS A 321 -4.56 -8.31 20.55
N ASN A 322 -3.81 -8.98 19.66
CA ASN A 322 -3.92 -8.83 18.20
C ASN A 322 -5.23 -9.46 17.67
N GLN A 323 -5.90 -10.30 18.50
CA GLN A 323 -7.21 -10.90 18.17
C GLN A 323 -8.33 -9.88 18.47
N LEU A 324 -8.29 -9.30 19.69
CA LEU A 324 -9.27 -8.29 20.13
C LEU A 324 -9.28 -7.08 19.19
N THR A 325 -8.08 -6.60 18.85
CA THR A 325 -7.90 -5.46 17.93
C THR A 325 -8.21 -5.85 16.48
N PHE A 326 -7.98 -7.14 16.11
CA PHE A 326 -8.34 -7.68 14.77
C PHE A 326 -9.84 -7.47 14.52
N THR A 327 -10.66 -7.83 15.51
CA THR A 327 -12.13 -7.75 15.43
C THR A 327 -12.62 -6.30 15.61
N GLU A 328 -12.04 -5.59 16.59
CA GLU A 328 -12.53 -4.28 17.05
C GLU A 328 -12.14 -3.15 16.06
N ASP A 329 -10.84 -3.07 15.72
CA ASP A 329 -10.35 -2.09 14.74
C ASP A 329 -10.86 -2.39 13.34
N TRP A 330 -11.17 -3.69 13.05
CA TRP A 330 -11.91 -4.06 11.82
C TRP A 330 -13.19 -3.23 11.71
N GLU A 331 -13.94 -3.08 12.82
CA GLU A 331 -15.20 -2.30 12.85
C GLU A 331 -14.93 -0.78 12.67
N HIS A 332 -13.68 -0.38 12.99
CA HIS A 332 -13.25 1.03 12.92
C HIS A 332 -12.78 1.40 11.49
N ARG A 333 -12.80 0.44 10.55
CA ARG A 333 -12.44 0.68 9.11
C ARG A 333 -13.37 1.71 8.39
N HIS A 334 -14.40 2.22 9.10
CA HIS A 334 -15.23 3.38 8.62
C HIS A 334 -14.35 4.64 8.46
N TRP A 335 -13.24 4.66 9.22
CA TRP A 335 -12.18 5.69 9.13
C TRP A 335 -10.82 4.98 8.93
N SER A 336 -9.88 5.65 8.24
CA SER A 336 -8.53 5.12 8.02
C SER A 336 -7.64 5.33 9.28
N GLY A 337 -6.89 4.27 9.64
CA GLY A 337 -5.97 4.27 10.79
C GLY A 337 -4.84 5.28 10.68
N VAL A 338 -4.36 5.56 9.45
CA VAL A 338 -3.33 6.61 9.21
C VAL A 338 -3.89 8.00 9.59
N GLU A 339 -5.21 8.17 9.42
CA GLU A 339 -5.91 9.42 9.80
C GLU A 339 -6.13 9.47 11.33
N LEU A 340 -6.24 8.29 11.98
CA LEU A 340 -6.26 8.19 13.45
C LEU A 340 -4.90 8.66 14.00
N LEU A 341 -3.81 8.27 13.30
CA LEU A 341 -2.42 8.63 13.65
C LEU A 341 -2.23 10.16 13.47
N ARG A 342 -2.85 10.72 12.41
CA ARG A 342 -2.83 12.16 12.12
C ARG A 342 -3.49 12.93 13.28
N GLU A 343 -4.66 12.45 13.74
CA GLU A 343 -5.39 13.05 14.86
C GLU A 343 -4.56 12.94 16.16
N LEU A 344 -3.99 11.75 16.35
CA LEU A 344 -3.20 11.36 17.55
C LEU A 344 -2.02 12.32 17.78
N LYS A 345 -1.26 12.59 16.70
CA LYS A 345 -0.07 13.45 16.76
C LYS A 345 -0.45 14.94 16.91
N ARG A 346 -1.64 15.32 16.38
CA ARG A 346 -2.19 16.70 16.51
C ARG A 346 -2.68 16.98 17.95
N GLN A 347 -2.82 15.92 18.77
CA GLN A 347 -3.12 16.02 20.21
C GLN A 347 -1.82 16.15 21.06
N GLN A 348 -0.72 16.64 20.41
CA GLN A 348 0.62 16.90 21.01
C GLN A 348 1.37 15.58 21.35
N ARG A 349 0.78 14.44 20.97
CA ARG A 349 1.35 13.11 21.21
C ARG A 349 2.11 12.68 19.95
N TYR A 350 3.11 13.51 19.60
CA TYR A 350 3.87 13.45 18.34
C TYR A 350 5.36 13.26 18.63
N PRO A 351 5.85 11.98 18.69
CA PRO A 351 7.29 11.70 18.84
C PRO A 351 8.02 11.73 17.48
N HIS A 352 7.48 11.01 16.47
CA HIS A 352 8.00 10.97 15.10
C HIS A 352 6.84 10.82 14.11
N GLY A 353 5.80 10.03 14.52
CA GLY A 353 4.54 9.92 13.77
C GLY A 353 4.73 9.35 12.37
N ALA A 354 5.34 8.15 12.29
CA ALA A 354 5.62 7.48 11.00
C ALA A 354 4.66 6.29 10.79
N PRO A 355 3.59 6.44 9.93
CA PRO A 355 2.75 5.31 9.48
C PRO A 355 3.60 4.28 8.69
N VAL A 356 3.63 3.04 9.19
CA VAL A 356 4.38 1.93 8.58
C VAL A 356 3.41 0.76 8.29
N VAL A 357 3.17 0.50 6.99
CA VAL A 357 2.14 -0.45 6.51
C VAL A 357 2.78 -1.83 6.28
N PHE A 358 2.14 -2.87 6.87
CA PHE A 358 2.60 -4.27 6.77
C PHE A 358 1.45 -5.16 6.26
N THR A 359 1.73 -5.93 5.19
CA THR A 359 0.77 -6.84 4.54
C THR A 359 1.45 -8.20 4.29
N SER A 360 0.84 -9.30 4.75
CA SER A 360 1.41 -10.66 4.62
C SER A 360 0.39 -11.62 3.97
N ASN A 361 0.58 -11.93 2.66
CA ASN A 361 -0.25 -12.90 1.91
C ASN A 361 0.48 -14.25 1.84
N LEU A 362 -0.04 -15.23 2.61
CA LEU A 362 0.47 -16.62 2.63
C LEU A 362 -0.50 -17.55 1.87
N GLY A 363 -0.01 -18.74 1.52
CA GLY A 363 -0.81 -19.79 0.87
C GLY A 363 -1.26 -19.41 -0.54
N ARG A 364 -0.38 -18.70 -1.27
CA ARG A 364 -0.66 -18.25 -2.64
C ARG A 364 -0.12 -19.28 -3.65
N SER A 365 -0.68 -19.30 -4.88
CA SER A 365 -0.33 -20.29 -5.92
C SER A 365 1.15 -20.19 -6.36
N LEU A 366 1.66 -21.31 -6.90
CA LEU A 366 3.10 -21.54 -7.15
C LEU A 366 3.39 -21.69 -8.66
N TYR A 367 4.59 -22.24 -9.00
CA TYR A 367 5.08 -22.45 -10.39
C TYR A 367 5.44 -21.12 -11.08
N SER A 368 4.42 -20.33 -11.46
CA SER A 368 4.61 -19.01 -12.11
C SER A 368 5.25 -18.00 -11.15
N SER A 369 6.03 -17.04 -11.72
CA SER A 369 6.64 -15.93 -10.97
C SER A 369 5.55 -15.09 -10.27
N ARG A 370 4.46 -14.83 -11.01
CA ARG A 370 3.25 -14.17 -10.50
C ARG A 370 2.02 -14.98 -10.95
N ALA A 371 1.27 -15.50 -9.97
CA ALA A 371 -0.11 -16.02 -10.18
C ALA A 371 -1.11 -14.87 -9.92
N GLU A 372 -0.62 -13.86 -9.17
CA GLU A 372 -1.34 -12.63 -8.78
C GLU A 372 -1.15 -11.53 -9.86
N SER A 373 -1.00 -11.97 -11.11
CA SER A 373 -0.85 -11.12 -12.28
C SER A 373 -2.20 -10.99 -12.99
N PRO A 374 -2.87 -9.78 -12.93
CA PRO A 374 -4.17 -9.57 -13.62
C PRO A 374 -4.03 -9.58 -15.15
N LEU A 375 -3.22 -8.65 -15.69
CA LEU A 375 -3.04 -8.48 -17.14
C LEU A 375 -1.62 -8.92 -17.55
N GLY A 376 -0.63 -8.55 -16.74
CA GLY A 376 0.77 -9.00 -16.93
C GLY A 376 1.44 -9.24 -15.58
N GLU A 377 2.62 -9.89 -15.57
CA GLU A 377 3.35 -10.25 -14.34
C GLU A 377 4.18 -9.06 -13.80
N PRO A 378 3.68 -8.30 -12.76
CA PRO A 378 4.36 -7.08 -12.26
C PRO A 378 5.50 -7.41 -11.27
N GLU A 379 6.72 -6.96 -11.58
CA GLU A 379 7.88 -7.10 -10.69
C GLU A 379 8.08 -5.81 -9.90
N TRP A 380 7.93 -5.90 -8.56
CA TRP A 380 8.10 -4.76 -7.63
C TRP A 380 9.50 -4.12 -7.75
N GLY A 381 9.54 -2.78 -7.83
CA GLY A 381 10.78 -2.03 -7.96
C GLY A 381 11.11 -1.28 -6.69
N ILE A 382 11.20 0.06 -6.79
CA ILE A 382 11.47 0.95 -5.64
C ILE A 382 10.24 1.83 -5.39
N SER A 383 10.15 2.36 -4.16
CA SER A 383 9.03 3.16 -3.67
C SER A 383 7.72 2.33 -3.74
N GLN A 384 6.86 2.59 -4.76
CA GLN A 384 5.52 1.94 -4.90
C GLN A 384 4.62 2.24 -3.67
N THR A 385 5.02 3.28 -2.90
CA THR A 385 4.45 3.60 -1.59
C THR A 385 3.30 4.63 -1.73
N PRO A 386 2.04 4.28 -1.29
CA PRO A 386 0.87 5.20 -1.31
C PRO A 386 0.87 6.14 -0.10
N GLN A 387 1.97 6.92 0.03
CA GLN A 387 2.24 7.82 1.16
C GLN A 387 2.39 7.02 2.48
N VAL A 388 3.39 6.12 2.48
CA VAL A 388 3.83 5.36 3.67
C VAL A 388 5.37 5.46 3.82
N TRP A 389 5.86 5.38 5.07
CA TRP A 389 7.30 5.55 5.39
C TRP A 389 8.05 4.20 5.23
N ILE A 390 7.44 3.11 5.71
CA ILE A 390 7.93 1.73 5.44
C ILE A 390 6.73 0.89 4.97
N ASP A 391 6.84 0.35 3.75
CA ASP A 391 5.84 -0.56 3.17
C ASP A 391 6.36 -1.99 3.28
N HIS A 392 5.46 -2.93 3.58
CA HIS A 392 5.76 -4.35 3.60
C HIS A 392 4.69 -5.11 2.81
N LEU A 393 5.14 -5.78 1.77
CA LEU A 393 4.37 -6.78 1.02
C LEU A 393 5.01 -8.14 1.29
N ALA A 394 4.19 -9.19 1.38
CA ALA A 394 4.69 -10.57 1.44
C ALA A 394 3.86 -11.42 0.50
N PHE A 395 4.52 -12.01 -0.51
CA PHE A 395 3.86 -12.79 -1.56
C PHE A 395 4.57 -14.13 -1.72
N GLU A 396 3.81 -15.21 -1.96
CA GLU A 396 4.34 -16.58 -2.01
C GLU A 396 4.50 -17.04 -3.47
N HIS A 397 5.63 -17.71 -3.76
CA HIS A 397 6.02 -18.14 -5.10
C HIS A 397 6.85 -19.43 -5.00
N HIS A 398 6.33 -20.54 -5.59
CA HIS A 398 7.02 -21.86 -5.66
C HIS A 398 7.19 -22.49 -4.24
N GLY A 399 6.35 -22.05 -3.30
CA GLY A 399 6.44 -22.46 -1.90
C GLY A 399 7.61 -21.78 -1.19
N GLU A 400 7.92 -20.57 -1.65
CA GLU A 400 8.94 -19.69 -1.07
C GLU A 400 8.28 -18.32 -0.89
N VAL A 401 8.16 -17.85 0.35
CA VAL A 401 7.53 -16.54 0.62
C VAL A 401 8.59 -15.42 0.54
N TRP A 402 8.39 -14.54 -0.43
CA TRP A 402 9.20 -13.34 -0.64
C TRP A 402 8.67 -12.23 0.28
N LEU A 403 9.55 -11.67 1.11
CA LEU A 403 9.19 -10.62 2.09
C LEU A 403 9.81 -9.27 1.65
N GLN A 404 8.98 -8.35 1.18
CA GLN A 404 9.41 -7.00 0.73
C GLN A 404 9.28 -6.01 1.90
N TRP A 405 10.36 -5.24 2.15
CA TRP A 405 10.34 -4.06 3.02
C TRP A 405 10.94 -2.89 2.24
N ASP A 406 10.07 -1.98 1.76
CA ASP A 406 10.50 -0.71 1.16
C ASP A 406 10.91 0.21 2.30
N SER A 407 12.20 0.29 2.52
CA SER A 407 12.80 1.02 3.64
C SER A 407 13.61 2.18 3.09
N ASN A 408 13.44 3.38 3.68
CA ASN A 408 14.23 4.55 3.29
C ASN A 408 15.65 4.41 3.86
N ASP A 409 16.58 4.16 2.94
CA ASP A 409 17.98 3.81 3.20
C ASP A 409 18.79 5.06 3.62
N ALA A 410 18.31 6.24 3.17
CA ALA A 410 18.94 7.54 3.48
C ALA A 410 18.27 8.23 4.70
N LEU A 411 17.16 7.66 5.19
CA LEU A 411 16.40 8.24 6.34
C LEU A 411 16.92 7.61 7.63
N PHE A 412 17.09 6.28 7.62
CA PHE A 412 17.70 5.52 8.73
C PHE A 412 18.75 4.56 8.17
N PRO A 413 19.86 4.25 8.95
CA PRO A 413 20.89 3.27 8.53
C PRO A 413 20.29 1.88 8.19
N PRO A 414 20.66 1.27 7.01
CA PRO A 414 20.21 -0.12 6.63
C PRO A 414 20.72 -1.20 7.61
N ALA A 415 21.66 -0.83 8.51
CA ALA A 415 22.13 -1.67 9.63
C ALA A 415 20.96 -2.06 10.57
N LEU A 416 19.95 -1.16 10.63
CA LEU A 416 18.69 -1.43 11.34
C LEU A 416 17.97 -2.61 10.67
N VAL A 417 17.74 -2.50 9.35
CA VAL A 417 17.04 -3.54 8.53
C VAL A 417 17.78 -4.90 8.61
N GLU A 418 19.12 -4.85 8.81
CA GLU A 418 19.96 -6.05 8.96
C GLU A 418 19.57 -6.82 10.25
N THR A 419 19.58 -6.10 11.38
CA THR A 419 19.27 -6.67 12.71
C THR A 419 17.79 -7.07 12.80
N LEU A 420 16.92 -6.39 12.04
CA LEU A 420 15.47 -6.69 12.01
C LEU A 420 15.20 -8.00 11.25
N PHE A 421 15.96 -8.22 10.15
CA PHE A 421 15.94 -9.48 9.39
C PHE A 421 16.26 -10.66 10.30
N ASP A 422 17.36 -10.53 11.02
CA ASP A 422 17.90 -11.56 11.91
C ASP A 422 17.06 -11.71 13.21
N ALA A 423 16.37 -10.61 13.59
CA ALA A 423 15.50 -10.59 14.79
C ALA A 423 14.29 -11.50 14.61
N TYR A 424 13.49 -11.24 13.53
CA TYR A 424 12.29 -12.05 13.25
C TYR A 424 12.71 -13.48 12.88
N CYS A 425 13.88 -13.60 12.21
CA CYS A 425 14.41 -14.90 11.73
C CYS A 425 14.64 -15.86 12.91
N GLN A 426 15.05 -15.29 14.06
CA GLN A 426 15.26 -16.05 15.31
C GLN A 426 13.94 -16.44 15.98
N LEU A 427 13.10 -15.43 16.28
CA LEU A 427 11.90 -15.62 17.12
C LEU A 427 10.82 -16.44 16.38
N ILE A 428 10.77 -16.33 15.04
CA ILE A 428 9.87 -17.14 14.18
C ILE A 428 10.41 -18.57 14.06
N ASN A 429 11.75 -18.72 13.90
CA ASN A 429 12.43 -20.04 13.82
C ASN A 429 12.09 -20.89 15.05
N GLN A 430 12.30 -20.30 16.24
CA GLN A 430 12.10 -20.97 17.53
C GLN A 430 10.60 -21.26 17.78
N LEU A 431 9.75 -20.34 17.31
CA LEU A 431 8.28 -20.46 17.44
C LEU A 431 7.75 -21.62 16.54
N CYS A 432 8.38 -21.79 15.36
CA CYS A 432 8.00 -22.83 14.37
C CYS A 432 8.56 -24.21 14.77
N ASP A 433 9.79 -24.21 15.27
CA ASP A 433 10.56 -25.43 15.55
C ASP A 433 10.24 -26.01 16.94
N ASP A 434 9.95 -25.11 17.90
CA ASP A 434 9.84 -25.47 19.33
C ASP A 434 8.53 -24.92 19.93
N GLU A 435 7.78 -25.80 20.62
CA GLU A 435 6.47 -25.46 21.23
C GLU A 435 6.62 -24.79 22.62
N SER A 436 7.78 -24.95 23.26
CA SER A 436 8.08 -24.32 24.55
C SER A 436 8.61 -22.88 24.37
N ALA A 437 9.10 -22.57 23.14
CA ALA A 437 9.59 -21.23 22.76
C ALA A 437 8.45 -20.21 22.64
N TRP A 438 7.21 -20.73 22.55
CA TRP A 438 5.98 -19.91 22.61
C TRP A 438 5.90 -19.20 23.98
N GLN A 439 6.29 -19.94 25.03
CA GLN A 439 6.30 -19.49 26.44
C GLN A 439 7.53 -18.61 26.73
N LYS A 440 8.47 -18.53 25.78
CA LYS A 440 9.72 -17.76 25.94
C LYS A 440 9.56 -16.35 25.31
N PRO A 441 10.17 -15.29 25.96
CA PRO A 441 10.16 -13.92 25.41
C PRO A 441 10.92 -13.80 24.06
N PHE A 442 10.29 -13.14 23.08
CA PHE A 442 10.91 -12.87 21.75
C PHE A 442 12.05 -11.86 21.88
N ALA A 443 11.93 -10.98 22.89
CA ALA A 443 12.95 -9.99 23.25
C ALA A 443 14.27 -10.65 23.69
N ASP A 444 14.24 -11.96 24.06
CA ASP A 444 15.45 -12.70 24.47
C ASP A 444 16.35 -12.97 23.25
N MET A 445 15.71 -13.31 22.11
CA MET A 445 16.42 -13.62 20.85
C MET A 445 16.94 -12.32 20.22
N LEU A 446 16.24 -11.23 20.53
CA LEU A 446 16.53 -9.87 20.05
C LEU A 446 17.64 -9.19 20.88
N GLU A 447 17.60 -9.41 22.21
CA GLU A 447 18.52 -8.77 23.17
C GLU A 447 19.89 -9.47 23.17
N HIS A 448 19.85 -10.81 23.22
CA HIS A 448 21.06 -11.65 23.35
C HIS A 448 21.64 -11.98 21.97
N HIS A 449 22.98 -12.06 21.90
CA HIS A 449 23.72 -12.35 20.66
C HIS A 449 23.86 -13.87 20.42
N HIS A 450 23.19 -14.69 21.25
CA HIS A 450 23.10 -16.14 21.00
C HIS A 450 22.11 -16.39 19.86
N HIS A 451 22.63 -16.46 18.63
CA HIS A 451 21.85 -16.68 17.40
C HIS A 451 22.39 -17.93 16.66
N HIS A 452 21.51 -18.62 15.91
CA HIS A 452 21.91 -19.79 15.07
C HIS A 452 20.83 -20.11 14.03
N HIS A 453 21.17 -21.01 13.09
CA HIS A 453 20.19 -21.58 12.15
C HIS A 453 19.38 -22.69 12.88
N MET A 1 -32.24 10.42 17.62
CA MET A 1 -32.77 11.05 16.39
C MET A 1 -31.62 11.47 15.45
N PRO A 2 -31.42 10.75 14.29
CA PRO A 2 -30.43 11.13 13.28
C PRO A 2 -31.01 12.19 12.33
N ASP A 3 -30.80 13.48 12.69
CA ASP A 3 -31.28 14.62 11.89
C ASP A 3 -30.48 14.71 10.59
N GLU A 4 -31.04 14.07 9.55
CA GLU A 4 -30.42 13.91 8.24
C GLU A 4 -30.41 15.24 7.48
N SER A 5 -29.22 15.63 7.01
CA SER A 5 -29.02 16.86 6.26
C SER A 5 -28.98 16.58 4.74
N SER A 6 -29.06 17.64 3.92
CA SER A 6 -29.04 17.52 2.45
C SER A 6 -27.64 17.10 1.95
N TRP A 7 -27.48 15.78 1.69
CA TRP A 7 -26.20 15.17 1.30
C TRP A 7 -25.84 15.54 -0.15
N PRO A 8 -24.51 15.61 -0.50
CA PRO A 8 -24.06 15.80 -1.89
C PRO A 8 -24.32 14.55 -2.75
N ASN A 9 -24.13 14.71 -4.06
CA ASN A 9 -24.37 13.64 -5.06
C ASN A 9 -23.07 13.36 -5.83
N MET A 10 -23.13 12.43 -6.80
CA MET A 10 -21.97 12.11 -7.68
C MET A 10 -21.63 13.27 -8.66
N THR A 11 -22.38 14.38 -8.58
CA THR A 11 -22.26 15.51 -9.51
C THR A 11 -21.32 16.62 -8.95
N GLU A 12 -20.43 16.25 -8.01
CA GLU A 12 -19.48 17.18 -7.34
C GLU A 12 -18.24 17.51 -8.21
N SER A 13 -18.45 17.74 -9.52
CA SER A 13 -17.39 18.16 -10.47
C SER A 13 -16.78 19.53 -10.08
N THR A 14 -17.51 20.28 -9.22
CA THR A 14 -16.97 21.46 -8.57
C THR A 14 -16.04 20.96 -7.43
N PRO A 15 -14.70 21.25 -7.53
CA PRO A 15 -13.63 20.68 -6.67
C PRO A 15 -14.01 20.40 -5.18
N PHE A 16 -13.71 19.17 -4.72
CA PHE A 16 -13.91 18.74 -3.31
C PHE A 16 -12.61 18.09 -2.80
N PRO A 17 -12.10 18.47 -1.58
CA PRO A 17 -10.90 17.83 -0.97
C PRO A 17 -11.03 16.30 -0.85
N LEU A 18 -9.89 15.59 -0.96
CA LEU A 18 -9.84 14.12 -1.00
C LEU A 18 -10.21 13.49 0.36
N THR A 19 -10.41 12.17 0.34
CA THR A 19 -10.61 11.34 1.56
C THR A 19 -9.36 11.49 2.48
N PRO A 20 -9.53 11.64 3.85
CA PRO A 20 -8.41 11.85 4.82
C PRO A 20 -7.21 10.85 4.73
N VAL A 21 -7.32 9.77 3.90
CA VAL A 21 -6.23 8.80 3.62
C VAL A 21 -4.89 9.53 3.35
N GLN A 22 -3.97 9.48 4.35
CA GLN A 22 -2.71 10.26 4.38
C GLN A 22 -1.79 10.01 3.17
N HIS A 23 -1.95 8.88 2.48
CA HIS A 23 -1.08 8.50 1.35
C HIS A 23 -1.27 9.50 0.18
N ALA A 24 -2.51 9.54 -0.35
CA ALA A 24 -2.87 10.38 -1.50
C ALA A 24 -3.07 11.86 -1.09
N TYR A 25 -3.56 12.06 0.15
CA TYR A 25 -3.91 13.40 0.66
C TYR A 25 -2.65 14.23 0.98
N LEU A 26 -1.72 13.66 1.78
CA LEU A 26 -0.52 14.40 2.27
C LEU A 26 0.42 14.72 1.10
N THR A 27 0.92 13.68 0.41
CA THR A 27 1.96 13.88 -0.63
C THR A 27 1.38 14.40 -1.96
N GLY A 28 0.05 14.37 -2.10
CA GLY A 28 -0.60 14.99 -3.25
C GLY A 28 -0.79 16.49 -3.06
N ARG A 29 -1.28 16.88 -1.86
CA ARG A 29 -1.57 18.30 -1.55
C ARG A 29 -0.28 19.08 -1.26
N MET A 30 0.74 18.34 -0.77
CA MET A 30 2.08 18.88 -0.49
C MET A 30 3.12 18.09 -1.35
N PRO A 31 3.24 18.43 -2.68
CA PRO A 31 4.16 17.75 -3.60
C PRO A 31 5.52 18.47 -3.74
N GLY A 32 6.56 17.71 -4.12
CA GLY A 32 7.92 18.24 -4.15
C GLY A 32 8.51 18.38 -2.74
N GLN A 33 7.83 17.76 -1.74
CA GLN A 33 8.26 17.81 -0.33
C GLN A 33 9.62 17.11 -0.15
N THR A 34 10.48 17.69 0.69
CA THR A 34 11.86 17.23 0.91
C THR A 34 11.93 15.79 1.47
N LEU A 35 11.39 15.59 2.69
CA LEU A 35 11.29 14.24 3.32
C LEU A 35 10.26 13.38 2.56
N GLY A 36 9.21 14.05 2.05
CA GLY A 36 8.16 13.39 1.27
C GLY A 36 8.59 12.90 -0.10
N GLY A 37 9.80 13.33 -0.53
CA GLY A 37 10.43 12.85 -1.77
C GLY A 37 9.55 12.99 -2.99
N VAL A 38 9.16 14.25 -3.26
CA VAL A 38 8.14 14.63 -4.25
C VAL A 38 6.75 14.07 -3.83
N GLY A 39 6.55 12.74 -3.98
CA GLY A 39 5.32 12.07 -3.54
C GLY A 39 5.57 10.65 -3.07
N CYS A 40 5.52 9.71 -4.03
CA CYS A 40 5.75 8.28 -3.81
C CYS A 40 6.02 7.62 -5.17
N HIS A 41 7.27 7.20 -5.41
CA HIS A 41 7.74 6.80 -6.75
C HIS A 41 7.61 5.28 -6.90
N LEU A 42 6.86 4.84 -7.94
CA LEU A 42 6.59 3.42 -8.20
C LEU A 42 7.04 3.04 -9.61
N TYR A 43 7.78 1.92 -9.69
CA TYR A 43 8.21 1.29 -10.93
C TYR A 43 7.62 -0.12 -10.95
N GLN A 44 6.74 -0.39 -11.92
CA GLN A 44 6.18 -1.73 -12.13
C GLN A 44 6.10 -2.00 -13.64
N GLU A 45 6.53 -3.18 -14.05
CA GLU A 45 6.52 -3.61 -15.46
C GLU A 45 5.76 -4.95 -15.56
N PHE A 46 5.06 -5.21 -16.68
CA PHE A 46 4.31 -6.48 -16.87
C PHE A 46 4.80 -7.18 -18.15
N GLU A 47 5.33 -8.42 -18.02
CA GLU A 47 5.98 -9.15 -19.14
C GLU A 47 5.09 -10.30 -19.66
N GLY A 48 5.08 -10.47 -20.98
CA GLY A 48 4.37 -11.55 -21.65
C GLY A 48 3.71 -11.06 -22.92
N HIS A 49 2.48 -11.50 -23.17
CA HIS A 49 1.63 -10.93 -24.22
C HIS A 49 0.21 -10.73 -23.65
N CYS A 50 -0.30 -9.50 -23.77
CA CYS A 50 -1.68 -9.15 -23.42
C CYS A 50 -2.45 -8.85 -24.72
N LEU A 51 -1.82 -8.05 -25.60
CA LEU A 51 -2.33 -7.73 -26.95
C LEU A 51 -1.24 -6.96 -27.74
N THR A 52 -1.56 -6.50 -28.96
CA THR A 52 -0.58 -5.89 -29.90
C THR A 52 -0.52 -4.36 -29.68
N ALA A 53 0.52 -3.70 -30.23
CA ALA A 53 0.82 -2.27 -29.98
C ALA A 53 -0.36 -1.32 -30.31
N SER A 54 -0.98 -1.49 -31.50
CA SER A 54 -2.09 -0.62 -31.95
C SER A 54 -3.40 -0.98 -31.24
N GLN A 55 -3.54 -2.25 -30.82
CA GLN A 55 -4.71 -2.72 -30.04
C GLN A 55 -4.69 -2.12 -28.63
N LEU A 56 -3.47 -2.02 -28.03
CA LEU A 56 -3.26 -1.48 -26.67
C LEU A 56 -3.47 0.03 -26.66
N GLU A 57 -2.95 0.69 -27.72
CA GLU A 57 -3.13 2.13 -27.97
C GLU A 57 -4.64 2.47 -28.08
N GLN A 58 -5.34 1.72 -28.94
CA GLN A 58 -6.79 1.87 -29.18
C GLN A 58 -7.58 1.64 -27.87
N ALA A 59 -7.19 0.59 -27.15
CA ALA A 59 -7.87 0.14 -25.92
C ALA A 59 -7.90 1.24 -24.85
N ILE A 60 -6.74 1.83 -24.56
CA ILE A 60 -6.59 2.85 -23.53
C ILE A 60 -7.24 4.19 -23.98
N THR A 61 -7.28 4.44 -25.30
CA THR A 61 -7.98 5.61 -25.88
C THR A 61 -9.51 5.53 -25.59
N THR A 62 -10.12 4.36 -25.86
CA THR A 62 -11.56 4.12 -25.62
C THR A 62 -11.86 3.89 -24.13
N LEU A 63 -10.82 3.54 -23.35
CA LEU A 63 -10.91 3.47 -21.87
C LEU A 63 -11.00 4.90 -21.28
N LEU A 64 -10.38 5.88 -21.97
CA LEU A 64 -10.49 7.31 -21.62
C LEU A 64 -11.79 7.93 -22.16
N GLN A 65 -12.31 7.36 -23.28
CA GLN A 65 -13.67 7.68 -23.78
C GLN A 65 -14.71 7.24 -22.74
N ARG A 66 -14.43 6.07 -22.15
CA ARG A 66 -15.17 5.50 -21.01
C ARG A 66 -14.85 6.32 -19.75
N HIS A 67 -15.59 6.10 -18.67
CA HIS A 67 -15.28 6.69 -17.37
C HIS A 67 -14.82 5.58 -16.42
N PRO A 68 -13.48 5.30 -16.33
CA PRO A 68 -12.91 4.40 -15.32
C PRO A 68 -12.65 5.15 -14.00
N MET A 69 -12.21 4.47 -12.93
CA MET A 69 -11.98 5.08 -11.61
C MET A 69 -10.94 6.24 -11.71
N LEU A 70 -9.89 6.01 -12.52
CA LEU A 70 -8.75 6.94 -12.65
C LEU A 70 -9.02 8.08 -13.68
N HIS A 71 -10.30 8.44 -13.88
CA HIS A 71 -10.70 9.57 -14.80
C HIS A 71 -10.58 10.95 -14.09
N ILE A 72 -9.89 10.98 -12.93
CA ILE A 72 -9.74 12.17 -12.09
C ILE A 72 -8.41 12.90 -12.40
N ALA A 73 -8.45 14.25 -12.31
CA ALA A 73 -7.25 15.11 -12.31
C ALA A 73 -7.24 15.93 -11.02
N PHE A 74 -6.04 16.22 -10.51
CA PHE A 74 -5.86 16.88 -9.21
C PHE A 74 -5.74 18.40 -9.38
N ARG A 75 -6.19 19.14 -8.37
CA ARG A 75 -6.02 20.60 -8.25
C ARG A 75 -5.07 20.90 -7.06
N PRO A 76 -3.96 21.70 -7.29
CA PRO A 76 -2.84 21.91 -6.32
C PRO A 76 -3.23 22.14 -4.85
N ASP A 77 -4.31 22.88 -4.62
CA ASP A 77 -4.74 23.30 -3.26
C ASP A 77 -5.35 22.15 -2.43
N GLY A 78 -5.38 20.92 -2.98
CA GLY A 78 -5.85 19.72 -2.25
C GLY A 78 -7.21 19.25 -2.67
N GLN A 79 -7.64 19.65 -3.88
CA GLN A 79 -8.99 19.38 -4.41
C GLN A 79 -8.97 18.31 -5.51
N GLN A 80 -10.00 17.47 -5.52
CA GLN A 80 -10.19 16.40 -6.52
C GLN A 80 -11.29 16.83 -7.50
N VAL A 81 -11.00 16.69 -8.81
CA VAL A 81 -11.96 16.94 -9.89
C VAL A 81 -12.04 15.71 -10.78
N TRP A 82 -13.26 15.18 -10.99
CA TRP A 82 -13.50 14.07 -11.92
C TRP A 82 -13.82 14.64 -13.31
N LEU A 83 -13.12 14.15 -14.34
CA LEU A 83 -13.30 14.60 -15.73
C LEU A 83 -14.08 13.52 -16.51
N PRO A 84 -15.25 13.88 -17.14
CA PRO A 84 -16.01 12.97 -18.04
C PRO A 84 -15.50 12.99 -19.50
N GLN A 85 -14.33 13.63 -19.69
CA GLN A 85 -13.76 13.96 -21.00
C GLN A 85 -12.64 12.96 -21.35
N PRO A 86 -12.57 12.47 -22.63
CA PRO A 86 -11.43 11.66 -23.09
C PRO A 86 -10.17 12.53 -23.30
N TYR A 87 -9.00 11.96 -23.04
CA TYR A 87 -7.70 12.63 -23.24
C TYR A 87 -6.78 11.71 -24.04
N TRP A 88 -5.54 12.16 -24.29
CA TRP A 88 -4.53 11.34 -25.00
C TRP A 88 -4.04 10.22 -24.07
N ASN A 89 -3.89 9.01 -24.62
CA ASN A 89 -3.42 7.83 -23.85
C ASN A 89 -1.96 8.01 -23.40
N GLY A 90 -1.14 8.64 -24.24
CA GLY A 90 0.28 8.86 -23.97
C GLY A 90 1.12 7.57 -24.05
N VAL A 91 0.55 6.52 -24.69
CA VAL A 91 1.23 5.23 -24.86
C VAL A 91 2.35 5.40 -25.90
N THR A 92 3.57 5.60 -25.40
CA THR A 92 4.76 5.74 -26.23
C THR A 92 5.43 4.38 -26.35
N VAL A 93 5.47 3.84 -27.58
CA VAL A 93 6.08 2.52 -27.84
C VAL A 93 7.58 2.73 -28.12
N HIS A 94 8.42 1.95 -27.44
CA HIS A 94 9.88 2.03 -27.59
C HIS A 94 10.34 0.81 -28.41
N ASP A 95 11.26 1.06 -29.34
CA ASP A 95 11.76 0.04 -30.27
C ASP A 95 12.97 -0.69 -29.69
N LEU A 96 12.75 -1.96 -29.29
CA LEU A 96 13.84 -2.89 -28.87
C LEU A 96 13.78 -4.15 -29.76
N ARG A 97 12.55 -4.47 -30.21
CA ARG A 97 12.19 -5.70 -30.94
C ARG A 97 13.06 -5.96 -32.20
N HIS A 98 13.38 -4.91 -32.93
CA HIS A 98 14.24 -4.98 -34.12
C HIS A 98 15.56 -4.23 -33.86
N ASN A 99 15.57 -3.41 -32.79
CA ASN A 99 16.70 -2.54 -32.44
C ASN A 99 17.74 -3.27 -31.56
N ASP A 100 18.91 -2.62 -31.44
CA ASP A 100 20.08 -3.11 -30.68
C ASP A 100 19.87 -2.99 -29.16
N ALA A 101 20.74 -3.67 -28.38
CA ALA A 101 20.75 -3.59 -26.91
C ALA A 101 21.00 -2.15 -26.40
N GLU A 102 21.54 -1.29 -27.29
CA GLU A 102 21.68 0.16 -27.07
C GLU A 102 20.31 0.79 -26.73
N SER A 103 19.29 0.45 -27.54
CA SER A 103 17.92 0.98 -27.38
C SER A 103 17.28 0.46 -26.07
N ARG A 104 17.68 -0.75 -25.64
CA ARG A 104 17.26 -1.34 -24.35
C ARG A 104 17.83 -0.50 -23.20
N GLN A 105 19.15 -0.24 -23.27
CA GLN A 105 19.89 0.52 -22.25
C GLN A 105 19.40 1.98 -22.20
N ALA A 106 19.05 2.52 -23.37
CA ALA A 106 18.55 3.90 -23.53
C ALA A 106 17.19 4.08 -22.82
N TYR A 107 16.36 3.04 -22.90
CA TYR A 107 15.04 3.01 -22.25
C TYR A 107 15.21 3.04 -20.71
N LEU A 108 16.05 2.10 -20.20
CA LEU A 108 16.34 1.96 -18.75
C LEU A 108 17.06 3.19 -18.18
N ASP A 109 17.88 3.85 -19.02
CA ASP A 109 18.67 5.03 -18.62
C ASP A 109 17.75 6.26 -18.49
N ALA A 110 16.85 6.40 -19.48
CA ALA A 110 15.91 7.53 -19.56
C ALA A 110 14.91 7.52 -18.40
N LEU A 111 14.20 6.38 -18.22
CA LEU A 111 13.16 6.23 -17.17
C LEU A 111 13.75 6.44 -15.76
N ARG A 112 15.04 6.07 -15.59
CA ARG A 112 15.74 6.12 -14.29
C ARG A 112 15.97 7.58 -13.86
N GLN A 113 16.36 8.43 -14.83
CA GLN A 113 16.56 9.86 -14.61
C GLN A 113 15.21 10.58 -14.38
N ARG A 114 14.19 10.17 -15.15
CA ARG A 114 12.84 10.77 -15.10
C ARG A 114 12.09 10.37 -13.80
N LEU A 115 12.47 9.21 -13.24
CA LEU A 115 11.86 8.68 -12.00
C LEU A 115 12.38 9.50 -10.80
N SER A 116 13.71 9.61 -10.70
CA SER A 116 14.40 10.29 -9.58
C SER A 116 14.16 11.82 -9.61
N HIS A 117 14.25 12.41 -10.82
CA HIS A 117 14.12 13.87 -11.04
C HIS A 117 12.69 14.21 -11.56
N ARG A 118 11.68 13.51 -11.01
CA ARG A 118 10.27 13.68 -11.42
C ARG A 118 9.70 15.06 -11.00
N LEU A 119 9.35 15.89 -12.00
CA LEU A 119 8.73 17.22 -11.79
C LEU A 119 7.22 17.14 -12.18
N LEU A 120 6.34 17.25 -11.17
CA LEU A 120 4.87 17.12 -11.35
C LEU A 120 4.27 18.29 -12.17
N ARG A 121 3.15 18.00 -12.88
CA ARG A 121 2.53 18.96 -13.82
C ARG A 121 1.01 19.09 -13.57
N VAL A 122 0.64 19.08 -12.28
CA VAL A 122 -0.75 19.28 -11.81
C VAL A 122 -1.37 20.60 -12.31
N GLU A 123 -0.52 21.60 -12.50
CA GLU A 123 -0.90 22.95 -12.98
C GLU A 123 -1.20 22.98 -14.50
N ILE A 124 -0.85 21.89 -15.23
CA ILE A 124 -1.07 21.77 -16.69
C ILE A 124 -2.01 20.58 -17.00
N GLY A 125 -2.21 19.72 -15.99
CA GLY A 125 -3.00 18.48 -16.14
C GLY A 125 -2.19 17.29 -15.65
N GLU A 126 -2.44 16.88 -14.39
CA GLU A 126 -1.62 15.85 -13.72
C GLU A 126 -1.88 14.45 -14.29
N THR A 127 -0.78 13.77 -14.66
CA THR A 127 -0.79 12.45 -15.30
C THR A 127 0.45 11.63 -14.87
N PHE A 128 0.45 10.35 -15.23
CA PHE A 128 1.57 9.42 -14.98
C PHE A 128 2.01 8.79 -16.30
N ASP A 129 3.23 8.25 -16.33
CA ASP A 129 3.84 7.72 -17.55
C ASP A 129 3.66 6.20 -17.63
N PHE A 130 3.29 5.71 -18.83
CA PHE A 130 3.30 4.28 -19.15
C PHE A 130 3.68 4.13 -20.64
N GLN A 131 4.81 3.43 -20.84
CA GLN A 131 5.42 3.23 -22.16
C GLN A 131 5.43 1.72 -22.46
N LEU A 132 5.15 1.36 -23.72
CA LEU A 132 5.09 -0.04 -24.13
C LEU A 132 6.42 -0.40 -24.82
N THR A 133 7.24 -1.17 -24.11
CA THR A 133 8.56 -1.59 -24.59
C THR A 133 8.44 -2.98 -25.25
N LEU A 134 8.43 -2.99 -26.61
CA LEU A 134 8.36 -4.22 -27.40
C LEU A 134 9.78 -4.82 -27.50
N LEU A 135 9.98 -5.95 -26.83
CA LEU A 135 11.28 -6.67 -26.79
C LEU A 135 11.41 -7.61 -28.01
N PRO A 136 12.66 -8.10 -28.32
CA PRO A 136 12.85 -9.32 -29.15
C PRO A 136 12.24 -10.57 -28.46
N ASP A 137 12.21 -11.72 -29.19
CA ASP A 137 11.63 -12.99 -28.70
C ASP A 137 10.07 -12.87 -28.60
N ASN A 138 9.53 -11.86 -29.31
CA ASN A 138 8.07 -11.54 -29.40
C ASN A 138 7.46 -11.14 -28.04
N ARG A 139 8.30 -10.90 -27.01
CA ARG A 139 7.81 -10.51 -25.68
C ARG A 139 7.49 -9.00 -25.64
N HIS A 140 6.38 -8.68 -24.98
CA HIS A 140 5.88 -7.30 -24.80
C HIS A 140 5.88 -6.99 -23.31
N ARG A 141 6.37 -5.81 -22.93
CA ARG A 141 6.29 -5.34 -21.55
C ARG A 141 5.62 -3.97 -21.49
N LEU A 142 4.51 -3.89 -20.74
CA LEU A 142 3.86 -2.62 -20.45
C LEU A 142 4.44 -2.09 -19.14
N HIS A 143 5.35 -1.11 -19.27
CA HIS A 143 6.01 -0.48 -18.14
C HIS A 143 5.20 0.75 -17.70
N VAL A 144 4.74 0.73 -16.45
CA VAL A 144 4.10 1.89 -15.81
C VAL A 144 5.07 2.49 -14.75
N ASN A 145 5.04 3.81 -14.64
CA ASN A 145 5.83 4.57 -13.66
C ASN A 145 4.92 5.66 -13.09
N ILE A 146 4.74 5.66 -11.77
CA ILE A 146 3.77 6.55 -11.10
C ILE A 146 4.44 7.20 -9.87
N ASP A 147 4.69 8.50 -9.94
CA ASP A 147 5.06 9.32 -8.78
C ASP A 147 4.12 10.51 -8.73
N LEU A 148 3.14 10.42 -7.81
CA LEU A 148 2.09 11.43 -7.54
C LEU A 148 1.04 10.81 -6.59
N LEU A 149 -0.07 11.53 -6.36
CA LEU A 149 -1.17 11.09 -5.47
C LEU A 149 -1.92 9.84 -5.97
N ILE A 150 -1.84 9.53 -7.29
CA ILE A 150 -2.60 8.40 -7.91
C ILE A 150 -1.83 7.04 -7.71
N MET A 151 -0.93 7.02 -6.71
CA MET A 151 -0.11 5.86 -6.35
C MET A 151 -0.57 5.39 -4.98
N ASP A 152 -0.98 4.11 -4.92
CA ASP A 152 -1.48 3.43 -3.69
C ASP A 152 -1.87 2.00 -4.07
N ALA A 153 -1.86 1.08 -3.09
CA ALA A 153 -2.15 -0.36 -3.31
C ALA A 153 -3.56 -0.57 -3.91
N SER A 154 -4.55 0.17 -3.38
CA SER A 154 -5.96 0.09 -3.84
C SER A 154 -6.11 0.65 -5.27
N SER A 155 -5.31 1.68 -5.59
CA SER A 155 -5.30 2.33 -6.90
C SER A 155 -4.85 1.33 -7.98
N PHE A 156 -3.74 0.61 -7.70
CA PHE A 156 -3.14 -0.37 -8.63
C PHE A 156 -4.11 -1.51 -8.93
N THR A 157 -4.84 -1.95 -7.88
CA THR A 157 -5.85 -3.02 -7.98
C THR A 157 -6.86 -2.71 -9.09
N LEU A 158 -7.44 -1.50 -9.03
CA LEU A 158 -8.47 -1.05 -10.00
C LEU A 158 -7.86 -0.66 -11.37
N PHE A 159 -6.56 -0.30 -11.40
CA PHE A 159 -5.86 0.01 -12.67
C PHE A 159 -5.82 -1.24 -13.58
N PHE A 160 -5.14 -2.32 -13.12
CA PHE A 160 -4.97 -3.54 -13.94
C PHE A 160 -6.29 -4.29 -14.13
N ASP A 161 -7.25 -4.09 -13.19
CA ASP A 161 -8.57 -4.78 -13.22
C ASP A 161 -9.42 -4.30 -14.41
N GLU A 162 -9.63 -2.98 -14.46
CA GLU A 162 -10.40 -2.35 -15.55
C GLU A 162 -9.61 -2.44 -16.88
N LEU A 163 -8.27 -2.48 -16.77
CA LEU A 163 -7.37 -2.63 -17.92
C LEU A 163 -7.57 -3.99 -18.61
N ASN A 164 -7.40 -5.13 -17.88
CA ASN A 164 -7.47 -6.50 -18.46
C ASN A 164 -8.86 -6.78 -19.07
N ALA A 165 -9.89 -6.22 -18.41
CA ALA A 165 -11.29 -6.31 -18.87
C ALA A 165 -11.44 -5.63 -20.25
N LEU A 166 -10.81 -4.44 -20.40
CA LEU A 166 -10.82 -3.66 -21.66
C LEU A 166 -9.88 -4.37 -22.70
N LEU A 167 -8.81 -5.03 -22.21
CA LEU A 167 -7.83 -5.74 -23.08
C LEU A 167 -8.42 -7.08 -23.59
N ALA A 168 -9.62 -7.46 -23.11
CA ALA A 168 -10.33 -8.69 -23.51
C ALA A 168 -11.02 -8.55 -24.90
N GLY A 169 -10.66 -7.51 -25.67
CA GLY A 169 -11.27 -7.27 -27.00
C GLY A 169 -12.16 -6.03 -27.03
N GLU A 170 -11.76 -5.03 -26.21
CA GLU A 170 -12.51 -3.77 -25.96
C GLU A 170 -13.73 -4.03 -25.05
N SER A 171 -14.65 -4.88 -25.53
CA SER A 171 -15.84 -5.31 -24.77
C SER A 171 -15.43 -6.00 -23.45
N LEU A 172 -15.79 -5.37 -22.32
CA LEU A 172 -15.45 -5.86 -20.97
C LEU A 172 -16.66 -6.57 -20.33
N PRO A 173 -16.43 -7.52 -19.36
CA PRO A 173 -17.51 -8.06 -18.51
C PRO A 173 -18.09 -6.95 -17.60
N ALA A 174 -19.36 -7.10 -17.16
CA ALA A 174 -20.05 -6.03 -16.42
C ALA A 174 -19.36 -5.75 -15.06
N ILE A 175 -18.68 -4.60 -14.98
CA ILE A 175 -17.97 -4.13 -13.78
C ILE A 175 -18.57 -2.80 -13.35
N ASP A 176 -18.97 -2.71 -12.07
CA ASP A 176 -19.49 -1.47 -11.50
C ASP A 176 -18.34 -0.45 -11.37
N THR A 177 -18.29 0.51 -12.29
CA THR A 177 -17.49 1.73 -12.13
C THR A 177 -18.42 2.94 -11.86
N ARG A 178 -19.74 2.64 -11.73
CA ARG A 178 -20.79 3.65 -11.51
C ARG A 178 -20.61 4.34 -10.15
N TYR A 179 -20.09 3.58 -9.21
CA TYR A 179 -19.60 4.06 -7.92
C TYR A 179 -18.15 4.55 -8.11
N ASP A 180 -17.93 5.87 -8.16
CA ASP A 180 -16.57 6.44 -8.28
C ASP A 180 -16.05 6.92 -6.92
N PHE A 181 -14.83 7.50 -6.94
CA PHE A 181 -14.20 8.17 -5.77
C PHE A 181 -15.10 9.32 -5.26
N ARG A 182 -15.66 10.09 -6.22
CA ARG A 182 -16.64 11.18 -5.94
C ARG A 182 -17.87 10.66 -5.14
N SER A 183 -18.30 9.43 -5.46
CA SER A 183 -19.47 8.80 -4.86
C SER A 183 -19.13 8.27 -3.45
N TYR A 184 -17.83 7.96 -3.21
CA TYR A 184 -17.34 7.60 -1.87
C TYR A 184 -17.49 8.81 -0.93
N LEU A 185 -17.14 10.02 -1.43
CA LEU A 185 -17.18 11.28 -0.64
C LEU A 185 -18.60 11.58 -0.10
N LEU A 186 -19.64 11.46 -0.96
CA LEU A 186 -21.05 11.69 -0.53
C LEU A 186 -21.48 10.68 0.56
N HIS A 187 -20.98 9.42 0.44
CA HIS A 187 -21.34 8.34 1.39
C HIS A 187 -20.60 8.49 2.74
N GLN A 188 -19.33 8.92 2.72
CA GLN A 188 -18.53 9.06 3.96
C GLN A 188 -18.92 10.32 4.75
N GLN A 189 -19.63 11.26 4.10
CA GLN A 189 -20.31 12.38 4.81
C GLN A 189 -21.69 11.91 5.34
N LYS A 190 -22.42 11.13 4.52
CA LYS A 190 -23.78 10.62 4.83
C LYS A 190 -23.77 9.78 6.12
N ILE A 191 -22.91 8.76 6.12
CA ILE A 191 -22.75 7.81 7.22
C ILE A 191 -22.15 8.50 8.47
N ASN A 192 -21.37 9.56 8.24
CA ASN A 192 -20.68 10.30 9.32
C ASN A 192 -21.68 11.04 10.23
N GLN A 193 -22.81 11.53 9.68
CA GLN A 193 -23.77 12.36 10.45
C GLN A 193 -24.42 11.58 11.64
N PRO A 194 -25.07 10.37 11.43
CA PRO A 194 -25.68 9.59 12.56
C PRO A 194 -24.62 8.91 13.45
N LEU A 195 -23.51 8.47 12.83
CA LEU A 195 -22.48 7.63 13.47
C LEU A 195 -21.44 8.48 14.25
N ARG A 196 -21.43 9.82 14.01
CA ARG A 196 -20.40 10.76 14.53
C ARG A 196 -20.09 10.59 16.03
N ASP A 197 -21.14 10.41 16.86
CA ASP A 197 -21.00 10.27 18.32
C ASP A 197 -20.29 8.95 18.70
N ASP A 198 -20.64 7.86 17.99
CA ASP A 198 -20.12 6.51 18.27
C ASP A 198 -18.66 6.42 17.80
N ALA A 199 -18.42 6.88 16.57
CA ALA A 199 -17.09 6.93 15.94
C ALA A 199 -16.11 7.73 16.81
N ARG A 200 -16.56 8.93 17.23
CA ARG A 200 -15.81 9.82 18.15
C ARG A 200 -15.47 9.10 19.46
N ALA A 201 -16.42 8.29 19.97
CA ALA A 201 -16.26 7.53 21.23
C ALA A 201 -15.17 6.43 21.11
N TYR A 202 -15.17 5.70 19.98
CA TYR A 202 -14.19 4.61 19.70
C TYR A 202 -12.79 5.18 19.46
N TRP A 203 -12.73 6.32 18.75
CA TRP A 203 -11.47 7.01 18.42
C TRP A 203 -10.87 7.66 19.66
N LEU A 204 -11.73 8.23 20.54
CA LEU A 204 -11.31 8.95 21.76
C LEU A 204 -10.80 7.97 22.82
N ALA A 205 -11.52 6.84 22.98
CA ALA A 205 -11.16 5.76 23.93
C ALA A 205 -9.75 5.24 23.64
N LYS A 206 -9.50 4.97 22.35
CA LYS A 206 -8.19 4.54 21.85
C LYS A 206 -7.15 5.66 22.00
N ALA A 207 -7.44 6.85 21.44
CA ALA A 207 -6.48 8.00 21.39
C ALA A 207 -5.98 8.44 22.78
N SER A 208 -6.79 8.21 23.83
CA SER A 208 -6.40 8.50 25.22
C SER A 208 -5.39 7.45 25.73
N THR A 209 -5.63 6.16 25.37
CA THR A 209 -4.76 5.03 25.81
C THR A 209 -3.75 4.63 24.71
N LEU A 210 -3.68 5.41 23.60
CA LEU A 210 -2.84 5.07 22.44
C LEU A 210 -1.45 5.73 22.60
N PRO A 211 -0.32 4.96 22.42
CA PRO A 211 1.06 5.51 22.53
C PRO A 211 1.37 6.50 21.38
N PRO A 212 2.43 7.38 21.54
CA PRO A 212 2.82 8.34 20.49
C PRO A 212 3.54 7.65 19.31
N ALA A 213 3.61 8.36 18.16
CA ALA A 213 4.21 7.84 16.92
C ALA A 213 5.73 7.51 17.10
N PRO A 214 6.26 6.44 16.41
CA PRO A 214 7.64 5.90 16.59
C PRO A 214 8.74 6.98 16.65
N VAL A 215 9.47 7.04 17.78
CA VAL A 215 10.66 7.88 17.90
C VAL A 215 11.88 7.05 17.43
N LEU A 216 12.27 7.28 16.17
CA LEU A 216 13.37 6.57 15.52
C LEU A 216 14.39 7.61 15.01
N PRO A 217 15.70 7.49 15.39
CA PRO A 217 16.76 8.44 14.96
C PRO A 217 16.87 8.57 13.42
N LEU A 218 16.78 9.82 12.94
CA LEU A 218 16.92 10.14 11.51
C LEU A 218 18.39 10.48 11.23
N ALA A 219 19.00 9.79 10.27
CA ALA A 219 20.40 10.06 9.83
C ALA A 219 20.53 11.46 9.18
N CYS A 220 19.38 12.03 8.77
CA CYS A 220 19.30 13.36 8.14
C CYS A 220 18.04 14.11 8.61
N GLU A 221 18.13 15.45 8.68
CA GLU A 221 17.00 16.33 9.08
C GLU A 221 16.08 16.60 7.86
N PRO A 222 14.71 16.60 8.02
CA PRO A 222 13.71 16.70 6.89
C PRO A 222 14.07 17.71 5.77
N ALA A 223 14.53 18.91 6.17
CA ALA A 223 14.86 20.02 5.23
C ALA A 223 16.04 19.67 4.29
N THR A 224 17.03 18.94 4.82
CA THR A 224 18.27 18.62 4.08
C THR A 224 18.08 17.49 3.04
N LEU A 225 16.93 16.77 3.09
CA LEU A 225 16.62 15.71 2.11
C LEU A 225 16.24 16.35 0.77
N ARG A 226 17.17 16.32 -0.20
CA ARG A 226 16.91 16.75 -1.59
C ARG A 226 16.48 15.53 -2.40
N GLU A 227 17.24 14.45 -2.19
CA GLU A 227 17.02 13.14 -2.79
C GLU A 227 16.84 12.13 -1.65
N VAL A 228 15.71 11.41 -1.68
CA VAL A 228 15.43 10.33 -0.73
C VAL A 228 15.77 8.98 -1.37
N ARG A 229 16.74 8.29 -0.78
CA ARG A 229 17.13 6.94 -1.20
C ARG A 229 16.24 5.92 -0.48
N ASN A 230 15.54 5.06 -1.23
CA ASN A 230 14.74 3.96 -0.67
C ASN A 230 15.50 2.63 -0.86
N THR A 231 15.75 1.93 0.25
CA THR A 231 16.39 0.62 0.24
C THR A 231 15.30 -0.46 0.44
N ARG A 232 14.95 -1.15 -0.65
CA ARG A 232 13.95 -2.24 -0.63
C ARG A 232 14.66 -3.59 -0.75
N ARG A 233 14.63 -4.37 0.34
CA ARG A 233 15.34 -5.66 0.46
C ARG A 233 14.35 -6.83 0.37
N ARG A 234 14.46 -7.65 -0.69
CA ARG A 234 13.53 -8.76 -0.96
C ARG A 234 14.15 -10.05 -0.40
N MET A 235 13.48 -10.61 0.60
CA MET A 235 13.90 -11.80 1.34
C MET A 235 12.98 -12.97 0.97
N ILE A 236 13.56 -14.16 0.72
CA ILE A 236 12.79 -15.39 0.46
C ILE A 236 12.87 -16.31 1.68
N VAL A 237 11.75 -16.44 2.40
CA VAL A 237 11.60 -17.40 3.51
C VAL A 237 10.86 -18.65 2.98
N PRO A 238 11.38 -19.90 3.27
CA PRO A 238 10.74 -21.18 2.85
C PRO A 238 9.25 -21.26 3.22
N ALA A 239 8.43 -21.71 2.26
CA ALA A 239 6.98 -21.90 2.44
C ALA A 239 6.66 -22.83 3.62
N THR A 240 7.47 -23.90 3.76
CA THR A 240 7.31 -24.90 4.83
C THR A 240 7.35 -24.24 6.23
N ARG A 241 8.32 -23.32 6.42
CA ARG A 241 8.54 -22.63 7.70
C ARG A 241 7.44 -21.57 7.96
N TRP A 242 7.05 -20.85 6.89
CA TRP A 242 6.06 -19.75 6.96
C TRP A 242 4.66 -20.27 7.28
N HIS A 243 4.22 -21.30 6.54
CA HIS A 243 2.91 -21.95 6.74
C HIS A 243 2.84 -22.58 8.14
N ALA A 244 3.95 -23.17 8.59
CA ALA A 244 4.06 -23.78 9.93
C ALA A 244 3.86 -22.71 11.03
N PHE A 245 4.53 -21.55 10.88
CA PHE A 245 4.40 -20.40 11.81
C PHE A 245 2.94 -19.92 11.89
N SER A 246 2.29 -19.86 10.72
CA SER A 246 0.90 -19.40 10.59
C SER A 246 -0.11 -20.42 11.18
N ASN A 247 0.30 -21.72 11.21
CA ASN A 247 -0.47 -22.78 11.88
C ASN A 247 -0.45 -22.52 13.37
N ARG A 248 0.76 -22.37 13.93
CA ARG A 248 0.99 -22.10 15.36
C ARG A 248 0.21 -20.84 15.81
N ALA A 249 0.31 -19.77 14.99
CA ALA A 249 -0.36 -18.49 15.24
C ALA A 249 -1.89 -18.68 15.34
N GLY A 250 -2.45 -19.42 14.37
CA GLY A 250 -3.87 -19.73 14.33
C GLY A 250 -4.32 -20.60 15.51
N GLU A 251 -3.42 -21.50 15.99
CA GLU A 251 -3.72 -22.42 17.10
C GLU A 251 -3.86 -21.68 18.45
N TYR A 252 -3.29 -20.47 18.56
CA TYR A 252 -3.39 -19.66 19.79
C TYR A 252 -4.82 -19.07 19.96
N GLY A 253 -5.69 -19.28 18.95
CA GLY A 253 -7.06 -18.76 18.95
C GLY A 253 -7.09 -17.28 18.60
N VAL A 254 -6.14 -16.88 17.75
CA VAL A 254 -6.01 -15.50 17.24
C VAL A 254 -5.96 -15.56 15.70
N THR A 255 -6.08 -14.39 15.04
CA THR A 255 -5.96 -14.29 13.58
C THR A 255 -4.49 -14.56 13.17
N PRO A 256 -4.19 -15.63 12.34
CA PRO A 256 -2.80 -16.00 11.99
C PRO A 256 -2.08 -14.94 11.12
N THR A 257 -2.83 -14.39 10.15
CA THR A 257 -2.35 -13.36 9.21
C THR A 257 -2.03 -12.04 9.94
N MET A 258 -2.96 -11.63 10.83
CA MET A 258 -2.88 -10.34 11.54
C MET A 258 -1.84 -10.39 12.67
N ALA A 259 -1.74 -11.55 13.35
CA ALA A 259 -0.75 -11.76 14.43
C ALA A 259 0.67 -11.67 13.88
N LEU A 260 0.87 -12.25 12.69
CA LEU A 260 2.16 -12.21 11.95
C LEU A 260 2.50 -10.75 11.58
N ALA A 261 1.54 -10.09 10.92
CA ALA A 261 1.68 -8.73 10.38
C ALA A 261 2.08 -7.71 11.47
N THR A 262 1.33 -7.73 12.57
CA THR A 262 1.51 -6.79 13.68
C THR A 262 2.81 -7.10 14.46
N CYS A 263 3.21 -8.38 14.53
CA CYS A 263 4.41 -8.83 15.29
C CYS A 263 5.72 -8.29 14.69
N PHE A 264 5.83 -8.36 13.35
CA PHE A 264 7.01 -7.85 12.61
C PHE A 264 7.15 -6.34 12.81
N SER A 265 6.05 -5.61 12.59
CA SER A 265 6.02 -4.15 12.73
C SER A 265 6.21 -3.71 14.20
N ALA A 266 5.76 -4.57 15.15
CA ALA A 266 5.81 -4.28 16.61
C ALA A 266 7.24 -4.13 17.11
N VAL A 267 8.06 -5.15 16.83
CA VAL A 267 9.45 -5.22 17.33
C VAL A 267 10.34 -4.16 16.66
N LEU A 268 10.14 -4.00 15.33
CA LEU A 268 10.91 -3.05 14.51
C LEU A 268 10.69 -1.60 14.99
N ALA A 269 9.42 -1.27 15.25
CA ALA A 269 9.02 0.08 15.67
C ALA A 269 9.47 0.39 17.12
N ARG A 270 9.35 -0.62 18.01
CA ARG A 270 9.69 -0.47 19.45
C ARG A 270 11.20 -0.48 19.71
N TRP A 271 11.99 -0.73 18.65
CA TRP A 271 13.48 -0.61 18.68
C TRP A 271 13.93 0.81 19.14
N GLY A 272 13.03 1.81 18.99
CA GLY A 272 13.28 3.16 19.50
C GLY A 272 13.14 3.31 21.03
N GLY A 273 12.81 2.20 21.72
CA GLY A 273 12.67 2.18 23.18
C GLY A 273 11.23 2.34 23.67
N LEU A 274 10.27 1.86 22.85
CA LEU A 274 8.82 1.97 23.13
C LEU A 274 8.28 0.63 23.65
N THR A 275 8.18 0.48 24.99
CA THR A 275 7.59 -0.73 25.65
C THR A 275 6.20 -1.12 25.08
N ARG A 276 5.52 -0.16 24.45
CA ARG A 276 4.34 -0.43 23.60
C ARG A 276 4.24 0.64 22.48
N LEU A 277 3.57 0.29 21.36
CA LEU A 277 3.52 1.17 20.15
C LEU A 277 2.30 0.79 19.26
N LEU A 278 1.77 1.79 18.52
CA LEU A 278 0.63 1.63 17.56
C LEU A 278 1.17 1.21 16.18
N LEU A 279 0.76 0.03 15.69
CA LEU A 279 1.27 -0.52 14.40
C LEU A 279 0.24 -0.33 13.29
N ASN A 280 0.72 0.10 12.11
CA ASN A 280 -0.09 0.36 10.92
C ASN A 280 -0.01 -0.86 10.00
N ILE A 281 -1.11 -1.62 9.92
CA ILE A 281 -1.27 -2.74 8.97
C ILE A 281 -2.50 -2.43 8.10
N THR A 282 -2.41 -2.68 6.78
CA THR A 282 -3.56 -2.51 5.87
C THR A 282 -4.46 -3.76 5.94
N LEU A 283 -5.69 -3.59 6.48
CA LEU A 283 -6.68 -4.66 6.55
C LEU A 283 -7.67 -4.54 5.40
N PHE A 284 -7.55 -5.47 4.45
CA PHE A 284 -8.52 -5.64 3.36
C PHE A 284 -9.75 -6.38 3.92
N ASP A 285 -10.86 -5.67 4.06
CA ASP A 285 -12.11 -6.21 4.61
C ASP A 285 -13.23 -5.97 3.61
N ARG A 286 -13.71 -7.05 2.99
CA ARG A 286 -14.83 -6.99 2.04
C ARG A 286 -16.14 -6.79 2.83
N GLN A 287 -16.50 -5.51 3.04
CA GLN A 287 -17.79 -5.12 3.62
C GLN A 287 -18.70 -4.67 2.46
N PRO A 288 -19.63 -5.56 2.00
CA PRO A 288 -20.47 -5.30 0.81
C PRO A 288 -21.80 -4.64 1.20
N LEU A 289 -21.72 -3.55 2.00
CA LEU A 289 -22.89 -2.79 2.54
C LEU A 289 -23.86 -2.40 1.42
N HIS A 290 -23.31 -1.90 0.30
CA HIS A 290 -24.04 -1.71 -0.96
C HIS A 290 -23.52 -2.75 -1.98
N PRO A 291 -24.42 -3.54 -2.67
CA PRO A 291 -24.01 -4.53 -3.72
C PRO A 291 -23.04 -3.97 -4.81
N ALA A 292 -23.11 -2.66 -5.09
CA ALA A 292 -22.22 -1.99 -6.07
C ALA A 292 -20.76 -1.97 -5.59
N VAL A 293 -20.58 -1.82 -4.25
CA VAL A 293 -19.24 -1.84 -3.60
C VAL A 293 -18.61 -3.26 -3.68
N GLY A 294 -19.47 -4.27 -3.93
CA GLY A 294 -19.01 -5.65 -4.17
C GLY A 294 -18.13 -5.80 -5.41
N ALA A 295 -18.39 -4.98 -6.44
CA ALA A 295 -17.57 -4.96 -7.67
C ALA A 295 -16.57 -3.80 -7.62
N MET A 296 -16.99 -2.65 -7.09
CA MET A 296 -16.16 -1.42 -7.06
C MET A 296 -15.57 -1.21 -5.66
N LEU A 297 -14.23 -1.27 -5.56
CA LEU A 297 -13.53 -1.08 -4.28
C LEU A 297 -12.89 0.33 -4.24
N ALA A 298 -13.62 1.31 -3.66
CA ALA A 298 -13.14 2.70 -3.51
C ALA A 298 -12.56 2.90 -2.11
N ASP A 299 -11.31 3.43 -2.04
CA ASP A 299 -10.54 3.64 -0.79
C ASP A 299 -10.43 2.32 0.01
N PHE A 300 -10.08 1.25 -0.73
CA PHE A 300 -10.06 -0.14 -0.23
C PHE A 300 -8.95 -0.35 0.83
N THR A 301 -7.84 0.41 0.69
CA THR A 301 -6.76 0.41 1.67
C THR A 301 -7.22 1.13 2.95
N ASN A 302 -7.67 0.33 3.93
CA ASN A 302 -8.09 0.81 5.25
C ASN A 302 -7.15 0.21 6.29
N ILE A 303 -6.36 1.07 6.94
CA ILE A 303 -5.33 0.65 7.91
C ILE A 303 -5.90 0.71 9.33
N LEU A 304 -5.40 -0.15 10.24
CA LEU A 304 -5.80 -0.15 11.66
C LEU A 304 -4.57 0.01 12.55
N LEU A 305 -4.75 0.68 13.71
CA LEU A 305 -3.66 1.05 14.63
C LEU A 305 -3.77 0.21 15.91
N LEU A 306 -3.01 -0.90 15.94
CA LEU A 306 -3.05 -1.88 17.05
C LEU A 306 -1.94 -1.58 18.05
N ASP A 307 -2.32 -1.39 19.32
CA ASP A 307 -1.35 -1.27 20.42
C ASP A 307 -0.91 -2.67 20.88
N THR A 308 0.33 -3.03 20.56
CA THR A 308 1.00 -4.19 21.17
C THR A 308 1.51 -3.73 22.55
N ALA A 309 0.78 -4.10 23.62
CA ALA A 309 0.94 -3.49 24.97
C ALA A 309 2.29 -3.80 25.63
N CYS A 310 2.94 -4.90 25.21
CA CYS A 310 4.21 -5.34 25.80
C CYS A 310 4.97 -6.27 24.85
N ASP A 311 6.20 -6.60 25.26
CA ASP A 311 7.10 -7.55 24.57
C ASP A 311 7.87 -8.34 25.64
N GLY A 312 8.70 -9.30 25.20
CA GLY A 312 9.54 -10.09 26.10
C GLY A 312 8.72 -11.08 26.93
N ASP A 313 7.75 -11.68 26.26
CA ASP A 313 6.82 -12.65 26.84
C ASP A 313 6.57 -13.74 25.79
N THR A 314 5.69 -14.71 26.12
CA THR A 314 5.23 -15.73 25.18
C THR A 314 4.65 -15.07 23.89
N VAL A 315 4.89 -15.68 22.71
CA VAL A 315 4.34 -15.18 21.42
C VAL A 315 2.80 -15.17 21.45
N SER A 316 2.23 -16.06 22.29
CA SER A 316 0.79 -16.13 22.54
C SER A 316 0.27 -14.81 23.17
N ASN A 317 1.06 -14.22 24.11
CA ASN A 317 0.74 -12.93 24.76
C ASN A 317 0.77 -11.76 23.77
N LEU A 318 1.79 -11.78 22.90
CA LEU A 318 1.99 -10.75 21.87
C LEU A 318 0.78 -10.74 20.93
N ALA A 319 0.47 -11.93 20.40
CA ALA A 319 -0.65 -12.17 19.47
C ALA A 319 -2.03 -12.00 20.16
N ARG A 320 -2.05 -12.18 21.50
CA ARG A 320 -3.28 -12.08 22.32
C ARG A 320 -3.78 -10.63 22.34
N LYS A 321 -2.87 -9.71 22.72
CA LYS A 321 -3.18 -8.27 22.80
C LYS A 321 -3.47 -7.72 21.39
N ASN A 322 -2.71 -8.20 20.39
CA ASN A 322 -2.91 -7.79 18.99
C ASN A 322 -4.34 -8.13 18.52
N GLN A 323 -4.81 -9.35 18.85
CA GLN A 323 -6.16 -9.80 18.47
C GLN A 323 -7.23 -9.07 19.31
N LEU A 324 -6.90 -8.79 20.58
CA LEU A 324 -7.82 -8.13 21.55
C LEU A 324 -8.21 -6.71 21.07
N THR A 325 -7.18 -5.91 20.75
CA THR A 325 -7.37 -4.56 20.21
C THR A 325 -7.91 -4.63 18.77
N PHE A 326 -7.53 -5.68 18.00
CA PHE A 326 -8.06 -5.94 16.63
C PHE A 326 -9.58 -6.23 16.67
N THR A 327 -10.07 -6.76 17.78
CA THR A 327 -11.52 -7.01 17.97
C THR A 327 -12.26 -5.64 18.02
N GLU A 328 -11.65 -4.65 18.69
CA GLU A 328 -12.18 -3.27 18.71
C GLU A 328 -11.83 -2.50 17.42
N ASP A 329 -10.72 -2.86 16.75
CA ASP A 329 -10.30 -2.23 15.49
C ASP A 329 -11.23 -2.66 14.34
N TRP A 330 -11.70 -3.91 14.39
CA TRP A 330 -12.66 -4.46 13.42
C TRP A 330 -14.07 -3.90 13.71
N GLU A 331 -14.30 -3.58 15.00
CA GLU A 331 -15.54 -2.92 15.46
C GLU A 331 -15.64 -1.50 14.86
N HIS A 332 -14.54 -0.71 14.94
CA HIS A 332 -14.50 0.67 14.41
C HIS A 332 -13.85 0.72 13.00
N ARG A 333 -13.79 -0.46 12.33
CA ARG A 333 -13.25 -0.58 10.94
C ARG A 333 -14.24 -0.02 9.89
N HIS A 334 -15.43 0.40 10.37
CA HIS A 334 -16.43 1.14 9.56
C HIS A 334 -15.78 2.41 8.94
N TRP A 335 -14.80 2.96 9.68
CA TRP A 335 -13.91 4.02 9.21
C TRP A 335 -12.47 3.50 9.19
N SER A 336 -11.58 4.22 8.48
CA SER A 336 -10.15 3.91 8.48
C SER A 336 -9.49 4.36 9.81
N GLY A 337 -8.45 3.63 10.20
CA GLY A 337 -7.60 4.00 11.35
C GLY A 337 -6.90 5.34 11.15
N VAL A 338 -6.86 5.84 9.90
CA VAL A 338 -6.38 7.19 9.55
C VAL A 338 -7.19 8.27 10.29
N GLU A 339 -8.51 8.06 10.40
CA GLU A 339 -9.41 9.00 11.12
C GLU A 339 -9.17 8.94 12.65
N LEU A 340 -8.68 7.78 13.14
CA LEU A 340 -8.27 7.61 14.56
C LEU A 340 -6.89 8.29 14.77
N LEU A 341 -6.03 8.18 13.75
CA LEU A 341 -4.68 8.78 13.72
C LEU A 341 -4.83 10.31 13.66
N ARG A 342 -5.92 10.77 13.03
CA ARG A 342 -6.30 12.18 12.94
C ARG A 342 -6.55 12.70 14.36
N GLU A 343 -7.29 11.91 15.17
CA GLU A 343 -7.60 12.24 16.58
C GLU A 343 -6.34 12.22 17.48
N LEU A 344 -5.35 11.39 17.11
CA LEU A 344 -4.06 11.30 17.81
C LEU A 344 -3.21 12.57 17.57
N LYS A 345 -3.12 13.00 16.29
CA LYS A 345 -2.37 14.22 15.92
C LYS A 345 -3.19 15.49 16.23
N ARG A 346 -4.51 15.32 16.44
CA ARG A 346 -5.42 16.38 16.90
C ARG A 346 -5.14 16.69 18.38
N GLN A 347 -4.84 15.62 19.14
CA GLN A 347 -4.35 15.72 20.53
C GLN A 347 -2.92 16.32 20.57
N GLN A 348 -2.25 16.30 19.38
CA GLN A 348 -0.92 16.91 19.13
C GLN A 348 0.19 16.08 19.83
N ARG A 349 -0.14 14.81 20.17
CA ARG A 349 0.79 13.88 20.84
C ARG A 349 1.46 12.98 19.78
N TYR A 350 2.03 13.62 18.74
CA TYR A 350 2.69 12.92 17.64
C TYR A 350 4.11 13.52 17.43
N PRO A 351 5.20 12.74 17.74
CA PRO A 351 6.59 13.16 17.41
C PRO A 351 6.87 13.15 15.90
N HIS A 352 6.06 12.37 15.14
CA HIS A 352 6.15 12.28 13.67
C HIS A 352 4.74 12.21 13.05
N GLY A 353 3.84 11.44 13.68
CA GLY A 353 2.49 11.17 13.16
C GLY A 353 2.45 10.03 12.13
N ALA A 354 3.63 9.50 11.76
CA ALA A 354 3.75 8.38 10.82
C ALA A 354 4.31 7.14 11.56
N PRO A 355 3.54 6.00 11.62
CA PRO A 355 4.05 4.72 12.15
C PRO A 355 4.67 3.80 11.06
N VAL A 356 5.06 2.58 11.48
CA VAL A 356 5.64 1.58 10.58
C VAL A 356 4.51 0.77 9.91
N VAL A 357 4.51 0.78 8.57
CA VAL A 357 3.43 0.17 7.76
C VAL A 357 3.82 -1.26 7.35
N PHE A 358 2.83 -2.17 7.40
CA PHE A 358 2.95 -3.54 6.91
C PHE A 358 1.84 -3.76 5.87
N THR A 359 2.24 -3.84 4.61
CA THR A 359 1.37 -4.20 3.48
C THR A 359 1.46 -5.72 3.25
N SER A 360 0.31 -6.41 3.21
CA SER A 360 0.26 -7.86 2.96
C SER A 360 -0.72 -8.17 1.80
N ASN A 361 -0.25 -8.95 0.81
CA ASN A 361 -1.04 -9.33 -0.37
C ASN A 361 -1.28 -10.85 -0.36
N LEU A 362 -2.52 -11.26 -0.02
CA LEU A 362 -2.92 -12.68 0.03
C LEU A 362 -3.72 -13.05 -1.22
N GLY A 363 -3.88 -14.37 -1.46
CA GLY A 363 -4.60 -14.87 -2.64
C GLY A 363 -3.82 -14.69 -3.93
N ARG A 364 -2.48 -14.88 -3.84
CA ARG A 364 -1.57 -14.77 -4.99
C ARG A 364 -1.47 -16.11 -5.72
N SER A 365 -1.32 -16.06 -7.06
CA SER A 365 -1.00 -17.25 -7.86
C SER A 365 0.51 -17.55 -7.77
N LEU A 366 0.85 -18.76 -7.31
CA LEU A 366 2.24 -19.16 -7.04
C LEU A 366 2.97 -19.64 -8.30
N TYR A 367 2.40 -20.63 -9.00
CA TYR A 367 3.08 -21.30 -10.13
C TYR A 367 2.69 -20.67 -11.50
N SER A 368 1.69 -19.78 -11.49
CA SER A 368 1.19 -19.12 -12.72
C SER A 368 2.19 -18.09 -13.27
N SER A 369 2.10 -17.86 -14.60
CA SER A 369 2.90 -16.85 -15.32
C SER A 369 2.35 -15.42 -15.11
N ARG A 370 1.26 -15.32 -14.33
CA ARG A 370 0.67 -14.07 -13.87
C ARG A 370 0.32 -14.23 -12.37
N ALA A 371 0.73 -13.26 -11.52
CA ALA A 371 0.46 -13.32 -10.07
C ALA A 371 -1.02 -13.08 -9.79
N GLU A 372 -1.53 -11.88 -10.17
CA GLU A 372 -2.98 -11.59 -10.15
C GLU A 372 -3.42 -10.92 -11.45
N SER A 373 -2.51 -10.15 -12.08
CA SER A 373 -2.80 -9.40 -13.32
C SER A 373 -2.87 -10.37 -14.52
N PRO A 374 -4.10 -10.65 -15.09
CA PRO A 374 -4.30 -11.68 -16.15
C PRO A 374 -3.59 -11.36 -17.48
N LEU A 375 -3.09 -10.12 -17.59
CA LEU A 375 -2.45 -9.59 -18.80
C LEU A 375 -0.93 -9.91 -18.84
N GLY A 376 -0.24 -9.75 -17.70
CA GLY A 376 1.23 -9.92 -17.64
C GLY A 376 1.75 -10.45 -16.31
N GLU A 377 3.01 -10.92 -16.32
CA GLU A 377 3.78 -11.24 -15.10
C GLU A 377 4.29 -9.94 -14.47
N PRO A 378 3.87 -9.57 -13.22
CA PRO A 378 4.41 -8.37 -12.54
C PRO A 378 5.92 -8.50 -12.24
N GLU A 379 6.71 -7.75 -13.01
CA GLU A 379 8.13 -7.56 -12.78
C GLU A 379 8.33 -6.56 -11.64
N TRP A 380 8.66 -7.10 -10.45
CA TRP A 380 8.93 -6.31 -9.24
C TRP A 380 10.08 -5.30 -9.48
N GLY A 381 9.73 -3.99 -9.43
CA GLY A 381 10.71 -2.91 -9.66
C GLY A 381 11.16 -2.28 -8.36
N ILE A 382 10.73 -1.04 -8.12
CA ILE A 382 11.03 -0.32 -6.86
C ILE A 382 9.82 0.50 -6.45
N SER A 383 9.46 0.41 -5.17
CA SER A 383 8.40 1.21 -4.54
C SER A 383 9.05 2.16 -3.52
N GLN A 384 9.58 3.27 -4.05
CA GLN A 384 10.19 4.33 -3.26
C GLN A 384 9.11 5.02 -2.41
N THR A 385 9.02 4.59 -1.14
CA THR A 385 8.08 5.14 -0.15
C THR A 385 8.84 6.11 0.79
N PRO A 386 8.86 7.46 0.47
CA PRO A 386 9.58 8.47 1.27
C PRO A 386 8.74 9.01 2.45
N GLN A 387 7.41 8.95 2.29
CA GLN A 387 6.42 9.37 3.29
C GLN A 387 6.31 8.35 4.45
N VAL A 388 6.86 7.15 4.23
CA VAL A 388 6.90 6.05 5.22
C VAL A 388 8.36 5.87 5.69
N TRP A 389 8.54 5.38 6.94
CA TRP A 389 9.88 5.16 7.51
C TRP A 389 10.37 3.78 7.10
N ILE A 390 9.61 2.74 7.52
CA ILE A 390 9.76 1.36 7.05
C ILE A 390 8.37 0.86 6.62
N ASP A 391 8.26 0.48 5.34
CA ASP A 391 7.08 -0.20 4.77
C ASP A 391 7.50 -1.65 4.48
N HIS A 392 6.62 -2.61 4.71
CA HIS A 392 6.90 -4.02 4.40
C HIS A 392 5.90 -4.51 3.36
N LEU A 393 6.36 -4.82 2.14
CA LEU A 393 5.53 -5.47 1.11
C LEU A 393 5.62 -7.00 1.27
N ALA A 394 4.49 -7.64 1.56
CA ALA A 394 4.40 -9.11 1.59
C ALA A 394 3.71 -9.59 0.31
N PHE A 395 4.44 -10.38 -0.48
CA PHE A 395 4.00 -10.91 -1.77
C PHE A 395 4.32 -12.42 -1.81
N GLU A 396 3.59 -13.19 -2.61
CA GLU A 396 3.80 -14.65 -2.71
C GLU A 396 3.90 -15.05 -4.19
N HIS A 397 4.99 -15.76 -4.54
CA HIS A 397 5.22 -16.27 -5.91
C HIS A 397 6.24 -17.42 -5.86
N HIS A 398 6.11 -18.40 -6.78
CA HIS A 398 7.00 -19.58 -6.91
C HIS A 398 6.72 -20.63 -5.80
N GLY A 399 5.60 -20.44 -5.08
CA GLY A 399 5.21 -21.34 -3.98
C GLY A 399 5.72 -20.85 -2.63
N GLU A 400 6.43 -19.69 -2.63
CA GLU A 400 7.11 -19.14 -1.44
C GLU A 400 6.77 -17.66 -1.29
N VAL A 401 6.95 -17.09 -0.09
CA VAL A 401 6.51 -15.70 0.19
C VAL A 401 7.71 -14.73 0.19
N TRP A 402 7.67 -13.80 -0.76
CA TRP A 402 8.66 -12.74 -0.97
C TRP A 402 8.40 -11.60 0.05
N LEU A 403 9.17 -11.58 1.16
CA LEU A 403 9.05 -10.52 2.17
C LEU A 403 10.01 -9.38 1.83
N GLN A 404 9.48 -8.26 1.32
CA GLN A 404 10.28 -7.06 1.00
C GLN A 404 10.23 -6.05 2.14
N TRP A 405 11.36 -5.39 2.39
CA TRP A 405 11.48 -4.33 3.40
C TRP A 405 11.86 -3.03 2.70
N ASP A 406 10.86 -2.19 2.46
CA ASP A 406 10.98 -0.93 1.72
C ASP A 406 11.14 0.23 2.71
N SER A 407 12.40 0.51 3.08
CA SER A 407 12.74 1.50 4.11
C SER A 407 13.49 2.68 3.46
N ASN A 408 13.55 3.83 4.15
CA ASN A 408 14.27 5.00 3.66
C ASN A 408 15.77 4.88 4.07
N ASP A 409 16.65 4.69 3.07
CA ASP A 409 18.11 4.58 3.25
C ASP A 409 18.71 5.90 3.76
N ALA A 410 18.17 7.03 3.27
CA ALA A 410 18.67 8.39 3.63
C ALA A 410 18.49 8.71 5.13
N LEU A 411 17.62 7.92 5.81
CA LEU A 411 17.29 8.13 7.24
C LEU A 411 17.68 6.92 8.10
N PHE A 412 17.59 5.70 7.53
CA PHE A 412 17.74 4.43 8.29
C PHE A 412 18.74 3.49 7.56
N PRO A 413 19.60 2.74 8.31
CA PRO A 413 20.50 1.72 7.72
C PRO A 413 19.75 0.40 7.37
N PRO A 414 19.89 -0.13 6.10
CA PRO A 414 19.33 -1.45 5.70
C PRO A 414 19.89 -2.62 6.53
N ALA A 415 21.07 -2.42 7.16
CA ALA A 415 21.70 -3.42 8.05
C ALA A 415 20.87 -3.65 9.32
N LEU A 416 20.28 -2.56 9.84
CA LEU A 416 19.42 -2.60 11.04
C LEU A 416 18.20 -3.47 10.76
N VAL A 417 17.56 -3.19 9.63
CA VAL A 417 16.34 -3.91 9.18
C VAL A 417 16.65 -5.40 8.91
N GLU A 418 17.90 -5.68 8.48
CA GLU A 418 18.40 -7.06 8.24
C GLU A 418 18.54 -7.83 9.57
N THR A 419 19.09 -7.15 10.60
CA THR A 419 19.31 -7.74 11.94
C THR A 419 17.96 -8.04 12.63
N LEU A 420 16.99 -7.15 12.42
CA LEU A 420 15.63 -7.31 12.92
C LEU A 420 14.92 -8.45 12.18
N PHE A 421 15.11 -8.54 10.85
CA PHE A 421 14.55 -9.65 10.03
C PHE A 421 15.18 -10.99 10.43
N ASP A 422 16.49 -10.98 10.77
CA ASP A 422 17.23 -12.19 11.18
C ASP A 422 16.71 -12.68 12.54
N ALA A 423 16.33 -11.71 13.40
CA ALA A 423 15.71 -11.99 14.70
C ALA A 423 14.32 -12.65 14.50
N TYR A 424 13.59 -12.19 13.46
CA TYR A 424 12.28 -12.77 13.09
C TYR A 424 12.47 -14.17 12.48
N CYS A 425 13.52 -14.32 11.65
CA CYS A 425 13.83 -15.60 10.95
C CYS A 425 14.27 -16.66 11.97
N GLN A 426 14.92 -16.19 13.04
CA GLN A 426 15.31 -17.03 14.18
C GLN A 426 14.04 -17.49 14.94
N LEU A 427 13.18 -16.51 15.29
CA LEU A 427 11.93 -16.74 16.05
C LEU A 427 11.04 -17.75 15.33
N ILE A 428 10.68 -17.43 14.08
CA ILE A 428 9.80 -18.24 13.23
C ILE A 428 10.31 -19.69 13.09
N ASN A 429 11.63 -19.85 12.86
CA ASN A 429 12.25 -21.18 12.68
C ASN A 429 12.14 -22.01 13.97
N GLN A 430 12.54 -21.40 15.10
CA GLN A 430 12.52 -22.07 16.42
C GLN A 430 11.07 -22.34 16.87
N LEU A 431 10.14 -21.48 16.46
CA LEU A 431 8.72 -21.51 16.88
C LEU A 431 7.96 -22.59 16.10
N CYS A 432 8.31 -22.75 14.81
CA CYS A 432 7.68 -23.72 13.92
C CYS A 432 8.26 -25.14 14.14
N ASP A 433 9.54 -25.19 14.57
CA ASP A 433 10.29 -26.46 14.76
C ASP A 433 10.14 -26.97 16.20
N ASP A 434 10.17 -26.04 17.16
CA ASP A 434 10.12 -26.34 18.61
C ASP A 434 8.87 -25.71 19.22
N GLU A 435 8.07 -26.56 19.88
CA GLU A 435 6.82 -26.18 20.52
C GLU A 435 7.05 -25.41 21.83
N SER A 436 8.23 -25.60 22.45
CA SER A 436 8.58 -24.93 23.70
C SER A 436 8.96 -23.45 23.46
N ALA A 437 9.30 -23.11 22.19
CA ALA A 437 9.69 -21.74 21.77
C ALA A 437 8.52 -20.75 21.78
N TRP A 438 7.29 -21.28 21.83
CA TRP A 438 6.07 -20.44 21.91
C TRP A 438 6.04 -19.65 23.23
N GLN A 439 6.63 -20.26 24.27
CA GLN A 439 6.62 -19.72 25.64
C GLN A 439 7.90 -18.92 25.97
N LYS A 440 8.91 -19.01 25.09
CA LYS A 440 10.21 -18.32 25.31
C LYS A 440 10.10 -16.81 24.97
N PRO A 441 10.64 -15.89 25.85
CA PRO A 441 10.60 -14.42 25.61
C PRO A 441 11.47 -14.00 24.41
N PHE A 442 10.86 -13.28 23.45
CA PHE A 442 11.56 -12.82 22.24
C PHE A 442 12.63 -11.74 22.57
N ALA A 443 12.48 -11.08 23.72
CA ALA A 443 13.47 -10.08 24.20
C ALA A 443 14.86 -10.73 24.45
N ASP A 444 14.88 -12.06 24.66
CA ASP A 444 16.14 -12.84 24.79
C ASP A 444 16.93 -12.83 23.46
N MET A 445 16.20 -12.71 22.33
CA MET A 445 16.79 -12.61 20.97
C MET A 445 17.18 -11.13 20.64
N LEU A 446 16.82 -10.19 21.53
CA LEU A 446 17.37 -8.81 21.50
C LEU A 446 18.62 -8.74 22.42
N GLU A 447 18.60 -9.52 23.51
CA GLU A 447 19.75 -9.66 24.45
C GLU A 447 20.92 -10.34 23.71
N HIS A 448 20.61 -11.43 22.99
CA HIS A 448 21.56 -12.22 22.19
C HIS A 448 21.40 -11.87 20.70
N HIS A 449 22.47 -12.03 19.92
CA HIS A 449 22.47 -11.77 18.45
C HIS A 449 22.00 -13.02 17.65
N HIS A 450 22.45 -13.15 16.37
CA HIS A 450 22.06 -14.22 15.39
C HIS A 450 21.84 -15.60 16.04
N HIS A 451 22.75 -15.97 16.97
CA HIS A 451 22.66 -17.19 17.82
C HIS A 451 22.94 -18.49 17.04
N HIS A 452 23.10 -18.39 15.70
CA HIS A 452 23.10 -19.53 14.74
C HIS A 452 21.90 -20.48 14.96
N HIS A 453 21.93 -21.64 14.30
CA HIS A 453 20.90 -22.68 14.41
C HIS A 453 21.59 -24.04 14.61
N MET A 1 -26.19 18.47 -7.75
CA MET A 1 -27.17 19.24 -6.94
C MET A 1 -26.51 19.81 -5.65
N PRO A 2 -25.87 18.98 -4.72
CA PRO A 2 -25.23 19.53 -3.49
C PRO A 2 -23.84 20.13 -3.79
N ASP A 3 -23.28 20.83 -2.79
CA ASP A 3 -21.97 21.47 -2.87
C ASP A 3 -21.58 21.93 -1.46
N GLU A 4 -20.76 21.11 -0.79
CA GLU A 4 -20.46 21.26 0.64
C GLU A 4 -19.30 20.35 1.04
N SER A 5 -18.76 20.61 2.25
CA SER A 5 -17.74 19.76 2.93
C SER A 5 -16.34 19.87 2.31
N SER A 6 -15.32 19.70 3.16
CA SER A 6 -13.91 19.54 2.74
C SER A 6 -13.69 18.16 2.11
N TRP A 7 -14.61 17.22 2.45
CA TRP A 7 -14.66 15.89 1.85
C TRP A 7 -15.18 15.98 0.40
N PRO A 8 -14.37 15.54 -0.63
CA PRO A 8 -14.79 15.52 -2.05
C PRO A 8 -16.17 14.85 -2.29
N ASN A 9 -17.07 15.58 -2.99
CA ASN A 9 -18.47 15.17 -3.21
C ASN A 9 -18.63 14.60 -4.65
N MET A 10 -19.82 14.02 -4.95
CA MET A 10 -20.14 13.47 -6.29
C MET A 10 -20.17 14.58 -7.38
N THR A 11 -20.42 15.83 -6.94
CA THR A 11 -20.46 17.02 -7.80
C THR A 11 -19.05 17.67 -7.89
N GLU A 12 -18.03 16.83 -8.13
CA GLU A 12 -16.60 17.23 -8.22
C GLU A 12 -16.32 18.19 -9.41
N SER A 13 -17.35 18.42 -10.27
CA SER A 13 -17.31 19.41 -11.36
C SER A 13 -17.14 20.86 -10.83
N THR A 14 -17.34 21.04 -9.50
CA THR A 14 -16.88 22.24 -8.77
C THR A 14 -15.77 21.76 -7.81
N PRO A 15 -14.50 22.32 -7.93
CA PRO A 15 -13.31 21.75 -7.25
C PRO A 15 -13.42 21.69 -5.70
N PHE A 16 -13.30 20.47 -5.16
CA PHE A 16 -13.25 20.20 -3.70
C PHE A 16 -11.80 19.95 -3.28
N PRO A 17 -11.42 20.17 -1.96
CA PRO A 17 -10.02 19.98 -1.46
C PRO A 17 -9.44 18.55 -1.69
N LEU A 18 -8.15 18.38 -1.33
CA LEU A 18 -7.47 17.07 -1.37
C LEU A 18 -8.11 16.06 -0.40
N THR A 19 -7.92 14.76 -0.73
CA THR A 19 -8.42 13.64 0.07
C THR A 19 -7.79 13.70 1.50
N PRO A 20 -8.62 13.54 2.60
CA PRO A 20 -8.15 13.68 4.02
C PRO A 20 -7.05 12.67 4.46
N VAL A 21 -6.66 11.75 3.55
CA VAL A 21 -5.50 10.87 3.76
C VAL A 21 -4.22 11.74 3.82
N GLN A 22 -3.54 11.70 4.98
CA GLN A 22 -2.33 12.51 5.26
C GLN A 22 -1.23 12.31 4.19
N HIS A 23 -1.16 11.09 3.64
CA HIS A 23 -0.15 10.71 2.63
C HIS A 23 -0.32 11.55 1.33
N ALA A 24 -1.52 11.46 0.73
CA ALA A 24 -1.86 12.14 -0.56
C ALA A 24 -1.87 13.67 -0.42
N TYR A 25 -2.27 14.15 0.76
CA TYR A 25 -2.38 15.58 1.08
C TYR A 25 -0.98 16.23 1.22
N LEU A 26 -0.07 15.54 1.94
CA LEU A 26 1.27 16.08 2.28
C LEU A 26 2.13 16.15 1.01
N THR A 27 2.15 15.04 0.25
CA THR A 27 2.89 14.94 -1.02
C THR A 27 2.26 15.83 -2.11
N GLY A 28 0.94 16.06 -1.98
CA GLY A 28 0.18 16.92 -2.89
C GLY A 28 0.48 18.39 -2.71
N ARG A 29 0.64 18.82 -1.45
CA ARG A 29 0.84 20.23 -1.10
C ARG A 29 2.34 20.57 -1.01
N MET A 30 3.19 19.53 -0.84
CA MET A 30 4.67 19.67 -0.84
C MET A 30 5.27 18.78 -1.98
N PRO A 31 5.21 19.25 -3.27
CA PRO A 31 5.74 18.48 -4.41
C PRO A 31 7.27 18.66 -4.59
N GLY A 32 7.95 17.56 -4.95
CA GLY A 32 9.40 17.58 -5.21
C GLY A 32 10.25 17.13 -4.02
N GLN A 33 9.72 17.35 -2.80
CA GLN A 33 10.39 16.94 -1.55
C GLN A 33 10.08 15.44 -1.26
N THR A 34 11.14 14.63 -1.07
CA THR A 34 11.02 13.20 -0.71
C THR A 34 10.79 13.04 0.81
N LEU A 35 11.10 14.11 1.55
CA LEU A 35 10.77 14.23 2.98
C LEU A 35 9.34 14.78 3.12
N GLY A 36 8.78 15.28 1.99
CA GLY A 36 7.39 15.70 1.88
C GLY A 36 6.45 14.54 1.57
N GLY A 37 6.72 13.36 2.17
CA GLY A 37 5.88 12.17 2.00
C GLY A 37 6.31 11.26 0.86
N VAL A 38 7.64 11.18 0.65
CA VAL A 38 8.28 10.43 -0.45
C VAL A 38 7.69 10.84 -1.83
N GLY A 39 8.14 12.01 -2.32
CA GLY A 39 7.71 12.58 -3.60
C GLY A 39 8.44 11.97 -4.80
N CYS A 40 8.40 10.62 -4.88
CA CYS A 40 9.01 9.84 -5.98
C CYS A 40 7.90 9.31 -6.89
N HIS A 41 8.31 8.73 -8.04
CA HIS A 41 7.39 8.23 -9.06
C HIS A 41 7.32 6.69 -9.02
N LEU A 42 6.08 6.16 -8.99
CA LEU A 42 5.83 4.70 -8.99
C LEU A 42 5.80 4.15 -10.44
N TYR A 43 6.21 2.87 -10.59
CA TYR A 43 6.26 2.20 -11.91
C TYR A 43 5.76 0.76 -11.81
N GLN A 44 4.81 0.38 -12.70
CA GLN A 44 4.31 -0.99 -12.83
C GLN A 44 4.61 -1.46 -14.27
N GLU A 45 5.56 -2.39 -14.44
CA GLU A 45 6.02 -2.83 -15.79
C GLU A 45 5.86 -4.36 -15.94
N PHE A 46 4.85 -4.77 -16.74
CA PHE A 46 4.41 -6.17 -16.91
C PHE A 46 5.01 -6.78 -18.19
N GLU A 47 5.73 -7.92 -18.05
CA GLU A 47 6.31 -8.64 -19.19
C GLU A 47 5.32 -9.68 -19.73
N GLY A 48 5.23 -9.80 -21.07
CA GLY A 48 4.40 -10.82 -21.71
C GLY A 48 3.66 -10.31 -22.93
N HIS A 49 2.62 -11.05 -23.34
CA HIS A 49 1.81 -10.74 -24.53
C HIS A 49 0.40 -10.29 -24.07
N CYS A 50 0.04 -9.04 -24.42
CA CYS A 50 -1.31 -8.50 -24.19
C CYS A 50 -1.99 -8.19 -25.53
N LEU A 51 -1.31 -7.38 -26.36
CA LEU A 51 -1.81 -6.91 -27.67
C LEU A 51 -0.78 -5.99 -28.34
N THR A 52 -1.15 -5.41 -29.50
CA THR A 52 -0.33 -4.42 -30.22
C THR A 52 -0.73 -2.98 -29.82
N ALA A 53 0.13 -2.02 -30.17
CA ALA A 53 0.11 -0.64 -29.62
C ALA A 53 -1.19 0.13 -29.90
N SER A 54 -1.68 0.09 -31.16
CA SER A 54 -2.78 0.96 -31.63
C SER A 54 -4.12 0.61 -30.95
N GLN A 55 -4.33 -0.71 -30.75
CA GLN A 55 -5.51 -1.24 -30.04
C GLN A 55 -5.49 -0.79 -28.56
N LEU A 56 -4.28 -0.84 -27.95
CA LEU A 56 -4.06 -0.42 -26.54
C LEU A 56 -4.40 1.06 -26.33
N GLU A 57 -3.99 1.89 -27.30
CA GLU A 57 -4.25 3.35 -27.29
C GLU A 57 -5.76 3.62 -27.27
N GLN A 58 -6.49 2.94 -28.17
CA GLN A 58 -7.95 3.05 -28.31
C GLN A 58 -8.68 2.49 -27.07
N ALA A 59 -8.10 1.42 -26.49
CA ALA A 59 -8.67 0.73 -25.31
C ALA A 59 -8.71 1.70 -24.12
N ILE A 60 -7.56 2.33 -23.84
CA ILE A 60 -7.41 3.29 -22.73
C ILE A 60 -8.31 4.53 -22.96
N THR A 61 -8.41 4.99 -24.21
CA THR A 61 -9.27 6.15 -24.59
C THR A 61 -10.76 5.89 -24.27
N THR A 62 -11.28 4.73 -24.73
CA THR A 62 -12.69 4.35 -24.56
C THR A 62 -13.01 4.09 -23.08
N LEU A 63 -12.03 3.51 -22.36
CA LEU A 63 -12.13 3.26 -20.90
C LEU A 63 -12.24 4.59 -20.11
N LEU A 64 -11.49 5.63 -20.55
CA LEU A 64 -11.51 6.98 -19.94
C LEU A 64 -12.75 7.80 -20.39
N GLN A 65 -13.33 7.40 -21.54
CA GLN A 65 -14.47 8.11 -22.16
C GLN A 65 -15.76 7.92 -21.34
N ARG A 66 -15.96 6.69 -20.79
CA ARG A 66 -17.22 6.30 -20.10
C ARG A 66 -17.42 7.11 -18.77
N HIS A 67 -17.09 6.49 -17.60
CA HIS A 67 -16.98 7.22 -16.31
C HIS A 67 -16.11 6.39 -15.35
N PRO A 68 -14.76 6.28 -15.60
CA PRO A 68 -13.87 5.47 -14.73
C PRO A 68 -13.60 6.19 -13.40
N MET A 69 -13.14 5.45 -12.36
CA MET A 69 -12.85 6.02 -11.02
C MET A 69 -11.74 7.10 -11.11
N LEU A 70 -10.84 6.94 -12.11
CA LEU A 70 -9.72 7.84 -12.37
C LEU A 70 -10.11 8.96 -13.37
N HIS A 71 -11.41 9.37 -13.36
CA HIS A 71 -11.91 10.51 -14.18
C HIS A 71 -11.51 11.88 -13.58
N ILE A 72 -10.69 11.87 -12.53
CA ILE A 72 -10.42 13.04 -11.71
C ILE A 72 -8.90 13.36 -11.68
N ALA A 73 -8.55 14.65 -11.54
CA ALA A 73 -7.15 15.12 -11.55
C ALA A 73 -6.94 16.27 -10.54
N PHE A 74 -5.68 16.46 -10.11
CA PHE A 74 -5.30 17.43 -9.06
C PHE A 74 -4.81 18.75 -9.68
N ARG A 75 -5.36 19.87 -9.21
CA ARG A 75 -4.95 21.23 -9.58
C ARG A 75 -3.90 21.77 -8.59
N PRO A 76 -2.88 22.57 -9.07
CA PRO A 76 -1.81 23.13 -8.19
C PRO A 76 -2.35 24.17 -7.17
N ASP A 77 -3.64 24.54 -7.35
CA ASP A 77 -4.42 25.38 -6.40
C ASP A 77 -4.62 24.66 -5.03
N GLY A 78 -4.58 23.30 -5.05
CA GLY A 78 -4.76 22.48 -3.84
C GLY A 78 -6.12 21.77 -3.79
N GLN A 79 -6.79 21.70 -4.96
CA GLN A 79 -8.14 21.10 -5.08
C GLN A 79 -8.17 20.08 -6.23
N GLN A 80 -9.02 19.05 -6.09
CA GLN A 80 -9.26 18.02 -7.13
C GLN A 80 -10.41 18.49 -8.08
N VAL A 81 -10.49 17.93 -9.31
CA VAL A 81 -11.48 18.34 -10.34
C VAL A 81 -11.98 17.13 -11.15
N TRP A 82 -13.29 17.11 -11.45
CA TRP A 82 -13.91 16.14 -12.38
C TRP A 82 -13.51 16.49 -13.85
N LEU A 83 -12.78 15.57 -14.51
CA LEU A 83 -12.50 15.62 -15.97
C LEU A 83 -13.22 14.43 -16.65
N PRO A 84 -14.38 14.66 -17.34
CA PRO A 84 -15.12 13.58 -18.05
C PRO A 84 -14.51 13.23 -19.43
N GLN A 85 -13.38 13.88 -19.77
CA GLN A 85 -12.72 13.75 -21.08
C GLN A 85 -11.42 12.95 -20.94
N PRO A 86 -11.15 11.96 -21.87
CA PRO A 86 -9.80 11.38 -22.03
C PRO A 86 -8.81 12.45 -22.54
N TYR A 87 -7.78 12.74 -21.74
CA TYR A 87 -6.78 13.78 -22.02
C TYR A 87 -6.00 13.46 -23.32
N TRP A 88 -5.34 12.29 -23.34
CA TRP A 88 -4.49 11.86 -24.45
C TRP A 88 -4.35 10.33 -24.44
N ASN A 89 -3.91 9.75 -25.57
CA ASN A 89 -3.61 8.30 -25.68
C ASN A 89 -2.54 7.91 -24.66
N GLY A 90 -1.43 8.67 -24.66
CA GLY A 90 -0.40 8.59 -23.62
C GLY A 90 0.62 7.47 -23.86
N VAL A 91 0.30 6.52 -24.76
CA VAL A 91 1.15 5.34 -25.00
C VAL A 91 2.36 5.72 -25.88
N THR A 92 3.50 5.99 -25.21
CA THR A 92 4.80 6.24 -25.86
C THR A 92 5.47 4.89 -26.16
N VAL A 93 5.49 4.48 -27.43
CA VAL A 93 5.96 3.15 -27.85
C VAL A 93 7.48 3.20 -28.11
N HIS A 94 8.19 2.20 -27.56
CA HIS A 94 9.62 1.97 -27.79
C HIS A 94 9.76 0.66 -28.57
N ASP A 95 10.69 0.60 -29.52
CA ASP A 95 11.02 -0.64 -30.24
C ASP A 95 12.42 -1.08 -29.87
N LEU A 96 12.58 -2.36 -29.52
CA LEU A 96 13.86 -2.91 -29.06
C LEU A 96 14.35 -4.04 -29.98
N ARG A 97 13.43 -4.75 -30.65
CA ARG A 97 13.79 -5.91 -31.54
C ARG A 97 14.75 -5.47 -32.69
N HIS A 98 14.52 -4.26 -33.23
CA HIS A 98 15.32 -3.68 -34.33
C HIS A 98 16.68 -3.18 -33.82
N ASN A 99 16.69 -2.78 -32.53
CA ASN A 99 17.89 -2.26 -31.86
C ASN A 99 18.62 -3.36 -31.08
N ASP A 100 19.76 -3.00 -30.47
CA ASP A 100 20.58 -3.94 -29.65
C ASP A 100 20.12 -3.96 -28.18
N ALA A 101 20.81 -4.79 -27.37
CA ALA A 101 20.69 -4.76 -25.89
C ALA A 101 21.16 -3.40 -25.32
N GLU A 102 21.97 -2.68 -26.11
CA GLU A 102 22.40 -1.29 -25.84
C GLU A 102 21.19 -0.37 -25.58
N SER A 103 20.18 -0.43 -26.47
CA SER A 103 18.96 0.39 -26.37
C SER A 103 17.99 -0.14 -25.29
N ARG A 104 18.17 -1.40 -24.87
CA ARG A 104 17.39 -1.99 -23.76
C ARG A 104 17.88 -1.41 -22.43
N GLN A 105 19.22 -1.43 -22.26
CA GLN A 105 19.91 -0.78 -21.14
C GLN A 105 19.57 0.72 -21.08
N ALA A 106 19.50 1.32 -22.28
CA ALA A 106 19.14 2.74 -22.46
C ALA A 106 17.70 3.02 -21.99
N TYR A 107 16.74 2.13 -22.36
CA TYR A 107 15.33 2.24 -21.94
C TYR A 107 15.18 2.15 -20.41
N LEU A 108 15.72 1.07 -19.80
CA LEU A 108 15.65 0.83 -18.34
C LEU A 108 16.42 1.92 -17.54
N ASP A 109 17.46 2.51 -18.16
CA ASP A 109 18.21 3.65 -17.58
C ASP A 109 17.37 4.92 -17.60
N ALA A 110 16.67 5.12 -18.72
CA ALA A 110 15.76 6.27 -18.92
C ALA A 110 14.64 6.25 -17.87
N LEU A 111 14.21 5.03 -17.49
CA LEU A 111 13.17 4.82 -16.46
C LEU A 111 13.70 5.20 -15.08
N ARG A 112 14.97 4.85 -14.81
CA ARG A 112 15.66 5.15 -13.53
C ARG A 112 15.67 6.67 -13.24
N GLN A 113 15.91 7.45 -14.30
CA GLN A 113 15.91 8.92 -14.24
C GLN A 113 14.46 9.47 -14.20
N ARG A 114 13.56 8.78 -14.92
CA ARG A 114 12.15 9.19 -15.09
C ARG A 114 11.31 8.90 -13.83
N LEU A 115 11.80 8.02 -12.93
CA LEU A 115 11.13 7.75 -11.64
C LEU A 115 11.68 8.67 -10.52
N SER A 116 13.00 8.93 -10.51
CA SER A 116 13.65 9.69 -9.42
C SER A 116 13.57 11.21 -9.67
N HIS A 117 13.87 11.62 -10.91
CA HIS A 117 13.93 13.04 -11.32
C HIS A 117 12.78 13.34 -12.32
N ARG A 118 11.61 12.77 -12.04
CA ARG A 118 10.37 12.99 -12.81
C ARG A 118 9.93 14.49 -12.87
N LEU A 119 9.19 14.84 -13.94
CA LEU A 119 8.52 16.14 -14.06
C LEU A 119 7.06 15.89 -14.50
N LEU A 120 6.13 15.98 -13.53
CA LEU A 120 4.69 15.75 -13.78
C LEU A 120 4.04 17.00 -14.42
N ARG A 121 2.92 16.76 -15.13
CA ARG A 121 2.05 17.83 -15.66
C ARG A 121 1.00 18.21 -14.59
N VAL A 122 1.46 18.35 -13.32
CA VAL A 122 0.60 18.62 -12.15
C VAL A 122 -0.21 19.96 -12.29
N GLU A 123 0.34 20.91 -13.06
CA GLU A 123 -0.31 22.21 -13.35
C GLU A 123 -1.41 22.04 -14.43
N ILE A 124 -1.25 21.01 -15.27
CA ILE A 124 -2.26 20.59 -16.26
C ILE A 124 -3.21 19.56 -15.58
N GLY A 125 -2.79 19.05 -14.42
CA GLY A 125 -3.58 18.17 -13.58
C GLY A 125 -3.54 16.71 -14.00
N GLU A 126 -4.21 16.41 -15.12
CA GLU A 126 -4.28 15.05 -15.67
C GLU A 126 -2.93 14.67 -16.28
N THR A 127 -2.06 14.13 -15.42
CA THR A 127 -0.73 13.66 -15.79
C THR A 127 -0.67 12.14 -15.64
N PHE A 128 -0.27 11.49 -16.73
CA PHE A 128 -0.09 10.04 -16.81
C PHE A 128 0.95 9.76 -17.89
N ASP A 129 1.79 8.77 -17.65
CA ASP A 129 2.88 8.41 -18.54
C ASP A 129 2.98 6.87 -18.58
N PHE A 130 2.87 6.29 -19.79
CA PHE A 130 2.99 4.84 -19.96
C PHE A 130 3.53 4.48 -21.34
N GLN A 131 4.45 3.49 -21.34
CA GLN A 131 5.16 3.01 -22.53
C GLN A 131 4.79 1.55 -22.82
N LEU A 132 4.87 1.18 -24.10
CA LEU A 132 4.84 -0.22 -24.53
C LEU A 132 6.10 -0.47 -25.36
N THR A 133 7.09 -1.19 -24.79
CA THR A 133 8.34 -1.53 -25.49
C THR A 133 8.23 -2.92 -26.11
N LEU A 134 8.39 -2.98 -27.44
CA LEU A 134 8.38 -4.22 -28.20
C LEU A 134 9.76 -4.89 -28.04
N LEU A 135 9.83 -5.86 -27.11
CA LEU A 135 11.02 -6.69 -26.88
C LEU A 135 10.92 -7.98 -27.70
N PRO A 136 12.05 -8.69 -28.00
CA PRO A 136 12.04 -10.06 -28.60
C PRO A 136 11.47 -11.14 -27.65
N ASP A 137 11.33 -12.39 -28.17
CA ASP A 137 11.01 -13.61 -27.37
C ASP A 137 9.48 -13.66 -26.99
N ASN A 138 8.65 -12.95 -27.80
CA ASN A 138 7.16 -12.87 -27.64
C ASN A 138 6.73 -12.10 -26.36
N ARG A 139 7.71 -11.59 -25.61
CA ARG A 139 7.46 -10.80 -24.38
C ARG A 139 7.73 -9.33 -24.69
N HIS A 140 6.75 -8.47 -24.39
CA HIS A 140 6.90 -7.02 -24.42
C HIS A 140 6.66 -6.49 -23.00
N ARG A 141 7.27 -5.35 -22.64
CA ARG A 141 7.05 -4.74 -21.32
C ARG A 141 6.05 -3.61 -21.46
N LEU A 142 4.85 -3.82 -20.88
CA LEU A 142 3.84 -2.78 -20.76
C LEU A 142 4.10 -2.04 -19.46
N HIS A 143 4.75 -0.89 -19.59
CA HIS A 143 5.05 0.00 -18.47
C HIS A 143 3.85 0.93 -18.32
N VAL A 144 2.93 0.61 -17.41
CA VAL A 144 1.74 1.42 -17.17
C VAL A 144 1.75 1.94 -15.73
N ASN A 145 1.75 3.28 -15.58
CA ASN A 145 1.65 3.95 -14.28
C ASN A 145 1.00 5.32 -14.44
N ILE A 146 0.21 5.70 -13.44
CA ILE A 146 -0.47 6.99 -13.38
C ILE A 146 -0.17 7.58 -12.00
N ASP A 147 0.61 8.67 -11.97
CA ASP A 147 1.10 9.29 -10.74
C ASP A 147 0.19 10.49 -10.44
N LEU A 148 -0.69 10.34 -9.44
CA LEU A 148 -1.74 11.33 -9.13
C LEU A 148 -2.00 11.34 -7.61
N LEU A 149 -2.31 12.55 -7.09
CA LEU A 149 -2.52 12.84 -5.66
C LEU A 149 -3.97 12.54 -5.20
N ILE A 150 -4.83 12.12 -6.14
CA ILE A 150 -6.27 11.88 -5.91
C ILE A 150 -6.54 10.58 -5.11
N MET A 151 -5.60 9.61 -5.18
CA MET A 151 -5.80 8.24 -4.61
C MET A 151 -4.49 7.42 -4.65
N ASP A 152 -4.45 6.36 -3.79
CA ASP A 152 -3.38 5.34 -3.77
C ASP A 152 -3.49 4.35 -4.95
N ALA A 153 -2.74 3.22 -4.83
CA ALA A 153 -2.66 2.14 -5.85
C ALA A 153 -4.01 1.42 -6.10
N SER A 154 -5.01 1.63 -5.22
CA SER A 154 -6.37 1.07 -5.37
C SER A 154 -7.04 1.47 -6.71
N SER A 155 -6.73 2.70 -7.19
CA SER A 155 -7.20 3.20 -8.49
C SER A 155 -6.62 2.37 -9.65
N PHE A 156 -5.30 2.06 -9.55
CA PHE A 156 -4.59 1.26 -10.54
C PHE A 156 -5.12 -0.18 -10.58
N THR A 157 -5.33 -0.79 -9.40
CA THR A 157 -5.74 -2.21 -9.30
C THR A 157 -7.15 -2.45 -9.87
N LEU A 158 -8.01 -1.42 -9.78
CA LEU A 158 -9.34 -1.42 -10.41
C LEU A 158 -9.22 -1.34 -11.93
N PHE A 159 -8.41 -0.36 -12.40
CA PHE A 159 -8.17 -0.14 -13.85
C PHE A 159 -7.47 -1.35 -14.49
N PHE A 160 -6.61 -2.03 -13.71
CA PHE A 160 -5.79 -3.14 -14.19
C PHE A 160 -6.66 -4.39 -14.40
N ASP A 161 -7.58 -4.64 -13.44
CA ASP A 161 -8.54 -5.75 -13.52
C ASP A 161 -9.41 -5.63 -14.78
N GLU A 162 -9.93 -4.41 -14.99
CA GLU A 162 -10.75 -4.04 -16.14
C GLU A 162 -9.91 -4.14 -17.45
N LEU A 163 -8.64 -3.71 -17.36
CA LEU A 163 -7.70 -3.69 -18.50
C LEU A 163 -7.57 -5.09 -19.11
N ASN A 164 -7.13 -6.07 -18.30
CA ASN A 164 -6.90 -7.46 -18.75
C ASN A 164 -8.19 -8.15 -19.21
N ALA A 165 -9.36 -7.70 -18.73
CA ALA A 165 -10.67 -8.23 -19.18
C ALA A 165 -10.90 -7.90 -20.67
N LEU A 166 -10.64 -6.64 -21.02
CA LEU A 166 -10.75 -6.13 -22.41
C LEU A 166 -9.61 -6.70 -23.31
N LEU A 167 -8.42 -6.95 -22.71
CA LEU A 167 -7.26 -7.55 -23.44
C LEU A 167 -7.52 -9.04 -23.72
N ALA A 168 -8.26 -9.69 -22.79
CA ALA A 168 -8.66 -11.10 -22.93
C ALA A 168 -9.82 -11.25 -23.93
N GLY A 169 -10.52 -10.12 -24.22
CA GLY A 169 -11.69 -10.11 -25.10
C GLY A 169 -12.95 -10.60 -24.40
N GLU A 170 -12.89 -10.60 -23.05
CA GLU A 170 -13.98 -11.00 -22.18
C GLU A 170 -14.87 -9.79 -21.85
N SER A 171 -16.18 -9.96 -22.00
CA SER A 171 -17.14 -8.98 -21.49
C SER A 171 -17.41 -9.30 -20.01
N LEU A 172 -16.97 -8.38 -19.12
CA LEU A 172 -17.19 -8.51 -17.66
C LEU A 172 -18.67 -8.20 -17.32
N PRO A 173 -19.23 -8.74 -16.17
CA PRO A 173 -20.58 -8.33 -15.71
C PRO A 173 -20.62 -6.81 -15.50
N ALA A 174 -21.55 -6.12 -16.20
CA ALA A 174 -21.54 -4.65 -16.32
C ALA A 174 -21.61 -3.96 -14.94
N ILE A 175 -20.51 -3.29 -14.56
CA ILE A 175 -20.38 -2.60 -13.26
C ILE A 175 -21.00 -1.21 -13.38
N ASP A 176 -21.75 -0.78 -12.35
CA ASP A 176 -22.37 0.54 -12.32
C ASP A 176 -21.25 1.61 -12.29
N THR A 177 -20.94 2.15 -13.48
CA THR A 177 -19.85 3.13 -13.69
C THR A 177 -20.28 4.55 -13.22
N ARG A 178 -21.54 4.68 -12.75
CA ARG A 178 -22.11 5.96 -12.27
C ARG A 178 -21.85 6.13 -10.75
N TYR A 179 -21.80 5.00 -10.02
CA TYR A 179 -21.41 4.99 -8.60
C TYR A 179 -19.88 5.02 -8.49
N ASP A 180 -19.36 6.23 -8.28
CA ASP A 180 -17.92 6.51 -8.25
C ASP A 180 -17.40 6.49 -6.79
N PHE A 181 -16.09 6.73 -6.63
CA PHE A 181 -15.45 6.96 -5.31
C PHE A 181 -15.95 8.31 -4.73
N ARG A 182 -16.19 9.29 -5.61
CA ARG A 182 -16.81 10.60 -5.26
C ARG A 182 -18.25 10.37 -4.69
N SER A 183 -18.97 9.43 -5.33
CA SER A 183 -20.33 9.04 -4.93
C SER A 183 -20.32 8.28 -3.59
N TYR A 184 -19.22 7.51 -3.35
CA TYR A 184 -19.01 6.78 -2.08
C TYR A 184 -18.90 7.78 -0.91
N LEU A 185 -18.08 8.84 -1.09
CA LEU A 185 -17.85 9.89 -0.06
C LEU A 185 -19.14 10.70 0.24
N LEU A 186 -20.01 10.86 -0.78
CA LEU A 186 -21.34 11.50 -0.62
C LEU A 186 -22.19 10.68 0.37
N HIS A 187 -22.26 9.37 0.13
CA HIS A 187 -23.06 8.43 0.93
C HIS A 187 -22.37 8.08 2.26
N GLN A 188 -21.03 8.24 2.29
CA GLN A 188 -20.22 7.98 3.49
C GLN A 188 -20.43 9.10 4.49
N GLN A 189 -20.51 10.36 3.99
CA GLN A 189 -20.82 11.55 4.81
C GLN A 189 -22.20 11.40 5.47
N LYS A 190 -23.18 10.92 4.67
CA LYS A 190 -24.58 10.70 5.10
C LYS A 190 -24.62 9.77 6.33
N ILE A 191 -23.94 8.61 6.23
CA ILE A 191 -23.93 7.60 7.31
C ILE A 191 -22.93 7.96 8.43
N ASN A 192 -21.98 8.88 8.13
CA ASN A 192 -20.96 9.35 9.11
C ASN A 192 -21.53 10.40 10.07
N GLN A 193 -22.61 11.10 9.66
CA GLN A 193 -23.28 12.10 10.51
C GLN A 193 -23.71 11.51 11.91
N PRO A 194 -24.44 10.33 11.99
CA PRO A 194 -24.69 9.68 13.31
C PRO A 194 -23.53 8.77 13.80
N LEU A 195 -22.65 8.35 12.87
CA LEU A 195 -21.55 7.38 13.16
C LEU A 195 -20.42 8.03 13.96
N ARG A 196 -20.03 9.24 13.52
CA ARG A 196 -18.83 9.96 14.00
C ARG A 196 -18.93 10.32 15.49
N ASP A 197 -20.15 10.31 16.04
CA ASP A 197 -20.40 10.45 17.49
C ASP A 197 -19.66 9.35 18.28
N ASP A 198 -19.94 8.08 17.90
CA ASP A 198 -19.36 6.89 18.52
C ASP A 198 -17.94 6.64 18.00
N ALA A 199 -17.69 6.98 16.73
CA ALA A 199 -16.37 6.80 16.09
C ALA A 199 -15.31 7.64 16.81
N ARG A 200 -15.61 8.95 16.98
CA ARG A 200 -14.75 9.89 17.72
C ARG A 200 -14.56 9.44 19.17
N ALA A 201 -15.67 9.01 19.81
CA ALA A 201 -15.67 8.59 21.23
C ALA A 201 -14.77 7.35 21.45
N TYR A 202 -14.77 6.42 20.46
CA TYR A 202 -13.95 5.21 20.53
C TYR A 202 -12.49 5.53 20.22
N TRP A 203 -12.25 6.23 19.10
CA TRP A 203 -10.88 6.58 18.66
C TRP A 203 -10.18 7.50 19.68
N LEU A 204 -10.96 8.23 20.49
CA LEU A 204 -10.43 9.11 21.58
C LEU A 204 -10.10 8.26 22.81
N ALA A 205 -11.00 7.34 23.18
CA ALA A 205 -10.81 6.45 24.36
C ALA A 205 -9.60 5.52 24.14
N LYS A 206 -9.48 5.04 22.89
CA LYS A 206 -8.35 4.23 22.43
C LYS A 206 -7.08 5.08 22.42
N ALA A 207 -7.21 6.34 21.96
CA ALA A 207 -6.09 7.32 21.88
C ALA A 207 -5.47 7.62 23.25
N SER A 208 -6.34 7.70 24.25
CA SER A 208 -5.95 7.97 25.65
C SER A 208 -5.18 6.78 26.25
N THR A 209 -5.43 5.58 25.70
CA THR A 209 -4.72 4.35 26.08
C THR A 209 -3.55 4.07 25.09
N LEU A 210 -3.56 4.76 23.93
CA LEU A 210 -2.60 4.52 22.84
C LEU A 210 -1.25 5.20 23.17
N PRO A 211 -0.09 4.51 22.92
CA PRO A 211 1.27 5.11 23.05
C PRO A 211 1.52 6.31 22.10
N PRO A 212 2.64 7.09 22.33
CA PRO A 212 3.18 8.06 21.33
C PRO A 212 3.56 7.39 19.98
N ALA A 213 3.88 8.23 18.97
CA ALA A 213 4.33 7.74 17.65
C ALA A 213 5.73 7.12 17.76
N PRO A 214 6.06 6.07 16.91
CA PRO A 214 7.41 5.46 16.90
C PRO A 214 8.50 6.49 16.61
N VAL A 215 9.48 6.61 17.51
CA VAL A 215 10.65 7.50 17.32
C VAL A 215 11.91 6.65 16.99
N LEU A 216 12.32 6.71 15.73
CA LEU A 216 13.59 6.11 15.27
C LEU A 216 14.57 7.26 14.98
N PRO A 217 15.87 7.15 15.40
CA PRO A 217 16.85 8.25 15.22
C PRO A 217 17.11 8.55 13.73
N LEU A 218 16.95 9.83 13.38
CA LEU A 218 17.16 10.30 12.00
C LEU A 218 18.66 10.35 11.70
N ALA A 219 19.05 9.78 10.54
CA ALA A 219 20.45 9.82 10.04
C ALA A 219 20.90 11.28 9.82
N CYS A 220 19.92 12.14 9.52
CA CYS A 220 20.09 13.60 9.38
C CYS A 220 18.69 14.25 9.39
N GLU A 221 18.58 15.51 9.87
CA GLU A 221 17.27 16.20 9.99
C GLU A 221 16.65 16.44 8.59
N PRO A 222 15.28 16.31 8.45
CA PRO A 222 14.58 16.34 7.13
C PRO A 222 14.66 17.71 6.40
N ALA A 223 15.08 18.74 7.15
CA ALA A 223 15.14 20.12 6.65
C ALA A 223 16.27 20.33 5.60
N THR A 224 17.40 19.61 5.77
CA THR A 224 18.56 19.71 4.85
C THR A 224 18.35 18.80 3.60
N LEU A 225 17.72 17.64 3.82
CA LEU A 225 17.57 16.61 2.79
C LEU A 225 16.43 16.97 1.82
N ARG A 226 16.75 17.06 0.52
CA ARG A 226 15.75 17.27 -0.54
C ARG A 226 15.30 15.90 -1.09
N GLU A 227 16.30 15.02 -1.31
CA GLU A 227 16.12 13.73 -1.99
C GLU A 227 16.80 12.60 -1.18
N VAL A 228 15.97 11.63 -0.71
CA VAL A 228 16.44 10.39 -0.08
C VAL A 228 16.27 9.22 -1.07
N ARG A 229 17.16 8.21 -0.95
CA ARG A 229 17.05 6.94 -1.71
C ARG A 229 16.56 5.83 -0.77
N ASN A 230 15.88 4.82 -1.34
CA ASN A 230 15.48 3.60 -0.61
C ASN A 230 16.20 2.36 -1.19
N THR A 231 17.03 1.72 -0.37
CA THR A 231 17.55 0.36 -0.64
C THR A 231 16.80 -0.62 0.27
N ARG A 232 16.29 -1.70 -0.32
CA ARG A 232 15.37 -2.65 0.34
C ARG A 232 15.93 -4.08 0.25
N ARG A 233 15.88 -4.81 1.38
CA ARG A 233 16.22 -6.23 1.42
C ARG A 233 14.95 -7.05 1.17
N ARG A 234 14.84 -7.62 -0.05
CA ARG A 234 13.75 -8.54 -0.40
C ARG A 234 14.30 -9.98 -0.35
N MET A 235 13.78 -10.77 0.58
CA MET A 235 14.25 -12.12 0.85
C MET A 235 13.12 -13.13 0.68
N ILE A 236 13.37 -14.17 -0.11
CA ILE A 236 12.53 -15.38 -0.12
C ILE A 236 12.82 -16.16 1.17
N VAL A 237 11.82 -16.26 2.06
CA VAL A 237 11.90 -17.12 3.23
C VAL A 237 11.19 -18.45 2.89
N PRO A 238 11.87 -19.63 3.15
CA PRO A 238 11.32 -20.98 2.87
C PRO A 238 9.86 -21.15 3.35
N ALA A 239 9.02 -21.74 2.48
CA ALA A 239 7.61 -22.00 2.80
C ALA A 239 7.46 -22.97 3.98
N THR A 240 8.51 -23.74 4.29
CA THR A 240 8.54 -24.65 5.45
C THR A 240 8.44 -23.85 6.77
N ARG A 241 9.24 -22.75 6.88
CA ARG A 241 9.22 -21.88 8.09
C ARG A 241 7.89 -21.12 8.20
N TRP A 242 7.40 -20.62 7.04
CA TRP A 242 6.14 -19.85 6.97
C TRP A 242 4.95 -20.74 7.34
N HIS A 243 4.90 -21.93 6.74
CA HIS A 243 3.79 -22.92 6.91
C HIS A 243 3.74 -23.44 8.35
N ALA A 244 4.93 -23.63 8.93
CA ALA A 244 5.09 -24.03 10.33
C ALA A 244 4.56 -22.92 11.27
N PHE A 245 5.02 -21.67 11.06
CA PHE A 245 4.56 -20.51 11.85
C PHE A 245 3.06 -20.25 11.64
N SER A 246 2.55 -20.62 10.44
CA SER A 246 1.16 -20.41 10.04
C SER A 246 0.22 -21.37 10.80
N ASN A 247 0.62 -22.65 10.95
CA ASN A 247 -0.21 -23.66 11.65
C ASN A 247 -0.10 -23.47 13.16
N ARG A 248 1.05 -22.95 13.63
CA ARG A 248 1.25 -22.57 15.06
C ARG A 248 0.27 -21.46 15.44
N ALA A 249 0.35 -20.32 14.72
CA ALA A 249 -0.53 -19.14 14.92
C ALA A 249 -2.01 -19.52 14.73
N GLY A 250 -2.25 -20.43 13.76
CA GLY A 250 -3.58 -20.97 13.50
C GLY A 250 -4.15 -21.70 14.72
N GLU A 251 -3.32 -22.52 15.40
CA GLU A 251 -3.73 -23.28 16.60
C GLU A 251 -3.89 -22.37 17.83
N TYR A 252 -3.27 -21.17 17.79
CA TYR A 252 -3.50 -20.13 18.83
C TYR A 252 -4.88 -19.45 18.66
N GLY A 253 -5.66 -19.88 17.64
CA GLY A 253 -7.00 -19.40 17.43
C GLY A 253 -7.06 -18.05 16.74
N VAL A 254 -5.89 -17.57 16.25
CA VAL A 254 -5.78 -16.27 15.60
C VAL A 254 -5.53 -16.46 14.10
N THR A 255 -5.78 -15.39 13.33
CA THR A 255 -5.44 -15.36 11.90
C THR A 255 -3.90 -15.27 11.75
N PRO A 256 -3.24 -16.29 11.08
CA PRO A 256 -1.77 -16.32 10.92
C PRO A 256 -1.24 -15.14 10.09
N THR A 257 -2.13 -14.62 9.24
CA THR A 257 -1.84 -13.54 8.29
C THR A 257 -1.71 -12.18 9.01
N MET A 258 -2.72 -11.85 9.83
CA MET A 258 -2.80 -10.57 10.56
C MET A 258 -1.89 -10.59 11.79
N ALA A 259 -1.70 -11.78 12.40
CA ALA A 259 -0.78 -11.97 13.54
C ALA A 259 0.67 -11.72 13.10
N LEU A 260 1.04 -12.28 11.92
CA LEU A 260 2.37 -12.09 11.29
C LEU A 260 2.57 -10.61 10.92
N ALA A 261 1.51 -10.01 10.34
CA ALA A 261 1.52 -8.61 9.87
C ALA A 261 1.84 -7.64 11.02
N THR A 262 1.06 -7.74 12.11
CA THR A 262 1.17 -6.83 13.25
C THR A 262 2.41 -7.16 14.11
N CYS A 263 2.90 -8.43 14.08
CA CYS A 263 4.06 -8.86 14.91
C CYS A 263 5.37 -8.25 14.41
N PHE A 264 5.63 -8.40 13.11
CA PHE A 264 6.87 -7.89 12.48
C PHE A 264 6.95 -6.37 12.60
N SER A 265 5.85 -5.71 12.22
CA SER A 265 5.75 -4.23 12.24
C SER A 265 5.88 -3.70 13.68
N ALA A 266 5.32 -4.46 14.66
CA ALA A 266 5.42 -4.13 16.11
C ALA A 266 6.87 -4.10 16.55
N VAL A 267 7.56 -5.26 16.45
CA VAL A 267 8.95 -5.45 16.93
C VAL A 267 9.93 -4.48 16.22
N LEU A 268 9.63 -4.17 14.94
CA LEU A 268 10.45 -3.29 14.10
C LEU A 268 10.43 -1.84 14.64
N ALA A 269 9.22 -1.33 14.87
CA ALA A 269 9.00 0.05 15.37
C ALA A 269 9.33 0.15 16.89
N ARG A 270 9.13 -0.99 17.59
CA ARG A 270 9.34 -1.15 19.06
C ARG A 270 10.82 -0.96 19.42
N TRP A 271 11.70 -1.19 18.43
CA TRP A 271 13.15 -0.93 18.55
C TRP A 271 13.46 0.49 19.07
N GLY A 272 12.60 1.47 18.72
CA GLY A 272 12.75 2.87 19.15
C GLY A 272 12.60 3.11 20.66
N GLY A 273 12.35 2.02 21.44
CA GLY A 273 12.23 2.06 22.89
C GLY A 273 10.79 1.96 23.37
N LEU A 274 9.86 2.00 22.41
CA LEU A 274 8.41 1.96 22.65
C LEU A 274 7.93 0.50 22.74
N THR A 275 7.83 -0.04 23.97
CA THR A 275 7.32 -1.41 24.26
C THR A 275 6.00 -1.72 23.51
N ARG A 276 5.12 -0.71 23.43
CA ARG A 276 3.83 -0.80 22.73
C ARG A 276 3.73 0.33 21.67
N LEU A 277 3.00 0.07 20.56
CA LEU A 277 2.90 1.01 19.39
C LEU A 277 1.69 0.71 18.51
N LEU A 278 1.20 1.76 17.83
CA LEU A 278 0.23 1.65 16.73
C LEU A 278 0.98 1.28 15.44
N LEU A 279 0.44 0.31 14.67
CA LEU A 279 1.04 -0.15 13.40
C LEU A 279 0.00 -0.03 12.27
N ASN A 280 0.47 0.23 11.04
CA ASN A 280 -0.39 0.31 9.85
C ASN A 280 -0.51 -1.07 9.19
N ILE A 281 -1.65 -1.77 9.44
CA ILE A 281 -1.94 -3.08 8.81
C ILE A 281 -2.86 -2.82 7.60
N THR A 282 -2.45 -3.32 6.42
CA THR A 282 -3.27 -3.24 5.20
C THR A 282 -4.33 -4.36 5.20
N LEU A 283 -5.59 -3.97 5.38
CA LEU A 283 -6.74 -4.89 5.33
C LEU A 283 -7.86 -4.27 4.46
N PHE A 284 -8.48 -5.11 3.62
CA PHE A 284 -9.62 -4.71 2.76
C PHE A 284 -10.86 -5.53 3.15
N ASP A 285 -11.85 -4.86 3.75
CA ASP A 285 -13.11 -5.47 4.19
C ASP A 285 -14.23 -4.52 3.76
N ARG A 286 -14.94 -4.89 2.68
CA ARG A 286 -16.02 -4.04 2.12
C ARG A 286 -17.22 -3.95 3.07
N GLN A 287 -17.72 -2.71 3.25
CA GLN A 287 -18.97 -2.44 3.94
C GLN A 287 -20.09 -2.47 2.88
N PRO A 288 -20.94 -3.54 2.83
CA PRO A 288 -22.03 -3.64 1.84
C PRO A 288 -23.26 -2.80 2.24
N LEU A 289 -23.10 -1.46 2.15
CA LEU A 289 -24.21 -0.51 2.38
C LEU A 289 -25.08 -0.45 1.10
N HIS A 290 -24.43 -0.33 -0.07
CA HIS A 290 -25.07 -0.48 -1.39
C HIS A 290 -24.57 -1.79 -2.06
N PRO A 291 -25.46 -2.54 -2.78
CA PRO A 291 -25.06 -3.77 -3.55
C PRO A 291 -24.02 -3.50 -4.68
N ALA A 292 -23.88 -2.24 -5.11
CA ALA A 292 -22.88 -1.82 -6.14
C ALA A 292 -21.44 -1.96 -5.64
N VAL A 293 -21.25 -1.96 -4.31
CA VAL A 293 -19.92 -2.12 -3.65
C VAL A 293 -19.30 -3.51 -3.93
N GLY A 294 -20.17 -4.50 -4.23
CA GLY A 294 -19.74 -5.87 -4.57
C GLY A 294 -18.90 -5.97 -5.85
N ALA A 295 -19.13 -5.03 -6.80
CA ALA A 295 -18.41 -4.99 -8.10
C ALA A 295 -17.47 -3.77 -8.18
N MET A 296 -17.90 -2.64 -7.59
CA MET A 296 -17.15 -1.38 -7.60
C MET A 296 -16.36 -1.28 -6.29
N LEU A 297 -15.02 -1.21 -6.38
CA LEU A 297 -14.14 -1.19 -5.19
C LEU A 297 -14.30 0.16 -4.43
N ALA A 298 -15.16 0.15 -3.40
CA ALA A 298 -15.36 1.30 -2.49
C ALA A 298 -14.13 1.49 -1.57
N ASP A 299 -13.42 0.37 -1.35
CA ASP A 299 -12.20 0.29 -0.54
C ASP A 299 -11.27 -0.77 -1.13
N PHE A 300 -9.97 -0.72 -0.76
CA PHE A 300 -8.96 -1.71 -1.15
C PHE A 300 -7.68 -1.49 -0.31
N THR A 301 -6.97 -0.38 -0.61
CA THR A 301 -5.80 0.04 0.18
C THR A 301 -6.28 0.85 1.40
N ASN A 302 -6.42 0.16 2.54
CA ASN A 302 -6.88 0.78 3.81
C ASN A 302 -5.99 0.30 4.97
N ILE A 303 -5.28 1.24 5.60
CA ILE A 303 -4.50 0.96 6.82
C ILE A 303 -5.35 1.24 8.06
N LEU A 304 -5.10 0.48 9.13
CA LEU A 304 -5.79 0.62 10.42
C LEU A 304 -4.72 0.59 11.52
N LEU A 305 -4.89 1.45 12.54
CA LEU A 305 -3.94 1.56 13.66
C LEU A 305 -4.20 0.43 14.68
N LEU A 306 -3.46 -0.68 14.54
CA LEU A 306 -3.49 -1.80 15.51
C LEU A 306 -2.37 -1.59 16.52
N ASP A 307 -2.72 -1.35 17.79
CA ASP A 307 -1.74 -1.24 18.87
C ASP A 307 -1.35 -2.64 19.37
N THR A 308 -0.04 -2.91 19.41
CA THR A 308 0.51 -4.04 20.18
C THR A 308 0.54 -3.62 21.68
N ALA A 309 0.41 -4.59 22.62
CA ALA A 309 0.40 -4.30 24.07
C ALA A 309 1.82 -4.22 24.61
N CYS A 310 2.63 -5.24 24.27
CA CYS A 310 4.07 -5.29 24.58
C CYS A 310 4.67 -6.61 24.08
N ASP A 311 5.98 -6.76 24.30
CA ASP A 311 6.70 -8.05 24.20
C ASP A 311 7.59 -8.21 25.44
N GLY A 312 7.83 -9.46 25.84
CA GLY A 312 8.48 -9.81 27.10
C GLY A 312 7.65 -10.89 27.81
N ASP A 313 6.99 -11.74 27.00
CA ASP A 313 5.99 -12.71 27.48
C ASP A 313 5.94 -13.92 26.52
N THR A 314 5.14 -14.93 26.87
CA THR A 314 4.86 -16.09 26.01
C THR A 314 4.03 -15.68 24.77
N VAL A 315 4.31 -16.30 23.61
CA VAL A 315 3.58 -16.04 22.34
C VAL A 315 2.06 -16.39 22.46
N SER A 316 1.75 -17.26 23.45
CA SER A 316 0.37 -17.68 23.76
C SER A 316 -0.53 -16.49 24.15
N ASN A 317 0.00 -15.60 25.01
CA ASN A 317 -0.75 -14.39 25.48
C ASN A 317 -0.66 -13.27 24.44
N LEU A 318 0.49 -13.19 23.72
CA LEU A 318 0.69 -12.21 22.63
C LEU A 318 -0.35 -12.43 21.52
N ALA A 319 -0.72 -13.71 21.31
CA ALA A 319 -1.76 -14.12 20.34
C ALA A 319 -3.17 -13.65 20.79
N ARG A 320 -3.49 -13.82 22.09
CA ARG A 320 -4.78 -13.38 22.68
C ARG A 320 -4.99 -11.87 22.50
N LYS A 321 -3.88 -11.12 22.62
CA LYS A 321 -3.85 -9.68 22.38
C LYS A 321 -4.19 -9.35 20.90
N ASN A 322 -3.45 -10.00 19.97
CA ASN A 322 -3.58 -9.75 18.52
C ASN A 322 -5.00 -10.05 18.01
N GLN A 323 -5.62 -11.07 18.62
CA GLN A 323 -6.99 -11.50 18.28
C GLN A 323 -8.02 -10.43 18.69
N LEU A 324 -7.98 -10.05 19.98
CA LEU A 324 -8.95 -9.13 20.60
C LEU A 324 -8.92 -7.76 19.89
N THR A 325 -7.70 -7.25 19.68
CA THR A 325 -7.46 -5.89 19.17
C THR A 325 -7.84 -5.78 17.68
N PHE A 326 -7.42 -6.77 16.87
CA PHE A 326 -7.73 -6.80 15.42
C PHE A 326 -9.24 -6.71 15.18
N THR A 327 -10.00 -7.63 15.80
CA THR A 327 -11.45 -7.78 15.57
C THR A 327 -12.26 -6.60 16.15
N GLU A 328 -11.75 -5.98 17.24
CA GLU A 328 -12.38 -4.82 17.87
C GLU A 328 -12.38 -3.62 16.92
N ASP A 329 -11.18 -3.28 16.44
CA ASP A 329 -10.95 -2.15 15.52
C ASP A 329 -11.48 -2.46 14.11
N TRP A 330 -11.56 -3.77 13.77
CA TRP A 330 -12.17 -4.25 12.52
C TRP A 330 -13.66 -3.86 12.47
N GLU A 331 -14.33 -3.86 13.64
CA GLU A 331 -15.72 -3.40 13.75
C GLU A 331 -15.80 -1.86 13.62
N HIS A 332 -14.73 -1.16 14.03
CA HIS A 332 -14.66 0.32 13.93
C HIS A 332 -14.02 0.78 12.61
N ARG A 333 -13.85 -0.16 11.67
CA ARG A 333 -13.36 0.11 10.29
C ARG A 333 -14.31 1.07 9.52
N HIS A 334 -15.58 1.19 9.98
CA HIS A 334 -16.60 2.12 9.40
C HIS A 334 -16.05 3.55 9.25
N TRP A 335 -15.09 3.92 10.12
CA TRP A 335 -14.35 5.17 10.05
C TRP A 335 -12.90 4.86 10.41
N SER A 336 -11.99 5.00 9.43
CA SER A 336 -10.59 4.49 9.51
C SER A 336 -9.73 5.14 10.62
N GLY A 337 -8.60 4.46 10.95
CA GLY A 337 -7.64 4.95 11.94
C GLY A 337 -7.08 6.35 11.65
N VAL A 338 -7.20 6.81 10.39
CA VAL A 338 -6.73 8.16 9.96
C VAL A 338 -7.36 9.29 10.81
N GLU A 339 -8.61 9.08 11.28
CA GLU A 339 -9.31 10.05 12.16
C GLU A 339 -8.60 10.16 13.53
N LEU A 340 -8.29 8.99 14.13
CA LEU A 340 -7.51 8.91 15.39
C LEU A 340 -6.16 9.62 15.21
N LEU A 341 -5.46 9.29 14.11
CA LEU A 341 -4.12 9.83 13.80
C LEU A 341 -4.16 11.37 13.73
N ARG A 342 -5.24 11.88 13.13
CA ARG A 342 -5.50 13.33 12.99
C ARG A 342 -5.73 13.99 14.37
N GLU A 343 -6.42 13.26 15.28
CA GLU A 343 -6.68 13.73 16.67
C GLU A 343 -5.34 13.95 17.39
N LEU A 344 -4.40 12.99 17.19
CA LEU A 344 -3.11 12.97 17.89
C LEU A 344 -2.06 13.88 17.21
N LYS A 345 -2.33 14.25 15.95
CA LYS A 345 -1.58 15.33 15.25
C LYS A 345 -2.03 16.70 15.78
N ARG A 346 -3.32 16.79 16.15
CA ARG A 346 -3.93 17.97 16.78
C ARG A 346 -3.53 18.02 18.28
N GLN A 347 -3.35 16.84 18.88
CA GLN A 347 -2.98 16.67 20.29
C GLN A 347 -1.48 16.97 20.49
N GLN A 348 -0.73 16.98 19.36
CA GLN A 348 0.72 17.32 19.29
C GLN A 348 1.60 16.23 19.97
N ARG A 349 0.95 15.15 20.47
CA ARG A 349 1.65 14.09 21.22
C ARG A 349 2.29 13.07 20.23
N TYR A 350 2.20 13.39 18.92
CA TYR A 350 2.79 12.60 17.84
C TYR A 350 3.85 13.45 17.12
N PRO A 351 5.19 13.16 17.35
CA PRO A 351 6.32 13.98 16.82
C PRO A 351 6.37 14.04 15.28
N HIS A 352 5.79 13.02 14.63
CA HIS A 352 5.70 12.94 13.15
C HIS A 352 4.32 12.41 12.73
N GLY A 353 3.79 11.41 13.48
CA GLY A 353 2.50 10.78 13.16
C GLY A 353 2.57 9.86 11.96
N ALA A 354 3.78 9.40 11.62
CA ALA A 354 4.02 8.45 10.53
C ALA A 354 4.68 7.17 11.09
N PRO A 355 3.92 6.03 11.24
CA PRO A 355 4.48 4.74 11.68
C PRO A 355 5.05 3.91 10.50
N VAL A 356 5.35 2.63 10.78
CA VAL A 356 5.79 1.66 9.76
C VAL A 356 4.55 1.01 9.11
N VAL A 357 4.61 0.82 7.77
CA VAL A 357 3.48 0.26 7.00
C VAL A 357 3.83 -1.16 6.54
N PHE A 358 3.01 -2.13 6.98
CA PHE A 358 3.14 -3.53 6.60
C PHE A 358 2.01 -3.87 5.61
N THR A 359 2.40 -4.10 4.35
CA THR A 359 1.51 -4.56 3.28
C THR A 359 1.54 -6.10 3.25
N SER A 360 0.35 -6.71 3.31
CA SER A 360 0.16 -8.16 3.37
C SER A 360 -0.77 -8.59 2.23
N ASN A 361 -0.21 -9.20 1.18
CA ASN A 361 -0.98 -9.77 0.07
C ASN A 361 -0.67 -11.28 -0.01
N LEU A 362 -1.61 -12.08 0.49
CA LEU A 362 -1.44 -13.54 0.65
C LEU A 362 -1.95 -14.26 -0.59
N GLY A 363 -1.12 -15.16 -1.13
CA GLY A 363 -1.43 -15.88 -2.37
C GLY A 363 -1.29 -15.01 -3.61
N ARG A 364 -0.76 -13.78 -3.43
CA ARG A 364 -0.55 -12.82 -4.54
C ARG A 364 0.81 -13.11 -5.20
N SER A 365 0.78 -13.46 -6.48
CA SER A 365 1.98 -13.82 -7.25
C SER A 365 2.60 -12.61 -7.98
N LEU A 366 3.94 -12.64 -8.14
CA LEU A 366 4.69 -11.71 -8.99
C LEU A 366 5.05 -12.42 -10.30
N TYR A 367 5.92 -13.43 -10.19
CA TYR A 367 6.49 -14.18 -11.34
C TYR A 367 6.01 -15.64 -11.36
N SER A 368 4.86 -15.92 -10.73
CA SER A 368 4.26 -17.26 -10.72
C SER A 368 3.14 -17.35 -11.78
N SER A 369 2.85 -18.58 -12.26
CA SER A 369 1.77 -18.84 -13.23
C SER A 369 0.37 -18.89 -12.54
N ARG A 370 0.29 -18.41 -11.28
CA ARG A 370 -0.96 -18.29 -10.50
C ARG A 370 -1.82 -17.12 -11.08
N ALA A 371 -3.13 -17.16 -10.80
CA ALA A 371 -4.19 -16.30 -11.42
C ALA A 371 -3.94 -14.77 -11.37
N GLU A 372 -3.03 -14.31 -10.49
CA GLU A 372 -2.79 -12.86 -10.24
C GLU A 372 -1.99 -12.20 -11.37
N SER A 373 -1.28 -13.01 -12.17
CA SER A 373 -0.62 -12.55 -13.40
C SER A 373 -1.51 -12.95 -14.60
N PRO A 374 -2.36 -12.02 -15.14
CA PRO A 374 -3.34 -12.34 -16.21
C PRO A 374 -2.71 -12.25 -17.62
N LEU A 375 -2.27 -11.04 -18.00
CA LEU A 375 -1.61 -10.78 -19.31
C LEU A 375 -0.09 -10.71 -19.13
N GLY A 376 0.34 -10.19 -17.96
CA GLY A 376 1.76 -9.94 -17.69
C GLY A 376 2.12 -10.16 -16.24
N GLU A 377 3.39 -10.55 -16.01
CA GLU A 377 3.98 -10.62 -14.66
C GLU A 377 4.70 -9.29 -14.35
N PRO A 378 4.37 -8.60 -13.21
CA PRO A 378 4.99 -7.29 -12.88
C PRO A 378 6.45 -7.42 -12.38
N GLU A 379 7.30 -6.46 -12.78
CA GLU A 379 8.60 -6.26 -12.14
C GLU A 379 8.39 -5.39 -10.90
N TRP A 380 8.77 -5.94 -9.73
CA TRP A 380 8.59 -5.31 -8.41
C TRP A 380 9.25 -3.90 -8.35
N GLY A 381 8.60 -2.97 -7.61
CA GLY A 381 9.08 -1.58 -7.51
C GLY A 381 8.91 -1.04 -6.10
N ILE A 382 9.54 0.14 -5.83
CA ILE A 382 9.51 0.77 -4.48
C ILE A 382 9.15 2.26 -4.57
N SER A 383 9.04 2.90 -3.38
CA SER A 383 8.63 4.33 -3.21
C SER A 383 7.20 4.57 -3.73
N GLN A 384 6.43 3.46 -3.85
CA GLN A 384 5.04 3.46 -4.35
C GLN A 384 4.08 3.78 -3.19
N THR A 385 4.48 3.38 -1.97
CA THR A 385 3.76 3.69 -0.73
C THR A 385 4.14 5.12 -0.25
N PRO A 386 3.18 6.12 -0.33
CA PRO A 386 3.45 7.52 0.05
C PRO A 386 3.52 7.72 1.58
N GLN A 387 4.50 8.54 2.02
CA GLN A 387 4.72 8.94 3.43
C GLN A 387 4.87 7.72 4.35
N VAL A 388 5.97 6.97 4.14
CA VAL A 388 6.31 5.79 4.95
C VAL A 388 7.76 5.92 5.47
N TRP A 389 7.99 5.34 6.66
CA TRP A 389 9.32 5.25 7.28
C TRP A 389 10.01 3.98 6.76
N ILE A 390 9.45 2.83 7.17
CA ILE A 390 9.85 1.50 6.67
C ILE A 390 8.68 0.94 5.87
N ASP A 391 8.94 0.65 4.58
CA ASP A 391 8.01 -0.09 3.72
C ASP A 391 8.25 -1.58 3.90
N HIS A 392 7.17 -2.36 3.93
CA HIS A 392 7.24 -3.82 3.91
C HIS A 392 6.17 -4.39 2.97
N LEU A 393 6.58 -4.78 1.77
CA LEU A 393 5.70 -5.51 0.83
C LEU A 393 5.81 -7.02 1.11
N ALA A 394 4.70 -7.75 0.96
CA ALA A 394 4.67 -9.21 1.15
C ALA A 394 3.89 -9.87 0.00
N PHE A 395 4.58 -10.73 -0.78
CA PHE A 395 4.03 -11.47 -1.93
C PHE A 395 4.50 -12.93 -1.89
N GLU A 396 4.10 -13.76 -2.87
CA GLU A 396 4.47 -15.18 -2.91
C GLU A 396 5.01 -15.56 -4.30
N HIS A 397 5.81 -16.63 -4.31
CA HIS A 397 6.29 -17.30 -5.53
C HIS A 397 6.68 -18.73 -5.14
N HIS A 398 6.06 -19.73 -5.83
CA HIS A 398 6.29 -21.18 -5.59
C HIS A 398 5.81 -21.60 -4.16
N GLY A 399 4.82 -20.86 -3.63
CA GLY A 399 4.28 -21.11 -2.28
C GLY A 399 5.07 -20.43 -1.17
N GLU A 400 6.27 -19.96 -1.51
CA GLU A 400 7.22 -19.36 -0.56
C GLU A 400 7.06 -17.84 -0.60
N VAL A 401 7.03 -17.20 0.59
CA VAL A 401 6.63 -15.79 0.71
C VAL A 401 7.88 -14.87 0.65
N TRP A 402 7.90 -14.01 -0.38
CA TRP A 402 8.97 -13.02 -0.59
C TRP A 402 8.66 -11.76 0.22
N LEU A 403 9.37 -11.61 1.36
CA LEU A 403 9.21 -10.48 2.28
C LEU A 403 10.24 -9.39 1.95
N GLN A 404 9.75 -8.22 1.50
CA GLN A 404 10.57 -7.03 1.27
C GLN A 404 10.50 -6.11 2.50
N TRP A 405 11.65 -5.81 3.11
CA TRP A 405 11.76 -4.88 4.23
C TRP A 405 12.94 -3.94 4.03
N ASP A 406 12.81 -2.68 4.50
CA ASP A 406 13.93 -1.74 4.84
C ASP A 406 13.43 -0.27 4.80
N SER A 407 14.30 0.69 5.12
CA SER A 407 14.01 2.12 5.16
C SER A 407 14.84 2.88 4.11
N ASN A 408 14.58 4.19 3.99
CA ASN A 408 15.41 5.09 3.17
C ASN A 408 16.79 5.27 3.84
N ASP A 409 17.88 4.98 3.10
CA ASP A 409 19.28 4.98 3.64
C ASP A 409 19.69 6.36 4.15
N ALA A 410 19.29 7.40 3.40
CA ALA A 410 19.64 8.81 3.72
C ALA A 410 18.89 9.31 4.99
N LEU A 411 17.75 8.66 5.30
CA LEU A 411 16.80 9.13 6.33
C LEU A 411 16.99 8.34 7.66
N PHE A 412 17.16 7.01 7.54
CA PHE A 412 17.27 6.08 8.69
C PHE A 412 18.48 5.15 8.47
N PRO A 413 19.19 4.72 9.57
CA PRO A 413 20.22 3.67 9.48
C PRO A 413 19.59 2.25 9.34
N PRO A 414 19.79 1.55 8.16
CA PRO A 414 19.20 0.20 7.90
C PRO A 414 19.79 -0.90 8.79
N ALA A 415 20.91 -0.59 9.48
CA ALA A 415 21.58 -1.50 10.42
C ALA A 415 20.62 -1.97 11.52
N LEU A 416 19.76 -1.03 12.04
CA LEU A 416 18.82 -1.33 13.13
C LEU A 416 17.72 -2.31 12.66
N VAL A 417 17.36 -2.23 11.37
CA VAL A 417 16.36 -3.13 10.74
C VAL A 417 16.93 -4.56 10.72
N GLU A 418 18.16 -4.68 10.21
CA GLU A 418 18.89 -5.96 10.07
C GLU A 418 19.12 -6.65 11.43
N THR A 419 19.29 -5.82 12.50
CA THR A 419 19.42 -6.27 13.90
C THR A 419 18.17 -7.08 14.35
N LEU A 420 17.01 -6.55 13.96
CA LEU A 420 15.69 -7.12 14.30
C LEU A 420 15.39 -8.36 13.44
N PHE A 421 16.05 -8.46 12.27
CA PHE A 421 15.91 -9.61 11.35
C PHE A 421 16.88 -10.76 11.67
N ASP A 422 17.94 -10.48 12.48
CA ASP A 422 18.67 -11.56 13.21
C ASP A 422 17.68 -12.26 14.15
N ALA A 423 16.94 -11.43 14.90
CA ALA A 423 15.89 -11.88 15.82
C ALA A 423 14.84 -12.72 15.06
N TYR A 424 14.27 -12.13 13.98
CA TYR A 424 13.24 -12.75 13.11
C TYR A 424 13.63 -14.17 12.66
N CYS A 425 14.85 -14.28 12.10
CA CYS A 425 15.39 -15.52 11.51
C CYS A 425 15.36 -16.68 12.52
N GLN A 426 15.94 -16.41 13.69
CA GLN A 426 16.10 -17.41 14.75
C GLN A 426 14.75 -17.69 15.44
N LEU A 427 14.09 -16.63 15.99
CA LEU A 427 12.92 -16.79 16.90
C LEU A 427 11.75 -17.50 16.23
N ILE A 428 11.47 -17.20 14.94
CA ILE A 428 10.35 -17.83 14.20
C ILE A 428 10.67 -19.29 13.88
N ASN A 429 11.87 -19.54 13.35
CA ASN A 429 12.31 -20.91 12.99
C ASN A 429 12.33 -21.82 14.23
N GLN A 430 12.77 -21.25 15.34
CA GLN A 430 12.98 -21.97 16.62
C GLN A 430 11.64 -22.18 17.36
N LEU A 431 10.68 -21.24 17.16
CA LEU A 431 9.32 -21.30 17.74
C LEU A 431 8.51 -22.40 17.04
N CYS A 432 8.58 -22.40 15.72
CA CYS A 432 7.80 -23.30 14.89
C CYS A 432 8.42 -24.72 14.83
N ASP A 433 9.67 -24.84 15.31
CA ASP A 433 10.40 -26.13 15.37
C ASP A 433 10.35 -26.71 16.79
N ASP A 434 10.34 -25.83 17.83
CA ASP A 434 10.38 -26.27 19.24
C ASP A 434 9.19 -25.66 20.00
N GLU A 435 8.42 -26.53 20.69
CA GLU A 435 7.31 -26.12 21.58
C GLU A 435 7.85 -25.35 22.82
N SER A 436 9.13 -25.58 23.15
CA SER A 436 9.82 -24.94 24.29
C SER A 436 9.96 -23.41 24.10
N ALA A 437 10.05 -22.97 22.83
CA ALA A 437 10.24 -21.54 22.45
C ALA A 437 8.94 -20.73 22.56
N TRP A 438 7.80 -21.44 22.67
CA TRP A 438 6.47 -20.81 22.86
C TRP A 438 6.40 -20.04 24.21
N GLN A 439 7.23 -20.48 25.16
CA GLN A 439 7.35 -19.88 26.50
C GLN A 439 8.38 -18.73 26.53
N LYS A 440 9.34 -18.79 25.57
CA LYS A 440 10.41 -17.79 25.43
C LYS A 440 9.85 -16.44 24.89
N PRO A 441 10.21 -15.29 25.55
CA PRO A 441 9.94 -13.93 24.99
C PRO A 441 10.87 -13.61 23.80
N PHE A 442 10.38 -12.79 22.85
CA PHE A 442 11.18 -12.39 21.66
C PHE A 442 12.23 -11.33 22.04
N ALA A 443 11.99 -10.66 23.19
CA ALA A 443 12.91 -9.70 23.80
C ALA A 443 14.27 -10.35 24.14
N ASP A 444 14.23 -11.66 24.44
CA ASP A 444 15.44 -12.48 24.73
C ASP A 444 16.44 -12.43 23.55
N MET A 445 15.91 -12.29 22.32
CA MET A 445 16.71 -12.22 21.08
C MET A 445 17.49 -10.89 20.94
N LEU A 446 17.04 -9.84 21.65
CA LEU A 446 17.75 -8.55 21.73
C LEU A 446 18.92 -8.63 22.74
N GLU A 447 18.89 -9.65 23.63
CA GLU A 447 20.00 -9.96 24.55
C GLU A 447 20.87 -11.12 23.98
N HIS A 448 20.28 -11.91 23.07
CA HIS A 448 20.96 -13.05 22.42
C HIS A 448 21.93 -12.54 21.34
N HIS A 449 23.08 -13.21 21.19
CA HIS A 449 24.15 -12.80 20.27
C HIS A 449 23.74 -13.04 18.81
N HIS A 450 24.04 -12.07 17.94
CA HIS A 450 23.55 -12.01 16.54
C HIS A 450 24.37 -12.91 15.60
N HIS A 451 23.73 -13.28 14.47
CA HIS A 451 24.29 -14.25 13.50
C HIS A 451 24.68 -13.53 12.20
N HIS A 452 25.51 -14.18 11.36
CA HIS A 452 25.80 -13.67 9.98
C HIS A 452 24.48 -13.53 9.19
N HIS A 453 23.92 -12.31 9.17
CA HIS A 453 22.63 -11.99 8.53
C HIS A 453 22.85 -11.49 7.07
N MET A 1 -39.58 -4.23 7.95
CA MET A 1 -38.95 -2.92 7.74
C MET A 1 -37.84 -3.07 6.68
N PRO A 2 -38.05 -2.57 5.42
CA PRO A 2 -37.00 -2.58 4.36
C PRO A 2 -35.85 -1.58 4.65
N ASP A 3 -34.87 -1.50 3.74
CA ASP A 3 -33.72 -0.57 3.86
C ASP A 3 -34.12 0.88 3.52
N GLU A 4 -33.18 1.80 3.76
CA GLU A 4 -33.27 3.19 3.29
C GLU A 4 -32.44 3.34 2.00
N SER A 5 -32.99 4.07 1.01
CA SER A 5 -32.30 4.33 -0.26
C SER A 5 -31.40 5.58 -0.12
N SER A 6 -30.16 5.51 -0.64
CA SER A 6 -29.27 6.67 -0.67
C SER A 6 -29.68 7.62 -1.80
N TRP A 7 -29.54 8.92 -1.53
CA TRP A 7 -29.85 10.00 -2.48
C TRP A 7 -28.82 9.98 -3.64
N PRO A 8 -29.21 10.39 -4.89
CA PRO A 8 -28.27 10.40 -6.05
C PRO A 8 -27.13 11.42 -5.87
N ASN A 9 -26.03 11.28 -6.65
CA ASN A 9 -24.87 12.17 -6.53
C ASN A 9 -25.22 13.58 -7.02
N MET A 10 -25.28 14.53 -6.06
CA MET A 10 -25.58 15.95 -6.31
C MET A 10 -24.31 16.73 -6.63
N THR A 11 -23.15 16.10 -6.40
CA THR A 11 -21.82 16.71 -6.59
C THR A 11 -21.29 16.44 -8.01
N GLU A 12 -22.18 16.07 -8.96
CA GLU A 12 -21.79 15.82 -10.36
C GLU A 12 -21.34 17.13 -11.05
N SER A 13 -21.93 18.26 -10.65
CA SER A 13 -21.62 19.58 -11.26
C SER A 13 -20.54 20.32 -10.44
N THR A 14 -20.49 20.04 -9.14
CA THR A 14 -19.63 20.74 -8.19
C THR A 14 -18.37 19.90 -7.90
N PRO A 15 -17.18 20.55 -7.75
CA PRO A 15 -15.99 19.90 -7.16
C PRO A 15 -16.14 19.79 -5.62
N PHE A 16 -15.46 18.82 -5.00
CA PHE A 16 -15.52 18.62 -3.54
C PHE A 16 -14.13 18.16 -3.04
N PRO A 17 -13.63 18.70 -1.87
CA PRO A 17 -12.35 18.28 -1.27
C PRO A 17 -12.31 16.77 -0.91
N LEU A 18 -11.10 16.26 -0.78
CA LEU A 18 -10.82 14.82 -0.54
C LEU A 18 -10.96 14.46 0.96
N THR A 19 -10.72 13.18 1.30
CA THR A 19 -10.62 12.71 2.68
C THR A 19 -9.47 13.45 3.43
N PRO A 20 -9.66 13.80 4.75
CA PRO A 20 -8.61 14.46 5.58
C PRO A 20 -7.36 13.57 5.88
N VAL A 21 -7.21 12.41 5.17
CA VAL A 21 -6.00 11.57 5.25
C VAL A 21 -4.75 12.41 4.91
N GLN A 22 -3.72 12.25 5.75
CA GLN A 22 -2.43 12.97 5.64
C GLN A 22 -1.72 12.65 4.29
N HIS A 23 -1.97 11.44 3.75
CA HIS A 23 -1.49 10.97 2.42
C HIS A 23 -1.70 12.04 1.31
N ALA A 24 -2.97 12.45 1.11
CA ALA A 24 -3.37 13.35 0.01
C ALA A 24 -2.91 14.80 0.27
N TYR A 25 -3.20 15.30 1.49
CA TYR A 25 -2.98 16.73 1.82
C TYR A 25 -1.52 17.09 2.13
N LEU A 26 -0.65 16.11 2.41
CA LEU A 26 0.79 16.38 2.67
C LEU A 26 1.52 16.42 1.31
N THR A 27 1.51 15.29 0.55
CA THR A 27 2.22 15.19 -0.76
C THR A 27 1.65 16.19 -1.80
N GLY A 28 0.36 16.55 -1.64
CA GLY A 28 -0.33 17.49 -2.53
C GLY A 28 0.13 18.94 -2.40
N ARG A 29 0.69 19.31 -1.22
CA ARG A 29 1.08 20.70 -0.92
C ARG A 29 2.60 20.89 -0.92
N MET A 30 3.37 19.82 -0.63
CA MET A 30 4.85 19.82 -0.83
C MET A 30 5.28 18.64 -1.74
N PRO A 31 5.13 18.79 -3.11
CA PRO A 31 5.63 17.80 -4.08
C PRO A 31 7.17 17.95 -4.29
N GLY A 32 7.93 16.90 -3.93
CA GLY A 32 9.39 16.88 -4.06
C GLY A 32 10.14 16.81 -2.73
N GLN A 33 9.49 17.22 -1.62
CA GLN A 33 10.10 17.17 -0.27
C GLN A 33 10.18 15.69 0.19
N THR A 34 11.37 15.25 0.60
CA THR A 34 11.69 13.84 0.88
C THR A 34 10.78 13.22 1.97
N LEU A 35 10.84 13.76 3.19
CA LEU A 35 10.02 13.28 4.32
C LEU A 35 8.62 13.96 4.30
N GLY A 36 8.37 14.75 3.24
CA GLY A 36 7.02 15.21 2.89
C GLY A 36 6.33 14.25 1.92
N GLY A 37 6.99 13.10 1.67
CA GLY A 37 6.42 12.02 0.87
C GLY A 37 6.74 12.12 -0.62
N VAL A 38 7.44 13.20 -1.00
CA VAL A 38 7.79 13.56 -2.40
C VAL A 38 6.50 13.69 -3.25
N GLY A 39 6.00 12.56 -3.70
CA GLY A 39 4.74 12.46 -4.41
C GLY A 39 4.33 11.01 -4.39
N CYS A 40 3.06 10.74 -4.04
CA CYS A 40 2.54 9.37 -3.93
C CYS A 40 2.69 8.64 -5.29
N HIS A 41 3.82 7.90 -5.40
CA HIS A 41 4.33 7.32 -6.65
C HIS A 41 3.96 5.84 -6.75
N LEU A 42 3.44 5.45 -7.92
CA LEU A 42 3.14 4.05 -8.26
C LEU A 42 4.29 3.46 -9.09
N TYR A 43 4.60 2.18 -8.87
CA TYR A 43 5.57 1.44 -9.68
C TYR A 43 4.96 0.05 -9.97
N GLN A 44 4.55 -0.15 -11.23
CA GLN A 44 4.06 -1.45 -11.71
C GLN A 44 4.61 -1.66 -13.13
N GLU A 45 5.52 -2.63 -13.25
CA GLU A 45 6.01 -3.15 -14.53
C GLU A 45 5.74 -4.66 -14.53
N PHE A 46 4.95 -5.15 -15.49
CA PHE A 46 4.69 -6.60 -15.62
C PHE A 46 5.53 -7.14 -16.78
N GLU A 47 6.46 -8.06 -16.45
CA GLU A 47 7.49 -8.57 -17.38
C GLU A 47 7.09 -9.95 -17.92
N GLY A 48 6.93 -10.05 -19.25
CA GLY A 48 6.50 -11.26 -19.93
C GLY A 48 6.04 -10.94 -21.34
N HIS A 49 4.75 -11.17 -21.64
CA HIS A 49 4.13 -10.80 -22.92
C HIS A 49 2.87 -9.97 -22.62
N CYS A 50 2.88 -8.68 -22.99
CA CYS A 50 1.79 -7.77 -22.63
C CYS A 50 0.86 -7.56 -23.82
N LEU A 51 1.44 -7.07 -24.95
CA LEU A 51 0.72 -6.73 -26.21
C LEU A 51 1.63 -5.84 -27.10
N THR A 52 1.08 -5.37 -28.23
CA THR A 52 1.74 -4.34 -29.07
C THR A 52 1.17 -2.95 -28.75
N ALA A 53 1.92 -1.89 -29.15
CA ALA A 53 1.56 -0.47 -28.89
C ALA A 53 0.18 -0.12 -29.44
N SER A 54 -0.11 -0.63 -30.64
CA SER A 54 -1.36 -0.40 -31.37
C SER A 54 -2.58 -0.74 -30.49
N GLN A 55 -2.52 -1.90 -29.83
CA GLN A 55 -3.61 -2.38 -28.96
C GLN A 55 -3.61 -1.63 -27.60
N LEU A 56 -2.44 -1.21 -27.07
CA LEU A 56 -2.37 -0.52 -25.76
C LEU A 56 -2.99 0.88 -25.82
N GLU A 57 -2.77 1.57 -26.96
CA GLU A 57 -3.35 2.88 -27.24
C GLU A 57 -4.88 2.76 -27.36
N GLN A 58 -5.32 1.71 -28.07
CA GLN A 58 -6.75 1.38 -28.28
C GLN A 58 -7.44 1.01 -26.95
N ALA A 59 -6.72 0.25 -26.09
CA ALA A 59 -7.21 -0.25 -24.80
C ALA A 59 -7.42 0.89 -23.81
N ILE A 60 -6.38 1.74 -23.66
CA ILE A 60 -6.43 2.96 -22.81
C ILE A 60 -7.55 3.90 -23.29
N THR A 61 -7.70 4.03 -24.63
CA THR A 61 -8.76 4.86 -25.23
C THR A 61 -10.17 4.34 -24.84
N THR A 62 -10.34 3.00 -24.80
CA THR A 62 -11.62 2.37 -24.39
C THR A 62 -11.91 2.61 -22.89
N LEU A 63 -10.85 2.55 -22.05
CA LEU A 63 -10.95 2.80 -20.59
C LEU A 63 -11.09 4.32 -20.28
N LEU A 64 -10.68 5.17 -21.24
CA LEU A 64 -10.82 6.66 -21.13
C LEU A 64 -12.19 7.13 -21.70
N GLN A 65 -12.77 6.34 -22.61
CA GLN A 65 -14.19 6.50 -23.03
C GLN A 65 -15.08 6.11 -21.84
N ARG A 66 -14.69 5.02 -21.17
CA ARG A 66 -15.24 4.60 -19.87
C ARG A 66 -14.72 5.56 -18.78
N HIS A 67 -15.39 5.60 -17.62
CA HIS A 67 -14.95 6.42 -16.49
C HIS A 67 -14.84 5.53 -15.25
N PRO A 68 -13.69 4.77 -15.07
CA PRO A 68 -13.45 3.93 -13.87
C PRO A 68 -13.41 4.79 -12.59
N MET A 69 -13.46 4.15 -11.40
CA MET A 69 -13.62 4.85 -10.08
C MET A 69 -12.54 5.96 -9.80
N LEU A 70 -11.46 5.98 -10.59
CA LEU A 70 -10.39 6.99 -10.50
C LEU A 70 -10.52 8.03 -11.64
N HIS A 71 -11.77 8.31 -12.08
CA HIS A 71 -12.07 9.29 -13.17
C HIS A 71 -12.10 10.75 -12.64
N ILE A 72 -11.29 11.03 -11.62
CA ILE A 72 -11.19 12.35 -10.97
C ILE A 72 -9.74 12.88 -11.07
N ALA A 73 -9.61 14.19 -11.34
CA ALA A 73 -8.31 14.91 -11.38
C ALA A 73 -8.21 15.84 -10.15
N PHE A 74 -7.01 15.89 -9.55
CA PHE A 74 -6.75 16.66 -8.32
C PHE A 74 -6.28 18.07 -8.69
N ARG A 75 -6.82 19.06 -7.97
CA ARG A 75 -6.38 20.45 -8.05
C ARG A 75 -5.51 20.73 -6.82
N PRO A 76 -4.40 21.54 -6.95
CA PRO A 76 -3.49 21.87 -5.81
C PRO A 76 -4.21 22.61 -4.65
N ASP A 77 -5.46 23.03 -4.89
CA ASP A 77 -6.34 23.69 -3.91
C ASP A 77 -6.82 22.71 -2.81
N GLY A 78 -6.53 21.41 -2.97
CA GLY A 78 -6.99 20.36 -2.05
C GLY A 78 -8.40 19.91 -2.37
N GLN A 79 -8.76 19.96 -3.66
CA GLN A 79 -10.14 19.70 -4.13
C GLN A 79 -10.07 19.00 -5.50
N GLN A 80 -10.94 18.01 -5.74
CA GLN A 80 -10.92 17.22 -6.99
C GLN A 80 -12.20 17.45 -7.84
N VAL A 81 -12.05 17.39 -9.17
CA VAL A 81 -13.17 17.50 -10.15
C VAL A 81 -13.18 16.19 -10.98
N TRP A 82 -14.36 15.73 -11.46
CA TRP A 82 -14.43 14.53 -12.33
C TRP A 82 -14.22 14.92 -13.80
N LEU A 83 -13.61 14.02 -14.58
CA LEU A 83 -13.44 14.17 -16.03
C LEU A 83 -14.37 13.18 -16.76
N PRO A 84 -15.41 13.70 -17.51
CA PRO A 84 -16.30 12.86 -18.35
C PRO A 84 -15.74 12.64 -19.78
N GLN A 85 -14.46 13.00 -20.00
CA GLN A 85 -13.85 13.04 -21.36
C GLN A 85 -12.49 12.32 -21.37
N PRO A 86 -12.18 11.50 -22.43
CA PRO A 86 -10.81 10.97 -22.70
C PRO A 86 -9.81 12.11 -22.97
N TYR A 87 -8.57 11.97 -22.47
CA TYR A 87 -7.54 13.01 -22.65
C TYR A 87 -6.70 12.74 -23.92
N TRP A 88 -5.92 11.63 -23.91
CA TRP A 88 -4.93 11.33 -24.96
C TRP A 88 -4.56 9.82 -24.90
N ASN A 89 -3.77 9.35 -25.90
CA ASN A 89 -3.27 7.95 -25.97
C ASN A 89 -2.51 7.59 -24.68
N GLY A 90 -1.55 8.47 -24.30
CA GLY A 90 -0.76 8.33 -23.07
C GLY A 90 0.40 7.34 -23.19
N VAL A 91 0.27 6.38 -24.12
CA VAL A 91 1.22 5.28 -24.33
C VAL A 91 2.47 5.80 -25.06
N THR A 92 3.55 6.03 -24.30
CA THR A 92 4.86 6.43 -24.83
C THR A 92 5.57 5.17 -25.37
N VAL A 93 5.63 5.04 -26.69
CA VAL A 93 6.12 3.83 -27.36
C VAL A 93 7.62 3.91 -27.61
N HIS A 94 8.37 2.96 -27.05
CA HIS A 94 9.82 2.79 -27.26
C HIS A 94 10.05 1.39 -27.86
N ASP A 95 10.31 1.34 -29.17
CA ASP A 95 10.51 0.08 -29.90
C ASP A 95 11.91 -0.47 -29.64
N LEU A 96 11.96 -1.62 -28.96
CA LEU A 96 13.20 -2.41 -28.77
C LEU A 96 13.06 -3.76 -29.51
N ARG A 97 12.03 -3.85 -30.39
CA ARG A 97 11.69 -5.09 -31.11
C ARG A 97 12.44 -5.11 -32.45
N HIS A 98 12.32 -4.01 -33.22
CA HIS A 98 12.98 -3.87 -34.54
C HIS A 98 14.27 -3.02 -34.42
N ASN A 99 14.24 -1.98 -33.56
CA ASN A 99 15.38 -1.03 -33.41
C ASN A 99 16.64 -1.72 -32.85
N ASP A 100 17.79 -1.07 -33.09
CA ASP A 100 19.12 -1.53 -32.65
C ASP A 100 19.24 -1.59 -31.11
N ALA A 101 20.17 -2.41 -30.60
CA ALA A 101 20.38 -2.66 -29.15
C ALA A 101 20.74 -1.37 -28.36
N GLU A 102 21.16 -0.31 -29.07
CA GLU A 102 21.42 1.02 -28.47
C GLU A 102 20.14 1.60 -27.83
N SER A 103 18.95 1.32 -28.45
CA SER A 103 17.63 1.76 -27.94
C SER A 103 17.30 1.09 -26.59
N ARG A 104 17.94 -0.06 -26.33
CA ARG A 104 17.81 -0.80 -25.06
C ARG A 104 18.56 -0.06 -23.94
N GLN A 105 19.79 0.39 -24.22
CA GLN A 105 20.58 1.20 -23.27
C GLN A 105 19.86 2.54 -23.01
N ALA A 106 19.24 3.07 -24.08
CA ALA A 106 18.41 4.29 -24.03
C ALA A 106 17.19 4.10 -23.13
N TYR A 107 16.58 2.89 -23.19
CA TYR A 107 15.39 2.53 -22.39
C TYR A 107 15.64 2.68 -20.87
N LEU A 108 16.73 2.08 -20.35
CA LEU A 108 17.05 2.08 -18.90
C LEU A 108 17.38 3.51 -18.40
N ASP A 109 18.09 4.28 -19.23
CA ASP A 109 18.51 5.65 -18.89
C ASP A 109 17.29 6.60 -18.94
N ALA A 110 16.37 6.30 -19.89
CA ALA A 110 15.12 7.06 -20.07
C ALA A 110 14.16 6.81 -18.90
N LEU A 111 14.12 5.55 -18.40
CA LEU A 111 13.32 5.18 -17.22
C LEU A 111 13.79 5.98 -16.00
N ARG A 112 15.12 6.03 -15.82
CA ARG A 112 15.75 6.70 -14.67
C ARG A 112 15.34 8.18 -14.65
N GLN A 113 15.58 8.87 -15.77
CA GLN A 113 15.20 10.30 -15.97
C GLN A 113 13.71 10.52 -15.71
N ARG A 114 12.91 9.59 -16.25
CA ARG A 114 11.44 9.64 -16.26
C ARG A 114 10.88 9.72 -14.83
N LEU A 115 11.22 8.72 -13.99
CA LEU A 115 10.60 8.57 -12.65
C LEU A 115 11.32 9.39 -11.56
N SER A 116 12.64 9.63 -11.71
CA SER A 116 13.45 10.29 -10.65
C SER A 116 13.08 11.78 -10.51
N HIS A 117 12.85 12.46 -11.64
CA HIS A 117 12.49 13.89 -11.65
C HIS A 117 11.14 14.12 -12.37
N ARG A 118 10.20 13.16 -12.20
CA ARG A 118 8.84 13.30 -12.77
C ARG A 118 8.07 14.38 -12.01
N LEU A 119 7.89 15.54 -12.63
CA LEU A 119 7.16 16.66 -12.03
C LEU A 119 5.66 16.46 -12.29
N LEU A 120 4.87 16.58 -11.22
CA LEU A 120 3.43 16.36 -11.25
C LEU A 120 2.74 17.53 -11.94
N ARG A 121 1.94 17.22 -12.98
CA ARG A 121 1.20 18.21 -13.80
C ARG A 121 -0.19 18.49 -13.15
N VAL A 122 -0.28 18.18 -11.83
CA VAL A 122 -1.45 18.43 -10.97
C VAL A 122 -1.88 19.92 -10.98
N GLU A 123 -0.92 20.82 -11.33
CA GLU A 123 -1.15 22.28 -11.46
C GLU A 123 -2.35 22.57 -12.38
N ILE A 124 -2.56 21.74 -13.42
CA ILE A 124 -3.72 21.85 -14.33
C ILE A 124 -4.54 20.54 -14.33
N GLY A 125 -4.01 19.48 -13.66
CA GLY A 125 -4.76 18.25 -13.41
C GLY A 125 -4.11 16.98 -13.99
N GLU A 126 -3.96 16.95 -15.32
CA GLU A 126 -3.58 15.75 -16.10
C GLU A 126 -2.14 15.24 -15.77
N THR A 127 -2.03 14.35 -14.76
CA THR A 127 -0.77 13.67 -14.43
C THR A 127 -0.93 12.15 -14.63
N PHE A 128 -0.06 11.56 -15.46
CA PHE A 128 -0.07 10.13 -15.78
C PHE A 128 1.25 9.78 -16.51
N ASP A 129 1.66 8.51 -16.41
CA ASP A 129 2.80 7.97 -17.15
C ASP A 129 2.45 6.56 -17.65
N PHE A 130 2.50 6.37 -18.97
CA PHE A 130 2.36 5.06 -19.62
C PHE A 130 3.55 4.87 -20.57
N GLN A 131 4.27 3.77 -20.38
CA GLN A 131 5.42 3.37 -21.20
C GLN A 131 5.15 1.96 -21.74
N LEU A 132 5.32 1.77 -23.05
CA LEU A 132 5.31 0.44 -23.67
C LEU A 132 6.65 0.21 -24.34
N THR A 133 7.37 -0.83 -23.88
CA THR A 133 8.64 -1.25 -24.47
C THR A 133 8.63 -2.76 -24.70
N LEU A 134 8.72 -3.20 -25.97
CA LEU A 134 8.68 -4.63 -26.36
C LEU A 134 9.99 -5.04 -27.05
N LEU A 135 10.44 -6.27 -26.71
CA LEU A 135 11.60 -6.94 -27.34
C LEU A 135 11.08 -7.95 -28.40
N PRO A 136 11.99 -8.58 -29.25
CA PRO A 136 11.62 -9.74 -30.10
C PRO A 136 10.82 -10.84 -29.35
N ASP A 137 10.00 -11.60 -30.13
CA ASP A 137 9.06 -12.66 -29.62
C ASP A 137 7.89 -12.03 -28.82
N ASN A 138 7.74 -10.68 -28.94
CA ASN A 138 6.76 -9.86 -28.18
C ASN A 138 6.92 -10.11 -26.67
N ARG A 139 8.19 -10.26 -26.25
CA ARG A 139 8.52 -10.66 -24.88
C ARG A 139 9.27 -9.51 -24.15
N HIS A 140 8.50 -8.50 -23.72
CA HIS A 140 8.98 -7.49 -22.75
C HIS A 140 7.79 -6.89 -21.96
N ARG A 141 8.04 -5.80 -21.23
CA ARG A 141 7.15 -5.28 -20.17
C ARG A 141 6.52 -3.94 -20.57
N LEU A 142 5.31 -3.67 -20.05
CA LEU A 142 4.79 -2.29 -19.98
C LEU A 142 5.07 -1.70 -18.59
N HIS A 143 5.40 -0.41 -18.55
CA HIS A 143 5.57 0.39 -17.32
C HIS A 143 4.36 1.32 -17.18
N VAL A 144 3.69 1.26 -16.03
CA VAL A 144 2.63 2.23 -15.68
C VAL A 144 2.98 2.91 -14.35
N ASN A 145 2.76 4.21 -14.31
CA ASN A 145 2.88 5.04 -13.12
C ASN A 145 1.67 5.98 -13.10
N ILE A 146 0.92 5.94 -12.00
CA ILE A 146 -0.31 6.74 -11.81
C ILE A 146 -0.09 7.66 -10.59
N ASP A 147 -0.81 8.79 -10.59
CA ASP A 147 -0.78 9.76 -9.50
C ASP A 147 -1.76 9.30 -8.40
N LEU A 148 -1.26 9.17 -7.15
CA LEU A 148 -2.11 8.77 -5.99
C LEU A 148 -2.41 9.99 -5.10
N LEU A 149 -2.35 11.19 -5.68
CA LEU A 149 -2.87 12.42 -5.03
C LEU A 149 -4.38 12.54 -5.34
N ILE A 150 -4.81 11.97 -6.49
CA ILE A 150 -6.22 11.92 -6.90
C ILE A 150 -7.00 10.81 -6.17
N MET A 151 -6.27 9.76 -5.71
CA MET A 151 -6.88 8.46 -5.32
C MET A 151 -5.85 7.59 -4.55
N ASP A 152 -6.19 6.32 -4.28
CA ASP A 152 -5.28 5.36 -3.63
C ASP A 152 -5.21 4.03 -4.43
N ALA A 153 -4.44 3.07 -3.90
CA ALA A 153 -4.14 1.77 -4.56
C ALA A 153 -5.40 0.94 -4.89
N SER A 154 -6.49 1.17 -4.14
CA SER A 154 -7.79 0.50 -4.36
C SER A 154 -8.28 0.73 -5.81
N SER A 155 -8.25 1.99 -6.26
CA SER A 155 -8.72 2.38 -7.60
C SER A 155 -7.84 1.78 -8.71
N PHE A 156 -6.53 1.67 -8.42
CA PHE A 156 -5.56 1.06 -9.35
C PHE A 156 -5.86 -0.45 -9.55
N THR A 157 -6.24 -1.17 -8.48
CA THR A 157 -6.48 -2.63 -8.58
C THR A 157 -7.70 -2.92 -9.47
N LEU A 158 -8.68 -1.99 -9.48
CA LEU A 158 -9.85 -2.05 -10.40
C LEU A 158 -9.42 -1.75 -11.86
N PHE A 159 -8.69 -0.63 -12.06
CA PHE A 159 -8.26 -0.17 -13.41
C PHE A 159 -7.32 -1.18 -14.09
N PHE A 160 -6.43 -1.74 -13.29
CA PHE A 160 -5.44 -2.71 -13.74
C PHE A 160 -6.13 -4.05 -14.03
N ASP A 161 -7.17 -4.39 -13.24
CA ASP A 161 -7.96 -5.62 -13.47
C ASP A 161 -8.70 -5.52 -14.82
N GLU A 162 -9.12 -4.29 -15.17
CA GLU A 162 -9.69 -3.96 -16.49
C GLU A 162 -8.64 -4.13 -17.59
N LEU A 163 -7.37 -3.78 -17.29
CA LEU A 163 -6.25 -3.99 -18.23
C LEU A 163 -6.08 -5.52 -18.50
N ASN A 164 -5.74 -6.32 -17.44
CA ASN A 164 -5.62 -7.80 -17.53
C ASN A 164 -6.81 -8.44 -18.29
N ALA A 165 -8.03 -7.97 -17.98
CA ALA A 165 -9.28 -8.49 -18.55
C ALA A 165 -9.31 -8.33 -20.07
N LEU A 166 -9.10 -7.10 -20.54
CA LEU A 166 -9.18 -6.75 -21.97
C LEU A 166 -7.94 -7.26 -22.74
N LEU A 167 -6.81 -7.53 -22.02
CA LEU A 167 -5.60 -8.11 -22.65
C LEU A 167 -5.82 -9.59 -22.98
N ALA A 168 -6.56 -10.28 -22.11
CA ALA A 168 -6.96 -11.68 -22.34
C ALA A 168 -8.22 -11.77 -23.23
N GLY A 169 -8.98 -10.65 -23.28
CA GLY A 169 -10.30 -10.62 -23.90
C GLY A 169 -11.39 -11.22 -22.99
N GLU A 170 -10.97 -11.58 -21.76
CA GLU A 170 -11.82 -12.24 -20.76
C GLU A 170 -12.50 -11.15 -19.91
N SER A 171 -13.77 -10.86 -20.24
CA SER A 171 -14.52 -9.74 -19.66
C SER A 171 -14.85 -9.96 -18.16
N LEU A 172 -14.83 -8.85 -17.39
CA LEU A 172 -15.15 -8.85 -15.94
C LEU A 172 -16.64 -8.45 -15.71
N PRO A 173 -17.24 -8.74 -14.50
CA PRO A 173 -18.62 -8.28 -14.15
C PRO A 173 -18.77 -6.75 -14.17
N ALA A 174 -19.99 -6.27 -14.49
CA ALA A 174 -20.28 -4.84 -14.59
C ALA A 174 -20.25 -4.18 -13.20
N ILE A 175 -19.28 -3.29 -13.00
CA ILE A 175 -19.05 -2.57 -11.74
C ILE A 175 -19.53 -1.12 -11.92
N ASP A 176 -20.13 -0.56 -10.86
CA ASP A 176 -20.57 0.85 -10.83
C ASP A 176 -19.35 1.76 -11.07
N THR A 177 -19.36 2.46 -12.21
CA THR A 177 -18.30 3.41 -12.60
C THR A 177 -18.79 4.87 -12.44
N ARG A 178 -20.06 5.03 -12.01
CA ARG A 178 -20.73 6.34 -11.87
C ARG A 178 -20.25 7.08 -10.60
N TYR A 179 -19.96 6.30 -9.56
CA TYR A 179 -19.41 6.81 -8.30
C TYR A 179 -17.86 6.82 -8.38
N ASP A 180 -17.30 7.98 -8.05
CA ASP A 180 -15.85 8.19 -7.91
C ASP A 180 -15.53 8.59 -6.46
N PHE A 181 -14.26 8.97 -6.19
CA PHE A 181 -13.79 9.35 -4.83
C PHE A 181 -14.56 10.58 -4.28
N ARG A 182 -14.76 11.61 -5.13
CA ARG A 182 -15.48 12.86 -4.78
C ARG A 182 -16.97 12.57 -4.45
N SER A 183 -17.59 11.72 -5.29
CA SER A 183 -18.99 11.26 -5.10
C SER A 183 -19.13 10.48 -3.78
N TYR A 184 -18.14 9.61 -3.51
CA TYR A 184 -18.09 8.79 -2.29
C TYR A 184 -17.98 9.69 -1.04
N LEU A 185 -17.15 10.75 -1.13
CA LEU A 185 -16.92 11.72 -0.03
C LEU A 185 -18.22 12.40 0.43
N LEU A 186 -19.08 12.75 -0.55
CA LEU A 186 -20.39 13.37 -0.31
C LEU A 186 -21.26 12.44 0.57
N HIS A 187 -21.45 11.20 0.10
CA HIS A 187 -22.31 10.20 0.77
C HIS A 187 -21.68 9.70 2.09
N GLN A 188 -20.34 9.72 2.16
CA GLN A 188 -19.56 9.22 3.32
C GLN A 188 -19.74 10.14 4.53
N GLN A 189 -19.73 11.46 4.25
CA GLN A 189 -19.90 12.50 5.28
C GLN A 189 -21.33 12.46 5.83
N LYS A 190 -22.32 12.32 4.92
CA LYS A 190 -23.76 12.30 5.27
C LYS A 190 -24.11 11.17 6.26
N ILE A 191 -23.64 9.95 5.95
CA ILE A 191 -23.90 8.76 6.79
C ILE A 191 -23.03 8.76 8.05
N ASN A 192 -21.92 9.55 8.04
CA ASN A 192 -21.05 9.71 9.21
C ASN A 192 -21.69 10.64 10.24
N GLN A 193 -22.49 11.64 9.78
CA GLN A 193 -23.04 12.72 10.65
C GLN A 193 -23.65 12.18 12.00
N PRO A 194 -24.62 11.18 11.99
CA PRO A 194 -25.17 10.61 13.26
C PRO A 194 -24.18 9.66 13.99
N LEU A 195 -23.29 9.02 13.23
CA LEU A 195 -22.33 8.02 13.74
C LEU A 195 -21.09 8.70 14.36
N ARG A 196 -20.80 9.94 13.94
CA ARG A 196 -19.49 10.61 14.11
C ARG A 196 -19.06 10.68 15.58
N ASP A 197 -19.99 11.10 16.45
CA ASP A 197 -19.74 11.30 17.88
C ASP A 197 -19.44 9.97 18.58
N ASP A 198 -20.28 8.94 18.29
CA ASP A 198 -20.14 7.60 18.88
C ASP A 198 -18.84 6.94 18.41
N ALA A 199 -18.54 7.10 17.13
CA ALA A 199 -17.34 6.56 16.50
C ALA A 199 -16.08 7.15 17.14
N ARG A 200 -16.08 8.49 17.32
CA ARG A 200 -14.99 9.24 17.97
C ARG A 200 -14.91 8.94 19.48
N ALA A 201 -16.02 8.48 20.07
CA ALA A 201 -16.03 8.05 21.47
C ALA A 201 -15.17 6.77 21.64
N TYR A 202 -15.26 5.86 20.64
CA TYR A 202 -14.47 4.62 20.61
C TYR A 202 -13.03 4.90 20.13
N TRP A 203 -12.90 5.80 19.15
CA TRP A 203 -11.60 6.14 18.52
C TRP A 203 -10.67 6.81 19.54
N LEU A 204 -11.14 7.90 20.16
CA LEU A 204 -10.35 8.73 21.10
C LEU A 204 -10.08 7.98 22.44
N ALA A 205 -11.02 7.11 22.87
CA ALA A 205 -10.84 6.27 24.07
C ALA A 205 -9.73 5.24 23.85
N LYS A 206 -9.77 4.56 22.69
CA LYS A 206 -8.76 3.57 22.30
C LYS A 206 -7.48 4.29 21.79
N ALA A 207 -7.59 5.59 21.44
CA ALA A 207 -6.44 6.40 20.99
C ALA A 207 -5.49 6.66 22.17
N SER A 208 -6.07 6.89 23.36
CA SER A 208 -5.31 7.01 24.62
C SER A 208 -4.81 5.63 25.10
N THR A 209 -5.43 4.54 24.60
CA THR A 209 -4.92 3.16 24.79
C THR A 209 -3.79 2.85 23.76
N LEU A 210 -3.77 3.59 22.63
CA LEU A 210 -2.69 3.55 21.63
C LEU A 210 -1.48 4.31 22.21
N PRO A 211 -0.25 3.72 22.16
CA PRO A 211 0.98 4.43 22.55
C PRO A 211 1.58 5.27 21.38
N PRO A 212 2.55 6.20 21.67
CA PRO A 212 3.30 6.94 20.61
C PRO A 212 4.01 6.00 19.61
N ALA A 213 4.07 6.42 18.33
CA ALA A 213 4.63 5.62 17.23
C ALA A 213 6.16 5.47 17.38
N PRO A 214 6.75 4.33 16.84
CA PRO A 214 8.21 4.04 16.92
C PRO A 214 9.09 5.19 16.41
N VAL A 215 10.05 5.62 17.26
CA VAL A 215 10.99 6.70 16.91
C VAL A 215 12.08 6.14 15.95
N LEU A 216 11.88 6.43 14.65
CA LEU A 216 12.75 5.92 13.57
C LEU A 216 13.91 6.90 13.34
N PRO A 217 15.17 6.38 13.12
CA PRO A 217 16.38 7.22 13.01
C PRO A 217 16.42 8.10 11.74
N LEU A 218 16.66 9.40 11.93
CA LEU A 218 16.88 10.36 10.84
C LEU A 218 18.38 10.57 10.65
N ALA A 219 18.89 10.27 9.45
CA ALA A 219 20.32 10.45 9.10
C ALA A 219 20.73 11.94 9.18
N CYS A 220 19.80 12.81 8.75
CA CYS A 220 19.95 14.27 8.82
C CYS A 220 18.58 14.90 9.16
N GLU A 221 18.55 16.24 9.26
CA GLU A 221 17.31 17.00 9.51
C GLU A 221 16.41 16.92 8.25
N PRO A 222 15.06 16.61 8.40
CA PRO A 222 14.09 16.36 7.26
C PRO A 222 14.27 17.25 5.99
N ALA A 223 14.39 18.58 6.20
CA ALA A 223 14.45 19.57 5.10
C ALA A 223 15.82 19.60 4.39
N THR A 224 16.87 19.12 5.07
CA THR A 224 18.24 19.02 4.52
C THR A 224 18.31 17.93 3.42
N LEU A 225 17.54 16.83 3.60
CA LEU A 225 17.48 15.73 2.61
C LEU A 225 16.85 16.24 1.29
N ARG A 226 17.67 16.39 0.24
CA ARG A 226 17.21 16.76 -1.12
C ARG A 226 16.95 15.45 -1.89
N GLU A 227 18.01 14.64 -2.06
CA GLU A 227 17.96 13.37 -2.80
C GLU A 227 18.25 12.20 -1.85
N VAL A 228 17.26 11.31 -1.69
CA VAL A 228 17.35 10.13 -0.82
C VAL A 228 17.68 8.88 -1.63
N ARG A 229 18.39 7.95 -0.98
CA ARG A 229 18.70 6.63 -1.52
C ARG A 229 17.60 5.68 -1.03
N ASN A 230 16.75 5.19 -1.96
CA ASN A 230 15.64 4.26 -1.65
C ASN A 230 15.92 2.92 -2.34
N THR A 231 15.84 1.83 -1.58
CA THR A 231 16.12 0.46 -2.08
C THR A 231 15.15 -0.55 -1.42
N ARG A 232 14.55 -1.47 -2.22
CA ARG A 232 13.69 -2.55 -1.68
C ARG A 232 14.50 -3.83 -1.45
N ARG A 233 14.55 -4.27 -0.18
CA ARG A 233 15.25 -5.49 0.24
C ARG A 233 14.33 -6.70 0.01
N ARG A 234 14.78 -7.61 -0.87
CA ARG A 234 14.02 -8.80 -1.27
C ARG A 234 14.61 -10.03 -0.58
N MET A 235 13.82 -10.63 0.32
CA MET A 235 14.23 -11.83 1.07
C MET A 235 13.30 -12.99 0.70
N ILE A 236 13.77 -13.90 -0.16
CA ILE A 236 13.05 -15.14 -0.49
C ILE A 236 13.53 -16.23 0.48
N VAL A 237 12.62 -16.66 1.36
CA VAL A 237 12.89 -17.59 2.46
C VAL A 237 11.83 -18.72 2.43
N PRO A 238 12.21 -20.02 2.73
CA PRO A 238 11.23 -21.13 2.80
C PRO A 238 10.02 -20.80 3.69
N ALA A 239 8.83 -20.74 3.06
CA ALA A 239 7.55 -20.45 3.75
C ALA A 239 7.13 -21.61 4.66
N THR A 240 7.81 -22.77 4.52
CA THR A 240 7.66 -23.97 5.38
C THR A 240 7.51 -23.62 6.89
N ARG A 241 8.39 -22.72 7.37
CA ARG A 241 8.40 -22.26 8.77
C ARG A 241 7.07 -21.57 9.10
N TRP A 242 6.68 -20.61 8.24
CA TRP A 242 5.43 -19.83 8.37
C TRP A 242 4.20 -20.71 8.08
N HIS A 243 4.37 -21.85 7.41
CA HIS A 243 3.27 -22.77 7.07
C HIS A 243 2.88 -23.58 8.31
N ALA A 244 3.90 -23.95 9.12
CA ALA A 244 3.72 -24.63 10.41
C ALA A 244 3.28 -23.64 11.50
N PHE A 245 3.75 -22.39 11.38
CA PHE A 245 3.52 -21.32 12.37
C PHE A 245 2.09 -20.73 12.21
N SER A 246 1.66 -20.54 10.95
CA SER A 246 0.31 -20.01 10.61
C SER A 246 -0.76 -21.08 10.89
N ASN A 247 -0.36 -22.35 10.70
CA ASN A 247 -1.17 -23.53 11.10
C ASN A 247 -1.44 -23.49 12.62
N ARG A 248 -0.36 -23.22 13.38
CA ARG A 248 -0.40 -23.15 14.86
C ARG A 248 -1.02 -21.85 15.37
N ALA A 249 -1.05 -20.79 14.53
CA ALA A 249 -1.69 -19.50 14.89
C ALA A 249 -3.22 -19.65 14.82
N GLY A 250 -3.70 -20.20 13.68
CA GLY A 250 -5.12 -20.50 13.50
C GLY A 250 -5.61 -21.57 14.48
N GLU A 251 -4.72 -22.53 14.82
CA GLU A 251 -5.00 -23.59 15.81
C GLU A 251 -5.09 -23.00 17.22
N TYR A 252 -4.21 -22.02 17.51
CA TYR A 252 -4.15 -21.37 18.84
C TYR A 252 -5.41 -20.52 19.08
N GLY A 253 -6.07 -20.13 17.98
CA GLY A 253 -7.34 -19.42 18.02
C GLY A 253 -7.19 -17.93 17.83
N VAL A 254 -6.29 -17.54 16.93
CA VAL A 254 -6.11 -16.13 16.49
C VAL A 254 -6.01 -16.09 14.96
N THR A 255 -5.85 -14.88 14.39
CA THR A 255 -5.70 -14.71 12.93
C THR A 255 -4.37 -15.33 12.44
N PRO A 256 -4.44 -16.35 11.50
CA PRO A 256 -3.25 -17.13 11.03
C PRO A 256 -2.08 -16.29 10.47
N THR A 257 -2.35 -15.44 9.46
CA THR A 257 -1.29 -14.63 8.80
C THR A 257 -1.22 -13.20 9.37
N MET A 258 -2.36 -12.68 9.86
CA MET A 258 -2.52 -11.26 10.24
C MET A 258 -1.84 -10.96 11.60
N ALA A 259 -2.14 -11.81 12.61
CA ALA A 259 -1.57 -11.67 13.98
C ALA A 259 -0.04 -11.80 13.96
N LEU A 260 0.46 -12.79 13.20
CA LEU A 260 1.89 -13.07 13.07
C LEU A 260 2.63 -11.89 12.42
N ALA A 261 2.05 -11.35 11.33
CA ALA A 261 2.62 -10.20 10.59
C ALA A 261 2.85 -9.00 11.52
N THR A 262 1.85 -8.74 12.38
CA THR A 262 1.88 -7.65 13.35
C THR A 262 2.99 -7.87 14.41
N CYS A 263 3.15 -9.14 14.85
CA CYS A 263 4.16 -9.54 15.87
C CYS A 263 5.60 -9.31 15.36
N PHE A 264 5.85 -9.63 14.08
CA PHE A 264 7.21 -9.54 13.49
C PHE A 264 7.66 -8.07 13.38
N SER A 265 6.74 -7.23 12.87
CA SER A 265 6.98 -5.79 12.69
C SER A 265 6.97 -5.05 14.05
N ALA A 266 6.31 -5.65 15.06
CA ALA A 266 6.26 -5.13 16.43
C ALA A 266 7.67 -5.19 17.05
N VAL A 267 8.31 -6.37 16.94
CA VAL A 267 9.67 -6.61 17.50
C VAL A 267 10.74 -5.76 16.77
N LEU A 268 10.61 -5.69 15.44
CA LEU A 268 11.49 -4.88 14.55
C LEU A 268 11.50 -3.40 15.01
N ALA A 269 10.31 -2.86 15.21
CA ALA A 269 10.10 -1.44 15.57
C ALA A 269 10.30 -1.19 17.09
N ARG A 270 10.20 -2.28 17.89
CA ARG A 270 10.33 -2.25 19.38
C ARG A 270 11.76 -1.91 19.80
N TRP A 271 12.72 -2.20 18.89
CA TRP A 271 14.13 -1.86 19.08
C TRP A 271 14.35 -0.33 19.15
N GLY A 272 13.35 0.46 18.67
CA GLY A 272 13.35 1.93 18.83
C GLY A 272 13.11 2.40 20.28
N GLY A 273 12.81 1.45 21.18
CA GLY A 273 12.58 1.74 22.60
C GLY A 273 11.10 1.77 22.96
N LEU A 274 10.27 1.12 22.13
CA LEU A 274 8.80 1.10 22.27
C LEU A 274 8.33 -0.33 22.54
N THR A 275 8.21 -0.72 23.83
CA THR A 275 7.67 -2.04 24.23
C THR A 275 6.23 -2.22 23.72
N ARG A 276 5.44 -1.12 23.78
CA ARG A 276 4.11 -1.05 23.17
C ARG A 276 4.16 -0.03 22.04
N LEU A 277 3.56 -0.40 20.90
CA LEU A 277 3.56 0.41 19.66
C LEU A 277 2.41 -0.04 18.75
N LEU A 278 1.92 0.91 17.95
CA LEU A 278 0.84 0.67 16.98
C LEU A 278 1.45 0.42 15.57
N LEU A 279 1.06 -0.69 14.95
CA LEU A 279 1.53 -1.13 13.62
C LEU A 279 0.44 -0.83 12.58
N ASN A 280 0.84 -0.54 11.33
CA ASN A 280 -0.12 -0.23 10.24
C ASN A 280 -0.25 -1.46 9.31
N ILE A 281 -1.32 -2.25 9.50
CA ILE A 281 -1.60 -3.47 8.71
C ILE A 281 -2.60 -3.12 7.59
N THR A 282 -2.42 -3.73 6.40
CA THR A 282 -3.32 -3.55 5.25
C THR A 282 -4.41 -4.65 5.27
N LEU A 283 -5.67 -4.22 5.54
CA LEU A 283 -6.87 -5.09 5.49
C LEU A 283 -7.77 -4.66 4.32
N PHE A 284 -8.60 -5.59 3.83
CA PHE A 284 -9.64 -5.29 2.83
C PHE A 284 -11.04 -5.53 3.45
N ASP A 285 -11.76 -4.44 3.73
CA ASP A 285 -13.15 -4.51 4.22
C ASP A 285 -14.00 -3.43 3.54
N ARG A 286 -14.71 -3.81 2.46
CA ARG A 286 -15.60 -2.88 1.74
C ARG A 286 -16.88 -2.65 2.56
N GLN A 287 -17.34 -1.39 2.61
CA GLN A 287 -18.65 -1.04 3.21
C GLN A 287 -19.71 -1.02 2.08
N PRO A 288 -20.52 -2.14 1.91
CA PRO A 288 -21.45 -2.31 0.79
C PRO A 288 -22.89 -1.95 1.19
N LEU A 289 -23.10 -0.65 1.51
CA LEU A 289 -24.42 -0.11 1.92
C LEU A 289 -25.51 -0.44 0.86
N HIS A 290 -25.23 -0.14 -0.42
CA HIS A 290 -26.02 -0.65 -1.57
C HIS A 290 -25.17 -1.64 -2.39
N PRO A 291 -25.76 -2.78 -2.90
CA PRO A 291 -25.03 -3.81 -3.70
C PRO A 291 -24.29 -3.27 -4.95
N ALA A 292 -24.80 -2.16 -5.52
CA ALA A 292 -24.17 -1.46 -6.67
C ALA A 292 -22.80 -0.86 -6.27
N VAL A 293 -22.80 -0.15 -5.12
CA VAL A 293 -21.57 0.43 -4.53
C VAL A 293 -20.67 -0.71 -3.94
N GLY A 294 -21.32 -1.84 -3.60
CA GLY A 294 -20.65 -3.05 -3.12
C GLY A 294 -19.88 -3.77 -4.22
N ALA A 295 -20.37 -3.66 -5.47
CA ALA A 295 -19.70 -4.23 -6.67
C ALA A 295 -18.38 -3.48 -6.95
N MET A 296 -18.30 -2.22 -6.45
CA MET A 296 -17.06 -1.44 -6.41
C MET A 296 -16.34 -1.71 -5.08
N LEU A 297 -15.00 -1.67 -5.09
CA LEU A 297 -14.22 -1.66 -3.85
C LEU A 297 -14.11 -0.21 -3.35
N ALA A 298 -15.07 0.19 -2.48
CA ALA A 298 -15.02 1.47 -1.75
C ALA A 298 -13.87 1.45 -0.73
N ASP A 299 -13.44 0.22 -0.39
CA ASP A 299 -12.25 -0.06 0.41
C ASP A 299 -11.64 -1.37 -0.09
N PHE A 300 -10.30 -1.44 -0.08
CA PHE A 300 -9.53 -2.62 -0.52
C PHE A 300 -8.16 -2.57 0.14
N THR A 301 -7.58 -1.36 0.17
CA THR A 301 -6.35 -1.05 0.91
C THR A 301 -6.74 -0.17 2.12
N ASN A 302 -6.91 -0.81 3.29
CA ASN A 302 -7.27 -0.12 4.55
C ASN A 302 -6.07 -0.14 5.48
N ILE A 303 -5.70 1.04 5.94
CA ILE A 303 -4.59 1.27 6.85
C ILE A 303 -5.14 1.24 8.31
N LEU A 304 -4.84 0.15 9.04
CA LEU A 304 -5.43 -0.12 10.37
C LEU A 304 -4.31 -0.12 11.43
N LEU A 305 -4.56 0.57 12.57
CA LEU A 305 -3.57 0.76 13.64
C LEU A 305 -3.84 -0.24 14.78
N LEU A 306 -3.02 -1.30 14.85
CA LEU A 306 -3.14 -2.36 15.85
C LEU A 306 -1.93 -2.33 16.79
N ASP A 307 -2.17 -1.96 18.05
CA ASP A 307 -1.12 -1.86 19.09
C ASP A 307 -0.79 -3.25 19.67
N THR A 308 0.51 -3.63 19.64
CA THR A 308 1.03 -4.81 20.33
C THR A 308 1.60 -4.38 21.70
N ALA A 309 1.25 -5.15 22.77
CA ALA A 309 1.52 -4.78 24.18
C ALA A 309 3.02 -4.83 24.55
N CYS A 310 3.60 -6.04 24.47
CA CYS A 310 5.01 -6.31 24.85
C CYS A 310 5.31 -7.79 24.62
N ASP A 311 6.60 -8.17 24.64
CA ASP A 311 7.03 -9.59 24.61
C ASP A 311 7.73 -9.92 25.94
N GLY A 312 8.09 -11.20 26.13
CA GLY A 312 8.62 -11.71 27.40
C GLY A 312 7.59 -12.54 28.14
N ASP A 313 6.34 -12.41 27.72
CA ASP A 313 5.20 -13.20 28.22
C ASP A 313 4.84 -14.20 27.11
N THR A 314 3.95 -15.16 27.41
CA THR A 314 3.52 -16.20 26.46
C THR A 314 2.93 -15.60 25.17
N VAL A 315 2.86 -16.45 24.11
CA VAL A 315 2.24 -16.09 22.81
C VAL A 315 0.74 -15.71 22.98
N SER A 316 0.14 -16.15 24.12
CA SER A 316 -1.23 -15.77 24.51
C SER A 316 -1.37 -14.22 24.60
N ASN A 317 -0.36 -13.55 25.18
CA ASN A 317 -0.33 -12.08 25.31
C ASN A 317 -0.18 -11.42 23.93
N LEU A 318 0.81 -11.92 23.16
CA LEU A 318 1.17 -11.38 21.82
C LEU A 318 -0.02 -11.43 20.83
N ALA A 319 -0.47 -12.66 20.61
CA ALA A 319 -1.44 -13.01 19.57
C ALA A 319 -2.87 -12.55 19.90
N ARG A 320 -3.22 -12.54 21.21
CA ARG A 320 -4.56 -12.08 21.67
C ARG A 320 -4.66 -10.56 21.63
N LYS A 321 -3.52 -9.87 21.87
CA LYS A 321 -3.46 -8.39 21.78
C LYS A 321 -3.82 -7.95 20.36
N ASN A 322 -3.30 -8.72 19.40
CA ASN A 322 -3.60 -8.55 17.98
C ASN A 322 -5.08 -8.86 17.70
N GLN A 323 -5.52 -10.05 18.12
CA GLN A 323 -6.89 -10.59 17.86
C GLN A 323 -8.00 -9.64 18.40
N LEU A 324 -7.88 -9.28 19.68
CA LEU A 324 -8.90 -8.55 20.45
C LEU A 324 -9.15 -7.15 19.89
N THR A 325 -8.06 -6.36 19.79
CA THR A 325 -8.12 -4.97 19.34
C THR A 325 -8.41 -4.88 17.82
N PHE A 326 -8.02 -5.93 17.06
CA PHE A 326 -8.37 -6.08 15.63
C PHE A 326 -9.89 -6.10 15.44
N THR A 327 -10.60 -6.79 16.35
CA THR A 327 -12.07 -6.91 16.33
C THR A 327 -12.73 -5.53 16.56
N GLU A 328 -12.15 -4.75 17.50
CA GLU A 328 -12.67 -3.42 17.89
C GLU A 328 -12.47 -2.41 16.73
N ASP A 329 -11.25 -2.42 16.16
CA ASP A 329 -10.90 -1.60 14.97
C ASP A 329 -11.77 -1.99 13.77
N TRP A 330 -11.98 -3.31 13.57
CA TRP A 330 -12.78 -3.85 12.44
C TRP A 330 -14.25 -3.38 12.52
N GLU A 331 -14.72 -3.10 13.75
CA GLU A 331 -16.09 -2.62 14.02
C GLU A 331 -16.22 -1.10 13.74
N HIS A 332 -15.08 -0.37 13.76
CA HIS A 332 -15.05 1.12 13.64
C HIS A 332 -14.07 1.62 12.55
N ARG A 333 -13.69 0.73 11.62
CA ARG A 333 -12.68 1.03 10.56
C ARG A 333 -13.28 1.71 9.32
N HIS A 334 -14.58 2.11 9.38
CA HIS A 334 -15.29 2.83 8.29
C HIS A 334 -14.49 4.05 7.77
N TRP A 335 -13.71 4.65 8.69
CA TRP A 335 -12.71 5.69 8.37
C TRP A 335 -11.30 5.11 8.60
N SER A 336 -10.33 5.59 7.81
CA SER A 336 -8.95 5.10 7.80
C SER A 336 -8.26 5.29 9.17
N GLY A 337 -7.37 4.35 9.53
CA GLY A 337 -6.61 4.41 10.77
C GLY A 337 -5.71 5.64 10.86
N VAL A 338 -5.17 6.10 9.73
CA VAL A 338 -4.31 7.30 9.66
C VAL A 338 -5.14 8.60 9.83
N GLU A 339 -6.49 8.51 9.68
CA GLU A 339 -7.41 9.63 10.01
C GLU A 339 -7.65 9.69 11.55
N LEU A 340 -7.67 8.50 12.19
CA LEU A 340 -7.65 8.37 13.67
C LEU A 340 -6.29 8.90 14.20
N LEU A 341 -5.21 8.52 13.49
CA LEU A 341 -3.82 8.89 13.83
C LEU A 341 -3.68 10.42 13.76
N ARG A 342 -4.20 10.99 12.66
CA ARG A 342 -4.25 12.45 12.39
C ARG A 342 -4.88 13.24 13.56
N GLU A 343 -5.87 12.61 14.24
CA GLU A 343 -6.62 13.23 15.33
C GLU A 343 -5.74 13.50 16.56
N LEU A 344 -5.04 12.46 17.07
CA LEU A 344 -4.16 12.59 18.26
C LEU A 344 -2.71 13.01 17.87
N LYS A 345 -2.40 12.95 16.56
CA LYS A 345 -1.15 13.53 15.98
C LYS A 345 -1.27 15.07 15.98
N ARG A 346 -2.52 15.55 15.76
CA ARG A 346 -2.89 16.97 15.90
C ARG A 346 -2.72 17.42 17.38
N GLN A 347 -3.04 16.50 18.30
CA GLN A 347 -2.83 16.69 19.76
C GLN A 347 -1.31 16.70 20.11
N GLN A 348 -0.44 16.33 19.13
CA GLN A 348 1.04 16.34 19.22
C GLN A 348 1.53 15.29 20.24
N ARG A 349 0.70 14.25 20.47
CA ARG A 349 1.01 13.15 21.41
C ARG A 349 1.92 12.09 20.73
N TYR A 350 2.32 12.36 19.47
CA TYR A 350 3.17 11.46 18.67
C TYR A 350 4.42 12.24 18.21
N PRO A 351 5.67 11.83 18.69
CA PRO A 351 6.96 12.50 18.34
C PRO A 351 7.18 12.67 16.82
N HIS A 352 6.69 11.69 16.05
CA HIS A 352 6.71 11.71 14.57
C HIS A 352 5.39 11.19 14.01
N GLY A 353 4.85 10.12 14.63
CA GLY A 353 3.66 9.44 14.11
C GLY A 353 3.99 8.65 12.85
N ALA A 354 5.13 7.94 12.90
CA ALA A 354 5.71 7.21 11.75
C ALA A 354 5.11 5.79 11.64
N PRO A 355 4.21 5.52 10.63
CA PRO A 355 3.56 4.22 10.46
C PRO A 355 4.34 3.27 9.51
N VAL A 356 4.54 2.02 9.95
CA VAL A 356 5.12 0.95 9.14
C VAL A 356 3.97 0.20 8.42
N VAL A 357 3.88 0.38 7.09
CA VAL A 357 2.78 -0.17 6.26
C VAL A 357 3.22 -1.51 5.67
N PHE A 358 2.61 -2.60 6.18
CA PHE A 358 2.90 -3.96 5.71
C PHE A 358 1.61 -4.73 5.41
N THR A 359 1.71 -5.66 4.44
CA THR A 359 0.69 -6.64 4.12
C THR A 359 1.37 -8.02 3.96
N SER A 360 0.82 -9.03 4.65
CA SER A 360 1.31 -10.42 4.55
C SER A 360 0.12 -11.33 4.24
N ASN A 361 0.18 -12.03 3.09
CA ASN A 361 -0.83 -13.01 2.70
C ASN A 361 -0.14 -14.23 2.07
N LEU A 362 -0.06 -15.31 2.87
CA LEU A 362 0.45 -16.61 2.41
C LEU A 362 -0.68 -17.35 1.68
N GLY A 363 -0.29 -18.18 0.71
CA GLY A 363 -1.25 -18.88 -0.15
C GLY A 363 -1.87 -17.99 -1.22
N ARG A 364 -1.28 -16.79 -1.45
CA ARG A 364 -1.74 -15.88 -2.51
C ARG A 364 -0.58 -15.04 -3.07
N SER A 365 -0.42 -15.09 -4.40
CA SER A 365 0.40 -14.16 -5.19
C SER A 365 -0.54 -13.18 -5.94
N LEU A 366 0.00 -12.04 -6.41
CA LEU A 366 -0.78 -11.08 -7.24
C LEU A 366 -1.16 -11.74 -8.58
N TYR A 367 -2.46 -12.12 -8.69
CA TYR A 367 -3.05 -12.88 -9.82
C TYR A 367 -2.48 -14.31 -9.88
N SER A 368 -1.25 -14.46 -10.42
CA SER A 368 -0.62 -15.78 -10.62
C SER A 368 0.72 -15.88 -9.89
N SER A 369 1.05 -17.11 -9.49
CA SER A 369 2.33 -17.47 -8.84
C SER A 369 3.28 -18.15 -9.86
N ARG A 370 2.81 -18.27 -11.12
CA ARG A 370 3.49 -19.03 -12.20
C ARG A 370 3.46 -18.24 -13.53
N ALA A 371 3.95 -18.88 -14.63
CA ALA A 371 3.99 -18.28 -16.00
C ALA A 371 2.57 -18.05 -16.59
N GLU A 372 1.56 -18.64 -15.94
CA GLU A 372 0.11 -18.40 -16.19
C GLU A 372 -0.31 -16.95 -15.78
N SER A 373 0.69 -16.11 -15.44
CA SER A 373 0.53 -14.67 -15.24
C SER A 373 -0.23 -14.00 -16.41
N PRO A 374 -1.25 -13.11 -16.09
CA PRO A 374 -2.19 -12.54 -17.11
C PRO A 374 -1.48 -11.93 -18.34
N LEU A 375 -0.65 -10.89 -18.12
CA LEU A 375 0.29 -10.42 -19.16
C LEU A 375 1.75 -10.74 -18.78
N GLY A 376 2.12 -10.42 -17.53
CA GLY A 376 3.48 -10.61 -17.05
C GLY A 376 3.50 -10.97 -15.58
N GLU A 377 4.70 -11.28 -15.06
CA GLU A 377 4.89 -11.46 -13.61
C GLU A 377 5.19 -10.09 -12.96
N PRO A 378 4.67 -9.84 -11.70
CA PRO A 378 4.86 -8.55 -10.99
C PRO A 378 6.34 -8.27 -10.67
N GLU A 379 6.91 -7.25 -11.35
CA GLU A 379 8.25 -6.76 -11.05
C GLU A 379 8.15 -5.88 -9.79
N TRP A 380 8.72 -6.39 -8.69
CA TRP A 380 8.77 -5.71 -7.36
C TRP A 380 9.28 -4.26 -7.50
N GLY A 381 8.41 -3.31 -7.15
CA GLY A 381 8.65 -1.88 -7.39
C GLY A 381 9.52 -1.22 -6.34
N ILE A 382 9.81 0.07 -6.58
CA ILE A 382 10.71 0.87 -5.76
C ILE A 382 10.13 2.29 -5.60
N SER A 383 10.23 2.84 -4.36
CA SER A 383 9.66 4.15 -3.98
C SER A 383 8.11 4.11 -4.06
N GLN A 384 7.53 2.98 -3.60
CA GLN A 384 6.07 2.75 -3.60
C GLN A 384 5.41 3.57 -2.47
N THR A 385 4.82 4.72 -2.86
CA THR A 385 4.26 5.73 -1.95
C THR A 385 5.34 6.19 -0.92
N PRO A 386 6.27 7.13 -1.33
CA PRO A 386 7.40 7.60 -0.46
C PRO A 386 6.95 8.37 0.81
N GLN A 387 5.61 8.54 0.97
CA GLN A 387 4.98 9.09 2.19
C GLN A 387 5.16 8.13 3.39
N VAL A 388 5.37 6.84 3.09
CA VAL A 388 5.60 5.81 4.11
C VAL A 388 7.11 5.71 4.41
N TRP A 389 7.44 5.32 5.65
CA TRP A 389 8.83 5.17 6.12
C TRP A 389 9.33 3.77 5.78
N ILE A 390 8.43 2.81 6.00
CA ILE A 390 8.64 1.39 5.66
C ILE A 390 7.38 0.87 4.95
N ASP A 391 7.57 0.40 3.71
CA ASP A 391 6.59 -0.43 3.01
C ASP A 391 7.10 -1.88 3.07
N HIS A 392 6.18 -2.84 3.26
CA HIS A 392 6.55 -4.26 3.28
C HIS A 392 5.44 -5.11 2.66
N LEU A 393 5.66 -5.55 1.42
CA LEU A 393 4.78 -6.51 0.73
C LEU A 393 5.28 -7.94 1.06
N ALA A 394 4.35 -8.89 1.21
CA ALA A 394 4.69 -10.32 1.36
C ALA A 394 3.65 -11.16 0.62
N PHE A 395 4.12 -11.90 -0.40
CA PHE A 395 3.30 -12.77 -1.24
C PHE A 395 4.00 -14.12 -1.38
N GLU A 396 3.22 -15.19 -1.62
CA GLU A 396 3.76 -16.54 -1.76
C GLU A 396 3.89 -16.88 -3.26
N HIS A 397 5.13 -17.06 -3.72
CA HIS A 397 5.45 -17.41 -5.12
C HIS A 397 6.23 -18.73 -5.14
N HIS A 398 5.63 -19.77 -5.78
CA HIS A 398 6.19 -21.14 -5.89
C HIS A 398 6.33 -21.81 -4.49
N GLY A 399 5.48 -21.36 -3.55
CA GLY A 399 5.46 -21.86 -2.18
C GLY A 399 6.49 -21.17 -1.29
N GLU A 400 7.26 -20.24 -1.87
CA GLU A 400 8.33 -19.50 -1.18
C GLU A 400 7.88 -18.05 -0.96
N VAL A 401 7.91 -17.57 0.29
CA VAL A 401 7.45 -16.21 0.63
C VAL A 401 8.55 -15.16 0.29
N TRP A 402 8.23 -14.30 -0.68
CA TRP A 402 9.05 -13.13 -1.05
C TRP A 402 8.70 -11.97 -0.12
N LEU A 403 9.57 -11.72 0.86
CA LEU A 403 9.47 -10.57 1.75
C LEU A 403 10.11 -9.35 1.07
N GLN A 404 9.25 -8.46 0.56
CA GLN A 404 9.68 -7.21 -0.09
C GLN A 404 9.59 -6.09 0.94
N TRP A 405 10.68 -5.34 1.14
CA TRP A 405 10.75 -4.25 2.12
C TRP A 405 11.29 -3.00 1.42
N ASP A 406 10.40 -2.09 1.03
CA ASP A 406 10.78 -0.87 0.30
C ASP A 406 10.91 0.29 1.30
N SER A 407 12.14 0.80 1.45
CA SER A 407 12.47 1.82 2.44
C SER A 407 13.72 2.58 2.00
N ASN A 408 13.97 3.72 2.67
CA ASN A 408 15.10 4.61 2.36
C ASN A 408 16.34 4.24 3.18
N ASP A 409 17.41 3.84 2.47
CA ASP A 409 18.77 3.67 3.04
C ASP A 409 19.25 5.01 3.63
N ALA A 410 18.74 6.13 3.07
CA ALA A 410 19.06 7.50 3.51
C ALA A 410 18.46 7.83 4.91
N LEU A 411 17.69 6.90 5.50
CA LEU A 411 17.13 7.06 6.87
C LEU A 411 17.61 5.93 7.80
N PHE A 412 17.55 4.69 7.30
CA PHE A 412 17.77 3.48 8.11
C PHE A 412 19.21 2.96 7.91
N PRO A 413 20.01 2.83 9.04
CA PRO A 413 21.37 2.25 8.99
C PRO A 413 21.35 0.76 8.60
N PRO A 414 22.16 0.31 7.57
CA PRO A 414 22.27 -1.13 7.18
C PRO A 414 22.53 -2.08 8.37
N ALA A 415 23.32 -1.61 9.36
CA ALA A 415 23.60 -2.35 10.61
C ALA A 415 22.29 -2.66 11.36
N LEU A 416 21.46 -1.61 11.51
CA LEU A 416 20.15 -1.72 12.17
C LEU A 416 19.24 -2.70 11.39
N VAL A 417 19.17 -2.52 10.05
CA VAL A 417 18.33 -3.34 9.14
C VAL A 417 18.62 -4.83 9.31
N GLU A 418 19.91 -5.21 9.26
CA GLU A 418 20.37 -6.60 9.32
C GLU A 418 20.07 -7.23 10.69
N THR A 419 20.32 -6.48 11.78
CA THR A 419 20.10 -6.96 13.16
C THR A 419 18.59 -7.11 13.48
N LEU A 420 17.74 -6.28 12.84
CA LEU A 420 16.27 -6.34 13.01
C LEU A 420 15.68 -7.55 12.27
N PHE A 421 16.09 -7.69 11.00
CA PHE A 421 15.68 -8.82 10.13
C PHE A 421 16.07 -10.16 10.75
N ASP A 422 17.24 -10.17 11.41
CA ASP A 422 17.73 -11.33 12.18
C ASP A 422 16.81 -11.57 13.40
N ALA A 423 16.64 -10.50 14.20
CA ALA A 423 15.94 -10.54 15.52
C ALA A 423 14.59 -11.28 15.49
N TYR A 424 13.68 -10.81 14.61
CA TYR A 424 12.34 -11.41 14.51
C TYR A 424 12.42 -12.79 13.82
N CYS A 425 13.38 -12.98 12.87
CA CYS A 425 13.55 -14.26 12.15
C CYS A 425 14.05 -15.38 13.10
N GLN A 426 14.72 -14.97 14.21
CA GLN A 426 15.18 -15.90 15.25
C GLN A 426 13.98 -16.47 16.01
N LEU A 427 13.05 -15.57 16.46
CA LEU A 427 11.85 -15.99 17.24
C LEU A 427 10.81 -16.70 16.35
N ILE A 428 10.85 -16.44 15.02
CA ILE A 428 10.01 -17.19 14.06
C ILE A 428 10.44 -18.65 14.01
N ASN A 429 11.72 -18.89 13.71
CA ASN A 429 12.27 -20.26 13.59
C ASN A 429 12.18 -21.00 14.93
N GLN A 430 12.47 -20.28 16.02
CA GLN A 430 12.42 -20.82 17.40
C GLN A 430 11.03 -21.41 17.71
N LEU A 431 9.97 -20.71 17.30
CA LEU A 431 8.59 -21.11 17.60
C LEU A 431 8.10 -22.17 16.57
N CYS A 432 8.53 -22.03 15.31
CA CYS A 432 8.18 -22.97 14.22
C CYS A 432 8.82 -24.35 14.43
N ASP A 433 10.02 -24.34 15.02
CA ASP A 433 10.86 -25.53 15.20
C ASP A 433 10.68 -26.11 16.62
N ASP A 434 10.32 -25.24 17.58
CA ASP A 434 10.04 -25.60 18.98
C ASP A 434 8.73 -24.93 19.40
N GLU A 435 7.64 -25.71 19.48
CA GLU A 435 6.31 -25.20 19.86
C GLU A 435 6.28 -24.74 21.34
N SER A 436 7.21 -25.25 22.17
CA SER A 436 7.32 -24.89 23.59
C SER A 436 7.76 -23.42 23.77
N ALA A 437 8.27 -22.80 22.68
CA ALA A 437 8.61 -21.36 22.63
C ALA A 437 7.39 -20.45 22.87
N TRP A 438 6.17 -21.03 22.75
CA TRP A 438 4.92 -20.37 23.19
C TRP A 438 5.05 -19.84 24.63
N GLN A 439 5.60 -20.67 25.52
CA GLN A 439 5.71 -20.40 26.96
C GLN A 439 7.16 -20.03 27.38
N LYS A 440 8.01 -19.65 26.40
CA LYS A 440 9.42 -19.25 26.65
C LYS A 440 9.58 -17.73 26.45
N PRO A 441 10.53 -17.06 27.22
CA PRO A 441 10.84 -15.62 27.02
C PRO A 441 11.49 -15.36 25.63
N PHE A 442 10.86 -14.47 24.85
CA PHE A 442 11.19 -14.22 23.42
C PHE A 442 12.43 -13.33 23.23
N ALA A 443 12.79 -12.53 24.25
CA ALA A 443 13.92 -11.57 24.15
C ALA A 443 15.32 -12.24 24.08
N ASP A 444 15.38 -13.57 24.36
CA ASP A 444 16.61 -14.39 24.15
C ASP A 444 17.00 -14.46 22.66
N MET A 445 16.05 -14.16 21.78
CA MET A 445 16.22 -14.26 20.33
C MET A 445 16.85 -13.00 19.72
N LEU A 446 16.74 -11.84 20.42
CA LEU A 446 17.27 -10.55 19.91
C LEU A 446 18.36 -9.96 20.84
N GLU A 447 18.10 -9.91 22.15
CA GLU A 447 19.00 -9.25 23.13
C GLU A 447 20.23 -10.12 23.44
N HIS A 448 20.03 -11.45 23.54
CA HIS A 448 21.13 -12.41 23.74
C HIS A 448 22.04 -12.47 22.50
N HIS A 449 23.37 -12.39 22.73
CA HIS A 449 24.36 -12.50 21.66
C HIS A 449 24.28 -13.91 21.05
N HIS A 450 24.09 -13.94 19.73
CA HIS A 450 23.69 -15.16 19.01
C HIS A 450 24.82 -16.20 19.00
N HIS A 451 24.52 -17.40 19.54
CA HIS A 451 25.38 -18.60 19.45
C HIS A 451 25.41 -19.11 17.98
N HIS A 452 26.26 -20.11 17.67
CA HIS A 452 26.50 -20.61 16.28
C HIS A 452 25.19 -20.93 15.54
N HIS A 453 24.71 -19.92 14.80
CA HIS A 453 23.40 -19.93 14.13
C HIS A 453 23.52 -20.68 12.80
N MET A 1 -29.25 -4.49 6.21
CA MET A 1 -30.24 -5.35 5.52
C MET A 1 -30.97 -4.56 4.39
N PRO A 2 -31.62 -3.36 4.65
CA PRO A 2 -32.23 -2.56 3.54
C PRO A 2 -31.17 -1.78 2.73
N ASP A 3 -30.77 -2.33 1.56
CA ASP A 3 -29.91 -1.61 0.61
C ASP A 3 -30.76 -0.59 -0.19
N GLU A 4 -30.46 0.71 -0.01
CA GLU A 4 -31.28 1.81 -0.57
C GLU A 4 -30.90 2.10 -2.03
N SER A 5 -31.85 2.68 -2.79
CA SER A 5 -31.71 2.99 -4.22
C SER A 5 -30.45 3.85 -4.55
N SER A 6 -29.80 3.54 -5.69
CA SER A 6 -28.57 4.19 -6.13
C SER A 6 -28.82 5.64 -6.57
N TRP A 7 -28.66 6.58 -5.63
CA TRP A 7 -28.78 8.01 -5.91
C TRP A 7 -27.55 8.51 -6.71
N PRO A 8 -27.77 9.30 -7.81
CA PRO A 8 -26.67 9.84 -8.64
C PRO A 8 -25.90 10.99 -7.95
N ASN A 9 -24.76 11.38 -8.53
CA ASN A 9 -23.91 12.46 -7.97
C ASN A 9 -24.65 13.82 -8.12
N MET A 10 -25.03 14.43 -7.00
CA MET A 10 -25.61 15.79 -6.99
C MET A 10 -24.53 16.86 -7.26
N THR A 11 -23.27 16.42 -7.19
CA THR A 11 -22.08 17.24 -7.46
C THR A 11 -21.34 16.75 -8.74
N GLU A 12 -22.10 16.21 -9.72
CA GLU A 12 -21.52 15.56 -10.94
C GLU A 12 -20.77 16.56 -11.85
N SER A 13 -21.12 17.85 -11.77
CA SER A 13 -20.45 18.92 -12.56
C SER A 13 -19.72 19.93 -11.63
N THR A 14 -19.58 19.56 -10.34
CA THR A 14 -19.00 20.45 -9.31
C THR A 14 -17.63 19.91 -8.83
N PRO A 15 -16.58 20.80 -8.71
CA PRO A 15 -15.33 20.46 -7.99
C PRO A 15 -15.61 20.22 -6.49
N PHE A 16 -15.27 19.02 -6.00
CA PHE A 16 -15.58 18.58 -4.63
C PHE A 16 -14.27 18.50 -3.81
N PRO A 17 -14.29 18.69 -2.46
CA PRO A 17 -13.12 18.34 -1.61
C PRO A 17 -12.89 16.81 -1.53
N LEU A 18 -11.62 16.39 -1.36
CA LEU A 18 -11.25 14.96 -1.18
C LEU A 18 -11.65 14.44 0.22
N THR A 19 -11.33 13.15 0.45
CA THR A 19 -11.36 12.54 1.78
C THR A 19 -10.34 13.27 2.70
N PRO A 20 -10.72 13.61 3.99
CA PRO A 20 -9.86 14.42 4.92
C PRO A 20 -8.49 13.77 5.32
N VAL A 21 -8.08 12.69 4.61
CA VAL A 21 -6.76 12.01 4.76
C VAL A 21 -5.61 13.04 4.90
N GLN A 22 -4.86 12.93 6.02
CA GLN A 22 -3.75 13.84 6.41
C GLN A 22 -2.76 14.07 5.24
N HIS A 23 -2.40 12.99 4.53
CA HIS A 23 -1.42 13.04 3.43
C HIS A 23 -2.01 13.74 2.18
N ALA A 24 -3.30 13.48 1.90
CA ALA A 24 -4.02 14.11 0.76
C ALA A 24 -4.26 15.61 1.01
N TYR A 25 -4.40 15.96 2.29
CA TYR A 25 -4.60 17.33 2.76
C TYR A 25 -3.29 18.13 2.62
N LEU A 26 -2.19 17.52 3.07
CA LEU A 26 -0.84 18.14 3.10
C LEU A 26 -0.37 18.43 1.65
N THR A 27 -0.41 17.40 0.81
CA THR A 27 -0.02 17.49 -0.63
C THR A 27 -1.01 18.37 -1.43
N GLY A 28 -2.22 18.55 -0.88
CA GLY A 28 -3.20 19.49 -1.44
C GLY A 28 -2.71 20.94 -1.43
N ARG A 29 -1.87 21.27 -0.41
CA ARG A 29 -1.26 22.61 -0.25
C ARG A 29 0.20 22.60 -0.77
N MET A 30 0.85 21.41 -0.79
CA MET A 30 2.24 21.25 -1.30
C MET A 30 2.22 20.34 -2.55
N PRO A 31 2.00 20.93 -3.78
CA PRO A 31 1.83 20.15 -5.03
C PRO A 31 3.13 19.44 -5.45
N GLY A 32 3.05 18.10 -5.56
CA GLY A 32 4.22 17.29 -5.93
C GLY A 32 4.94 16.71 -4.72
N GLN A 33 4.87 17.40 -3.57
CA GLN A 33 5.54 16.95 -2.35
C GLN A 33 4.61 16.01 -1.58
N THR A 34 5.01 14.72 -1.51
CA THR A 34 4.27 13.70 -0.77
C THR A 34 4.98 13.50 0.58
N LEU A 35 6.19 12.88 0.56
CA LEU A 35 7.14 12.94 1.71
C LEU A 35 8.46 13.59 1.29
N GLY A 36 8.96 13.21 0.09
CA GLY A 36 10.29 13.64 -0.39
C GLY A 36 10.25 14.29 -1.77
N GLY A 37 9.14 14.97 -2.08
CA GLY A 37 8.93 15.59 -3.40
C GLY A 37 8.89 14.55 -4.53
N VAL A 38 8.14 13.46 -4.26
CA VAL A 38 8.04 12.27 -5.14
C VAL A 38 7.34 12.61 -6.47
N GLY A 39 6.33 13.46 -6.39
CA GLY A 39 5.43 13.77 -7.51
C GLY A 39 4.11 13.01 -7.40
N CYS A 40 3.99 12.21 -6.32
CA CYS A 40 2.85 11.33 -6.03
C CYS A 40 2.61 10.31 -7.18
N HIS A 41 3.49 9.29 -7.26
CA HIS A 41 3.35 8.21 -8.27
C HIS A 41 3.90 6.84 -7.76
N LEU A 42 3.42 5.74 -8.39
CA LEU A 42 3.94 4.37 -8.20
C LEU A 42 4.96 4.00 -9.29
N TYR A 43 5.87 3.07 -8.96
CA TYR A 43 6.76 2.42 -9.94
C TYR A 43 6.34 0.94 -10.06
N GLN A 44 5.64 0.60 -11.15
CA GLN A 44 5.26 -0.80 -11.47
C GLN A 44 5.72 -1.14 -12.90
N GLU A 45 6.67 -2.08 -13.03
CA GLU A 45 7.15 -2.60 -14.33
C GLU A 45 6.95 -4.12 -14.36
N PHE A 46 6.17 -4.59 -15.35
CA PHE A 46 5.75 -6.00 -15.47
C PHE A 46 6.56 -6.71 -16.57
N GLU A 47 7.29 -7.76 -16.20
CA GLU A 47 8.08 -8.57 -17.14
C GLU A 47 7.21 -9.68 -17.76
N GLY A 48 7.53 -10.06 -19.00
CA GLY A 48 6.84 -11.12 -19.72
C GLY A 48 6.13 -10.60 -20.95
N HIS A 49 5.45 -11.49 -21.70
CA HIS A 49 4.71 -11.08 -22.89
C HIS A 49 3.28 -10.71 -22.44
N CYS A 50 2.94 -9.43 -22.63
CA CYS A 50 1.63 -8.88 -22.29
C CYS A 50 0.82 -8.70 -23.57
N LEU A 51 1.44 -7.99 -24.53
CA LEU A 51 0.85 -7.67 -25.85
C LEU A 51 1.82 -6.78 -26.66
N THR A 52 1.46 -6.48 -27.90
CA THR A 52 2.30 -5.75 -28.85
C THR A 52 1.88 -4.26 -28.90
N ALA A 53 2.67 -3.41 -29.60
CA ALA A 53 2.52 -1.94 -29.62
C ALA A 53 1.08 -1.44 -29.90
N SER A 54 0.53 -1.86 -31.04
CA SER A 54 -0.77 -1.37 -31.54
C SER A 54 -1.93 -1.89 -30.68
N GLN A 55 -1.73 -3.07 -30.05
CA GLN A 55 -2.72 -3.68 -29.15
C GLN A 55 -2.93 -2.83 -27.89
N LEU A 56 -1.81 -2.48 -27.21
CA LEU A 56 -1.86 -1.76 -25.92
C LEU A 56 -2.40 -0.36 -26.09
N GLU A 57 -1.88 0.36 -27.10
CA GLU A 57 -2.26 1.75 -27.36
C GLU A 57 -3.78 1.86 -27.60
N GLN A 58 -4.30 0.98 -28.47
CA GLN A 58 -5.75 0.93 -28.77
C GLN A 58 -6.58 0.58 -27.51
N ALA A 59 -6.09 -0.42 -26.74
CA ALA A 59 -6.78 -0.96 -25.55
C ALA A 59 -6.94 0.11 -24.46
N ILE A 60 -5.82 0.79 -24.13
CA ILE A 60 -5.79 1.85 -23.09
C ILE A 60 -6.72 3.00 -23.48
N THR A 61 -6.69 3.40 -24.77
CA THR A 61 -7.56 4.48 -25.30
C THR A 61 -9.06 4.12 -25.17
N THR A 62 -9.40 2.82 -25.32
CA THR A 62 -10.78 2.32 -25.14
C THR A 62 -11.22 2.43 -23.67
N LEU A 63 -10.30 2.08 -22.75
CA LEU A 63 -10.53 2.17 -21.29
C LEU A 63 -10.60 3.65 -20.81
N LEU A 64 -9.88 4.54 -21.52
CA LEU A 64 -9.90 6.00 -21.23
C LEU A 64 -11.15 6.66 -21.84
N GLN A 65 -11.68 6.01 -22.92
CA GLN A 65 -12.96 6.40 -23.55
C GLN A 65 -14.15 6.04 -22.60
N ARG A 66 -13.86 5.15 -21.63
CA ARG A 66 -14.80 4.74 -20.58
C ARG A 66 -14.71 5.72 -19.39
N HIS A 67 -15.26 5.32 -18.21
CA HIS A 67 -15.15 6.11 -16.97
C HIS A 67 -14.62 5.23 -15.80
N PRO A 68 -13.38 4.62 -15.93
CA PRO A 68 -12.85 3.69 -14.89
C PRO A 68 -12.25 4.50 -13.71
N MET A 69 -12.10 3.88 -12.54
CA MET A 69 -11.82 4.58 -11.25
C MET A 69 -10.64 5.61 -11.30
N LEU A 70 -9.62 5.33 -12.14
CA LEU A 70 -8.42 6.21 -12.28
C LEU A 70 -8.65 7.42 -13.23
N HIS A 71 -9.92 7.68 -13.61
CA HIS A 71 -10.29 8.83 -14.51
C HIS A 71 -10.31 10.17 -13.76
N ILE A 72 -9.95 10.16 -12.47
CA ILE A 72 -9.98 11.35 -11.60
C ILE A 72 -8.76 12.25 -11.88
N ALA A 73 -8.96 13.57 -11.82
CA ALA A 73 -7.90 14.58 -11.99
C ALA A 73 -7.87 15.51 -10.76
N PHE A 74 -6.67 15.82 -10.28
CA PHE A 74 -6.47 16.64 -9.07
C PHE A 74 -6.45 18.13 -9.43
N ARG A 75 -6.90 18.97 -8.52
CA ARG A 75 -6.80 20.43 -8.63
C ARG A 75 -5.71 20.89 -7.66
N PRO A 76 -4.82 21.86 -8.06
CA PRO A 76 -3.71 22.35 -7.18
C PRO A 76 -4.24 23.03 -5.89
N ASP A 77 -5.53 23.39 -5.94
CA ASP A 77 -6.27 23.99 -4.81
C ASP A 77 -6.66 22.94 -3.74
N GLY A 78 -6.33 21.65 -4.01
CA GLY A 78 -6.67 20.55 -3.11
C GLY A 78 -8.11 20.07 -3.29
N GLN A 79 -8.54 19.96 -4.57
CA GLN A 79 -9.91 19.53 -4.94
C GLN A 79 -9.85 18.37 -5.95
N GLN A 80 -10.99 17.68 -6.15
CA GLN A 80 -11.12 16.51 -7.04
C GLN A 80 -12.19 16.76 -8.12
N VAL A 81 -11.76 16.75 -9.41
CA VAL A 81 -12.65 16.85 -10.58
C VAL A 81 -12.38 15.65 -11.50
N TRP A 82 -13.41 14.85 -11.79
CA TRP A 82 -13.29 13.66 -12.64
C TRP A 82 -13.29 14.04 -14.13
N LEU A 83 -12.57 13.25 -14.92
CA LEU A 83 -12.50 13.40 -16.38
C LEU A 83 -13.60 12.52 -17.02
N PRO A 84 -14.61 13.13 -17.70
CA PRO A 84 -15.60 12.38 -18.51
C PRO A 84 -14.97 11.94 -19.86
N GLN A 85 -14.15 12.84 -20.45
CA GLN A 85 -13.47 12.65 -21.73
C GLN A 85 -12.00 12.23 -21.49
N PRO A 86 -11.43 11.28 -22.31
CA PRO A 86 -9.98 10.96 -22.28
C PRO A 86 -9.10 12.19 -22.63
N TYR A 87 -8.06 12.45 -21.81
CA TYR A 87 -7.08 13.54 -22.08
C TYR A 87 -6.24 13.19 -23.32
N TRP A 88 -5.63 12.00 -23.29
CA TRP A 88 -4.80 11.48 -24.39
C TRP A 88 -4.61 9.95 -24.19
N ASN A 89 -4.02 9.27 -25.19
CA ASN A 89 -3.78 7.82 -25.17
C ASN A 89 -2.72 7.46 -24.09
N GLY A 90 -1.59 8.19 -24.13
CA GLY A 90 -0.56 8.12 -23.08
C GLY A 90 0.43 6.96 -23.22
N VAL A 91 0.24 6.10 -24.23
CA VAL A 91 1.08 4.91 -24.47
C VAL A 91 2.21 5.24 -25.46
N THR A 92 3.40 5.51 -24.92
CA THR A 92 4.63 5.69 -25.71
C THR A 92 5.40 4.35 -25.75
N VAL A 93 5.46 3.73 -26.94
CA VAL A 93 6.11 2.43 -27.14
C VAL A 93 7.59 2.62 -27.52
N HIS A 94 8.49 2.11 -26.66
CA HIS A 94 9.92 2.03 -26.95
C HIS A 94 10.17 0.78 -27.81
N ASP A 95 10.51 0.99 -29.09
CA ASP A 95 10.83 -0.10 -30.01
C ASP A 95 12.26 -0.58 -29.74
N LEU A 96 12.37 -1.74 -29.08
CA LEU A 96 13.63 -2.48 -28.89
C LEU A 96 13.56 -3.79 -29.72
N ARG A 97 12.48 -3.95 -30.51
CA ARG A 97 12.15 -5.22 -31.18
C ARG A 97 12.95 -5.40 -32.48
N HIS A 98 13.28 -4.29 -33.18
CA HIS A 98 14.16 -4.32 -34.37
C HIS A 98 15.41 -3.46 -34.14
N ASN A 99 15.40 -2.69 -33.04
CA ASN A 99 16.55 -1.87 -32.64
C ASN A 99 17.50 -2.68 -31.72
N ASP A 100 18.77 -2.26 -31.68
CA ASP A 100 19.88 -3.00 -31.04
C ASP A 100 19.83 -2.94 -29.50
N ALA A 101 20.66 -3.76 -28.82
CA ALA A 101 20.84 -3.76 -27.35
C ALA A 101 21.37 -2.39 -26.84
N GLU A 102 21.95 -1.61 -27.76
CA GLU A 102 22.29 -0.19 -27.56
C GLU A 102 21.01 0.60 -27.19
N SER A 103 19.98 0.44 -28.02
CA SER A 103 18.67 1.13 -27.84
C SER A 103 17.92 0.60 -26.61
N ARG A 104 18.27 -0.62 -26.17
CA ARG A 104 17.81 -1.19 -24.90
C ARG A 104 18.42 -0.40 -23.74
N GLN A 105 19.75 -0.18 -23.81
CA GLN A 105 20.51 0.57 -22.79
C GLN A 105 20.05 2.05 -22.74
N ALA A 106 19.60 2.55 -23.91
CA ALA A 106 19.02 3.90 -24.04
C ALA A 106 17.71 4.02 -23.25
N TYR A 107 16.94 2.93 -23.17
CA TYR A 107 15.72 2.88 -22.32
C TYR A 107 16.07 2.93 -20.83
N LEU A 108 17.13 2.20 -20.41
CA LEU A 108 17.59 2.19 -19.01
C LEU A 108 17.99 3.62 -18.58
N ASP A 109 18.68 4.35 -19.48
CA ASP A 109 19.07 5.76 -19.25
C ASP A 109 17.84 6.70 -19.28
N ALA A 110 16.86 6.37 -20.16
CA ALA A 110 15.66 7.18 -20.38
C ALA A 110 14.73 7.15 -19.15
N LEU A 111 14.50 5.94 -18.58
CA LEU A 111 13.56 5.75 -17.44
C LEU A 111 14.14 6.39 -16.18
N ARG A 112 15.48 6.31 -16.00
CA ARG A 112 16.17 6.86 -14.82
C ARG A 112 16.12 8.40 -14.81
N GLN A 113 16.34 9.01 -15.99
CA GLN A 113 16.23 10.48 -16.15
C GLN A 113 14.77 10.94 -15.94
N ARG A 114 13.84 10.09 -16.42
CA ARG A 114 12.40 10.38 -16.38
C ARG A 114 11.90 10.40 -14.92
N LEU A 115 12.48 9.54 -14.05
CA LEU A 115 12.12 9.46 -12.61
C LEU A 115 12.99 10.41 -11.74
N SER A 116 14.20 10.78 -12.23
CA SER A 116 15.13 11.67 -11.48
C SER A 116 14.69 13.15 -11.61
N HIS A 117 14.04 13.46 -12.74
CA HIS A 117 13.51 14.82 -13.03
C HIS A 117 11.97 14.73 -13.12
N ARG A 118 11.40 13.87 -12.26
CA ARG A 118 9.96 13.55 -12.28
C ARG A 118 9.14 14.70 -11.65
N LEU A 119 8.46 15.46 -12.51
CA LEU A 119 7.52 16.51 -12.11
C LEU A 119 6.19 16.22 -12.84
N LEU A 120 5.25 15.57 -12.13
CA LEU A 120 3.90 15.27 -12.67
C LEU A 120 3.08 16.57 -12.77
N ARG A 121 2.07 16.54 -13.63
CA ARG A 121 1.14 17.66 -13.86
C ARG A 121 0.01 17.64 -12.81
N VAL A 122 0.38 17.40 -11.52
CA VAL A 122 -0.54 17.44 -10.36
C VAL A 122 -1.26 18.84 -10.26
N GLU A 123 -0.53 19.87 -10.69
CA GLU A 123 -1.02 21.27 -10.76
C GLU A 123 -2.03 21.47 -11.93
N ILE A 124 -1.92 20.63 -12.96
CA ILE A 124 -2.81 20.66 -14.14
C ILE A 124 -3.88 19.53 -14.04
N GLY A 125 -3.66 18.60 -13.09
CA GLY A 125 -4.55 17.46 -12.86
C GLY A 125 -4.29 16.29 -13.80
N GLU A 126 -4.47 16.53 -15.10
CA GLU A 126 -4.36 15.50 -16.15
C GLU A 126 -2.90 15.06 -16.33
N THR A 127 -2.50 14.00 -15.60
CA THR A 127 -1.17 13.40 -15.70
C THR A 127 -1.25 11.87 -15.53
N PHE A 128 -0.67 11.18 -16.52
CA PHE A 128 -0.56 9.72 -16.56
C PHE A 128 0.56 9.35 -17.56
N ASP A 129 1.24 8.24 -17.31
CA ASP A 129 2.41 7.81 -18.11
C ASP A 129 2.37 6.30 -18.32
N PHE A 130 2.35 5.90 -19.59
CA PHE A 130 2.41 4.49 -20.01
C PHE A 130 3.57 4.36 -21.00
N GLN A 131 4.52 3.48 -20.67
CA GLN A 131 5.70 3.18 -21.49
C GLN A 131 5.73 1.68 -21.78
N LEU A 132 5.46 1.29 -23.04
CA LEU A 132 5.52 -0.12 -23.47
C LEU A 132 6.86 -0.35 -24.12
N THR A 133 7.72 -1.07 -23.43
CA THR A 133 9.06 -1.38 -23.90
C THR A 133 9.12 -2.87 -24.25
N LEU A 134 9.28 -3.17 -25.56
CA LEU A 134 9.05 -4.52 -26.12
C LEU A 134 10.36 -5.08 -26.72
N LEU A 135 10.73 -6.30 -26.28
CA LEU A 135 11.86 -7.10 -26.83
C LEU A 135 11.30 -8.36 -27.54
N PRO A 136 12.14 -9.12 -28.33
CA PRO A 136 11.78 -10.45 -28.90
C PRO A 136 10.88 -11.34 -27.99
N ASP A 137 9.90 -12.00 -28.63
CA ASP A 137 8.88 -12.89 -27.99
C ASP A 137 7.90 -12.05 -27.11
N ASN A 138 7.93 -10.71 -27.31
CA ASN A 138 7.14 -9.70 -26.54
C ASN A 138 7.51 -9.70 -25.02
N ARG A 139 8.51 -10.52 -24.61
CA ARG A 139 8.90 -10.66 -23.20
C ARG A 139 9.84 -9.52 -22.79
N HIS A 140 9.25 -8.40 -22.34
CA HIS A 140 9.99 -7.29 -21.74
C HIS A 140 9.07 -6.56 -20.73
N ARG A 141 9.46 -5.34 -20.30
CA ARG A 141 8.88 -4.67 -19.13
C ARG A 141 7.87 -3.58 -19.54
N LEU A 142 6.62 -3.73 -19.05
CA LEU A 142 5.54 -2.74 -19.22
C LEU A 142 5.55 -1.79 -18.02
N HIS A 143 6.03 -0.57 -18.28
CA HIS A 143 6.19 0.50 -17.27
C HIS A 143 4.88 1.32 -17.19
N VAL A 144 4.13 1.18 -16.09
CA VAL A 144 2.90 1.96 -15.84
C VAL A 144 3.13 2.96 -14.69
N ASN A 145 2.43 4.11 -14.76
CA ASN A 145 2.49 5.15 -13.71
C ASN A 145 1.05 5.61 -13.39
N ILE A 146 0.69 5.49 -12.10
CA ILE A 146 -0.64 5.87 -11.54
C ILE A 146 -0.41 6.48 -10.13
N ASP A 147 -1.32 7.35 -9.65
CA ASP A 147 -1.25 7.90 -8.29
C ASP A 147 -2.35 7.28 -7.40
N LEU A 148 -2.04 7.13 -6.08
CA LEU A 148 -2.92 6.51 -5.07
C LEU A 148 -3.50 7.59 -4.11
N LEU A 149 -3.03 8.84 -4.25
CA LEU A 149 -3.49 9.98 -3.42
C LEU A 149 -4.77 10.60 -4.01
N ILE A 150 -4.85 10.65 -5.36
CA ILE A 150 -6.02 11.21 -6.09
C ILE A 150 -7.22 10.23 -6.08
N MET A 151 -6.93 8.94 -5.88
CA MET A 151 -7.93 7.87 -5.84
C MET A 151 -7.33 6.65 -5.15
N ASP A 152 -8.16 5.89 -4.40
CA ASP A 152 -7.75 4.67 -3.68
C ASP A 152 -7.12 3.62 -4.64
N ALA A 153 -6.41 2.61 -4.07
CA ALA A 153 -5.81 1.50 -4.83
C ALA A 153 -6.86 0.68 -5.64
N SER A 154 -8.15 0.90 -5.34
CA SER A 154 -9.29 0.42 -6.14
C SER A 154 -9.15 0.75 -7.64
N SER A 155 -8.47 1.88 -7.93
CA SER A 155 -8.15 2.31 -9.31
C SER A 155 -7.17 1.34 -9.98
N PHE A 156 -6.10 0.99 -9.27
CA PHE A 156 -5.04 0.12 -9.81
C PHE A 156 -5.57 -1.32 -9.97
N THR A 157 -6.35 -1.78 -8.97
CA THR A 157 -6.93 -3.13 -8.95
C THR A 157 -7.95 -3.31 -10.09
N LEU A 158 -8.88 -2.33 -10.23
CA LEU A 158 -9.93 -2.36 -11.27
C LEU A 158 -9.29 -2.23 -12.66
N PHE A 159 -8.38 -1.26 -12.83
CA PHE A 159 -7.75 -0.97 -14.14
C PHE A 159 -6.94 -2.18 -14.64
N PHE A 160 -6.19 -2.82 -13.72
CA PHE A 160 -5.36 -4.00 -14.03
C PHE A 160 -6.26 -5.15 -14.51
N ASP A 161 -7.32 -5.39 -13.73
CA ASP A 161 -8.29 -6.50 -13.97
C ASP A 161 -9.05 -6.30 -15.29
N GLU A 162 -9.68 -5.13 -15.40
CA GLU A 162 -10.44 -4.67 -16.57
C GLU A 162 -9.59 -4.75 -17.86
N LEU A 163 -8.32 -4.34 -17.75
CA LEU A 163 -7.38 -4.37 -18.88
C LEU A 163 -7.11 -5.81 -19.34
N ASN A 164 -6.63 -6.69 -18.42
CA ASN A 164 -6.23 -8.07 -18.78
C ASN A 164 -7.44 -8.91 -19.23
N ALA A 165 -8.64 -8.60 -18.67
CA ALA A 165 -9.90 -9.26 -19.03
C ALA A 165 -10.30 -8.89 -20.46
N LEU A 166 -10.11 -7.60 -20.80
CA LEU A 166 -10.39 -7.06 -22.16
C LEU A 166 -9.43 -7.70 -23.18
N LEU A 167 -8.16 -7.90 -22.77
CA LEU A 167 -7.10 -8.45 -23.65
C LEU A 167 -7.29 -9.96 -23.89
N ALA A 168 -7.77 -10.67 -22.86
CA ALA A 168 -8.09 -12.11 -22.96
C ALA A 168 -9.46 -12.33 -23.62
N GLY A 169 -10.30 -11.29 -23.62
CA GLY A 169 -11.66 -11.36 -24.15
C GLY A 169 -12.67 -11.87 -23.11
N GLU A 170 -12.22 -11.98 -21.85
CA GLU A 170 -13.08 -12.36 -20.72
C GLU A 170 -14.07 -11.21 -20.40
N SER A 171 -15.37 -11.52 -20.45
CA SER A 171 -16.42 -10.58 -20.10
C SER A 171 -16.41 -10.30 -18.58
N LEU A 172 -16.22 -9.02 -18.22
CA LEU A 172 -16.28 -8.54 -16.83
C LEU A 172 -17.74 -8.21 -16.42
N PRO A 173 -18.11 -8.29 -15.09
CA PRO A 173 -19.46 -7.90 -14.61
C PRO A 173 -19.76 -6.40 -14.79
N ALA A 174 -20.99 -5.99 -14.45
CA ALA A 174 -21.41 -4.58 -14.53
C ALA A 174 -20.63 -3.73 -13.50
N ILE A 175 -19.77 -2.82 -14.01
CA ILE A 175 -18.87 -1.99 -13.20
C ILE A 175 -19.51 -0.61 -13.00
N ASP A 176 -19.90 -0.29 -11.75
CA ASP A 176 -20.50 1.01 -11.43
C ASP A 176 -19.46 2.12 -11.56
N THR A 177 -19.56 2.89 -12.66
CA THR A 177 -18.68 4.01 -12.97
C THR A 177 -19.32 5.34 -12.56
N ARG A 178 -20.52 5.25 -11.94
CA ARG A 178 -21.36 6.42 -11.59
C ARG A 178 -20.97 6.94 -10.19
N TYR A 179 -20.60 6.02 -9.28
CA TYR A 179 -20.17 6.34 -7.92
C TYR A 179 -18.67 6.67 -7.89
N ASP A 180 -18.37 7.98 -7.92
CA ASP A 180 -17.02 8.53 -7.71
C ASP A 180 -17.00 9.15 -6.27
N PHE A 181 -15.84 9.68 -5.84
CA PHE A 181 -15.69 10.34 -4.52
C PHE A 181 -16.60 11.58 -4.33
N ARG A 182 -17.20 12.10 -5.42
CA ARG A 182 -18.22 13.17 -5.32
C ARG A 182 -19.44 12.67 -4.50
N SER A 183 -19.98 11.50 -4.88
CA SER A 183 -21.14 10.88 -4.18
C SER A 183 -20.71 10.06 -2.96
N TYR A 184 -19.46 9.53 -2.97
CA TYR A 184 -18.91 8.76 -1.85
C TYR A 184 -18.79 9.63 -0.59
N LEU A 185 -18.05 10.77 -0.69
CA LEU A 185 -17.86 11.70 0.46
C LEU A 185 -19.18 12.43 0.82
N LEU A 186 -20.08 12.58 -0.17
CA LEU A 186 -21.42 13.18 0.05
C LEU A 186 -22.24 12.29 1.01
N HIS A 187 -22.38 11.00 0.64
CA HIS A 187 -23.14 10.02 1.42
C HIS A 187 -22.41 9.65 2.74
N GLN A 188 -21.07 9.67 2.68
CA GLN A 188 -20.22 9.36 3.85
C GLN A 188 -20.41 10.43 4.91
N GLN A 189 -20.53 11.70 4.47
CA GLN A 189 -20.81 12.85 5.35
C GLN A 189 -22.13 12.66 6.10
N LYS A 190 -23.17 12.21 5.37
CA LYS A 190 -24.51 11.96 5.93
C LYS A 190 -24.47 10.92 7.07
N ILE A 191 -23.75 9.82 6.86
CA ILE A 191 -23.64 8.73 7.86
C ILE A 191 -22.51 8.99 8.88
N ASN A 192 -21.65 10.01 8.59
CA ASN A 192 -20.56 10.44 9.50
C ASN A 192 -21.12 11.33 10.61
N GLN A 193 -22.12 12.16 10.27
CA GLN A 193 -22.72 13.14 11.21
C GLN A 193 -23.27 12.47 12.52
N PRO A 194 -24.09 11.36 12.45
CA PRO A 194 -24.46 10.59 13.68
C PRO A 194 -23.24 9.91 14.34
N LEU A 195 -22.26 9.52 13.49
CA LEU A 195 -21.04 8.81 13.91
C LEU A 195 -20.06 9.73 14.69
N ARG A 196 -20.15 11.07 14.51
CA ARG A 196 -19.18 12.04 15.08
C ARG A 196 -19.04 11.93 16.60
N ASP A 197 -20.19 11.99 17.31
CA ASP A 197 -20.25 11.93 18.80
C ASP A 197 -19.65 10.61 19.31
N ASP A 198 -19.95 9.53 18.57
CA ASP A 198 -19.47 8.19 18.86
C ASP A 198 -17.94 8.11 18.69
N ALA A 199 -17.47 8.59 17.54
CA ALA A 199 -16.06 8.49 17.12
C ALA A 199 -15.14 9.36 18.00
N ARG A 200 -15.70 10.45 18.57
CA ARG A 200 -14.95 11.31 19.50
C ARG A 200 -14.87 10.65 20.87
N ALA A 201 -16.03 10.43 21.52
CA ALA A 201 -16.12 9.91 22.91
C ALA A 201 -15.37 8.58 23.09
N TYR A 202 -15.47 7.71 22.07
CA TYR A 202 -14.94 6.35 22.10
C TYR A 202 -13.44 6.31 21.80
N TRP A 203 -13.04 6.95 20.68
CA TRP A 203 -11.64 6.89 20.18
C TRP A 203 -10.71 7.88 20.92
N LEU A 204 -11.28 8.86 21.63
CA LEU A 204 -10.49 9.72 22.57
C LEU A 204 -10.23 8.97 23.89
N ALA A 205 -11.20 8.14 24.32
CA ALA A 205 -11.00 7.20 25.46
C ALA A 205 -9.89 6.19 25.11
N LYS A 206 -9.97 5.72 23.85
CA LYS A 206 -8.93 4.90 23.23
C LYS A 206 -7.60 5.67 23.19
N ALA A 207 -7.60 6.89 22.65
CA ALA A 207 -6.37 7.71 22.44
C ALA A 207 -5.68 8.07 23.77
N SER A 208 -6.47 8.07 24.85
CA SER A 208 -5.98 8.30 26.22
C SER A 208 -5.13 7.11 26.71
N THR A 209 -5.49 5.89 26.25
CA THR A 209 -4.80 4.63 26.64
C THR A 209 -4.01 3.98 25.48
N LEU A 210 -4.11 4.53 24.24
CA LEU A 210 -3.39 3.98 23.06
C LEU A 210 -1.90 4.32 23.15
N PRO A 211 -1.00 3.39 22.69
CA PRO A 211 0.46 3.65 22.64
C PRO A 211 0.81 4.81 21.67
N PRO A 212 1.95 5.52 21.92
CA PRO A 212 2.38 6.65 21.06
C PRO A 212 2.69 6.23 19.60
N ALA A 213 2.55 7.19 18.65
CA ALA A 213 2.74 6.96 17.20
C ALA A 213 4.19 6.51 16.87
N PRO A 214 4.38 5.63 15.81
CA PRO A 214 5.65 4.89 15.53
C PRO A 214 6.96 5.64 15.84
N VAL A 215 7.77 5.03 16.73
CA VAL A 215 9.02 5.61 17.25
C VAL A 215 10.21 5.13 16.40
N LEU A 216 10.65 6.00 15.48
CA LEU A 216 11.75 5.71 14.56
C LEU A 216 12.74 6.88 14.59
N PRO A 217 13.97 6.69 15.17
CA PRO A 217 15.04 7.70 15.10
C PRO A 217 15.72 7.68 13.72
N LEU A 218 15.81 8.85 13.07
CA LEU A 218 16.34 8.95 11.70
C LEU A 218 17.84 9.30 11.71
N ALA A 219 18.56 8.81 10.69
CA ALA A 219 19.98 9.13 10.46
C ALA A 219 20.15 10.54 9.87
N CYS A 220 19.10 11.02 9.16
CA CYS A 220 19.07 12.37 8.56
C CYS A 220 17.79 13.12 8.99
N GLU A 221 17.87 14.46 8.96
CA GLU A 221 16.77 15.35 9.35
C GLU A 221 15.80 15.54 8.15
N PRO A 222 14.45 15.26 8.33
CA PRO A 222 13.42 15.28 7.23
C PRO A 222 13.41 16.54 6.33
N ALA A 223 13.49 17.73 6.96
CA ALA A 223 13.31 19.03 6.24
C ALA A 223 14.52 19.38 5.34
N THR A 224 15.69 18.78 5.64
CA THR A 224 16.93 19.01 4.86
C THR A 224 17.13 17.92 3.77
N LEU A 225 16.13 17.03 3.60
CA LEU A 225 16.11 16.02 2.52
C LEU A 225 15.53 16.61 1.24
N ARG A 226 16.36 16.74 0.18
CA ARG A 226 15.87 17.09 -1.16
C ARG A 226 15.20 15.85 -1.76
N GLU A 227 15.90 14.71 -1.67
CA GLU A 227 15.40 13.39 -2.09
C GLU A 227 15.52 12.38 -0.95
N VAL A 228 14.72 11.31 -1.00
CA VAL A 228 14.80 10.17 -0.07
C VAL A 228 15.47 8.95 -0.77
N ARG A 229 16.43 8.33 -0.07
CA ARG A 229 17.11 7.11 -0.51
C ARG A 229 16.48 5.90 0.18
N ASN A 230 15.97 4.93 -0.61
CA ASN A 230 15.36 3.68 -0.08
C ASN A 230 16.19 2.47 -0.54
N THR A 231 16.53 1.57 0.42
CA THR A 231 17.15 0.27 0.14
C THR A 231 16.26 -0.84 0.74
N ARG A 232 15.62 -1.62 -0.15
CA ARG A 232 14.72 -2.71 0.25
C ARG A 232 15.51 -3.98 0.63
N ARG A 233 15.05 -4.64 1.70
CA ARG A 233 15.46 -6.00 2.04
C ARG A 233 14.46 -6.94 1.37
N ARG A 234 14.90 -7.57 0.25
CA ARG A 234 14.07 -8.52 -0.52
C ARG A 234 14.54 -9.95 -0.23
N MET A 235 13.65 -10.77 0.35
CA MET A 235 13.93 -12.19 0.65
C MET A 235 12.71 -13.06 0.29
N ILE A 236 12.99 -14.24 -0.26
CA ILE A 236 11.98 -15.29 -0.46
C ILE A 236 11.96 -16.20 0.79
N VAL A 237 10.86 -16.14 1.55
CA VAL A 237 10.65 -17.05 2.68
C VAL A 237 9.87 -18.28 2.18
N PRO A 238 10.40 -19.54 2.41
CA PRO A 238 9.70 -20.78 2.02
C PRO A 238 8.28 -20.86 2.59
N ALA A 239 7.34 -21.34 1.75
CA ALA A 239 5.94 -21.54 2.16
C ALA A 239 5.84 -22.55 3.32
N THR A 240 6.84 -23.47 3.41
CA THR A 240 6.97 -24.43 4.52
C THR A 240 7.19 -23.72 5.87
N ARG A 241 8.10 -22.73 5.88
CA ARG A 241 8.45 -21.95 7.08
C ARG A 241 7.24 -21.11 7.55
N TRP A 242 6.59 -20.45 6.57
CA TRP A 242 5.41 -19.61 6.84
C TRP A 242 4.25 -20.46 7.37
N HIS A 243 4.10 -21.67 6.79
CA HIS A 243 3.01 -22.62 7.15
C HIS A 243 3.30 -23.29 8.50
N ALA A 244 4.58 -23.48 8.83
CA ALA A 244 5.00 -24.11 10.09
C ALA A 244 4.64 -23.22 11.29
N PHE A 245 4.82 -21.89 11.12
CA PHE A 245 4.34 -20.89 12.11
C PHE A 245 2.80 -20.88 12.11
N SER A 246 2.20 -20.97 10.90
CA SER A 246 0.74 -20.95 10.71
C SER A 246 0.05 -22.10 11.48
N ASN A 247 0.72 -23.26 11.54
CA ASN A 247 0.28 -24.42 12.33
C ASN A 247 0.18 -24.02 13.81
N ARG A 248 1.29 -23.45 14.31
CA ARG A 248 1.46 -23.10 15.73
C ARG A 248 0.48 -21.98 16.18
N ALA A 249 0.27 -21.01 15.29
CA ALA A 249 -0.60 -19.85 15.55
C ALA A 249 -2.08 -20.27 15.51
N GLY A 250 -2.45 -20.99 14.44
CA GLY A 250 -3.81 -21.46 14.23
C GLY A 250 -4.30 -22.39 15.33
N GLU A 251 -3.43 -23.35 15.73
CA GLU A 251 -3.75 -24.31 16.81
C GLU A 251 -3.68 -23.66 18.20
N TYR A 252 -3.08 -22.45 18.30
CA TYR A 252 -3.06 -21.69 19.58
C TYR A 252 -4.36 -20.86 19.71
N GLY A 253 -4.97 -20.50 18.56
CA GLY A 253 -6.23 -19.74 18.53
C GLY A 253 -6.03 -18.27 18.18
N VAL A 254 -4.85 -17.94 17.62
CA VAL A 254 -4.54 -16.60 17.11
C VAL A 254 -4.40 -16.66 15.57
N THR A 255 -4.81 -15.59 14.86
CA THR A 255 -4.82 -15.56 13.39
C THR A 255 -3.38 -15.60 12.85
N PRO A 256 -3.00 -16.66 12.04
CA PRO A 256 -1.61 -16.84 11.53
C PRO A 256 -1.10 -15.66 10.70
N THR A 257 -1.86 -15.28 9.66
CA THR A 257 -1.49 -14.22 8.70
C THR A 257 -1.26 -12.86 9.42
N MET A 258 -2.20 -12.48 10.31
CA MET A 258 -2.14 -11.19 11.02
C MET A 258 -1.02 -11.20 12.06
N ALA A 259 -0.94 -12.28 12.88
CA ALA A 259 0.02 -12.38 14.00
C ALA A 259 1.48 -12.47 13.51
N LEU A 260 1.70 -13.10 12.36
CA LEU A 260 3.05 -13.32 11.78
C LEU A 260 3.59 -11.99 11.21
N ALA A 261 2.74 -11.33 10.39
CA ALA A 261 3.07 -10.04 9.73
C ALA A 261 3.28 -8.92 10.77
N THR A 262 2.42 -8.90 11.80
CA THR A 262 2.47 -7.91 12.88
C THR A 262 3.60 -8.24 13.87
N CYS A 263 3.99 -9.54 13.99
CA CYS A 263 5.13 -9.95 14.85
C CYS A 263 6.43 -9.28 14.37
N PHE A 264 6.65 -9.31 13.05
CA PHE A 264 7.77 -8.63 12.39
C PHE A 264 7.77 -7.12 12.73
N SER A 265 6.65 -6.47 12.36
CA SER A 265 6.53 -5.01 12.33
C SER A 265 6.46 -4.38 13.74
N ALA A 266 5.88 -5.13 14.70
CA ALA A 266 5.70 -4.66 16.10
C ALA A 266 7.06 -4.55 16.77
N VAL A 267 7.84 -5.63 16.64
CA VAL A 267 9.17 -5.75 17.26
C VAL A 267 10.19 -4.78 16.58
N LEU A 268 10.03 -4.57 15.26
CA LEU A 268 10.88 -3.66 14.46
C LEU A 268 10.64 -2.20 14.88
N ALA A 269 9.36 -1.84 15.00
CA ALA A 269 8.94 -0.47 15.32
C ALA A 269 9.19 -0.14 16.81
N ARG A 270 9.00 -1.13 17.70
CA ARG A 270 9.14 -0.93 19.17
C ARG A 270 10.62 -0.85 19.59
N TRP A 271 11.53 -1.20 18.66
CA TRP A 271 13.00 -1.11 18.85
C TRP A 271 13.45 0.35 19.18
N GLY A 272 12.61 1.34 18.83
CA GLY A 272 12.83 2.76 19.22
C GLY A 272 12.57 3.05 20.72
N GLY A 273 12.41 1.97 21.52
CA GLY A 273 12.35 2.05 22.98
C GLY A 273 10.94 1.93 23.55
N LEU A 274 9.92 2.12 22.70
CA LEU A 274 8.49 2.03 23.09
C LEU A 274 7.95 0.64 22.77
N THR A 275 8.05 -0.26 23.77
CA THR A 275 7.63 -1.68 23.68
C THR A 275 6.15 -1.85 23.26
N ARG A 276 5.37 -0.78 23.48
CA ARG A 276 3.98 -0.69 23.02
C ARG A 276 3.90 0.27 21.82
N LEU A 277 3.22 -0.17 20.74
CA LEU A 277 3.16 0.60 19.48
C LEU A 277 1.98 0.10 18.60
N LEU A 278 1.27 1.04 17.94
CA LEU A 278 0.13 0.72 17.05
C LEU A 278 0.63 0.60 15.59
N LEU A 279 0.42 -0.59 15.00
CA LEU A 279 0.87 -0.93 13.65
C LEU A 279 -0.22 -0.63 12.62
N ASN A 280 0.20 -0.24 11.42
CA ASN A 280 -0.70 0.15 10.32
C ASN A 280 -0.73 -0.98 9.28
N ILE A 281 -1.85 -1.72 9.20
CA ILE A 281 -2.00 -2.87 8.27
C ILE A 281 -2.99 -2.46 7.17
N THR A 282 -2.63 -2.70 5.91
CA THR A 282 -3.49 -2.45 4.75
C THR A 282 -4.37 -3.69 4.48
N LEU A 283 -5.68 -3.58 4.79
CA LEU A 283 -6.68 -4.63 4.48
C LEU A 283 -7.56 -4.15 3.33
N PHE A 284 -7.98 -5.11 2.47
CA PHE A 284 -8.98 -4.86 1.42
C PHE A 284 -10.39 -5.07 2.00
N ASP A 285 -11.13 -3.96 2.15
CA ASP A 285 -12.49 -3.94 2.67
C ASP A 285 -13.43 -3.31 1.64
N ARG A 286 -14.18 -4.18 0.94
CA ARG A 286 -15.26 -3.77 0.03
C ARG A 286 -16.60 -4.14 0.69
N GLN A 287 -17.18 -3.19 1.44
CA GLN A 287 -18.51 -3.34 2.05
C GLN A 287 -19.56 -2.80 1.04
N PRO A 288 -20.37 -3.70 0.38
CA PRO A 288 -21.35 -3.30 -0.64
C PRO A 288 -22.61 -2.66 -0.03
N LEU A 289 -22.48 -1.39 0.42
CA LEU A 289 -23.63 -0.54 0.85
C LEU A 289 -24.64 -0.41 -0.31
N HIS A 290 -24.07 -0.26 -1.52
CA HIS A 290 -24.78 -0.44 -2.80
C HIS A 290 -24.28 -1.76 -3.44
N PRO A 291 -25.20 -2.68 -3.89
CA PRO A 291 -24.81 -3.96 -4.54
C PRO A 291 -23.80 -3.79 -5.70
N ALA A 292 -23.96 -2.69 -6.46
CA ALA A 292 -23.11 -2.38 -7.64
C ALA A 292 -21.64 -2.10 -7.25
N VAL A 293 -21.44 -1.59 -6.02
CA VAL A 293 -20.08 -1.37 -5.44
C VAL A 293 -19.35 -2.71 -5.22
N GLY A 294 -20.12 -3.73 -4.78
CA GLY A 294 -19.59 -5.09 -4.61
C GLY A 294 -19.49 -5.86 -5.93
N ALA A 295 -20.30 -5.44 -6.92
CA ALA A 295 -20.35 -6.06 -8.26
C ALA A 295 -19.09 -5.70 -9.09
N MET A 296 -18.56 -4.48 -8.85
CA MET A 296 -17.35 -4.00 -9.54
C MET A 296 -16.09 -4.32 -8.70
N LEU A 297 -14.94 -4.41 -9.40
CA LEU A 297 -13.65 -4.72 -8.79
C LEU A 297 -13.12 -3.47 -8.06
N ALA A 298 -12.70 -3.63 -6.81
CA ALA A 298 -12.25 -2.51 -5.97
C ALA A 298 -11.11 -2.94 -5.07
N ASP A 299 -11.46 -3.76 -4.04
CA ASP A 299 -10.55 -4.14 -2.95
C ASP A 299 -10.02 -2.86 -2.26
N PHE A 300 -10.98 -2.04 -1.77
CA PHE A 300 -10.72 -0.71 -1.18
C PHE A 300 -9.75 -0.85 0.00
N THR A 301 -8.56 -0.28 -0.14
CA THR A 301 -7.52 -0.39 0.87
C THR A 301 -7.82 0.54 2.08
N ASN A 302 -8.46 -0.06 3.10
CA ASN A 302 -8.77 0.59 4.38
C ASN A 302 -7.81 0.05 5.44
N ILE A 303 -7.09 0.96 6.10
CA ILE A 303 -6.05 0.59 7.07
C ILE A 303 -6.61 0.47 8.49
N LEU A 304 -6.10 -0.53 9.23
CA LEU A 304 -6.47 -0.79 10.64
C LEU A 304 -5.23 -0.63 11.52
N LEU A 305 -5.40 -0.03 12.72
CA LEU A 305 -4.29 0.27 13.63
C LEU A 305 -4.29 -0.71 14.81
N LEU A 306 -3.51 -1.80 14.69
CA LEU A 306 -3.45 -2.86 15.72
C LEU A 306 -2.39 -2.48 16.74
N ASP A 307 -2.87 -2.00 17.90
CA ASP A 307 -2.01 -1.58 19.02
C ASP A 307 -1.49 -2.82 19.75
N THR A 308 -0.18 -2.87 19.91
CA THR A 308 0.49 -3.82 20.80
C THR A 308 0.62 -3.16 22.19
N ALA A 309 0.13 -3.83 23.24
CA ALA A 309 0.13 -3.30 24.63
C ALA A 309 1.54 -3.31 25.25
N CYS A 310 2.35 -4.26 24.77
CA CYS A 310 3.67 -4.56 25.34
C CYS A 310 4.35 -5.64 24.48
N ASP A 311 5.69 -5.68 24.55
CA ASP A 311 6.52 -6.73 23.91
C ASP A 311 7.60 -7.18 24.93
N GLY A 312 8.41 -8.18 24.58
CA GLY A 312 9.39 -8.75 25.52
C GLY A 312 8.89 -10.06 26.14
N ASP A 313 7.65 -10.42 25.80
CA ASP A 313 6.91 -11.53 26.43
C ASP A 313 6.78 -12.73 25.49
N THR A 314 6.13 -13.77 26.03
CA THR A 314 5.73 -14.96 25.28
C THR A 314 4.80 -14.58 24.10
N VAL A 315 4.87 -15.35 22.98
CA VAL A 315 4.01 -15.12 21.79
C VAL A 315 2.51 -15.25 22.14
N SER A 316 2.23 -15.94 23.27
CA SER A 316 0.90 -16.05 23.87
C SER A 316 0.27 -14.66 24.09
N ASN A 317 0.93 -13.80 24.89
CA ASN A 317 0.42 -12.45 25.24
C ASN A 317 0.36 -11.54 23.99
N LEU A 318 1.42 -11.63 23.17
CA LEU A 318 1.66 -10.66 22.08
C LEU A 318 0.67 -10.87 20.91
N ALA A 319 0.65 -12.10 20.39
CA ALA A 319 -0.22 -12.48 19.24
C ALA A 319 -1.72 -12.45 19.62
N ARG A 320 -2.03 -12.71 20.90
CA ARG A 320 -3.41 -12.68 21.42
C ARG A 320 -3.91 -11.24 21.47
N LYS A 321 -3.02 -10.32 21.90
CA LYS A 321 -3.30 -8.88 21.99
C LYS A 321 -3.51 -8.26 20.58
N ASN A 322 -2.69 -8.68 19.62
CA ASN A 322 -2.80 -8.21 18.21
C ASN A 322 -4.11 -8.71 17.58
N GLN A 323 -4.48 -9.96 17.90
CA GLN A 323 -5.72 -10.60 17.40
C GLN A 323 -6.96 -10.01 18.10
N LEU A 324 -6.79 -9.58 19.37
CA LEU A 324 -7.85 -8.95 20.19
C LEU A 324 -8.14 -7.54 19.63
N THR A 325 -7.06 -6.80 19.29
CA THR A 325 -7.18 -5.45 18.72
C THR A 325 -7.71 -5.52 17.28
N PHE A 326 -7.42 -6.62 16.56
CA PHE A 326 -7.97 -6.84 15.21
C PHE A 326 -9.52 -6.96 15.27
N THR A 327 -10.05 -7.44 16.40
CA THR A 327 -11.50 -7.51 16.64
C THR A 327 -12.07 -6.08 16.82
N GLU A 328 -11.34 -5.26 17.60
CA GLU A 328 -11.66 -3.83 17.86
C GLU A 328 -11.74 -3.04 16.54
N ASP A 329 -10.66 -3.12 15.76
CA ASP A 329 -10.53 -2.45 14.47
C ASP A 329 -11.61 -2.90 13.48
N TRP A 330 -11.70 -4.22 13.23
CA TRP A 330 -12.65 -4.80 12.24
C TRP A 330 -14.10 -4.36 12.51
N GLU A 331 -14.49 -4.36 13.79
CA GLU A 331 -15.86 -4.04 14.19
C GLU A 331 -16.13 -2.52 14.09
N HIS A 332 -15.13 -1.70 14.48
CA HIS A 332 -15.28 -0.23 14.58
C HIS A 332 -14.48 0.50 13.46
N ARG A 333 -14.34 -0.17 12.29
CA ARG A 333 -13.60 0.34 11.10
C ARG A 333 -14.44 1.31 10.23
N HIS A 334 -15.63 1.68 10.74
CA HIS A 334 -16.62 2.58 10.07
C HIS A 334 -15.99 3.88 9.51
N TRP A 335 -14.89 4.33 10.14
CA TRP A 335 -14.05 5.44 9.63
C TRP A 335 -12.61 4.93 9.39
N SER A 336 -11.83 5.63 8.54
CA SER A 336 -10.48 5.20 8.16
C SER A 336 -9.46 5.34 9.32
N GLY A 337 -8.49 4.40 9.39
CA GLY A 337 -7.40 4.44 10.38
C GLY A 337 -6.48 5.66 10.23
N VAL A 338 -6.53 6.31 9.05
CA VAL A 338 -5.76 7.55 8.77
C VAL A 338 -6.06 8.64 9.82
N GLU A 339 -7.36 8.89 10.00
CA GLU A 339 -7.88 9.96 10.85
C GLU A 339 -7.82 9.57 12.34
N LEU A 340 -7.68 8.26 12.60
CA LEU A 340 -7.46 7.72 13.96
C LEU A 340 -6.02 8.05 14.41
N LEU A 341 -5.04 7.84 13.48
CA LEU A 341 -3.62 8.14 13.72
C LEU A 341 -3.42 9.65 13.86
N ARG A 342 -4.15 10.42 13.03
CA ARG A 342 -4.10 11.90 13.02
C ARG A 342 -4.77 12.48 14.30
N GLU A 343 -5.77 11.75 14.83
CA GLU A 343 -6.47 12.11 16.09
C GLU A 343 -5.51 11.94 17.29
N LEU A 344 -4.73 10.86 17.24
CA LEU A 344 -3.71 10.52 18.25
C LEU A 344 -2.51 11.51 18.14
N LYS A 345 -2.23 11.94 16.89
CA LYS A 345 -1.11 12.82 16.54
C LYS A 345 -1.35 14.26 17.03
N ARG A 346 -2.59 14.78 16.83
CA ARG A 346 -2.96 16.14 17.29
C ARG A 346 -3.04 16.21 18.82
N GLN A 347 -3.23 15.03 19.46
CA GLN A 347 -3.26 14.86 20.92
C GLN A 347 -1.81 14.83 21.51
N GLN A 348 -0.80 15.12 20.65
CA GLN A 348 0.63 15.28 21.02
C GLN A 348 1.32 13.90 21.25
N ARG A 349 0.58 12.80 21.00
CA ARG A 349 1.13 11.42 21.13
C ARG A 349 1.79 10.95 19.81
N TYR A 350 2.74 11.76 19.32
CA TYR A 350 3.61 11.41 18.19
C TYR A 350 5.09 11.73 18.57
N PRO A 351 5.86 10.75 19.15
CA PRO A 351 7.32 10.95 19.44
C PRO A 351 8.10 11.21 18.14
N HIS A 352 7.63 10.60 17.05
CA HIS A 352 8.09 10.93 15.69
C HIS A 352 6.88 10.95 14.74
N GLY A 353 5.99 9.94 14.90
CA GLY A 353 4.77 9.81 14.07
C GLY A 353 5.09 9.39 12.63
N ALA A 354 5.92 8.34 12.51
CA ALA A 354 6.50 7.90 11.21
C ALA A 354 5.73 6.66 10.67
N PRO A 355 4.77 6.82 9.69
CA PRO A 355 3.84 5.74 9.25
C PRO A 355 4.55 4.45 8.76
N VAL A 356 4.48 3.38 9.58
CA VAL A 356 4.92 2.03 9.18
C VAL A 356 3.70 1.24 8.67
N VAL A 357 3.57 1.15 7.34
CA VAL A 357 2.41 0.54 6.67
C VAL A 357 2.85 -0.76 5.98
N PHE A 358 2.18 -1.88 6.30
CA PHE A 358 2.48 -3.18 5.70
C PHE A 358 1.21 -3.87 5.16
N THR A 359 1.23 -4.17 3.86
CA THR A 359 0.20 -4.93 3.15
C THR A 359 0.63 -6.41 3.15
N SER A 360 -0.22 -7.28 3.73
CA SER A 360 0.08 -8.72 3.88
C SER A 360 -1.05 -9.55 3.27
N ASN A 361 -0.79 -10.11 2.09
CA ASN A 361 -1.74 -10.93 1.33
C ASN A 361 -1.18 -12.35 1.17
N LEU A 362 -1.74 -13.30 1.94
CA LEU A 362 -1.40 -14.74 1.87
C LEU A 362 -2.58 -15.54 1.29
N GLY A 363 -2.36 -16.16 0.11
CA GLY A 363 -3.37 -16.99 -0.56
C GLY A 363 -4.23 -16.20 -1.54
N ARG A 364 -4.35 -14.88 -1.30
CA ARG A 364 -5.22 -13.99 -2.09
C ARG A 364 -4.56 -12.60 -2.13
N SER A 365 -4.15 -12.14 -3.33
CA SER A 365 -3.57 -10.79 -3.56
C SER A 365 -4.56 -9.84 -4.26
N LEU A 366 -4.30 -8.52 -4.14
CA LEU A 366 -5.12 -7.45 -4.74
C LEU A 366 -5.04 -7.51 -6.28
N TYR A 367 -3.86 -7.18 -6.81
CA TYR A 367 -3.53 -7.37 -8.24
C TYR A 367 -2.72 -8.66 -8.38
N SER A 368 -2.40 -9.05 -9.62
CA SER A 368 -1.61 -10.24 -9.87
C SER A 368 -0.13 -9.97 -9.58
N SER A 369 0.29 -10.28 -8.34
CA SER A 369 1.69 -10.27 -7.90
C SER A 369 2.32 -11.68 -8.05
N ARG A 370 1.51 -12.59 -8.61
CA ARG A 370 1.76 -14.04 -8.63
C ARG A 370 2.48 -14.47 -9.94
N ALA A 371 2.65 -15.79 -10.12
CA ALA A 371 3.23 -16.35 -11.36
C ALA A 371 2.14 -16.54 -12.43
N GLU A 372 0.87 -16.67 -11.98
CA GLU A 372 -0.32 -16.89 -12.86
C GLU A 372 -0.84 -15.54 -13.44
N SER A 373 -0.03 -14.46 -13.31
CA SER A 373 -0.35 -13.10 -13.81
C SER A 373 -0.75 -13.12 -15.31
N PRO A 374 -1.97 -12.61 -15.66
CA PRO A 374 -2.62 -12.85 -16.98
C PRO A 374 -1.90 -12.18 -18.16
N LEU A 375 -1.49 -10.90 -18.01
CA LEU A 375 -0.76 -10.18 -19.08
C LEU A 375 0.71 -9.97 -18.69
N GLY A 376 0.96 -9.53 -17.44
CA GLY A 376 2.29 -9.12 -17.01
C GLY A 376 2.55 -9.47 -15.55
N GLU A 377 3.70 -10.10 -15.29
CA GLU A 377 4.14 -10.46 -13.94
C GLU A 377 5.07 -9.36 -13.40
N PRO A 378 4.81 -8.76 -12.19
CA PRO A 378 5.65 -7.65 -11.66
C PRO A 378 7.08 -8.13 -11.30
N GLU A 379 8.09 -7.42 -11.85
CA GLU A 379 9.50 -7.63 -11.49
C GLU A 379 9.78 -7.00 -10.11
N TRP A 380 10.67 -7.64 -9.32
CA TRP A 380 11.07 -7.15 -7.99
C TRP A 380 11.80 -5.79 -8.13
N GLY A 381 11.23 -4.74 -7.51
CA GLY A 381 11.79 -3.39 -7.59
C GLY A 381 11.83 -2.72 -6.23
N ILE A 382 11.51 -1.41 -6.20
CA ILE A 382 11.44 -0.62 -4.96
C ILE A 382 10.05 0.03 -4.81
N SER A 383 9.51 -0.02 -3.59
CA SER A 383 8.38 0.83 -3.18
C SER A 383 8.98 2.19 -2.74
N GLN A 384 8.60 3.27 -3.45
CA GLN A 384 9.20 4.62 -3.29
C GLN A 384 8.97 5.21 -1.88
N THR A 385 8.01 4.64 -1.13
CA THR A 385 7.51 5.16 0.16
C THR A 385 7.09 6.65 0.04
N PRO A 386 6.01 6.95 -0.80
CA PRO A 386 5.57 8.34 -1.10
C PRO A 386 4.97 9.04 0.13
N GLN A 387 4.04 8.37 0.81
CA GLN A 387 3.36 8.91 2.03
C GLN A 387 3.69 8.03 3.25
N VAL A 388 4.59 7.05 3.06
CA VAL A 388 4.96 6.04 4.06
C VAL A 388 6.45 6.22 4.43
N TRP A 389 6.85 5.83 5.65
CA TRP A 389 8.26 5.90 6.10
C TRP A 389 8.94 4.52 5.88
N ILE A 390 8.33 3.44 6.42
CA ILE A 390 8.74 2.04 6.13
C ILE A 390 7.55 1.29 5.52
N ASP A 391 7.73 0.79 4.30
CA ASP A 391 6.72 0.03 3.55
C ASP A 391 7.10 -1.46 3.61
N HIS A 392 6.10 -2.35 3.74
CA HIS A 392 6.34 -3.81 3.68
C HIS A 392 5.21 -4.49 2.90
N LEU A 393 5.52 -4.91 1.67
CA LEU A 393 4.63 -5.70 0.84
C LEU A 393 4.93 -7.20 1.06
N ALA A 394 3.87 -8.00 1.14
CA ALA A 394 3.94 -9.46 1.23
C ALA A 394 2.84 -10.05 0.34
N PHE A 395 3.26 -10.82 -0.68
CA PHE A 395 2.35 -11.41 -1.68
C PHE A 395 2.89 -12.79 -2.09
N GLU A 396 2.11 -13.51 -2.92
CA GLU A 396 2.45 -14.86 -3.40
C GLU A 396 3.08 -14.73 -4.78
N HIS A 397 4.12 -15.51 -5.07
CA HIS A 397 4.88 -15.42 -6.33
C HIS A 397 5.64 -16.74 -6.54
N HIS A 398 5.30 -17.47 -7.64
CA HIS A 398 5.92 -18.77 -8.00
C HIS A 398 5.56 -19.88 -6.96
N GLY A 399 4.51 -19.61 -6.16
CA GLY A 399 3.99 -20.56 -5.17
C GLY A 399 4.49 -20.28 -3.74
N GLU A 400 5.51 -19.42 -3.59
CA GLU A 400 6.06 -19.04 -2.26
C GLU A 400 5.93 -17.53 -2.05
N VAL A 401 6.01 -17.09 -0.78
CA VAL A 401 5.74 -15.67 -0.42
C VAL A 401 7.05 -14.88 -0.31
N TRP A 402 7.09 -13.71 -0.99
CA TRP A 402 8.23 -12.77 -0.96
C TRP A 402 7.93 -11.63 0.01
N LEU A 403 8.97 -11.19 0.74
CA LEU A 403 8.88 -10.09 1.69
C LEU A 403 9.74 -8.90 1.17
N GLN A 404 9.04 -7.81 0.80
CA GLN A 404 9.67 -6.53 0.40
C GLN A 404 9.73 -5.62 1.63
N TRP A 405 10.93 -5.40 2.19
CA TRP A 405 11.11 -4.48 3.32
C TRP A 405 11.74 -3.19 2.82
N ASP A 406 10.89 -2.22 2.51
CA ASP A 406 11.31 -0.95 1.92
C ASP A 406 11.52 0.09 3.02
N SER A 407 12.78 0.16 3.47
CA SER A 407 13.23 1.09 4.51
C SER A 407 14.22 2.07 3.89
N ASN A 408 14.03 3.36 4.16
CA ASN A 408 14.92 4.41 3.65
C ASN A 408 16.27 4.35 4.37
N ASP A 409 17.33 4.03 3.60
CA ASP A 409 18.70 3.82 4.15
C ASP A 409 19.35 5.13 4.61
N ALA A 410 18.87 6.27 4.05
CA ALA A 410 19.29 7.62 4.49
C ALA A 410 18.70 7.96 5.88
N LEU A 411 17.61 7.26 6.25
CA LEU A 411 16.84 7.52 7.47
C LEU A 411 17.00 6.40 8.50
N PHE A 412 17.35 5.20 8.05
CA PHE A 412 17.47 4.00 8.89
C PHE A 412 18.81 3.33 8.62
N PRO A 413 19.53 2.82 9.68
CA PRO A 413 20.74 2.01 9.47
C PRO A 413 20.44 0.79 8.57
N PRO A 414 21.12 0.63 7.39
CA PRO A 414 20.90 -0.54 6.48
C PRO A 414 21.07 -1.88 7.22
N ALA A 415 22.02 -1.89 8.16
CA ALA A 415 22.27 -3.03 9.05
C ALA A 415 21.05 -3.37 9.92
N LEU A 416 20.36 -2.33 10.44
CA LEU A 416 19.27 -2.48 11.44
C LEU A 416 18.17 -3.45 10.98
N VAL A 417 17.48 -3.10 9.89
CA VAL A 417 16.33 -3.88 9.35
C VAL A 417 16.75 -5.31 8.96
N GLU A 418 18.01 -5.43 8.51
CA GLU A 418 18.59 -6.70 8.03
C GLU A 418 18.96 -7.63 9.23
N THR A 419 19.40 -7.02 10.33
CA THR A 419 19.76 -7.75 11.57
C THR A 419 18.50 -8.21 12.31
N LEU A 420 17.48 -7.33 12.31
CA LEU A 420 16.17 -7.63 12.92
C LEU A 420 15.48 -8.76 12.14
N PHE A 421 15.56 -8.71 10.79
CA PHE A 421 14.97 -9.75 9.92
C PHE A 421 15.66 -11.11 10.16
N ASP A 422 16.99 -11.07 10.35
CA ASP A 422 17.81 -12.26 10.63
C ASP A 422 17.34 -12.94 11.93
N ALA A 423 17.04 -12.09 12.93
CA ALA A 423 16.49 -12.51 14.23
C ALA A 423 15.09 -13.14 14.06
N TYR A 424 14.26 -12.53 13.18
CA TYR A 424 12.86 -12.96 12.96
C TYR A 424 12.79 -14.37 12.36
N CYS A 425 13.65 -14.64 11.39
CA CYS A 425 13.73 -15.96 10.74
C CYS A 425 14.17 -17.07 11.73
N GLN A 426 15.00 -16.67 12.72
CA GLN A 426 15.49 -17.58 13.78
C GLN A 426 14.39 -17.90 14.80
N LEU A 427 13.65 -16.86 15.24
CA LEU A 427 12.67 -17.01 16.34
C LEU A 427 11.38 -17.71 15.86
N ILE A 428 11.06 -17.56 14.55
CA ILE A 428 9.96 -18.32 13.91
C ILE A 428 10.34 -19.80 13.79
N ASN A 429 11.61 -20.08 13.44
CA ASN A 429 12.15 -21.46 13.34
C ASN A 429 12.00 -22.19 14.69
N GLN A 430 12.43 -21.51 15.76
CA GLN A 430 12.36 -22.00 17.14
C GLN A 430 10.89 -22.26 17.56
N LEU A 431 9.99 -21.37 17.11
CA LEU A 431 8.55 -21.41 17.44
C LEU A 431 7.85 -22.57 16.68
N CYS A 432 8.34 -22.84 15.47
CA CYS A 432 7.79 -23.88 14.59
C CYS A 432 8.20 -25.29 15.06
N ASP A 433 9.46 -25.43 15.51
CA ASP A 433 10.01 -26.73 15.93
C ASP A 433 9.78 -26.98 17.44
N ASP A 434 9.47 -25.93 18.22
CA ASP A 434 9.21 -26.08 19.67
C ASP A 434 7.89 -25.41 20.05
N GLU A 435 6.99 -26.23 20.63
CA GLU A 435 5.78 -25.75 21.32
C GLU A 435 6.17 -25.01 22.62
N SER A 436 7.35 -25.37 23.18
CA SER A 436 7.91 -24.71 24.37
C SER A 436 8.33 -23.26 24.08
N ALA A 437 8.56 -22.93 22.79
CA ALA A 437 8.94 -21.58 22.34
C ALA A 437 7.76 -20.60 22.43
N TRP A 438 6.54 -21.14 22.60
CA TRP A 438 5.35 -20.33 22.93
C TRP A 438 5.51 -19.72 24.33
N GLN A 439 6.20 -20.47 25.21
CA GLN A 439 6.44 -20.09 26.62
C GLN A 439 7.84 -19.44 26.80
N LYS A 440 8.75 -19.63 25.82
CA LYS A 440 10.08 -18.99 25.84
C LYS A 440 9.99 -17.65 25.08
N PRO A 441 10.45 -16.50 25.67
CA PRO A 441 10.28 -15.17 25.03
C PRO A 441 11.34 -14.96 23.92
N PHE A 442 10.85 -14.77 22.69
CA PHE A 442 11.68 -14.63 21.47
C PHE A 442 12.33 -13.24 21.37
N ALA A 443 11.73 -12.29 22.09
CA ALA A 443 12.11 -10.86 22.12
C ALA A 443 13.42 -10.60 22.92
N ASP A 444 14.01 -11.66 23.51
CA ASP A 444 15.24 -11.59 24.36
C ASP A 444 16.40 -10.79 23.70
N MET A 445 16.63 -11.00 22.39
CA MET A 445 17.66 -10.27 21.61
C MET A 445 17.36 -8.76 21.55
N LEU A 446 16.06 -8.44 21.55
CA LEU A 446 15.55 -7.06 21.44
C LEU A 446 15.36 -6.43 22.83
N GLU A 447 15.55 -7.26 23.89
CA GLU A 447 15.63 -6.79 25.28
C GLU A 447 17.09 -6.45 25.67
N HIS A 448 17.98 -6.34 24.66
CA HIS A 448 19.33 -5.77 24.87
C HIS A 448 19.20 -4.25 25.04
N HIS A 449 19.66 -3.75 26.21
CA HIS A 449 19.54 -2.34 26.62
C HIS A 449 18.05 -1.94 26.83
N HIS A 450 17.19 -2.94 27.12
CA HIS A 450 15.74 -2.71 27.31
C HIS A 450 15.12 -3.81 28.22
N HIS A 451 14.27 -3.38 29.16
CA HIS A 451 13.54 -4.26 30.09
C HIS A 451 12.28 -3.53 30.61
N HIS A 452 11.26 -3.50 29.76
CA HIS A 452 9.96 -2.87 30.06
C HIS A 452 8.88 -3.66 29.34
N HIS A 453 8.05 -4.34 30.11
CA HIS A 453 6.92 -5.12 29.58
C HIS A 453 5.64 -4.30 29.81
N MET A 1 -36.48 6.30 -15.39
CA MET A 1 -35.38 7.29 -15.51
C MET A 1 -35.12 7.96 -14.14
N PRO A 2 -33.82 8.19 -13.74
CA PRO A 2 -33.45 8.75 -12.40
C PRO A 2 -33.85 10.24 -12.22
N ASP A 3 -34.90 10.48 -11.41
CA ASP A 3 -35.36 11.85 -11.08
C ASP A 3 -34.56 12.39 -9.88
N GLU A 4 -33.49 13.15 -10.17
CA GLU A 4 -32.64 13.78 -9.16
C GLU A 4 -33.47 14.76 -8.30
N SER A 5 -33.60 14.45 -7.01
CA SER A 5 -34.36 15.25 -6.05
C SER A 5 -33.50 16.41 -5.50
N SER A 6 -33.98 17.08 -4.43
CA SER A 6 -33.20 18.11 -3.71
C SER A 6 -31.94 17.49 -3.05
N TRP A 7 -32.02 16.16 -2.79
CA TRP A 7 -30.95 15.39 -2.14
C TRP A 7 -29.70 15.28 -3.06
N PRO A 8 -28.46 15.23 -2.46
CA PRO A 8 -27.21 15.13 -3.23
C PRO A 8 -27.09 13.80 -3.98
N ASN A 9 -26.65 13.86 -5.25
CA ASN A 9 -26.48 12.67 -6.11
C ASN A 9 -24.99 12.53 -6.52
N MET A 10 -24.62 11.34 -7.06
CA MET A 10 -23.23 11.02 -7.53
C MET A 10 -22.65 12.04 -8.56
N THR A 11 -23.51 12.90 -9.10
CA THR A 11 -23.19 13.88 -10.18
C THR A 11 -22.58 15.18 -9.61
N GLU A 12 -21.75 15.03 -8.57
CA GLU A 12 -21.20 16.12 -7.76
C GLU A 12 -19.90 16.72 -8.38
N SER A 13 -19.96 17.05 -9.70
CA SER A 13 -18.84 17.66 -10.46
C SER A 13 -18.46 19.11 -10.00
N THR A 14 -18.96 19.53 -8.83
CA THR A 14 -18.47 20.73 -8.15
C THR A 14 -17.13 20.36 -7.49
N PRO A 15 -16.04 21.21 -7.63
CA PRO A 15 -14.73 20.92 -7.02
C PRO A 15 -14.82 20.75 -5.49
N PHE A 16 -14.45 19.55 -5.01
CA PHE A 16 -14.47 19.18 -3.58
C PHE A 16 -13.15 18.47 -3.22
N PRO A 17 -12.62 18.66 -1.96
CA PRO A 17 -11.41 17.95 -1.49
C PRO A 17 -11.52 16.41 -1.58
N LEU A 18 -10.37 15.74 -1.48
CA LEU A 18 -10.26 14.26 -1.54
C LEU A 18 -10.83 13.60 -0.26
N THR A 19 -10.73 12.26 -0.21
CA THR A 19 -11.10 11.47 0.98
C THR A 19 -10.34 12.01 2.23
N PRO A 20 -11.05 12.19 3.42
CA PRO A 20 -10.47 12.78 4.67
C PRO A 20 -9.14 12.14 5.16
N VAL A 21 -8.73 11.02 4.55
CA VAL A 21 -7.38 10.43 4.70
C VAL A 21 -6.28 11.50 4.47
N GLN A 22 -5.60 11.88 5.58
CA GLN A 22 -4.63 13.00 5.62
C GLN A 22 -3.38 12.70 4.76
N HIS A 23 -3.15 11.42 4.43
CA HIS A 23 -2.06 11.02 3.53
C HIS A 23 -2.23 11.69 2.14
N ALA A 24 -3.47 11.63 1.63
CA ALA A 24 -3.83 12.20 0.31
C ALA A 24 -3.99 13.73 0.38
N TYR A 25 -4.57 14.19 1.50
CA TYR A 25 -4.92 15.61 1.69
C TYR A 25 -3.66 16.48 1.92
N LEU A 26 -2.71 15.97 2.74
CA LEU A 26 -1.49 16.70 3.13
C LEU A 26 -0.52 16.75 1.94
N THR A 27 -0.05 15.56 1.49
CA THR A 27 1.00 15.43 0.46
C THR A 27 0.56 16.06 -0.88
N GLY A 28 -0.76 16.05 -1.15
CA GLY A 28 -1.31 16.64 -2.37
C GLY A 28 -1.22 18.15 -2.42
N ARG A 29 -1.35 18.78 -1.26
CA ARG A 29 -1.33 20.25 -1.13
C ARG A 29 0.05 20.75 -0.66
N MET A 30 0.85 19.83 -0.07
CA MET A 30 2.23 20.09 0.41
C MET A 30 3.20 19.06 -0.24
N PRO A 31 3.48 19.15 -1.58
CA PRO A 31 4.31 18.17 -2.29
C PRO A 31 5.79 18.59 -2.45
N GLY A 32 6.67 17.58 -2.62
CA GLY A 32 8.10 17.78 -2.89
C GLY A 32 8.98 17.58 -1.64
N GLN A 33 8.38 17.82 -0.46
CA GLN A 33 9.08 17.72 0.84
C GLN A 33 9.35 16.24 1.20
N THR A 34 10.56 15.99 1.75
CA THR A 34 11.04 14.62 2.07
C THR A 34 10.21 13.95 3.19
N LEU A 35 9.87 14.73 4.22
CA LEU A 35 8.96 14.26 5.30
C LEU A 35 7.50 14.62 4.98
N GLY A 36 7.31 15.57 4.03
CA GLY A 36 5.97 15.96 3.56
C GLY A 36 5.46 15.08 2.41
N GLY A 37 5.95 13.82 2.38
CA GLY A 37 5.59 12.86 1.35
C GLY A 37 6.72 12.59 0.36
N VAL A 38 7.90 12.21 0.91
CA VAL A 38 9.04 11.58 0.17
C VAL A 38 9.67 12.50 -0.91
N GLY A 39 8.97 12.71 -2.04
CA GLY A 39 9.49 13.50 -3.17
C GLY A 39 9.72 12.63 -4.38
N CYS A 40 10.13 11.37 -4.13
CA CYS A 40 10.24 10.33 -5.16
C CYS A 40 8.84 9.82 -5.55
N HIS A 41 8.71 9.36 -6.79
CA HIS A 41 7.42 9.04 -7.43
C HIS A 41 7.34 7.53 -7.72
N LEU A 42 6.11 6.97 -7.74
CA LEU A 42 5.89 5.50 -7.83
C LEU A 42 5.93 5.03 -9.29
N TYR A 43 6.62 3.90 -9.54
CA TYR A 43 6.76 3.28 -10.88
C TYR A 43 6.58 1.76 -10.75
N GLN A 44 5.49 1.23 -11.37
CA GLN A 44 5.11 -0.19 -11.29
C GLN A 44 5.00 -0.77 -12.70
N GLU A 45 5.74 -1.88 -12.98
CA GLU A 45 5.73 -2.53 -14.30
C GLU A 45 5.32 -4.01 -14.17
N PHE A 46 4.61 -4.50 -15.19
CA PHE A 46 3.98 -5.83 -15.21
C PHE A 46 4.30 -6.50 -16.55
N GLU A 47 4.73 -7.78 -16.52
CA GLU A 47 5.06 -8.52 -17.75
C GLU A 47 3.79 -9.20 -18.28
N GLY A 48 3.23 -8.62 -19.34
CA GLY A 48 2.02 -9.12 -19.99
C GLY A 48 2.35 -10.03 -21.15
N HIS A 49 1.38 -10.18 -22.07
CA HIS A 49 1.53 -11.07 -23.23
C HIS A 49 2.22 -10.31 -24.37
N CYS A 50 2.72 -11.05 -25.38
CA CYS A 50 3.45 -10.49 -26.53
C CYS A 50 2.57 -9.63 -27.48
N LEU A 51 1.31 -9.29 -27.08
CA LEU A 51 0.39 -8.48 -27.92
C LEU A 51 1.02 -7.12 -28.30
N THR A 52 0.47 -6.46 -29.32
CA THR A 52 1.13 -5.29 -29.94
C THR A 52 0.73 -3.99 -29.24
N ALA A 53 1.45 -2.90 -29.56
CA ALA A 53 1.27 -1.58 -28.93
C ALA A 53 -0.15 -1.03 -29.17
N SER A 54 -0.68 -1.27 -30.38
CA SER A 54 -2.00 -0.74 -30.81
C SER A 54 -3.14 -1.35 -29.97
N GLN A 55 -3.06 -2.66 -29.65
CA GLN A 55 -4.08 -3.35 -28.82
C GLN A 55 -4.10 -2.80 -27.39
N LEU A 56 -2.91 -2.77 -26.77
CA LEU A 56 -2.74 -2.35 -25.36
C LEU A 56 -3.13 -0.87 -25.18
N GLU A 57 -2.69 -0.04 -26.14
CA GLU A 57 -2.95 1.41 -26.11
C GLU A 57 -4.44 1.70 -26.33
N GLN A 58 -5.06 1.03 -27.32
CA GLN A 58 -6.49 1.23 -27.65
C GLN A 58 -7.38 0.95 -26.43
N ALA A 59 -7.05 -0.12 -25.70
CA ALA A 59 -7.80 -0.55 -24.50
C ALA A 59 -7.75 0.52 -23.39
N ILE A 60 -6.55 1.13 -23.20
CA ILE A 60 -6.37 2.25 -22.26
C ILE A 60 -7.25 3.45 -22.71
N THR A 61 -7.22 3.76 -24.01
CA THR A 61 -7.98 4.87 -24.61
C THR A 61 -9.51 4.61 -24.56
N THR A 62 -9.90 3.32 -24.58
CA THR A 62 -11.31 2.90 -24.48
C THR A 62 -11.81 3.16 -23.05
N LEU A 63 -10.94 2.93 -22.06
CA LEU A 63 -11.25 3.20 -20.64
C LEU A 63 -11.17 4.72 -20.34
N LEU A 64 -10.39 5.48 -21.13
CA LEU A 64 -10.33 6.96 -21.01
C LEU A 64 -11.62 7.61 -21.57
N GLN A 65 -12.26 6.94 -22.55
CA GLN A 65 -13.58 7.36 -23.08
C GLN A 65 -14.69 6.93 -22.10
N ARG A 66 -14.58 5.67 -21.64
CA ARG A 66 -15.41 5.06 -20.58
C ARG A 66 -15.22 5.80 -19.25
N HIS A 67 -16.06 5.50 -18.26
CA HIS A 67 -15.92 6.04 -16.90
C HIS A 67 -15.53 4.91 -15.94
N PRO A 68 -14.19 4.67 -15.74
CA PRO A 68 -13.72 3.91 -14.59
C PRO A 68 -13.59 4.85 -13.38
N MET A 69 -13.55 4.28 -12.17
CA MET A 69 -13.62 5.07 -10.92
C MET A 69 -12.46 6.08 -10.76
N LEU A 70 -11.39 5.91 -11.55
CA LEU A 70 -10.19 6.76 -11.51
C LEU A 70 -10.17 7.75 -12.70
N HIS A 71 -11.38 8.12 -13.20
CA HIS A 71 -11.54 9.10 -14.32
C HIS A 71 -11.71 10.54 -13.74
N ILE A 72 -11.19 10.75 -12.52
CA ILE A 72 -11.14 12.08 -11.89
C ILE A 72 -9.72 12.67 -12.08
N ALA A 73 -9.62 14.02 -12.19
CA ALA A 73 -8.33 14.73 -12.29
C ALA A 73 -8.03 15.45 -10.97
N PHE A 74 -6.77 15.41 -10.54
CA PHE A 74 -6.33 16.02 -9.28
C PHE A 74 -5.86 17.47 -9.52
N ARG A 75 -6.58 18.41 -8.92
CA ARG A 75 -6.39 19.86 -9.11
C ARG A 75 -5.33 20.42 -8.12
N PRO A 76 -4.65 21.59 -8.44
CA PRO A 76 -3.55 22.16 -7.61
C PRO A 76 -4.01 22.49 -6.17
N ASP A 77 -5.27 22.97 -6.03
CA ASP A 77 -5.87 23.33 -4.72
C ASP A 77 -5.89 22.11 -3.78
N GLY A 78 -6.02 20.91 -4.35
CA GLY A 78 -6.16 19.67 -3.60
C GLY A 78 -7.58 19.15 -3.64
N GLN A 79 -8.16 19.16 -4.85
CA GLN A 79 -9.57 18.81 -5.10
C GLN A 79 -9.67 17.75 -6.22
N GLN A 80 -10.72 16.92 -6.14
CA GLN A 80 -11.02 15.88 -7.14
C GLN A 80 -12.33 16.22 -7.91
N VAL A 81 -12.30 16.10 -9.26
CA VAL A 81 -13.49 16.30 -10.13
C VAL A 81 -13.48 15.24 -11.26
N TRP A 82 -14.62 14.58 -11.50
CA TRP A 82 -14.75 13.57 -12.58
C TRP A 82 -14.85 14.26 -13.95
N LEU A 83 -14.08 13.77 -14.92
CA LEU A 83 -14.12 14.24 -16.31
C LEU A 83 -15.08 13.34 -17.13
N PRO A 84 -16.11 13.93 -17.80
CA PRO A 84 -16.94 13.21 -18.82
C PRO A 84 -16.29 13.17 -20.21
N GLN A 85 -14.99 13.57 -20.29
CA GLN A 85 -14.25 13.73 -21.53
C GLN A 85 -13.05 12.76 -21.58
N PRO A 86 -12.81 12.06 -22.74
CA PRO A 86 -11.55 11.32 -22.97
C PRO A 86 -10.38 12.29 -23.22
N TYR A 87 -9.19 11.88 -22.80
CA TYR A 87 -7.94 12.64 -23.00
C TYR A 87 -6.95 11.78 -23.79
N TRP A 88 -5.90 12.41 -24.37
CA TRP A 88 -4.81 11.69 -25.04
C TRP A 88 -4.17 10.66 -24.07
N ASN A 89 -4.07 9.39 -24.53
CA ASN A 89 -3.65 8.25 -23.70
C ASN A 89 -2.21 8.39 -23.13
N GLY A 90 -1.33 9.08 -23.89
CA GLY A 90 0.02 9.40 -23.42
C GLY A 90 0.96 8.18 -23.32
N VAL A 91 0.58 7.07 -23.99
CA VAL A 91 1.33 5.80 -23.94
C VAL A 91 2.63 5.91 -24.78
N THR A 92 3.75 6.06 -24.07
CA THR A 92 5.09 6.23 -24.65
C THR A 92 5.78 4.86 -24.80
N VAL A 93 5.89 4.37 -26.05
CA VAL A 93 6.49 3.05 -26.34
C VAL A 93 8.00 3.23 -26.63
N HIS A 94 8.83 2.35 -26.05
CA HIS A 94 10.28 2.34 -26.22
C HIS A 94 10.68 0.94 -26.73
N ASP A 95 11.37 0.91 -27.88
CA ASP A 95 11.69 -0.33 -28.60
C ASP A 95 12.99 -0.98 -28.06
N LEU A 96 12.88 -2.25 -27.57
CA LEU A 96 14.03 -3.05 -27.08
C LEU A 96 14.11 -4.39 -27.84
N ARG A 97 12.94 -4.89 -28.28
CA ARG A 97 12.77 -6.23 -28.91
C ARG A 97 13.77 -6.53 -30.05
N HIS A 98 14.01 -5.54 -30.92
CA HIS A 98 14.92 -5.67 -32.08
C HIS A 98 16.10 -4.67 -31.94
N ASN A 99 16.09 -3.90 -30.83
CA ASN A 99 17.15 -2.89 -30.54
C ASN A 99 18.19 -3.50 -29.57
N ASP A 100 19.42 -2.95 -29.61
CA ASP A 100 20.55 -3.38 -28.77
C ASP A 100 20.32 -3.05 -27.28
N ALA A 101 21.19 -3.58 -26.39
CA ALA A 101 21.17 -3.33 -24.94
C ALA A 101 21.37 -1.83 -24.60
N GLU A 102 21.91 -1.05 -25.58
CA GLU A 102 22.01 0.43 -25.48
C GLU A 102 20.65 1.05 -25.10
N SER A 103 19.60 0.53 -25.72
CA SER A 103 18.21 0.93 -25.49
C SER A 103 17.78 0.66 -24.03
N ARG A 104 18.14 -0.54 -23.53
CA ARG A 104 17.81 -0.97 -22.15
C ARG A 104 18.43 -0.02 -21.12
N GLN A 105 19.76 0.16 -21.23
CA GLN A 105 20.53 1.03 -20.33
C GLN A 105 19.97 2.46 -20.37
N ALA A 106 19.85 3.02 -21.58
CA ALA A 106 19.34 4.39 -21.80
C ALA A 106 17.95 4.60 -21.19
N TYR A 107 17.12 3.54 -21.23
CA TYR A 107 15.76 3.57 -20.68
C TYR A 107 15.82 3.65 -19.15
N LEU A 108 16.68 2.82 -18.52
CA LEU A 108 16.82 2.73 -17.05
C LEU A 108 17.51 3.99 -16.45
N ASP A 109 18.38 4.65 -17.23
CA ASP A 109 18.99 5.95 -16.84
C ASP A 109 17.90 7.03 -16.85
N ALA A 110 17.12 7.03 -17.94
CA ALA A 110 15.99 7.95 -18.11
C ALA A 110 14.97 7.78 -16.97
N LEU A 111 14.74 6.50 -16.56
CA LEU A 111 13.82 6.16 -15.46
C LEU A 111 14.31 6.69 -14.11
N ARG A 112 15.63 6.63 -13.87
CA ARG A 112 16.23 7.06 -12.59
C ARG A 112 15.98 8.55 -12.31
N GLN A 113 16.33 9.39 -13.30
CA GLN A 113 16.10 10.84 -13.24
C GLN A 113 14.59 11.16 -13.27
N ARG A 114 13.80 10.27 -13.89
CA ARG A 114 12.35 10.49 -14.09
C ARG A 114 11.55 10.24 -12.80
N LEU A 115 11.86 9.13 -12.09
CA LEU A 115 11.11 8.76 -10.86
C LEU A 115 11.45 9.71 -9.70
N SER A 116 12.62 10.34 -9.76
CA SER A 116 13.05 11.30 -8.73
C SER A 116 12.57 12.74 -9.08
N HIS A 117 12.63 13.08 -10.38
CA HIS A 117 12.39 14.45 -10.88
C HIS A 117 11.19 14.47 -11.87
N ARG A 118 10.16 13.64 -11.57
CA ARG A 118 8.92 13.66 -12.37
C ARG A 118 8.18 14.99 -12.15
N LEU A 119 8.14 15.81 -13.20
CA LEU A 119 7.40 17.06 -13.19
C LEU A 119 5.88 16.76 -13.25
N LEU A 120 5.31 16.58 -12.05
CA LEU A 120 3.86 16.36 -11.86
C LEU A 120 3.04 17.52 -12.46
N ARG A 121 1.85 17.16 -12.96
CA ARG A 121 0.97 18.08 -13.71
C ARG A 121 -0.28 18.36 -12.88
N VAL A 122 -0.10 18.54 -11.57
CA VAL A 122 -1.19 18.80 -10.61
C VAL A 122 -1.96 20.09 -10.99
N GLU A 123 -1.21 21.10 -11.48
CA GLU A 123 -1.78 22.40 -11.85
C GLU A 123 -2.51 22.31 -13.21
N ILE A 124 -2.16 21.29 -14.01
CA ILE A 124 -2.84 20.97 -15.29
C ILE A 124 -4.03 20.01 -15.02
N GLY A 125 -4.03 19.40 -13.83
CA GLY A 125 -5.08 18.46 -13.41
C GLY A 125 -4.81 17.04 -13.91
N GLU A 126 -4.74 16.89 -15.24
CA GLU A 126 -4.46 15.60 -15.90
C GLU A 126 -2.98 15.24 -15.73
N THR A 127 -2.67 14.55 -14.62
CA THR A 127 -1.32 14.06 -14.34
C THR A 127 -1.33 12.52 -14.32
N PHE A 128 -0.47 11.93 -15.16
CA PHE A 128 -0.38 10.48 -15.40
C PHE A 128 0.90 10.15 -16.15
N ASP A 129 1.27 8.86 -16.15
CA ASP A 129 2.32 8.33 -17.03
C ASP A 129 1.95 6.92 -17.51
N PHE A 130 2.22 6.66 -18.78
CA PHE A 130 2.12 5.32 -19.38
C PHE A 130 3.37 5.11 -20.24
N GLN A 131 4.12 4.06 -19.93
CA GLN A 131 5.31 3.63 -20.68
C GLN A 131 5.11 2.18 -21.11
N LEU A 132 5.60 1.83 -22.29
CA LEU A 132 5.41 0.49 -22.86
C LEU A 132 6.72 0.03 -23.49
N THR A 133 7.29 -1.09 -23.01
CA THR A 133 8.57 -1.62 -23.51
C THR A 133 8.39 -3.07 -23.96
N LEU A 134 8.53 -3.32 -25.28
CA LEU A 134 8.44 -4.66 -25.86
C LEU A 134 9.85 -5.29 -25.82
N LEU A 135 10.04 -6.31 -24.96
CA LEU A 135 11.30 -7.09 -24.86
C LEU A 135 11.17 -8.37 -25.73
N PRO A 136 12.30 -9.04 -26.10
CA PRO A 136 12.27 -10.40 -26.72
C PRO A 136 11.74 -11.51 -25.77
N ASP A 137 11.54 -12.73 -26.32
CA ASP A 137 11.09 -13.94 -25.58
C ASP A 137 9.62 -13.77 -25.09
N ASN A 138 8.82 -13.04 -25.89
CA ASN A 138 7.36 -12.83 -25.68
C ASN A 138 7.05 -12.01 -24.40
N ARG A 139 8.09 -11.42 -23.79
CA ARG A 139 7.99 -10.67 -22.54
C ARG A 139 7.72 -9.20 -22.87
N HIS A 140 6.46 -8.81 -22.89
CA HIS A 140 6.08 -7.42 -23.18
C HIS A 140 5.66 -6.76 -21.87
N ARG A 141 6.34 -5.66 -21.50
CA ARG A 141 6.14 -4.98 -20.21
C ARG A 141 5.38 -3.67 -20.38
N LEU A 142 4.42 -3.43 -19.48
CA LEU A 142 3.72 -2.15 -19.36
C LEU A 142 4.09 -1.49 -18.02
N HIS A 143 4.80 -0.36 -18.09
CA HIS A 143 5.14 0.45 -16.91
C HIS A 143 3.98 1.42 -16.70
N VAL A 144 3.07 1.05 -15.81
CA VAL A 144 1.83 1.80 -15.55
C VAL A 144 1.93 2.45 -14.17
N ASN A 145 1.94 3.79 -14.19
CA ASN A 145 1.95 4.62 -12.99
C ASN A 145 1.31 5.98 -13.29
N ILE A 146 0.24 6.30 -12.57
CA ILE A 146 -0.47 7.57 -12.71
C ILE A 146 -0.07 8.39 -11.50
N ASP A 147 0.71 9.48 -11.72
CA ASP A 147 1.46 10.13 -10.63
C ASP A 147 0.55 11.15 -9.92
N LEU A 148 0.01 10.71 -8.77
CA LEU A 148 -0.95 11.46 -7.92
C LEU A 148 -1.32 10.60 -6.69
N LEU A 149 -2.21 11.14 -5.84
CA LEU A 149 -2.59 10.54 -4.56
C LEU A 149 -3.76 9.51 -4.70
N ILE A 150 -4.60 9.62 -5.77
CA ILE A 150 -5.86 8.82 -5.91
C ILE A 150 -5.63 7.46 -6.62
N MET A 151 -4.36 7.00 -6.69
CA MET A 151 -4.02 5.68 -7.26
C MET A 151 -3.37 4.83 -6.17
N ASP A 152 -3.94 3.66 -5.91
CA ASP A 152 -3.40 2.66 -4.98
C ASP A 152 -3.45 1.27 -5.64
N ALA A 153 -3.28 0.20 -4.85
CA ALA A 153 -3.38 -1.18 -5.34
C ALA A 153 -4.77 -1.46 -5.96
N SER A 154 -5.84 -1.10 -5.22
CA SER A 154 -7.25 -1.38 -5.61
C SER A 154 -7.68 -0.55 -6.84
N SER A 155 -7.14 0.68 -6.97
CA SER A 155 -7.40 1.56 -8.14
C SER A 155 -6.85 0.91 -9.42
N PHE A 156 -5.63 0.39 -9.29
CA PHE A 156 -4.98 -0.37 -10.37
C PHE A 156 -5.74 -1.68 -10.68
N THR A 157 -6.17 -2.39 -9.62
CA THR A 157 -6.76 -3.74 -9.76
C THR A 157 -8.07 -3.70 -10.58
N LEU A 158 -8.90 -2.69 -10.34
CA LEU A 158 -10.16 -2.48 -11.10
C LEU A 158 -9.84 -2.08 -12.56
N PHE A 159 -8.93 -1.09 -12.73
CA PHE A 159 -8.54 -0.59 -14.08
C PHE A 159 -7.98 -1.73 -14.95
N PHE A 160 -7.10 -2.54 -14.34
CA PHE A 160 -6.37 -3.62 -15.05
C PHE A 160 -7.30 -4.79 -15.34
N ASP A 161 -8.29 -5.01 -14.46
CA ASP A 161 -9.30 -6.09 -14.63
C ASP A 161 -10.11 -5.85 -15.92
N GLU A 162 -10.50 -4.58 -16.14
CA GLU A 162 -11.23 -4.18 -17.35
C GLU A 162 -10.28 -4.07 -18.56
N LEU A 163 -9.01 -3.71 -18.27
CA LEU A 163 -7.96 -3.55 -19.31
C LEU A 163 -7.67 -4.89 -20.00
N ASN A 164 -7.24 -5.91 -19.22
CA ASN A 164 -6.85 -7.24 -19.75
C ASN A 164 -8.06 -7.97 -20.38
N ALA A 165 -9.27 -7.65 -19.86
CA ALA A 165 -10.53 -8.20 -20.39
C ALA A 165 -10.82 -7.66 -21.79
N LEU A 166 -10.54 -6.36 -21.98
CA LEU A 166 -10.67 -5.66 -23.28
C LEU A 166 -9.57 -6.19 -24.24
N LEU A 167 -8.37 -6.47 -23.70
CA LEU A 167 -7.21 -6.99 -24.47
C LEU A 167 -7.49 -8.39 -25.03
N ALA A 168 -8.14 -9.24 -24.20
CA ALA A 168 -8.52 -10.60 -24.58
C ALA A 168 -9.77 -10.58 -25.49
N GLY A 169 -10.58 -9.50 -25.39
CA GLY A 169 -11.83 -9.37 -26.11
C GLY A 169 -12.91 -10.32 -25.60
N GLU A 170 -12.83 -10.65 -24.29
CA GLU A 170 -13.73 -11.61 -23.65
C GLU A 170 -15.01 -10.89 -23.14
N SER A 171 -16.06 -11.68 -22.84
CA SER A 171 -17.36 -11.16 -22.37
C SER A 171 -17.20 -10.28 -21.11
N LEU A 172 -17.50 -8.98 -21.24
CA LEU A 172 -17.56 -8.05 -20.11
C LEU A 172 -18.90 -8.22 -19.38
N PRO A 173 -18.90 -8.60 -18.06
CA PRO A 173 -20.15 -8.62 -17.24
C PRO A 173 -20.50 -7.22 -16.75
N ALA A 174 -21.61 -7.07 -16.00
CA ALA A 174 -21.96 -5.79 -15.38
C ALA A 174 -20.99 -5.50 -14.21
N ILE A 175 -20.09 -4.51 -14.40
CA ILE A 175 -19.12 -4.10 -13.37
C ILE A 175 -19.36 -2.61 -13.06
N ASP A 176 -19.73 -2.32 -11.81
CA ASP A 176 -19.87 -0.94 -11.33
C ASP A 176 -18.50 -0.29 -11.21
N THR A 177 -18.10 0.34 -12.31
CA THR A 177 -16.88 1.14 -12.44
C THR A 177 -17.26 2.64 -12.51
N ARG A 178 -18.57 2.89 -12.76
CA ARG A 178 -19.18 4.22 -12.88
C ARG A 178 -19.11 5.00 -11.55
N TYR A 179 -19.00 4.24 -10.45
CA TYR A 179 -18.89 4.81 -9.11
C TYR A 179 -17.44 5.29 -8.89
N ASP A 180 -17.19 6.59 -9.18
CA ASP A 180 -15.86 7.24 -9.05
C ASP A 180 -15.60 7.67 -7.60
N PHE A 181 -14.44 8.33 -7.39
CA PHE A 181 -14.09 8.96 -6.10
C PHE A 181 -15.11 10.05 -5.72
N ARG A 182 -15.63 10.78 -6.71
CA ARG A 182 -16.64 11.85 -6.51
C ARG A 182 -17.97 11.32 -5.91
N SER A 183 -18.38 10.12 -6.36
CA SER A 183 -19.63 9.48 -5.93
C SER A 183 -19.42 8.76 -4.58
N TYR A 184 -18.19 8.26 -4.39
CA TYR A 184 -17.76 7.68 -3.11
C TYR A 184 -17.79 8.77 -2.02
N LEU A 185 -17.20 9.93 -2.34
CA LEU A 185 -17.11 11.09 -1.45
C LEU A 185 -18.51 11.63 -1.13
N LEU A 186 -19.39 11.72 -2.17
CA LEU A 186 -20.75 12.26 -2.01
C LEU A 186 -21.55 11.47 -0.95
N HIS A 187 -21.60 10.15 -1.11
CA HIS A 187 -22.39 9.27 -0.22
C HIS A 187 -21.69 9.13 1.15
N GLN A 188 -20.35 9.29 1.16
CA GLN A 188 -19.55 9.29 2.39
C GLN A 188 -19.84 10.54 3.24
N GLN A 189 -20.12 11.68 2.56
CA GLN A 189 -20.53 12.95 3.21
C GLN A 189 -21.85 12.76 3.97
N LYS A 190 -22.78 11.99 3.36
CA LYS A 190 -24.11 11.73 3.95
C LYS A 190 -24.03 10.87 5.22
N ILE A 191 -23.11 9.89 5.23
CA ILE A 191 -22.89 9.02 6.42
C ILE A 191 -21.86 9.64 7.40
N ASN A 192 -21.17 10.72 6.96
CA ASN A 192 -20.10 11.38 7.75
C ASN A 192 -20.69 12.13 8.96
N GLN A 193 -21.85 12.81 8.79
CA GLN A 193 -22.51 13.54 9.91
C GLN A 193 -22.91 12.56 11.07
N PRO A 194 -23.72 11.46 10.84
CA PRO A 194 -24.07 10.50 11.92
C PRO A 194 -22.81 9.83 12.55
N LEU A 195 -21.97 9.25 11.68
CA LEU A 195 -20.82 8.43 12.11
C LEU A 195 -19.68 9.29 12.72
N ARG A 196 -19.72 10.63 12.51
CA ARG A 196 -18.70 11.59 13.04
C ARG A 196 -18.41 11.36 14.54
N ASP A 197 -19.49 11.37 15.33
CA ASP A 197 -19.47 11.32 16.80
C ASP A 197 -19.06 9.93 17.31
N ASP A 198 -19.59 8.89 16.64
CA ASP A 198 -19.32 7.50 16.98
C ASP A 198 -17.85 7.17 16.75
N ALA A 199 -17.36 7.52 15.57
CA ALA A 199 -15.97 7.33 15.18
C ALA A 199 -15.03 8.11 16.11
N ARG A 200 -15.44 9.36 16.47
CA ARG A 200 -14.69 10.23 17.42
C ARG A 200 -14.56 9.55 18.79
N ALA A 201 -15.62 8.84 19.20
CA ALA A 201 -15.65 8.11 20.48
C ALA A 201 -14.56 7.03 20.52
N TYR A 202 -14.36 6.32 19.39
CA TYR A 202 -13.31 5.27 19.27
C TYR A 202 -11.90 5.90 19.11
N TRP A 203 -11.81 7.02 18.38
CA TRP A 203 -10.53 7.69 18.12
C TRP A 203 -9.94 8.23 19.42
N LEU A 204 -10.72 9.03 20.15
CA LEU A 204 -10.26 9.76 21.36
C LEU A 204 -10.02 8.76 22.52
N ALA A 205 -10.97 7.84 22.73
CA ALA A 205 -10.87 6.84 23.83
C ALA A 205 -9.61 5.98 23.69
N LYS A 206 -9.39 5.46 22.46
CA LYS A 206 -8.22 4.63 22.19
C LYS A 206 -6.94 5.48 22.13
N ALA A 207 -7.00 6.71 21.60
CA ALA A 207 -5.81 7.61 21.49
C ALA A 207 -5.26 8.00 22.87
N SER A 208 -6.17 8.05 23.86
CA SER A 208 -5.82 8.25 25.28
C SER A 208 -5.13 6.98 25.84
N THR A 209 -5.60 5.81 25.39
CA THR A 209 -5.05 4.49 25.80
C THR A 209 -3.77 4.14 25.00
N LEU A 210 -3.60 4.79 23.83
CA LEU A 210 -2.50 4.50 22.89
C LEU A 210 -1.15 4.95 23.48
N PRO A 211 -0.03 4.31 23.02
CA PRO A 211 1.33 4.80 23.27
C PRO A 211 1.71 5.97 22.33
N PRO A 212 2.92 6.59 22.53
CA PRO A 212 3.50 7.53 21.54
C PRO A 212 3.61 6.93 20.11
N ALA A 213 3.35 7.77 19.09
CA ALA A 213 3.37 7.37 17.66
C ALA A 213 4.78 6.85 17.24
N PRO A 214 4.86 5.73 16.41
CA PRO A 214 6.11 4.92 16.18
C PRO A 214 7.41 5.73 15.97
N VAL A 215 8.49 5.33 16.65
CA VAL A 215 9.80 6.01 16.59
C VAL A 215 10.80 5.17 15.79
N LEU A 216 11.34 5.78 14.72
CA LEU A 216 12.41 5.19 13.89
C LEU A 216 13.43 6.31 13.61
N PRO A 217 14.69 6.21 14.16
CA PRO A 217 15.72 7.28 14.02
C PRO A 217 16.06 7.58 12.54
N LEU A 218 15.99 8.87 12.17
CA LEU A 218 16.38 9.34 10.84
C LEU A 218 17.91 9.48 10.76
N ALA A 219 18.49 9.12 9.60
CA ALA A 219 19.95 9.17 9.38
C ALA A 219 20.46 10.62 9.22
N CYS A 220 19.55 11.54 8.85
CA CYS A 220 19.86 12.99 8.71
C CYS A 220 18.70 13.84 9.24
N GLU A 221 18.98 15.13 9.50
CA GLU A 221 18.01 16.10 10.06
C GLU A 221 16.94 16.49 9.01
N PRO A 222 15.64 16.73 9.44
CA PRO A 222 14.49 17.11 8.55
C PRO A 222 14.82 18.13 7.45
N ALA A 223 15.51 19.22 7.82
CA ALA A 223 15.86 20.32 6.89
C ALA A 223 17.02 19.92 5.94
N THR A 224 17.93 19.07 6.44
CA THR A 224 19.13 18.63 5.70
C THR A 224 18.77 17.58 4.61
N LEU A 225 17.59 16.95 4.78
CA LEU A 225 17.04 15.97 3.83
C LEU A 225 16.66 16.63 2.50
N ARG A 226 17.48 16.41 1.48
CA ARG A 226 17.25 16.92 0.12
C ARG A 226 16.54 15.86 -0.72
N GLU A 227 17.03 14.62 -0.60
CA GLU A 227 16.56 13.46 -1.37
C GLU A 227 16.53 12.20 -0.50
N VAL A 228 15.34 11.61 -0.32
CA VAL A 228 15.19 10.29 0.32
C VAL A 228 14.90 9.22 -0.75
N ARG A 229 15.91 8.35 -1.01
CA ARG A 229 15.81 7.29 -2.04
C ARG A 229 15.21 6.03 -1.42
N ASN A 230 13.99 5.67 -1.84
CA ASN A 230 13.33 4.42 -1.40
C ASN A 230 14.00 3.23 -2.08
N THR A 231 14.72 2.42 -1.30
CA THR A 231 15.46 1.25 -1.79
C THR A 231 14.90 -0.02 -1.12
N ARG A 232 14.45 -1.00 -1.94
CA ARG A 232 13.95 -2.27 -1.41
C ARG A 232 15.08 -3.31 -1.34
N ARG A 233 15.05 -4.13 -0.29
CA ARG A 233 15.90 -5.33 -0.17
C ARG A 233 14.99 -6.55 -0.40
N ARG A 234 15.44 -7.46 -1.27
CA ARG A 234 14.67 -8.65 -1.69
C ARG A 234 15.13 -9.88 -0.89
N MET A 235 14.15 -10.63 -0.36
CA MET A 235 14.36 -11.86 0.43
C MET A 235 13.37 -12.93 -0.04
N ILE A 236 13.84 -14.18 -0.12
CA ILE A 236 12.99 -15.36 -0.39
C ILE A 236 13.26 -16.44 0.68
N VAL A 237 12.20 -16.89 1.35
CA VAL A 237 12.26 -17.97 2.37
C VAL A 237 11.22 -19.04 2.00
N PRO A 238 11.59 -20.37 2.00
CA PRO A 238 10.61 -21.47 1.76
C PRO A 238 9.37 -21.40 2.70
N ALA A 239 8.20 -21.74 2.12
CA ALA A 239 6.91 -21.74 2.83
C ALA A 239 6.82 -22.84 3.91
N THR A 240 7.82 -23.73 3.95
CA THR A 240 7.99 -24.72 5.03
C THR A 240 7.83 -24.08 6.43
N ARG A 241 8.68 -23.07 6.72
CA ARG A 241 8.70 -22.39 8.04
C ARG A 241 7.40 -21.56 8.25
N TRP A 242 6.90 -20.98 7.14
CA TRP A 242 5.67 -20.16 7.15
C TRP A 242 4.42 -21.00 7.51
N HIS A 243 4.15 -22.06 6.74
CA HIS A 243 2.95 -22.90 6.90
C HIS A 243 2.99 -23.66 8.22
N ALA A 244 4.20 -24.02 8.65
CA ALA A 244 4.43 -24.62 9.98
C ALA A 244 3.98 -23.63 11.08
N PHE A 245 4.43 -22.36 10.96
CA PHE A 245 4.00 -21.25 11.85
C PHE A 245 2.47 -21.09 11.82
N SER A 246 1.91 -21.14 10.59
CA SER A 246 0.51 -20.84 10.32
C SER A 246 -0.44 -21.79 11.06
N ASN A 247 -0.06 -23.08 11.15
CA ASN A 247 -0.91 -24.08 11.80
C ASN A 247 -0.76 -24.05 13.34
N ARG A 248 0.38 -23.56 13.89
CA ARG A 248 0.54 -23.39 15.38
C ARG A 248 -0.34 -22.22 15.85
N ALA A 249 -0.31 -21.12 15.09
CA ALA A 249 -1.14 -19.93 15.34
C ALA A 249 -2.63 -20.26 15.17
N GLY A 250 -2.92 -21.11 14.18
CA GLY A 250 -4.26 -21.60 13.92
C GLY A 250 -4.82 -22.46 15.06
N GLU A 251 -3.99 -23.38 15.60
CA GLU A 251 -4.38 -24.24 16.76
C GLU A 251 -4.61 -23.36 18.01
N TYR A 252 -3.86 -22.25 18.10
CA TYR A 252 -3.97 -21.28 19.20
C TYR A 252 -5.27 -20.45 19.07
N GLY A 253 -5.79 -20.33 17.84
CA GLY A 253 -7.04 -19.61 17.58
C GLY A 253 -6.82 -18.13 17.30
N VAL A 254 -5.63 -17.79 16.79
CA VAL A 254 -5.31 -16.43 16.31
C VAL A 254 -5.03 -16.48 14.81
N THR A 255 -5.17 -15.32 14.14
CA THR A 255 -4.90 -15.19 12.71
C THR A 255 -3.37 -15.22 12.48
N PRO A 256 -2.83 -16.21 11.69
CA PRO A 256 -1.36 -16.37 11.49
C PRO A 256 -0.71 -15.15 10.83
N THR A 257 -1.37 -14.64 9.79
CA THR A 257 -0.89 -13.51 8.98
C THR A 257 -0.80 -12.20 9.80
N MET A 258 -1.85 -11.94 10.61
CA MET A 258 -1.96 -10.70 11.43
C MET A 258 -1.06 -10.76 12.66
N ALA A 259 -1.03 -11.93 13.32
CA ALA A 259 -0.20 -12.16 14.51
C ALA A 259 1.29 -12.00 14.16
N LEU A 260 1.70 -12.58 13.02
CA LEU A 260 3.09 -12.53 12.52
C LEU A 260 3.50 -11.06 12.22
N ALA A 261 2.68 -10.41 11.38
CA ALA A 261 2.95 -9.05 10.86
C ALA A 261 3.12 -8.02 11.99
N THR A 262 2.18 -8.05 12.95
CA THR A 262 2.17 -7.11 14.08
C THR A 262 3.20 -7.49 15.18
N CYS A 263 3.56 -8.78 15.29
CA CYS A 263 4.54 -9.26 16.30
C CYS A 263 5.97 -8.79 15.97
N PHE A 264 6.40 -9.00 14.70
CA PHE A 264 7.74 -8.59 14.28
C PHE A 264 7.84 -7.05 14.26
N SER A 265 6.84 -6.40 13.67
CA SER A 265 6.83 -4.93 13.49
C SER A 265 6.89 -4.22 14.86
N ALA A 266 6.33 -4.90 15.89
CA ALA A 266 6.44 -4.48 17.29
C ALA A 266 7.91 -4.40 17.71
N VAL A 267 8.67 -5.46 17.40
CA VAL A 267 10.11 -5.58 17.74
C VAL A 267 10.99 -4.67 16.82
N LEU A 268 10.50 -4.42 15.59
CA LEU A 268 11.18 -3.58 14.56
C LEU A 268 11.30 -2.12 15.05
N ALA A 269 10.16 -1.58 15.49
CA ALA A 269 10.07 -0.20 16.02
C ALA A 269 10.53 -0.14 17.51
N ARG A 270 10.54 -1.32 18.19
CA ARG A 270 11.00 -1.46 19.61
C ARG A 270 12.46 -1.02 19.75
N TRP A 271 13.23 -1.25 18.68
CA TRP A 271 14.66 -0.87 18.60
C TRP A 271 14.87 0.66 18.78
N GLY A 272 13.81 1.45 18.48
CA GLY A 272 13.84 2.91 18.68
C GLY A 272 13.65 3.34 20.15
N GLY A 273 13.57 2.36 21.07
CA GLY A 273 13.45 2.62 22.51
C GLY A 273 12.03 3.00 22.94
N LEU A 274 11.04 2.31 22.36
CA LEU A 274 9.62 2.55 22.63
C LEU A 274 8.98 1.25 23.17
N THR A 275 8.93 1.14 24.52
CA THR A 275 8.50 -0.07 25.27
C THR A 275 7.14 -0.64 24.80
N ARG A 276 6.24 0.26 24.38
CA ARG A 276 4.96 -0.11 23.75
C ARG A 276 4.68 0.86 22.59
N LEU A 277 4.06 0.36 21.50
CA LEU A 277 3.93 1.13 20.23
C LEU A 277 2.80 0.56 19.36
N LEU A 278 2.21 1.44 18.53
CA LEU A 278 1.10 1.11 17.62
C LEU A 278 1.65 0.93 16.20
N LEU A 279 1.24 -0.19 15.57
CA LEU A 279 1.73 -0.58 14.23
C LEU A 279 0.64 -0.29 13.19
N ASN A 280 1.09 0.04 11.98
CA ASN A 280 0.20 0.37 10.86
C ASN A 280 0.23 -0.78 9.84
N ILE A 281 -0.76 -1.68 9.95
CA ILE A 281 -0.87 -2.91 9.11
C ILE A 281 -2.10 -2.78 8.18
N THR A 282 -1.96 -3.26 6.93
CA THR A 282 -2.95 -3.05 5.86
C THR A 282 -4.12 -4.05 5.96
N LEU A 283 -5.28 -3.53 6.41
CA LEU A 283 -6.55 -4.27 6.46
C LEU A 283 -7.63 -3.44 5.77
N PHE A 284 -8.11 -3.91 4.61
CA PHE A 284 -9.21 -3.27 3.87
C PHE A 284 -10.57 -3.69 4.44
N ASP A 285 -11.57 -2.79 4.35
CA ASP A 285 -12.94 -3.08 4.82
C ASP A 285 -13.89 -2.89 3.64
N ARG A 286 -14.33 -4.00 3.00
CA ARG A 286 -15.27 -3.90 1.87
C ARG A 286 -16.64 -3.49 2.42
N GLN A 287 -16.84 -2.17 2.48
CA GLN A 287 -18.04 -1.54 3.05
C GLN A 287 -19.17 -1.51 2.00
N PRO A 288 -20.28 -2.28 2.20
CA PRO A 288 -21.38 -2.37 1.22
C PRO A 288 -22.43 -1.26 1.44
N LEU A 289 -21.95 -0.02 1.72
CA LEU A 289 -22.81 1.16 1.98
C LEU A 289 -23.68 1.49 0.77
N HIS A 290 -23.06 1.46 -0.42
CA HIS A 290 -23.74 1.61 -1.71
C HIS A 290 -23.70 0.24 -2.46
N PRO A 291 -24.84 -0.22 -3.11
CA PRO A 291 -24.89 -1.53 -3.86
C PRO A 291 -23.78 -1.75 -4.91
N ALA A 292 -23.18 -0.64 -5.41
CA ALA A 292 -22.09 -0.69 -6.43
C ALA A 292 -20.81 -1.33 -5.89
N VAL A 293 -20.65 -1.35 -4.55
CA VAL A 293 -19.48 -1.99 -3.88
C VAL A 293 -19.58 -3.55 -3.98
N GLY A 294 -20.77 -4.05 -4.36
CA GLY A 294 -20.97 -5.47 -4.68
C GLY A 294 -20.16 -5.92 -5.91
N ALA A 295 -19.91 -4.96 -6.82
CA ALA A 295 -19.09 -5.17 -8.02
C ALA A 295 -17.68 -4.57 -7.82
N MET A 296 -17.59 -3.52 -6.99
CA MET A 296 -16.31 -2.88 -6.65
C MET A 296 -15.47 -3.77 -5.70
N LEU A 297 -14.20 -3.96 -6.05
CA LEU A 297 -13.31 -4.96 -5.42
C LEU A 297 -12.46 -4.34 -4.28
N ALA A 298 -12.46 -5.02 -3.12
CA ALA A 298 -11.50 -4.79 -1.99
C ALA A 298 -11.58 -3.39 -1.32
N ASP A 299 -12.57 -2.55 -1.71
CA ASP A 299 -12.73 -1.15 -1.22
C ASP A 299 -11.50 -0.28 -1.61
N PHE A 300 -10.43 -0.28 -0.78
CA PHE A 300 -9.11 0.33 -1.10
C PHE A 300 -8.08 -0.08 -0.05
N THR A 301 -6.83 0.42 -0.18
CA THR A 301 -5.77 0.21 0.81
C THR A 301 -6.12 0.98 2.11
N ASN A 302 -6.74 0.26 3.05
CA ASN A 302 -7.12 0.77 4.38
C ASN A 302 -6.16 0.14 5.41
N ILE A 303 -5.88 0.85 6.51
CA ILE A 303 -4.87 0.44 7.51
C ILE A 303 -5.43 0.55 8.94
N LEU A 304 -4.92 -0.29 9.86
CA LEU A 304 -5.33 -0.32 11.28
C LEU A 304 -4.13 -0.08 12.20
N LEU A 305 -4.41 0.54 13.36
CA LEU A 305 -3.40 0.83 14.39
C LEU A 305 -3.56 -0.15 15.57
N LEU A 306 -2.79 -1.26 15.54
CA LEU A 306 -2.76 -2.29 16.59
C LEU A 306 -1.55 -2.02 17.49
N ASP A 307 -1.77 -1.55 18.72
CA ASP A 307 -0.66 -1.31 19.66
C ASP A 307 -0.32 -2.60 20.43
N THR A 308 0.96 -3.00 20.35
CA THR A 308 1.51 -4.07 21.18
C THR A 308 2.00 -3.44 22.50
N ALA A 309 1.13 -3.50 23.54
CA ALA A 309 1.32 -2.81 24.82
C ALA A 309 2.38 -3.49 25.74
N CYS A 310 2.74 -4.74 25.42
CA CYS A 310 3.73 -5.52 26.20
C CYS A 310 4.71 -6.20 25.23
N ASP A 311 5.98 -6.35 25.67
CA ASP A 311 7.01 -7.06 24.88
C ASP A 311 8.08 -7.60 25.85
N GLY A 312 8.93 -8.53 25.35
CA GLY A 312 9.87 -9.25 26.21
C GLY A 312 9.20 -10.35 27.01
N ASP A 313 7.97 -10.71 26.58
CA ASP A 313 7.14 -11.74 27.22
C ASP A 313 6.93 -12.90 26.22
N THR A 314 6.25 -13.97 26.66
CA THR A 314 5.89 -15.12 25.81
C THR A 314 5.05 -14.65 24.60
N VAL A 315 5.32 -15.24 23.42
CA VAL A 315 4.58 -14.93 22.17
C VAL A 315 3.08 -15.32 22.29
N SER A 316 2.77 -16.19 23.26
CA SER A 316 1.38 -16.56 23.62
C SER A 316 0.60 -15.31 24.08
N ASN A 317 1.16 -14.54 25.04
CA ASN A 317 0.53 -13.30 25.56
C ASN A 317 0.59 -12.18 24.51
N LEU A 318 1.63 -12.18 23.65
CA LEU A 318 1.74 -11.21 22.53
C LEU A 318 0.59 -11.43 21.53
N ALA A 319 0.28 -12.70 21.25
CA ALA A 319 -0.81 -13.11 20.35
C ALA A 319 -2.19 -12.82 20.97
N ARG A 320 -2.26 -12.84 22.32
CA ARG A 320 -3.46 -12.45 23.10
C ARG A 320 -3.77 -10.95 22.88
N LYS A 321 -2.73 -10.11 22.98
CA LYS A 321 -2.86 -8.64 22.84
C LYS A 321 -3.29 -8.30 21.41
N ASN A 322 -2.52 -8.82 20.44
CA ASN A 322 -2.68 -8.53 19.00
C ASN A 322 -4.05 -8.97 18.46
N GLN A 323 -4.60 -10.08 19.02
CA GLN A 323 -5.94 -10.60 18.63
C GLN A 323 -7.05 -9.68 19.19
N LEU A 324 -6.94 -9.37 20.50
CA LEU A 324 -7.95 -8.58 21.24
C LEU A 324 -8.12 -7.17 20.61
N THR A 325 -6.98 -6.50 20.35
CA THR A 325 -6.97 -5.15 19.77
C THR A 325 -7.46 -5.19 18.30
N PHE A 326 -7.14 -6.30 17.58
CA PHE A 326 -7.54 -6.48 16.17
C PHE A 326 -9.06 -6.54 16.00
N THR A 327 -9.74 -7.11 17.01
CA THR A 327 -11.20 -7.20 17.06
C THR A 327 -11.84 -5.80 17.18
N GLU A 328 -11.24 -4.99 18.07
CA GLU A 328 -11.68 -3.60 18.31
C GLU A 328 -11.43 -2.71 17.08
N ASP A 329 -10.26 -2.89 16.47
CA ASP A 329 -9.84 -2.13 15.28
C ASP A 329 -10.70 -2.50 14.07
N TRP A 330 -11.08 -3.80 13.99
CA TRP A 330 -12.00 -4.31 12.95
C TRP A 330 -13.35 -3.56 13.05
N GLU A 331 -13.77 -3.31 14.30
CA GLU A 331 -15.08 -2.70 14.61
C GLU A 331 -15.16 -1.25 14.09
N HIS A 332 -14.03 -0.50 14.17
CA HIS A 332 -13.98 0.92 13.74
C HIS A 332 -13.17 1.10 12.43
N ARG A 333 -12.93 0.00 11.68
CA ARG A 333 -12.14 0.05 10.41
C ARG A 333 -12.88 0.83 9.29
N HIS A 334 -14.18 1.10 9.48
CA HIS A 334 -15.00 1.93 8.56
C HIS A 334 -14.34 3.29 8.29
N TRP A 335 -13.56 3.78 9.27
CA TRP A 335 -12.61 4.89 9.10
C TRP A 335 -11.18 4.35 9.25
N SER A 336 -10.29 4.74 8.34
CA SER A 336 -8.88 4.33 8.35
C SER A 336 -8.13 4.86 9.60
N GLY A 337 -7.11 4.11 10.04
CA GLY A 337 -6.25 4.49 11.16
C GLY A 337 -5.52 5.82 10.96
N VAL A 338 -5.43 6.30 9.69
CA VAL A 338 -4.85 7.62 9.36
C VAL A 338 -5.54 8.72 10.18
N GLU A 339 -6.88 8.59 10.33
CA GLU A 339 -7.72 9.60 11.02
C GLU A 339 -7.59 9.49 12.57
N LEU A 340 -7.24 8.28 13.05
CA LEU A 340 -6.99 8.03 14.49
C LEU A 340 -5.62 8.64 14.87
N LEU A 341 -4.62 8.42 13.99
CA LEU A 341 -3.24 8.95 14.15
C LEU A 341 -3.28 10.48 14.00
N ARG A 342 -4.20 10.96 13.15
CA ARG A 342 -4.47 12.40 12.93
C ARG A 342 -4.91 13.07 14.24
N GLU A 343 -5.79 12.38 15.00
CA GLU A 343 -6.22 12.82 16.35
C GLU A 343 -5.03 12.79 17.34
N LEU A 344 -4.34 11.65 17.37
CA LEU A 344 -3.22 11.37 18.30
C LEU A 344 -2.06 12.39 18.12
N LYS A 345 -1.86 12.81 16.86
CA LYS A 345 -0.80 13.74 16.47
C LYS A 345 -1.22 15.19 16.76
N ARG A 346 -2.53 15.47 16.65
CA ARG A 346 -3.10 16.79 16.96
C ARG A 346 -3.17 17.00 18.50
N GLN A 347 -3.14 15.89 19.24
CA GLN A 347 -2.98 15.89 20.72
C GLN A 347 -1.50 16.12 21.12
N GLN A 348 -0.63 16.36 20.11
CA GLN A 348 0.82 16.67 20.28
C GLN A 348 1.58 15.45 20.86
N ARG A 349 0.97 14.25 20.73
CA ARG A 349 1.48 13.01 21.35
C ARG A 349 2.32 12.20 20.32
N TYR A 350 2.85 12.90 19.31
CA TYR A 350 3.78 12.34 18.32
C TYR A 350 5.24 12.67 18.73
N PRO A 351 6.06 11.65 19.14
CA PRO A 351 7.51 11.85 19.35
C PRO A 351 8.29 11.78 18.01
N HIS A 352 7.77 10.97 17.04
CA HIS A 352 8.34 10.86 15.69
C HIS A 352 7.24 10.61 14.65
N GLY A 353 6.30 9.68 14.95
CA GLY A 353 5.16 9.39 14.07
C GLY A 353 5.55 8.83 12.69
N ALA A 354 6.27 7.70 12.67
CA ALA A 354 6.79 7.09 11.41
C ALA A 354 5.68 6.35 10.63
N PRO A 355 5.24 6.88 9.43
CA PRO A 355 4.20 6.23 8.60
C PRO A 355 4.76 5.04 7.81
N VAL A 356 4.62 3.84 8.41
CA VAL A 356 5.14 2.57 7.88
C VAL A 356 3.98 1.62 7.53
N VAL A 357 3.97 1.07 6.32
CA VAL A 357 2.88 0.20 5.82
C VAL A 357 3.34 -1.27 5.81
N PHE A 358 2.65 -2.13 6.60
CA PHE A 358 2.94 -3.58 6.62
C PHE A 358 1.81 -4.33 5.93
N THR A 359 2.10 -4.84 4.72
CA THR A 359 1.14 -5.60 3.90
C THR A 359 1.59 -7.06 3.85
N SER A 360 0.77 -7.94 4.42
CA SER A 360 0.97 -9.39 4.39
C SER A 360 -0.30 -10.06 3.86
N ASN A 361 -0.22 -10.62 2.64
CA ASN A 361 -1.33 -11.32 2.00
C ASN A 361 -0.77 -12.54 1.25
N LEU A 362 -0.98 -13.72 1.84
CA LEU A 362 -0.46 -15.01 1.34
C LEU A 362 -1.61 -15.76 0.62
N GLY A 363 -1.29 -16.90 -0.03
CA GLY A 363 -2.31 -17.75 -0.65
C GLY A 363 -2.50 -17.47 -2.14
N ARG A 364 -1.39 -17.22 -2.84
CA ARG A 364 -1.39 -16.92 -4.28
C ARG A 364 -1.21 -18.18 -5.14
N SER A 365 -1.10 -17.98 -6.47
CA SER A 365 -1.01 -19.06 -7.46
C SER A 365 0.35 -19.80 -7.39
N LEU A 366 0.31 -21.11 -7.74
CA LEU A 366 1.50 -21.98 -7.72
C LEU A 366 2.21 -21.93 -9.08
N TYR A 367 1.44 -21.78 -10.17
CA TYR A 367 1.99 -21.64 -11.53
C TYR A 367 2.37 -20.16 -11.77
N SER A 368 1.36 -19.27 -11.76
CA SER A 368 1.55 -17.81 -11.87
C SER A 368 2.08 -17.25 -10.54
N SER A 369 2.80 -16.11 -10.60
CA SER A 369 3.38 -15.47 -9.40
C SER A 369 2.28 -14.97 -8.44
N ARG A 370 1.17 -14.48 -9.03
CA ARG A 370 0.04 -13.90 -8.27
C ARG A 370 -1.30 -14.45 -8.80
N ALA A 371 -2.36 -14.30 -7.98
CA ALA A 371 -3.74 -14.68 -8.35
C ALA A 371 -4.45 -13.51 -9.05
N GLU A 372 -3.84 -12.31 -8.94
CA GLU A 372 -4.33 -11.08 -9.59
C GLU A 372 -3.62 -10.89 -10.94
N SER A 373 -2.99 -11.98 -11.44
CA SER A 373 -2.30 -12.02 -12.73
C SER A 373 -3.17 -12.79 -13.74
N PRO A 374 -3.92 -12.07 -14.65
CA PRO A 374 -4.62 -12.70 -15.77
C PRO A 374 -3.66 -12.91 -16.97
N LEU A 375 -3.08 -11.80 -17.51
CA LEU A 375 -1.95 -11.88 -18.46
C LEU A 375 -0.65 -11.28 -17.87
N GLY A 376 -0.77 -10.44 -16.82
CA GLY A 376 0.36 -9.61 -16.35
C GLY A 376 0.98 -10.10 -15.03
N GLU A 377 2.23 -10.60 -15.10
CA GLU A 377 3.03 -11.00 -13.93
C GLU A 377 3.63 -9.75 -13.24
N PRO A 378 3.24 -9.44 -11.97
CA PRO A 378 3.73 -8.25 -11.22
C PRO A 378 5.23 -8.31 -10.86
N GLU A 379 6.01 -7.38 -11.46
CA GLU A 379 7.40 -7.14 -11.06
C GLU A 379 7.44 -6.29 -9.78
N TRP A 380 8.36 -6.64 -8.87
CA TRP A 380 8.62 -5.85 -7.66
C TRP A 380 9.22 -4.48 -8.04
N GLY A 381 8.44 -3.40 -7.76
CA GLY A 381 8.83 -2.02 -8.09
C GLY A 381 9.10 -1.20 -6.85
N ILE A 382 8.93 0.13 -6.94
CA ILE A 382 9.22 1.05 -5.83
C ILE A 382 7.90 1.62 -5.27
N SER A 383 7.76 1.58 -3.91
CA SER A 383 6.58 2.06 -3.15
C SER A 383 5.23 1.51 -3.70
N GLN A 384 4.67 0.49 -2.97
CA GLN A 384 3.38 -0.17 -3.31
C GLN A 384 2.25 0.85 -3.53
N THR A 385 2.15 1.79 -2.59
CA THR A 385 1.25 2.94 -2.66
C THR A 385 2.09 4.24 -2.78
N PRO A 386 1.55 5.35 -3.37
CA PRO A 386 2.32 6.59 -3.63
C PRO A 386 2.78 7.30 -2.33
N GLN A 387 4.09 7.66 -2.30
CA GLN A 387 4.74 8.41 -1.20
C GLN A 387 4.64 7.68 0.16
N VAL A 388 5.45 6.60 0.31
CA VAL A 388 5.56 5.80 1.56
C VAL A 388 7.02 5.85 2.05
N TRP A 389 7.24 5.69 3.38
CA TRP A 389 8.59 5.72 3.96
C TRP A 389 9.16 4.28 3.93
N ILE A 390 8.55 3.37 4.71
CA ILE A 390 8.91 1.94 4.73
C ILE A 390 7.66 1.12 4.38
N ASP A 391 7.73 0.34 3.30
CA ASP A 391 6.65 -0.58 2.88
C ASP A 391 7.15 -2.03 3.00
N HIS A 392 6.25 -2.90 3.44
CA HIS A 392 6.52 -4.32 3.66
C HIS A 392 5.59 -5.14 2.77
N LEU A 393 6.15 -5.73 1.69
CA LEU A 393 5.45 -6.70 0.86
C LEU A 393 5.72 -8.11 1.39
N ALA A 394 4.66 -8.88 1.62
CA ALA A 394 4.75 -10.31 1.95
C ALA A 394 3.65 -11.06 1.19
N PHE A 395 4.09 -11.98 0.32
CA PHE A 395 3.22 -12.88 -0.44
C PHE A 395 4.01 -14.15 -0.74
N GLU A 396 3.33 -15.24 -1.13
CA GLU A 396 4.00 -16.50 -1.47
C GLU A 396 3.50 -17.03 -2.81
N HIS A 397 4.35 -17.83 -3.45
CA HIS A 397 4.13 -18.37 -4.80
C HIS A 397 4.85 -19.72 -4.91
N HIS A 398 4.08 -20.78 -5.16
CA HIS A 398 4.62 -22.15 -5.39
C HIS A 398 5.37 -22.68 -4.13
N GLY A 399 5.07 -22.09 -2.96
CA GLY A 399 5.77 -22.42 -1.72
C GLY A 399 7.08 -21.64 -1.54
N GLU A 400 7.12 -20.43 -2.12
CA GLU A 400 8.25 -19.50 -1.95
C GLU A 400 7.69 -18.18 -1.42
N VAL A 401 8.08 -17.77 -0.22
CA VAL A 401 7.58 -16.52 0.41
C VAL A 401 8.48 -15.34 0.01
N TRP A 402 7.96 -14.53 -0.92
CA TRP A 402 8.64 -13.35 -1.45
C TRP A 402 8.43 -12.15 -0.49
N LEU A 403 9.49 -11.84 0.26
CA LEU A 403 9.50 -10.78 1.28
C LEU A 403 10.34 -9.58 0.80
N GLN A 404 9.69 -8.42 0.61
CA GLN A 404 10.34 -7.18 0.13
C GLN A 404 10.21 -6.08 1.21
N TRP A 405 11.32 -5.33 1.45
CA TRP A 405 11.32 -4.19 2.40
C TRP A 405 11.77 -2.92 1.65
N ASP A 406 10.80 -2.07 1.22
CA ASP A 406 11.11 -0.81 0.50
C ASP A 406 11.16 0.36 1.48
N SER A 407 12.36 0.63 2.01
CA SER A 407 12.61 1.64 3.03
C SER A 407 13.49 2.74 2.46
N ASN A 408 13.28 4.02 2.88
CA ASN A 408 14.16 5.12 2.45
C ASN A 408 15.57 4.88 3.02
N ASP A 409 16.53 4.63 2.13
CA ASP A 409 17.95 4.42 2.47
C ASP A 409 18.51 5.63 3.25
N ALA A 410 18.08 6.84 2.86
CA ALA A 410 18.54 8.11 3.46
C ALA A 410 17.98 8.38 4.87
N LEU A 411 16.97 7.59 5.30
CA LEU A 411 16.33 7.76 6.63
C LEU A 411 16.65 6.59 7.56
N PHE A 412 16.55 5.36 7.03
CA PHE A 412 16.64 4.13 7.83
C PHE A 412 17.85 3.32 7.34
N PRO A 413 18.79 2.89 8.26
CA PRO A 413 19.98 2.09 7.88
C PRO A 413 19.60 0.70 7.28
N PRO A 414 20.03 0.38 6.01
CA PRO A 414 19.80 -0.95 5.38
C PRO A 414 20.50 -2.10 6.14
N ALA A 415 21.58 -1.75 6.88
CA ALA A 415 22.30 -2.68 7.78
C ALA A 415 21.39 -3.14 8.93
N LEU A 416 20.59 -2.18 9.45
CA LEU A 416 19.63 -2.44 10.53
C LEU A 416 18.48 -3.32 10.02
N VAL A 417 18.00 -3.03 8.78
CA VAL A 417 16.96 -3.86 8.11
C VAL A 417 17.44 -5.32 7.97
N GLU A 418 18.74 -5.49 7.66
CA GLU A 418 19.34 -6.79 7.34
C GLU A 418 19.35 -7.75 8.54
N THR A 419 19.86 -7.27 9.68
CA THR A 419 19.93 -8.09 10.91
C THR A 419 18.52 -8.37 11.48
N LEU A 420 17.55 -7.48 11.16
CA LEU A 420 16.17 -7.60 11.64
C LEU A 420 15.33 -8.57 10.78
N PHE A 421 15.52 -8.62 9.44
CA PHE A 421 14.75 -9.60 8.60
C PHE A 421 15.24 -11.04 8.86
N ASP A 422 16.49 -11.16 9.35
CA ASP A 422 17.02 -12.43 9.86
C ASP A 422 16.21 -12.84 11.09
N ALA A 423 16.06 -11.88 12.03
CA ALA A 423 15.28 -12.05 13.27
C ALA A 423 13.80 -12.38 12.99
N TYR A 424 13.29 -11.86 11.86
CA TYR A 424 11.94 -12.17 11.33
C TYR A 424 11.80 -13.69 11.09
N CYS A 425 12.79 -14.26 10.38
CA CYS A 425 12.84 -15.70 10.06
C CYS A 425 13.10 -16.56 11.33
N GLN A 426 13.80 -15.97 12.33
CA GLN A 426 14.15 -16.66 13.58
C GLN A 426 12.90 -16.94 14.43
N LEU A 427 12.07 -15.89 14.64
CA LEU A 427 10.88 -15.98 15.53
C LEU A 427 9.79 -16.90 14.92
N ILE A 428 9.72 -16.91 13.57
CA ILE A 428 8.81 -17.80 12.83
C ILE A 428 9.20 -19.27 13.03
N ASN A 429 10.50 -19.55 12.85
CA ASN A 429 11.04 -20.91 12.89
C ASN A 429 10.96 -21.51 14.31
N GLN A 430 11.35 -20.72 15.34
CA GLN A 430 11.39 -21.22 16.73
C GLN A 430 9.97 -21.55 17.24
N LEU A 431 9.00 -20.74 16.79
CA LEU A 431 7.59 -20.90 17.16
C LEU A 431 7.02 -22.20 16.57
N CYS A 432 7.37 -22.48 15.31
CA CYS A 432 6.84 -23.64 14.58
C CYS A 432 7.59 -24.95 14.92
N ASP A 433 8.88 -24.83 15.28
CA ASP A 433 9.71 -25.99 15.65
C ASP A 433 9.40 -26.46 17.07
N ASP A 434 9.15 -25.50 17.95
CA ASP A 434 8.82 -25.78 19.35
C ASP A 434 7.30 -25.80 19.47
N GLU A 435 6.70 -26.99 19.27
CA GLU A 435 5.23 -27.15 19.28
C GLU A 435 4.65 -26.76 20.66
N SER A 436 5.30 -27.25 21.72
CA SER A 436 4.91 -26.93 23.12
C SER A 436 5.62 -25.66 23.62
N ALA A 437 6.94 -25.60 23.36
CA ALA A 437 7.86 -24.62 23.96
C ALA A 437 7.79 -23.22 23.30
N TRP A 438 7.05 -23.09 22.15
CA TRP A 438 6.97 -21.85 21.30
C TRP A 438 6.78 -20.54 22.08
N GLN A 439 6.22 -20.63 23.31
CA GLN A 439 5.87 -19.49 24.17
C GLN A 439 7.13 -18.94 24.87
N LYS A 440 8.15 -18.54 24.07
CA LYS A 440 9.40 -17.93 24.55
C LYS A 440 9.41 -16.43 24.22
N PRO A 441 10.10 -15.57 25.06
CA PRO A 441 10.34 -14.16 24.69
C PRO A 441 11.46 -14.03 23.64
N PHE A 442 11.13 -13.44 22.49
CA PHE A 442 12.10 -13.26 21.39
C PHE A 442 13.03 -12.05 21.64
N ALA A 443 12.46 -10.97 22.24
CA ALA A 443 13.17 -9.70 22.52
C ALA A 443 14.43 -9.90 23.40
N ASP A 444 14.41 -10.99 24.18
CA ASP A 444 15.54 -11.46 25.00
C ASP A 444 16.83 -11.61 24.15
N MET A 445 16.67 -12.21 22.96
CA MET A 445 17.79 -12.56 22.07
C MET A 445 18.23 -11.40 21.14
N LEU A 446 17.55 -10.24 21.24
CA LEU A 446 17.95 -9.00 20.51
C LEU A 446 19.02 -8.24 21.32
N GLU A 447 18.81 -8.18 22.63
CA GLU A 447 19.75 -7.54 23.56
C GLU A 447 20.96 -8.46 23.79
N HIS A 448 20.67 -9.74 24.05
CA HIS A 448 21.69 -10.77 24.24
C HIS A 448 22.20 -11.24 22.88
N HIS A 449 23.51 -11.02 22.64
CA HIS A 449 24.13 -11.19 21.33
C HIS A 449 24.51 -12.67 21.08
N HIS A 450 23.46 -13.49 20.96
CA HIS A 450 23.53 -14.94 20.74
C HIS A 450 22.11 -15.45 20.46
N HIS A 451 21.46 -14.88 19.43
CA HIS A 451 20.12 -15.33 18.99
C HIS A 451 20.17 -16.81 18.58
N HIS A 452 19.09 -17.56 18.86
CA HIS A 452 19.00 -18.99 18.50
C HIS A 452 19.22 -19.16 16.98
N HIS A 453 19.97 -20.22 16.60
CA HIS A 453 20.36 -20.49 15.20
C HIS A 453 21.37 -19.38 14.72
N MET A 1 -29.60 13.53 19.62
CA MET A 1 -30.70 13.26 18.67
C MET A 1 -30.28 12.17 17.67
N PRO A 2 -31.23 11.28 17.23
CA PRO A 2 -30.95 10.30 16.14
C PRO A 2 -30.94 10.99 14.76
N ASP A 3 -29.81 11.64 14.47
CA ASP A 3 -29.59 12.35 13.19
C ASP A 3 -29.55 11.33 12.04
N GLU A 4 -30.25 11.67 10.96
CA GLU A 4 -30.53 10.76 9.83
C GLU A 4 -29.32 10.60 8.87
N SER A 5 -29.59 10.05 7.67
CA SER A 5 -28.59 9.87 6.62
C SER A 5 -29.28 10.00 5.25
N SER A 6 -28.49 10.08 4.16
CA SER A 6 -29.03 10.15 2.79
C SER A 6 -28.18 9.31 1.83
N TRP A 7 -28.73 9.06 0.63
CA TRP A 7 -28.17 8.14 -0.37
C TRP A 7 -26.98 8.76 -1.17
N PRO A 8 -26.11 7.90 -1.82
CA PRO A 8 -24.97 8.38 -2.65
C PRO A 8 -25.40 9.24 -3.84
N ASN A 9 -24.58 10.26 -4.14
CA ASN A 9 -24.84 11.21 -5.25
C ASN A 9 -23.64 11.21 -6.21
N MET A 10 -23.86 10.77 -7.46
CA MET A 10 -22.84 10.83 -8.54
C MET A 10 -22.86 12.21 -9.23
N THR A 11 -23.71 13.13 -8.72
CA THR A 11 -23.93 14.47 -9.28
C THR A 11 -22.79 15.46 -8.90
N GLU A 12 -21.56 15.17 -9.39
CA GLU A 12 -20.36 16.02 -9.17
C GLU A 12 -20.27 17.10 -10.28
N SER A 13 -21.41 17.72 -10.62
CA SER A 13 -21.46 18.84 -11.58
C SER A 13 -20.58 20.04 -11.09
N THR A 14 -20.27 20.03 -9.78
CA THR A 14 -19.32 20.95 -9.15
C THR A 14 -18.16 20.12 -8.53
N PRO A 15 -16.86 20.38 -8.89
CA PRO A 15 -15.69 19.66 -8.31
C PRO A 15 -15.59 19.82 -6.77
N PHE A 16 -15.14 18.76 -6.08
CA PHE A 16 -15.02 18.74 -4.62
C PHE A 16 -13.55 18.62 -4.19
N PRO A 17 -13.17 19.04 -2.92
CA PRO A 17 -11.79 18.88 -2.39
C PRO A 17 -11.43 17.40 -2.11
N LEU A 18 -10.30 17.19 -1.40
CA LEU A 18 -9.81 15.83 -1.09
C LEU A 18 -10.73 15.11 -0.07
N THR A 19 -10.47 13.81 0.09
CA THR A 19 -11.15 12.96 1.08
C THR A 19 -10.76 13.38 2.53
N PRO A 20 -11.67 13.21 3.54
CA PRO A 20 -11.32 13.40 4.99
C PRO A 20 -10.25 12.40 5.48
N VAL A 21 -9.89 11.41 4.62
CA VAL A 21 -8.76 10.53 4.84
C VAL A 21 -7.44 11.35 4.79
N GLN A 22 -6.94 11.70 5.99
CA GLN A 22 -5.75 12.56 6.19
C GLN A 22 -4.47 11.99 5.53
N HIS A 23 -4.48 10.70 5.18
CA HIS A 23 -3.37 10.06 4.44
C HIS A 23 -3.15 10.76 3.09
N ALA A 24 -4.21 10.74 2.25
CA ALA A 24 -4.20 11.38 0.91
C ALA A 24 -4.31 12.91 1.02
N TYR A 25 -5.05 13.39 2.04
CA TYR A 25 -5.34 14.82 2.25
C TYR A 25 -4.07 15.62 2.62
N LEU A 26 -3.31 15.11 3.62
CA LEU A 26 -2.07 15.76 4.12
C LEU A 26 -1.05 15.86 2.98
N THR A 27 -0.88 14.75 2.24
CA THR A 27 0.09 14.65 1.14
C THR A 27 -0.32 15.55 -0.05
N GLY A 28 -1.63 15.73 -0.23
CA GLY A 28 -2.16 16.63 -1.27
C GLY A 28 -1.96 18.10 -0.92
N ARG A 29 -2.05 18.41 0.38
CA ARG A 29 -1.84 19.79 0.91
C ARG A 29 -0.35 20.12 0.99
N MET A 30 0.47 19.09 1.21
CA MET A 30 1.94 19.21 1.29
C MET A 30 2.59 18.22 0.28
N PRO A 31 2.61 18.56 -1.06
CA PRO A 31 3.23 17.72 -2.09
C PRO A 31 4.73 18.02 -2.24
N GLY A 32 5.54 16.98 -2.54
CA GLY A 32 6.97 17.16 -2.70
C GLY A 32 7.73 17.25 -1.37
N GLN A 33 7.07 16.81 -0.27
CA GLN A 33 7.62 16.88 1.10
C GLN A 33 9.04 16.28 1.15
N THR A 34 9.96 17.04 1.77
CA THR A 34 11.40 16.72 1.88
C THR A 34 11.70 15.36 2.56
N LEU A 35 10.69 14.82 3.28
CA LEU A 35 10.74 13.47 3.90
C LEU A 35 11.03 12.39 2.82
N GLY A 36 10.46 12.61 1.61
CA GLY A 36 10.74 11.78 0.43
C GLY A 36 11.48 12.54 -0.66
N GLY A 37 11.46 13.88 -0.57
CA GLY A 37 12.15 14.77 -1.53
C GLY A 37 11.55 14.78 -2.94
N VAL A 38 10.50 13.96 -3.17
CA VAL A 38 9.89 13.73 -4.50
C VAL A 38 8.40 14.08 -4.41
N GLY A 39 7.80 14.52 -5.55
CA GLY A 39 6.37 14.86 -5.62
C GLY A 39 5.47 13.64 -5.82
N CYS A 40 5.70 12.60 -4.99
CA CYS A 40 4.92 11.36 -4.95
C CYS A 40 4.90 10.64 -6.32
N HIS A 41 5.97 9.89 -6.61
CA HIS A 41 6.10 9.16 -7.88
C HIS A 41 6.51 7.70 -7.63
N LEU A 42 5.64 6.75 -8.02
CA LEU A 42 5.98 5.31 -8.07
C LEU A 42 6.11 4.89 -9.54
N TYR A 43 6.93 3.87 -9.81
CA TYR A 43 7.09 3.33 -11.18
C TYR A 43 7.16 1.80 -11.10
N GLN A 44 6.11 1.12 -11.60
CA GLN A 44 6.06 -0.35 -11.64
C GLN A 44 6.48 -0.85 -13.02
N GLU A 45 7.24 -1.96 -13.02
CA GLU A 45 7.79 -2.58 -14.23
C GLU A 45 7.34 -4.05 -14.30
N PHE A 46 6.96 -4.50 -15.50
CA PHE A 46 6.50 -5.89 -15.73
C PHE A 46 7.41 -6.55 -16.77
N GLU A 47 7.57 -7.88 -16.69
CA GLU A 47 8.39 -8.67 -17.63
C GLU A 47 7.56 -9.84 -18.19
N GLY A 48 7.81 -10.17 -19.48
CA GLY A 48 7.11 -11.25 -20.17
C GLY A 48 6.26 -10.74 -21.32
N HIS A 49 5.27 -11.54 -21.73
CA HIS A 49 4.31 -11.13 -22.77
C HIS A 49 3.12 -10.44 -22.09
N CYS A 50 2.92 -9.16 -22.39
CA CYS A 50 1.77 -8.40 -21.88
C CYS A 50 0.72 -8.34 -22.98
N LEU A 51 1.16 -7.90 -24.19
CA LEU A 51 0.34 -7.81 -25.42
C LEU A 51 1.12 -7.04 -26.52
N THR A 52 0.46 -6.76 -27.66
CA THR A 52 1.04 -5.98 -28.77
C THR A 52 0.74 -4.49 -28.57
N ALA A 53 1.61 -3.61 -29.13
CA ALA A 53 1.50 -2.15 -28.98
C ALA A 53 0.15 -1.60 -29.45
N SER A 54 -0.35 -2.13 -30.57
CA SER A 54 -1.64 -1.74 -31.15
C SER A 54 -2.79 -2.04 -30.19
N GLN A 55 -2.72 -3.20 -29.51
CA GLN A 55 -3.78 -3.66 -28.58
C GLN A 55 -3.72 -2.88 -27.24
N LEU A 56 -2.51 -2.47 -26.81
CA LEU A 56 -2.32 -1.76 -25.52
C LEU A 56 -2.92 -0.35 -25.59
N GLU A 57 -2.54 0.38 -26.64
CA GLU A 57 -3.01 1.75 -26.87
C GLU A 57 -4.53 1.75 -27.14
N GLN A 58 -5.01 0.70 -27.83
CA GLN A 58 -6.46 0.46 -28.08
C GLN A 58 -7.21 0.33 -26.73
N ALA A 59 -6.67 -0.51 -25.85
CA ALA A 59 -7.29 -0.85 -24.55
C ALA A 59 -7.37 0.36 -23.62
N ILE A 60 -6.26 1.10 -23.53
CA ILE A 60 -6.17 2.32 -22.71
C ILE A 60 -7.15 3.39 -23.24
N THR A 61 -7.25 3.53 -24.57
CA THR A 61 -8.23 4.45 -25.20
C THR A 61 -9.70 4.05 -24.85
N THR A 62 -9.95 2.74 -24.69
CA THR A 62 -11.29 2.21 -24.31
C THR A 62 -11.63 2.59 -22.84
N LEU A 63 -10.65 2.45 -21.94
CA LEU A 63 -10.84 2.79 -20.49
C LEU A 63 -10.91 4.32 -20.28
N LEU A 64 -10.31 5.10 -21.19
CA LEU A 64 -10.36 6.57 -21.17
C LEU A 64 -11.61 7.11 -21.90
N GLN A 65 -12.14 6.31 -22.85
CA GLN A 65 -13.43 6.56 -23.52
C GLN A 65 -14.59 6.24 -22.56
N ARG A 66 -14.31 5.33 -21.60
CA ARG A 66 -15.16 5.09 -20.43
C ARG A 66 -14.84 6.20 -19.40
N HIS A 67 -15.74 6.44 -18.44
CA HIS A 67 -15.59 7.56 -17.49
C HIS A 67 -15.63 7.05 -16.01
N PRO A 68 -14.55 6.33 -15.52
CA PRO A 68 -14.45 5.89 -14.11
C PRO A 68 -13.54 6.79 -13.25
N MET A 69 -13.38 6.42 -11.95
CA MET A 69 -12.57 7.19 -10.98
C MET A 69 -11.07 6.85 -11.07
N LEU A 70 -10.65 6.05 -12.06
CA LEU A 70 -9.21 5.80 -12.35
C LEU A 70 -8.62 6.90 -13.27
N HIS A 71 -9.48 7.82 -13.75
CA HIS A 71 -9.06 8.92 -14.65
C HIS A 71 -9.48 10.30 -14.07
N ILE A 72 -9.53 10.40 -12.73
CA ILE A 72 -9.86 11.67 -12.06
C ILE A 72 -8.59 12.51 -11.81
N ALA A 73 -8.76 13.84 -11.83
CA ALA A 73 -7.65 14.80 -11.81
C ALA A 73 -7.64 15.61 -10.50
N PHE A 74 -6.52 15.56 -9.76
CA PHE A 74 -6.26 16.43 -8.59
C PHE A 74 -5.39 17.61 -9.01
N ARG A 75 -5.83 18.82 -8.67
CA ARG A 75 -5.07 20.06 -8.88
C ARG A 75 -4.49 20.51 -7.52
N PRO A 76 -3.30 21.21 -7.49
CA PRO A 76 -2.57 21.51 -6.22
C PRO A 76 -3.32 22.54 -5.32
N ASP A 77 -4.42 23.09 -5.88
CA ASP A 77 -5.37 23.96 -5.14
C ASP A 77 -6.01 23.20 -3.97
N GLY A 78 -6.16 21.88 -4.16
CA GLY A 78 -6.82 21.01 -3.19
C GLY A 78 -8.19 20.58 -3.64
N GLN A 79 -8.30 20.15 -4.92
CA GLN A 79 -9.57 19.67 -5.51
C GLN A 79 -9.32 18.40 -6.34
N GLN A 80 -10.16 17.37 -6.13
CA GLN A 80 -10.18 16.13 -6.94
C GLN A 80 -11.45 16.17 -7.83
N VAL A 81 -11.27 15.94 -9.15
CA VAL A 81 -12.33 16.17 -10.16
C VAL A 81 -12.53 14.92 -11.04
N TRP A 82 -13.77 14.44 -11.16
CA TRP A 82 -14.10 13.32 -12.06
C TRP A 82 -14.13 13.84 -13.52
N LEU A 83 -13.09 13.49 -14.33
CA LEU A 83 -12.99 13.94 -15.73
C LEU A 83 -13.38 12.81 -16.70
N PRO A 84 -14.40 13.05 -17.60
CA PRO A 84 -14.81 12.10 -18.66
C PRO A 84 -14.01 12.27 -19.98
N GLN A 85 -12.94 13.09 -19.93
CA GLN A 85 -12.17 13.49 -21.13
C GLN A 85 -10.73 12.97 -21.02
N PRO A 86 -10.21 12.21 -22.04
CA PRO A 86 -8.80 11.83 -22.11
C PRO A 86 -7.93 12.99 -22.66
N TYR A 87 -7.04 13.54 -21.81
CA TYR A 87 -6.05 14.54 -22.21
C TYR A 87 -5.10 13.96 -23.29
N TRP A 88 -4.69 12.71 -23.06
CA TRP A 88 -3.81 11.95 -23.96
C TRP A 88 -3.89 10.46 -23.59
N ASN A 89 -3.55 9.57 -24.55
CA ASN A 89 -3.48 8.11 -24.33
C ASN A 89 -2.45 7.78 -23.23
N GLY A 90 -1.22 8.28 -23.43
CA GLY A 90 -0.15 8.15 -22.44
C GLY A 90 0.85 7.05 -22.76
N VAL A 91 0.43 6.02 -23.53
CA VAL A 91 1.30 4.88 -23.88
C VAL A 91 2.31 5.30 -24.97
N THR A 92 3.53 5.64 -24.51
CA THR A 92 4.66 5.98 -25.36
C THR A 92 5.44 4.70 -25.72
N VAL A 93 5.29 4.25 -26.97
CA VAL A 93 5.92 3.02 -27.45
C VAL A 93 7.29 3.36 -28.05
N HIS A 94 8.32 2.56 -27.72
CA HIS A 94 9.68 2.67 -28.28
C HIS A 94 10.06 1.33 -28.92
N ASP A 95 10.78 1.42 -30.05
CA ASP A 95 11.05 0.27 -30.93
C ASP A 95 12.36 -0.38 -30.50
N LEU A 96 12.26 -1.56 -29.87
CA LEU A 96 13.43 -2.43 -29.59
C LEU A 96 13.19 -3.83 -30.20
N ARG A 97 11.96 -4.02 -30.71
CA ARG A 97 11.53 -5.28 -31.34
C ARG A 97 12.25 -5.50 -32.69
N HIS A 98 12.60 -4.39 -33.36
CA HIS A 98 13.36 -4.39 -34.62
C HIS A 98 14.72 -3.70 -34.42
N ASN A 99 14.74 -2.66 -33.55
CA ASN A 99 15.96 -1.87 -33.29
C ASN A 99 16.95 -2.67 -32.41
N ASP A 100 18.24 -2.30 -32.50
CA ASP A 100 19.37 -3.06 -31.90
C ASP A 100 19.38 -2.97 -30.35
N ALA A 101 19.99 -3.99 -29.70
CA ALA A 101 20.02 -4.15 -28.23
C ALA A 101 20.83 -3.05 -27.51
N GLU A 102 21.71 -2.36 -28.26
CA GLU A 102 22.46 -1.19 -27.75
C GLU A 102 21.48 -0.11 -27.31
N SER A 103 20.49 0.16 -28.19
CA SER A 103 19.47 1.19 -27.98
C SER A 103 18.57 0.84 -26.78
N ARG A 104 18.45 -0.48 -26.47
CA ARG A 104 17.67 -0.95 -25.30
C ARG A 104 18.28 -0.40 -24.00
N GLN A 105 19.59 -0.61 -23.81
CA GLN A 105 20.32 -0.11 -22.62
C GLN A 105 20.19 1.42 -22.51
N ALA A 106 20.25 2.07 -23.67
CA ALA A 106 20.13 3.51 -23.80
C ALA A 106 18.74 4.02 -23.32
N TYR A 107 17.66 3.33 -23.72
CA TYR A 107 16.28 3.68 -23.32
C TYR A 107 16.01 3.42 -21.82
N LEU A 108 16.53 2.30 -21.29
CA LEU A 108 16.30 1.92 -19.87
C LEU A 108 17.10 2.83 -18.91
N ASP A 109 18.27 3.31 -19.37
CA ASP A 109 19.10 4.28 -18.61
C ASP A 109 18.43 5.66 -18.62
N ALA A 110 17.98 6.07 -19.82
CA ALA A 110 17.30 7.34 -20.05
C ALA A 110 16.02 7.43 -19.23
N LEU A 111 15.28 6.31 -19.20
CA LEU A 111 13.98 6.22 -18.49
C LEU A 111 14.19 6.20 -16.96
N ARG A 112 15.36 5.69 -16.52
CA ARG A 112 15.75 5.72 -15.10
C ARG A 112 16.01 7.17 -14.63
N GLN A 113 16.50 8.01 -15.56
CA GLN A 113 16.66 9.46 -15.31
C GLN A 113 15.29 10.10 -15.01
N ARG A 114 14.27 9.69 -15.78
CA ARG A 114 12.88 10.16 -15.60
C ARG A 114 12.20 9.44 -14.41
N LEU A 115 12.72 8.27 -13.99
CA LEU A 115 12.17 7.47 -12.87
C LEU A 115 12.23 8.28 -11.56
N SER A 116 13.34 9.02 -11.38
CA SER A 116 13.52 9.93 -10.23
C SER A 116 12.97 11.33 -10.55
N HIS A 117 13.25 11.82 -11.77
CA HIS A 117 12.98 13.24 -12.16
C HIS A 117 11.68 13.37 -13.00
N ARG A 118 10.65 12.56 -12.66
CA ARG A 118 9.35 12.62 -13.36
C ARG A 118 8.52 13.80 -12.81
N LEU A 119 8.41 14.88 -13.60
CA LEU A 119 7.55 16.02 -13.30
C LEU A 119 6.11 15.61 -13.67
N LEU A 120 5.30 15.31 -12.64
CA LEU A 120 3.87 14.96 -12.81
C LEU A 120 3.04 16.23 -13.04
N ARG A 121 2.03 16.12 -13.94
CA ARG A 121 1.16 17.25 -14.33
C ARG A 121 -0.04 17.37 -13.37
N VAL A 122 0.22 17.18 -12.05
CA VAL A 122 -0.77 17.42 -10.98
C VAL A 122 -1.30 18.87 -11.03
N GLU A 123 -0.47 19.77 -11.57
CA GLU A 123 -0.86 21.17 -11.87
C GLU A 123 -2.09 21.25 -12.81
N ILE A 124 -2.06 20.45 -13.90
CA ILE A 124 -3.18 20.35 -14.87
C ILE A 124 -4.23 19.35 -14.34
N GLY A 125 -3.81 18.54 -13.36
CA GLY A 125 -4.62 17.46 -12.82
C GLY A 125 -4.45 16.16 -13.61
N GLU A 126 -4.60 16.26 -14.94
CA GLU A 126 -4.38 15.15 -15.87
C GLU A 126 -2.89 14.75 -15.89
N THR A 127 -2.54 13.83 -14.99
CA THR A 127 -1.17 13.29 -14.86
C THR A 127 -1.19 11.76 -14.91
N PHE A 128 -0.37 11.24 -15.83
CA PHE A 128 -0.28 9.81 -16.17
C PHE A 128 1.00 9.59 -17.00
N ASP A 129 1.68 8.47 -16.76
CA ASP A 129 2.92 8.12 -17.48
C ASP A 129 2.94 6.62 -17.77
N PHE A 130 3.05 6.27 -19.06
CA PHE A 130 3.11 4.87 -19.52
C PHE A 130 4.21 4.76 -20.59
N GLN A 131 5.20 3.88 -20.36
CA GLN A 131 6.25 3.58 -21.36
C GLN A 131 6.16 2.10 -21.73
N LEU A 132 5.85 1.83 -23.00
CA LEU A 132 5.88 0.48 -23.55
C LEU A 132 7.16 0.33 -24.37
N THR A 133 8.07 -0.53 -23.89
CA THR A 133 9.26 -0.92 -24.63
C THR A 133 9.22 -2.45 -24.81
N LEU A 134 9.10 -2.91 -26.08
CA LEU A 134 9.00 -4.35 -26.45
C LEU A 134 10.24 -4.78 -27.27
N LEU A 135 10.72 -6.00 -26.97
CA LEU A 135 11.78 -6.71 -27.72
C LEU A 135 11.11 -7.74 -28.67
N PRO A 136 11.86 -8.40 -29.61
CA PRO A 136 11.27 -9.46 -30.48
C PRO A 136 10.68 -10.62 -29.63
N ASP A 137 9.64 -11.28 -30.18
CA ASP A 137 8.90 -12.39 -29.56
C ASP A 137 8.02 -11.91 -28.36
N ASN A 138 7.81 -10.58 -28.24
CA ASN A 138 6.93 -9.94 -27.22
C ASN A 138 7.32 -10.38 -25.78
N ARG A 139 8.55 -10.03 -25.36
CA ARG A 139 9.04 -10.28 -23.99
C ARG A 139 10.11 -9.24 -23.59
N HIS A 140 9.61 -8.13 -23.02
CA HIS A 140 10.42 -6.98 -22.54
C HIS A 140 9.68 -6.32 -21.35
N ARG A 141 10.08 -5.09 -20.97
CA ARG A 141 9.66 -4.44 -19.73
C ARG A 141 8.57 -3.37 -19.99
N LEU A 142 7.37 -3.60 -19.45
CA LEU A 142 6.25 -2.63 -19.53
C LEU A 142 6.29 -1.72 -18.28
N HIS A 143 6.18 -0.41 -18.49
CA HIS A 143 6.27 0.60 -17.42
C HIS A 143 4.93 1.34 -17.28
N VAL A 144 4.48 1.48 -16.03
CA VAL A 144 3.21 2.16 -15.69
C VAL A 144 3.42 3.11 -14.49
N ASN A 145 2.73 4.26 -14.54
CA ASN A 145 2.74 5.27 -13.48
C ASN A 145 1.43 6.05 -13.48
N ILE A 146 0.78 6.11 -12.31
CA ILE A 146 -0.35 7.00 -12.02
C ILE A 146 -0.02 7.71 -10.68
N ASP A 147 -0.55 8.93 -10.49
CA ASP A 147 -0.17 9.81 -9.36
C ASP A 147 -0.94 9.46 -8.08
N LEU A 148 -0.30 9.68 -6.92
CA LEU A 148 -0.84 9.29 -5.60
C LEU A 148 -1.67 10.43 -4.98
N LEU A 149 -1.45 11.66 -5.47
CA LEU A 149 -2.15 12.86 -4.99
C LEU A 149 -3.62 12.88 -5.46
N ILE A 150 -3.89 12.21 -6.61
CA ILE A 150 -5.27 12.16 -7.16
C ILE A 150 -6.13 11.13 -6.38
N MET A 151 -5.48 10.10 -5.83
CA MET A 151 -6.17 8.98 -5.14
C MET A 151 -5.14 7.95 -4.67
N ASP A 152 -5.52 7.18 -3.62
CA ASP A 152 -4.70 6.06 -3.10
C ASP A 152 -4.61 4.90 -4.13
N ALA A 153 -3.74 3.92 -3.82
CA ALA A 153 -3.48 2.74 -4.68
C ALA A 153 -4.74 1.86 -4.94
N SER A 154 -5.79 2.08 -4.13
CA SER A 154 -7.09 1.37 -4.26
C SER A 154 -7.68 1.45 -5.70
N SER A 155 -7.57 2.64 -6.33
CA SER A 155 -8.07 2.88 -7.70
C SER A 155 -7.14 2.24 -8.76
N PHE A 156 -5.84 2.17 -8.42
CA PHE A 156 -4.78 1.61 -9.29
C PHE A 156 -4.90 0.05 -9.30
N THR A 157 -5.39 -0.51 -8.17
CA THR A 157 -5.72 -1.94 -8.04
C THR A 157 -6.87 -2.29 -9.00
N LEU A 158 -7.96 -1.49 -8.91
CA LEU A 158 -9.16 -1.65 -9.75
C LEU A 158 -8.82 -1.47 -11.25
N PHE A 159 -7.84 -0.58 -11.54
CA PHE A 159 -7.36 -0.33 -12.90
C PHE A 159 -6.83 -1.63 -13.54
N PHE A 160 -5.81 -2.25 -12.93
CA PHE A 160 -5.18 -3.49 -13.47
C PHE A 160 -6.11 -4.71 -13.41
N ASP A 161 -6.97 -4.75 -12.38
CA ASP A 161 -7.87 -5.93 -12.14
C ASP A 161 -8.89 -6.03 -13.28
N GLU A 162 -9.56 -4.91 -13.56
CA GLU A 162 -10.56 -4.79 -14.62
C GLU A 162 -9.89 -4.88 -16.02
N LEU A 163 -8.73 -4.22 -16.15
CA LEU A 163 -7.94 -4.20 -17.41
C LEU A 163 -7.44 -5.62 -17.77
N ASN A 164 -7.17 -6.46 -16.74
CA ASN A 164 -6.75 -7.87 -16.95
C ASN A 164 -7.88 -8.68 -17.62
N ALA A 165 -9.13 -8.43 -17.17
CA ALA A 165 -10.34 -9.09 -17.72
C ALA A 165 -10.64 -8.57 -19.15
N LEU A 166 -10.36 -7.27 -19.36
CA LEU A 166 -10.58 -6.57 -20.65
C LEU A 166 -9.62 -7.13 -21.72
N LEU A 167 -8.33 -7.28 -21.34
CA LEU A 167 -7.25 -7.75 -22.24
C LEU A 167 -7.38 -9.25 -22.51
N ALA A 168 -7.84 -9.99 -21.48
CA ALA A 168 -8.09 -11.45 -21.61
C ALA A 168 -9.29 -11.72 -22.56
N GLY A 169 -10.07 -10.66 -22.83
CA GLY A 169 -11.24 -10.74 -23.70
C GLY A 169 -12.38 -11.48 -23.02
N GLU A 170 -12.36 -11.48 -21.68
CA GLU A 170 -13.36 -12.16 -20.85
C GLU A 170 -14.54 -11.23 -20.61
N SER A 171 -15.72 -11.82 -20.42
CA SER A 171 -16.93 -11.07 -20.08
C SER A 171 -16.82 -10.59 -18.63
N LEU A 172 -16.74 -9.25 -18.45
CA LEU A 172 -16.56 -8.62 -17.13
C LEU A 172 -17.84 -8.82 -16.28
N PRO A 173 -17.72 -9.25 -14.97
CA PRO A 173 -18.89 -9.38 -14.05
C PRO A 173 -19.58 -8.02 -13.79
N ALA A 174 -20.63 -8.00 -12.95
CA ALA A 174 -21.27 -6.72 -12.58
C ALA A 174 -20.25 -5.83 -11.84
N ILE A 175 -19.81 -4.77 -12.53
CA ILE A 175 -18.81 -3.81 -12.02
C ILE A 175 -19.49 -2.47 -11.88
N ASP A 176 -19.58 -2.00 -10.63
CA ASP A 176 -20.33 -0.78 -10.30
C ASP A 176 -19.42 0.43 -10.56
N THR A 177 -19.51 0.95 -11.80
CA THR A 177 -18.65 2.03 -12.30
C THR A 177 -19.31 3.41 -12.05
N ARG A 178 -20.63 3.37 -11.81
CA ARG A 178 -21.46 4.55 -11.46
C ARG A 178 -21.16 5.04 -10.03
N TYR A 179 -20.56 4.16 -9.20
CA TYR A 179 -20.10 4.53 -7.85
C TYR A 179 -18.61 4.91 -7.93
N ASP A 180 -18.35 6.21 -8.04
CA ASP A 180 -16.99 6.79 -8.04
C ASP A 180 -16.74 7.45 -6.68
N PHE A 181 -15.57 8.12 -6.52
CA PHE A 181 -15.23 8.86 -5.29
C PHE A 181 -16.28 9.98 -5.02
N ARG A 182 -16.85 10.55 -6.09
CA ARG A 182 -17.95 11.54 -6.01
C ARG A 182 -19.18 10.94 -5.28
N SER A 183 -19.54 9.70 -5.66
CA SER A 183 -20.69 8.99 -5.09
C SER A 183 -20.40 8.57 -3.64
N TYR A 184 -19.11 8.23 -3.38
CA TYR A 184 -18.65 7.75 -2.07
C TYR A 184 -18.66 8.89 -1.04
N LEU A 185 -18.05 10.03 -1.41
CA LEU A 185 -17.75 11.15 -0.48
C LEU A 185 -18.99 12.00 -0.18
N LEU A 186 -19.92 12.11 -1.13
CA LEU A 186 -21.20 12.78 -0.89
C LEU A 186 -22.08 11.93 0.03
N HIS A 187 -22.04 10.59 -0.13
CA HIS A 187 -22.71 9.64 0.79
C HIS A 187 -22.03 9.64 2.17
N GLN A 188 -20.69 9.75 2.14
CA GLN A 188 -19.84 9.71 3.33
C GLN A 188 -20.22 10.87 4.24
N GLN A 189 -20.33 12.07 3.65
CA GLN A 189 -20.61 13.31 4.40
C GLN A 189 -22.03 13.30 5.03
N LYS A 190 -22.97 12.61 4.35
CA LYS A 190 -24.36 12.45 4.86
C LYS A 190 -24.37 11.61 6.14
N ILE A 191 -23.58 10.52 6.14
CA ILE A 191 -23.49 9.61 7.29
C ILE A 191 -22.39 10.06 8.28
N ASN A 192 -21.53 11.01 7.86
CA ASN A 192 -20.34 11.45 8.64
C ASN A 192 -20.74 12.29 9.85
N GLN A 193 -21.74 13.17 9.66
CA GLN A 193 -22.17 14.11 10.70
C GLN A 193 -22.72 13.38 11.97
N PRO A 194 -23.67 12.36 11.84
CA PRO A 194 -24.08 11.55 13.01
C PRO A 194 -22.97 10.59 13.49
N LEU A 195 -22.27 9.95 12.53
CA LEU A 195 -21.26 8.90 12.83
C LEU A 195 -20.00 9.49 13.48
N ARG A 196 -19.82 10.81 13.35
CA ARG A 196 -18.74 11.57 14.01
C ARG A 196 -18.82 11.38 15.55
N ASP A 197 -20.04 11.49 16.09
CA ASP A 197 -20.31 11.33 17.54
C ASP A 197 -19.90 9.93 18.00
N ASP A 198 -20.49 8.92 17.36
CA ASP A 198 -20.34 7.50 17.73
C ASP A 198 -18.91 6.99 17.48
N ALA A 199 -18.50 7.03 16.20
CA ALA A 199 -17.27 6.38 15.72
C ALA A 199 -16.00 7.06 16.23
N ARG A 200 -15.96 8.41 16.19
CA ARG A 200 -14.76 9.17 16.60
C ARG A 200 -14.60 9.17 18.13
N ALA A 201 -15.71 8.90 18.87
CA ALA A 201 -15.65 8.67 20.33
C ALA A 201 -14.83 7.41 20.64
N TYR A 202 -14.95 6.39 19.76
CA TYR A 202 -14.10 5.18 19.82
C TYR A 202 -12.64 5.58 19.54
N TRP A 203 -12.40 6.33 18.44
CA TRP A 203 -11.03 6.74 18.03
C TRP A 203 -10.35 7.67 19.07
N LEU A 204 -11.19 8.38 19.86
CA LEU A 204 -10.73 9.22 20.99
C LEU A 204 -10.21 8.30 22.10
N ALA A 205 -11.04 7.29 22.43
CA ALA A 205 -10.74 6.26 23.45
C ALA A 205 -9.51 5.43 23.05
N LYS A 206 -9.33 5.22 21.73
CA LYS A 206 -8.20 4.47 21.18
C LYS A 206 -6.90 5.24 21.44
N ALA A 207 -6.83 6.49 20.95
CA ALA A 207 -5.60 7.32 21.00
C ALA A 207 -5.10 7.58 22.44
N SER A 208 -6.05 7.66 23.40
CA SER A 208 -5.75 7.90 24.82
C SER A 208 -5.23 6.62 25.53
N THR A 209 -5.59 5.42 25.02
CA THR A 209 -5.08 4.12 25.55
C THR A 209 -3.92 3.56 24.70
N LEU A 210 -3.78 4.08 23.46
CA LEU A 210 -2.84 3.55 22.46
C LEU A 210 -1.47 4.26 22.61
N PRO A 211 -0.35 3.47 22.78
CA PRO A 211 1.02 4.01 22.98
C PRO A 211 1.52 4.91 21.80
N PRO A 212 2.49 5.85 22.07
CA PRO A 212 3.02 6.80 21.05
C PRO A 212 3.56 6.14 19.75
N ALA A 213 3.61 6.97 18.67
CA ALA A 213 4.08 6.56 17.34
C ALA A 213 5.52 6.00 17.38
N PRO A 214 5.81 4.86 16.65
CA PRO A 214 7.09 4.11 16.75
C PRO A 214 8.34 5.01 16.67
N VAL A 215 9.16 5.00 17.73
CA VAL A 215 10.40 5.77 17.80
C VAL A 215 11.54 4.99 17.12
N LEU A 216 12.01 5.51 15.98
CA LEU A 216 13.18 4.99 15.25
C LEU A 216 14.03 6.21 14.83
N PRO A 217 15.25 6.42 15.42
CA PRO A 217 16.08 7.62 15.13
C PRO A 217 16.40 7.78 13.63
N LEU A 218 16.10 8.96 13.08
CA LEU A 218 16.38 9.29 11.67
C LEU A 218 17.86 9.67 11.53
N ALA A 219 18.50 9.23 10.43
CA ALA A 219 19.92 9.56 10.14
C ALA A 219 20.08 11.05 9.79
N CYS A 220 19.00 11.63 9.23
CA CYS A 220 18.85 13.09 9.05
C CYS A 220 17.39 13.50 9.34
N GLU A 221 17.17 14.72 9.88
CA GLU A 221 15.83 15.23 10.24
C GLU A 221 14.97 15.47 8.97
N PRO A 222 13.59 15.30 9.00
CA PRO A 222 12.70 15.38 7.80
C PRO A 222 12.98 16.59 6.85
N ALA A 223 13.11 17.79 7.44
CA ALA A 223 13.35 19.06 6.70
C ALA A 223 14.75 19.10 6.04
N THR A 224 15.69 18.35 6.63
CA THR A 224 17.11 18.35 6.24
C THR A 224 17.35 17.63 4.90
N LEU A 225 16.56 16.58 4.60
CA LEU A 225 16.72 15.80 3.35
C LEU A 225 16.20 16.60 2.14
N ARG A 226 17.08 16.87 1.16
CA ARG A 226 16.66 17.34 -0.17
C ARG A 226 16.27 16.12 -1.01
N GLU A 227 17.25 15.22 -1.18
CA GLU A 227 17.10 13.97 -1.94
C GLU A 227 17.28 12.79 -0.98
N VAL A 228 16.34 11.84 -1.01
CA VAL A 228 16.43 10.63 -0.18
C VAL A 228 17.29 9.56 -0.88
N ARG A 229 18.29 9.06 -0.12
CA ARG A 229 18.99 7.81 -0.47
C ARG A 229 18.18 6.66 0.14
N ASN A 230 17.85 5.64 -0.67
CA ASN A 230 17.08 4.46 -0.25
C ASN A 230 17.94 3.19 -0.35
N THR A 231 17.80 2.30 0.63
CA THR A 231 18.33 0.93 0.56
C THR A 231 17.20 -0.03 0.94
N ARG A 232 16.63 -0.67 -0.09
CA ARG A 232 15.42 -1.50 0.02
C ARG A 232 15.70 -2.92 -0.51
N ARG A 233 15.31 -3.95 0.26
CA ARG A 233 15.58 -5.38 -0.08
C ARG A 233 14.27 -6.18 -0.14
N ARG A 234 14.23 -7.18 -1.03
CA ARG A 234 13.12 -8.17 -1.08
C ARG A 234 13.62 -9.50 -0.49
N MET A 235 12.72 -10.24 0.19
CA MET A 235 12.99 -11.57 0.75
C MET A 235 12.10 -12.60 0.04
N ILE A 236 12.72 -13.50 -0.75
CA ILE A 236 12.01 -14.59 -1.44
C ILE A 236 12.24 -15.91 -0.66
N VAL A 237 11.22 -16.32 0.11
CA VAL A 237 11.28 -17.52 0.98
C VAL A 237 10.05 -18.40 0.70
N PRO A 238 10.20 -19.77 0.64
CA PRO A 238 9.05 -20.70 0.58
C PRO A 238 8.00 -20.44 1.68
N ALA A 239 6.72 -20.42 1.27
CA ALA A 239 5.58 -20.16 2.17
C ALA A 239 5.39 -21.27 3.24
N THR A 240 6.14 -22.38 3.07
CA THR A 240 6.23 -23.51 4.04
C THR A 240 6.34 -23.04 5.51
N ARG A 241 7.22 -22.04 5.75
CA ARG A 241 7.45 -21.48 7.11
C ARG A 241 6.24 -20.65 7.57
N TRP A 242 5.67 -19.88 6.64
CA TRP A 242 4.45 -19.06 6.88
C TRP A 242 3.20 -19.95 7.06
N HIS A 243 3.27 -21.19 6.56
CA HIS A 243 2.19 -22.19 6.67
C HIS A 243 2.24 -22.84 8.06
N ALA A 244 3.48 -23.18 8.48
CA ALA A 244 3.75 -23.78 9.79
C ALA A 244 3.56 -22.75 10.93
N PHE A 245 3.77 -21.46 10.59
CA PHE A 245 3.48 -20.34 11.51
C PHE A 245 1.97 -20.14 11.61
N SER A 246 1.28 -20.21 10.44
CA SER A 246 -0.19 -20.05 10.35
C SER A 246 -0.92 -21.21 11.09
N ASN A 247 -0.25 -22.37 11.14
CA ASN A 247 -0.70 -23.53 11.91
C ASN A 247 -0.58 -23.26 13.42
N ARG A 248 0.57 -22.71 13.84
CA ARG A 248 0.87 -22.45 15.28
C ARG A 248 0.01 -21.24 15.78
N ALA A 249 -0.26 -20.28 14.88
CA ALA A 249 -1.08 -19.09 15.17
C ALA A 249 -2.56 -19.47 15.23
N GLY A 250 -2.97 -20.34 14.29
CA GLY A 250 -4.32 -20.90 14.25
C GLY A 250 -4.60 -21.85 15.42
N GLU A 251 -3.52 -22.38 16.01
CA GLU A 251 -3.58 -23.20 17.24
C GLU A 251 -4.08 -22.29 18.39
N TYR A 252 -3.50 -21.08 18.48
CA TYR A 252 -3.92 -20.05 19.45
C TYR A 252 -5.32 -19.51 19.09
N GLY A 253 -5.68 -19.61 17.80
CA GLY A 253 -7.00 -19.18 17.31
C GLY A 253 -6.99 -17.73 16.88
N VAL A 254 -5.79 -17.18 16.72
CA VAL A 254 -5.57 -15.77 16.33
C VAL A 254 -5.41 -15.68 14.80
N THR A 255 -5.76 -14.52 14.23
CA THR A 255 -5.74 -14.31 12.76
C THR A 255 -4.25 -14.24 12.27
N PRO A 256 -3.81 -15.23 11.41
CA PRO A 256 -2.39 -15.33 10.94
C PRO A 256 -1.85 -14.08 10.22
N THR A 257 -2.73 -13.38 9.46
CA THR A 257 -2.33 -12.19 8.67
C THR A 257 -1.85 -11.04 9.58
N MET A 258 -2.76 -10.56 10.44
CA MET A 258 -2.54 -9.38 11.28
C MET A 258 -1.59 -9.68 12.46
N ALA A 259 -1.61 -10.93 12.96
CA ALA A 259 -0.78 -11.35 14.12
C ALA A 259 0.72 -11.34 13.74
N LEU A 260 1.02 -11.88 12.54
CA LEU A 260 2.40 -11.91 12.01
C LEU A 260 2.85 -10.46 11.69
N ALA A 261 1.96 -9.71 11.02
CA ALA A 261 2.24 -8.34 10.54
C ALA A 261 2.57 -7.37 11.70
N THR A 262 1.76 -7.45 12.78
CA THR A 262 1.95 -6.62 13.99
C THR A 262 3.26 -7.02 14.69
N CYS A 263 3.38 -8.31 15.08
CA CYS A 263 4.51 -8.82 15.90
C CYS A 263 5.88 -8.64 15.19
N PHE A 264 5.90 -8.79 13.86
CA PHE A 264 7.14 -8.67 13.05
C PHE A 264 7.68 -7.24 13.17
N SER A 265 6.82 -6.27 12.82
CA SER A 265 7.17 -4.85 12.80
C SER A 265 7.24 -4.26 14.22
N ALA A 266 6.59 -4.93 15.19
CA ALA A 266 6.57 -4.51 16.61
C ALA A 266 7.98 -4.61 17.19
N VAL A 267 8.57 -5.80 17.05
CA VAL A 267 9.90 -6.12 17.59
C VAL A 267 11.02 -5.31 16.89
N LEU A 268 10.86 -5.13 15.57
CA LEU A 268 11.81 -4.36 14.74
C LEU A 268 11.79 -2.85 15.14
N ALA A 269 10.57 -2.31 15.40
CA ALA A 269 10.38 -0.88 15.74
C ALA A 269 10.62 -0.60 17.24
N ARG A 270 10.43 -1.62 18.11
CA ARG A 270 10.56 -1.46 19.59
C ARG A 270 12.02 -1.39 20.02
N TRP A 271 12.94 -1.73 19.10
CA TRP A 271 14.38 -1.45 19.28
C TRP A 271 14.63 0.02 19.71
N GLY A 272 13.83 0.95 19.17
CA GLY A 272 13.93 2.38 19.49
C GLY A 272 13.58 2.74 20.94
N GLY A 273 13.19 1.74 21.75
CA GLY A 273 12.93 1.90 23.18
C GLY A 273 11.44 1.85 23.58
N LEU A 274 10.52 1.82 22.58
CA LEU A 274 9.07 1.65 22.85
C LEU A 274 8.64 0.19 22.63
N THR A 275 8.65 -0.63 23.71
CA THR A 275 8.17 -2.04 23.66
C THR A 275 6.68 -2.12 23.29
N ARG A 276 5.96 -1.00 23.44
CA ARG A 276 4.58 -0.84 23.00
C ARG A 276 4.50 0.31 21.96
N LEU A 277 3.89 0.01 20.79
CA LEU A 277 3.71 0.99 19.68
C LEU A 277 2.68 0.44 18.67
N LEU A 278 1.97 1.33 17.97
CA LEU A 278 0.98 0.96 16.93
C LEU A 278 1.68 0.65 15.60
N LEU A 279 1.19 -0.39 14.92
CA LEU A 279 1.58 -0.71 13.54
C LEU A 279 0.35 -0.54 12.63
N ASN A 280 0.57 -0.11 11.39
CA ASN A 280 -0.50 0.06 10.39
C ASN A 280 -0.52 -1.20 9.49
N ILE A 281 -1.42 -2.15 9.82
CA ILE A 281 -1.54 -3.42 9.07
C ILE A 281 -2.57 -3.22 7.94
N THR A 282 -2.18 -3.65 6.72
CA THR A 282 -3.06 -3.60 5.55
C THR A 282 -3.91 -4.89 5.48
N LEU A 283 -5.21 -4.74 5.78
CA LEU A 283 -6.22 -5.79 5.63
C LEU A 283 -6.98 -5.59 4.31
N PHE A 284 -7.51 -6.69 3.77
CA PHE A 284 -8.35 -6.67 2.56
C PHE A 284 -9.82 -6.76 3.01
N ASP A 285 -10.58 -5.66 2.85
CA ASP A 285 -12.00 -5.59 3.25
C ASP A 285 -12.85 -4.97 2.15
N ARG A 286 -13.51 -5.83 1.35
CA ARG A 286 -14.40 -5.42 0.26
C ARG A 286 -15.67 -4.73 0.86
N GLN A 287 -15.61 -3.39 0.93
CA GLN A 287 -16.68 -2.57 1.51
C GLN A 287 -17.93 -2.62 0.61
N PRO A 288 -19.02 -3.35 1.04
CA PRO A 288 -20.19 -3.62 0.19
C PRO A 288 -21.35 -2.64 0.47
N LEU A 289 -20.99 -1.39 0.84
CA LEU A 289 -21.95 -0.34 1.25
C LEU A 289 -22.97 -0.07 0.13
N HIS A 290 -22.49 -0.12 -1.12
CA HIS A 290 -23.36 -0.21 -2.30
C HIS A 290 -23.24 -1.67 -2.80
N PRO A 291 -24.34 -2.49 -2.73
CA PRO A 291 -24.32 -3.98 -2.97
C PRO A 291 -23.38 -4.48 -4.11
N ALA A 292 -23.51 -3.90 -5.32
CA ALA A 292 -22.77 -4.35 -6.53
C ALA A 292 -21.25 -4.04 -6.46
N VAL A 293 -20.85 -3.09 -5.60
CA VAL A 293 -19.41 -2.80 -5.30
C VAL A 293 -18.76 -4.02 -4.62
N GLY A 294 -19.53 -4.69 -3.74
CA GLY A 294 -19.09 -5.92 -3.07
C GLY A 294 -18.93 -7.12 -4.03
N ALA A 295 -19.66 -7.06 -5.16
CA ALA A 295 -19.66 -8.12 -6.19
C ALA A 295 -18.47 -7.96 -7.15
N MET A 296 -18.10 -6.70 -7.46
CA MET A 296 -17.01 -6.39 -8.41
C MET A 296 -15.63 -6.57 -7.77
N LEU A 297 -14.60 -6.69 -8.62
CA LEU A 297 -13.20 -6.84 -8.17
C LEU A 297 -12.75 -5.59 -7.39
N ALA A 298 -12.86 -5.68 -6.06
CA ALA A 298 -12.48 -4.63 -5.12
C ALA A 298 -11.90 -5.29 -3.87
N ASP A 299 -10.60 -5.60 -3.93
CA ASP A 299 -9.83 -6.15 -2.80
C ASP A 299 -9.88 -5.15 -1.61
N PHE A 300 -9.76 -3.85 -1.98
CA PHE A 300 -9.90 -2.70 -1.08
C PHE A 300 -8.78 -2.68 -0.01
N THR A 301 -7.79 -1.81 -0.23
CA THR A 301 -6.72 -1.56 0.72
C THR A 301 -7.29 -0.86 1.98
N ASN A 302 -7.60 -1.67 3.00
CA ASN A 302 -8.04 -1.18 4.32
C ASN A 302 -6.85 -1.21 5.27
N ILE A 303 -6.77 -0.24 6.19
CA ILE A 303 -5.65 -0.12 7.14
C ILE A 303 -6.20 0.07 8.57
N LEU A 304 -5.64 -0.71 9.52
CA LEU A 304 -6.04 -0.68 10.94
C LEU A 304 -4.77 -0.53 11.80
N LEU A 305 -4.91 0.16 12.95
CA LEU A 305 -3.78 0.45 13.85
C LEU A 305 -3.85 -0.48 15.07
N LEU A 306 -3.05 -1.56 15.03
CA LEU A 306 -2.98 -2.55 16.11
C LEU A 306 -1.78 -2.20 17.00
N ASP A 307 -2.08 -1.69 18.19
CA ASP A 307 -1.06 -1.31 19.18
C ASP A 307 -0.51 -2.56 19.89
N THR A 308 0.82 -2.68 19.89
CA THR A 308 1.54 -3.65 20.73
C THR A 308 1.39 -3.23 22.21
N ALA A 309 1.10 -4.20 23.10
CA ALA A 309 0.95 -3.94 24.56
C ALA A 309 2.32 -3.94 25.26
N CYS A 310 3.21 -4.82 24.80
CA CYS A 310 4.51 -5.07 25.43
C CYS A 310 5.37 -5.98 24.53
N ASP A 311 6.65 -6.13 24.90
CA ASP A 311 7.56 -7.15 24.33
C ASP A 311 8.50 -7.64 25.44
N GLY A 312 9.08 -8.82 25.24
CA GLY A 312 9.89 -9.49 26.26
C GLY A 312 9.07 -10.48 27.05
N ASP A 313 8.16 -11.13 26.33
CA ASP A 313 7.20 -12.11 26.86
C ASP A 313 7.08 -13.25 25.84
N THR A 314 6.44 -14.34 26.24
CA THR A 314 6.05 -15.43 25.33
C THR A 314 5.03 -14.95 24.26
N VAL A 315 4.84 -15.73 23.19
CA VAL A 315 3.90 -15.39 22.10
C VAL A 315 2.42 -15.36 22.59
N SER A 316 2.13 -15.96 23.77
CA SER A 316 0.78 -15.96 24.40
C SER A 316 0.18 -14.55 24.48
N ASN A 317 0.86 -13.63 25.20
CA ASN A 317 0.40 -12.26 25.43
C ASN A 317 0.35 -11.44 24.13
N LEU A 318 1.33 -11.70 23.24
CA LEU A 318 1.45 -10.95 21.97
C LEU A 318 0.27 -11.27 21.04
N ALA A 319 0.07 -12.57 20.77
CA ALA A 319 -1.01 -13.07 19.88
C ALA A 319 -2.40 -12.77 20.46
N ARG A 320 -2.53 -12.89 21.80
CA ARG A 320 -3.79 -12.61 22.52
C ARG A 320 -4.18 -11.12 22.38
N LYS A 321 -3.17 -10.25 22.53
CA LYS A 321 -3.33 -8.78 22.37
C LYS A 321 -3.73 -8.45 20.93
N ASN A 322 -3.05 -9.07 19.96
CA ASN A 322 -3.27 -8.82 18.53
C ASN A 322 -4.72 -9.18 18.15
N GLN A 323 -5.22 -10.31 18.67
CA GLN A 323 -6.57 -10.81 18.36
C GLN A 323 -7.66 -9.93 18.99
N LEU A 324 -7.47 -9.60 20.27
CA LEU A 324 -8.43 -8.80 21.07
C LEU A 324 -8.58 -7.37 20.48
N THR A 325 -7.44 -6.79 20.11
CA THR A 325 -7.35 -5.42 19.56
C THR A 325 -7.79 -5.41 18.08
N PHE A 326 -7.52 -6.50 17.33
CA PHE A 326 -7.96 -6.63 15.93
C PHE A 326 -9.48 -6.66 15.85
N THR A 327 -10.11 -7.49 16.69
CA THR A 327 -11.58 -7.58 16.81
C THR A 327 -12.22 -6.19 17.05
N GLU A 328 -11.52 -5.38 17.83
CA GLU A 328 -11.95 -4.03 18.25
C GLU A 328 -11.89 -3.04 17.05
N ASP A 329 -10.70 -2.92 16.43
CA ASP A 329 -10.46 -2.03 15.27
C ASP A 329 -11.25 -2.48 14.03
N TRP A 330 -11.42 -3.79 13.87
CA TRP A 330 -12.09 -4.39 12.69
C TRP A 330 -13.61 -4.31 12.83
N GLU A 331 -14.09 -4.15 14.08
CA GLU A 331 -15.49 -3.77 14.36
C GLU A 331 -15.74 -2.35 13.82
N HIS A 332 -14.67 -1.51 13.90
CA HIS A 332 -14.71 -0.09 13.52
C HIS A 332 -14.04 0.14 12.13
N ARG A 333 -13.79 -0.96 11.39
CA ARG A 333 -13.12 -0.95 10.04
C ARG A 333 -13.79 0.01 9.02
N HIS A 334 -15.11 0.29 9.24
CA HIS A 334 -15.92 1.18 8.37
C HIS A 334 -15.36 2.62 8.31
N TRP A 335 -14.53 2.97 9.30
CA TRP A 335 -13.78 4.22 9.33
C TRP A 335 -12.29 3.82 9.42
N SER A 336 -11.47 4.42 8.54
CA SER A 336 -10.03 4.09 8.44
C SER A 336 -9.24 4.45 9.73
N GLY A 337 -8.16 3.68 9.99
CA GLY A 337 -7.25 3.94 11.12
C GLY A 337 -6.59 5.34 11.06
N VAL A 338 -6.62 5.98 9.88
CA VAL A 338 -6.03 7.32 9.65
C VAL A 338 -6.49 8.35 10.73
N GLU A 339 -7.79 8.34 11.07
CA GLU A 339 -8.37 9.27 12.07
C GLU A 339 -8.02 8.88 13.51
N LEU A 340 -7.75 7.60 13.77
CA LEU A 340 -7.14 7.14 15.04
C LEU A 340 -5.75 7.82 15.22
N LEU A 341 -4.94 7.81 14.15
CA LEU A 341 -3.56 8.38 14.13
C LEU A 341 -3.63 9.93 14.26
N ARG A 342 -4.69 10.52 13.70
CA ARG A 342 -4.94 11.98 13.74
C ARG A 342 -5.36 12.38 15.18
N GLU A 343 -6.15 11.51 15.83
CA GLU A 343 -6.51 11.63 17.27
C GLU A 343 -5.24 11.48 18.16
N LEU A 344 -4.33 10.58 17.73
CA LEU A 344 -3.07 10.28 18.45
C LEU A 344 -2.09 11.46 18.34
N LYS A 345 -2.13 12.14 17.18
CA LYS A 345 -1.29 13.32 16.90
C LYS A 345 -1.80 14.53 17.70
N ARG A 346 -3.13 14.60 17.89
CA ARG A 346 -3.76 15.65 18.72
C ARG A 346 -3.60 15.32 20.22
N GLN A 347 -3.40 14.02 20.53
CA GLN A 347 -3.00 13.54 21.88
C GLN A 347 -1.49 13.85 22.13
N GLN A 348 -0.80 14.33 21.07
CA GLN A 348 0.63 14.74 21.08
C GLN A 348 1.55 13.52 21.37
N ARG A 349 1.01 12.33 21.09
CA ARG A 349 1.73 11.05 21.19
C ARG A 349 2.35 10.71 19.82
N TYR A 350 2.98 11.71 19.18
CA TYR A 350 3.81 11.51 18.00
C TYR A 350 5.23 12.07 18.30
N PRO A 351 6.12 11.26 18.94
CA PRO A 351 7.52 11.65 19.19
C PRO A 351 8.43 11.36 17.99
N HIS A 352 7.83 10.76 16.95
CA HIS A 352 8.50 10.44 15.70
C HIS A 352 7.52 10.56 14.53
N GLY A 353 6.29 10.05 14.74
CA GLY A 353 5.23 10.10 13.74
C GLY A 353 5.53 9.29 12.48
N ALA A 354 5.82 7.98 12.68
CA ALA A 354 6.16 7.04 11.59
C ALA A 354 4.95 6.12 11.25
N PRO A 355 4.20 6.39 10.12
CA PRO A 355 3.22 5.44 9.57
C PRO A 355 3.94 4.23 8.93
N VAL A 356 4.12 3.17 9.74
CA VAL A 356 4.72 1.92 9.29
C VAL A 356 3.60 1.03 8.69
N VAL A 357 3.54 0.99 7.36
CA VAL A 357 2.52 0.23 6.62
C VAL A 357 3.11 -1.16 6.29
N PHE A 358 2.43 -2.21 6.79
CA PHE A 358 2.89 -3.59 6.67
C PHE A 358 1.73 -4.41 6.07
N THR A 359 1.87 -4.75 4.79
CA THR A 359 0.92 -5.60 4.06
C THR A 359 1.38 -7.06 4.13
N SER A 360 0.54 -7.92 4.75
CA SER A 360 0.76 -9.38 4.79
C SER A 360 -0.50 -10.10 4.31
N ASN A 361 -0.48 -10.56 3.06
CA ASN A 361 -1.50 -11.46 2.50
C ASN A 361 -0.80 -12.75 2.06
N LEU A 362 -0.92 -13.82 2.88
CA LEU A 362 -0.31 -15.13 2.58
C LEU A 362 -1.41 -16.05 2.02
N GLY A 363 -1.05 -16.89 1.04
CA GLY A 363 -2.01 -17.79 0.38
C GLY A 363 -3.06 -17.02 -0.42
N ARG A 364 -2.64 -15.89 -1.01
CA ARG A 364 -3.50 -15.02 -1.84
C ARG A 364 -3.55 -15.58 -3.28
N SER A 365 -4.78 -15.91 -3.74
CA SER A 365 -5.00 -16.51 -5.06
C SER A 365 -4.93 -15.41 -6.16
N LEU A 366 -3.92 -15.54 -7.03
CA LEU A 366 -3.65 -14.67 -8.19
C LEU A 366 -2.55 -15.32 -9.07
N TYR A 367 -2.22 -14.68 -10.19
CA TYR A 367 -1.07 -15.11 -11.02
C TYR A 367 0.21 -14.46 -10.48
N SER A 368 0.33 -13.13 -10.65
CA SER A 368 1.56 -12.36 -10.40
C SER A 368 1.65 -11.87 -8.93
N SER A 369 2.88 -11.63 -8.44
CA SER A 369 3.17 -11.33 -7.02
C SER A 369 2.56 -9.98 -6.54
N ARG A 370 2.35 -9.02 -7.47
CA ARG A 370 1.72 -7.72 -7.11
C ARG A 370 0.20 -7.93 -6.94
N ALA A 371 -0.34 -7.40 -5.83
CA ALA A 371 -1.78 -7.46 -5.49
C ALA A 371 -2.67 -6.88 -6.60
N GLU A 372 -2.18 -5.81 -7.23
CA GLU A 372 -2.98 -5.03 -8.19
C GLU A 372 -2.98 -5.67 -9.58
N SER A 373 -1.82 -6.23 -9.98
CA SER A 373 -1.60 -6.72 -11.36
C SER A 373 -1.47 -8.26 -11.38
N PRO A 374 -2.53 -9.01 -11.85
CA PRO A 374 -2.46 -10.46 -12.08
C PRO A 374 -2.13 -10.84 -13.55
N LEU A 375 -1.91 -9.82 -14.42
CA LEU A 375 -1.71 -10.03 -15.89
C LEU A 375 -0.23 -10.18 -16.28
N GLY A 376 0.69 -9.52 -15.53
CA GLY A 376 2.11 -9.47 -15.91
C GLY A 376 3.04 -9.57 -14.72
N GLU A 377 4.23 -10.20 -14.92
CA GLU A 377 5.18 -10.51 -13.84
C GLU A 377 5.96 -9.26 -13.38
N PRO A 378 5.64 -8.71 -12.17
CA PRO A 378 6.14 -7.40 -11.75
C PRO A 378 7.50 -7.44 -11.02
N GLU A 379 8.42 -6.59 -11.46
CA GLU A 379 9.62 -6.25 -10.70
C GLU A 379 9.21 -5.44 -9.47
N TRP A 380 9.71 -5.88 -8.30
CA TRP A 380 9.54 -5.17 -7.03
C TRP A 380 10.06 -3.72 -7.14
N GLY A 381 9.11 -2.76 -7.06
CA GLY A 381 9.42 -1.33 -7.29
C GLY A 381 9.76 -0.61 -6.00
N ILE A 382 10.06 0.69 -6.10
CA ILE A 382 10.50 1.49 -4.95
C ILE A 382 9.39 2.46 -4.52
N SER A 383 9.16 2.55 -3.20
CA SER A 383 8.19 3.46 -2.60
C SER A 383 8.80 4.89 -2.51
N GLN A 384 8.89 5.52 -3.69
CA GLN A 384 9.46 6.87 -3.87
C GLN A 384 8.33 7.92 -3.65
N THR A 385 7.72 7.86 -2.46
CA THR A 385 6.53 8.65 -2.11
C THR A 385 6.62 9.03 -0.60
N PRO A 386 6.69 10.36 -0.25
CA PRO A 386 6.81 10.84 1.17
C PRO A 386 5.56 10.55 2.04
N GLN A 387 4.47 10.10 1.38
CA GLN A 387 3.20 9.72 2.05
C GLN A 387 3.38 8.49 2.98
N VAL A 388 4.41 7.67 2.71
CA VAL A 388 4.77 6.49 3.53
C VAL A 388 6.24 6.59 3.97
N TRP A 389 6.51 6.21 5.24
CA TRP A 389 7.87 6.21 5.82
C TRP A 389 8.48 4.81 5.67
N ILE A 390 7.73 3.78 6.13
CA ILE A 390 8.11 2.36 5.98
C ILE A 390 6.98 1.61 5.25
N ASP A 391 7.35 0.90 4.17
CA ASP A 391 6.48 -0.01 3.43
C ASP A 391 7.02 -1.44 3.57
N HIS A 392 6.13 -2.43 3.72
CA HIS A 392 6.49 -3.85 3.66
C HIS A 392 5.40 -4.65 2.96
N LEU A 393 5.68 -5.10 1.74
CA LEU A 393 4.79 -5.98 0.97
C LEU A 393 5.10 -7.45 1.30
N ALA A 394 4.05 -8.27 1.48
CA ALA A 394 4.17 -9.74 1.55
C ALA A 394 2.97 -10.36 0.87
N PHE A 395 3.20 -11.13 -0.21
CA PHE A 395 2.13 -11.75 -1.02
C PHE A 395 2.49 -13.20 -1.38
N GLU A 396 1.54 -13.89 -2.02
CA GLU A 396 1.71 -15.28 -2.48
C GLU A 396 2.08 -15.28 -3.97
N HIS A 397 3.04 -16.14 -4.36
CA HIS A 397 3.37 -16.40 -5.76
C HIS A 397 4.11 -17.75 -5.87
N HIS A 398 3.38 -18.75 -6.40
CA HIS A 398 3.89 -20.11 -6.73
C HIS A 398 4.44 -20.85 -5.48
N GLY A 399 3.60 -20.91 -4.43
CA GLY A 399 3.91 -21.66 -3.20
C GLY A 399 4.98 -21.00 -2.32
N GLU A 400 5.30 -19.73 -2.63
CA GLU A 400 6.34 -18.96 -1.91
C GLU A 400 5.82 -17.55 -1.59
N VAL A 401 6.18 -17.05 -0.40
CA VAL A 401 5.80 -15.71 0.06
C VAL A 401 6.92 -14.71 -0.28
N TRP A 402 6.55 -13.71 -1.10
CA TRP A 402 7.47 -12.66 -1.57
C TRP A 402 7.35 -11.42 -0.69
N LEU A 403 8.30 -11.28 0.23
CA LEU A 403 8.44 -10.10 1.11
C LEU A 403 9.26 -9.00 0.39
N GLN A 404 8.95 -7.75 0.73
CA GLN A 404 9.73 -6.57 0.35
C GLN A 404 9.72 -5.61 1.55
N TRP A 405 10.89 -5.07 1.92
CA TRP A 405 11.00 -3.97 2.89
C TRP A 405 11.55 -2.75 2.14
N ASP A 406 10.78 -1.66 2.11
CA ASP A 406 11.12 -0.45 1.37
C ASP A 406 11.07 0.76 2.31
N SER A 407 12.25 1.33 2.61
CA SER A 407 12.39 2.50 3.48
C SER A 407 13.56 3.38 2.98
N ASN A 408 13.49 4.69 3.26
CA ASN A 408 14.58 5.63 2.94
C ASN A 408 15.77 5.37 3.89
N ASP A 409 16.95 5.07 3.31
CA ASP A 409 18.23 4.79 4.03
C ASP A 409 18.59 5.94 4.99
N ALA A 410 18.40 7.18 4.50
CA ALA A 410 18.75 8.42 5.25
C ALA A 410 17.77 8.72 6.42
N LEU A 411 16.75 7.87 6.59
CA LEU A 411 15.78 8.00 7.70
C LEU A 411 15.81 6.75 8.58
N PHE A 412 15.77 5.59 7.96
CA PHE A 412 15.72 4.29 8.65
C PHE A 412 16.98 3.51 8.27
N PRO A 413 17.99 3.43 9.20
CA PRO A 413 19.25 2.71 8.95
C PRO A 413 19.01 1.23 8.54
N PRO A 414 19.30 0.85 7.25
CA PRO A 414 19.03 -0.51 6.74
C PRO A 414 20.03 -1.56 7.30
N ALA A 415 21.08 -1.07 7.98
CA ALA A 415 22.01 -1.92 8.77
C ALA A 415 21.31 -2.42 10.04
N LEU A 416 20.54 -1.50 10.66
CA LEU A 416 19.71 -1.81 11.82
C LEU A 416 18.60 -2.79 11.42
N VAL A 417 17.90 -2.45 10.33
CA VAL A 417 16.81 -3.29 9.80
C VAL A 417 17.35 -4.65 9.33
N GLU A 418 18.60 -4.68 8.80
CA GLU A 418 19.25 -5.92 8.29
C GLU A 418 19.34 -6.98 9.40
N THR A 419 19.79 -6.55 10.58
CA THR A 419 19.96 -7.44 11.73
C THR A 419 18.59 -7.89 12.30
N LEU A 420 17.66 -6.94 12.44
CA LEU A 420 16.35 -7.19 13.11
C LEU A 420 15.40 -8.03 12.24
N PHE A 421 15.17 -7.57 10.99
CA PHE A 421 14.31 -8.24 9.98
C PHE A 421 14.73 -9.72 9.79
N ASP A 422 16.04 -9.91 9.55
CA ASP A 422 16.61 -11.23 9.19
C ASP A 422 16.56 -12.16 10.41
N ALA A 423 17.06 -11.70 11.57
CA ALA A 423 17.08 -12.50 12.82
C ALA A 423 15.65 -12.86 13.28
N TYR A 424 14.67 -12.02 12.89
CA TYR A 424 13.24 -12.29 13.20
C TYR A 424 12.74 -13.47 12.36
N CYS A 425 13.20 -13.58 11.11
CA CYS A 425 12.84 -14.68 10.21
C CYS A 425 13.30 -16.05 10.78
N GLN A 426 14.45 -16.05 11.50
CA GLN A 426 14.93 -17.25 12.20
C GLN A 426 13.99 -17.63 13.35
N LEU A 427 13.55 -16.66 14.20
CA LEU A 427 12.70 -16.98 15.38
C LEU A 427 11.29 -17.44 14.95
N ILE A 428 10.85 -17.02 13.74
CA ILE A 428 9.61 -17.54 13.11
C ILE A 428 9.76 -19.04 12.82
N ASN A 429 10.93 -19.40 12.25
CA ASN A 429 11.26 -20.81 11.92
C ASN A 429 11.38 -21.64 13.21
N GLN A 430 11.94 -21.02 14.27
CA GLN A 430 12.10 -21.66 15.59
C GLN A 430 10.70 -21.93 16.22
N LEU A 431 9.79 -20.96 16.08
CA LEU A 431 8.40 -21.04 16.60
C LEU A 431 7.64 -22.19 15.93
N CYS A 432 7.86 -22.34 14.62
CA CYS A 432 7.23 -23.37 13.77
C CYS A 432 7.80 -24.77 14.07
N ASP A 433 9.13 -24.84 14.10
CA ASP A 433 9.91 -26.10 14.12
C ASP A 433 9.97 -26.72 15.52
N ASP A 434 10.07 -25.86 16.53
CA ASP A 434 10.28 -26.28 17.93
C ASP A 434 9.25 -25.62 18.85
N GLU A 435 8.54 -26.45 19.62
CA GLU A 435 7.55 -26.01 20.60
C GLU A 435 8.22 -25.17 21.70
N SER A 436 9.41 -25.62 22.14
CA SER A 436 10.17 -25.00 23.24
C SER A 436 10.72 -23.60 22.88
N ALA A 437 10.80 -23.30 21.57
CA ALA A 437 11.51 -22.11 21.05
C ALA A 437 10.70 -20.81 21.18
N TRP A 438 9.37 -20.86 21.00
CA TRP A 438 8.51 -19.66 21.13
C TRP A 438 8.27 -19.27 22.61
N GLN A 439 8.63 -20.18 23.54
CA GLN A 439 8.40 -19.97 24.98
C GLN A 439 9.48 -19.05 25.59
N LYS A 440 10.62 -18.84 24.90
CA LYS A 440 11.60 -17.81 25.32
C LYS A 440 11.08 -16.42 24.86
N PRO A 441 11.40 -15.31 25.60
CA PRO A 441 11.04 -13.94 25.18
C PRO A 441 11.71 -13.53 23.84
N PHE A 442 10.97 -12.76 23.02
CA PHE A 442 11.44 -12.26 21.71
C PHE A 442 12.47 -11.14 21.89
N ALA A 443 12.45 -10.49 23.08
CA ALA A 443 13.45 -9.47 23.47
C ALA A 443 14.89 -10.01 23.46
N ASP A 444 15.03 -11.34 23.61
CA ASP A 444 16.32 -12.03 23.64
C ASP A 444 17.11 -11.78 22.34
N MET A 445 16.39 -11.81 21.20
CA MET A 445 16.99 -11.70 19.83
C MET A 445 17.53 -10.30 19.53
N LEU A 446 17.02 -9.26 20.22
CA LEU A 446 17.50 -7.87 20.08
C LEU A 446 18.96 -7.77 20.57
N GLU A 447 19.29 -8.53 21.63
CA GLU A 447 20.63 -8.54 22.25
C GLU A 447 21.45 -9.76 21.75
N HIS A 448 20.76 -10.78 21.22
CA HIS A 448 21.39 -12.04 20.77
C HIS A 448 22.23 -11.78 19.50
N HIS A 449 23.53 -11.49 19.72
CA HIS A 449 24.48 -11.15 18.64
C HIS A 449 25.03 -12.43 17.97
N HIS A 450 24.14 -13.20 17.34
CA HIS A 450 24.52 -14.37 16.54
C HIS A 450 23.37 -14.69 15.57
N HIS A 451 23.65 -14.57 14.26
CA HIS A 451 22.71 -14.92 13.19
C HIS A 451 22.64 -16.46 13.07
N HIS A 452 21.46 -17.03 13.40
CA HIS A 452 21.22 -18.47 13.20
C HIS A 452 21.16 -18.77 11.68
N HIS A 453 21.82 -19.88 11.27
CA HIS A 453 21.92 -20.32 9.87
C HIS A 453 22.66 -19.25 9.01
N MET A 1 -28.90 26.04 -7.25
CA MET A 1 -28.42 25.15 -6.15
C MET A 1 -27.30 25.85 -5.36
N PRO A 2 -27.13 25.56 -4.02
CA PRO A 2 -26.01 26.09 -3.21
C PRO A 2 -24.66 25.44 -3.61
N ASP A 3 -24.12 25.89 -4.76
CA ASP A 3 -22.89 25.34 -5.36
C ASP A 3 -21.88 26.47 -5.53
N GLU A 4 -20.63 26.22 -5.07
CA GLU A 4 -19.52 27.19 -5.08
C GLU A 4 -18.27 26.54 -4.48
N SER A 5 -18.37 26.20 -3.17
CA SER A 5 -17.26 25.66 -2.39
C SER A 5 -17.81 25.06 -1.08
N SER A 6 -18.06 23.75 -1.09
CA SER A 6 -18.55 23.00 0.07
C SER A 6 -17.87 21.62 0.09
N TRP A 7 -18.44 20.69 0.85
CA TRP A 7 -18.01 19.29 0.91
C TRP A 7 -18.29 18.58 -0.46
N PRO A 8 -17.42 17.58 -0.88
CA PRO A 8 -17.56 16.87 -2.18
C PRO A 8 -18.97 16.28 -2.40
N ASN A 9 -19.57 16.64 -3.53
CA ASN A 9 -20.99 16.41 -3.84
C ASN A 9 -21.12 15.68 -5.20
N MET A 10 -22.36 15.29 -5.58
CA MET A 10 -22.68 14.74 -6.93
C MET A 10 -22.42 15.78 -8.06
N THR A 11 -22.19 17.04 -7.67
CA THR A 11 -21.71 18.10 -8.57
C THR A 11 -20.15 18.10 -8.54
N GLU A 12 -19.56 16.91 -8.69
CA GLU A 12 -18.11 16.68 -8.46
C GLU A 12 -17.20 17.43 -9.49
N SER A 13 -17.83 18.02 -10.52
CA SER A 13 -17.15 18.79 -11.57
C SER A 13 -16.67 20.17 -11.05
N THR A 14 -17.26 20.67 -9.96
CA THR A 14 -16.83 21.93 -9.30
C THR A 14 -15.77 21.62 -8.23
N PRO A 15 -14.81 22.59 -7.96
CA PRO A 15 -13.73 22.39 -6.96
C PRO A 15 -14.25 22.30 -5.51
N PHE A 16 -13.96 21.17 -4.87
CA PHE A 16 -14.23 20.94 -3.43
C PHE A 16 -12.92 20.44 -2.77
N PRO A 17 -12.79 20.50 -1.40
CA PRO A 17 -11.64 19.89 -0.69
C PRO A 17 -11.56 18.35 -0.93
N LEU A 18 -10.37 17.80 -0.68
CA LEU A 18 -10.10 16.35 -0.78
C LEU A 18 -10.80 15.56 0.35
N THR A 19 -10.62 14.23 0.31
CA THR A 19 -11.19 13.29 1.28
C THR A 19 -10.68 13.59 2.71
N PRO A 20 -11.47 13.24 3.78
CA PRO A 20 -11.05 13.42 5.20
C PRO A 20 -9.95 12.42 5.63
N VAL A 21 -9.37 11.69 4.65
CA VAL A 21 -8.17 10.88 4.84
C VAL A 21 -6.96 11.82 5.01
N GLN A 22 -6.63 12.12 6.29
CA GLN A 22 -5.59 13.12 6.69
C GLN A 22 -4.23 12.88 6.01
N HIS A 23 -3.88 11.59 5.82
CA HIS A 23 -2.57 11.20 5.25
C HIS A 23 -2.41 11.74 3.81
N ALA A 24 -3.47 11.57 2.99
CA ALA A 24 -3.50 12.03 1.58
C ALA A 24 -3.81 13.54 1.49
N TYR A 25 -4.58 14.02 2.48
CA TYR A 25 -5.06 15.41 2.55
C TYR A 25 -3.90 16.39 2.83
N LEU A 26 -2.99 15.97 3.73
CA LEU A 26 -1.83 16.76 4.17
C LEU A 26 -0.75 16.74 3.07
N THR A 27 -0.32 15.51 2.72
CA THR A 27 0.77 15.24 1.76
C THR A 27 0.48 15.87 0.38
N GLY A 28 -0.78 15.72 -0.07
CA GLY A 28 -1.22 16.23 -1.36
C GLY A 28 -1.14 17.74 -1.46
N ARG A 29 -1.47 18.41 -0.35
CA ARG A 29 -1.46 19.88 -0.24
C ARG A 29 0.00 20.43 -0.18
N MET A 30 1.00 19.52 -0.23
CA MET A 30 2.42 19.87 -0.36
C MET A 30 2.98 19.29 -1.69
N PRO A 31 2.72 19.97 -2.87
CA PRO A 31 3.20 19.51 -4.19
C PRO A 31 4.70 19.84 -4.37
N GLY A 32 5.48 18.83 -4.76
CA GLY A 32 6.92 18.98 -4.92
C GLY A 32 7.68 18.76 -3.60
N GLN A 33 6.98 18.13 -2.61
CA GLN A 33 7.51 17.93 -1.23
C GLN A 33 8.89 17.22 -1.30
N THR A 34 9.89 17.86 -0.64
CA THR A 34 11.30 17.48 -0.66
C THR A 34 11.51 16.01 -0.22
N LEU A 35 10.99 15.67 0.97
CA LEU A 35 11.11 14.31 1.54
C LEU A 35 9.97 13.41 1.03
N GLY A 36 8.89 14.04 0.53
CA GLY A 36 7.71 13.32 0.02
C GLY A 36 7.92 12.66 -1.33
N GLY A 37 9.11 12.89 -1.93
CA GLY A 37 9.48 12.28 -3.21
C GLY A 37 8.78 12.95 -4.38
N VAL A 38 8.62 14.30 -4.26
CA VAL A 38 7.96 15.19 -5.25
C VAL A 38 6.41 15.06 -5.17
N GLY A 39 5.90 13.83 -5.06
CA GLY A 39 4.48 13.57 -4.88
C GLY A 39 4.25 12.16 -4.39
N CYS A 40 3.00 11.83 -4.05
CA CYS A 40 2.62 10.50 -3.57
C CYS A 40 2.30 9.60 -4.78
N HIS A 41 3.36 9.28 -5.55
CA HIS A 41 3.26 8.45 -6.77
C HIS A 41 4.04 7.14 -6.57
N LEU A 42 3.36 6.02 -6.84
CA LEU A 42 3.92 4.67 -6.62
C LEU A 42 4.63 4.15 -7.88
N TYR A 43 5.66 3.30 -7.68
CA TYR A 43 6.44 2.69 -8.76
C TYR A 43 6.10 1.18 -8.80
N GLN A 44 5.40 0.76 -9.87
CA GLN A 44 5.06 -0.67 -10.10
C GLN A 44 5.12 -0.98 -11.61
N GLU A 45 5.74 -2.11 -11.99
CA GLU A 45 5.76 -2.58 -13.39
C GLU A 45 5.23 -4.01 -13.49
N PHE A 46 4.48 -4.30 -14.57
CA PHE A 46 3.90 -5.62 -14.83
C PHE A 46 4.77 -6.40 -15.83
N GLU A 47 4.83 -7.72 -15.67
CA GLU A 47 5.53 -8.64 -16.58
C GLU A 47 4.58 -9.77 -16.99
N GLY A 48 4.59 -10.07 -18.29
CA GLY A 48 3.64 -10.98 -18.92
C GLY A 48 3.26 -10.45 -20.30
N HIS A 49 2.68 -11.29 -21.16
CA HIS A 49 2.22 -10.89 -22.50
C HIS A 49 0.78 -11.37 -22.74
N CYS A 50 -0.13 -10.41 -22.91
CA CYS A 50 -1.53 -10.67 -23.29
C CYS A 50 -1.84 -10.01 -24.64
N LEU A 51 -1.07 -8.97 -24.97
CA LEU A 51 -1.41 -8.05 -26.07
C LEU A 51 -0.16 -7.28 -26.56
N THR A 52 -0.37 -6.46 -27.60
CA THR A 52 0.66 -5.61 -28.21
C THR A 52 0.47 -4.13 -27.79
N ALA A 53 1.33 -3.24 -28.34
CA ALA A 53 1.29 -1.78 -28.09
C ALA A 53 -0.01 -1.16 -28.61
N SER A 54 -0.48 -1.69 -29.75
CA SER A 54 -1.71 -1.24 -30.43
C SER A 54 -2.93 -1.39 -29.51
N GLN A 55 -3.11 -2.61 -28.98
CA GLN A 55 -4.28 -2.98 -28.16
C GLN A 55 -4.24 -2.27 -26.80
N LEU A 56 -3.00 -2.06 -26.29
CA LEU A 56 -2.75 -1.35 -25.02
C LEU A 56 -3.16 0.12 -25.12
N GLU A 57 -2.81 0.73 -26.26
CA GLU A 57 -3.10 2.15 -26.52
C GLU A 57 -4.61 2.37 -26.73
N GLN A 58 -5.25 1.40 -27.42
CA GLN A 58 -6.72 1.39 -27.64
C GLN A 58 -7.47 1.21 -26.29
N ALA A 59 -6.84 0.48 -25.35
CA ALA A 59 -7.38 0.27 -23.99
C ALA A 59 -7.38 1.58 -23.19
N ILE A 60 -6.28 2.34 -23.30
CA ILE A 60 -6.12 3.63 -22.62
C ILE A 60 -7.10 4.68 -23.20
N THR A 61 -7.47 4.51 -24.48
CA THR A 61 -8.51 5.33 -25.10
C THR A 61 -9.89 5.00 -24.48
N THR A 62 -10.27 3.70 -24.53
CA THR A 62 -11.63 3.21 -24.18
C THR A 62 -11.94 3.35 -22.68
N LEU A 63 -10.98 2.98 -21.82
CA LEU A 63 -11.11 3.04 -20.34
C LEU A 63 -11.17 4.50 -19.83
N LEU A 64 -10.48 5.42 -20.52
CA LEU A 64 -10.55 6.88 -20.20
C LEU A 64 -11.74 7.55 -20.92
N GLN A 65 -12.31 6.85 -21.92
CA GLN A 65 -13.52 7.28 -22.65
C GLN A 65 -14.79 6.94 -21.84
N ARG A 66 -14.61 6.16 -20.74
CA ARG A 66 -15.66 5.94 -19.72
C ARG A 66 -15.92 7.26 -18.93
N HIS A 67 -16.54 7.16 -17.74
CA HIS A 67 -16.54 8.26 -16.76
C HIS A 67 -15.70 7.78 -15.53
N PRO A 68 -14.33 7.77 -15.69
CA PRO A 68 -13.42 7.02 -14.78
C PRO A 68 -13.27 7.72 -13.42
N MET A 69 -13.42 6.94 -12.33
CA MET A 69 -13.22 7.39 -10.95
C MET A 69 -11.77 7.93 -10.76
N LEU A 70 -10.82 7.31 -11.48
CA LEU A 70 -9.37 7.66 -11.44
C LEU A 70 -8.98 8.72 -12.49
N HIS A 71 -9.98 9.45 -13.04
CA HIS A 71 -9.72 10.56 -13.99
C HIS A 71 -10.17 11.90 -13.36
N ILE A 72 -10.12 11.93 -12.03
CA ILE A 72 -10.27 13.16 -11.25
C ILE A 72 -8.89 13.85 -11.20
N ALA A 73 -8.88 15.18 -11.27
CA ALA A 73 -7.65 15.97 -11.27
C ALA A 73 -7.49 16.69 -9.93
N PHE A 74 -6.27 16.68 -9.39
CA PHE A 74 -5.89 17.44 -8.20
C PHE A 74 -5.30 18.79 -8.64
N ARG A 75 -5.72 19.86 -7.95
CA ARG A 75 -5.16 21.21 -8.13
C ARG A 75 -4.32 21.55 -6.90
N PRO A 76 -3.08 22.14 -7.08
CA PRO A 76 -2.07 22.37 -5.99
C PRO A 76 -2.60 23.08 -4.71
N ASP A 77 -3.73 23.80 -4.87
CA ASP A 77 -4.37 24.60 -3.81
C ASP A 77 -4.96 23.73 -2.68
N GLY A 78 -5.18 22.43 -2.97
CA GLY A 78 -5.85 21.51 -2.05
C GLY A 78 -7.33 21.32 -2.40
N GLN A 79 -7.63 21.47 -3.71
CA GLN A 79 -8.99 21.27 -4.26
C GLN A 79 -8.93 20.21 -5.38
N GLN A 80 -9.97 19.37 -5.47
CA GLN A 80 -10.14 18.38 -6.54
C GLN A 80 -11.27 18.82 -7.51
N VAL A 81 -11.17 18.35 -8.77
CA VAL A 81 -12.17 18.57 -9.84
C VAL A 81 -12.27 17.27 -10.64
N TRP A 82 -13.46 16.67 -10.74
CA TRP A 82 -13.66 15.41 -11.48
C TRP A 82 -13.99 15.70 -12.95
N LEU A 83 -13.17 15.14 -13.87
CA LEU A 83 -13.34 15.28 -15.32
C LEU A 83 -13.93 13.97 -15.89
N PRO A 84 -15.17 14.00 -16.48
CA PRO A 84 -15.77 12.82 -17.16
C PRO A 84 -15.38 12.71 -18.66
N GLN A 85 -14.41 13.55 -19.08
CA GLN A 85 -13.99 13.67 -20.49
C GLN A 85 -12.87 12.69 -20.84
N PRO A 86 -12.88 12.08 -22.08
CA PRO A 86 -11.72 11.33 -22.61
C PRO A 86 -10.48 12.23 -22.67
N TYR A 87 -9.29 11.69 -22.36
CA TYR A 87 -8.07 12.50 -22.25
C TYR A 87 -7.19 12.26 -23.50
N TRP A 88 -6.15 11.42 -23.38
CA TRP A 88 -5.25 11.03 -24.49
C TRP A 88 -4.43 9.80 -24.11
N ASN A 89 -3.60 9.33 -25.04
CA ASN A 89 -2.81 8.09 -24.89
C ASN A 89 -1.42 8.43 -24.31
N GLY A 90 -0.46 8.85 -25.16
CA GLY A 90 0.89 9.21 -24.70
C GLY A 90 1.79 7.99 -24.48
N VAL A 91 1.40 6.84 -25.09
CA VAL A 91 2.02 5.52 -24.82
C VAL A 91 3.44 5.46 -25.42
N THR A 92 4.45 5.61 -24.54
CA THR A 92 5.85 5.66 -24.95
C THR A 92 6.42 4.22 -25.03
N VAL A 93 6.55 3.70 -26.27
CA VAL A 93 6.95 2.29 -26.50
C VAL A 93 8.41 2.22 -26.95
N HIS A 94 9.20 1.35 -26.29
CA HIS A 94 10.62 1.11 -26.61
C HIS A 94 10.83 -0.39 -26.89
N ASP A 95 11.62 -0.69 -27.93
CA ASP A 95 11.88 -2.06 -28.39
C ASP A 95 13.33 -2.44 -28.11
N LEU A 96 13.57 -2.94 -26.90
CA LEU A 96 14.89 -3.42 -26.46
C LEU A 96 15.24 -4.77 -27.14
N ARG A 97 14.20 -5.41 -27.72
CA ARG A 97 14.35 -6.65 -28.52
C ARG A 97 14.68 -6.34 -30.01
N HIS A 98 14.64 -5.06 -30.41
CA HIS A 98 15.08 -4.63 -31.76
C HIS A 98 16.53 -4.12 -31.73
N ASN A 99 16.88 -3.42 -30.63
CA ASN A 99 18.19 -2.76 -30.49
C ASN A 99 19.18 -3.62 -29.67
N ASP A 100 20.44 -3.14 -29.62
CA ASP A 100 21.54 -3.80 -28.89
C ASP A 100 21.42 -3.56 -27.37
N ALA A 101 22.26 -4.29 -26.58
CA ALA A 101 22.32 -4.16 -25.11
C ALA A 101 22.67 -2.72 -24.66
N GLU A 102 23.24 -1.92 -25.59
CA GLU A 102 23.48 -0.48 -25.39
C GLU A 102 22.15 0.26 -25.10
N SER A 103 21.17 0.12 -26.02
CA SER A 103 19.85 0.77 -25.89
C SER A 103 19.04 0.16 -24.74
N ARG A 104 19.34 -1.12 -24.43
CA ARG A 104 18.72 -1.85 -23.33
C ARG A 104 19.07 -1.18 -21.98
N GLN A 105 20.39 -1.07 -21.69
CA GLN A 105 20.92 -0.48 -20.43
C GLN A 105 20.61 1.03 -20.37
N ALA A 106 20.60 1.68 -21.56
CA ALA A 106 20.32 3.12 -21.71
C ALA A 106 18.87 3.43 -21.32
N TYR A 107 17.94 2.53 -21.71
CA TYR A 107 16.51 2.65 -21.40
C TYR A 107 16.24 2.52 -19.88
N LEU A 108 16.91 1.53 -19.24
CA LEU A 108 16.77 1.28 -17.77
C LEU A 108 17.25 2.50 -16.96
N ASP A 109 18.29 3.19 -17.45
CA ASP A 109 18.80 4.42 -16.82
C ASP A 109 17.91 5.63 -17.18
N ALA A 110 17.36 5.61 -18.40
CA ALA A 110 16.51 6.69 -18.93
C ALA A 110 15.20 6.78 -18.13
N LEU A 111 14.63 5.60 -17.77
CA LEU A 111 13.35 5.52 -17.03
C LEU A 111 13.55 5.91 -15.57
N ARG A 112 14.76 5.64 -15.02
CA ARG A 112 15.13 6.05 -13.66
C ARG A 112 15.06 7.59 -13.55
N GLN A 113 15.77 8.26 -14.47
CA GLN A 113 15.82 9.74 -14.55
C GLN A 113 14.44 10.32 -14.93
N ARG A 114 13.69 9.57 -15.75
CA ARG A 114 12.35 10.00 -16.23
C ARG A 114 11.33 10.06 -15.08
N LEU A 115 11.49 9.19 -14.08
CA LEU A 115 10.57 9.11 -12.91
C LEU A 115 11.01 10.03 -11.75
N SER A 116 12.33 10.20 -11.57
CA SER A 116 12.90 10.98 -10.45
C SER A 116 13.02 12.47 -10.79
N HIS A 117 13.46 12.78 -12.03
CA HIS A 117 13.56 14.16 -12.58
C HIS A 117 12.27 14.51 -13.36
N ARG A 118 11.13 13.98 -12.85
CA ARG A 118 9.83 14.07 -13.54
C ARG A 118 9.14 15.41 -13.23
N LEU A 119 8.85 16.16 -14.30
CA LEU A 119 8.01 17.36 -14.24
C LEU A 119 6.54 16.90 -14.19
N LEU A 120 5.84 17.25 -13.09
CA LEU A 120 4.44 16.87 -12.87
C LEU A 120 3.51 17.58 -13.87
N ARG A 121 2.31 17.01 -14.07
CA ARG A 121 1.24 17.60 -14.91
C ARG A 121 0.06 17.97 -14.01
N VAL A 122 0.35 18.26 -12.72
CA VAL A 122 -0.67 18.69 -11.74
C VAL A 122 -1.21 20.11 -12.10
N GLU A 123 -0.35 20.91 -12.76
CA GLU A 123 -0.70 22.24 -13.28
C GLU A 123 -1.56 22.14 -14.56
N ILE A 124 -1.53 20.95 -15.20
CA ILE A 124 -2.27 20.67 -16.45
C ILE A 124 -3.50 19.77 -16.17
N GLY A 125 -3.53 19.15 -14.98
CA GLY A 125 -4.63 18.28 -14.56
C GLY A 125 -4.12 16.99 -13.91
N GLU A 126 -4.24 15.87 -14.65
CA GLU A 126 -3.89 14.52 -14.17
C GLU A 126 -2.41 14.22 -14.47
N THR A 127 -1.67 13.74 -13.44
CA THR A 127 -0.27 13.31 -13.60
C THR A 127 -0.20 11.77 -13.59
N PHE A 128 0.43 11.22 -14.64
CA PHE A 128 0.63 9.77 -14.81
C PHE A 128 1.74 9.51 -15.85
N ASP A 129 2.30 8.30 -15.80
CA ASP A 129 3.32 7.80 -16.74
C ASP A 129 3.09 6.31 -17.00
N PHE A 130 3.38 5.88 -18.24
CA PHE A 130 3.44 4.46 -18.61
C PHE A 130 4.41 4.30 -19.80
N GLN A 131 5.43 3.48 -19.59
CA GLN A 131 6.46 3.17 -20.58
C GLN A 131 6.33 1.69 -20.93
N LEU A 132 6.34 1.38 -22.22
CA LEU A 132 6.25 0.00 -22.68
C LEU A 132 7.65 -0.50 -23.06
N THR A 133 7.91 -1.76 -22.69
CA THR A 133 9.17 -2.44 -22.97
C THR A 133 8.85 -3.78 -23.62
N LEU A 134 9.40 -4.03 -24.81
CA LEU A 134 9.38 -5.35 -25.43
C LEU A 134 10.78 -5.95 -25.31
N LEU A 135 10.88 -7.02 -24.52
CA LEU A 135 12.11 -7.81 -24.33
C LEU A 135 12.04 -9.11 -25.16
N PRO A 136 13.21 -9.78 -25.42
CA PRO A 136 13.25 -11.11 -26.07
C PRO A 136 12.46 -12.19 -25.28
N ASP A 137 12.21 -13.34 -25.93
CA ASP A 137 11.49 -14.50 -25.37
C ASP A 137 9.97 -14.15 -25.19
N ASN A 138 9.48 -13.20 -26.03
CA ASN A 138 8.05 -12.73 -26.05
C ASN A 138 7.64 -12.03 -24.73
N ARG A 139 8.63 -11.66 -23.91
CA ARG A 139 8.39 -11.10 -22.56
C ARG A 139 8.13 -9.58 -22.62
N HIS A 140 6.93 -9.18 -22.17
CA HIS A 140 6.45 -7.79 -22.22
C HIS A 140 6.47 -7.19 -20.79
N ARG A 141 7.11 -6.02 -20.65
CA ARG A 141 7.17 -5.23 -19.40
C ARG A 141 6.40 -3.92 -19.60
N LEU A 142 5.71 -3.45 -18.56
CA LEU A 142 4.97 -2.17 -18.60
C LEU A 142 5.25 -1.38 -17.30
N HIS A 143 6.13 -0.36 -17.39
CA HIS A 143 6.53 0.48 -16.24
C HIS A 143 5.48 1.59 -16.04
N VAL A 144 4.55 1.39 -15.09
CA VAL A 144 3.46 2.36 -14.86
C VAL A 144 3.69 3.10 -13.52
N ASN A 145 3.81 4.43 -13.61
CA ASN A 145 3.90 5.33 -12.44
C ASN A 145 2.64 6.19 -12.41
N ILE A 146 1.89 6.15 -11.29
CA ILE A 146 0.64 6.92 -11.14
C ILE A 146 0.67 7.63 -9.77
N ASP A 147 0.12 8.85 -9.71
CA ASP A 147 0.00 9.59 -8.45
C ASP A 147 -1.39 9.34 -7.86
N LEU A 148 -1.45 9.17 -6.53
CA LEU A 148 -2.69 8.74 -5.82
C LEU A 148 -3.63 9.91 -5.51
N LEU A 149 -3.24 11.14 -5.87
CA LEU A 149 -4.08 12.35 -5.73
C LEU A 149 -5.14 12.41 -6.84
N ILE A 150 -4.89 11.72 -7.96
CA ILE A 150 -5.79 11.71 -9.13
C ILE A 150 -6.58 10.38 -9.23
N MET A 151 -6.48 9.53 -8.18
CA MET A 151 -7.15 8.21 -8.17
C MET A 151 -7.47 7.74 -6.73
N ASP A 152 -8.06 6.53 -6.63
CA ASP A 152 -8.45 5.89 -5.35
C ASP A 152 -8.28 4.34 -5.46
N ALA A 153 -8.25 3.66 -4.29
CA ALA A 153 -8.11 2.18 -4.19
C ALA A 153 -9.31 1.45 -4.84
N SER A 154 -10.53 1.99 -4.61
CA SER A 154 -11.79 1.45 -5.20
C SER A 154 -11.69 1.46 -6.74
N SER A 155 -11.12 2.54 -7.28
CA SER A 155 -10.95 2.74 -8.72
C SER A 155 -9.90 1.80 -9.29
N PHE A 156 -8.83 1.54 -8.52
CA PHE A 156 -7.69 0.70 -8.95
C PHE A 156 -8.12 -0.75 -9.18
N THR A 157 -8.93 -1.26 -8.24
CA THR A 157 -9.43 -2.64 -8.27
C THR A 157 -10.35 -2.85 -9.49
N LEU A 158 -11.29 -1.90 -9.65
CA LEU A 158 -12.22 -1.88 -10.78
C LEU A 158 -11.47 -1.64 -12.11
N PHE A 159 -10.33 -0.92 -12.04
CA PHE A 159 -9.53 -0.57 -13.24
C PHE A 159 -8.92 -1.81 -13.88
N PHE A 160 -8.23 -2.67 -13.07
CA PHE A 160 -7.55 -3.87 -13.62
C PHE A 160 -8.60 -4.92 -14.07
N ASP A 161 -9.80 -4.86 -13.45
CA ASP A 161 -10.95 -5.72 -13.82
C ASP A 161 -11.50 -5.35 -15.21
N GLU A 162 -11.70 -4.05 -15.43
CA GLU A 162 -12.08 -3.47 -16.73
C GLU A 162 -10.99 -3.75 -17.79
N LEU A 163 -9.74 -3.61 -17.34
CA LEU A 163 -8.55 -3.69 -18.19
C LEU A 163 -8.37 -5.09 -18.77
N ASN A 164 -8.17 -6.10 -17.90
CA ASN A 164 -7.84 -7.49 -18.32
C ASN A 164 -8.93 -8.11 -19.20
N ALA A 165 -10.22 -7.75 -18.93
CA ALA A 165 -11.37 -8.25 -19.71
C ALA A 165 -11.32 -7.67 -21.15
N LEU A 166 -10.93 -6.39 -21.24
CA LEU A 166 -10.80 -5.67 -22.51
C LEU A 166 -9.58 -6.21 -23.31
N LEU A 167 -8.47 -6.50 -22.61
CA LEU A 167 -7.19 -6.91 -23.23
C LEU A 167 -7.23 -8.37 -23.73
N ALA A 168 -8.03 -9.20 -23.04
CA ALA A 168 -8.25 -10.61 -23.41
C ALA A 168 -9.34 -10.73 -24.49
N GLY A 169 -9.95 -9.57 -24.87
CA GLY A 169 -10.98 -9.50 -25.90
C GLY A 169 -12.33 -10.03 -25.42
N GLU A 170 -12.45 -10.27 -24.10
CA GLU A 170 -13.65 -10.81 -23.48
C GLU A 170 -14.77 -9.75 -23.47
N SER A 171 -15.99 -10.19 -23.80
CA SER A 171 -17.21 -9.37 -23.70
C SER A 171 -17.37 -8.91 -22.25
N LEU A 172 -17.51 -7.61 -22.03
CA LEU A 172 -17.64 -7.03 -20.68
C LEU A 172 -19.02 -7.42 -20.10
N PRO A 173 -19.06 -8.23 -18.98
CA PRO A 173 -20.33 -8.61 -18.30
C PRO A 173 -20.95 -7.39 -17.56
N ALA A 174 -22.10 -7.58 -16.90
CA ALA A 174 -22.72 -6.48 -16.14
C ALA A 174 -21.82 -6.17 -14.92
N ILE A 175 -21.11 -5.04 -15.00
CA ILE A 175 -20.20 -4.55 -13.95
C ILE A 175 -20.62 -3.14 -13.57
N ASP A 176 -20.80 -2.86 -12.28
CA ASP A 176 -21.17 -1.53 -11.79
C ASP A 176 -19.97 -0.57 -11.88
N THR A 177 -19.88 0.11 -13.02
CA THR A 177 -18.88 1.17 -13.29
C THR A 177 -19.54 2.55 -13.19
N ARG A 178 -20.87 2.53 -12.89
CA ARG A 178 -21.68 3.73 -12.69
C ARG A 178 -21.29 4.39 -11.34
N TYR A 179 -20.89 3.54 -10.37
CA TYR A 179 -20.48 3.98 -9.05
C TYR A 179 -19.03 4.50 -9.12
N ASP A 180 -18.91 5.81 -9.26
CA ASP A 180 -17.63 6.53 -9.39
C ASP A 180 -17.36 7.33 -8.11
N PHE A 181 -16.27 8.12 -8.11
CA PHE A 181 -15.85 8.97 -6.96
C PHE A 181 -16.99 9.92 -6.54
N ARG A 182 -17.70 10.42 -7.55
CA ARG A 182 -18.88 11.30 -7.39
C ARG A 182 -20.00 10.63 -6.57
N SER A 183 -20.39 9.41 -6.99
CA SER A 183 -21.47 8.63 -6.33
C SER A 183 -21.01 8.17 -4.93
N TYR A 184 -19.72 7.83 -4.83
CA TYR A 184 -19.09 7.30 -3.60
C TYR A 184 -19.06 8.38 -2.50
N LEU A 185 -18.49 9.55 -2.85
CA LEU A 185 -18.21 10.64 -1.90
C LEU A 185 -19.50 11.35 -1.49
N LEU A 186 -20.48 11.42 -2.42
CA LEU A 186 -21.82 11.96 -2.12
C LEU A 186 -22.45 11.21 -0.92
N HIS A 187 -22.48 9.87 -1.03
CA HIS A 187 -23.06 8.99 0.00
C HIS A 187 -22.18 8.94 1.25
N GLN A 188 -20.85 8.90 1.05
CA GLN A 188 -19.88 8.75 2.16
C GLN A 188 -19.90 9.97 3.06
N GLN A 189 -19.91 11.16 2.46
CA GLN A 189 -19.86 12.46 3.16
C GLN A 189 -21.13 12.66 4.02
N LYS A 190 -22.29 12.19 3.49
CA LYS A 190 -23.59 12.24 4.21
C LYS A 190 -23.55 11.37 5.47
N ILE A 191 -23.21 10.09 5.29
CA ILE A 191 -23.21 9.10 6.41
C ILE A 191 -22.07 9.39 7.40
N ASN A 192 -21.02 10.10 6.92
CA ASN A 192 -19.86 10.48 7.73
C ASN A 192 -20.24 11.50 8.81
N GLN A 193 -21.22 12.39 8.52
CA GLN A 193 -21.58 13.51 9.41
C GLN A 193 -21.96 13.04 10.86
N PRO A 194 -22.95 12.08 11.05
CA PRO A 194 -23.24 11.53 12.41
C PRO A 194 -22.27 10.39 12.83
N LEU A 195 -21.76 9.62 11.85
CA LEU A 195 -20.94 8.41 12.10
C LEU A 195 -19.53 8.78 12.61
N ARG A 196 -19.12 10.00 12.27
CA ARG A 196 -17.82 10.58 12.65
C ARG A 196 -17.69 10.65 14.18
N ASP A 197 -18.83 10.90 14.86
CA ASP A 197 -18.89 10.96 16.33
C ASP A 197 -18.42 9.64 16.95
N ASP A 198 -19.03 8.51 16.51
CA ASP A 198 -18.71 7.16 17.03
C ASP A 198 -17.31 6.71 16.59
N ALA A 199 -16.97 7.00 15.34
CA ALA A 199 -15.68 6.60 14.74
C ALA A 199 -14.51 7.22 15.48
N ARG A 200 -14.53 8.56 15.50
CA ARG A 200 -13.53 9.39 16.17
C ARG A 200 -13.50 9.11 17.68
N ALA A 201 -14.65 8.72 18.27
CA ALA A 201 -14.75 8.40 19.71
C ALA A 201 -13.84 7.22 20.11
N TYR A 202 -13.98 6.09 19.39
CA TYR A 202 -13.15 4.88 19.64
C TYR A 202 -11.70 5.11 19.20
N TRP A 203 -11.52 5.89 18.13
CA TRP A 203 -10.19 6.26 17.61
C TRP A 203 -9.45 7.22 18.55
N LEU A 204 -10.22 8.02 19.30
CA LEU A 204 -9.71 8.98 20.30
C LEU A 204 -9.37 8.21 21.58
N ALA A 205 -10.28 7.29 21.96
CA ALA A 205 -10.15 6.45 23.17
C ALA A 205 -8.86 5.65 23.13
N LYS A 206 -8.64 5.00 21.96
CA LYS A 206 -7.41 4.28 21.67
C LYS A 206 -6.22 5.26 21.72
N ALA A 207 -6.30 6.34 20.90
CA ALA A 207 -5.22 7.34 20.75
C ALA A 207 -4.77 7.98 22.08
N SER A 208 -5.70 8.09 23.04
CA SER A 208 -5.48 8.70 24.36
C SER A 208 -4.61 7.80 25.25
N THR A 209 -4.78 6.47 25.10
CA THR A 209 -4.04 5.46 25.89
C THR A 209 -3.10 4.64 24.98
N LEU A 210 -2.86 5.14 23.75
CA LEU A 210 -2.20 4.36 22.69
C LEU A 210 -0.69 4.25 22.94
N PRO A 211 -0.12 3.01 22.89
CA PRO A 211 1.33 2.79 22.71
C PRO A 211 1.92 3.73 21.62
N PRO A 212 2.93 4.60 21.98
CA PRO A 212 3.43 5.67 21.07
C PRO A 212 3.94 5.13 19.71
N ALA A 213 3.77 5.95 18.64
CA ALA A 213 4.23 5.58 17.30
C ALA A 213 5.76 5.42 17.26
N PRO A 214 6.30 4.40 16.50
CA PRO A 214 7.74 4.04 16.49
C PRO A 214 8.64 5.24 16.16
N VAL A 215 9.58 5.55 17.07
CA VAL A 215 10.60 6.58 16.81
C VAL A 215 11.67 5.96 15.89
N LEU A 216 11.53 6.22 14.59
CA LEU A 216 12.45 5.70 13.58
C LEU A 216 13.60 6.71 13.39
N PRO A 217 14.86 6.35 13.79
CA PRO A 217 16.02 7.24 13.66
C PRO A 217 16.50 7.33 12.20
N LEU A 218 16.61 8.57 11.68
CA LEU A 218 17.03 8.83 10.30
C LEU A 218 18.54 9.12 10.26
N ALA A 219 19.16 8.85 9.10
CA ALA A 219 20.61 8.98 8.91
C ALA A 219 21.04 10.45 8.91
N CYS A 220 20.29 11.27 8.15
CA CYS A 220 20.56 12.70 7.99
C CYS A 220 19.28 13.53 8.23
N GLU A 221 19.42 14.87 8.18
CA GLU A 221 18.30 15.81 8.34
C GLU A 221 17.30 15.62 7.16
N PRO A 222 16.00 15.25 7.46
CA PRO A 222 14.94 14.93 6.44
C PRO A 222 14.92 15.86 5.20
N ALA A 223 14.81 17.17 5.48
CA ALA A 223 14.58 18.21 4.45
C ALA A 223 15.86 18.53 3.63
N THR A 224 17.03 18.05 4.10
CA THR A 224 18.31 18.20 3.38
C THR A 224 18.31 17.33 2.09
N LEU A 225 17.65 16.16 2.18
CA LEU A 225 17.59 15.19 1.07
C LEU A 225 16.46 15.60 0.11
N ARG A 226 16.84 16.16 -1.06
CA ARG A 226 15.88 16.55 -2.10
C ARG A 226 15.44 15.31 -2.91
N GLU A 227 16.39 14.41 -3.12
CA GLU A 227 16.17 13.13 -3.78
C GLU A 227 16.72 12.03 -2.86
N VAL A 228 15.82 11.15 -2.40
CA VAL A 228 16.14 10.02 -1.52
C VAL A 228 16.35 8.75 -2.36
N ARG A 229 17.35 7.93 -1.96
CA ARG A 229 17.55 6.60 -2.54
C ARG A 229 16.68 5.60 -1.74
N ASN A 230 15.89 4.79 -2.45
CA ASN A 230 15.09 3.72 -1.84
C ASN A 230 15.57 2.36 -2.39
N THR A 231 15.92 1.44 -1.49
CA THR A 231 16.35 0.08 -1.87
C THR A 231 15.29 -0.93 -1.41
N ARG A 232 14.57 -1.50 -2.39
CA ARG A 232 13.60 -2.58 -2.18
C ARG A 232 14.34 -3.91 -2.01
N ARG A 233 14.44 -4.36 -0.75
CA ARG A 233 15.12 -5.61 -0.40
C ARG A 233 14.09 -6.73 -0.27
N ARG A 234 14.11 -7.66 -1.23
CA ARG A 234 13.21 -8.82 -1.24
C ARG A 234 13.98 -10.03 -0.68
N MET A 235 13.30 -10.83 0.13
CA MET A 235 13.86 -12.02 0.76
C MET A 235 13.18 -13.24 0.16
N ILE A 236 13.90 -13.95 -0.71
CA ILE A 236 13.43 -15.22 -1.28
C ILE A 236 13.79 -16.35 -0.28
N VAL A 237 12.87 -16.57 0.65
CA VAL A 237 13.02 -17.58 1.72
C VAL A 237 11.99 -18.70 1.48
N PRO A 238 12.37 -20.01 1.67
CA PRO A 238 11.42 -21.15 1.59
C PRO A 238 10.09 -20.88 2.35
N ALA A 239 8.98 -20.98 1.61
CA ALA A 239 7.62 -20.76 2.13
C ALA A 239 7.19 -21.80 3.18
N THR A 240 7.99 -22.89 3.31
CA THR A 240 7.84 -23.89 4.39
C THR A 240 7.81 -23.21 5.77
N ARG A 241 8.66 -22.17 5.95
CA ARG A 241 8.68 -21.32 7.15
C ARG A 241 7.33 -20.59 7.32
N TRP A 242 6.89 -19.94 6.23
CA TRP A 242 5.67 -19.09 6.23
C TRP A 242 4.41 -19.91 6.59
N HIS A 243 4.33 -21.12 6.05
CA HIS A 243 3.22 -22.06 6.29
C HIS A 243 3.25 -22.55 7.75
N ALA A 244 4.47 -22.75 8.28
CA ALA A 244 4.69 -23.24 9.66
C ALA A 244 4.32 -22.16 10.70
N PHE A 245 4.50 -20.87 10.34
CA PHE A 245 4.08 -19.73 11.19
C PHE A 245 2.55 -19.72 11.31
N SER A 246 1.90 -19.77 10.14
CA SER A 246 0.42 -19.73 9.99
C SER A 246 -0.23 -20.94 10.71
N ASN A 247 0.49 -22.08 10.73
CA ASN A 247 0.08 -23.30 11.43
C ASN A 247 -0.07 -23.03 12.94
N ARG A 248 0.92 -22.30 13.50
CA ARG A 248 0.98 -21.98 14.94
C ARG A 248 -0.09 -20.96 15.34
N ALA A 249 -0.36 -19.98 14.47
CA ALA A 249 -1.38 -18.95 14.73
C ALA A 249 -2.79 -19.56 14.74
N GLY A 250 -3.07 -20.40 13.73
CA GLY A 250 -4.34 -21.13 13.63
C GLY A 250 -4.50 -22.15 14.76
N GLU A 251 -3.36 -22.67 15.25
CA GLU A 251 -3.30 -23.62 16.38
C GLU A 251 -3.73 -22.94 17.69
N TYR A 252 -3.24 -21.70 17.92
CA TYR A 252 -3.51 -20.94 19.15
C TYR A 252 -4.86 -20.19 19.10
N GLY A 253 -5.56 -20.32 17.95
CA GLY A 253 -6.89 -19.72 17.77
C GLY A 253 -6.85 -18.23 17.50
N VAL A 254 -5.63 -17.68 17.35
CA VAL A 254 -5.42 -16.25 17.06
C VAL A 254 -5.51 -16.01 15.55
N THR A 255 -5.51 -14.73 15.14
CA THR A 255 -5.64 -14.35 13.75
C THR A 255 -4.42 -14.89 12.93
N PRO A 256 -4.66 -15.80 11.91
CA PRO A 256 -3.59 -16.59 11.23
C PRO A 256 -2.48 -15.73 10.60
N THR A 257 -2.88 -14.68 9.88
CA THR A 257 -1.95 -13.78 9.19
C THR A 257 -1.66 -12.53 10.04
N MET A 258 -2.73 -11.80 10.36
CA MET A 258 -2.65 -10.39 10.81
C MET A 258 -1.99 -10.25 12.19
N ALA A 259 -2.27 -11.21 13.10
CA ALA A 259 -1.71 -11.17 14.48
C ALA A 259 -0.17 -11.35 14.45
N LEU A 260 0.28 -12.32 13.63
CA LEU A 260 1.72 -12.61 13.43
C LEU A 260 2.44 -11.46 12.74
N ALA A 261 1.81 -10.94 11.67
CA ALA A 261 2.38 -9.86 10.84
C ALA A 261 2.63 -8.59 11.68
N THR A 262 1.73 -8.34 12.64
CA THR A 262 1.85 -7.24 13.61
C THR A 262 3.04 -7.50 14.58
N CYS A 263 3.18 -8.78 15.04
CA CYS A 263 4.28 -9.19 15.96
C CYS A 263 5.68 -9.02 15.30
N PHE A 264 5.78 -9.44 14.03
CA PHE A 264 7.05 -9.40 13.26
C PHE A 264 7.53 -7.95 13.07
N SER A 265 6.56 -7.09 12.73
CA SER A 265 6.80 -5.66 12.46
C SER A 265 6.97 -4.86 13.78
N ALA A 266 6.42 -5.40 14.89
CA ALA A 266 6.55 -4.80 16.24
C ALA A 266 8.01 -4.83 16.68
N VAL A 267 8.62 -6.04 16.61
CA VAL A 267 10.03 -6.29 16.97
C VAL A 267 10.97 -5.40 16.13
N LEU A 268 10.68 -5.35 14.82
CA LEU A 268 11.46 -4.60 13.81
C LEU A 268 11.50 -3.09 14.15
N ALA A 269 10.30 -2.53 14.40
CA ALA A 269 10.12 -1.09 14.68
C ALA A 269 10.53 -0.73 16.14
N ARG A 270 10.50 -1.75 17.03
CA ARG A 270 10.84 -1.59 18.46
C ARG A 270 12.30 -1.19 18.66
N TRP A 271 13.17 -1.71 17.78
CA TRP A 271 14.61 -1.39 17.76
C TRP A 271 14.87 0.13 17.57
N GLY A 272 13.85 0.89 17.13
CA GLY A 272 13.93 2.35 17.03
C GLY A 272 14.07 3.05 18.39
N GLY A 273 13.86 2.30 19.48
CA GLY A 273 13.92 2.80 20.85
C GLY A 273 12.53 3.04 21.44
N LEU A 274 11.53 2.32 20.90
CA LEU A 274 10.12 2.48 21.26
C LEU A 274 9.58 1.13 21.78
N THR A 275 9.55 0.99 23.11
CA THR A 275 9.17 -0.24 23.85
C THR A 275 7.84 -0.89 23.36
N ARG A 276 6.83 -0.05 23.04
CA ARG A 276 5.49 -0.55 22.62
C ARG A 276 4.84 0.43 21.62
N LEU A 277 4.32 -0.10 20.50
CA LEU A 277 3.95 0.73 19.34
C LEU A 277 2.83 0.08 18.48
N LEU A 278 2.07 0.96 17.80
CA LEU A 278 1.02 0.57 16.84
C LEU A 278 1.63 0.27 15.47
N LEU A 279 1.06 -0.75 14.82
CA LEU A 279 1.43 -1.16 13.45
C LEU A 279 0.23 -0.95 12.52
N ASN A 280 0.52 -0.64 11.24
CA ASN A 280 -0.53 -0.37 10.23
C ASN A 280 -0.68 -1.60 9.32
N ILE A 281 -1.76 -2.38 9.57
CA ILE A 281 -2.08 -3.59 8.80
C ILE A 281 -2.99 -3.19 7.64
N THR A 282 -2.73 -3.73 6.44
CA THR A 282 -3.54 -3.49 5.24
C THR A 282 -4.62 -4.60 5.12
N LEU A 283 -5.88 -4.22 5.37
CA LEU A 283 -7.05 -5.11 5.24
C LEU A 283 -7.82 -4.78 3.96
N PHE A 284 -8.52 -5.79 3.43
CA PHE A 284 -9.51 -5.61 2.36
C PHE A 284 -10.90 -5.50 3.03
N ASP A 285 -11.71 -4.53 2.59
CA ASP A 285 -13.03 -4.27 3.20
C ASP A 285 -14.10 -4.08 2.12
N ARG A 286 -14.93 -5.11 1.92
CA ARG A 286 -16.12 -5.03 1.05
C ARG A 286 -17.37 -5.03 1.94
N GLN A 287 -17.88 -3.83 2.23
CA GLN A 287 -19.22 -3.66 2.80
C GLN A 287 -20.21 -3.38 1.65
N PRO A 288 -21.08 -4.39 1.28
CA PRO A 288 -22.02 -4.26 0.15
C PRO A 288 -23.33 -3.55 0.56
N LEU A 289 -23.21 -2.42 1.32
CA LEU A 289 -24.36 -1.56 1.68
C LEU A 289 -25.02 -0.99 0.40
N HIS A 290 -24.16 -0.76 -0.61
CA HIS A 290 -24.59 -0.44 -1.98
C HIS A 290 -24.33 -1.68 -2.85
N PRO A 291 -25.35 -2.16 -3.64
CA PRO A 291 -25.19 -3.31 -4.58
C PRO A 291 -24.00 -3.16 -5.54
N ALA A 292 -23.69 -1.89 -5.88
CA ALA A 292 -22.60 -1.52 -6.78
C ALA A 292 -21.21 -1.96 -6.25
N VAL A 293 -21.06 -1.91 -4.90
CA VAL A 293 -19.80 -2.28 -4.21
C VAL A 293 -19.51 -3.79 -4.35
N GLY A 294 -20.59 -4.60 -4.48
CA GLY A 294 -20.49 -6.06 -4.64
C GLY A 294 -19.91 -6.48 -5.99
N ALA A 295 -20.03 -5.59 -7.01
CA ALA A 295 -19.42 -5.81 -8.34
C ALA A 295 -17.93 -5.47 -8.30
N MET A 296 -17.59 -4.41 -7.52
CA MET A 296 -16.21 -3.97 -7.31
C MET A 296 -15.46 -5.00 -6.44
N LEU A 297 -14.15 -5.16 -6.70
CA LEU A 297 -13.32 -6.16 -6.02
C LEU A 297 -13.20 -5.84 -4.53
N ALA A 298 -13.23 -6.88 -3.69
CA ALA A 298 -13.18 -6.78 -2.21
C ALA A 298 -11.87 -6.14 -1.68
N ASP A 299 -10.89 -5.95 -2.59
CA ASP A 299 -9.53 -5.43 -2.29
C ASP A 299 -9.51 -3.91 -1.96
N PHE A 300 -10.67 -3.34 -1.57
CA PHE A 300 -10.76 -1.97 -1.03
C PHE A 300 -9.81 -1.84 0.18
N THR A 301 -8.75 -1.04 -0.01
CA THR A 301 -7.68 -0.88 0.97
C THR A 301 -8.16 -0.07 2.19
N ASN A 302 -8.55 -0.78 3.25
CA ASN A 302 -8.90 -0.21 4.55
C ASN A 302 -7.83 -0.64 5.55
N ILE A 303 -7.07 0.32 6.06
CA ILE A 303 -5.96 0.06 6.98
C ILE A 303 -6.44 0.24 8.44
N LEU A 304 -5.88 -0.56 9.36
CA LEU A 304 -6.25 -0.55 10.80
C LEU A 304 -4.96 -0.55 11.64
N LEU A 305 -5.02 0.12 12.81
CA LEU A 305 -3.84 0.36 13.67
C LEU A 305 -3.89 -0.56 14.90
N LEU A 306 -3.13 -1.67 14.84
CA LEU A 306 -3.09 -2.70 15.90
C LEU A 306 -1.89 -2.38 16.81
N ASP A 307 -2.19 -1.89 18.01
CA ASP A 307 -1.18 -1.43 18.96
C ASP A 307 -0.65 -2.59 19.81
N THR A 308 0.61 -2.97 19.55
CA THR A 308 1.34 -3.95 20.35
C THR A 308 1.85 -3.24 21.62
N ALA A 309 1.09 -3.39 22.72
CA ALA A 309 1.42 -2.75 24.02
C ALA A 309 2.53 -3.49 24.78
N CYS A 310 2.86 -4.71 24.33
CA CYS A 310 3.86 -5.55 24.98
C CYS A 310 4.51 -6.46 23.93
N ASP A 311 5.85 -6.55 23.98
CA ASP A 311 6.64 -7.32 23.00
C ASP A 311 7.87 -7.92 23.70
N GLY A 312 8.43 -9.01 23.13
CA GLY A 312 9.58 -9.70 23.70
C GLY A 312 9.19 -10.69 24.79
N ASP A 313 7.90 -11.02 24.86
CA ASP A 313 7.34 -11.96 25.85
C ASP A 313 6.96 -13.26 25.10
N THR A 314 6.45 -14.26 25.84
CA THR A 314 5.99 -15.53 25.26
C THR A 314 4.88 -15.31 24.20
N VAL A 315 4.82 -16.22 23.20
CA VAL A 315 4.02 -16.07 21.98
C VAL A 315 2.52 -15.78 22.26
N SER A 316 1.97 -16.42 23.32
CA SER A 316 0.54 -16.35 23.63
C SER A 316 0.13 -14.91 23.95
N ASN A 317 0.96 -14.20 24.73
CA ASN A 317 0.70 -12.81 25.14
C ASN A 317 0.68 -11.86 23.91
N LEU A 318 1.68 -12.03 23.03
CA LEU A 318 1.90 -11.14 21.87
C LEU A 318 0.78 -11.32 20.83
N ALA A 319 0.50 -12.60 20.52
CA ALA A 319 -0.49 -13.00 19.50
C ALA A 319 -1.92 -12.66 19.95
N ARG A 320 -2.17 -12.79 21.28
CA ARG A 320 -3.49 -12.53 21.88
C ARG A 320 -3.79 -11.03 21.82
N LYS A 321 -2.78 -10.19 22.15
CA LYS A 321 -2.92 -8.73 22.21
C LYS A 321 -3.25 -8.18 20.81
N ASN A 322 -2.50 -8.65 19.81
CA ASN A 322 -2.65 -8.21 18.41
C ASN A 322 -3.96 -8.76 17.79
N GLN A 323 -4.43 -9.91 18.31
CA GLN A 323 -5.75 -10.47 17.94
C GLN A 323 -6.88 -9.61 18.53
N LEU A 324 -6.66 -9.12 19.76
CA LEU A 324 -7.63 -8.32 20.52
C LEU A 324 -7.88 -6.97 19.84
N THR A 325 -6.75 -6.34 19.42
CA THR A 325 -6.77 -5.06 18.70
C THR A 325 -7.31 -5.24 17.26
N PHE A 326 -7.11 -6.45 16.70
CA PHE A 326 -7.68 -6.81 15.39
C PHE A 326 -9.21 -6.84 15.50
N THR A 327 -9.72 -7.52 16.54
CA THR A 327 -11.17 -7.67 16.78
C THR A 327 -11.86 -6.29 16.97
N GLU A 328 -11.16 -5.40 17.68
CA GLU A 328 -11.65 -4.04 17.99
C GLU A 328 -11.77 -3.19 16.71
N ASP A 329 -10.64 -3.01 16.02
CA ASP A 329 -10.53 -2.12 14.85
C ASP A 329 -11.34 -2.65 13.65
N TRP A 330 -11.32 -3.98 13.45
CA TRP A 330 -12.01 -4.64 12.32
C TRP A 330 -13.54 -4.58 12.49
N GLU A 331 -14.03 -4.35 13.72
CA GLU A 331 -15.48 -4.10 13.94
C GLU A 331 -15.79 -2.62 13.62
N HIS A 332 -14.80 -1.73 13.85
CA HIS A 332 -14.95 -0.26 13.67
C HIS A 332 -14.43 0.23 12.30
N ARG A 333 -14.20 -0.73 11.36
CA ARG A 333 -13.71 -0.45 9.98
C ARG A 333 -14.68 0.42 9.11
N HIS A 334 -15.82 0.86 9.67
CA HIS A 334 -16.69 1.89 9.05
C HIS A 334 -15.96 3.25 8.88
N TRP A 335 -14.83 3.38 9.60
CA TRP A 335 -13.84 4.43 9.37
C TRP A 335 -12.46 3.77 9.50
N SER A 336 -11.53 4.18 8.64
CA SER A 336 -10.16 3.64 8.62
C SER A 336 -9.30 4.21 9.77
N GLY A 337 -8.21 3.50 10.06
CA GLY A 337 -7.22 3.89 11.06
C GLY A 337 -6.58 5.26 10.83
N VAL A 338 -6.74 5.84 9.62
CA VAL A 338 -6.22 7.19 9.28
C VAL A 338 -6.71 8.24 10.30
N GLU A 339 -8.00 8.15 10.68
CA GLU A 339 -8.62 9.07 11.64
C GLU A 339 -8.07 8.84 13.06
N LEU A 340 -7.69 7.58 13.35
CA LEU A 340 -7.04 7.20 14.62
C LEU A 340 -5.66 7.89 14.72
N LEU A 341 -4.89 7.91 13.61
CA LEU A 341 -3.54 8.51 13.57
C LEU A 341 -3.66 10.05 13.63
N ARG A 342 -4.75 10.60 13.08
CA ARG A 342 -5.06 12.04 13.14
C ARG A 342 -5.39 12.43 14.61
N GLU A 343 -6.19 11.58 15.26
CA GLU A 343 -6.54 11.76 16.68
C GLU A 343 -5.34 11.46 17.58
N LEU A 344 -4.40 10.64 17.09
CA LEU A 344 -3.14 10.36 17.80
C LEU A 344 -2.24 11.60 17.75
N LYS A 345 -2.23 12.29 16.59
CA LYS A 345 -1.46 13.54 16.37
C LYS A 345 -1.72 14.56 17.48
N ARG A 346 -2.99 14.71 17.86
CA ARG A 346 -3.41 15.67 18.91
C ARG A 346 -3.16 15.10 20.33
N GLN A 347 -3.02 13.76 20.43
CA GLN A 347 -2.71 13.04 21.70
C GLN A 347 -1.19 12.91 21.90
N GLN A 348 -0.48 14.04 21.70
CA GLN A 348 0.97 14.20 22.02
C GLN A 348 1.89 13.43 21.04
N ARG A 349 1.32 12.99 19.89
CA ARG A 349 2.10 12.46 18.75
C ARG A 349 2.72 13.62 17.97
N TYR A 350 3.89 14.07 18.44
CA TYR A 350 4.66 15.19 17.86
C TYR A 350 5.03 14.85 16.37
N PRO A 351 5.23 15.89 15.47
CA PRO A 351 5.28 15.78 13.97
C PRO A 351 6.30 14.80 13.32
N HIS A 352 6.93 13.87 14.08
CA HIS A 352 7.82 12.85 13.49
C HIS A 352 6.95 11.76 12.84
N GLY A 353 5.89 11.34 13.58
CA GLY A 353 4.70 10.66 12.99
C GLY A 353 5.02 9.48 12.07
N ALA A 354 5.84 8.53 12.55
CA ALA A 354 6.40 7.45 11.70
C ALA A 354 5.41 6.27 11.58
N PRO A 355 4.77 6.04 10.38
CA PRO A 355 3.82 4.96 10.15
C PRO A 355 4.48 3.74 9.44
N VAL A 356 4.58 2.61 10.16
CA VAL A 356 5.07 1.35 9.58
C VAL A 356 3.88 0.62 8.94
N VAL A 357 3.80 0.70 7.60
CA VAL A 357 2.71 0.10 6.82
C VAL A 357 3.20 -1.21 6.23
N PHE A 358 2.44 -2.29 6.38
CA PHE A 358 2.72 -3.55 5.69
C PHE A 358 1.45 -4.14 5.07
N THR A 359 1.62 -4.72 3.87
CA THR A 359 0.57 -5.49 3.19
C THR A 359 0.73 -6.96 3.58
N SER A 360 -0.39 -7.61 3.90
CA SER A 360 -0.44 -9.01 4.31
C SER A 360 -1.42 -9.76 3.41
N ASN A 361 -0.86 -10.50 2.42
CA ASN A 361 -1.65 -11.22 1.42
C ASN A 361 -1.44 -12.73 1.62
N LEU A 362 -2.48 -13.42 2.10
CA LEU A 362 -2.64 -14.88 1.98
C LEU A 362 -3.78 -15.18 0.98
N GLY A 363 -3.68 -16.33 0.29
CA GLY A 363 -4.72 -16.78 -0.66
C GLY A 363 -4.30 -16.59 -2.11
N ARG A 364 -3.11 -15.99 -2.28
CA ARG A 364 -2.45 -15.83 -3.58
C ARG A 364 -1.71 -17.12 -3.95
N SER A 365 -1.70 -17.44 -5.25
CA SER A 365 -0.99 -18.59 -5.79
C SER A 365 0.52 -18.45 -5.59
N LEU A 366 1.19 -19.59 -5.29
CA LEU A 366 2.65 -19.64 -5.14
C LEU A 366 3.38 -19.58 -6.50
N TYR A 367 2.61 -19.69 -7.60
CA TYR A 367 3.17 -19.71 -8.95
C TYR A 367 3.65 -18.29 -9.35
N SER A 368 2.70 -17.38 -9.61
CA SER A 368 2.97 -15.96 -9.89
C SER A 368 3.07 -15.19 -8.55
N SER A 369 3.82 -14.06 -8.56
CA SER A 369 4.01 -13.20 -7.36
C SER A 369 2.66 -12.79 -6.73
N ARG A 370 1.69 -12.43 -7.60
CA ARG A 370 0.34 -12.04 -7.18
C ARG A 370 -0.69 -12.79 -8.06
N ALA A 371 -1.73 -13.34 -7.42
CA ALA A 371 -2.81 -14.08 -8.10
C ALA A 371 -3.92 -13.13 -8.59
N GLU A 372 -3.99 -11.96 -7.94
CA GLU A 372 -4.98 -10.89 -8.26
C GLU A 372 -4.67 -10.31 -9.66
N SER A 373 -3.39 -10.40 -10.04
CA SER A 373 -2.88 -9.94 -11.32
C SER A 373 -3.00 -11.09 -12.35
N PRO A 374 -4.00 -11.03 -13.28
CA PRO A 374 -4.35 -12.16 -14.18
C PRO A 374 -3.35 -12.34 -15.36
N LEU A 375 -3.23 -11.32 -16.24
CA LEU A 375 -2.44 -11.43 -17.49
C LEU A 375 -0.94 -11.13 -17.28
N GLY A 376 -0.65 -10.28 -16.28
CA GLY A 376 0.72 -9.89 -15.96
C GLY A 376 0.90 -9.72 -14.47
N GLU A 377 1.87 -10.44 -13.88
CA GLU A 377 2.22 -10.31 -12.45
C GLU A 377 3.09 -9.05 -12.25
N PRO A 378 2.85 -8.23 -11.19
CA PRO A 378 3.59 -6.97 -10.97
C PRO A 378 4.93 -7.22 -10.27
N GLU A 379 6.03 -6.99 -11.01
CA GLU A 379 7.37 -6.98 -10.44
C GLU A 379 7.48 -5.73 -9.54
N TRP A 380 8.03 -5.92 -8.34
CA TRP A 380 8.03 -4.92 -7.27
C TRP A 380 8.92 -3.72 -7.66
N GLY A 381 8.32 -2.54 -7.82
CA GLY A 381 9.07 -1.32 -8.12
C GLY A 381 9.65 -0.72 -6.85
N ILE A 382 9.04 0.36 -6.35
CA ILE A 382 9.39 0.99 -5.07
C ILE A 382 8.10 1.55 -4.46
N SER A 383 7.89 1.29 -3.15
CA SER A 383 6.84 1.93 -2.31
C SER A 383 5.47 2.06 -3.00
N GLN A 384 4.64 1.01 -2.93
CA GLN A 384 3.32 0.99 -3.61
C GLN A 384 2.24 1.80 -2.86
N THR A 385 2.51 2.09 -1.57
CA THR A 385 1.62 2.94 -0.76
C THR A 385 2.04 4.43 -0.87
N PRO A 386 1.03 5.37 -1.02
CA PRO A 386 1.30 6.82 -1.25
C PRO A 386 2.04 7.50 -0.09
N GLN A 387 3.34 7.79 -0.31
CA GLN A 387 4.22 8.56 0.62
C GLN A 387 4.30 7.85 1.99
N VAL A 388 5.18 6.85 2.04
CA VAL A 388 5.55 6.14 3.28
C VAL A 388 7.08 6.09 3.40
N TRP A 389 7.59 6.02 4.63
CA TRP A 389 9.04 5.85 4.89
C TRP A 389 9.41 4.36 4.92
N ILE A 390 8.48 3.51 5.38
CA ILE A 390 8.62 2.03 5.35
C ILE A 390 7.27 1.39 4.97
N ASP A 391 7.26 0.64 3.85
CA ASP A 391 6.19 -0.33 3.52
C ASP A 391 6.82 -1.73 3.31
N HIS A 392 6.30 -2.73 4.04
CA HIS A 392 6.73 -4.13 3.91
C HIS A 392 5.69 -4.90 3.10
N LEU A 393 6.12 -5.47 1.97
CA LEU A 393 5.27 -6.30 1.10
C LEU A 393 5.48 -7.78 1.44
N ALA A 394 4.41 -8.58 1.37
CA ALA A 394 4.48 -10.02 1.59
C ALA A 394 3.66 -10.74 0.51
N PHE A 395 4.35 -11.56 -0.31
CA PHE A 395 3.76 -12.32 -1.44
C PHE A 395 4.55 -13.64 -1.61
N GLU A 396 4.09 -14.51 -2.52
CA GLU A 396 4.76 -15.81 -2.76
C GLU A 396 4.90 -16.05 -4.27
N HIS A 397 6.13 -16.39 -4.71
CA HIS A 397 6.45 -16.59 -6.12
C HIS A 397 7.41 -17.79 -6.29
N HIS A 398 7.07 -18.68 -7.24
CA HIS A 398 7.83 -19.90 -7.60
C HIS A 398 7.93 -20.88 -6.40
N GLY A 399 7.00 -20.77 -5.43
CA GLY A 399 6.94 -21.69 -4.29
C GLY A 399 7.63 -21.15 -3.03
N GLU A 400 8.53 -20.17 -3.18
CA GLU A 400 9.19 -19.47 -2.06
C GLU A 400 8.39 -18.21 -1.71
N VAL A 401 8.39 -17.80 -0.43
CA VAL A 401 7.72 -16.56 0.02
C VAL A 401 8.71 -15.38 -0.07
N TRP A 402 8.36 -14.37 -0.88
CA TRP A 402 9.18 -13.19 -1.12
C TRP A 402 8.68 -12.03 -0.23
N LEU A 403 9.51 -11.65 0.76
CA LEU A 403 9.22 -10.55 1.69
C LEU A 403 10.04 -9.31 1.31
N GLN A 404 9.36 -8.24 0.85
CA GLN A 404 10.03 -6.99 0.43
C GLN A 404 10.00 -5.96 1.57
N TRP A 405 11.11 -5.22 1.72
CA TRP A 405 11.17 -4.02 2.56
C TRP A 405 11.51 -2.85 1.62
N ASP A 406 10.47 -2.09 1.27
CA ASP A 406 10.58 -0.87 0.46
C ASP A 406 10.68 0.31 1.43
N SER A 407 11.89 0.87 1.54
CA SER A 407 12.19 1.90 2.52
C SER A 407 13.30 2.81 1.97
N ASN A 408 13.35 4.06 2.50
CA ASN A 408 14.37 5.03 2.09
C ASN A 408 15.71 4.57 2.68
N ASP A 409 16.62 4.14 1.80
CA ASP A 409 17.95 3.64 2.18
C ASP A 409 18.90 4.80 2.57
N ALA A 410 18.49 6.03 2.20
CA ALA A 410 19.21 7.27 2.53
C ALA A 410 18.87 7.75 3.96
N LEU A 411 17.71 7.30 4.48
CA LEU A 411 17.26 7.63 5.86
C LEU A 411 17.55 6.47 6.82
N PHE A 412 17.25 5.26 6.37
CA PHE A 412 17.36 4.04 7.20
C PHE A 412 18.65 3.30 6.82
N PRO A 413 19.65 3.22 7.78
CA PRO A 413 20.91 2.50 7.54
C PRO A 413 20.68 1.03 7.08
N PRO A 414 21.24 0.62 5.89
CA PRO A 414 21.09 -0.75 5.33
C PRO A 414 21.52 -1.86 6.32
N ALA A 415 22.56 -1.57 7.14
CA ALA A 415 23.10 -2.51 8.14
C ALA A 415 22.08 -2.77 9.25
N LEU A 416 21.32 -1.71 9.63
CA LEU A 416 20.25 -1.79 10.63
C LEU A 416 19.16 -2.74 10.12
N VAL A 417 18.63 -2.45 8.91
CA VAL A 417 17.53 -3.21 8.27
C VAL A 417 17.91 -4.70 8.09
N GLU A 418 19.20 -4.94 7.78
CA GLU A 418 19.75 -6.29 7.59
C GLU A 418 19.70 -7.06 8.93
N THR A 419 20.17 -6.40 10.00
CA THR A 419 20.20 -6.96 11.36
C THR A 419 18.77 -7.16 11.91
N LEU A 420 17.83 -6.28 11.51
CA LEU A 420 16.42 -6.31 11.95
C LEU A 420 15.73 -7.58 11.46
N PHE A 421 15.96 -7.90 10.16
CA PHE A 421 15.44 -9.12 9.56
C PHE A 421 15.96 -10.34 10.31
N ASP A 422 17.28 -10.46 10.42
CA ASP A 422 17.94 -11.68 10.91
C ASP A 422 17.62 -11.94 12.41
N ALA A 423 17.43 -10.84 13.19
CA ALA A 423 17.11 -10.93 14.63
C ALA A 423 15.69 -11.51 14.86
N TYR A 424 14.67 -10.95 14.16
CA TYR A 424 13.28 -11.43 14.28
C TYR A 424 13.15 -12.79 13.57
N CYS A 425 13.98 -13.01 12.52
CA CYS A 425 14.03 -14.28 11.76
C CYS A 425 14.47 -15.43 12.68
N GLN A 426 15.27 -15.10 13.71
CA GLN A 426 15.70 -16.07 14.72
C GLN A 426 14.51 -16.52 15.58
N LEU A 427 13.81 -15.53 16.19
CA LEU A 427 12.75 -15.83 17.19
C LEU A 427 11.50 -16.43 16.54
N ILE A 428 11.25 -16.13 15.23
CA ILE A 428 10.10 -16.68 14.49
C ILE A 428 10.42 -18.08 13.94
N ASN A 429 11.72 -18.34 13.65
CA ASN A 429 12.20 -19.67 13.22
C ASN A 429 12.02 -20.67 14.36
N GLN A 430 12.34 -20.20 15.58
CA GLN A 430 12.17 -20.98 16.81
C GLN A 430 10.69 -21.06 17.22
N LEU A 431 9.89 -20.06 16.81
CA LEU A 431 8.44 -20.06 17.05
C LEU A 431 7.78 -21.22 16.26
N CYS A 432 8.13 -21.37 14.98
CA CYS A 432 7.51 -22.38 14.12
C CYS A 432 8.08 -23.79 14.39
N ASP A 433 9.42 -23.90 14.40
CA ASP A 433 10.13 -25.19 14.42
C ASP A 433 10.33 -25.73 15.85
N ASP A 434 10.58 -24.84 16.82
CA ASP A 434 11.00 -25.24 18.18
C ASP A 434 9.81 -25.20 19.16
N GLU A 435 9.61 -26.30 19.91
CA GLU A 435 8.46 -26.47 20.81
C GLU A 435 8.63 -25.75 22.15
N SER A 436 9.88 -25.64 22.63
CA SER A 436 10.18 -25.03 23.96
C SER A 436 10.29 -23.48 23.87
N ALA A 437 10.45 -22.96 22.64
CA ALA A 437 10.68 -21.52 22.37
C ALA A 437 9.48 -20.63 22.74
N TRP A 438 8.28 -21.22 22.73
CA TRP A 438 7.02 -20.52 23.08
C TRP A 438 6.99 -20.09 24.54
N GLN A 439 7.73 -20.82 25.39
CA GLN A 439 7.84 -20.56 26.84
C GLN A 439 9.04 -19.67 27.17
N LYS A 440 9.89 -19.40 26.16
CA LYS A 440 11.04 -18.49 26.30
C LYS A 440 10.65 -17.08 25.81
N PRO A 441 11.02 -16.00 26.58
CA PRO A 441 10.82 -14.60 26.13
C PRO A 441 11.69 -14.28 24.90
N PHE A 442 11.04 -13.81 23.83
CA PHE A 442 11.69 -13.45 22.55
C PHE A 442 12.65 -12.25 22.71
N ALA A 443 12.50 -11.51 23.83
CA ALA A 443 13.38 -10.39 24.24
C ALA A 443 14.88 -10.70 24.04
N ASP A 444 15.30 -11.89 24.48
CA ASP A 444 16.69 -12.35 24.38
C ASP A 444 17.12 -12.50 22.90
N MET A 445 16.20 -13.01 22.07
CA MET A 445 16.45 -13.35 20.66
C MET A 445 16.48 -12.09 19.77
N LEU A 446 15.72 -11.04 20.15
CA LEU A 446 15.69 -9.77 19.38
C LEU A 446 16.86 -8.86 19.79
N GLU A 447 17.35 -9.01 21.05
CA GLU A 447 18.57 -8.33 21.53
C GLU A 447 19.83 -9.15 21.15
N HIS A 448 19.62 -10.36 20.61
CA HIS A 448 20.70 -11.22 20.11
C HIS A 448 21.21 -10.66 18.77
N HIS A 449 22.52 -10.81 18.51
CA HIS A 449 23.16 -10.41 17.24
C HIS A 449 22.82 -11.40 16.11
N HIS A 450 23.66 -11.42 15.05
CA HIS A 450 23.47 -12.34 13.92
C HIS A 450 23.69 -13.81 14.35
N HIS A 451 22.79 -14.70 13.90
CA HIS A 451 22.82 -16.14 14.23
C HIS A 451 23.32 -16.94 13.01
N HIS A 452 23.26 -18.28 13.09
CA HIS A 452 23.59 -19.17 11.96
C HIS A 452 22.39 -19.24 11.00
N HIS A 453 22.64 -19.15 9.69
CA HIS A 453 21.60 -19.31 8.65
C HIS A 453 21.22 -20.82 8.56
N MET A 1 -26.42 22.63 -4.60
CA MET A 1 -24.96 22.77 -4.77
C MET A 1 -24.49 23.93 -3.88
N PRO A 2 -23.88 23.64 -2.67
CA PRO A 2 -23.43 24.73 -1.76
C PRO A 2 -22.32 25.60 -2.38
N ASP A 3 -22.30 26.90 -2.02
CA ASP A 3 -21.24 27.86 -2.45
C ASP A 3 -20.00 27.76 -1.52
N GLU A 4 -19.79 26.55 -0.99
CA GLU A 4 -18.80 26.27 0.06
C GLU A 4 -17.89 25.14 -0.38
N SER A 5 -16.66 25.14 0.15
CA SER A 5 -15.68 24.08 -0.05
C SER A 5 -15.99 22.91 0.91
N SER A 6 -17.19 22.32 0.74
CA SER A 6 -17.71 21.26 1.59
C SER A 6 -17.15 19.90 1.18
N TRP A 7 -17.55 18.85 1.93
CA TRP A 7 -17.13 17.47 1.66
C TRP A 7 -17.70 16.98 0.31
N PRO A 8 -16.89 16.22 -0.53
CA PRO A 8 -17.34 15.76 -1.85
C PRO A 8 -18.59 14.88 -1.76
N ASN A 9 -19.65 15.32 -2.44
CA ASN A 9 -20.95 14.65 -2.48
C ASN A 9 -21.40 14.47 -3.94
N MET A 10 -22.59 13.87 -4.16
CA MET A 10 -23.09 13.56 -5.52
C MET A 10 -23.18 14.79 -6.48
N THR A 11 -23.10 16.03 -5.93
CA THR A 11 -23.11 17.28 -6.72
C THR A 11 -21.66 17.77 -7.01
N GLU A 12 -20.73 16.82 -7.24
CA GLU A 12 -19.31 17.11 -7.59
C GLU A 12 -19.13 17.74 -8.99
N SER A 13 -20.25 18.09 -9.66
CA SER A 13 -20.22 19.00 -10.82
C SER A 13 -19.72 20.39 -10.38
N THR A 14 -19.98 20.70 -9.09
CA THR A 14 -19.35 21.82 -8.37
C THR A 14 -18.04 21.30 -7.73
N PRO A 15 -16.83 21.88 -8.10
CA PRO A 15 -15.54 21.47 -7.51
C PRO A 15 -15.53 21.49 -5.97
N PHE A 16 -15.21 20.33 -5.37
CA PHE A 16 -15.06 20.19 -3.90
C PHE A 16 -13.60 19.80 -3.59
N PRO A 17 -13.09 20.14 -2.35
CA PRO A 17 -11.72 19.77 -1.90
C PRO A 17 -11.51 18.24 -1.80
N LEU A 18 -10.32 17.85 -1.31
CA LEU A 18 -9.91 16.45 -1.21
C LEU A 18 -10.59 15.75 -0.02
N THR A 19 -10.40 14.42 0.03
CA THR A 19 -10.85 13.56 1.12
C THR A 19 -10.02 13.84 2.42
N PRO A 20 -10.52 13.41 3.65
CA PRO A 20 -9.78 13.61 4.94
C PRO A 20 -8.46 12.79 5.03
N VAL A 21 -8.10 12.09 3.94
CA VAL A 21 -6.81 11.43 3.78
C VAL A 21 -5.67 12.48 3.80
N GLN A 22 -4.91 12.49 4.91
CA GLN A 22 -3.80 13.46 5.15
C GLN A 22 -2.68 13.35 4.08
N HIS A 23 -2.59 12.18 3.42
CA HIS A 23 -1.59 11.93 2.36
C HIS A 23 -1.96 12.71 1.08
N ALA A 24 -3.27 12.73 0.74
CA ALA A 24 -3.79 13.45 -0.45
C ALA A 24 -3.52 14.96 -0.32
N TYR A 25 -3.80 15.47 0.90
CA TYR A 25 -3.58 16.87 1.27
C TYR A 25 -2.08 17.25 1.18
N LEU A 26 -1.24 16.51 1.92
CA LEU A 26 0.17 16.88 2.16
C LEU A 26 1.00 16.68 0.88
N THR A 27 1.03 15.44 0.37
CA THR A 27 1.86 15.06 -0.79
C THR A 27 1.40 15.80 -2.07
N GLY A 28 0.07 15.96 -2.23
CA GLY A 28 -0.51 16.62 -3.41
C GLY A 28 -0.20 18.11 -3.47
N ARG A 29 -0.09 18.75 -2.30
CA ARG A 29 0.17 20.21 -2.18
C ARG A 29 1.68 20.52 -2.13
N MET A 30 2.49 19.56 -1.60
CA MET A 30 3.94 19.76 -1.34
C MET A 30 4.78 18.80 -2.21
N PRO A 31 5.20 19.23 -3.45
CA PRO A 31 6.15 18.47 -4.29
C PRO A 31 7.62 18.89 -4.01
N GLY A 32 8.56 17.95 -4.27
CA GLY A 32 9.99 18.22 -4.09
C GLY A 32 10.48 18.02 -2.65
N GLN A 33 9.57 17.62 -1.73
CA GLN A 33 9.90 17.42 -0.29
C GLN A 33 10.91 16.26 -0.12
N THR A 34 12.10 16.60 0.40
CA THR A 34 13.30 15.76 0.32
C THR A 34 13.19 14.49 1.20
N LEU A 35 12.88 14.70 2.49
CA LEU A 35 12.68 13.59 3.44
C LEU A 35 11.31 12.91 3.22
N GLY A 36 10.37 13.64 2.59
CA GLY A 36 9.01 13.15 2.30
C GLY A 36 8.91 12.29 1.04
N GLY A 37 9.95 11.47 0.79
CA GLY A 37 10.02 10.61 -0.39
C GLY A 37 10.53 11.34 -1.62
N VAL A 38 11.52 12.25 -1.39
CA VAL A 38 12.16 13.13 -2.42
C VAL A 38 11.14 13.92 -3.30
N GLY A 39 9.88 13.99 -2.82
CA GLY A 39 8.79 14.67 -3.52
C GLY A 39 8.33 13.99 -4.79
N CYS A 40 8.78 12.72 -5.01
CA CYS A 40 8.38 11.92 -6.18
C CYS A 40 7.08 11.16 -5.85
N HIS A 41 6.66 10.28 -6.78
CA HIS A 41 5.44 9.45 -6.63
C HIS A 41 5.80 7.97 -6.90
N LEU A 42 4.95 7.03 -6.40
CA LEU A 42 5.31 5.60 -6.31
C LEU A 42 5.10 4.86 -7.65
N TYR A 43 6.00 3.90 -7.93
CA TYR A 43 6.03 3.15 -9.19
C TYR A 43 5.53 1.71 -8.95
N GLN A 44 4.60 1.27 -9.81
CA GLN A 44 4.04 -0.08 -9.80
C GLN A 44 3.95 -0.60 -11.24
N GLU A 45 4.55 -1.78 -11.49
CA GLU A 45 4.52 -2.44 -12.81
C GLU A 45 3.98 -3.87 -12.65
N PHE A 46 3.05 -4.26 -13.53
CA PHE A 46 2.49 -5.63 -13.54
C PHE A 46 3.08 -6.43 -14.72
N GLU A 47 3.49 -7.67 -14.43
CA GLU A 47 4.01 -8.62 -15.42
C GLU A 47 2.87 -9.45 -16.00
N GLY A 48 3.04 -9.89 -17.26
CA GLY A 48 2.16 -10.86 -17.88
C GLY A 48 1.70 -10.40 -19.25
N HIS A 49 1.04 -11.29 -19.99
CA HIS A 49 0.45 -10.96 -21.29
C HIS A 49 -0.99 -11.53 -21.32
N CYS A 50 -1.97 -10.63 -21.45
CA CYS A 50 -3.39 -10.98 -21.61
C CYS A 50 -3.86 -10.53 -23.00
N LEU A 51 -3.00 -9.78 -23.71
CA LEU A 51 -3.32 -9.13 -24.98
C LEU A 51 -2.04 -8.49 -25.60
N THR A 52 -2.21 -7.78 -26.73
CA THR A 52 -1.10 -7.11 -27.44
C THR A 52 -0.93 -5.64 -26.96
N ALA A 53 0.14 -4.98 -27.44
CA ALA A 53 0.47 -3.59 -27.10
C ALA A 53 -0.53 -2.60 -27.74
N SER A 54 -0.95 -2.94 -28.97
CA SER A 54 -1.94 -2.16 -29.75
C SER A 54 -3.30 -2.15 -29.05
N GLN A 55 -3.75 -3.34 -28.64
CA GLN A 55 -5.09 -3.55 -28.02
C GLN A 55 -5.13 -2.92 -26.60
N LEU A 56 -3.98 -2.90 -25.90
CA LEU A 56 -3.86 -2.29 -24.57
C LEU A 56 -3.96 -0.76 -24.70
N GLU A 57 -3.32 -0.21 -25.74
CA GLU A 57 -3.38 1.23 -26.05
C GLU A 57 -4.81 1.67 -26.43
N GLN A 58 -5.55 0.76 -27.09
CA GLN A 58 -6.98 0.96 -27.44
C GLN A 58 -7.81 1.16 -26.16
N ALA A 59 -7.52 0.34 -25.14
CA ALA A 59 -8.20 0.41 -23.85
C ALA A 59 -7.92 1.76 -23.15
N ILE A 60 -6.64 2.17 -23.16
CA ILE A 60 -6.17 3.43 -22.53
C ILE A 60 -6.90 4.64 -23.11
N THR A 61 -6.91 4.74 -24.45
CA THR A 61 -7.49 5.89 -25.16
C THR A 61 -9.03 5.92 -25.07
N THR A 62 -9.66 4.73 -24.95
CA THR A 62 -11.12 4.60 -24.78
C THR A 62 -11.54 5.04 -23.35
N LEU A 63 -10.73 4.68 -22.36
CA LEU A 63 -10.95 5.06 -20.94
C LEU A 63 -10.81 6.57 -20.74
N LEU A 64 -9.84 7.16 -21.46
CA LEU A 64 -9.60 8.61 -21.44
C LEU A 64 -10.62 9.37 -22.32
N GLN A 65 -11.22 8.66 -23.29
CA GLN A 65 -12.33 9.17 -24.11
C GLN A 65 -13.60 9.35 -23.23
N ARG A 66 -13.82 8.36 -22.34
CA ARG A 66 -14.96 8.33 -21.41
C ARG A 66 -14.62 9.09 -20.11
N HIS A 67 -15.47 8.93 -19.07
CA HIS A 67 -15.28 9.57 -17.74
C HIS A 67 -15.50 8.55 -16.60
N PRO A 68 -14.56 7.57 -16.40
CA PRO A 68 -14.54 6.71 -15.21
C PRO A 68 -13.83 7.42 -14.03
N MET A 69 -13.64 6.69 -12.92
CA MET A 69 -12.89 7.16 -11.72
C MET A 69 -11.45 7.61 -12.08
N LEU A 70 -10.87 6.98 -13.11
CA LEU A 70 -9.49 7.27 -13.55
C LEU A 70 -9.39 8.62 -14.30
N HIS A 71 -10.54 9.20 -14.70
CA HIS A 71 -10.57 10.48 -15.46
C HIS A 71 -10.86 11.67 -14.53
N ILE A 72 -10.39 11.57 -13.28
CA ILE A 72 -10.41 12.68 -12.33
C ILE A 72 -9.26 13.66 -12.65
N ALA A 73 -9.46 14.92 -12.33
CA ALA A 73 -8.43 15.96 -12.45
C ALA A 73 -8.20 16.57 -11.06
N PHE A 74 -6.93 16.61 -10.63
CA PHE A 74 -6.55 17.24 -9.36
C PHE A 74 -6.14 18.69 -9.65
N ARG A 75 -6.90 19.63 -9.07
CA ARG A 75 -6.67 21.06 -9.21
C ARG A 75 -5.65 21.49 -8.15
N PRO A 76 -4.59 22.30 -8.52
CA PRO A 76 -3.53 22.80 -7.59
C PRO A 76 -4.04 23.47 -6.28
N ASP A 77 -5.34 23.84 -6.26
CA ASP A 77 -6.03 24.42 -5.07
C ASP A 77 -6.10 23.41 -3.89
N GLY A 78 -6.03 22.11 -4.22
CA GLY A 78 -6.34 21.03 -3.29
C GLY A 78 -7.79 20.60 -3.43
N GLN A 79 -8.24 20.48 -4.69
CA GLN A 79 -9.64 20.15 -5.04
C GLN A 79 -9.66 19.05 -6.11
N GLN A 80 -10.66 18.16 -6.03
CA GLN A 80 -10.92 17.14 -7.06
C GLN A 80 -12.08 17.60 -7.97
N VAL A 81 -11.85 17.55 -9.30
CA VAL A 81 -12.88 17.82 -10.33
C VAL A 81 -12.84 16.68 -11.36
N TRP A 82 -13.96 15.97 -11.56
CA TRP A 82 -14.07 14.94 -12.61
C TRP A 82 -14.30 15.63 -13.97
N LEU A 83 -13.67 15.14 -15.05
CA LEU A 83 -13.84 15.71 -16.40
C LEU A 83 -14.40 14.68 -17.41
N PRO A 84 -15.47 15.06 -18.20
CA PRO A 84 -16.04 14.23 -19.28
C PRO A 84 -15.38 14.49 -20.66
N GLN A 85 -14.22 15.17 -20.65
CA GLN A 85 -13.49 15.55 -21.87
C GLN A 85 -12.56 14.39 -22.30
N PRO A 86 -12.62 13.91 -23.58
CA PRO A 86 -11.61 12.98 -24.13
C PRO A 86 -10.19 13.54 -23.99
N TYR A 87 -9.32 12.78 -23.31
CA TYR A 87 -7.93 13.17 -23.03
C TYR A 87 -6.99 12.27 -23.85
N TRP A 88 -5.78 12.79 -24.15
CA TRP A 88 -4.78 12.12 -25.00
C TRP A 88 -4.16 10.93 -24.26
N ASN A 89 -3.90 9.83 -24.99
CA ASN A 89 -3.47 8.55 -24.41
C ASN A 89 -2.10 8.68 -23.69
N GLY A 90 -1.10 9.30 -24.37
CA GLY A 90 0.21 9.58 -23.76
C GLY A 90 1.09 8.34 -23.60
N VAL A 91 0.79 7.28 -24.37
CA VAL A 91 1.44 5.96 -24.22
C VAL A 91 2.89 6.01 -24.75
N THR A 92 3.84 6.14 -23.81
CA THR A 92 5.27 6.18 -24.12
C THR A 92 5.78 4.73 -24.21
N VAL A 93 5.96 4.22 -25.43
CA VAL A 93 6.36 2.81 -25.65
C VAL A 93 7.88 2.73 -25.87
N HIS A 94 8.52 1.80 -25.16
CA HIS A 94 9.91 1.43 -25.39
C HIS A 94 9.98 -0.09 -25.65
N ASP A 95 10.66 -0.47 -26.74
CA ASP A 95 10.85 -1.87 -27.13
C ASP A 95 12.08 -2.44 -26.41
N LEU A 96 11.91 -3.56 -25.71
CA LEU A 96 13.01 -4.34 -25.12
C LEU A 96 12.97 -5.79 -25.66
N ARG A 97 11.82 -6.19 -26.28
CA ARG A 97 11.54 -7.59 -26.64
C ARG A 97 12.33 -8.04 -27.88
N HIS A 98 12.34 -7.21 -28.92
CA HIS A 98 13.15 -7.45 -30.12
C HIS A 98 14.28 -6.40 -30.18
N ASN A 99 14.61 -5.84 -29.01
CA ASN A 99 15.73 -4.88 -28.86
C ASN A 99 16.95 -5.61 -28.28
N ASP A 100 18.14 -5.11 -28.66
CA ASP A 100 19.45 -5.58 -28.17
C ASP A 100 19.51 -5.47 -26.62
N ALA A 101 20.22 -6.42 -25.98
CA ALA A 101 20.26 -6.57 -24.51
C ALA A 101 20.87 -5.33 -23.80
N GLU A 102 21.81 -4.65 -24.50
CA GLU A 102 22.46 -3.43 -24.00
C GLU A 102 21.47 -2.24 -23.97
N SER A 103 20.59 -2.16 -24.98
CA SER A 103 19.53 -1.13 -25.05
C SER A 103 18.40 -1.41 -24.04
N ARG A 104 18.19 -2.71 -23.75
CA ARG A 104 17.30 -3.18 -22.67
C ARG A 104 17.84 -2.68 -21.31
N GLN A 105 19.17 -2.84 -21.13
CA GLN A 105 19.90 -2.38 -19.92
C GLN A 105 19.94 -0.83 -19.84
N ALA A 106 20.01 -0.19 -21.02
CA ALA A 106 20.03 1.28 -21.14
C ALA A 106 18.72 1.89 -20.65
N TYR A 107 17.60 1.18 -20.93
CA TYR A 107 16.26 1.58 -20.48
C TYR A 107 16.10 1.47 -18.95
N LEU A 108 16.79 0.48 -18.34
CA LEU A 108 16.75 0.26 -16.88
C LEU A 108 17.34 1.47 -16.13
N ASP A 109 18.51 1.95 -16.61
CA ASP A 109 19.18 3.13 -16.02
C ASP A 109 18.51 4.44 -16.46
N ALA A 110 17.87 4.42 -17.64
CA ALA A 110 17.13 5.58 -18.17
C ALA A 110 15.95 5.90 -17.25
N LEU A 111 15.08 4.90 -16.97
CA LEU A 111 13.89 5.08 -16.11
C LEU A 111 14.32 5.39 -14.66
N ARG A 112 15.53 4.92 -14.27
CA ARG A 112 16.13 5.14 -12.94
C ARG A 112 16.43 6.64 -12.71
N GLN A 113 17.07 7.26 -13.71
CA GLN A 113 17.39 8.70 -13.67
C GLN A 113 16.10 9.54 -13.84
N ARG A 114 15.21 9.04 -14.70
CA ARG A 114 13.94 9.71 -15.05
C ARG A 114 12.91 9.62 -13.89
N LEU A 115 13.07 8.65 -12.96
CA LEU A 115 12.18 8.54 -11.77
C LEU A 115 12.70 9.44 -10.65
N SER A 116 14.04 9.56 -10.56
CA SER A 116 14.72 10.39 -9.56
C SER A 116 14.49 11.90 -9.85
N HIS A 117 14.21 12.22 -11.13
CA HIS A 117 13.95 13.60 -11.59
C HIS A 117 12.57 13.68 -12.31
N ARG A 118 11.58 12.89 -11.82
CA ARG A 118 10.25 12.82 -12.47
C ARG A 118 9.39 14.04 -12.11
N LEU A 119 8.82 14.69 -13.14
CA LEU A 119 7.91 15.83 -12.97
C LEU A 119 6.48 15.39 -13.32
N LEU A 120 5.49 15.95 -12.58
CA LEU A 120 4.06 15.64 -12.74
C LEU A 120 3.32 16.87 -13.34
N ARG A 121 2.25 16.59 -14.10
CA ARG A 121 1.48 17.60 -14.87
C ARG A 121 0.22 18.02 -14.07
N VAL A 122 0.36 18.19 -12.75
CA VAL A 122 -0.75 18.59 -11.86
C VAL A 122 -1.31 19.98 -12.24
N GLU A 123 -0.51 20.77 -12.99
CA GLU A 123 -0.93 22.05 -13.60
C GLU A 123 -2.17 21.82 -14.50
N ILE A 124 -2.11 20.74 -15.31
CA ILE A 124 -3.17 20.38 -16.28
C ILE A 124 -4.34 19.65 -15.56
N GLY A 125 -4.08 19.18 -14.33
CA GLY A 125 -5.07 18.46 -13.54
C GLY A 125 -4.92 16.95 -13.63
N GLU A 126 -5.23 16.40 -14.83
CA GLU A 126 -5.02 14.97 -15.13
C GLU A 126 -3.51 14.71 -15.28
N THR A 127 -2.88 14.31 -14.16
CA THR A 127 -1.48 13.90 -14.15
C THR A 127 -1.40 12.40 -13.89
N PHE A 128 -0.70 11.71 -14.79
CA PHE A 128 -0.42 10.29 -14.71
C PHE A 128 0.76 9.98 -15.64
N ASP A 129 1.69 9.16 -15.16
CA ASP A 129 2.89 8.78 -15.91
C ASP A 129 2.88 7.27 -16.09
N PHE A 130 3.02 6.80 -17.33
CA PHE A 130 3.11 5.37 -17.64
C PHE A 130 3.91 5.15 -18.92
N GLN A 131 4.76 4.13 -18.88
CA GLN A 131 5.61 3.71 -20.00
C GLN A 131 5.30 2.23 -20.29
N LEU A 132 5.26 1.85 -21.55
CA LEU A 132 4.91 0.50 -21.98
C LEU A 132 6.22 -0.26 -22.25
N THR A 133 6.54 -1.16 -21.32
CA THR A 133 7.79 -1.91 -21.34
C THR A 133 7.54 -3.32 -21.91
N LEU A 134 7.89 -3.50 -23.19
CA LEU A 134 7.79 -4.81 -23.86
C LEU A 134 9.08 -5.59 -23.59
N LEU A 135 9.03 -6.54 -22.63
CA LEU A 135 10.21 -7.34 -22.23
C LEU A 135 10.41 -8.52 -23.20
N PRO A 136 11.68 -9.00 -23.36
CA PRO A 136 11.96 -10.24 -24.14
C PRO A 136 11.34 -11.49 -23.49
N ASP A 137 11.36 -12.60 -24.25
CA ASP A 137 10.84 -13.90 -23.85
C ASP A 137 9.34 -13.81 -23.51
N ASN A 138 8.55 -13.32 -24.49
CA ASN A 138 7.06 -13.39 -24.50
C ASN A 138 6.40 -12.63 -23.31
N ARG A 139 7.10 -11.61 -22.77
CA ARG A 139 6.68 -10.91 -21.54
C ARG A 139 6.32 -9.44 -21.82
N HIS A 140 5.31 -8.94 -21.08
CA HIS A 140 4.73 -7.61 -21.30
C HIS A 140 4.50 -6.95 -19.94
N ARG A 141 4.93 -5.68 -19.83
CA ARG A 141 4.70 -4.86 -18.61
C ARG A 141 4.20 -3.47 -18.99
N LEU A 142 3.39 -2.90 -18.10
CA LEU A 142 3.00 -1.49 -18.14
C LEU A 142 3.51 -0.85 -16.84
N HIS A 143 4.60 -0.08 -16.98
CA HIS A 143 5.28 0.58 -15.86
C HIS A 143 4.56 1.92 -15.58
N VAL A 144 3.59 1.87 -14.64
CA VAL A 144 2.73 3.03 -14.33
C VAL A 144 3.10 3.58 -12.95
N ASN A 145 2.88 4.89 -12.75
CA ASN A 145 3.15 5.56 -11.48
C ASN A 145 2.20 6.75 -11.34
N ILE A 146 1.42 6.73 -10.25
CA ILE A 146 0.36 7.71 -9.97
C ILE A 146 0.23 7.89 -8.44
N ASP A 147 0.44 9.13 -7.96
CA ASP A 147 0.13 9.49 -6.55
C ASP A 147 -0.71 10.78 -6.56
N LEU A 148 -2.03 10.58 -6.40
CA LEU A 148 -3.06 11.65 -6.34
C LEU A 148 -4.44 10.95 -6.17
N LEU A 149 -5.53 11.60 -6.60
CA LEU A 149 -6.92 11.11 -6.39
C LEU A 149 -7.27 9.90 -7.29
N ILE A 150 -6.44 9.63 -8.32
CA ILE A 150 -6.58 8.45 -9.22
C ILE A 150 -6.04 7.17 -8.52
N MET A 151 -5.40 7.38 -7.34
CA MET A 151 -4.88 6.30 -6.50
C MET A 151 -5.61 6.40 -5.15
N ASP A 152 -6.25 5.29 -4.76
CA ASP A 152 -7.12 5.20 -3.57
C ASP A 152 -7.27 3.71 -3.17
N ALA A 153 -7.86 3.45 -2.01
CA ALA A 153 -8.16 2.08 -1.57
C ALA A 153 -9.08 1.35 -2.59
N SER A 154 -10.34 1.81 -2.65
CA SER A 154 -11.39 1.21 -3.49
C SER A 154 -11.13 1.46 -4.99
N SER A 155 -10.75 2.71 -5.33
CA SER A 155 -10.72 3.20 -6.72
C SER A 155 -9.51 2.67 -7.51
N PHE A 156 -8.37 2.44 -6.84
CA PHE A 156 -7.16 1.88 -7.50
C PHE A 156 -7.38 0.41 -7.85
N THR A 157 -8.10 -0.32 -6.96
CA THR A 157 -8.50 -1.70 -7.24
C THR A 157 -9.55 -1.74 -8.37
N LEU A 158 -10.49 -0.77 -8.33
CA LEU A 158 -11.55 -0.61 -9.35
C LEU A 158 -10.93 -0.29 -10.73
N PHE A 159 -9.75 0.37 -10.72
CA PHE A 159 -8.95 0.62 -11.93
C PHE A 159 -8.50 -0.72 -12.56
N PHE A 160 -7.86 -1.58 -11.74
CA PHE A 160 -7.39 -2.92 -12.20
C PHE A 160 -8.57 -3.83 -12.59
N ASP A 161 -9.71 -3.67 -11.90
CA ASP A 161 -10.93 -4.49 -12.12
C ASP A 161 -11.58 -4.14 -13.48
N GLU A 162 -11.79 -2.84 -13.69
CA GLU A 162 -12.45 -2.28 -14.88
C GLU A 162 -11.58 -2.49 -16.13
N LEU A 163 -10.29 -2.10 -16.02
CA LEU A 163 -9.31 -2.21 -17.11
C LEU A 163 -9.15 -3.68 -17.56
N ASN A 164 -9.14 -4.62 -16.59
CA ASN A 164 -9.04 -6.08 -16.88
C ASN A 164 -10.17 -6.54 -17.82
N ALA A 165 -11.39 -6.01 -17.59
CA ALA A 165 -12.57 -6.34 -18.40
C ALA A 165 -12.43 -5.78 -19.83
N LEU A 166 -11.84 -4.57 -19.93
CA LEU A 166 -11.57 -3.91 -21.22
C LEU A 166 -10.53 -4.74 -22.04
N LEU A 167 -9.49 -5.23 -21.33
CA LEU A 167 -8.38 -6.01 -21.93
C LEU A 167 -8.85 -7.44 -22.29
N ALA A 168 -9.93 -7.90 -21.64
CA ALA A 168 -10.59 -9.19 -21.92
C ALA A 168 -11.42 -9.13 -23.23
N GLY A 169 -11.47 -7.93 -23.85
CA GLY A 169 -12.19 -7.71 -25.10
C GLY A 169 -13.54 -7.06 -24.89
N GLU A 170 -13.99 -7.00 -23.61
CA GLU A 170 -15.30 -6.45 -23.24
C GLU A 170 -15.17 -4.95 -22.97
N SER A 171 -15.30 -4.16 -24.05
CA SER A 171 -15.27 -2.70 -23.95
C SER A 171 -16.55 -2.22 -23.23
N LEU A 172 -16.37 -1.69 -22.01
CA LEU A 172 -17.47 -1.30 -21.12
C LEU A 172 -17.72 0.22 -21.16
N PRO A 173 -18.95 0.68 -20.75
CA PRO A 173 -19.21 2.08 -20.37
C PRO A 173 -19.03 2.29 -18.84
N ALA A 174 -19.26 3.53 -18.37
CA ALA A 174 -19.41 3.80 -16.92
C ALA A 174 -20.76 3.22 -16.47
N ILE A 175 -20.73 2.17 -15.62
CA ILE A 175 -21.93 1.42 -15.24
C ILE A 175 -22.34 1.82 -13.82
N ASP A 176 -23.42 2.62 -13.73
CA ASP A 176 -24.04 2.99 -12.46
C ASP A 176 -25.34 2.20 -12.31
N THR A 177 -25.22 1.04 -11.66
CA THR A 177 -26.37 0.23 -11.25
C THR A 177 -26.69 0.57 -9.79
N ARG A 178 -25.69 0.38 -8.93
CA ARG A 178 -25.79 0.65 -7.48
C ARG A 178 -24.65 1.58 -7.06
N TYR A 179 -23.50 1.48 -7.74
CA TYR A 179 -22.30 2.24 -7.42
C TYR A 179 -22.03 3.32 -8.49
N ASP A 180 -22.11 4.58 -8.07
CA ASP A 180 -21.57 5.73 -8.81
C ASP A 180 -20.43 6.33 -7.97
N PHE A 181 -19.48 6.98 -8.64
CA PHE A 181 -18.26 7.53 -8.02
C PHE A 181 -18.61 8.61 -6.96
N ARG A 182 -19.42 9.58 -7.38
CA ARG A 182 -19.74 10.77 -6.56
C ARG A 182 -20.84 10.44 -5.54
N SER A 183 -21.73 9.52 -5.93
CA SER A 183 -22.78 8.99 -5.05
C SER A 183 -22.18 8.11 -3.94
N TYR A 184 -21.03 7.46 -4.24
CA TYR A 184 -20.33 6.58 -3.29
C TYR A 184 -19.82 7.38 -2.10
N LEU A 185 -19.23 8.56 -2.40
CA LEU A 185 -18.71 9.49 -1.37
C LEU A 185 -19.85 10.17 -0.60
N LEU A 186 -20.94 10.47 -1.33
CA LEU A 186 -22.18 11.05 -0.76
C LEU A 186 -22.74 10.13 0.35
N HIS A 187 -22.95 8.86 -0.02
CA HIS A 187 -23.52 7.85 0.89
C HIS A 187 -22.57 7.55 2.04
N GLN A 188 -21.27 7.41 1.72
CA GLN A 188 -20.20 7.04 2.69
C GLN A 188 -20.21 7.97 3.93
N GLN A 189 -20.32 9.27 3.66
CA GLN A 189 -20.33 10.30 4.72
C GLN A 189 -21.62 10.19 5.54
N LYS A 190 -22.78 10.21 4.85
CA LYS A 190 -24.10 10.35 5.50
C LYS A 190 -24.53 9.12 6.32
N ILE A 191 -24.06 7.93 5.93
CA ILE A 191 -24.34 6.68 6.67
C ILE A 191 -23.52 6.64 7.98
N ASN A 192 -22.36 7.35 7.98
CA ASN A 192 -21.44 7.39 9.13
C ASN A 192 -21.72 8.58 10.06
N GLN A 193 -22.55 9.54 9.61
CA GLN A 193 -22.96 10.71 10.43
C GLN A 193 -23.64 10.31 11.77
N PRO A 194 -24.64 9.33 11.82
CA PRO A 194 -25.21 8.87 13.11
C PRO A 194 -24.15 8.21 14.03
N LEU A 195 -23.15 7.57 13.38
CA LEU A 195 -22.06 6.85 14.06
C LEU A 195 -21.00 7.83 14.63
N ARG A 196 -21.02 9.10 14.14
CA ARG A 196 -20.00 10.16 14.45
C ARG A 196 -19.62 10.23 15.96
N ASP A 197 -20.62 10.06 16.83
CA ASP A 197 -20.44 10.07 18.29
C ASP A 197 -19.53 8.91 18.74
N ASP A 198 -19.91 7.69 18.31
CA ASP A 198 -19.18 6.46 18.65
C ASP A 198 -17.82 6.42 17.94
N ALA A 199 -17.76 7.00 16.72
CA ALA A 199 -16.56 6.96 15.87
C ALA A 199 -15.39 7.63 16.60
N ARG A 200 -15.57 8.90 16.97
CA ARG A 200 -14.55 9.67 17.72
C ARG A 200 -14.46 9.16 19.18
N ALA A 201 -15.52 8.51 19.69
CA ALA A 201 -15.49 7.90 21.04
C ALA A 201 -14.47 6.73 21.09
N TYR A 202 -14.40 5.94 20.00
CA TYR A 202 -13.44 4.83 19.86
C TYR A 202 -12.07 5.36 19.45
N TRP A 203 -12.06 6.37 18.54
CA TRP A 203 -10.82 7.00 18.06
C TRP A 203 -10.03 7.60 19.23
N LEU A 204 -10.66 8.57 19.93
CA LEU A 204 -10.02 9.38 21.00
C LEU A 204 -9.63 8.50 22.21
N ALA A 205 -10.51 7.56 22.60
CA ALA A 205 -10.28 6.68 23.77
C ALA A 205 -9.06 5.77 23.54
N LYS A 206 -9.04 5.13 22.35
CA LYS A 206 -7.92 4.27 21.93
C LYS A 206 -6.67 5.11 21.68
N ALA A 207 -6.86 6.33 21.16
CA ALA A 207 -5.77 7.28 20.82
C ALA A 207 -5.08 7.82 22.07
N SER A 208 -5.83 7.87 23.18
CA SER A 208 -5.32 8.26 24.50
C SER A 208 -4.35 7.16 25.01
N THR A 209 -4.70 5.89 24.75
CA THR A 209 -3.85 4.73 25.11
C THR A 209 -2.82 4.40 24.02
N LEU A 210 -2.98 4.97 22.80
CA LEU A 210 -1.99 4.84 21.70
C LEU A 210 -0.75 5.69 22.02
N PRO A 211 0.45 5.29 21.52
CA PRO A 211 1.70 6.09 21.66
C PRO A 211 1.89 7.10 20.50
N PRO A 212 3.01 7.90 20.52
CA PRO A 212 3.49 8.63 19.31
C PRO A 212 3.85 7.66 18.16
N ALA A 213 3.78 8.17 16.90
CA ALA A 213 4.14 7.39 15.71
C ALA A 213 5.63 7.02 15.74
N PRO A 214 6.01 5.74 15.32
CA PRO A 214 7.34 5.12 15.49
C PRO A 214 8.52 6.11 15.55
N VAL A 215 9.21 6.12 16.70
CA VAL A 215 10.31 7.04 16.97
C VAL A 215 11.64 6.28 16.79
N LEU A 216 12.25 6.49 15.63
CA LEU A 216 13.57 5.93 15.29
C LEU A 216 14.53 7.09 15.06
N PRO A 217 15.77 7.05 15.68
CA PRO A 217 16.79 8.12 15.51
C PRO A 217 17.16 8.34 14.04
N LEU A 218 17.08 9.59 13.58
CA LEU A 218 17.49 9.97 12.23
C LEU A 218 19.03 10.06 12.20
N ALA A 219 19.68 9.44 11.19
CA ALA A 219 21.14 9.55 10.97
C ALA A 219 21.53 11.02 10.76
N CYS A 220 20.68 11.72 10.00
CA CYS A 220 20.74 13.17 9.81
C CYS A 220 19.30 13.74 9.74
N GLU A 221 19.17 15.05 10.02
CA GLU A 221 17.86 15.73 10.10
C GLU A 221 17.37 16.12 8.67
N PRO A 222 16.01 16.31 8.45
CA PRO A 222 15.37 16.58 7.12
C PRO A 222 16.12 17.58 6.20
N ALA A 223 16.63 18.67 6.80
CA ALA A 223 17.34 19.75 6.06
C ALA A 223 18.67 19.25 5.48
N THR A 224 19.36 18.38 6.23
CA THR A 224 20.66 17.83 5.85
C THR A 224 20.52 16.81 4.68
N LEU A 225 19.34 16.16 4.55
CA LEU A 225 19.04 15.27 3.41
C LEU A 225 18.48 16.12 2.24
N ARG A 226 19.31 16.33 1.20
CA ARG A 226 18.88 16.94 -0.07
C ARG A 226 18.21 15.88 -0.96
N GLU A 227 18.82 14.70 -0.95
CA GLU A 227 18.42 13.55 -1.77
C GLU A 227 18.47 12.28 -0.90
N VAL A 228 17.44 11.44 -1.00
CA VAL A 228 17.34 10.20 -0.23
C VAL A 228 17.68 8.97 -1.12
N ARG A 229 18.81 8.30 -0.82
CA ARG A 229 19.17 7.02 -1.42
C ARG A 229 18.53 5.90 -0.59
N ASN A 230 17.60 5.16 -1.21
CA ASN A 230 16.87 4.06 -0.54
C ASN A 230 17.30 2.72 -1.14
N THR A 231 18.05 1.94 -0.35
CA THR A 231 18.48 0.59 -0.72
C THR A 231 17.60 -0.43 0.03
N ARG A 232 16.78 -1.18 -0.73
CA ARG A 232 15.87 -2.19 -0.17
C ARG A 232 16.59 -3.52 -0.03
N ARG A 233 16.58 -4.04 1.20
CA ARG A 233 17.18 -5.34 1.51
C ARG A 233 16.20 -6.45 1.11
N ARG A 234 16.54 -7.15 0.03
CA ARG A 234 15.70 -8.18 -0.57
C ARG A 234 16.18 -9.52 -0.03
N MET A 235 15.33 -10.12 0.80
CA MET A 235 15.66 -11.28 1.62
C MET A 235 14.73 -12.45 1.27
N ILE A 236 15.25 -13.68 1.33
CA ILE A 236 14.50 -14.88 0.95
C ILE A 236 14.52 -15.92 2.10
N VAL A 237 13.33 -16.44 2.44
CA VAL A 237 13.19 -17.56 3.37
C VAL A 237 12.23 -18.61 2.73
N PRO A 238 12.59 -19.94 2.77
CA PRO A 238 11.68 -21.03 2.31
C PRO A 238 10.30 -20.97 2.99
N ALA A 239 9.24 -21.02 2.17
CA ALA A 239 7.84 -21.03 2.62
C ALA A 239 7.49 -22.28 3.45
N THR A 240 8.40 -23.27 3.48
CA THR A 240 8.34 -24.43 4.41
C THR A 240 8.08 -23.97 5.87
N ARG A 241 8.89 -22.98 6.32
CA ARG A 241 8.77 -22.39 7.67
C ARG A 241 7.46 -21.61 7.80
N TRP A 242 7.10 -20.89 6.73
CA TRP A 242 5.87 -20.05 6.66
C TRP A 242 4.59 -20.91 6.75
N HIS A 243 4.64 -22.08 6.10
CA HIS A 243 3.50 -23.02 6.05
C HIS A 243 3.29 -23.68 7.42
N ALA A 244 4.41 -24.03 8.05
CA ALA A 244 4.42 -24.57 9.42
C ALA A 244 3.92 -23.50 10.41
N PHE A 245 4.41 -22.26 10.25
CA PHE A 245 4.02 -21.08 11.08
C PHE A 245 2.51 -20.82 10.95
N SER A 246 1.97 -21.04 9.74
CA SER A 246 0.56 -20.83 9.41
C SER A 246 -0.36 -21.86 10.13
N ASN A 247 0.22 -23.02 10.50
CA ASN A 247 -0.49 -24.05 11.29
C ASN A 247 -0.67 -23.55 12.73
N ARG A 248 0.41 -22.97 13.30
CA ARG A 248 0.46 -22.52 14.71
C ARG A 248 -0.43 -21.28 14.87
N ALA A 249 -0.24 -20.30 13.98
CA ALA A 249 -1.08 -19.09 13.90
C ALA A 249 -2.55 -19.47 13.65
N GLY A 250 -2.74 -20.53 12.85
CA GLY A 250 -4.07 -21.08 12.56
C GLY A 250 -4.77 -21.62 13.80
N GLU A 251 -4.01 -22.28 14.69
CA GLU A 251 -4.53 -22.83 15.97
C GLU A 251 -4.82 -21.72 16.98
N TYR A 252 -3.97 -20.68 16.97
CA TYR A 252 -4.14 -19.50 17.86
C TYR A 252 -5.25 -18.56 17.34
N GLY A 253 -5.71 -18.79 16.10
CA GLY A 253 -6.83 -18.04 15.51
C GLY A 253 -6.42 -16.67 15.01
N VAL A 254 -5.10 -16.43 14.98
CA VAL A 254 -4.51 -15.18 14.49
C VAL A 254 -4.08 -15.40 13.03
N THR A 255 -4.42 -14.46 12.14
CA THR A 255 -4.08 -14.56 10.73
C THR A 255 -2.54 -14.49 10.58
N PRO A 256 -1.86 -15.52 9.98
CA PRO A 256 -0.37 -15.60 9.92
C PRO A 256 0.27 -14.37 9.24
N THR A 257 -0.47 -13.76 8.28
CA THR A 257 -0.03 -12.56 7.56
C THR A 257 -0.11 -11.32 8.48
N MET A 258 -1.23 -11.19 9.21
CA MET A 258 -1.45 -10.06 10.16
C MET A 258 -0.49 -10.17 11.36
N ALA A 259 -0.17 -11.42 11.75
CA ALA A 259 0.71 -11.73 12.88
C ALA A 259 2.18 -11.38 12.53
N LEU A 260 2.60 -11.82 11.33
CA LEU A 260 3.96 -11.51 10.80
C LEU A 260 4.08 -9.98 10.58
N ALA A 261 2.98 -9.38 10.10
CA ALA A 261 2.91 -7.95 9.79
C ALA A 261 3.24 -7.07 10.99
N THR A 262 2.45 -7.26 12.06
CA THR A 262 2.48 -6.39 13.24
C THR A 262 3.69 -6.70 14.15
N CYS A 263 4.09 -7.99 14.27
CA CYS A 263 5.16 -8.42 15.22
C CYS A 263 6.56 -8.05 14.71
N PHE A 264 6.81 -8.28 13.41
CA PHE A 264 8.14 -8.03 12.80
C PHE A 264 8.37 -6.52 12.66
N SER A 265 7.34 -5.82 12.17
CA SER A 265 7.37 -4.35 12.01
C SER A 265 7.39 -3.65 13.39
N ALA A 266 6.90 -4.34 14.44
CA ALA A 266 6.97 -3.86 15.83
C ALA A 266 8.42 -3.67 16.26
N VAL A 267 9.22 -4.73 16.08
CA VAL A 267 10.61 -4.81 16.56
C VAL A 267 11.49 -3.73 15.89
N LEU A 268 11.30 -3.58 14.58
CA LEU A 268 12.01 -2.59 13.74
C LEU A 268 11.81 -1.16 14.28
N ALA A 269 10.56 -0.85 14.64
CA ALA A 269 10.16 0.48 15.13
C ALA A 269 10.38 0.64 16.67
N ARG A 270 10.49 -0.51 17.36
CA ARG A 270 10.66 -0.58 18.84
C ARG A 270 12.11 -0.23 19.25
N TRP A 271 13.04 -0.37 18.28
CA TRP A 271 14.49 -0.18 18.49
C TRP A 271 14.81 1.23 19.05
N GLY A 272 13.96 2.21 18.70
CA GLY A 272 14.07 3.58 19.22
C GLY A 272 13.35 3.79 20.55
N GLY A 273 13.26 2.72 21.36
CA GLY A 273 12.71 2.77 22.72
C GLY A 273 11.21 3.05 22.76
N LEU A 274 10.46 2.36 21.89
CA LEU A 274 8.98 2.49 21.82
C LEU A 274 8.33 1.10 22.08
N THR A 275 7.98 0.85 23.38
CA THR A 275 7.50 -0.47 23.88
C THR A 275 6.21 -0.95 23.17
N ARG A 276 5.28 -0.01 22.95
CA ARG A 276 4.00 -0.28 22.28
C ARG A 276 3.88 0.66 21.08
N LEU A 277 3.24 0.21 19.99
CA LEU A 277 3.20 0.96 18.72
C LEU A 277 2.09 0.45 17.79
N LEU A 278 1.60 1.36 16.94
CA LEU A 278 0.60 1.07 15.90
C LEU A 278 1.32 0.94 14.54
N LEU A 279 0.93 -0.09 13.75
CA LEU A 279 1.53 -0.39 12.43
C LEU A 279 0.46 -0.25 11.33
N ASN A 280 0.89 0.14 10.11
CA ASN A 280 0.00 0.25 8.94
C ASN A 280 -0.05 -1.11 8.20
N ILE A 281 -1.11 -1.91 8.45
CA ILE A 281 -1.35 -3.17 7.72
C ILE A 281 -2.41 -2.89 6.65
N THR A 282 -2.11 -3.27 5.38
CA THR A 282 -3.08 -3.14 4.29
C THR A 282 -4.00 -4.38 4.24
N LEU A 283 -5.32 -4.14 4.21
CA LEU A 283 -6.35 -5.20 4.14
C LEU A 283 -7.40 -4.80 3.09
N PHE A 284 -8.04 -5.81 2.49
CA PHE A 284 -9.10 -5.60 1.49
C PHE A 284 -10.48 -5.81 2.15
N ASP A 285 -11.24 -4.72 2.30
CA ASP A 285 -12.57 -4.74 2.92
C ASP A 285 -13.65 -4.63 1.85
N ARG A 286 -14.24 -5.78 1.49
CA ARG A 286 -15.45 -5.81 0.64
C ARG A 286 -16.62 -5.27 1.48
N GLN A 287 -16.77 -3.94 1.45
CA GLN A 287 -17.71 -3.23 2.32
C GLN A 287 -19.12 -3.28 1.69
N PRO A 288 -20.11 -3.94 2.37
CA PRO A 288 -21.41 -4.29 1.78
C PRO A 288 -22.49 -3.19 1.95
N LEU A 289 -22.04 -1.89 2.01
CA LEU A 289 -22.97 -0.73 2.08
C LEU A 289 -23.92 -0.77 0.85
N HIS A 290 -23.34 -0.98 -0.34
CA HIS A 290 -24.02 -1.54 -1.52
C HIS A 290 -23.41 -2.94 -1.78
N PRO A 291 -24.24 -4.04 -1.77
CA PRO A 291 -23.77 -5.43 -2.10
C PRO A 291 -22.89 -5.55 -3.38
N ALA A 292 -23.16 -4.65 -4.37
CA ALA A 292 -22.43 -4.62 -5.67
C ALA A 292 -20.92 -4.34 -5.51
N VAL A 293 -20.53 -3.76 -4.36
CA VAL A 293 -19.12 -3.49 -3.99
C VAL A 293 -18.39 -4.80 -3.66
N GLY A 294 -19.12 -5.75 -3.05
CA GLY A 294 -18.60 -7.08 -2.75
C GLY A 294 -18.39 -7.95 -4.00
N ALA A 295 -19.04 -7.54 -5.12
CA ALA A 295 -18.96 -8.23 -6.42
C ALA A 295 -17.64 -7.89 -7.15
N MET A 296 -17.06 -6.71 -6.85
CA MET A 296 -15.74 -6.30 -7.39
C MET A 296 -14.64 -6.62 -6.37
N LEU A 297 -13.37 -6.66 -6.84
CA LEU A 297 -12.20 -6.86 -5.96
C LEU A 297 -12.08 -5.68 -4.97
N ALA A 298 -11.76 -6.00 -3.69
CA ALA A 298 -11.77 -5.03 -2.59
C ALA A 298 -10.42 -4.28 -2.45
N ASP A 299 -10.37 -3.35 -1.47
CA ASP A 299 -9.31 -2.33 -1.30
C ASP A 299 -7.86 -2.86 -1.46
N PHE A 300 -7.08 -2.23 -2.35
CA PHE A 300 -5.68 -2.62 -2.57
C PHE A 300 -4.81 -2.07 -1.43
N THR A 301 -4.79 -0.73 -1.28
CA THR A 301 -4.09 -0.04 -0.19
C THR A 301 -5.11 0.62 0.78
N ASN A 302 -5.42 -0.09 1.87
CA ASN A 302 -6.27 0.39 2.97
C ASN A 302 -5.60 0.01 4.28
N ILE A 303 -5.18 1.01 5.07
CA ILE A 303 -4.38 0.76 6.28
C ILE A 303 -5.25 0.82 7.54
N LEU A 304 -5.20 -0.27 8.31
CA LEU A 304 -5.79 -0.37 9.66
C LEU A 304 -4.65 -0.20 10.65
N LEU A 305 -4.82 0.72 11.62
CA LEU A 305 -3.81 1.00 12.65
C LEU A 305 -3.88 -0.13 13.71
N LEU A 306 -3.04 -1.15 13.51
CA LEU A 306 -3.06 -2.35 14.36
C LEU A 306 -2.14 -2.17 15.57
N ASP A 307 -2.76 -2.20 16.75
CA ASP A 307 -2.10 -1.98 18.04
C ASP A 307 -1.32 -3.20 18.50
N THR A 308 -0.03 -3.01 18.77
CA THR A 308 0.84 -3.99 19.46
C THR A 308 1.00 -3.56 20.93
N ALA A 309 0.79 -4.53 21.85
CA ALA A 309 0.89 -4.28 23.31
C ALA A 309 2.36 -4.06 23.73
N CYS A 310 3.24 -5.01 23.36
CA CYS A 310 4.67 -5.00 23.73
C CYS A 310 5.40 -6.21 23.09
N ASP A 311 6.71 -6.31 23.38
CA ASP A 311 7.51 -7.54 23.21
C ASP A 311 8.47 -7.64 24.41
N GLY A 312 8.75 -8.86 24.84
CA GLY A 312 9.36 -9.13 26.15
C GLY A 312 8.43 -10.02 26.99
N ASP A 313 7.30 -10.39 26.37
CA ASP A 313 6.24 -11.23 26.97
C ASP A 313 5.98 -12.42 26.02
N THR A 314 5.19 -13.42 26.47
CA THR A 314 4.83 -14.59 25.65
C THR A 314 4.15 -14.15 24.33
N VAL A 315 4.54 -14.79 23.21
CA VAL A 315 4.02 -14.43 21.86
C VAL A 315 2.52 -14.78 21.74
N SER A 316 2.06 -15.74 22.58
CA SER A 316 0.64 -16.14 22.70
C SER A 316 -0.26 -14.93 22.97
N ASN A 317 0.14 -14.12 23.96
CA ASN A 317 -0.64 -12.97 24.45
C ASN A 317 -0.54 -11.77 23.51
N LEU A 318 0.66 -11.59 22.92
CA LEU A 318 0.95 -10.47 22.01
C LEU A 318 0.10 -10.57 20.73
N ALA A 319 0.13 -11.77 20.11
CA ALA A 319 -0.58 -12.05 18.84
C ALA A 319 -2.11 -12.00 19.02
N ARG A 320 -2.60 -12.50 20.17
CA ARG A 320 -4.05 -12.57 20.46
C ARG A 320 -4.60 -11.17 20.80
N LYS A 321 -3.73 -10.30 21.36
CA LYS A 321 -4.04 -8.86 21.59
C LYS A 321 -4.28 -8.16 20.23
N ASN A 322 -3.37 -8.44 19.29
CA ASN A 322 -3.43 -7.91 17.91
C ASN A 322 -4.74 -8.33 17.23
N GLN A 323 -5.09 -9.60 17.41
CA GLN A 323 -6.29 -10.24 16.80
C GLN A 323 -7.57 -9.55 17.27
N LEU A 324 -7.66 -9.32 18.60
CA LEU A 324 -8.84 -8.71 19.25
C LEU A 324 -9.03 -7.24 18.81
N THR A 325 -7.91 -6.50 18.74
CA THR A 325 -7.93 -5.07 18.33
C THR A 325 -8.29 -4.93 16.85
N PHE A 326 -7.81 -5.90 16.03
CA PHE A 326 -8.08 -5.96 14.59
C PHE A 326 -9.59 -6.08 14.34
N THR A 327 -10.23 -6.97 15.13
CA THR A 327 -11.68 -7.22 15.05
C THR A 327 -12.49 -5.95 15.39
N GLU A 328 -12.04 -5.23 16.43
CA GLU A 328 -12.71 -3.99 16.90
C GLU A 328 -12.68 -2.92 15.81
N ASP A 329 -11.48 -2.69 15.24
CA ASP A 329 -11.27 -1.69 14.18
C ASP A 329 -11.84 -2.13 12.83
N TRP A 330 -12.05 -3.46 12.67
CA TRP A 330 -12.73 -4.01 11.48
C TRP A 330 -14.22 -3.65 11.51
N GLU A 331 -14.76 -3.34 12.71
CA GLU A 331 -16.10 -2.77 12.87
C GLU A 331 -16.07 -1.26 12.60
N HIS A 332 -14.91 -0.62 12.90
CA HIS A 332 -14.73 0.85 12.80
C HIS A 332 -14.22 1.26 11.40
N ARG A 333 -14.16 0.28 10.46
CA ARG A 333 -13.67 0.47 9.06
C ARG A 333 -14.57 1.42 8.21
N HIS A 334 -15.67 1.94 8.81
CA HIS A 334 -16.55 2.96 8.18
C HIS A 334 -15.72 4.19 7.73
N TRP A 335 -14.65 4.46 8.47
CA TRP A 335 -13.54 5.34 8.06
C TRP A 335 -12.22 4.57 8.24
N SER A 336 -11.25 4.82 7.36
CA SER A 336 -9.94 4.14 7.38
C SER A 336 -9.08 4.64 8.54
N GLY A 337 -8.01 3.87 8.85
CA GLY A 337 -7.04 4.25 9.88
C GLY A 337 -6.40 5.63 9.65
N VAL A 338 -6.48 6.14 8.41
CA VAL A 338 -5.95 7.47 8.04
C VAL A 338 -6.72 8.59 8.77
N GLU A 339 -8.06 8.44 8.90
CA GLU A 339 -8.92 9.44 9.58
C GLU A 339 -8.68 9.47 11.11
N LEU A 340 -8.37 8.29 11.68
CA LEU A 340 -8.02 8.16 13.12
C LEU A 340 -6.67 8.86 13.36
N LEU A 341 -5.72 8.57 12.45
CA LEU A 341 -4.35 9.10 12.49
C LEU A 341 -4.39 10.64 12.31
N ARG A 342 -5.31 11.09 11.44
CA ARG A 342 -5.53 12.52 11.12
C ARG A 342 -6.07 13.27 12.36
N GLU A 343 -6.93 12.57 13.12
CA GLU A 343 -7.59 13.11 14.33
C GLU A 343 -6.56 13.31 15.46
N LEU A 344 -5.62 12.36 15.57
CA LEU A 344 -4.56 12.40 16.59
C LEU A 344 -3.37 13.28 16.09
N LYS A 345 -3.32 13.53 14.76
CA LYS A 345 -2.43 14.55 14.15
C LYS A 345 -2.92 15.96 14.50
N ARG A 346 -4.23 16.10 14.75
CA ARG A 346 -4.81 17.36 15.26
C ARG A 346 -4.35 17.61 16.70
N GLN A 347 -4.26 16.52 17.49
CA GLN A 347 -3.69 16.56 18.85
C GLN A 347 -2.17 16.83 18.82
N GLN A 348 -1.56 16.63 17.62
CA GLN A 348 -0.17 17.03 17.30
C GLN A 348 0.88 16.14 18.02
N ARG A 349 0.41 15.09 18.74
CA ARG A 349 1.32 14.20 19.51
C ARG A 349 1.96 13.10 18.63
N TYR A 350 1.76 13.21 17.31
CA TYR A 350 2.52 12.44 16.32
C TYR A 350 3.67 13.32 15.78
N PRO A 351 4.94 13.13 16.28
CA PRO A 351 6.12 13.91 15.81
C PRO A 351 6.51 13.53 14.37
N HIS A 352 6.53 12.21 14.11
CA HIS A 352 6.87 11.65 12.79
C HIS A 352 5.60 11.46 11.94
N GLY A 353 4.51 10.99 12.58
CA GLY A 353 3.20 10.84 11.93
C GLY A 353 3.11 9.67 10.93
N ALA A 354 4.26 9.01 10.66
CA ALA A 354 4.36 7.95 9.65
C ALA A 354 4.82 6.61 10.29
N PRO A 355 3.87 5.67 10.58
CA PRO A 355 4.21 4.26 10.90
C PRO A 355 4.64 3.47 9.65
N VAL A 356 5.03 2.20 9.84
CA VAL A 356 5.58 1.36 8.76
C VAL A 356 4.43 0.71 7.96
N VAL A 357 4.53 0.77 6.62
CA VAL A 357 3.51 0.22 5.72
C VAL A 357 3.91 -1.20 5.30
N PHE A 358 3.03 -2.17 5.58
CA PHE A 358 3.22 -3.58 5.24
C PHE A 358 2.28 -3.95 4.07
N THR A 359 2.87 -4.15 2.89
CA THR A 359 2.14 -4.54 1.67
C THR A 359 2.64 -5.92 1.18
N SER A 360 1.74 -6.92 1.21
CA SER A 360 2.04 -8.30 0.78
C SER A 360 1.00 -8.79 -0.24
N ASN A 361 1.48 -9.10 -1.46
CA ASN A 361 0.65 -9.67 -2.53
C ASN A 361 1.32 -10.95 -3.03
N LEU A 362 0.75 -12.10 -2.66
CA LEU A 362 1.23 -13.43 -3.10
C LEU A 362 0.68 -13.70 -4.52
N GLY A 363 1.15 -14.77 -5.18
CA GLY A 363 0.68 -15.08 -6.54
C GLY A 363 1.43 -14.29 -7.61
N ARG A 364 2.75 -14.15 -7.40
CA ARG A 364 3.63 -13.33 -8.25
C ARG A 364 4.04 -14.12 -9.54
N SER A 365 4.86 -13.51 -10.44
CA SER A 365 5.22 -14.11 -11.75
C SER A 365 5.90 -15.48 -11.60
N LEU A 366 5.55 -16.41 -12.53
CA LEU A 366 5.99 -17.83 -12.56
C LEU A 366 5.38 -18.62 -11.35
N TYR A 367 4.35 -18.03 -10.71
CA TYR A 367 3.63 -18.66 -9.60
C TYR A 367 2.31 -17.89 -9.38
N SER A 368 1.68 -17.43 -10.50
CA SER A 368 0.44 -16.64 -10.44
C SER A 368 -0.73 -17.54 -9.95
N SER A 369 -0.87 -17.59 -8.62
CA SER A 369 -1.81 -18.47 -7.91
C SER A 369 -2.94 -17.67 -7.22
N ARG A 370 -2.86 -16.32 -7.25
CA ARG A 370 -3.81 -15.44 -6.56
C ARG A 370 -4.74 -14.77 -7.58
N ALA A 371 -6.06 -14.96 -7.40
CA ALA A 371 -7.10 -14.43 -8.31
C ALA A 371 -7.23 -12.89 -8.23
N GLU A 372 -6.75 -12.31 -7.11
CA GLU A 372 -6.77 -10.83 -6.89
C GLU A 372 -5.88 -10.11 -7.94
N SER A 373 -4.93 -10.85 -8.53
CA SER A 373 -4.13 -10.39 -9.67
C SER A 373 -4.73 -11.02 -10.96
N PRO A 374 -5.60 -10.28 -11.73
CA PRO A 374 -6.29 -10.82 -12.92
C PRO A 374 -5.55 -10.56 -14.27
N LEU A 375 -5.38 -9.27 -14.65
CA LEU A 375 -4.70 -8.87 -15.91
C LEU A 375 -3.18 -9.04 -15.79
N GLY A 376 -2.63 -8.70 -14.62
CA GLY A 376 -1.21 -8.81 -14.33
C GLY A 376 -0.92 -9.14 -12.88
N GLU A 377 0.22 -9.81 -12.66
CA GLU A 377 0.74 -10.09 -11.31
C GLU A 377 1.65 -8.92 -10.86
N PRO A 378 1.59 -8.50 -9.56
CA PRO A 378 2.41 -7.38 -9.04
C PRO A 378 3.87 -7.83 -8.83
N GLU A 379 4.83 -7.04 -9.34
CA GLU A 379 6.25 -7.39 -9.32
C GLU A 379 7.02 -6.69 -8.20
N TRP A 380 8.02 -7.42 -7.67
CA TRP A 380 8.91 -6.94 -6.62
C TRP A 380 10.00 -6.02 -7.21
N GLY A 381 10.26 -4.89 -6.54
CA GLY A 381 11.28 -3.94 -6.98
C GLY A 381 11.55 -2.89 -5.93
N ILE A 382 10.70 -1.85 -5.91
CA ILE A 382 10.83 -0.74 -4.95
C ILE A 382 9.43 -0.20 -4.57
N SER A 383 9.26 0.14 -3.29
CA SER A 383 8.04 0.76 -2.76
C SER A 383 8.41 2.01 -1.96
N GLN A 384 7.52 3.00 -1.98
CA GLN A 384 7.65 4.26 -1.27
C GLN A 384 6.32 4.99 -1.34
N THR A 385 5.50 4.88 -0.29
CA THR A 385 4.31 5.72 -0.11
C THR A 385 4.80 7.11 0.33
N PRO A 386 4.86 8.13 -0.62
CA PRO A 386 5.64 9.39 -0.43
C PRO A 386 5.22 10.24 0.80
N GLN A 387 5.71 9.81 1.99
CA GLN A 387 5.47 10.39 3.34
C GLN A 387 6.19 9.48 4.36
N VAL A 388 6.02 8.17 4.16
CA VAL A 388 6.53 7.11 5.04
C VAL A 388 7.94 6.70 4.58
N TRP A 389 8.85 6.50 5.55
CA TRP A 389 10.26 6.20 5.28
C TRP A 389 10.52 4.70 5.18
N ILE A 390 9.61 3.86 5.73
CA ILE A 390 9.75 2.39 5.67
C ILE A 390 8.48 1.75 5.08
N ASP A 391 8.68 1.05 3.96
CA ASP A 391 7.68 0.24 3.25
C ASP A 391 8.22 -1.20 3.19
N HIS A 392 7.35 -2.20 3.34
CA HIS A 392 7.74 -3.62 3.30
C HIS A 392 6.93 -4.36 2.24
N LEU A 393 7.61 -4.77 1.16
CA LEU A 393 7.03 -5.64 0.13
C LEU A 393 7.26 -7.12 0.49
N ALA A 394 6.27 -7.97 0.18
CA ALA A 394 6.39 -9.43 0.33
C ALA A 394 5.66 -10.12 -0.84
N PHE A 395 6.41 -10.88 -1.64
CA PHE A 395 5.90 -11.60 -2.83
C PHE A 395 6.36 -13.06 -2.77
N GLU A 396 5.50 -14.00 -3.20
CA GLU A 396 5.76 -15.44 -3.10
C GLU A 396 5.96 -16.04 -4.50
N HIS A 397 7.03 -16.82 -4.67
CA HIS A 397 7.40 -17.47 -5.94
C HIS A 397 8.07 -18.82 -5.64
N HIS A 398 7.44 -19.92 -6.09
CA HIS A 398 8.02 -21.28 -6.11
C HIS A 398 8.33 -21.81 -4.67
N GLY A 399 7.45 -21.45 -3.72
CA GLY A 399 7.58 -21.89 -2.32
C GLY A 399 8.74 -21.20 -1.59
N GLU A 400 9.10 -20.00 -2.08
CA GLU A 400 10.14 -19.14 -1.51
C GLU A 400 9.61 -17.69 -1.52
N VAL A 401 9.47 -17.09 -0.32
CA VAL A 401 8.91 -15.73 -0.19
C VAL A 401 10.04 -14.69 -0.02
N TRP A 402 10.01 -13.65 -0.87
CA TRP A 402 10.96 -12.53 -0.86
C TRP A 402 10.39 -11.36 -0.03
N LEU A 403 11.00 -11.13 1.15
CA LEU A 403 10.70 -10.00 2.03
C LEU A 403 11.67 -8.84 1.71
N GLN A 404 11.15 -7.76 1.09
CA GLN A 404 11.93 -6.54 0.82
C GLN A 404 11.68 -5.51 1.94
N TRP A 405 12.77 -4.88 2.40
CA TRP A 405 12.68 -3.78 3.38
C TRP A 405 13.12 -2.49 2.68
N ASP A 406 12.12 -1.73 2.22
CA ASP A 406 12.31 -0.49 1.46
C ASP A 406 12.42 0.68 2.43
N SER A 407 13.63 1.21 2.62
CA SER A 407 13.87 2.27 3.61
C SER A 407 15.07 3.13 3.21
N ASN A 408 15.12 4.37 3.76
CA ASN A 408 16.21 5.33 3.51
C ASN A 408 17.54 4.75 4.03
N ASP A 409 18.45 4.43 3.11
CA ASP A 409 19.75 3.77 3.40
C ASP A 409 20.71 4.74 4.13
N ALA A 410 20.61 6.03 3.76
CA ALA A 410 21.43 7.12 4.34
C ALA A 410 20.91 7.57 5.73
N LEU A 411 19.80 6.95 6.20
CA LEU A 411 19.13 7.35 7.46
C LEU A 411 19.13 6.16 8.46
N PHE A 412 18.78 4.97 7.97
CA PHE A 412 18.60 3.77 8.82
C PHE A 412 19.81 2.85 8.66
N PRO A 413 20.32 2.22 9.78
CA PRO A 413 21.47 1.29 9.73
C PRO A 413 21.15 0.00 8.93
N PRO A 414 21.90 -0.28 7.82
CA PRO A 414 21.81 -1.57 7.08
C PRO A 414 22.08 -2.79 8.00
N ALA A 415 23.05 -2.64 8.92
CA ALA A 415 23.42 -3.68 9.91
C ALA A 415 22.22 -4.06 10.80
N LEU A 416 21.40 -3.05 11.13
CA LEU A 416 20.21 -3.22 11.96
C LEU A 416 19.18 -4.13 11.25
N VAL A 417 18.86 -3.78 9.99
CA VAL A 417 17.87 -4.51 9.17
C VAL A 417 18.28 -6.00 9.02
N GLU A 418 19.60 -6.23 8.86
CA GLU A 418 20.17 -7.56 8.66
C GLU A 418 20.10 -8.41 9.96
N THR A 419 20.52 -7.82 11.10
CA THR A 419 20.58 -8.54 12.39
C THR A 419 19.17 -8.83 12.93
N LEU A 420 18.21 -7.95 12.57
CA LEU A 420 16.80 -8.17 12.87
C LEU A 420 16.25 -9.34 12.05
N PHE A 421 16.58 -9.38 10.73
CA PHE A 421 16.12 -10.45 9.81
C PHE A 421 16.73 -11.82 10.19
N ASP A 422 17.96 -11.79 10.72
CA ASP A 422 18.66 -12.97 11.24
C ASP A 422 17.78 -13.67 12.30
N ALA A 423 17.29 -12.85 13.24
CA ALA A 423 16.41 -13.29 14.33
C ALA A 423 14.97 -13.55 13.84
N TYR A 424 14.51 -12.80 12.79
CA TYR A 424 13.13 -12.95 12.22
C TYR A 424 12.94 -14.36 11.61
N CYS A 425 13.99 -14.83 10.92
CA CYS A 425 14.03 -16.19 10.32
C CYS A 425 13.94 -17.25 11.43
N GLN A 426 14.66 -16.97 12.54
CA GLN A 426 14.68 -17.85 13.72
C GLN A 426 13.38 -17.75 14.52
N LEU A 427 12.63 -16.64 14.37
CA LEU A 427 11.32 -16.48 15.04
C LEU A 427 10.30 -17.42 14.41
N ILE A 428 10.21 -17.35 13.06
CA ILE A 428 9.31 -18.20 12.28
C ILE A 428 9.65 -19.68 12.51
N ASN A 429 10.96 -19.99 12.49
CA ASN A 429 11.48 -21.36 12.65
C ASN A 429 11.24 -21.89 14.07
N GLN A 430 11.63 -21.13 15.10
CA GLN A 430 11.53 -21.59 16.52
C GLN A 430 10.06 -21.80 16.93
N LEU A 431 9.20 -20.87 16.49
CA LEU A 431 7.76 -20.85 16.84
C LEU A 431 7.04 -22.06 16.22
N CYS A 432 7.39 -22.39 14.97
CA CYS A 432 6.75 -23.50 14.24
C CYS A 432 7.33 -24.86 14.65
N ASP A 433 8.66 -24.92 14.70
CA ASP A 433 9.42 -26.17 14.90
C ASP A 433 9.31 -26.68 16.34
N ASP A 434 9.27 -25.73 17.30
CA ASP A 434 9.27 -26.06 18.74
C ASP A 434 8.17 -25.28 19.49
N GLU A 435 7.40 -26.00 20.30
CA GLU A 435 6.24 -25.44 21.02
C GLU A 435 6.64 -24.60 22.25
N SER A 436 7.87 -24.77 22.77
CA SER A 436 8.33 -24.04 23.98
C SER A 436 8.60 -22.55 23.67
N ALA A 437 8.77 -22.24 22.36
CA ALA A 437 9.01 -20.87 21.86
C ALA A 437 7.75 -19.99 21.97
N TRP A 438 6.58 -20.61 22.16
CA TRP A 438 5.30 -19.89 22.35
C TRP A 438 5.28 -19.16 23.72
N GLN A 439 6.04 -19.70 24.69
CA GLN A 439 6.20 -19.09 26.02
C GLN A 439 7.33 -18.03 26.01
N LYS A 440 8.18 -18.08 24.98
CA LYS A 440 9.34 -17.17 24.85
C LYS A 440 8.95 -15.88 24.09
N PRO A 441 9.59 -14.72 24.44
CA PRO A 441 9.51 -13.49 23.64
C PRO A 441 10.55 -13.45 22.50
N PHE A 442 10.32 -12.57 21.53
CA PHE A 442 11.30 -12.30 20.46
C PHE A 442 12.43 -11.40 20.99
N ALA A 443 12.06 -10.48 21.91
CA ALA A 443 12.98 -9.49 22.54
C ALA A 443 14.18 -10.15 23.25
N ASP A 444 14.06 -11.46 23.53
CA ASP A 444 15.14 -12.27 24.10
C ASP A 444 16.36 -12.32 23.15
N MET A 445 16.10 -12.60 21.85
CA MET A 445 17.16 -12.83 20.83
C MET A 445 17.85 -11.52 20.39
N LEU A 446 17.37 -10.37 20.89
CA LEU A 446 18.06 -9.08 20.73
C LEU A 446 19.22 -8.99 21.74
N GLU A 447 19.00 -9.56 22.93
CA GLU A 447 20.06 -9.69 23.95
C GLU A 447 20.94 -10.91 23.63
N HIS A 448 20.31 -11.98 23.13
CA HIS A 448 20.97 -13.27 22.91
C HIS A 448 21.68 -13.23 21.54
N HIS A 449 22.97 -12.84 21.56
CA HIS A 449 23.75 -12.58 20.34
C HIS A 449 24.30 -13.86 19.72
N HIS A 450 24.57 -14.87 20.56
CA HIS A 450 25.09 -16.18 20.12
C HIS A 450 23.93 -17.17 20.02
N HIS A 451 23.15 -16.99 18.95
CA HIS A 451 21.99 -17.82 18.61
C HIS A 451 21.67 -17.65 17.12
N HIS A 452 22.28 -18.54 16.29
CA HIS A 452 22.02 -18.65 14.83
C HIS A 452 22.90 -19.74 14.22
N HIS A 453 22.39 -20.45 13.22
CA HIS A 453 23.15 -21.43 12.44
C HIS A 453 22.81 -21.23 10.94
N MET A 1 -33.93 13.90 16.68
CA MET A 1 -33.68 15.04 15.78
C MET A 1 -32.74 14.59 14.63
N PRO A 2 -33.12 14.85 13.33
CA PRO A 2 -32.24 14.56 12.17
C PRO A 2 -31.31 15.75 11.85
N ASP A 3 -30.75 15.77 10.62
CA ASP A 3 -29.89 16.86 10.13
C ASP A 3 -29.69 16.72 8.61
N GLU A 4 -30.22 17.71 7.86
CA GLU A 4 -30.04 17.80 6.40
C GLU A 4 -29.14 19.02 6.10
N SER A 5 -27.85 18.90 6.44
CA SER A 5 -26.81 19.90 6.08
C SER A 5 -26.34 19.71 4.62
N SER A 6 -25.32 20.47 4.19
CA SER A 6 -24.69 20.32 2.87
C SER A 6 -23.79 19.05 2.87
N TRP A 7 -24.45 17.90 2.71
CA TRP A 7 -23.79 16.59 2.63
C TRP A 7 -23.33 16.36 1.18
N PRO A 8 -22.11 15.75 0.96
CA PRO A 8 -21.57 15.51 -0.40
C PRO A 8 -22.49 14.62 -1.25
N ASN A 9 -22.85 15.11 -2.44
CA ASN A 9 -23.69 14.39 -3.41
C ASN A 9 -22.83 13.82 -4.53
N MET A 10 -23.52 13.16 -5.48
CA MET A 10 -22.93 12.63 -6.73
C MET A 10 -22.46 13.75 -7.71
N THR A 11 -22.50 15.03 -7.28
CA THR A 11 -22.12 16.19 -8.11
C THR A 11 -20.58 16.44 -8.11
N GLU A 12 -19.81 15.45 -8.60
CA GLU A 12 -18.34 15.58 -8.78
C GLU A 12 -18.02 16.53 -9.97
N SER A 13 -19.07 16.81 -10.78
CA SER A 13 -19.04 17.78 -11.89
C SER A 13 -18.72 19.21 -11.37
N THR A 14 -19.10 19.48 -10.12
CA THR A 14 -18.68 20.68 -9.39
C THR A 14 -17.42 20.34 -8.58
N PRO A 15 -16.35 21.20 -8.60
CA PRO A 15 -15.08 20.93 -7.89
C PRO A 15 -15.29 20.72 -6.37
N PHE A 16 -14.85 19.56 -5.88
CA PHE A 16 -14.83 19.23 -4.45
C PHE A 16 -13.41 19.53 -3.92
N PRO A 17 -13.26 19.99 -2.65
CA PRO A 17 -11.92 20.15 -2.03
C PRO A 17 -11.26 18.79 -1.73
N LEU A 18 -9.96 18.83 -1.43
CA LEU A 18 -9.20 17.65 -1.00
C LEU A 18 -9.74 17.15 0.36
N THR A 19 -10.24 15.90 0.38
CA THR A 19 -10.81 15.25 1.57
C THR A 19 -9.69 14.98 2.63
N PRO A 20 -10.04 14.86 3.98
CA PRO A 20 -9.04 14.72 5.09
C PRO A 20 -8.15 13.45 5.01
N VAL A 21 -8.35 12.63 3.94
CA VAL A 21 -7.42 11.56 3.57
C VAL A 21 -6.01 12.17 3.35
N GLN A 22 -5.02 11.71 4.16
CA GLN A 22 -3.64 12.26 4.19
C GLN A 22 -2.98 12.32 2.79
N HIS A 23 -3.34 11.35 1.93
CA HIS A 23 -2.83 11.28 0.54
C HIS A 23 -3.36 12.47 -0.28
N ALA A 24 -4.70 12.58 -0.36
CA ALA A 24 -5.39 13.62 -1.15
C ALA A 24 -5.04 15.03 -0.64
N TYR A 25 -5.23 15.24 0.67
CA TYR A 25 -5.15 16.58 1.29
C TYR A 25 -3.69 17.05 1.46
N LEU A 26 -2.91 16.32 2.28
CA LEU A 26 -1.56 16.78 2.70
C LEU A 26 -0.58 16.75 1.52
N THR A 27 -0.55 15.60 0.82
CA THR A 27 0.42 15.36 -0.24
C THR A 27 0.00 16.10 -1.54
N GLY A 28 -1.29 16.52 -1.60
CA GLY A 28 -1.81 17.37 -2.68
C GLY A 28 -1.45 18.85 -2.50
N ARG A 29 -1.61 19.34 -1.26
CA ARG A 29 -1.33 20.75 -0.91
C ARG A 29 0.18 21.06 -0.96
N MET A 30 1.01 20.00 -0.97
CA MET A 30 2.45 20.10 -1.23
C MET A 30 2.79 19.23 -2.48
N PRO A 31 2.64 19.79 -3.74
CA PRO A 31 2.95 19.04 -4.97
C PRO A 31 4.48 18.87 -5.17
N GLY A 32 4.95 17.61 -5.06
CA GLY A 32 6.38 17.28 -5.20
C GLY A 32 7.12 17.30 -3.85
N GLN A 33 6.57 18.03 -2.86
CA GLN A 33 7.14 18.09 -1.49
C GLN A 33 6.32 17.15 -0.59
N THR A 34 6.98 16.16 0.03
CA THR A 34 6.33 15.31 1.04
C THR A 34 6.82 15.69 2.47
N LEU A 35 8.07 15.31 2.80
CA LEU A 35 8.68 15.55 4.13
C LEU A 35 10.00 16.36 4.01
N GLY A 36 10.80 16.04 2.96
CA GLY A 36 12.10 16.72 2.73
C GLY A 36 12.23 17.34 1.34
N GLY A 37 11.09 17.47 0.63
CA GLY A 37 11.08 17.94 -0.76
C GLY A 37 11.24 16.80 -1.78
N VAL A 38 11.42 15.56 -1.28
CA VAL A 38 11.53 14.35 -2.13
C VAL A 38 10.12 13.86 -2.51
N GLY A 39 9.73 14.03 -3.81
CA GLY A 39 8.42 13.57 -4.29
C GLY A 39 8.26 12.06 -4.17
N CYS A 40 7.16 11.61 -3.54
CA CYS A 40 6.84 10.18 -3.40
C CYS A 40 6.25 9.65 -4.71
N HIS A 41 7.12 9.43 -5.71
CA HIS A 41 6.75 8.90 -7.01
C HIS A 41 7.44 7.53 -7.17
N LEU A 42 6.62 6.48 -7.32
CA LEU A 42 7.10 5.10 -7.44
C LEU A 42 6.49 4.42 -8.67
N TYR A 43 7.20 3.44 -9.24
CA TYR A 43 6.70 2.64 -10.36
C TYR A 43 6.11 1.33 -9.85
N GLN A 44 5.11 0.84 -10.58
CA GLN A 44 4.60 -0.53 -10.46
C GLN A 44 5.11 -1.28 -11.70
N GLU A 45 5.73 -2.44 -11.51
CA GLU A 45 6.36 -3.21 -12.59
C GLU A 45 5.43 -4.39 -12.97
N PHE A 46 5.42 -4.76 -14.25
CA PHE A 46 4.62 -5.91 -14.76
C PHE A 46 5.53 -6.83 -15.59
N GLU A 47 5.52 -8.13 -15.25
CA GLU A 47 6.39 -9.15 -15.87
C GLU A 47 5.52 -10.21 -16.58
N GLY A 48 6.08 -10.79 -17.68
CA GLY A 48 5.47 -11.90 -18.41
C GLY A 48 5.16 -11.54 -19.86
N HIS A 49 4.19 -12.22 -20.49
CA HIS A 49 3.66 -11.82 -21.82
C HIS A 49 2.20 -11.36 -21.64
N CYS A 50 1.90 -10.14 -22.10
CA CYS A 50 0.56 -9.57 -21.98
C CYS A 50 -0.20 -9.64 -23.33
N LEU A 51 0.44 -9.08 -24.38
CA LEU A 51 -0.12 -8.99 -25.76
C LEU A 51 0.82 -8.10 -26.62
N THR A 52 0.30 -7.56 -27.75
CA THR A 52 1.02 -6.58 -28.57
C THR A 52 0.70 -5.15 -28.06
N ALA A 53 1.70 -4.25 -28.12
CA ALA A 53 1.58 -2.86 -27.65
C ALA A 53 0.43 -2.10 -28.35
N SER A 54 0.22 -2.40 -29.64
CA SER A 54 -0.83 -1.81 -30.47
C SER A 54 -2.24 -2.11 -29.90
N GLN A 55 -2.42 -3.33 -29.40
CA GLN A 55 -3.70 -3.80 -28.84
C GLN A 55 -3.90 -3.27 -27.40
N LEU A 56 -2.78 -3.07 -26.66
CA LEU A 56 -2.77 -2.57 -25.27
C LEU A 56 -3.22 -1.09 -25.22
N GLU A 57 -2.62 -0.26 -26.11
CA GLU A 57 -2.89 1.19 -26.17
C GLU A 57 -4.33 1.47 -26.66
N GLN A 58 -4.85 0.55 -27.51
CA GLN A 58 -6.23 0.60 -28.02
C GLN A 58 -7.23 0.42 -26.87
N ALA A 59 -6.92 -0.53 -25.97
CA ALA A 59 -7.76 -0.81 -24.79
C ALA A 59 -7.82 0.41 -23.87
N ILE A 60 -6.65 1.00 -23.60
CA ILE A 60 -6.52 2.22 -22.79
C ILE A 60 -7.28 3.39 -23.46
N THR A 61 -7.27 3.46 -24.80
CA THR A 61 -8.01 4.47 -25.57
C THR A 61 -9.53 4.35 -25.34
N THR A 62 -10.08 3.13 -25.43
CA THR A 62 -11.54 2.87 -25.29
C THR A 62 -12.02 3.13 -23.85
N LEU A 63 -11.15 2.81 -22.87
CA LEU A 63 -11.40 3.07 -21.42
C LEU A 63 -11.40 4.59 -21.13
N LEU A 64 -10.55 5.34 -21.84
CA LEU A 64 -10.44 6.81 -21.70
C LEU A 64 -11.55 7.54 -22.53
N GLN A 65 -12.06 6.87 -23.57
CA GLN A 65 -13.26 7.33 -24.33
C GLN A 65 -14.55 7.03 -23.54
N ARG A 66 -14.39 6.14 -22.54
CA ARG A 66 -15.40 5.82 -21.53
C ARG A 66 -15.06 6.63 -20.25
N HIS A 67 -15.95 6.65 -19.25
CA HIS A 67 -15.65 7.30 -17.96
C HIS A 67 -15.61 6.23 -16.85
N PRO A 68 -14.40 5.68 -16.52
CA PRO A 68 -14.24 4.72 -15.40
C PRO A 68 -14.14 5.46 -14.05
N MET A 69 -14.09 4.71 -12.92
CA MET A 69 -14.22 5.28 -11.55
C MET A 69 -13.13 6.34 -11.22
N LEU A 70 -11.97 6.26 -11.91
CA LEU A 70 -10.84 7.20 -11.70
C LEU A 70 -11.02 8.51 -12.53
N HIS A 71 -12.29 8.85 -12.90
CA HIS A 71 -12.61 10.11 -13.62
C HIS A 71 -12.62 11.34 -12.67
N ILE A 72 -11.80 11.30 -11.62
CA ILE A 72 -11.59 12.41 -10.70
C ILE A 72 -10.11 12.81 -10.77
N ALA A 73 -9.83 14.11 -10.86
CA ALA A 73 -8.46 14.62 -11.10
C ALA A 73 -8.08 15.71 -10.08
N PHE A 74 -6.79 15.71 -9.69
CA PHE A 74 -6.22 16.77 -8.85
C PHE A 74 -5.78 17.97 -9.74
N ARG A 75 -6.44 19.12 -9.55
CA ARG A 75 -6.04 20.37 -10.21
C ARG A 75 -5.03 21.14 -9.32
N PRO A 76 -4.14 22.01 -9.90
CA PRO A 76 -3.16 22.83 -9.13
C PRO A 76 -3.81 23.72 -8.04
N ASP A 77 -5.11 24.06 -8.23
CA ASP A 77 -5.90 24.83 -7.26
C ASP A 77 -6.01 24.08 -5.91
N GLY A 78 -6.00 22.74 -5.99
CA GLY A 78 -6.24 21.86 -4.86
C GLY A 78 -7.67 21.39 -4.82
N GLN A 79 -8.24 21.17 -6.02
CA GLN A 79 -9.65 20.76 -6.20
C GLN A 79 -9.73 19.47 -7.03
N GLN A 80 -10.54 18.54 -6.53
CA GLN A 80 -10.88 17.28 -7.20
C GLN A 80 -12.10 17.50 -8.12
N VAL A 81 -11.92 17.31 -9.44
CA VAL A 81 -12.96 17.61 -10.46
C VAL A 81 -13.18 16.38 -11.39
N TRP A 82 -14.44 16.21 -11.84
CA TRP A 82 -14.85 15.17 -12.82
C TRP A 82 -14.08 15.34 -14.16
N LEU A 83 -13.74 14.21 -14.80
CA LEU A 83 -13.05 14.13 -16.10
C LEU A 83 -14.02 13.66 -17.20
N PRO A 84 -14.65 14.60 -17.98
CA PRO A 84 -15.48 14.26 -19.15
C PRO A 84 -14.66 14.22 -20.47
N GLN A 85 -13.32 14.27 -20.34
CA GLN A 85 -12.39 14.45 -21.46
C GLN A 85 -11.04 13.77 -21.12
N PRO A 86 -10.53 12.81 -21.97
CA PRO A 86 -9.30 12.03 -21.69
C PRO A 86 -7.99 12.80 -22.00
N TYR A 87 -6.87 12.33 -21.41
CA TYR A 87 -5.52 12.86 -21.69
C TYR A 87 -4.94 12.24 -22.97
N TRP A 88 -4.46 10.99 -22.89
CA TRP A 88 -3.71 10.35 -24.00
C TRP A 88 -3.60 8.82 -23.78
N ASN A 89 -3.03 8.10 -24.78
CA ASN A 89 -2.78 6.64 -24.72
C ASN A 89 -1.89 6.27 -23.53
N GLY A 90 -0.85 7.09 -23.30
CA GLY A 90 0.08 6.92 -22.16
C GLY A 90 1.22 5.93 -22.46
N VAL A 91 0.98 5.00 -23.40
CA VAL A 91 1.90 3.90 -23.71
C VAL A 91 3.07 4.38 -24.60
N THR A 92 4.25 4.51 -23.99
CA THR A 92 5.51 4.80 -24.69
C THR A 92 6.25 3.47 -24.93
N VAL A 93 6.21 2.99 -26.18
CA VAL A 93 6.78 1.69 -26.55
C VAL A 93 8.23 1.85 -27.02
N HIS A 94 9.13 1.05 -26.47
CA HIS A 94 10.54 1.00 -26.89
C HIS A 94 10.90 -0.45 -27.24
N ASP A 95 11.72 -0.62 -28.29
CA ASP A 95 12.20 -1.93 -28.73
C ASP A 95 13.57 -2.17 -28.10
N LEU A 96 13.72 -3.33 -27.44
CA LEU A 96 15.01 -3.81 -26.88
C LEU A 96 15.38 -5.15 -27.53
N ARG A 97 14.73 -5.51 -28.64
CA ARG A 97 14.91 -6.81 -29.29
C ARG A 97 15.99 -6.74 -30.39
N HIS A 98 15.86 -5.76 -31.30
CA HIS A 98 16.68 -5.69 -32.54
C HIS A 98 18.02 -4.95 -32.34
N ASN A 99 17.99 -3.92 -31.48
CA ASN A 99 19.16 -3.03 -31.22
C ASN A 99 20.21 -3.71 -30.31
N ASP A 100 21.37 -3.04 -30.16
CA ASP A 100 22.52 -3.54 -29.39
C ASP A 100 22.25 -3.60 -27.89
N ALA A 101 23.03 -4.43 -27.18
CA ALA A 101 22.97 -4.56 -25.72
C ALA A 101 23.25 -3.21 -25.02
N GLU A 102 24.06 -2.36 -25.70
CA GLU A 102 24.30 -0.97 -25.29
C GLU A 102 22.96 -0.20 -25.16
N SER A 103 22.18 -0.23 -26.26
CA SER A 103 20.92 0.51 -26.40
C SER A 103 19.81 -0.06 -25.48
N ARG A 104 19.90 -1.38 -25.21
CA ARG A 104 19.00 -2.06 -24.27
C ARG A 104 19.22 -1.54 -22.85
N GLN A 105 20.48 -1.64 -22.40
CA GLN A 105 20.91 -1.20 -21.05
C GLN A 105 20.68 0.31 -20.86
N ALA A 106 20.84 1.05 -21.97
CA ALA A 106 20.63 2.50 -22.03
C ALA A 106 19.19 2.87 -21.65
N TYR A 107 18.22 2.08 -22.15
CA TYR A 107 16.79 2.28 -21.84
C TYR A 107 16.49 2.04 -20.35
N LEU A 108 17.11 1.01 -19.74
CA LEU A 108 16.92 0.68 -18.30
C LEU A 108 17.45 1.81 -17.40
N ASP A 109 18.58 2.42 -17.80
CA ASP A 109 19.19 3.53 -17.05
C ASP A 109 18.48 4.87 -17.37
N ALA A 110 17.87 4.94 -18.58
CA ALA A 110 17.16 6.14 -19.07
C ALA A 110 15.82 6.31 -18.32
N LEU A 111 15.04 5.20 -18.26
CA LEU A 111 13.73 5.19 -17.56
C LEU A 111 13.94 5.38 -16.05
N ARG A 112 15.11 4.92 -15.54
CA ARG A 112 15.48 5.00 -14.11
C ARG A 112 15.76 6.46 -13.72
N GLN A 113 16.61 7.10 -14.50
CA GLN A 113 17.08 8.47 -14.25
C GLN A 113 15.94 9.50 -14.44
N ARG A 114 15.18 9.36 -15.55
CA ARG A 114 14.04 10.25 -15.83
C ARG A 114 12.97 10.10 -14.75
N LEU A 115 12.64 8.84 -14.37
CA LEU A 115 11.68 8.55 -13.26
C LEU A 115 12.10 9.32 -12.00
N SER A 116 13.39 9.14 -11.63
CA SER A 116 14.01 9.68 -10.41
C SER A 116 13.82 11.21 -10.30
N HIS A 117 13.94 11.91 -11.44
CA HIS A 117 13.86 13.39 -11.48
C HIS A 117 12.41 13.88 -11.72
N ARG A 118 11.58 13.06 -12.39
CA ARG A 118 10.21 13.45 -12.79
C ARG A 118 9.25 13.40 -11.59
N LEU A 119 8.72 14.58 -11.25
CA LEU A 119 7.70 14.75 -10.22
C LEU A 119 6.38 15.11 -10.92
N LEU A 120 5.60 14.10 -11.35
CA LEU A 120 4.33 14.32 -12.08
C LEU A 120 3.14 13.84 -11.23
N ARG A 121 2.35 14.79 -10.68
CA ARG A 121 1.10 14.49 -9.93
C ARG A 121 -0.02 15.51 -10.24
N VAL A 122 0.38 16.73 -10.64
CA VAL A 122 -0.55 17.88 -10.79
C VAL A 122 -0.87 18.20 -12.28
N GLU A 123 -0.02 17.69 -13.19
CA GLU A 123 0.20 18.26 -14.57
C GLU A 123 -1.10 18.55 -15.33
N ILE A 124 -1.87 17.49 -15.60
CA ILE A 124 -3.20 17.56 -16.26
C ILE A 124 -4.27 16.93 -15.34
N GLY A 125 -3.90 16.70 -14.07
CA GLY A 125 -4.76 16.01 -13.12
C GLY A 125 -4.66 14.50 -13.27
N GLU A 126 -5.22 13.97 -14.37
CA GLU A 126 -5.06 12.54 -14.71
C GLU A 126 -3.67 12.31 -15.33
N THR A 127 -2.69 12.10 -14.45
CA THR A 127 -1.29 11.97 -14.81
C THR A 127 -0.85 10.50 -14.70
N PHE A 128 -0.25 10.01 -15.79
CA PHE A 128 0.17 8.61 -15.95
C PHE A 128 1.23 8.52 -17.04
N ASP A 129 2.26 7.69 -16.81
CA ASP A 129 3.31 7.43 -17.81
C ASP A 129 3.60 5.93 -17.83
N PHE A 130 3.40 5.33 -19.01
CA PHE A 130 3.65 3.91 -19.25
C PHE A 130 4.88 3.79 -20.16
N GLN A 131 5.83 2.96 -19.75
CA GLN A 131 7.03 2.64 -20.54
C GLN A 131 7.05 1.12 -20.77
N LEU A 132 6.70 0.70 -21.99
CA LEU A 132 6.59 -0.72 -22.34
C LEU A 132 7.78 -1.12 -23.21
N THR A 133 8.65 -1.99 -22.67
CA THR A 133 9.77 -2.54 -23.42
C THR A 133 9.35 -3.78 -24.21
N LEU A 134 9.89 -3.90 -25.43
CA LEU A 134 9.67 -5.03 -26.32
C LEU A 134 10.92 -5.92 -26.23
N LEU A 135 10.80 -7.04 -25.50
CA LEU A 135 11.89 -7.99 -25.31
C LEU A 135 11.71 -9.19 -26.27
N PRO A 136 12.82 -9.92 -26.62
CA PRO A 136 12.74 -11.21 -27.37
C PRO A 136 11.95 -12.30 -26.59
N ASP A 137 11.72 -13.46 -27.25
CA ASP A 137 11.11 -14.65 -26.62
C ASP A 137 9.61 -14.41 -26.27
N ASN A 138 9.00 -13.39 -26.96
CA ASN A 138 7.59 -12.94 -26.73
C ASN A 138 7.42 -12.33 -25.31
N ARG A 139 8.54 -12.01 -24.65
CA ARG A 139 8.56 -11.48 -23.30
C ARG A 139 8.32 -9.96 -23.36
N HIS A 140 7.54 -9.46 -22.40
CA HIS A 140 7.15 -8.04 -22.30
C HIS A 140 7.31 -7.61 -20.84
N ARG A 141 7.57 -6.32 -20.61
CA ARG A 141 7.71 -5.77 -19.25
C ARG A 141 7.14 -4.34 -19.24
N LEU A 142 5.96 -4.16 -18.60
CA LEU A 142 5.27 -2.86 -18.55
C LEU A 142 5.71 -2.10 -17.29
N HIS A 143 6.61 -1.14 -17.51
CA HIS A 143 7.16 -0.27 -16.48
C HIS A 143 6.34 1.03 -16.45
N VAL A 144 5.37 1.12 -15.54
CA VAL A 144 4.52 2.31 -15.37
C VAL A 144 4.85 2.99 -14.04
N ASN A 145 5.07 4.31 -14.05
CA ASN A 145 5.32 5.08 -12.81
C ASN A 145 4.10 5.97 -12.51
N ILE A 146 3.59 5.80 -11.27
CA ILE A 146 2.29 6.33 -10.85
C ILE A 146 2.50 7.25 -9.61
N ASP A 147 2.32 8.56 -9.82
CA ASP A 147 2.31 9.58 -8.75
C ASP A 147 1.09 10.48 -8.95
N LEU A 148 0.12 10.44 -8.02
CA LEU A 148 -1.10 11.27 -8.05
C LEU A 148 -1.95 10.98 -6.81
N LEU A 149 -2.65 12.02 -6.32
CA LEU A 149 -3.32 12.02 -5.01
C LEU A 149 -4.76 11.47 -5.08
N ILE A 150 -5.33 11.43 -6.30
CA ILE A 150 -6.75 11.09 -6.54
C ILE A 150 -6.94 9.60 -6.94
N MET A 151 -5.86 8.80 -6.79
CA MET A 151 -5.87 7.36 -7.14
C MET A 151 -5.17 6.55 -6.04
N ASP A 152 -5.89 5.55 -5.50
CA ASP A 152 -5.40 4.66 -4.41
C ASP A 152 -5.70 3.19 -4.76
N ALA A 153 -5.69 2.32 -3.73
CA ALA A 153 -5.89 0.86 -3.87
C ALA A 153 -7.12 0.49 -4.73
N SER A 154 -8.32 0.98 -4.31
CA SER A 154 -9.61 0.69 -5.00
C SER A 154 -9.60 1.15 -6.47
N SER A 155 -8.97 2.32 -6.72
CA SER A 155 -8.92 2.94 -8.06
C SER A 155 -8.04 2.10 -9.03
N PHE A 156 -6.88 1.63 -8.51
CA PHE A 156 -5.93 0.82 -9.28
C PHE A 156 -6.52 -0.55 -9.63
N THR A 157 -7.09 -1.22 -8.60
CA THR A 157 -7.63 -2.58 -8.71
C THR A 157 -8.81 -2.63 -9.70
N LEU A 158 -9.78 -1.72 -9.50
CA LEU A 158 -11.02 -1.64 -10.30
C LEU A 158 -10.70 -1.34 -11.77
N PHE A 159 -9.80 -0.35 -12.01
CA PHE A 159 -9.41 0.05 -13.39
C PHE A 159 -8.60 -1.07 -14.11
N PHE A 160 -7.80 -1.81 -13.33
CA PHE A 160 -7.01 -2.96 -13.85
C PHE A 160 -7.96 -4.06 -14.34
N ASP A 161 -9.02 -4.31 -13.55
CA ASP A 161 -10.07 -5.31 -13.87
C ASP A 161 -10.89 -4.91 -15.13
N GLU A 162 -11.07 -3.60 -15.35
CA GLU A 162 -11.74 -3.08 -16.57
C GLU A 162 -10.83 -3.22 -17.80
N LEU A 163 -9.51 -3.02 -17.58
CA LEU A 163 -8.50 -3.05 -18.65
C LEU A 163 -8.43 -4.46 -19.28
N ASN A 164 -8.20 -5.49 -18.43
CA ASN A 164 -8.03 -6.88 -18.91
C ASN A 164 -9.33 -7.47 -19.48
N ALA A 165 -10.48 -6.93 -19.02
CA ALA A 165 -11.81 -7.33 -19.49
C ALA A 165 -12.03 -6.87 -20.96
N LEU A 166 -11.37 -5.75 -21.32
CA LEU A 166 -11.34 -5.22 -22.71
C LEU A 166 -10.25 -5.99 -23.52
N LEU A 167 -9.10 -6.27 -22.85
CA LEU A 167 -7.93 -6.97 -23.47
C LEU A 167 -8.27 -8.41 -23.88
N ALA A 168 -9.27 -9.01 -23.21
CA ALA A 168 -9.75 -10.38 -23.51
C ALA A 168 -10.45 -10.44 -24.89
N GLY A 169 -10.89 -9.26 -25.37
CA GLY A 169 -11.58 -9.15 -26.66
C GLY A 169 -13.04 -9.57 -26.59
N GLU A 170 -13.50 -9.96 -25.38
CA GLU A 170 -14.88 -10.38 -25.12
C GLU A 170 -15.68 -9.20 -24.58
N SER A 171 -17.02 -9.35 -24.56
CA SER A 171 -17.91 -8.40 -23.90
C SER A 171 -17.68 -8.44 -22.38
N LEU A 172 -17.19 -7.32 -21.80
CA LEU A 172 -16.91 -7.22 -20.35
C LEU A 172 -18.25 -7.19 -19.56
N PRO A 173 -18.29 -7.77 -18.30
CA PRO A 173 -19.49 -7.71 -17.44
C PRO A 173 -19.82 -6.28 -16.99
N ALA A 174 -21.03 -6.10 -16.40
CA ALA A 174 -21.42 -4.80 -15.83
C ALA A 174 -20.59 -4.52 -14.58
N ILE A 175 -19.69 -3.54 -14.69
CA ILE A 175 -18.85 -3.06 -13.58
C ILE A 175 -19.44 -1.72 -13.12
N ASP A 176 -19.90 -1.69 -11.86
CA ASP A 176 -20.61 -0.53 -11.30
C ASP A 176 -19.66 0.68 -11.23
N THR A 177 -19.89 1.65 -12.12
CA THR A 177 -19.16 2.91 -12.16
C THR A 177 -20.04 4.06 -11.62
N ARG A 178 -21.26 3.76 -11.13
CA ARG A 178 -22.19 4.82 -10.65
C ARG A 178 -21.79 5.25 -9.23
N TYR A 179 -21.17 4.32 -8.48
CA TYR A 179 -20.54 4.61 -7.19
C TYR A 179 -19.06 4.93 -7.41
N ASP A 180 -18.76 6.24 -7.47
CA ASP A 180 -17.38 6.74 -7.59
C ASP A 180 -16.96 7.34 -6.23
N PHE A 181 -15.79 8.01 -6.22
CA PHE A 181 -15.29 8.73 -5.03
C PHE A 181 -16.34 9.72 -4.47
N ARG A 182 -17.02 10.45 -5.39
CA ARG A 182 -18.17 11.34 -5.08
C ARG A 182 -19.28 10.60 -4.26
N SER A 183 -19.65 9.40 -4.72
CA SER A 183 -20.75 8.60 -4.17
C SER A 183 -20.27 7.82 -2.93
N TYR A 184 -18.93 7.68 -2.78
CA TYR A 184 -18.32 7.10 -1.60
C TYR A 184 -18.58 8.02 -0.40
N LEU A 185 -18.28 9.32 -0.59
CA LEU A 185 -18.49 10.38 0.42
C LEU A 185 -20.00 10.56 0.72
N LEU A 186 -20.85 10.38 -0.31
CA LEU A 186 -22.33 10.42 -0.15
C LEU A 186 -22.80 9.38 0.91
N HIS A 187 -22.50 8.09 0.66
CA HIS A 187 -22.97 6.99 1.56
C HIS A 187 -22.16 6.97 2.88
N GLN A 188 -20.90 7.48 2.84
CA GLN A 188 -20.01 7.49 4.02
C GLN A 188 -20.59 8.41 5.09
N GLN A 189 -20.92 9.64 4.68
CA GLN A 189 -21.48 10.70 5.57
C GLN A 189 -22.87 10.31 6.11
N LYS A 190 -23.60 9.47 5.35
CA LYS A 190 -24.90 8.92 5.80
C LYS A 190 -24.70 7.99 7.01
N ILE A 191 -23.68 7.13 6.92
CA ILE A 191 -23.33 6.18 8.02
C ILE A 191 -22.64 6.94 9.18
N ASN A 192 -21.78 7.90 8.83
CA ASN A 192 -20.92 8.62 9.78
C ASN A 192 -21.68 9.73 10.52
N GLN A 193 -22.88 10.11 10.03
CA GLN A 193 -23.69 11.16 10.68
C GLN A 193 -24.18 10.70 12.10
N PRO A 194 -24.89 9.50 12.27
CA PRO A 194 -25.19 8.96 13.63
C PRO A 194 -23.92 8.40 14.33
N LEU A 195 -23.04 7.76 13.54
CA LEU A 195 -21.78 7.13 14.03
C LEU A 195 -20.74 8.17 14.49
N ARG A 196 -20.98 9.46 14.20
CA ARG A 196 -20.09 10.59 14.56
C ARG A 196 -19.62 10.52 16.03
N ASP A 197 -20.59 10.27 16.93
CA ASP A 197 -20.38 10.20 18.38
C ASP A 197 -19.56 8.96 18.75
N ASP A 198 -19.89 7.83 18.10
CA ASP A 198 -19.28 6.53 18.37
C ASP A 198 -17.80 6.56 17.96
N ALA A 199 -17.53 7.13 16.78
CA ALA A 199 -16.18 7.31 16.22
C ALA A 199 -15.31 8.15 17.18
N ARG A 200 -15.85 9.32 17.56
CA ARG A 200 -15.20 10.22 18.55
C ARG A 200 -14.95 9.49 19.88
N ALA A 201 -15.90 8.65 20.30
CA ALA A 201 -15.81 7.91 21.56
C ALA A 201 -14.66 6.89 21.51
N TYR A 202 -14.52 6.17 20.37
CA TYR A 202 -13.49 5.13 20.19
C TYR A 202 -12.10 5.74 20.04
N TRP A 203 -11.98 6.82 19.24
CA TRP A 203 -10.67 7.43 18.90
C TRP A 203 -10.11 8.27 20.06
N LEU A 204 -10.98 8.95 20.82
CA LEU A 204 -10.57 9.74 22.02
C LEU A 204 -10.27 8.82 23.22
N ALA A 205 -11.03 7.70 23.33
CA ALA A 205 -10.78 6.67 24.37
C ALA A 205 -9.41 6.04 24.15
N LYS A 206 -9.15 5.65 22.89
CA LYS A 206 -7.84 5.15 22.47
C LYS A 206 -6.76 6.19 22.77
N ALA A 207 -6.95 7.44 22.30
CA ALA A 207 -5.94 8.55 22.43
C ALA A 207 -5.51 8.83 23.89
N SER A 208 -6.33 8.39 24.86
CA SER A 208 -6.04 8.50 26.30
C SER A 208 -5.15 7.35 26.81
N THR A 209 -5.40 6.11 26.32
CA THR A 209 -4.80 4.87 26.89
C THR A 209 -3.85 4.12 25.93
N LEU A 210 -3.70 4.59 24.67
CA LEU A 210 -2.87 3.88 23.65
C LEU A 210 -1.38 4.06 23.92
N PRO A 211 -0.52 3.12 23.43
CA PRO A 211 0.94 3.30 23.42
C PRO A 211 1.36 4.53 22.56
N PRO A 212 2.52 5.19 22.87
CA PRO A 212 2.99 6.38 22.11
C PRO A 212 3.28 6.07 20.61
N ALA A 213 3.16 7.10 19.75
CA ALA A 213 3.39 6.98 18.29
C ALA A 213 4.82 6.46 17.98
N PRO A 214 4.98 5.47 17.01
CA PRO A 214 6.25 4.75 16.74
C PRO A 214 7.51 5.64 16.72
N VAL A 215 8.59 5.17 17.38
CA VAL A 215 9.85 5.92 17.51
C VAL A 215 10.97 5.23 16.71
N LEU A 216 11.47 5.93 15.67
CA LEU A 216 12.57 5.44 14.80
C LEU A 216 13.55 6.60 14.56
N PRO A 217 14.85 6.45 14.98
CA PRO A 217 15.89 7.47 14.72
C PRO A 217 16.47 7.34 13.30
N LEU A 218 16.47 8.47 12.57
CA LEU A 218 17.02 8.55 11.20
C LEU A 218 18.53 8.83 11.26
N ALA A 219 19.24 8.44 10.19
CA ALA A 219 20.70 8.64 10.05
C ALA A 219 21.04 10.15 10.08
N CYS A 220 20.15 10.94 9.46
CA CYS A 220 20.10 12.41 9.60
C CYS A 220 18.64 12.85 9.42
N GLU A 221 18.32 14.10 9.86
CA GLU A 221 16.95 14.68 9.78
C GLU A 221 16.48 14.80 8.30
N PRO A 222 15.13 14.71 8.01
CA PRO A 222 14.58 14.73 6.61
C PRO A 222 14.98 15.99 5.80
N ALA A 223 15.07 17.14 6.50
CA ALA A 223 15.45 18.44 5.89
C ALA A 223 16.93 18.46 5.45
N THR A 224 17.75 17.59 6.09
CA THR A 224 19.18 17.44 5.77
C THR A 224 19.38 16.72 4.42
N LEU A 225 18.51 15.74 4.14
CA LEU A 225 18.55 14.95 2.89
C LEU A 225 17.57 15.52 1.87
N ARG A 226 18.09 16.21 0.85
CA ARG A 226 17.27 16.77 -0.25
C ARG A 226 16.92 15.65 -1.27
N GLU A 227 17.81 14.65 -1.36
CA GLU A 227 17.58 13.43 -2.14
C GLU A 227 17.83 12.23 -1.20
N VAL A 228 16.80 11.42 -0.94
CA VAL A 228 16.94 10.21 -0.12
C VAL A 228 17.10 8.99 -1.03
N ARG A 229 17.99 8.08 -0.65
CA ARG A 229 18.21 6.82 -1.37
C ARG A 229 17.15 5.83 -0.88
N ASN A 230 16.39 5.26 -1.82
CA ASN A 230 15.34 4.28 -1.52
C ASN A 230 15.77 2.92 -2.10
N THR A 231 16.15 2.01 -1.20
CA THR A 231 16.54 0.65 -1.56
C THR A 231 15.68 -0.32 -0.72
N ARG A 232 14.71 -0.96 -1.39
CA ARG A 232 13.80 -1.91 -0.75
C ARG A 232 14.42 -3.32 -0.76
N ARG A 233 14.18 -4.05 0.34
CA ARG A 233 14.86 -5.32 0.62
C ARG A 233 13.90 -6.50 0.40
N ARG A 234 14.20 -7.30 -0.62
CA ARG A 234 13.43 -8.51 -0.96
C ARG A 234 14.18 -9.75 -0.43
N MET A 235 13.57 -10.42 0.56
CA MET A 235 14.09 -11.68 1.11
C MET A 235 13.18 -12.82 0.68
N ILE A 236 13.67 -13.64 -0.26
CA ILE A 236 13.03 -14.90 -0.60
C ILE A 236 13.22 -15.89 0.57
N VAL A 237 12.12 -16.48 1.04
CA VAL A 237 12.13 -17.59 2.01
C VAL A 237 11.21 -18.71 1.46
N PRO A 238 11.64 -20.00 1.50
CA PRO A 238 10.78 -21.15 1.15
C PRO A 238 9.41 -21.12 1.85
N ALA A 239 8.36 -21.30 1.05
CA ALA A 239 6.96 -21.30 1.51
C ALA A 239 6.64 -22.51 2.41
N THR A 240 7.55 -23.50 2.47
CA THR A 240 7.45 -24.67 3.39
C THR A 240 7.39 -24.20 4.86
N ARG A 241 8.34 -23.30 5.21
CA ARG A 241 8.44 -22.70 6.55
C ARG A 241 7.23 -21.79 6.82
N TRP A 242 6.86 -20.99 5.80
CA TRP A 242 5.72 -20.07 5.86
C TRP A 242 4.39 -20.85 6.03
N HIS A 243 4.32 -22.04 5.42
CA HIS A 243 3.14 -22.92 5.49
C HIS A 243 3.01 -23.47 6.91
N ALA A 244 4.16 -23.87 7.49
CA ALA A 244 4.25 -24.39 8.86
C ALA A 244 3.97 -23.29 9.90
N PHE A 245 4.32 -22.04 9.57
CA PHE A 245 4.12 -20.86 10.45
C PHE A 245 2.64 -20.46 10.48
N SER A 246 2.04 -20.40 9.27
CA SER A 246 0.61 -20.08 9.09
C SER A 246 -0.26 -21.24 9.64
N ASN A 247 0.33 -22.47 9.62
CA ASN A 247 -0.27 -23.67 10.25
C ASN A 247 -0.37 -23.44 11.77
N ARG A 248 0.74 -22.99 12.39
CA ARG A 248 0.82 -22.73 13.85
C ARG A 248 -0.10 -21.59 14.29
N ALA A 249 -0.27 -20.59 13.42
CA ALA A 249 -1.11 -19.40 13.69
C ALA A 249 -2.59 -19.81 13.78
N GLY A 250 -3.04 -20.60 12.78
CA GLY A 250 -4.40 -21.13 12.75
C GLY A 250 -4.62 -22.23 13.80
N GLU A 251 -3.56 -23.01 14.06
CA GLU A 251 -3.54 -24.12 15.05
C GLU A 251 -3.77 -23.58 16.46
N TYR A 252 -3.07 -22.48 16.77
CA TYR A 252 -3.16 -21.81 18.07
C TYR A 252 -4.46 -20.97 18.15
N GLY A 253 -5.02 -20.64 16.97
CA GLY A 253 -6.31 -19.96 16.88
C GLY A 253 -6.19 -18.47 17.11
N VAL A 254 -5.14 -17.87 16.52
CA VAL A 254 -4.91 -16.42 16.49
C VAL A 254 -4.91 -15.96 15.02
N THR A 255 -5.12 -14.64 14.81
CA THR A 255 -5.15 -14.05 13.46
C THR A 255 -3.73 -14.09 12.84
N PRO A 256 -3.52 -14.79 11.68
CA PRO A 256 -2.19 -14.91 11.05
C PRO A 256 -1.76 -13.63 10.31
N THR A 257 -2.59 -13.18 9.34
CA THR A 257 -2.26 -12.12 8.37
C THR A 257 -1.84 -10.79 9.03
N MET A 258 -2.78 -10.18 9.76
CA MET A 258 -2.61 -8.82 10.32
C MET A 258 -1.62 -8.83 11.49
N ALA A 259 -1.74 -9.83 12.37
CA ALA A 259 -0.90 -9.92 13.59
C ALA A 259 0.58 -10.20 13.25
N LEU A 260 0.84 -10.86 12.10
CA LEU A 260 2.23 -11.08 11.57
C LEU A 260 2.85 -9.70 11.23
N ALA A 261 2.10 -8.92 10.44
CA ALA A 261 2.53 -7.58 9.97
C ALA A 261 2.68 -6.59 11.15
N THR A 262 1.77 -6.72 12.13
CA THR A 262 1.75 -5.86 13.33
C THR A 262 2.90 -6.24 14.29
N CYS A 263 3.23 -7.55 14.34
CA CYS A 263 4.31 -8.08 15.21
C CYS A 263 5.68 -7.62 14.70
N PHE A 264 5.94 -7.79 13.39
CA PHE A 264 7.21 -7.35 12.77
C PHE A 264 7.38 -5.82 12.90
N SER A 265 6.28 -5.09 12.62
CA SER A 265 6.25 -3.62 12.71
C SER A 265 6.49 -3.15 14.17
N ALA A 266 6.04 -3.98 15.14
CA ALA A 266 6.28 -3.76 16.57
C ALA A 266 7.78 -3.87 16.85
N VAL A 267 8.37 -5.04 16.53
CA VAL A 267 9.82 -5.33 16.74
C VAL A 267 10.74 -4.23 16.13
N LEU A 268 10.38 -3.80 14.91
CA LEU A 268 11.13 -2.81 14.10
C LEU A 268 11.18 -1.45 14.84
N ALA A 269 9.99 -0.90 15.15
CA ALA A 269 9.84 0.43 15.79
C ALA A 269 10.17 0.39 17.30
N ARG A 270 10.17 -0.83 17.88
CA ARG A 270 10.49 -1.08 19.31
C ARG A 270 11.97 -0.82 19.59
N TRP A 271 12.81 -0.96 18.54
CA TRP A 271 14.26 -0.71 18.65
C TRP A 271 14.57 0.77 19.05
N GLY A 272 13.61 1.68 18.83
CA GLY A 272 13.71 3.07 19.30
C GLY A 272 13.60 3.22 20.85
N GLY A 273 13.30 2.10 21.52
CA GLY A 273 13.18 2.03 22.99
C GLY A 273 11.75 2.08 23.49
N LEU A 274 10.79 1.68 22.62
CA LEU A 274 9.35 1.70 22.92
C LEU A 274 8.73 0.29 22.70
N THR A 275 8.66 -0.53 23.77
CA THR A 275 8.13 -1.93 23.75
C THR A 275 6.64 -1.99 23.34
N ARG A 276 5.88 -0.93 23.67
CA ARG A 276 4.45 -0.83 23.33
C ARG A 276 4.26 0.17 22.17
N LEU A 277 3.50 -0.23 21.13
CA LEU A 277 3.38 0.53 19.86
C LEU A 277 1.99 0.37 19.23
N LEU A 278 1.55 1.39 18.48
CA LEU A 278 0.36 1.30 17.61
C LEU A 278 0.84 1.40 16.15
N LEU A 279 0.66 0.31 15.39
CA LEU A 279 1.28 0.14 14.05
C LEU A 279 0.22 0.24 12.95
N ASN A 280 0.56 0.92 11.83
CA ASN A 280 -0.32 1.02 10.65
C ASN A 280 -0.19 -0.24 9.77
N ILE A 281 -1.28 -0.99 9.65
CA ILE A 281 -1.39 -2.13 8.75
C ILE A 281 -2.52 -1.88 7.74
N THR A 282 -2.23 -2.14 6.46
CA THR A 282 -3.16 -1.89 5.36
C THR A 282 -4.20 -3.01 5.25
N LEU A 283 -5.47 -2.64 5.39
CA LEU A 283 -6.63 -3.55 5.25
C LEU A 283 -7.63 -2.94 4.28
N PHE A 284 -8.36 -3.79 3.56
CA PHE A 284 -9.40 -3.37 2.62
C PHE A 284 -10.79 -3.71 3.19
N ASP A 285 -11.78 -2.89 2.84
CA ASP A 285 -13.18 -3.08 3.25
C ASP A 285 -14.06 -3.29 2.02
N ARG A 286 -14.90 -4.34 2.05
CA ARG A 286 -15.97 -4.52 1.07
C ARG A 286 -17.33 -4.30 1.77
N GLN A 287 -17.80 -3.04 1.77
CA GLN A 287 -19.12 -2.67 2.31
C GLN A 287 -20.23 -2.93 1.26
N PRO A 288 -21.06 -4.01 1.44
CA PRO A 288 -22.10 -4.39 0.47
C PRO A 288 -23.47 -3.81 0.87
N LEU A 289 -23.44 -2.56 1.42
CA LEU A 289 -24.63 -1.84 1.90
C LEU A 289 -25.68 -1.71 0.77
N HIS A 290 -25.21 -1.41 -0.44
CA HIS A 290 -25.97 -1.56 -1.69
C HIS A 290 -25.39 -2.77 -2.44
N PRO A 291 -26.24 -3.73 -2.97
CA PRO A 291 -25.78 -4.93 -3.72
C PRO A 291 -24.86 -4.61 -4.93
N ALA A 292 -25.06 -3.40 -5.49
CA ALA A 292 -24.32 -2.91 -6.66
C ALA A 292 -22.84 -2.56 -6.33
N VAL A 293 -22.57 -2.21 -5.05
CA VAL A 293 -21.18 -1.90 -4.56
C VAL A 293 -20.32 -3.20 -4.53
N GLY A 294 -20.98 -4.38 -4.67
CA GLY A 294 -20.28 -5.67 -4.78
C GLY A 294 -19.34 -5.76 -5.99
N ALA A 295 -19.66 -5.00 -7.06
CA ALA A 295 -18.86 -4.94 -8.30
C ALA A 295 -17.57 -4.09 -8.12
N MET A 296 -17.55 -3.26 -7.05
CA MET A 296 -16.38 -2.44 -6.68
C MET A 296 -15.31 -3.32 -6.02
N LEU A 297 -14.06 -3.24 -6.53
CA LEU A 297 -12.93 -4.03 -6.01
C LEU A 297 -12.29 -3.29 -4.81
N ALA A 298 -12.71 -3.68 -3.58
CA ALA A 298 -12.13 -3.21 -2.29
C ALA A 298 -12.41 -1.71 -2.00
N ASP A 299 -11.95 -1.26 -0.80
CA ASP A 299 -12.04 0.16 -0.38
C ASP A 299 -10.71 0.88 -0.75
N PHE A 300 -10.68 2.21 -0.57
CA PHE A 300 -9.49 3.06 -0.82
C PHE A 300 -8.40 2.81 0.26
N THR A 301 -7.43 3.75 0.38
CA THR A 301 -6.33 3.62 1.35
C THR A 301 -6.84 3.64 2.81
N ASN A 302 -6.93 2.44 3.42
CA ASN A 302 -7.32 2.26 4.82
C ASN A 302 -6.21 1.53 5.58
N ILE A 303 -5.65 2.21 6.57
CA ILE A 303 -4.68 1.65 7.53
C ILE A 303 -5.30 1.70 8.93
N LEU A 304 -4.94 0.74 9.79
CA LEU A 304 -5.47 0.66 11.18
C LEU A 304 -4.30 0.80 12.16
N LEU A 305 -4.56 1.43 13.31
CA LEU A 305 -3.57 1.56 14.40
C LEU A 305 -3.96 0.63 15.56
N LEU A 306 -3.35 -0.58 15.57
CA LEU A 306 -3.58 -1.61 16.61
C LEU A 306 -2.62 -1.37 17.78
N ASP A 307 -3.20 -1.18 18.96
CA ASP A 307 -2.45 -0.93 20.21
C ASP A 307 -1.78 -2.24 20.69
N THR A 308 -0.58 -2.51 20.18
CA THR A 308 0.26 -3.62 20.64
C THR A 308 0.80 -3.29 22.04
N ALA A 309 0.33 -4.07 23.03
CA ALA A 309 0.54 -3.80 24.45
C ALA A 309 2.02 -3.97 24.88
N CYS A 310 2.73 -4.88 24.18
CA CYS A 310 4.11 -5.25 24.49
C CYS A 310 4.64 -6.19 23.40
N ASP A 311 5.96 -6.44 23.42
CA ASP A 311 6.65 -7.28 22.44
C ASP A 311 7.87 -7.95 23.10
N GLY A 312 8.34 -9.06 22.50
CA GLY A 312 9.49 -9.81 23.01
C GLY A 312 9.13 -10.80 24.11
N ASP A 313 7.86 -11.20 24.13
CA ASP A 313 7.33 -12.22 25.06
C ASP A 313 7.00 -13.48 24.23
N THR A 314 6.50 -14.55 24.85
CA THR A 314 6.04 -15.76 24.13
C THR A 314 4.91 -15.44 23.13
N VAL A 315 4.78 -16.28 22.06
CA VAL A 315 3.70 -16.16 21.06
C VAL A 315 2.31 -16.29 21.72
N SER A 316 2.26 -17.03 22.84
CA SER A 316 1.04 -17.26 23.63
C SER A 316 0.38 -15.93 24.01
N ASN A 317 1.17 -15.04 24.65
CA ASN A 317 0.69 -13.73 25.09
C ASN A 317 0.63 -12.71 23.95
N LEU A 318 1.69 -12.66 23.10
CA LEU A 318 1.80 -11.64 22.03
C LEU A 318 0.66 -11.78 21.01
N ALA A 319 0.52 -12.97 20.43
CA ALA A 319 -0.44 -13.25 19.35
C ALA A 319 -1.90 -13.16 19.85
N ARG A 320 -2.16 -13.53 21.13
CA ARG A 320 -3.51 -13.42 21.72
C ARG A 320 -3.87 -11.94 22.01
N LYS A 321 -2.87 -11.13 22.41
CA LYS A 321 -3.05 -9.67 22.64
C LYS A 321 -3.29 -8.93 21.30
N ASN A 322 -2.56 -9.34 20.25
CA ASN A 322 -2.70 -8.77 18.89
C ASN A 322 -4.05 -9.15 18.28
N GLN A 323 -4.56 -10.35 18.65
CA GLN A 323 -5.88 -10.87 18.23
C GLN A 323 -7.00 -10.07 18.94
N LEU A 324 -6.79 -9.78 20.23
CA LEU A 324 -7.76 -9.07 21.08
C LEU A 324 -7.94 -7.62 20.60
N THR A 325 -6.80 -6.93 20.40
CA THR A 325 -6.77 -5.54 19.92
C THR A 325 -7.24 -5.46 18.44
N PHE A 326 -7.02 -6.55 17.68
CA PHE A 326 -7.59 -6.72 16.33
C PHE A 326 -9.12 -6.61 16.39
N THR A 327 -9.72 -7.36 17.32
CA THR A 327 -11.19 -7.44 17.51
C THR A 327 -11.80 -6.04 17.81
N GLU A 328 -11.14 -5.30 18.71
CA GLU A 328 -11.58 -3.96 19.15
C GLU A 328 -11.50 -2.97 17.98
N ASP A 329 -10.33 -2.91 17.36
CA ASP A 329 -10.09 -2.07 16.19
C ASP A 329 -10.91 -2.51 14.97
N TRP A 330 -11.36 -3.79 14.93
CA TRP A 330 -12.12 -4.35 13.80
C TRP A 330 -13.58 -3.87 13.81
N GLU A 331 -14.12 -3.52 15.00
CA GLU A 331 -15.49 -3.00 15.08
C GLU A 331 -15.50 -1.49 14.76
N HIS A 332 -14.33 -0.80 14.90
CA HIS A 332 -14.21 0.63 14.48
C HIS A 332 -13.14 0.82 13.36
N ARG A 333 -12.94 -0.24 12.54
CA ARG A 333 -11.91 -0.29 11.45
C ARG A 333 -12.23 0.63 10.25
N HIS A 334 -13.52 0.99 10.08
CA HIS A 334 -13.99 1.68 8.84
C HIS A 334 -13.48 3.14 8.75
N TRP A 335 -12.96 3.65 9.88
CA TRP A 335 -12.28 4.95 9.94
C TRP A 335 -10.78 4.67 9.99
N SER A 336 -10.04 5.25 9.05
CA SER A 336 -8.59 5.03 8.93
C SER A 336 -7.81 5.67 10.10
N GLY A 337 -6.61 5.14 10.34
CA GLY A 337 -5.71 5.59 11.40
C GLY A 337 -5.26 7.04 11.23
N VAL A 338 -5.48 7.62 10.02
CA VAL A 338 -5.25 9.06 9.72
C VAL A 338 -5.93 9.96 10.78
N GLU A 339 -7.18 9.61 11.15
CA GLU A 339 -7.97 10.33 12.17
C GLU A 339 -7.30 10.24 13.55
N LEU A 340 -6.83 9.05 13.91
CA LEU A 340 -6.19 8.79 15.21
C LEU A 340 -4.77 9.41 15.29
N LEU A 341 -4.03 9.42 14.18
CA LEU A 341 -2.64 9.95 14.14
C LEU A 341 -2.69 11.49 14.20
N ARG A 342 -3.73 12.05 13.54
CA ARG A 342 -4.10 13.49 13.64
C ARG A 342 -4.44 13.83 15.11
N GLU A 343 -5.12 12.89 15.79
CA GLU A 343 -5.54 13.06 17.19
C GLU A 343 -4.31 13.07 18.11
N LEU A 344 -3.33 12.15 17.88
CA LEU A 344 -2.04 12.11 18.62
C LEU A 344 -1.22 13.40 18.36
N LYS A 345 -1.30 13.90 17.12
CA LYS A 345 -0.61 15.13 16.71
C LYS A 345 -1.14 16.33 17.51
N ARG A 346 -2.47 16.36 17.65
CA ARG A 346 -3.23 17.39 18.37
C ARG A 346 -3.11 17.20 19.91
N GLN A 347 -2.94 15.94 20.34
CA GLN A 347 -2.92 15.54 21.76
C GLN A 347 -1.48 15.61 22.34
N GLN A 348 -0.49 15.95 21.47
CA GLN A 348 0.96 15.98 21.80
C GLN A 348 1.48 14.57 22.18
N ARG A 349 0.71 13.53 21.80
CA ARG A 349 0.97 12.12 22.17
C ARG A 349 1.87 11.42 21.09
N TYR A 350 2.43 12.25 20.18
CA TYR A 350 3.46 11.81 19.22
C TYR A 350 4.87 12.14 19.80
N PRO A 351 5.63 11.14 20.33
CA PRO A 351 7.04 11.35 20.75
C PRO A 351 7.97 11.55 19.53
N HIS A 352 7.70 10.79 18.45
CA HIS A 352 8.48 10.88 17.21
C HIS A 352 7.52 10.86 16.00
N GLY A 353 6.51 9.98 16.08
CA GLY A 353 5.45 9.91 15.05
C GLY A 353 5.94 9.38 13.70
N ALA A 354 6.55 8.18 13.72
CA ALA A 354 7.10 7.51 12.51
C ALA A 354 5.96 6.88 11.69
N PRO A 355 5.66 7.40 10.44
CA PRO A 355 4.54 6.92 9.60
C PRO A 355 4.93 5.64 8.79
N VAL A 356 5.02 4.51 9.51
CA VAL A 356 5.33 3.20 8.91
C VAL A 356 4.01 2.46 8.57
N VAL A 357 3.90 1.99 7.31
CA VAL A 357 2.69 1.29 6.79
C VAL A 357 3.10 -0.11 6.30
N PHE A 358 2.33 -1.14 6.71
CA PHE A 358 2.63 -2.55 6.42
C PHE A 358 1.44 -3.22 5.73
N THR A 359 1.58 -3.50 4.43
CA THR A 359 0.54 -4.15 3.60
C THR A 359 0.78 -5.67 3.62
N SER A 360 -0.30 -6.46 3.69
CA SER A 360 -0.21 -7.92 3.80
C SER A 360 -1.05 -8.58 2.69
N ASN A 361 -0.37 -9.06 1.64
CA ASN A 361 -1.00 -9.89 0.59
C ASN A 361 -0.49 -11.33 0.73
N LEU A 362 -1.32 -12.19 1.34
CA LEU A 362 -1.03 -13.63 1.52
C LEU A 362 -1.89 -14.44 0.55
N GLY A 363 -1.54 -15.72 0.35
CA GLY A 363 -2.26 -16.60 -0.56
C GLY A 363 -2.04 -16.23 -2.03
N ARG A 364 -0.80 -15.79 -2.34
CA ARG A 364 -0.41 -15.43 -3.72
C ARG A 364 0.03 -16.73 -4.43
N SER A 365 -0.50 -16.99 -5.65
CA SER A 365 -0.34 -18.29 -6.31
C SER A 365 1.04 -18.45 -6.96
N LEU A 366 1.84 -19.41 -6.45
CA LEU A 366 3.09 -19.92 -7.08
C LEU A 366 4.04 -18.80 -7.57
N TYR A 367 3.87 -18.36 -8.84
CA TYR A 367 4.75 -17.36 -9.48
C TYR A 367 3.97 -16.06 -9.78
N SER A 368 2.63 -16.20 -9.91
CA SER A 368 1.72 -15.08 -10.17
C SER A 368 1.33 -14.37 -8.85
N SER A 369 1.74 -13.09 -8.71
CA SER A 369 1.40 -12.24 -7.55
C SER A 369 -0.14 -12.11 -7.41
N ARG A 370 -0.81 -11.79 -8.53
CA ARG A 370 -2.28 -11.88 -8.63
C ARG A 370 -2.61 -13.29 -9.11
N ALA A 371 -3.45 -14.03 -8.36
CA ALA A 371 -3.82 -15.41 -8.70
C ALA A 371 -4.59 -15.48 -10.04
N GLU A 372 -5.36 -14.43 -10.31
CA GLU A 372 -6.11 -14.28 -11.57
C GLU A 372 -5.35 -13.34 -12.54
N SER A 373 -3.98 -13.37 -12.50
CA SER A 373 -3.12 -12.49 -13.35
C SER A 373 -3.46 -12.65 -14.85
N PRO A 374 -4.25 -11.69 -15.44
CA PRO A 374 -4.89 -11.89 -16.75
C PRO A 374 -3.96 -11.56 -17.94
N LEU A 375 -3.45 -10.32 -17.99
CA LEU A 375 -2.46 -9.89 -18.99
C LEU A 375 -1.04 -10.07 -18.43
N GLY A 376 -0.85 -9.65 -17.16
CA GLY A 376 0.48 -9.56 -16.57
C GLY A 376 0.50 -9.91 -15.11
N GLU A 377 1.66 -10.38 -14.65
CA GLU A 377 1.94 -10.67 -13.25
C GLU A 377 2.60 -9.43 -12.64
N PRO A 378 1.94 -8.71 -11.66
CA PRO A 378 2.54 -7.50 -11.07
C PRO A 378 3.82 -7.81 -10.27
N GLU A 379 4.99 -7.44 -10.83
CA GLU A 379 6.28 -7.48 -10.11
C GLU A 379 6.34 -6.25 -9.21
N TRP A 380 6.81 -6.43 -7.96
CA TRP A 380 6.93 -5.32 -7.01
C TRP A 380 7.85 -4.21 -7.58
N GLY A 381 7.27 -3.04 -7.83
CA GLY A 381 8.05 -1.86 -8.17
C GLY A 381 8.64 -1.27 -6.91
N ILE A 382 8.02 -0.19 -6.39
CA ILE A 382 8.31 0.36 -5.05
C ILE A 382 6.94 0.73 -4.42
N SER A 383 6.73 0.38 -3.14
CA SER A 383 5.52 0.74 -2.34
C SER A 383 4.20 0.22 -2.97
N GLN A 384 3.06 0.55 -2.33
CA GLN A 384 1.72 0.27 -2.88
C GLN A 384 1.10 1.59 -3.39
N THR A 385 1.10 2.64 -2.52
CA THR A 385 0.48 3.95 -2.81
C THR A 385 1.55 5.08 -2.79
N PRO A 386 1.49 6.07 -3.77
CA PRO A 386 2.43 7.23 -3.80
C PRO A 386 2.16 8.24 -2.65
N GLN A 387 2.70 7.93 -1.46
CA GLN A 387 2.56 8.78 -0.25
C GLN A 387 3.65 8.40 0.77
N VAL A 388 3.69 7.09 1.10
CA VAL A 388 4.41 6.58 2.29
C VAL A 388 5.88 6.25 1.99
N TRP A 389 6.74 6.35 3.04
CA TRP A 389 8.18 6.12 2.95
C TRP A 389 8.50 4.62 3.18
N ILE A 390 7.88 4.02 4.22
CA ILE A 390 8.02 2.56 4.47
C ILE A 390 6.68 1.86 4.15
N ASP A 391 6.75 0.91 3.20
CA ASP A 391 5.62 0.02 2.84
C ASP A 391 6.11 -1.44 2.95
N HIS A 392 5.27 -2.35 3.45
CA HIS A 392 5.56 -3.80 3.39
C HIS A 392 4.80 -4.43 2.22
N LEU A 393 5.51 -4.95 1.22
CA LEU A 393 4.93 -5.73 0.12
C LEU A 393 5.14 -7.24 0.39
N ALA A 394 4.16 -8.07 0.01
CA ALA A 394 4.27 -9.54 0.10
C ALA A 394 3.69 -10.17 -1.18
N PHE A 395 4.55 -10.88 -1.93
CA PHE A 395 4.20 -11.52 -3.22
C PHE A 395 4.95 -12.85 -3.34
N GLU A 396 4.32 -13.87 -3.91
CA GLU A 396 4.94 -15.21 -4.07
C GLU A 396 5.41 -15.41 -5.52
N HIS A 397 6.70 -15.82 -5.67
CA HIS A 397 7.30 -16.18 -6.98
C HIS A 397 8.12 -17.47 -6.80
N HIS A 398 8.02 -18.37 -7.81
CA HIS A 398 8.71 -19.69 -7.83
C HIS A 398 8.10 -20.65 -6.75
N GLY A 399 6.86 -20.36 -6.34
CA GLY A 399 6.14 -21.15 -5.34
C GLY A 399 6.58 -20.85 -3.92
N GLU A 400 7.42 -19.81 -3.75
CA GLU A 400 8.00 -19.44 -2.45
C GLU A 400 7.77 -17.95 -2.20
N VAL A 401 7.43 -17.60 -0.96
CA VAL A 401 6.99 -16.23 -0.60
C VAL A 401 8.19 -15.26 -0.43
N TRP A 402 8.10 -14.12 -1.13
CA TRP A 402 9.08 -13.02 -1.03
C TRP A 402 8.55 -11.97 -0.04
N LEU A 403 9.22 -11.89 1.13
CA LEU A 403 8.95 -10.85 2.13
C LEU A 403 9.72 -9.59 1.73
N GLN A 404 8.98 -8.56 1.27
CA GLN A 404 9.55 -7.34 0.68
C GLN A 404 9.31 -6.15 1.63
N TRP A 405 10.38 -5.43 1.98
CA TRP A 405 10.32 -4.28 2.90
C TRP A 405 10.83 -3.03 2.18
N ASP A 406 9.91 -2.18 1.75
CA ASP A 406 10.22 -0.87 1.18
C ASP A 406 10.55 0.09 2.31
N SER A 407 11.80 0.56 2.33
CA SER A 407 12.32 1.47 3.35
C SER A 407 13.38 2.37 2.73
N ASN A 408 13.62 3.50 3.38
CA ASN A 408 14.60 4.50 2.90
C ASN A 408 16.00 4.06 3.35
N ASP A 409 16.86 3.75 2.38
CA ASP A 409 18.25 3.32 2.60
C ASP A 409 19.06 4.40 3.35
N ALA A 410 18.87 5.65 2.93
CA ALA A 410 19.65 6.81 3.43
C ALA A 410 19.15 7.32 4.80
N LEU A 411 17.87 7.06 5.12
CA LEU A 411 17.25 7.50 6.41
C LEU A 411 17.33 6.38 7.47
N PHE A 412 17.06 5.14 7.07
CA PHE A 412 17.03 3.98 7.98
C PHE A 412 18.29 3.13 7.78
N PRO A 413 19.22 3.05 8.81
CA PRO A 413 20.50 2.29 8.73
C PRO A 413 20.30 0.82 8.26
N PRO A 414 20.76 0.46 7.00
CA PRO A 414 20.49 -0.87 6.36
C PRO A 414 20.93 -2.09 7.20
N ALA A 415 22.07 -1.96 7.91
CA ALA A 415 22.61 -3.05 8.78
C ALA A 415 21.71 -3.30 9.99
N LEU A 416 21.09 -2.21 10.51
CA LEU A 416 20.15 -2.29 11.64
C LEU A 416 18.86 -2.97 11.21
N VAL A 417 18.30 -2.49 10.07
CA VAL A 417 17.06 -3.04 9.49
C VAL A 417 17.26 -4.53 9.14
N GLU A 418 18.50 -4.88 8.74
CA GLU A 418 18.91 -6.26 8.42
C GLU A 418 18.68 -7.19 9.62
N THR A 419 19.26 -6.81 10.78
CA THR A 419 19.23 -7.64 12.00
C THR A 419 17.79 -7.82 12.53
N LEU A 420 16.92 -6.85 12.20
CA LEU A 420 15.50 -6.86 12.62
C LEU A 420 14.72 -7.97 11.88
N PHE A 421 14.79 -7.99 10.52
CA PHE A 421 14.08 -9.00 9.71
C PHE A 421 14.80 -10.35 9.70
N ASP A 422 16.10 -10.34 10.03
CA ASP A 422 16.94 -11.55 10.04
C ASP A 422 16.58 -12.43 11.24
N ALA A 423 16.65 -11.82 12.44
CA ALA A 423 16.30 -12.48 13.71
C ALA A 423 14.79 -12.78 13.78
N TYR A 424 13.99 -12.00 13.01
CA TYR A 424 12.54 -12.25 12.85
C TYR A 424 12.30 -13.50 11.98
N CYS A 425 13.08 -13.62 10.89
CA CYS A 425 13.01 -14.80 9.98
C CYS A 425 13.44 -16.08 10.71
N GLN A 426 14.30 -15.92 11.74
CA GLN A 426 14.75 -17.01 12.59
C GLN A 426 13.62 -17.45 13.52
N LEU A 427 12.96 -16.49 14.19
CA LEU A 427 11.87 -16.80 15.16
C LEU A 427 10.63 -17.36 14.44
N ILE A 428 10.50 -17.07 13.12
CA ILE A 428 9.51 -17.73 12.24
C ILE A 428 9.81 -19.24 12.16
N ASN A 429 11.10 -19.58 11.92
CA ASN A 429 11.57 -20.98 11.86
C ASN A 429 11.43 -21.67 13.24
N GLN A 430 11.70 -20.91 14.31
CA GLN A 430 11.63 -21.43 15.69
C GLN A 430 10.18 -21.70 16.11
N LEU A 431 9.27 -20.85 15.61
CA LEU A 431 7.82 -20.90 15.95
C LEU A 431 7.14 -22.06 15.20
N CYS A 432 7.52 -22.20 13.92
CA CYS A 432 6.88 -23.14 12.99
C CYS A 432 7.38 -24.57 13.19
N ASP A 433 8.71 -24.72 13.27
CA ASP A 433 9.40 -26.03 13.22
C ASP A 433 9.68 -26.59 14.62
N ASP A 434 10.01 -25.72 15.60
CA ASP A 434 10.41 -26.16 16.95
C ASP A 434 9.30 -25.82 17.97
N GLU A 435 8.54 -26.86 18.37
CA GLU A 435 7.31 -26.72 19.18
C GLU A 435 7.56 -26.20 20.62
N SER A 436 8.82 -26.21 21.11
CA SER A 436 9.18 -25.59 22.41
C SER A 436 9.58 -24.11 22.26
N ALA A 437 10.23 -23.78 21.13
CA ALA A 437 10.93 -22.47 20.94
C ALA A 437 9.98 -21.25 20.97
N TRP A 438 8.74 -21.45 20.48
CA TRP A 438 7.72 -20.36 20.43
C TRP A 438 7.21 -19.97 21.85
N GLN A 439 7.46 -20.87 22.84
CA GLN A 439 7.12 -20.64 24.26
C GLN A 439 8.15 -19.73 24.95
N LYS A 440 9.40 -19.70 24.41
CA LYS A 440 10.46 -18.81 24.90
C LYS A 440 10.12 -17.35 24.50
N PRO A 441 10.44 -16.33 25.38
CA PRO A 441 10.30 -14.91 25.02
C PRO A 441 11.23 -14.53 23.84
N PHE A 442 10.62 -13.96 22.78
CA PHE A 442 11.33 -13.58 21.53
C PHE A 442 12.41 -12.51 21.78
N ALA A 443 12.30 -11.80 22.92
CA ALA A 443 13.28 -10.76 23.35
C ALA A 443 14.74 -11.25 23.27
N ASP A 444 14.96 -12.52 23.65
CA ASP A 444 16.29 -13.17 23.65
C ASP A 444 16.82 -13.37 22.22
N MET A 445 15.91 -13.66 21.27
CA MET A 445 16.27 -13.88 19.86
C MET A 445 16.70 -12.55 19.19
N LEU A 446 16.07 -11.44 19.62
CA LEU A 446 16.42 -10.06 19.17
C LEU A 446 17.61 -9.49 20.00
N GLU A 447 17.81 -10.06 21.20
CA GLU A 447 18.94 -9.70 22.10
C GLU A 447 20.27 -10.18 21.49
N HIS A 448 20.22 -11.35 20.85
CA HIS A 448 21.37 -11.99 20.21
C HIS A 448 21.66 -11.34 18.84
N HIS A 449 22.95 -11.35 18.45
CA HIS A 449 23.42 -10.84 17.14
C HIS A 449 22.76 -11.59 15.96
N HIS A 450 22.79 -10.98 14.77
CA HIS A 450 22.21 -11.59 13.56
C HIS A 450 22.98 -12.87 13.18
N HIS A 451 22.25 -13.90 12.75
CA HIS A 451 22.78 -15.26 12.51
C HIS A 451 23.11 -15.45 11.02
N HIS A 452 23.50 -16.68 10.64
CA HIS A 452 23.74 -17.05 9.23
C HIS A 452 22.40 -17.29 8.51
N HIS A 453 22.20 -16.62 7.35
CA HIS A 453 20.91 -16.63 6.63
C HIS A 453 21.14 -16.17 5.16
N MET A 1 -42.64 8.51 -11.97
CA MET A 1 -42.07 7.87 -10.77
C MET A 1 -41.46 8.94 -9.86
N PRO A 2 -41.77 8.93 -8.52
CA PRO A 2 -41.11 9.83 -7.57
C PRO A 2 -39.67 9.34 -7.27
N ASP A 3 -38.70 9.81 -8.08
CA ASP A 3 -37.29 9.44 -7.92
C ASP A 3 -36.75 9.98 -6.58
N GLU A 4 -36.46 9.06 -5.64
CA GLU A 4 -35.90 9.39 -4.34
C GLU A 4 -34.42 9.79 -4.53
N SER A 5 -34.03 10.98 -4.05
CA SER A 5 -32.68 11.53 -4.23
C SER A 5 -32.30 12.50 -3.09
N SER A 6 -32.85 12.26 -1.88
CA SER A 6 -32.47 13.03 -0.66
C SER A 6 -31.04 12.65 -0.21
N TRP A 7 -30.60 11.46 -0.66
CA TRP A 7 -29.22 11.02 -0.54
C TRP A 7 -28.33 11.76 -1.57
N PRO A 8 -27.08 12.15 -1.17
CA PRO A 8 -26.14 12.85 -2.08
C PRO A 8 -25.64 11.90 -3.21
N ASN A 9 -25.69 12.44 -4.42
CA ASN A 9 -25.46 11.72 -5.68
C ASN A 9 -23.96 11.82 -6.09
N MET A 10 -23.60 11.24 -7.26
CA MET A 10 -22.20 11.27 -7.78
C MET A 10 -21.83 12.64 -8.43
N THR A 11 -22.74 13.62 -8.32
CA THR A 11 -22.58 14.98 -8.88
C THR A 11 -21.53 15.84 -8.11
N GLU A 12 -20.25 15.48 -8.26
CA GLU A 12 -19.10 16.26 -7.72
C GLU A 12 -18.73 17.43 -8.70
N SER A 13 -19.70 17.83 -9.56
CA SER A 13 -19.52 18.92 -10.54
C SER A 13 -19.28 20.28 -9.85
N THR A 14 -19.83 20.44 -8.64
CA THR A 14 -19.45 21.52 -7.72
C THR A 14 -18.20 21.06 -6.95
N PRO A 15 -17.00 21.73 -7.12
CA PRO A 15 -15.73 21.31 -6.46
C PRO A 15 -15.87 21.14 -4.92
N PHE A 16 -15.62 19.92 -4.43
CA PHE A 16 -15.66 19.58 -2.99
C PHE A 16 -14.22 19.45 -2.47
N PRO A 17 -13.94 19.67 -1.13
CA PRO A 17 -12.58 19.47 -0.54
C PRO A 17 -12.07 18.02 -0.78
N LEU A 18 -10.73 17.86 -0.73
CA LEU A 18 -10.06 16.56 -0.97
C LEU A 18 -10.43 15.56 0.15
N THR A 19 -10.22 14.25 -0.11
CA THR A 19 -10.54 13.16 0.82
C THR A 19 -9.97 13.44 2.22
N PRO A 20 -10.80 13.26 3.33
CA PRO A 20 -10.39 13.57 4.71
C PRO A 20 -9.20 12.71 5.18
N VAL A 21 -9.05 11.54 4.52
CA VAL A 21 -7.91 10.63 4.69
C VAL A 21 -6.59 11.43 4.65
N GLN A 22 -6.05 11.73 5.85
CA GLN A 22 -4.86 12.60 6.05
C GLN A 22 -3.64 12.12 5.23
N HIS A 23 -3.58 10.81 4.92
CA HIS A 23 -2.53 10.25 4.03
C HIS A 23 -2.56 10.95 2.66
N ALA A 24 -3.74 10.92 2.01
CA ALA A 24 -3.96 11.51 0.68
C ALA A 24 -3.96 13.06 0.74
N TYR A 25 -4.55 13.60 1.80
CA TYR A 25 -4.71 15.07 1.99
C TYR A 25 -3.34 15.75 2.23
N LEU A 26 -2.45 15.03 2.95
CA LEU A 26 -1.07 15.49 3.23
C LEU A 26 -0.28 15.62 1.92
N THR A 27 -0.37 14.57 1.09
CA THR A 27 0.36 14.50 -0.20
C THR A 27 -0.01 15.67 -1.12
N GLY A 28 -1.33 15.93 -1.24
CA GLY A 28 -1.85 17.04 -2.05
C GLY A 28 -1.43 18.41 -1.53
N ARG A 29 -1.42 18.54 -0.18
CA ARG A 29 -1.07 19.80 0.51
C ARG A 29 0.44 20.10 0.42
N MET A 30 1.27 19.04 0.33
CA MET A 30 2.75 19.16 0.26
C MET A 30 3.20 18.98 -1.22
N PRO A 31 3.47 20.11 -1.97
CA PRO A 31 3.85 20.06 -3.38
C PRO A 31 5.39 20.05 -3.61
N GLY A 32 5.88 18.95 -4.20
CA GLY A 32 7.27 18.85 -4.67
C GLY A 32 8.19 18.14 -3.68
N GLN A 33 7.92 18.25 -2.36
CA GLN A 33 8.77 17.63 -1.32
C GLN A 33 8.07 16.38 -0.77
N THR A 34 8.74 15.22 -0.91
CA THR A 34 8.27 13.94 -0.36
C THR A 34 8.46 13.89 1.17
N LEU A 35 9.40 14.69 1.69
CA LEU A 35 9.74 14.74 3.14
C LEU A 35 8.80 15.68 3.94
N GLY A 36 7.65 16.08 3.34
CA GLY A 36 6.62 16.87 4.04
C GLY A 36 5.64 15.99 4.84
N GLY A 37 6.14 14.85 5.36
CA GLY A 37 5.31 13.86 6.07
C GLY A 37 5.05 12.61 5.24
N VAL A 38 5.96 12.36 4.25
CA VAL A 38 5.94 11.19 3.34
C VAL A 38 4.76 11.25 2.32
N GLY A 39 5.11 11.44 1.03
CA GLY A 39 4.15 11.36 -0.07
C GLY A 39 4.09 9.95 -0.68
N CYS A 40 3.37 9.80 -1.81
CA CYS A 40 3.30 8.52 -2.56
C CYS A 40 3.71 8.74 -4.02
N HIS A 41 4.63 7.88 -4.49
CA HIS A 41 5.07 7.86 -5.90
C HIS A 41 5.23 6.38 -6.29
N LEU A 42 4.41 5.88 -7.24
CA LEU A 42 4.30 4.42 -7.53
C LEU A 42 4.48 4.13 -9.02
N TYR A 43 4.97 2.90 -9.31
CA TYR A 43 5.21 2.41 -10.69
C TYR A 43 4.48 1.08 -10.90
N GLN A 44 3.75 0.97 -12.02
CA GLN A 44 3.14 -0.30 -12.46
C GLN A 44 4.08 -0.92 -13.50
N GLU A 45 4.74 -2.04 -13.10
CA GLU A 45 5.70 -2.74 -13.96
C GLU A 45 5.12 -4.10 -14.40
N PHE A 46 5.07 -4.28 -15.72
CA PHE A 46 4.68 -5.54 -16.38
C PHE A 46 5.91 -6.11 -17.11
N GLU A 47 6.01 -7.44 -17.15
CA GLU A 47 7.06 -8.17 -17.91
C GLU A 47 6.38 -9.33 -18.69
N GLY A 48 6.88 -9.64 -19.89
CA GLY A 48 6.48 -10.84 -20.62
C GLY A 48 5.43 -10.62 -21.68
N HIS A 49 4.31 -11.38 -21.63
CA HIS A 49 3.31 -11.36 -22.70
C HIS A 49 1.91 -10.99 -22.16
N CYS A 50 1.37 -9.86 -22.64
CA CYS A 50 -0.07 -9.54 -22.54
C CYS A 50 -0.63 -9.31 -23.95
N LEU A 51 0.08 -8.43 -24.71
CA LEU A 51 -0.29 -8.07 -26.09
C LEU A 51 0.82 -7.23 -26.75
N THR A 52 0.60 -6.85 -28.02
CA THR A 52 1.55 -6.04 -28.80
C THR A 52 1.25 -4.53 -28.60
N ALA A 53 2.32 -3.72 -28.71
CA ALA A 53 2.33 -2.28 -28.39
C ALA A 53 1.22 -1.48 -29.11
N SER A 54 0.93 -1.84 -30.36
CA SER A 54 -0.07 -1.17 -31.22
C SER A 54 -1.47 -1.21 -30.55
N GLN A 55 -1.85 -2.43 -30.12
CA GLN A 55 -3.15 -2.70 -29.49
C GLN A 55 -3.19 -2.11 -28.07
N LEU A 56 -2.01 -2.07 -27.41
CA LEU A 56 -1.86 -1.56 -26.04
C LEU A 56 -2.24 -0.07 -25.97
N GLU A 57 -1.71 0.71 -26.93
CA GLU A 57 -1.97 2.16 -27.01
C GLU A 57 -3.45 2.44 -27.27
N GLN A 58 -4.02 1.75 -28.30
CA GLN A 58 -5.43 1.93 -28.74
C GLN A 58 -6.43 1.48 -27.64
N ALA A 59 -6.00 0.51 -26.81
CA ALA A 59 -6.79 0.03 -25.67
C ALA A 59 -6.89 1.10 -24.58
N ILE A 60 -5.73 1.65 -24.17
CA ILE A 60 -5.65 2.71 -23.14
C ILE A 60 -6.37 4.00 -23.63
N THR A 61 -6.32 4.24 -24.96
CA THR A 61 -7.00 5.37 -25.61
C THR A 61 -8.52 5.32 -25.35
N THR A 62 -9.14 4.16 -25.62
CA THR A 62 -10.60 3.98 -25.46
C THR A 62 -11.02 3.94 -23.96
N LEU A 63 -10.11 3.52 -23.06
CA LEU A 63 -10.38 3.45 -21.60
C LEU A 63 -10.59 4.86 -21.02
N LEU A 64 -9.56 5.72 -21.17
CA LEU A 64 -9.57 7.10 -20.67
C LEU A 64 -10.59 7.98 -21.43
N GLN A 65 -10.81 7.64 -22.72
CA GLN A 65 -11.84 8.29 -23.55
C GLN A 65 -13.24 8.04 -22.97
N ARG A 66 -13.47 6.79 -22.50
CA ARG A 66 -14.75 6.37 -21.90
C ARG A 66 -14.83 6.92 -20.45
N HIS A 67 -14.74 6.04 -19.42
CA HIS A 67 -14.76 6.42 -17.99
C HIS A 67 -14.04 5.34 -17.17
N PRO A 68 -12.71 5.51 -16.92
CA PRO A 68 -11.97 4.66 -15.95
C PRO A 68 -12.31 5.06 -14.51
N MET A 69 -12.23 4.11 -13.56
CA MET A 69 -12.68 4.31 -12.15
C MET A 69 -11.89 5.43 -11.40
N LEU A 70 -10.74 5.81 -11.96
CA LEU A 70 -9.87 6.88 -11.39
C LEU A 70 -10.03 8.20 -12.18
N HIS A 71 -11.18 8.38 -12.89
CA HIS A 71 -11.42 9.61 -13.72
C HIS A 71 -11.76 10.86 -12.86
N ILE A 72 -11.60 10.74 -11.55
CA ILE A 72 -11.66 11.89 -10.62
C ILE A 72 -10.27 12.55 -10.51
N ALA A 73 -10.23 13.89 -10.52
CA ALA A 73 -8.97 14.68 -10.45
C ALA A 73 -8.87 15.38 -9.11
N PHE A 74 -7.68 15.39 -8.50
CA PHE A 74 -7.40 16.29 -7.37
C PHE A 74 -6.66 17.53 -7.87
N ARG A 75 -6.92 18.66 -7.24
CA ARG A 75 -6.26 19.93 -7.50
C ARG A 75 -5.23 20.17 -6.38
N PRO A 76 -4.09 20.90 -6.65
CA PRO A 76 -2.87 20.84 -5.80
C PRO A 76 -2.99 21.62 -4.46
N ASP A 77 -4.16 22.25 -4.26
CA ASP A 77 -4.48 22.97 -3.01
C ASP A 77 -5.20 22.03 -2.02
N GLY A 78 -5.79 20.95 -2.55
CA GLY A 78 -6.56 20.00 -1.74
C GLY A 78 -8.05 20.14 -1.93
N GLN A 79 -8.47 20.08 -3.21
CA GLN A 79 -9.89 20.13 -3.60
C GLN A 79 -10.09 19.25 -4.85
N GLN A 80 -11.10 18.38 -4.87
CA GLN A 80 -11.28 17.37 -5.94
C GLN A 80 -12.56 17.63 -6.77
N VAL A 81 -12.44 17.39 -8.10
CA VAL A 81 -13.54 17.46 -9.10
C VAL A 81 -13.35 16.31 -10.09
N TRP A 82 -14.45 15.58 -10.42
CA TRP A 82 -14.41 14.53 -11.44
C TRP A 82 -14.20 15.11 -12.86
N LEU A 83 -13.58 14.30 -13.73
CA LEU A 83 -13.32 14.65 -15.14
C LEU A 83 -14.30 13.89 -16.06
N PRO A 84 -14.75 14.52 -17.19
CA PRO A 84 -15.52 13.80 -18.25
C PRO A 84 -14.60 12.87 -19.09
N GLN A 85 -13.42 13.39 -19.46
CA GLN A 85 -12.35 12.64 -20.15
C GLN A 85 -10.99 13.27 -19.75
N PRO A 86 -10.11 12.50 -19.05
CA PRO A 86 -8.77 13.00 -18.64
C PRO A 86 -7.77 13.15 -19.83
N TYR A 87 -7.66 12.09 -20.65
CA TYR A 87 -6.66 11.99 -21.72
C TYR A 87 -7.03 10.80 -22.65
N TRP A 88 -6.05 10.32 -23.47
CA TRP A 88 -6.22 9.15 -24.34
C TRP A 88 -5.23 8.04 -23.95
N ASN A 89 -4.04 7.95 -24.60
CA ASN A 89 -3.09 6.84 -24.38
C ASN A 89 -2.02 7.18 -23.31
N GLY A 90 -1.32 8.32 -23.49
CA GLY A 90 -0.30 8.79 -22.52
C GLY A 90 1.03 8.00 -22.52
N VAL A 91 0.99 6.72 -22.93
CA VAL A 91 2.16 5.83 -22.93
C VAL A 91 2.94 5.99 -24.26
N THR A 92 4.24 6.27 -24.13
CA THR A 92 5.16 6.40 -25.27
C THR A 92 5.89 5.07 -25.49
N VAL A 93 5.72 4.44 -26.66
CA VAL A 93 6.36 3.13 -26.95
C VAL A 93 7.75 3.36 -27.56
N HIS A 94 8.75 2.69 -26.97
CA HIS A 94 10.14 2.75 -27.42
C HIS A 94 10.54 1.38 -28.01
N ASP A 95 11.35 1.42 -29.06
CA ASP A 95 11.82 0.21 -29.76
C ASP A 95 13.10 -0.28 -29.10
N LEU A 96 13.05 -1.52 -28.62
CA LEU A 96 14.23 -2.26 -28.11
C LEU A 96 14.42 -3.54 -28.95
N ARG A 97 13.51 -3.75 -29.90
CA ARG A 97 13.65 -4.73 -30.98
C ARG A 97 14.57 -4.18 -32.08
N HIS A 98 14.41 -2.87 -32.37
CA HIS A 98 15.21 -2.13 -33.37
C HIS A 98 16.50 -1.60 -32.74
N ASN A 99 16.44 -1.31 -31.43
CA ASN A 99 17.57 -0.77 -30.67
C ASN A 99 18.32 -1.91 -29.98
N ASP A 100 19.66 -1.86 -30.05
CA ASP A 100 20.61 -2.87 -29.53
C ASP A 100 20.59 -2.92 -27.98
N ALA A 101 21.19 -3.98 -27.39
CA ALA A 101 21.21 -4.22 -25.92
C ALA A 101 21.83 -3.04 -25.14
N GLU A 102 22.76 -2.32 -25.80
CA GLU A 102 23.38 -1.08 -25.27
C GLU A 102 22.29 -0.01 -25.06
N SER A 103 21.43 0.15 -26.07
CA SER A 103 20.30 1.10 -26.05
C SER A 103 19.13 0.57 -25.19
N ARG A 104 19.12 -0.74 -24.90
CA ARG A 104 18.08 -1.36 -24.04
C ARG A 104 18.30 -0.93 -22.58
N GLN A 105 19.57 -0.99 -22.12
CA GLN A 105 19.94 -0.54 -20.76
C GLN A 105 19.97 1.00 -20.68
N ALA A 106 20.25 1.67 -21.81
CA ALA A 106 20.21 3.14 -21.91
C ALA A 106 18.78 3.65 -21.78
N TYR A 107 17.84 2.97 -22.44
CA TYR A 107 16.39 3.22 -22.30
C TYR A 107 15.92 3.04 -20.84
N LEU A 108 16.37 1.96 -20.16
CA LEU A 108 16.05 1.72 -18.73
C LEU A 108 16.65 2.82 -17.83
N ASP A 109 17.84 3.33 -18.22
CA ASP A 109 18.49 4.44 -17.50
C ASP A 109 17.83 5.78 -17.85
N ALA A 110 17.20 5.85 -19.04
CA ALA A 110 16.43 7.01 -19.50
C ALA A 110 15.12 7.11 -18.69
N LEU A 111 14.60 5.94 -18.30
CA LEU A 111 13.46 5.83 -17.38
C LEU A 111 13.89 6.21 -15.95
N ARG A 112 15.13 5.89 -15.57
CA ARG A 112 15.68 6.14 -14.21
C ARG A 112 15.87 7.66 -13.96
N GLN A 113 16.44 8.37 -14.94
CA GLN A 113 16.63 9.85 -14.85
C GLN A 113 15.26 10.57 -14.97
N ARG A 114 14.34 9.99 -15.79
CA ARG A 114 12.95 10.47 -15.93
C ARG A 114 12.21 10.31 -14.58
N LEU A 115 12.44 9.18 -13.91
CA LEU A 115 11.88 8.84 -12.57
C LEU A 115 12.17 9.95 -11.54
N SER A 116 13.40 10.46 -11.60
CA SER A 116 13.97 11.37 -10.60
C SER A 116 13.61 12.85 -10.86
N HIS A 117 13.29 13.20 -12.13
CA HIS A 117 13.12 14.62 -12.55
C HIS A 117 11.67 14.93 -12.98
N ARG A 118 10.94 13.91 -13.44
CA ARG A 118 9.58 14.04 -13.99
C ARG A 118 8.55 13.72 -12.89
N LEU A 119 7.87 14.76 -12.38
CA LEU A 119 6.87 14.65 -11.31
C LEU A 119 5.52 15.14 -11.84
N LEU A 120 4.61 14.20 -12.12
CA LEU A 120 3.25 14.48 -12.66
C LEU A 120 2.19 14.04 -11.63
N ARG A 121 1.29 14.95 -11.21
CA ARG A 121 0.15 14.57 -10.34
C ARG A 121 -1.14 15.37 -10.64
N VAL A 122 -0.99 16.63 -11.13
CA VAL A 122 -2.13 17.58 -11.28
C VAL A 122 -2.62 17.73 -12.74
N GLU A 123 -1.66 17.70 -13.69
CA GLU A 123 -1.77 18.28 -15.06
C GLU A 123 -3.14 18.10 -15.75
N ILE A 124 -3.53 16.85 -16.02
CA ILE A 124 -4.80 16.53 -16.73
C ILE A 124 -5.64 15.59 -15.86
N GLY A 125 -5.44 15.71 -14.54
CA GLY A 125 -6.09 14.84 -13.57
C GLY A 125 -5.31 13.56 -13.43
N GLU A 126 -5.88 12.43 -13.89
CA GLU A 126 -5.13 11.16 -13.92
C GLU A 126 -4.03 11.24 -15.00
N THR A 127 -2.85 11.67 -14.55
CA THR A 127 -1.68 11.84 -15.39
C THR A 127 -0.66 10.75 -15.09
N PHE A 128 -0.01 10.27 -16.15
CA PHE A 128 1.05 9.27 -16.06
C PHE A 128 2.03 9.48 -17.22
N ASP A 129 3.33 9.38 -16.92
CA ASP A 129 4.38 9.48 -17.95
C ASP A 129 5.47 8.45 -17.66
N PHE A 130 5.58 7.50 -18.58
CA PHE A 130 6.73 6.59 -18.74
C PHE A 130 6.60 5.86 -20.10
N GLN A 131 7.62 5.06 -20.43
CA GLN A 131 7.77 4.46 -21.77
C GLN A 131 7.56 2.92 -21.71
N LEU A 132 7.13 2.36 -22.86
CA LEU A 132 6.86 0.91 -23.02
C LEU A 132 8.05 0.24 -23.71
N THR A 133 8.48 -0.91 -23.18
CA THR A 133 9.59 -1.70 -23.72
C THR A 133 9.04 -2.64 -24.82
N LEU A 134 9.39 -2.37 -26.08
CA LEU A 134 9.05 -3.26 -27.20
C LEU A 134 10.29 -4.12 -27.52
N LEU A 135 10.36 -5.33 -26.95
CA LEU A 135 11.47 -6.29 -27.17
C LEU A 135 11.06 -7.37 -28.20
N PRO A 136 12.06 -8.14 -28.77
CA PRO A 136 11.78 -9.38 -29.52
C PRO A 136 11.27 -10.53 -28.60
N ASP A 137 10.89 -11.66 -29.22
CA ASP A 137 10.43 -12.89 -28.52
C ASP A 137 9.04 -12.67 -27.87
N ASN A 138 8.29 -11.66 -28.38
CA ASN A 138 6.91 -11.30 -27.94
C ASN A 138 6.94 -10.71 -26.49
N ARG A 139 8.14 -10.41 -25.99
CA ARG A 139 8.32 -9.89 -24.61
C ARG A 139 8.21 -8.36 -24.61
N HIS A 140 7.24 -7.84 -23.88
CA HIS A 140 6.99 -6.41 -23.74
C HIS A 140 6.91 -6.10 -22.24
N ARG A 141 7.47 -4.95 -21.83
CA ARG A 141 7.49 -4.54 -20.41
C ARG A 141 6.85 -3.15 -20.29
N LEU A 142 5.66 -3.06 -19.68
CA LEU A 142 4.99 -1.78 -19.46
C LEU A 142 5.47 -1.24 -18.11
N HIS A 143 6.43 -0.31 -18.18
CA HIS A 143 6.99 0.36 -17.02
C HIS A 143 6.44 1.78 -17.05
N VAL A 144 5.40 2.05 -16.24
CA VAL A 144 4.66 3.33 -16.23
C VAL A 144 4.62 3.94 -14.81
N ASN A 145 4.73 5.30 -14.70
CA ASN A 145 4.67 6.02 -13.41
C ASN A 145 3.34 6.75 -13.34
N ILE A 146 2.59 6.47 -12.26
CA ILE A 146 1.23 7.00 -12.06
C ILE A 146 1.18 7.60 -10.64
N ASP A 147 1.04 8.94 -10.52
CA ASP A 147 0.90 9.60 -9.21
C ASP A 147 -0.47 10.23 -9.11
N LEU A 148 -1.37 9.53 -8.40
CA LEU A 148 -2.74 9.97 -8.09
C LEU A 148 -3.09 9.46 -6.69
N LEU A 149 -3.29 10.38 -5.75
CA LEU A 149 -3.65 10.05 -4.35
C LEU A 149 -5.14 9.69 -4.21
N ILE A 150 -5.96 10.09 -5.22
CA ILE A 150 -7.39 9.66 -5.34
C ILE A 150 -7.51 8.31 -6.08
N MET A 151 -6.36 7.66 -6.34
CA MET A 151 -6.28 6.35 -7.00
C MET A 151 -5.65 5.37 -6.02
N ASP A 152 -6.36 4.26 -5.79
CA ASP A 152 -6.08 3.31 -4.70
C ASP A 152 -6.06 1.88 -5.25
N ALA A 153 -5.62 0.92 -4.42
CA ALA A 153 -5.61 -0.51 -4.75
C ALA A 153 -7.02 -1.04 -5.09
N SER A 154 -8.06 -0.40 -4.52
CA SER A 154 -9.48 -0.70 -4.80
C SER A 154 -9.82 -0.45 -6.29
N SER A 155 -9.51 0.78 -6.73
CA SER A 155 -9.70 1.23 -8.13
C SER A 155 -8.78 0.46 -9.09
N PHE A 156 -7.59 0.09 -8.59
CA PHE A 156 -6.60 -0.66 -9.37
C PHE A 156 -7.15 -2.03 -9.75
N THR A 157 -7.72 -2.76 -8.76
CA THR A 157 -8.23 -4.12 -8.96
C THR A 157 -9.40 -4.15 -9.98
N LEU A 158 -10.31 -3.14 -9.88
CA LEU A 158 -11.45 -3.02 -10.81
C LEU A 158 -10.93 -2.73 -12.25
N PHE A 159 -10.08 -1.71 -12.38
CA PHE A 159 -9.61 -1.20 -13.69
C PHE A 159 -8.67 -2.21 -14.38
N PHE A 160 -7.85 -2.93 -13.61
CA PHE A 160 -6.85 -3.90 -14.14
C PHE A 160 -7.54 -5.21 -14.55
N ASP A 161 -8.68 -5.51 -13.90
CA ASP A 161 -9.53 -6.68 -14.24
C ASP A 161 -10.38 -6.39 -15.48
N GLU A 162 -10.84 -5.14 -15.58
CA GLU A 162 -11.56 -4.63 -16.75
C GLU A 162 -10.60 -4.59 -17.95
N LEU A 163 -9.36 -4.17 -17.67
CA LEU A 163 -8.25 -4.16 -18.64
C LEU A 163 -7.92 -5.59 -19.08
N ASN A 164 -7.98 -6.54 -18.12
CA ASN A 164 -7.74 -7.99 -18.38
C ASN A 164 -8.68 -8.52 -19.47
N ALA A 165 -10.00 -8.30 -19.27
CA ALA A 165 -11.04 -8.78 -20.19
C ALA A 165 -10.86 -8.14 -21.58
N LEU A 166 -10.56 -6.83 -21.58
CA LEU A 166 -10.39 -6.02 -22.81
C LEU A 166 -9.22 -6.57 -23.66
N LEU A 167 -8.06 -6.81 -23.00
CA LEU A 167 -6.82 -7.24 -23.68
C LEU A 167 -6.87 -8.75 -24.05
N ALA A 168 -7.76 -9.49 -23.37
CA ALA A 168 -7.96 -10.94 -23.61
C ALA A 168 -8.90 -11.19 -24.80
N GLY A 169 -9.52 -10.13 -25.33
CA GLY A 169 -10.52 -10.24 -26.40
C GLY A 169 -11.88 -10.69 -25.87
N GLU A 170 -12.02 -10.65 -24.53
CA GLU A 170 -13.26 -10.98 -23.83
C GLU A 170 -14.14 -9.72 -23.72
N SER A 171 -15.46 -9.89 -23.90
CA SER A 171 -16.43 -8.80 -23.76
C SER A 171 -16.58 -8.43 -22.28
N LEU A 172 -16.50 -7.12 -21.97
CA LEU A 172 -16.57 -6.59 -20.60
C LEU A 172 -17.92 -6.93 -19.95
N PRO A 173 -17.94 -7.42 -18.67
CA PRO A 173 -19.20 -7.56 -17.90
C PRO A 173 -19.77 -6.18 -17.53
N ALA A 174 -21.06 -6.13 -17.13
CA ALA A 174 -21.69 -4.86 -16.75
C ALA A 174 -21.08 -4.34 -15.44
N ILE A 175 -20.32 -3.24 -15.55
CA ILE A 175 -19.62 -2.61 -14.41
C ILE A 175 -20.10 -1.15 -14.27
N ASP A 176 -20.36 -0.73 -13.03
CA ASP A 176 -20.69 0.67 -12.72
C ASP A 176 -19.39 1.50 -12.71
N THR A 177 -19.08 2.10 -13.88
CA THR A 177 -17.87 2.93 -14.10
C THR A 177 -18.14 4.42 -13.78
N ARG A 178 -19.37 4.70 -13.31
CA ARG A 178 -19.82 6.03 -12.93
C ARG A 178 -19.78 6.17 -11.39
N TYR A 179 -19.72 5.02 -10.69
CA TYR A 179 -19.52 4.96 -9.24
C TYR A 179 -18.00 4.97 -8.95
N ASP A 180 -17.50 6.18 -8.66
CA ASP A 180 -16.08 6.45 -8.35
C ASP A 180 -15.94 6.82 -6.87
N PHE A 181 -14.73 7.23 -6.46
CA PHE A 181 -14.47 7.78 -5.11
C PHE A 181 -15.36 9.02 -4.84
N ARG A 182 -15.71 9.77 -5.90
CA ARG A 182 -16.62 10.95 -5.81
C ARG A 182 -18.00 10.58 -5.19
N SER A 183 -18.63 9.50 -5.72
CA SER A 183 -19.96 9.06 -5.27
C SER A 183 -19.89 8.51 -3.84
N TYR A 184 -18.73 7.95 -3.48
CA TYR A 184 -18.47 7.46 -2.13
C TYR A 184 -18.32 8.65 -1.16
N LEU A 185 -17.57 9.68 -1.57
CA LEU A 185 -17.15 10.80 -0.69
C LEU A 185 -18.34 11.70 -0.29
N LEU A 186 -19.15 12.10 -1.29
CA LEU A 186 -20.37 12.90 -1.07
C LEU A 186 -21.34 12.13 -0.15
N HIS A 187 -21.50 10.84 -0.45
CA HIS A 187 -22.41 9.94 0.29
C HIS A 187 -21.86 9.64 1.70
N GLN A 188 -20.52 9.71 1.83
CA GLN A 188 -19.80 9.53 3.10
C GLN A 188 -20.04 10.74 4.01
N GLN A 189 -20.08 11.96 3.42
CA GLN A 189 -20.33 13.22 4.16
C GLN A 189 -21.70 13.19 4.88
N LYS A 190 -22.71 12.54 4.25
CA LYS A 190 -24.06 12.41 4.83
C LYS A 190 -24.02 11.47 6.07
N ILE A 191 -23.51 10.23 5.85
CA ILE A 191 -23.47 9.18 6.90
C ILE A 191 -22.37 9.45 7.95
N ASN A 192 -21.48 10.42 7.66
CA ASN A 192 -20.38 10.83 8.57
C ASN A 192 -20.95 11.52 9.80
N GLN A 193 -21.87 12.47 9.58
CA GLN A 193 -22.41 13.39 10.61
C GLN A 193 -22.87 12.63 11.90
N PRO A 194 -23.76 11.55 11.82
CA PRO A 194 -24.17 10.80 13.02
C PRO A 194 -23.12 9.76 13.51
N LEU A 195 -22.57 8.98 12.56
CA LEU A 195 -21.80 7.75 12.88
C LEU A 195 -20.37 8.08 13.32
N ARG A 196 -19.86 9.26 12.94
CA ARG A 196 -18.50 9.72 13.33
C ARG A 196 -18.47 10.06 14.82
N ASP A 197 -19.63 10.43 15.40
CA ASP A 197 -19.75 10.71 16.85
C ASP A 197 -19.48 9.42 17.66
N ASP A 198 -20.09 8.33 17.19
CA ASP A 198 -19.93 6.98 17.79
C ASP A 198 -18.50 6.48 17.58
N ALA A 199 -18.03 6.59 16.33
CA ALA A 199 -16.69 6.15 15.93
C ALA A 199 -15.61 6.88 16.73
N ARG A 200 -15.81 8.20 16.88
CA ARG A 200 -14.84 9.10 17.55
C ARG A 200 -14.82 8.85 19.06
N ALA A 201 -15.96 8.39 19.62
CA ALA A 201 -16.03 7.96 21.03
C ALA A 201 -15.03 6.81 21.28
N TYR A 202 -15.01 5.86 20.32
CA TYR A 202 -14.08 4.72 20.33
C TYR A 202 -12.68 5.15 19.85
N TRP A 203 -12.60 6.24 19.07
CA TRP A 203 -11.30 6.80 18.61
C TRP A 203 -10.54 7.43 19.78
N LEU A 204 -11.28 8.11 20.69
CA LEU A 204 -10.69 8.79 21.87
C LEU A 204 -10.24 7.75 22.90
N ALA A 205 -11.14 6.77 23.14
CA ALA A 205 -10.86 5.64 24.04
C ALA A 205 -9.64 4.83 23.56
N LYS A 206 -9.59 4.63 22.23
CA LYS A 206 -8.46 3.95 21.57
C LYS A 206 -7.19 4.81 21.62
N ALA A 207 -7.37 6.13 21.44
CA ALA A 207 -6.27 7.13 21.37
C ALA A 207 -5.44 7.13 22.65
N SER A 208 -6.12 7.01 23.78
CA SER A 208 -5.48 6.97 25.11
C SER A 208 -4.72 5.64 25.29
N THR A 209 -5.28 4.56 24.72
CA THR A 209 -4.65 3.21 24.75
C THR A 209 -3.46 3.13 23.77
N LEU A 210 -3.47 4.03 22.77
CA LEU A 210 -2.39 4.14 21.79
C LEU A 210 -1.19 4.89 22.40
N PRO A 211 0.06 4.45 22.07
CA PRO A 211 1.30 5.11 22.53
C PRO A 211 1.82 6.17 21.49
N PRO A 212 2.94 6.93 21.83
CA PRO A 212 3.60 7.85 20.85
C PRO A 212 4.16 7.15 19.58
N ALA A 213 4.61 7.99 18.60
CA ALA A 213 5.19 7.49 17.33
C ALA A 213 6.60 6.92 17.55
N PRO A 214 6.94 5.72 16.95
CA PRO A 214 8.31 5.17 17.01
C PRO A 214 9.34 6.06 16.28
N VAL A 215 10.36 6.53 17.02
CA VAL A 215 11.45 7.34 16.46
C VAL A 215 12.67 6.44 16.15
N LEU A 216 12.79 5.99 14.90
CA LEU A 216 13.97 5.26 14.43
C LEU A 216 15.02 6.28 13.97
N PRO A 217 16.24 6.33 14.63
CA PRO A 217 17.28 7.34 14.33
C PRO A 217 17.61 7.41 12.83
N LEU A 218 17.54 8.62 12.27
CA LEU A 218 17.77 8.87 10.85
C LEU A 218 19.26 9.10 10.58
N ALA A 219 19.72 8.74 9.37
CA ALA A 219 21.13 8.90 8.94
C ALA A 219 21.52 10.38 9.03
N CYS A 220 20.60 11.23 8.55
CA CYS A 220 20.68 12.69 8.71
C CYS A 220 19.26 13.25 8.86
N GLU A 221 19.18 14.47 9.41
CA GLU A 221 17.93 15.24 9.51
C GLU A 221 17.36 15.50 8.09
N PRO A 222 16.03 15.19 7.84
CA PRO A 222 15.37 15.33 6.50
C PRO A 222 15.66 16.65 5.77
N ALA A 223 15.81 17.75 6.55
CA ALA A 223 16.07 19.12 6.03
C ALA A 223 17.30 19.19 5.10
N THR A 224 18.34 18.41 5.46
CA THR A 224 19.61 18.35 4.70
C THR A 224 19.46 17.51 3.42
N LEU A 225 18.59 16.48 3.45
CA LEU A 225 18.41 15.55 2.31
C LEU A 225 17.67 16.25 1.14
N ARG A 226 18.28 16.18 -0.05
CA ARG A 226 17.69 16.67 -1.30
C ARG A 226 16.74 15.58 -1.85
N GLU A 227 17.24 14.34 -1.83
CA GLU A 227 16.53 13.14 -2.32
C GLU A 227 16.52 12.05 -1.24
N VAL A 228 15.49 11.18 -1.30
CA VAL A 228 15.42 9.95 -0.50
C VAL A 228 15.76 8.74 -1.39
N ARG A 229 16.53 7.80 -0.81
CA ARG A 229 16.85 6.53 -1.46
C ARG A 229 15.98 5.44 -0.85
N ASN A 230 15.16 4.80 -1.68
CA ASN A 230 14.34 3.65 -1.28
C ASN A 230 14.81 2.41 -2.05
N THR A 231 15.18 1.36 -1.31
CA THR A 231 15.55 0.05 -1.86
C THR A 231 14.34 -0.89 -1.70
N ARG A 232 14.17 -1.90 -2.59
CA ARG A 232 13.15 -2.95 -2.40
C ARG A 232 13.77 -4.35 -2.41
N ARG A 233 13.64 -5.09 -1.29
CA ARG A 233 14.01 -6.52 -1.19
C ARG A 233 12.79 -7.40 -1.46
N ARG A 234 13.00 -8.52 -2.18
CA ARG A 234 12.04 -9.64 -2.26
C ARG A 234 12.64 -10.82 -1.47
N MET A 235 11.99 -11.22 -0.38
CA MET A 235 12.44 -12.38 0.42
C MET A 235 11.51 -13.56 0.11
N ILE A 236 12.09 -14.66 -0.41
CA ILE A 236 11.35 -15.87 -0.78
C ILE A 236 11.64 -16.98 0.26
N VAL A 237 10.63 -17.33 1.06
CA VAL A 237 10.69 -18.45 2.01
C VAL A 237 9.54 -19.43 1.68
N PRO A 238 9.83 -20.78 1.57
CA PRO A 238 8.79 -21.81 1.30
C PRO A 238 7.70 -21.86 2.40
N ALA A 239 6.54 -22.44 2.04
CA ALA A 239 5.36 -22.56 2.93
C ALA A 239 5.62 -23.50 4.12
N THR A 240 6.75 -24.23 4.09
CA THR A 240 7.19 -25.15 5.16
C THR A 240 7.13 -24.49 6.57
N ARG A 241 7.87 -23.39 6.74
CA ARG A 241 7.98 -22.68 8.03
C ARG A 241 6.76 -21.80 8.28
N TRP A 242 6.17 -21.28 7.20
CA TRP A 242 4.98 -20.39 7.28
C TRP A 242 3.76 -21.19 7.77
N HIS A 243 3.67 -22.46 7.35
CA HIS A 243 2.57 -23.39 7.71
C HIS A 243 2.76 -23.88 9.14
N ALA A 244 4.01 -24.22 9.48
CA ALA A 244 4.37 -24.67 10.83
C ALA A 244 4.08 -23.56 11.86
N PHE A 245 4.34 -22.31 11.45
CA PHE A 245 4.05 -21.10 12.25
C PHE A 245 2.53 -20.83 12.27
N SER A 246 1.86 -21.12 11.13
CA SER A 246 0.41 -20.91 10.95
C SER A 246 -0.41 -21.79 11.90
N ASN A 247 0.15 -22.97 12.21
CA ASN A 247 -0.42 -23.92 13.16
C ASN A 247 -0.23 -23.42 14.59
N ARG A 248 0.93 -22.74 14.86
CA ARG A 248 1.23 -22.20 16.21
C ARG A 248 0.23 -21.10 16.58
N ALA A 249 0.14 -20.10 15.70
CA ALA A 249 -0.79 -18.97 15.84
C ALA A 249 -2.25 -19.44 15.80
N GLY A 250 -2.49 -20.52 15.03
CA GLY A 250 -3.79 -21.17 14.95
C GLY A 250 -4.24 -21.76 16.30
N GLU A 251 -3.27 -22.32 17.06
CA GLU A 251 -3.54 -22.86 18.43
C GLU A 251 -3.88 -21.72 19.41
N TYR A 252 -3.22 -20.56 19.24
CA TYR A 252 -3.50 -19.34 20.03
C TYR A 252 -4.80 -18.65 19.55
N GLY A 253 -5.31 -19.07 18.37
CA GLY A 253 -6.61 -18.64 17.89
C GLY A 253 -6.58 -17.23 17.31
N VAL A 254 -5.43 -16.88 16.71
CA VAL A 254 -5.22 -15.60 16.02
C VAL A 254 -4.89 -15.88 14.55
N THR A 255 -5.05 -14.87 13.69
CA THR A 255 -4.68 -14.98 12.28
C THR A 255 -3.14 -14.96 12.16
N PRO A 256 -2.51 -16.06 11.61
CA PRO A 256 -1.02 -16.21 11.58
C PRO A 256 -0.30 -15.07 10.83
N THR A 257 -0.78 -14.77 9.61
CA THR A 257 -0.17 -13.77 8.72
C THR A 257 -0.17 -12.36 9.37
N MET A 258 -1.30 -11.99 10.01
CA MET A 258 -1.50 -10.64 10.56
C MET A 258 -0.85 -10.47 11.94
N ALA A 259 -0.79 -11.56 12.74
CA ALA A 259 -0.11 -11.55 14.06
C ALA A 259 1.41 -11.44 13.87
N LEU A 260 1.91 -12.22 12.90
CA LEU A 260 3.33 -12.17 12.44
C LEU A 260 3.65 -10.78 11.86
N ALA A 261 2.68 -10.22 11.10
CA ALA A 261 2.80 -8.91 10.46
C ALA A 261 2.98 -7.79 11.48
N THR A 262 2.14 -7.83 12.53
CA THR A 262 2.15 -6.82 13.59
C THR A 262 3.47 -6.87 14.37
N CYS A 263 3.88 -8.09 14.76
CA CYS A 263 5.10 -8.32 15.55
C CYS A 263 6.37 -7.97 14.74
N PHE A 264 6.33 -8.18 13.41
CA PHE A 264 7.46 -7.82 12.51
C PHE A 264 7.63 -6.30 12.49
N SER A 265 6.56 -5.60 12.10
CA SER A 265 6.54 -4.14 11.98
C SER A 265 6.79 -3.46 13.34
N ALA A 266 6.49 -4.20 14.43
CA ALA A 266 6.71 -3.77 15.81
C ALA A 266 8.20 -3.81 16.18
N VAL A 267 8.83 -5.00 16.10
CA VAL A 267 10.27 -5.20 16.45
C VAL A 267 11.18 -4.23 15.65
N LEU A 268 10.87 -4.15 14.35
CA LEU A 268 11.60 -3.32 13.37
C LEU A 268 11.60 -1.83 13.79
N ALA A 269 10.42 -1.33 14.21
CA ALA A 269 10.24 0.08 14.60
C ALA A 269 10.53 0.34 16.11
N ARG A 270 10.51 -0.71 16.94
CA ARG A 270 10.60 -0.57 18.43
C ARG A 270 12.05 -0.30 18.88
N TRP A 271 13.01 -0.64 17.98
CA TRP A 271 14.45 -0.42 18.23
C TRP A 271 14.73 1.07 18.59
N GLY A 272 13.85 1.98 18.12
CA GLY A 272 13.94 3.41 18.40
C GLY A 272 13.56 3.80 19.85
N GLY A 273 13.44 2.80 20.74
CA GLY A 273 13.22 3.03 22.17
C GLY A 273 11.75 2.90 22.59
N LEU A 274 10.85 2.90 21.60
CA LEU A 274 9.40 2.76 21.84
C LEU A 274 9.07 1.27 22.06
N THR A 275 9.11 0.87 23.34
CA THR A 275 8.80 -0.50 23.80
C THR A 275 7.36 -0.90 23.44
N ARG A 276 6.49 0.11 23.34
CA ARG A 276 5.10 -0.02 22.92
C ARG A 276 4.84 0.95 21.74
N LEU A 277 4.15 0.46 20.69
CA LEU A 277 3.92 1.22 19.44
C LEU A 277 2.69 0.68 18.68
N LEU A 278 2.05 1.56 17.91
CA LEU A 278 0.89 1.23 17.04
C LEU A 278 1.40 0.96 15.61
N LEU A 279 0.94 -0.16 15.02
CA LEU A 279 1.34 -0.62 13.68
C LEU A 279 0.09 -0.65 12.79
N ASN A 280 0.22 -0.18 11.55
CA ASN A 280 -0.92 -0.09 10.61
C ASN A 280 -0.97 -1.32 9.70
N ILE A 281 -1.77 -2.33 10.06
CA ILE A 281 -1.96 -3.54 9.25
C ILE A 281 -3.21 -3.35 8.36
N THR A 282 -3.08 -3.69 7.07
CA THR A 282 -4.13 -3.45 6.07
C THR A 282 -5.21 -4.55 6.15
N LEU A 283 -6.37 -4.17 6.70
CA LEU A 283 -7.60 -4.94 6.58
C LEU A 283 -8.57 -4.07 5.79
N PHE A 284 -8.80 -4.41 4.52
CA PHE A 284 -9.68 -3.63 3.63
C PHE A 284 -11.15 -4.00 3.92
N ASP A 285 -12.01 -3.00 4.09
CA ASP A 285 -13.43 -3.20 4.42
C ASP A 285 -14.31 -2.50 3.39
N ARG A 286 -15.29 -3.24 2.88
CA ARG A 286 -16.28 -2.73 1.93
C ARG A 286 -17.67 -2.65 2.58
N GLN A 287 -18.29 -1.47 2.50
CA GLN A 287 -19.71 -1.26 2.87
C GLN A 287 -20.57 -1.43 1.59
N PRO A 288 -21.27 -2.61 1.42
CA PRO A 288 -22.05 -2.90 0.20
C PRO A 288 -23.48 -2.30 0.24
N LEU A 289 -23.59 -1.05 0.74
CA LEU A 289 -24.88 -0.34 0.94
C LEU A 289 -25.68 -0.22 -0.39
N HIS A 290 -24.94 0.00 -1.50
CA HIS A 290 -25.48 -0.05 -2.87
C HIS A 290 -24.99 -1.34 -3.57
N PRO A 291 -25.86 -2.05 -4.36
CA PRO A 291 -25.44 -3.19 -5.21
C PRO A 291 -24.28 -2.87 -6.18
N ALA A 292 -24.15 -1.59 -6.56
CA ALA A 292 -23.05 -1.09 -7.43
C ALA A 292 -21.68 -1.23 -6.73
N VAL A 293 -21.69 -1.13 -5.39
CA VAL A 293 -20.48 -1.31 -4.57
C VAL A 293 -20.06 -2.80 -4.55
N GLY A 294 -21.00 -3.69 -4.92
CA GLY A 294 -20.71 -5.12 -5.16
C GLY A 294 -19.73 -5.32 -6.32
N ALA A 295 -19.88 -4.50 -7.38
CA ALA A 295 -18.98 -4.48 -8.55
C ALA A 295 -17.66 -3.75 -8.22
N MET A 296 -17.74 -2.81 -7.26
CA MET A 296 -16.58 -2.05 -6.76
C MET A 296 -15.78 -2.92 -5.78
N LEU A 297 -14.52 -3.26 -6.14
CA LEU A 297 -13.65 -4.10 -5.29
C LEU A 297 -13.09 -3.26 -4.14
N ALA A 298 -13.77 -3.33 -2.96
CA ALA A 298 -13.45 -2.57 -1.72
C ALA A 298 -13.74 -1.05 -1.86
N ASP A 299 -14.00 -0.39 -0.72
CA ASP A 299 -14.24 1.07 -0.67
C ASP A 299 -12.91 1.82 -0.86
N PHE A 300 -11.93 1.45 -0.03
CA PHE A 300 -10.60 2.06 0.02
C PHE A 300 -9.68 1.14 0.86
N THR A 301 -8.36 1.21 0.62
CA THR A 301 -7.38 0.47 1.43
C THR A 301 -7.22 1.17 2.79
N ASN A 302 -7.97 0.66 3.78
CA ASN A 302 -7.96 1.20 5.14
C ASN A 302 -7.08 0.33 6.04
N ILE A 303 -6.46 0.97 7.04
CA ILE A 303 -5.52 0.32 7.96
C ILE A 303 -6.08 0.39 9.40
N LEU A 304 -5.71 -0.59 10.21
CA LEU A 304 -6.12 -0.66 11.62
C LEU A 304 -4.89 -0.37 12.51
N LEU A 305 -5.11 0.35 13.64
CA LEU A 305 -4.01 0.75 14.53
C LEU A 305 -3.83 -0.33 15.62
N LEU A 306 -2.92 -1.30 15.35
CA LEU A 306 -2.64 -2.39 16.29
C LEU A 306 -1.51 -1.98 17.24
N ASP A 307 -1.88 -1.62 18.48
CA ASP A 307 -0.90 -1.29 19.52
C ASP A 307 -0.34 -2.59 20.15
N THR A 308 0.98 -2.76 20.04
CA THR A 308 1.71 -3.83 20.73
C THR A 308 2.26 -3.27 22.05
N ALA A 309 2.12 -4.05 23.14
CA ALA A 309 2.58 -3.66 24.49
C ALA A 309 4.12 -3.81 24.59
N CYS A 310 4.63 -4.95 24.11
CA CYS A 310 6.06 -5.27 24.12
C CYS A 310 6.34 -6.52 23.27
N ASP A 311 7.54 -6.58 22.66
CA ASP A 311 7.98 -7.66 21.75
C ASP A 311 9.24 -8.34 22.29
N GLY A 312 9.66 -9.41 21.59
CA GLY A 312 10.78 -10.24 22.00
C GLY A 312 10.44 -11.12 23.20
N ASP A 313 9.13 -11.22 23.46
CA ASP A 313 8.55 -11.91 24.61
C ASP A 313 7.82 -13.17 24.09
N THR A 314 7.26 -13.98 25.00
CA THR A 314 6.55 -15.22 24.67
C THR A 314 5.38 -14.96 23.68
N VAL A 315 5.20 -15.87 22.71
CA VAL A 315 4.20 -15.72 21.63
C VAL A 315 2.75 -15.76 22.16
N SER A 316 2.56 -16.30 23.37
CA SER A 316 1.26 -16.28 24.08
C SER A 316 0.80 -14.83 24.30
N ASN A 317 1.74 -13.96 24.74
CA ASN A 317 1.45 -12.55 25.09
C ASN A 317 1.41 -11.65 23.85
N LEU A 318 2.25 -12.00 22.85
CA LEU A 318 2.26 -11.28 21.56
C LEU A 318 0.90 -11.44 20.86
N ALA A 319 0.47 -12.71 20.74
CA ALA A 319 -0.81 -13.08 20.11
C ALA A 319 -2.02 -12.61 20.94
N ARG A 320 -1.84 -12.53 22.28
CA ARG A 320 -2.91 -12.08 23.22
C ARG A 320 -3.23 -10.60 22.97
N LYS A 321 -2.16 -9.81 22.82
CA LYS A 321 -2.23 -8.37 22.56
C LYS A 321 -2.82 -8.11 21.17
N ASN A 322 -2.31 -8.87 20.18
CA ASN A 322 -2.76 -8.76 18.77
C ASN A 322 -4.23 -9.17 18.63
N GLN A 323 -4.70 -10.09 19.50
CA GLN A 323 -6.10 -10.57 19.51
C GLN A 323 -7.03 -9.45 20.03
N LEU A 324 -6.71 -8.97 21.25
CA LEU A 324 -7.51 -7.96 22.00
C LEU A 324 -7.68 -6.69 21.15
N THR A 325 -6.54 -6.19 20.68
CA THR A 325 -6.47 -4.98 19.85
C THR A 325 -7.22 -5.15 18.52
N PHE A 326 -7.03 -6.32 17.86
CA PHE A 326 -7.68 -6.61 16.56
C PHE A 326 -9.21 -6.58 16.70
N THR A 327 -9.74 -7.06 17.85
CA THR A 327 -11.19 -7.07 18.11
C THR A 327 -11.76 -5.63 18.10
N GLU A 328 -11.02 -4.70 18.72
CA GLU A 328 -11.40 -3.28 18.81
C GLU A 328 -11.47 -2.63 17.43
N ASP A 329 -10.34 -2.76 16.71
CA ASP A 329 -10.17 -2.13 15.40
C ASP A 329 -11.02 -2.81 14.33
N TRP A 330 -11.32 -4.12 14.50
CA TRP A 330 -12.17 -4.86 13.55
C TRP A 330 -13.65 -4.46 13.70
N GLU A 331 -14.03 -3.91 14.87
CA GLU A 331 -15.37 -3.31 15.06
C GLU A 331 -15.50 -2.02 14.23
N HIS A 332 -14.50 -1.13 14.38
CA HIS A 332 -14.49 0.20 13.74
C HIS A 332 -13.61 0.18 12.49
N ARG A 333 -13.45 -1.01 11.88
CA ARG A 333 -12.58 -1.27 10.71
C ARG A 333 -12.89 -0.37 9.49
N HIS A 334 -14.17 -0.03 9.31
CA HIS A 334 -14.64 0.80 8.18
C HIS A 334 -14.13 2.25 8.31
N TRP A 335 -13.88 2.68 9.56
CA TRP A 335 -13.25 3.96 9.86
C TRP A 335 -11.74 3.72 9.96
N SER A 336 -10.99 4.18 8.94
CA SER A 336 -9.54 4.02 8.87
C SER A 336 -8.85 4.67 10.07
N GLY A 337 -7.81 3.98 10.58
CA GLY A 337 -6.94 4.49 11.63
C GLY A 337 -6.24 5.80 11.26
N VAL A 338 -6.23 6.12 9.96
CA VAL A 338 -5.74 7.41 9.43
C VAL A 338 -6.45 8.59 10.13
N GLU A 339 -7.79 8.51 10.21
CA GLU A 339 -8.65 9.58 10.79
C GLU A 339 -8.42 9.74 12.31
N LEU A 340 -8.24 8.59 12.99
CA LEU A 340 -7.93 8.55 14.43
C LEU A 340 -6.58 9.26 14.69
N LEU A 341 -5.53 8.75 14.02
CA LEU A 341 -4.12 9.23 14.17
C LEU A 341 -3.98 10.68 13.65
N ARG A 342 -4.88 11.08 12.75
CA ARG A 342 -4.95 12.43 12.16
C ARG A 342 -5.08 13.49 13.26
N GLU A 343 -6.17 13.39 14.02
CA GLU A 343 -6.49 14.35 15.09
C GLU A 343 -5.57 14.12 16.32
N LEU A 344 -5.16 12.86 16.50
CA LEU A 344 -4.35 12.43 17.66
C LEU A 344 -2.88 12.91 17.54
N LYS A 345 -2.38 13.11 16.31
CA LYS A 345 -1.03 13.67 16.10
C LYS A 345 -1.09 15.21 16.13
N ARG A 346 -2.30 15.76 15.91
CA ARG A 346 -2.59 17.20 16.08
C ARG A 346 -2.77 17.53 17.59
N GLN A 347 -2.94 16.48 18.42
CA GLN A 347 -2.85 16.59 19.90
C GLN A 347 -1.37 16.77 20.32
N GLN A 348 -0.45 16.44 19.39
CA GLN A 348 1.02 16.64 19.49
C GLN A 348 1.65 15.60 20.44
N ARG A 349 1.38 14.32 20.14
CA ARG A 349 2.00 13.17 20.85
C ARG A 349 2.77 12.27 19.85
N TYR A 350 2.88 12.72 18.59
CA TYR A 350 3.48 11.92 17.49
C TYR A 350 4.57 12.75 16.79
N PRO A 351 5.88 12.63 17.22
CA PRO A 351 7.00 13.47 16.72
C PRO A 351 7.22 13.38 15.19
N HIS A 352 6.84 12.22 14.60
CA HIS A 352 6.85 12.03 13.14
C HIS A 352 5.42 12.02 12.60
N GLY A 353 4.52 11.33 13.33
CA GLY A 353 3.13 11.15 12.89
C GLY A 353 2.99 10.27 11.65
N ALA A 354 4.09 9.57 11.27
CA ALA A 354 4.13 8.66 10.13
C ALA A 354 4.32 7.23 10.66
N PRO A 355 3.25 6.37 10.66
CA PRO A 355 3.34 4.97 11.13
C PRO A 355 3.75 3.98 10.00
N VAL A 356 4.16 2.77 10.39
CA VAL A 356 4.60 1.72 9.44
C VAL A 356 3.37 0.90 8.97
N VAL A 357 3.31 0.56 7.65
CA VAL A 357 2.12 -0.13 7.06
C VAL A 357 2.51 -1.49 6.45
N PHE A 358 1.71 -2.53 6.75
CA PHE A 358 1.82 -3.88 6.17
C PHE A 358 0.60 -4.13 5.25
N THR A 359 0.86 -4.49 3.99
CA THR A 359 -0.19 -4.87 3.01
C THR A 359 0.12 -6.26 2.46
N SER A 360 -0.86 -7.18 2.50
CA SER A 360 -0.69 -8.57 2.05
C SER A 360 -1.78 -8.94 1.02
N ASN A 361 -1.34 -9.31 -0.19
CA ASN A 361 -2.20 -9.92 -1.21
C ASN A 361 -1.93 -11.44 -1.24
N LEU A 362 -2.84 -12.21 -0.64
CA LEU A 362 -2.75 -13.68 -0.58
C LEU A 362 -3.05 -14.27 -1.97
N GLY A 363 -2.30 -15.31 -2.35
CA GLY A 363 -2.51 -16.02 -3.61
C GLY A 363 -1.88 -15.36 -4.83
N ARG A 364 -1.69 -14.02 -4.79
CA ARG A 364 -1.26 -13.24 -5.97
C ARG A 364 0.27 -13.32 -6.15
N SER A 365 0.69 -13.79 -7.32
CA SER A 365 2.10 -13.94 -7.70
C SER A 365 2.58 -12.72 -8.50
N LEU A 366 3.91 -12.51 -8.55
CA LEU A 366 4.52 -11.42 -9.33
C LEU A 366 4.64 -11.85 -10.82
N TYR A 367 5.77 -12.47 -11.21
CA TYR A 367 6.07 -12.78 -12.63
C TYR A 367 5.58 -14.20 -13.01
N SER A 368 4.23 -14.36 -13.08
CA SER A 368 3.58 -15.65 -13.44
C SER A 368 2.58 -15.48 -14.61
N SER A 369 2.32 -16.58 -15.34
CA SER A 369 1.25 -16.64 -16.38
C SER A 369 0.04 -17.46 -15.86
N ARG A 370 0.02 -17.67 -14.54
CA ARG A 370 -1.03 -18.46 -13.86
C ARG A 370 -2.36 -17.68 -13.79
N ALA A 371 -3.40 -18.32 -13.25
CA ALA A 371 -4.75 -17.70 -13.11
C ALA A 371 -4.72 -16.49 -12.17
N GLU A 372 -3.76 -16.51 -11.23
CA GLU A 372 -3.55 -15.45 -10.22
C GLU A 372 -3.08 -14.13 -10.87
N SER A 373 -2.38 -14.28 -11.99
CA SER A 373 -1.87 -13.17 -12.80
C SER A 373 -2.74 -13.05 -14.09
N PRO A 374 -3.71 -12.09 -14.12
CA PRO A 374 -4.84 -12.10 -15.11
C PRO A 374 -4.43 -11.91 -16.59
N LEU A 375 -3.72 -10.80 -16.92
CA LEU A 375 -3.44 -10.42 -18.31
C LEU A 375 -1.95 -10.59 -18.64
N GLY A 376 -1.10 -10.35 -17.65
CA GLY A 376 0.35 -10.30 -17.82
C GLY A 376 1.07 -10.82 -16.60
N GLU A 377 2.41 -10.83 -16.66
CA GLU A 377 3.26 -11.13 -15.50
C GLU A 377 3.67 -9.78 -14.84
N PRO A 378 2.92 -9.26 -13.79
CA PRO A 378 3.20 -7.93 -13.21
C PRO A 378 4.05 -7.98 -11.90
N GLU A 379 5.25 -7.36 -11.96
CA GLU A 379 6.12 -7.21 -10.78
C GLU A 379 5.91 -5.83 -10.14
N TRP A 380 5.78 -5.82 -8.82
CA TRP A 380 5.58 -4.59 -8.03
C TRP A 380 6.93 -3.97 -7.65
N GLY A 381 7.20 -2.74 -8.14
CA GLY A 381 8.37 -1.96 -7.75
C GLY A 381 8.25 -1.44 -6.32
N ILE A 382 7.78 -0.19 -6.17
CA ILE A 382 7.37 0.37 -4.87
C ILE A 382 5.94 0.92 -5.05
N SER A 383 5.07 0.61 -4.07
CA SER A 383 3.65 0.97 -4.08
C SER A 383 3.07 0.78 -2.67
N GLN A 384 2.76 1.91 -2.01
CA GLN A 384 2.14 1.95 -0.67
C GLN A 384 1.21 3.18 -0.59
N THR A 385 0.42 3.23 0.50
CA THR A 385 -0.38 4.42 0.85
C THR A 385 0.58 5.54 1.34
N PRO A 386 0.24 6.87 1.21
CA PRO A 386 1.12 7.96 1.72
C PRO A 386 1.21 8.00 3.27
N GLN A 387 2.12 8.86 3.79
CA GLN A 387 2.33 9.09 5.24
C GLN A 387 2.67 7.77 5.97
N VAL A 388 3.74 7.12 5.51
CA VAL A 388 4.23 5.82 6.03
C VAL A 388 5.72 5.91 6.37
N TRP A 389 6.12 5.24 7.46
CA TRP A 389 7.50 5.27 7.97
C TRP A 389 8.35 4.16 7.29
N ILE A 390 7.77 2.95 7.17
CA ILE A 390 8.43 1.76 6.57
C ILE A 390 7.41 0.96 5.72
N ASP A 391 7.86 0.53 4.53
CA ASP A 391 7.05 -0.25 3.57
C ASP A 391 7.06 -1.73 3.96
N HIS A 392 5.89 -2.39 3.83
CA HIS A 392 5.76 -3.85 3.97
C HIS A 392 4.73 -4.36 2.95
N LEU A 393 5.13 -5.37 2.16
CA LEU A 393 4.30 -6.02 1.13
C LEU A 393 4.47 -7.54 1.26
N ALA A 394 3.40 -8.31 1.02
CA ALA A 394 3.44 -9.78 1.07
C ALA A 394 2.62 -10.37 -0.09
N PHE A 395 3.23 -11.31 -0.81
CA PHE A 395 2.63 -12.01 -1.96
C PHE A 395 2.85 -13.52 -1.82
N GLU A 396 2.20 -14.31 -2.68
CA GLU A 396 2.24 -15.78 -2.60
C GLU A 396 2.38 -16.35 -4.03
N HIS A 397 3.29 -17.35 -4.18
CA HIS A 397 3.63 -17.96 -5.47
C HIS A 397 4.14 -19.39 -5.25
N HIS A 398 3.37 -20.41 -5.71
CA HIS A 398 3.81 -21.84 -5.73
C HIS A 398 4.16 -22.36 -4.28
N GLY A 399 3.44 -21.83 -3.29
CA GLY A 399 3.69 -22.15 -1.88
C GLY A 399 5.00 -21.55 -1.39
N GLU A 400 5.33 -20.37 -1.93
CA GLU A 400 6.49 -19.56 -1.51
C GLU A 400 5.97 -18.15 -1.28
N VAL A 401 6.07 -17.66 -0.05
CA VAL A 401 5.52 -16.35 0.31
C VAL A 401 6.60 -15.25 0.10
N TRP A 402 6.41 -14.48 -0.98
CA TRP A 402 7.33 -13.40 -1.37
C TRP A 402 7.04 -12.16 -0.50
N LEU A 403 7.81 -12.04 0.58
CA LEU A 403 7.72 -10.92 1.52
C LEU A 403 8.63 -9.79 1.04
N GLN A 404 8.04 -8.72 0.50
CA GLN A 404 8.79 -7.54 0.06
C GLN A 404 8.79 -6.50 1.18
N TRP A 405 9.90 -6.41 1.90
CA TRP A 405 10.06 -5.44 3.00
C TRP A 405 11.27 -4.56 2.72
N ASP A 406 11.17 -3.27 3.13
CA ASP A 406 12.32 -2.35 3.17
C ASP A 406 11.89 -0.96 3.69
N SER A 407 12.88 -0.10 3.89
CA SER A 407 12.73 1.25 4.44
C SER A 407 13.49 2.25 3.53
N ASN A 408 13.43 3.55 3.85
CA ASN A 408 14.27 4.55 3.15
C ASN A 408 15.74 4.35 3.56
N ASP A 409 16.59 3.88 2.63
CA ASP A 409 18.04 3.63 2.88
C ASP A 409 18.77 4.90 3.35
N ALA A 410 18.43 6.03 2.71
CA ALA A 410 19.04 7.36 3.01
C ALA A 410 18.66 7.88 4.42
N LEU A 411 17.64 7.26 5.05
CA LEU A 411 17.17 7.63 6.40
C LEU A 411 17.52 6.54 7.44
N PHE A 412 17.55 5.27 7.03
CA PHE A 412 17.72 4.14 7.95
C PHE A 412 19.04 3.43 7.63
N PRO A 413 20.03 3.40 8.59
CA PRO A 413 21.35 2.73 8.39
C PRO A 413 21.20 1.27 7.89
N PRO A 414 21.90 0.88 6.76
CA PRO A 414 21.88 -0.50 6.22
C PRO A 414 22.05 -1.58 7.30
N ALA A 415 23.13 -1.47 8.12
CA ALA A 415 23.47 -2.46 9.19
C ALA A 415 22.32 -2.63 10.21
N LEU A 416 21.55 -1.56 10.41
CA LEU A 416 20.37 -1.57 11.29
C LEU A 416 19.25 -2.43 10.68
N VAL A 417 18.92 -2.15 9.41
CA VAL A 417 17.86 -2.88 8.67
C VAL A 417 18.18 -4.39 8.63
N GLU A 418 19.47 -4.70 8.37
CA GLU A 418 19.97 -6.08 8.23
C GLU A 418 19.73 -6.92 9.49
N THR A 419 20.16 -6.40 10.65
CA THR A 419 20.09 -7.13 11.93
C THR A 419 18.63 -7.34 12.40
N LEU A 420 17.72 -6.43 12.00
CA LEU A 420 16.32 -6.46 12.45
C LEU A 420 15.51 -7.54 11.71
N PHE A 421 15.62 -7.61 10.35
CA PHE A 421 14.88 -8.63 9.57
C PHE A 421 15.55 -10.02 9.71
N ASP A 422 16.85 -10.05 10.05
CA ASP A 422 17.59 -11.29 10.32
C ASP A 422 17.11 -11.90 11.66
N ALA A 423 16.98 -11.04 12.67
CA ALA A 423 16.46 -11.42 13.99
C ALA A 423 15.01 -11.95 13.88
N TYR A 424 14.27 -11.34 12.97
CA TYR A 424 12.90 -11.73 12.61
C TYR A 424 12.87 -13.11 11.93
N CYS A 425 13.77 -13.33 10.96
CA CYS A 425 13.86 -14.60 10.20
C CYS A 425 14.19 -15.78 11.14
N GLN A 426 15.00 -15.48 12.18
CA GLN A 426 15.42 -16.45 13.20
C GLN A 426 14.22 -16.91 14.04
N LEU A 427 13.44 -15.93 14.57
CA LEU A 427 12.33 -16.23 15.49
C LEU A 427 11.18 -16.98 14.78
N ILE A 428 11.09 -16.86 13.44
CA ILE A 428 10.14 -17.66 12.64
C ILE A 428 10.53 -19.14 12.68
N ASN A 429 11.78 -19.43 12.25
CA ASN A 429 12.32 -20.82 12.19
C ASN A 429 12.30 -21.49 13.58
N GLN A 430 12.63 -20.70 14.59
CA GLN A 430 12.70 -21.16 15.99
C GLN A 430 11.29 -21.49 16.52
N LEU A 431 10.32 -20.60 16.29
CA LEU A 431 8.95 -20.74 16.85
C LEU A 431 8.15 -21.84 16.11
N CYS A 432 8.34 -21.89 14.78
CA CYS A 432 7.56 -22.77 13.89
C CYS A 432 8.02 -24.23 14.02
N ASP A 433 9.32 -24.44 14.23
CA ASP A 433 9.92 -25.79 14.27
C ASP A 433 10.08 -26.28 15.71
N ASP A 434 10.48 -25.37 16.62
CA ASP A 434 10.74 -25.70 18.03
C ASP A 434 9.54 -25.25 18.88
N GLU A 435 8.86 -26.23 19.50
CA GLU A 435 7.63 -25.98 20.28
C GLU A 435 7.95 -25.43 21.68
N SER A 436 9.21 -25.62 22.11
CA SER A 436 9.70 -25.11 23.41
C SER A 436 10.03 -23.60 23.31
N ALA A 437 10.17 -23.11 22.06
CA ALA A 437 10.52 -21.71 21.73
C ALA A 437 9.48 -20.70 22.20
N TRP A 438 8.23 -21.17 22.34
CA TRP A 438 7.09 -20.34 22.76
C TRP A 438 7.36 -19.71 24.15
N GLN A 439 8.10 -20.45 24.98
CA GLN A 439 8.49 -20.04 26.35
C GLN A 439 9.74 -19.14 26.33
N LYS A 440 10.62 -19.39 25.35
CA LYS A 440 11.93 -18.72 25.23
C LYS A 440 11.77 -17.26 24.73
N PRO A 441 12.45 -16.25 25.39
CA PRO A 441 12.41 -14.85 24.94
C PRO A 441 13.15 -14.67 23.58
N PHE A 442 12.43 -14.16 22.59
CA PHE A 442 12.92 -13.98 21.21
C PHE A 442 13.88 -12.77 21.11
N ALA A 443 13.81 -11.89 22.13
CA ALA A 443 14.61 -10.67 22.25
C ALA A 443 16.12 -10.94 22.14
N ASP A 444 16.57 -12.08 22.69
CA ASP A 444 18.01 -12.46 22.75
C ASP A 444 18.70 -12.48 21.38
N MET A 445 17.95 -12.74 20.31
CA MET A 445 18.51 -12.83 18.94
C MET A 445 19.05 -11.45 18.46
N LEU A 446 18.33 -10.36 18.81
CA LEU A 446 18.73 -8.98 18.43
C LEU A 446 19.44 -8.27 19.61
N GLU A 447 19.26 -8.81 20.83
CA GLU A 447 19.88 -8.27 22.07
C GLU A 447 21.39 -8.59 22.05
N HIS A 448 21.70 -9.85 21.71
CA HIS A 448 23.08 -10.35 21.57
C HIS A 448 23.66 -9.81 20.26
N HIS A 449 24.90 -9.29 20.34
CA HIS A 449 25.58 -8.59 19.22
C HIS A 449 26.29 -9.59 18.29
N HIS A 450 25.53 -10.60 17.82
CA HIS A 450 26.03 -11.63 16.92
C HIS A 450 24.88 -12.06 15.98
N HIS A 451 24.72 -11.32 14.89
CA HIS A 451 23.70 -11.56 13.85
C HIS A 451 24.38 -11.87 12.50
N HIS A 452 23.58 -12.15 11.47
CA HIS A 452 24.07 -12.52 10.13
C HIS A 452 23.94 -11.34 9.14
N HIS A 453 24.82 -11.35 8.12
CA HIS A 453 24.76 -10.41 6.97
C HIS A 453 25.72 -10.96 5.88
N MET A 1 -27.38 14.04 -5.74
CA MET A 1 -27.91 15.18 -4.95
C MET A 1 -26.81 16.22 -4.74
N PRO A 2 -27.04 17.53 -5.12
CA PRO A 2 -26.13 18.62 -4.76
C PRO A 2 -26.21 18.93 -3.25
N ASP A 3 -25.06 19.19 -2.65
CA ASP A 3 -24.91 19.46 -1.22
C ASP A 3 -23.99 20.66 -1.05
N GLU A 4 -24.56 21.80 -0.59
CA GLU A 4 -23.82 23.07 -0.47
C GLU A 4 -22.83 23.01 0.70
N SER A 5 -21.65 22.41 0.45
CA SER A 5 -20.56 22.27 1.41
C SER A 5 -19.20 22.29 0.69
N SER A 6 -18.14 22.60 1.46
CA SER A 6 -16.75 22.63 0.97
C SER A 6 -16.09 21.24 1.13
N TRP A 7 -16.89 20.22 1.46
CA TRP A 7 -16.43 18.82 1.59
C TRP A 7 -16.72 18.08 0.27
N PRO A 8 -15.82 17.12 -0.18
CA PRO A 8 -16.04 16.34 -1.43
C PRO A 8 -17.40 15.59 -1.44
N ASN A 9 -18.21 15.86 -2.47
CA ASN A 9 -19.63 15.40 -2.58
C ASN A 9 -19.83 14.63 -3.89
N MET A 10 -20.90 13.83 -3.95
CA MET A 10 -21.21 12.95 -5.11
C MET A 10 -21.33 13.73 -6.45
N THR A 11 -21.54 15.06 -6.39
CA THR A 11 -21.55 15.94 -7.57
C THR A 11 -20.11 16.44 -7.88
N GLU A 12 -19.21 15.47 -8.12
CA GLU A 12 -17.77 15.73 -8.39
C GLU A 12 -17.51 16.36 -9.78
N SER A 13 -18.59 16.70 -10.51
CA SER A 13 -18.53 17.52 -11.73
C SER A 13 -18.04 18.95 -11.40
N THR A 14 -18.34 19.40 -10.17
CA THR A 14 -17.87 20.67 -9.63
C THR A 14 -16.60 20.43 -8.76
N PRO A 15 -15.60 21.38 -8.75
CA PRO A 15 -14.34 21.20 -7.99
C PRO A 15 -14.55 21.16 -6.46
N PHE A 16 -14.13 20.06 -5.84
CA PHE A 16 -14.12 19.88 -4.38
C PHE A 16 -12.67 19.65 -3.93
N PRO A 17 -12.24 20.20 -2.75
CA PRO A 17 -10.85 20.04 -2.27
C PRO A 17 -10.54 18.60 -1.83
N LEU A 18 -9.26 18.38 -1.49
CA LEU A 18 -8.76 17.08 -1.04
C LEU A 18 -9.36 16.70 0.33
N THR A 19 -9.64 15.40 0.50
CA THR A 19 -10.19 14.84 1.75
C THR A 19 -9.14 14.96 2.88
N PRO A 20 -9.54 15.41 4.14
CA PRO A 20 -8.62 15.62 5.30
C PRO A 20 -7.80 14.38 5.74
N VAL A 21 -8.02 13.22 5.08
CA VAL A 21 -7.16 12.03 5.21
C VAL A 21 -5.71 12.42 4.88
N GLN A 22 -4.81 12.28 5.88
CA GLN A 22 -3.39 12.73 5.80
C GLN A 22 -2.67 12.18 4.53
N HIS A 23 -2.98 10.94 4.13
CA HIS A 23 -2.32 10.30 2.98
C HIS A 23 -2.51 11.13 1.69
N ALA A 24 -3.79 11.45 1.39
CA ALA A 24 -4.16 12.22 0.19
C ALA A 24 -3.70 13.70 0.32
N TYR A 25 -4.17 14.36 1.40
CA TYR A 25 -4.03 15.81 1.58
C TYR A 25 -2.56 16.26 1.69
N LEU A 26 -1.74 15.49 2.44
CA LEU A 26 -0.29 15.79 2.66
C LEU A 26 0.45 15.72 1.33
N THR A 27 0.20 14.66 0.53
CA THR A 27 0.91 14.45 -0.76
C THR A 27 0.46 15.47 -1.84
N GLY A 28 -0.73 16.08 -1.64
CA GLY A 28 -1.21 17.17 -2.51
C GLY A 28 -0.53 18.49 -2.21
N ARG A 29 -0.22 18.71 -0.92
CA ARG A 29 0.52 19.89 -0.45
C ARG A 29 2.04 19.68 -0.62
N MET A 30 2.44 18.39 -0.67
CA MET A 30 3.84 17.97 -0.79
C MET A 30 4.01 17.08 -2.05
N PRO A 31 4.14 17.70 -3.28
CA PRO A 31 4.26 16.94 -4.54
C PRO A 31 5.69 16.39 -4.74
N GLY A 32 5.82 15.05 -4.67
CA GLY A 32 7.09 14.34 -4.92
C GLY A 32 8.13 14.49 -3.81
N GLN A 33 7.78 15.21 -2.74
CA GLN A 33 8.68 15.49 -1.58
C GLN A 33 8.17 14.78 -0.31
N THR A 34 9.06 14.01 0.37
CA THR A 34 8.77 13.40 1.67
C THR A 34 9.40 14.21 2.81
N LEU A 35 10.74 14.18 2.90
CA LEU A 35 11.47 14.61 4.10
C LEU A 35 12.43 15.81 3.85
N GLY A 36 13.08 15.85 2.67
CA GLY A 36 14.13 16.85 2.39
C GLY A 36 13.87 17.70 1.15
N GLY A 37 12.66 17.61 0.59
CA GLY A 37 12.31 18.28 -0.68
C GLY A 37 12.36 17.32 -1.87
N VAL A 38 12.79 16.08 -1.60
CA VAL A 38 12.65 14.92 -2.49
C VAL A 38 12.12 13.76 -1.64
N GLY A 39 11.31 12.89 -2.27
CA GLY A 39 10.80 11.68 -1.63
C GLY A 39 10.57 10.59 -2.65
N CYS A 40 11.48 10.55 -3.65
CA CYS A 40 11.46 9.60 -4.76
C CYS A 40 10.16 9.69 -5.59
N HIS A 41 10.01 8.78 -6.56
CA HIS A 41 8.80 8.66 -7.41
C HIS A 41 8.46 7.16 -7.56
N LEU A 42 7.17 6.83 -7.70
CA LEU A 42 6.71 5.43 -7.74
C LEU A 42 6.78 4.89 -9.19
N TYR A 43 7.58 3.83 -9.36
CA TYR A 43 7.79 3.14 -10.65
C TYR A 43 7.49 1.65 -10.45
N GLN A 44 6.56 1.11 -11.27
CA GLN A 44 6.27 -0.34 -11.29
C GLN A 44 6.52 -0.89 -12.70
N GLU A 45 7.14 -2.07 -12.76
CA GLU A 45 7.53 -2.74 -14.02
C GLU A 45 6.86 -4.13 -14.07
N PHE A 46 6.45 -4.59 -15.27
CA PHE A 46 5.84 -5.92 -15.46
C PHE A 46 6.41 -6.58 -16.72
N GLU A 47 7.08 -7.75 -16.56
CA GLU A 47 7.62 -8.51 -17.70
C GLU A 47 6.71 -9.73 -17.99
N GLY A 48 6.08 -9.71 -19.16
CA GLY A 48 5.25 -10.82 -19.63
C GLY A 48 4.65 -10.50 -20.98
N HIS A 49 3.41 -10.93 -21.20
CA HIS A 49 2.67 -10.65 -22.43
C HIS A 49 1.27 -10.11 -22.05
N CYS A 50 0.96 -8.88 -22.45
CA CYS A 50 -0.35 -8.27 -22.21
C CYS A 50 -1.15 -8.23 -23.52
N LEU A 51 -0.52 -7.64 -24.56
CA LEU A 51 -1.08 -7.49 -25.92
C LEU A 51 -0.10 -6.64 -26.78
N THR A 52 -0.57 -6.11 -27.92
CA THR A 52 0.23 -5.22 -28.79
C THR A 52 0.02 -3.74 -28.38
N ALA A 53 0.92 -2.85 -28.88
CA ALA A 53 0.95 -1.43 -28.53
C ALA A 53 -0.31 -0.68 -29.01
N SER A 54 -0.78 -1.06 -30.20
CA SER A 54 -1.97 -0.47 -30.85
C SER A 54 -3.23 -0.77 -30.03
N GLN A 55 -3.39 -2.05 -29.67
CA GLN A 55 -4.56 -2.53 -28.92
C GLN A 55 -4.58 -1.97 -27.47
N LEU A 56 -3.39 -1.77 -26.89
CA LEU A 56 -3.23 -1.19 -25.53
C LEU A 56 -3.61 0.29 -25.52
N GLU A 57 -3.07 1.02 -26.50
CA GLU A 57 -3.32 2.46 -26.71
C GLU A 57 -4.84 2.73 -26.80
N GLN A 58 -5.50 1.94 -27.66
CA GLN A 58 -6.95 2.01 -27.90
C GLN A 58 -7.75 1.72 -26.60
N ALA A 59 -7.33 0.66 -25.87
CA ALA A 59 -8.01 0.16 -24.66
C ALA A 59 -7.99 1.22 -23.53
N ILE A 60 -6.86 1.92 -23.40
CA ILE A 60 -6.67 2.96 -22.37
C ILE A 60 -7.43 4.25 -22.74
N THR A 61 -7.49 4.57 -24.06
CA THR A 61 -8.27 5.72 -24.56
C THR A 61 -9.78 5.52 -24.28
N THR A 62 -10.26 4.28 -24.50
CA THR A 62 -11.66 3.89 -24.26
C THR A 62 -12.01 3.93 -22.75
N LEU A 63 -11.05 3.47 -21.93
CA LEU A 63 -11.17 3.43 -20.47
C LEU A 63 -11.34 4.85 -19.90
N LEU A 64 -10.38 5.72 -20.25
CA LEU A 64 -10.35 7.15 -19.83
C LEU A 64 -11.56 7.94 -20.36
N GLN A 65 -12.06 7.53 -21.55
CA GLN A 65 -13.25 8.14 -22.21
C GLN A 65 -14.51 7.91 -21.36
N ARG A 66 -14.54 6.78 -20.65
CA ARG A 66 -15.63 6.43 -19.75
C ARG A 66 -15.42 7.14 -18.36
N HIS A 67 -15.13 6.37 -17.29
CA HIS A 67 -15.04 6.91 -15.92
C HIS A 67 -14.19 5.98 -15.01
N PRO A 68 -12.84 5.94 -15.23
CA PRO A 68 -11.91 5.22 -14.32
C PRO A 68 -11.48 6.11 -13.14
N MET A 69 -10.55 5.63 -12.31
CA MET A 69 -9.98 6.43 -11.20
C MET A 69 -9.20 7.65 -11.73
N LEU A 70 -8.32 7.40 -12.71
CA LEU A 70 -7.29 8.38 -13.15
C LEU A 70 -7.82 9.40 -14.20
N HIS A 71 -9.17 9.53 -14.36
CA HIS A 71 -9.78 10.54 -15.27
C HIS A 71 -9.92 11.91 -14.57
N ILE A 72 -9.49 11.97 -13.30
CA ILE A 72 -9.59 13.17 -12.45
C ILE A 72 -8.44 14.15 -12.75
N ALA A 73 -8.71 15.45 -12.58
CA ALA A 73 -7.72 16.51 -12.71
C ALA A 73 -7.40 17.05 -11.30
N PHE A 74 -6.11 17.07 -10.95
CA PHE A 74 -5.64 17.70 -9.72
C PHE A 74 -5.33 19.17 -10.02
N ARG A 75 -5.63 20.05 -9.08
CA ARG A 75 -5.27 21.47 -9.17
C ARG A 75 -4.29 21.79 -8.02
N PRO A 76 -3.25 22.66 -8.24
CA PRO A 76 -2.22 22.95 -7.21
C PRO A 76 -2.81 23.72 -5.99
N ASP A 77 -4.07 24.15 -6.13
CA ASP A 77 -4.88 24.76 -5.05
C ASP A 77 -5.26 23.73 -3.98
N GLY A 78 -5.10 22.43 -4.32
CA GLY A 78 -5.58 21.32 -3.50
C GLY A 78 -7.04 20.99 -3.82
N GLN A 79 -7.42 21.22 -5.09
CA GLN A 79 -8.78 20.96 -5.62
C GLN A 79 -8.73 19.78 -6.60
N GLN A 80 -9.66 18.84 -6.49
CA GLN A 80 -9.79 17.69 -7.42
C GLN A 80 -11.18 17.73 -8.11
N VAL A 81 -11.22 17.40 -9.42
CA VAL A 81 -12.44 17.41 -10.24
C VAL A 81 -12.51 16.10 -11.06
N TRP A 82 -13.65 15.40 -11.03
CA TRP A 82 -13.85 14.20 -11.87
C TRP A 82 -14.42 14.65 -13.22
N LEU A 83 -13.55 14.64 -14.26
CA LEU A 83 -13.88 15.17 -15.61
C LEU A 83 -14.23 14.02 -16.58
N PRO A 84 -15.24 14.24 -17.50
CA PRO A 84 -15.59 13.25 -18.55
C PRO A 84 -14.63 13.32 -19.77
N GLN A 85 -13.65 14.23 -19.70
CA GLN A 85 -12.68 14.48 -20.78
C GLN A 85 -11.43 13.58 -20.62
N PRO A 86 -11.24 12.55 -21.50
CA PRO A 86 -10.02 11.69 -21.51
C PRO A 86 -8.77 12.47 -22.00
N TYR A 87 -7.59 12.13 -21.46
CA TYR A 87 -6.30 12.74 -21.87
C TYR A 87 -5.54 11.74 -22.78
N TRP A 88 -6.32 11.06 -23.67
CA TRP A 88 -5.83 10.02 -24.61
C TRP A 88 -5.21 8.81 -23.85
N ASN A 89 -3.88 8.81 -23.65
CA ASN A 89 -3.15 7.73 -22.94
C ASN A 89 -1.68 8.10 -22.74
N GLY A 90 -1.01 8.54 -23.81
CA GLY A 90 0.40 8.96 -23.75
C GLY A 90 1.38 7.79 -23.68
N VAL A 91 0.94 6.57 -24.11
CA VAL A 91 1.72 5.33 -23.93
C VAL A 91 2.97 5.35 -24.81
N THR A 92 4.11 5.66 -24.18
CA THR A 92 5.42 5.71 -24.83
C THR A 92 5.96 4.29 -25.04
N VAL A 93 5.89 3.84 -26.30
CA VAL A 93 6.32 2.49 -26.68
C VAL A 93 7.80 2.53 -27.07
N HIS A 94 8.55 1.55 -26.56
CA HIS A 94 10.00 1.39 -26.79
C HIS A 94 10.22 0.03 -27.46
N ASP A 95 10.94 0.02 -28.57
CA ASP A 95 11.32 -1.21 -29.26
C ASP A 95 12.84 -1.40 -29.10
N LEU A 96 13.22 -2.49 -28.44
CA LEU A 96 14.63 -2.87 -28.24
C LEU A 96 14.95 -4.16 -29.05
N ARG A 97 14.00 -4.56 -29.92
CA ARG A 97 14.15 -5.77 -30.76
C ARG A 97 14.85 -5.42 -32.09
N HIS A 98 14.73 -4.16 -32.52
CA HIS A 98 15.45 -3.62 -33.70
C HIS A 98 16.62 -2.75 -33.22
N ASN A 99 16.42 -2.10 -32.06
CA ASN A 99 17.42 -1.21 -31.43
C ASN A 99 18.56 -2.03 -30.79
N ASP A 100 19.77 -1.46 -30.86
CA ASP A 100 21.04 -2.10 -30.44
C ASP A 100 21.17 -2.15 -28.90
N ALA A 101 22.20 -2.89 -28.40
CA ALA A 101 22.55 -2.99 -26.96
C ALA A 101 22.81 -1.62 -26.32
N GLU A 102 23.21 -0.64 -27.16
CA GLU A 102 23.46 0.74 -26.74
C GLU A 102 22.13 1.44 -26.37
N SER A 103 21.11 1.20 -27.21
CA SER A 103 19.74 1.76 -27.00
C SER A 103 18.98 0.93 -25.94
N ARG A 104 19.45 -0.30 -25.70
CA ARG A 104 18.96 -1.16 -24.61
C ARG A 104 19.40 -0.54 -23.26
N GLN A 105 20.66 -0.06 -23.22
CA GLN A 105 21.22 0.68 -22.07
C GLN A 105 20.52 2.03 -21.90
N ALA A 106 20.29 2.70 -23.05
CA ALA A 106 19.65 4.03 -23.11
C ALA A 106 18.21 4.00 -22.60
N TYR A 107 17.53 2.85 -22.81
CA TYR A 107 16.20 2.56 -22.23
C TYR A 107 16.25 2.55 -20.69
N LEU A 108 17.22 1.79 -20.15
CA LEU A 108 17.42 1.61 -18.70
C LEU A 108 17.85 2.95 -18.04
N ASP A 109 18.56 3.77 -18.83
CA ASP A 109 19.01 5.11 -18.41
C ASP A 109 17.83 6.09 -18.39
N ALA A 110 16.98 5.98 -19.43
CA ALA A 110 15.82 6.86 -19.65
C ALA A 110 14.78 6.72 -18.53
N LEU A 111 14.45 5.45 -18.18
CA LEU A 111 13.43 5.17 -17.14
C LEU A 111 13.92 5.58 -15.75
N ARG A 112 15.25 5.48 -15.52
CA ARG A 112 15.91 5.84 -14.24
C ARG A 112 15.92 7.37 -14.05
N GLN A 113 16.15 8.07 -15.17
CA GLN A 113 16.18 9.55 -15.23
C GLN A 113 14.75 10.12 -15.02
N ARG A 114 13.77 9.44 -15.64
CA ARG A 114 12.33 9.77 -15.51
C ARG A 114 11.76 9.27 -14.17
N LEU A 115 12.52 8.41 -13.47
CA LEU A 115 12.15 7.95 -12.12
C LEU A 115 12.56 9.03 -11.10
N SER A 116 13.85 9.41 -11.09
CA SER A 116 14.42 10.25 -10.02
C SER A 116 14.27 11.76 -10.32
N HIS A 117 14.63 12.15 -11.56
CA HIS A 117 14.72 13.58 -11.96
C HIS A 117 13.52 13.96 -12.87
N ARG A 118 12.34 13.41 -12.55
CA ARG A 118 11.12 13.68 -13.35
C ARG A 118 10.52 15.07 -13.03
N LEU A 119 10.26 15.85 -14.09
CA LEU A 119 9.52 17.12 -14.00
C LEU A 119 8.02 16.79 -14.20
N LEU A 120 7.21 17.01 -13.15
CA LEU A 120 5.76 16.71 -13.16
C LEU A 120 4.94 17.88 -13.73
N ARG A 121 3.76 17.55 -14.29
CA ARG A 121 2.77 18.55 -14.73
C ARG A 121 1.73 18.76 -13.60
N VAL A 122 2.23 18.77 -12.33
CA VAL A 122 1.41 18.98 -11.11
C VAL A 122 0.76 20.40 -11.09
N GLU A 123 1.30 21.31 -11.92
CA GLU A 123 0.81 22.67 -12.11
C GLU A 123 -0.62 22.67 -12.68
N ILE A 124 -0.89 21.73 -13.61
CA ILE A 124 -2.26 21.46 -14.11
C ILE A 124 -2.82 20.19 -13.47
N GLY A 125 -1.93 19.43 -12.77
CA GLY A 125 -2.28 18.21 -12.04
C GLY A 125 -2.47 16.97 -12.91
N GLU A 126 -2.81 17.20 -14.18
CA GLU A 126 -3.04 16.14 -15.17
C GLU A 126 -1.68 15.63 -15.67
N THR A 127 -1.15 14.66 -14.91
CA THR A 127 0.13 14.03 -15.20
C THR A 127 0.05 12.54 -14.82
N PHE A 128 0.36 11.69 -15.80
CA PHE A 128 0.46 10.23 -15.64
C PHE A 128 1.37 9.69 -16.73
N ASP A 129 1.91 8.48 -16.52
CA ASP A 129 2.92 7.87 -17.41
C ASP A 129 2.60 6.40 -17.62
N PHE A 130 2.43 6.03 -18.89
CA PHE A 130 2.39 4.64 -19.34
C PHE A 130 3.49 4.48 -20.38
N GLN A 131 4.40 3.52 -20.14
CA GLN A 131 5.44 3.15 -21.11
C GLN A 131 5.36 1.64 -21.37
N LEU A 132 5.26 1.26 -22.65
CA LEU A 132 5.34 -0.15 -23.06
C LEU A 132 6.73 -0.39 -23.68
N THR A 133 7.24 -1.62 -23.53
CA THR A 133 8.51 -2.06 -24.13
C THR A 133 8.32 -3.40 -24.86
N LEU A 134 9.03 -3.59 -25.98
CA LEU A 134 9.09 -4.87 -26.71
C LEU A 134 10.58 -5.28 -26.81
N LEU A 135 10.92 -6.39 -26.16
CA LEU A 135 12.27 -6.97 -26.10
C LEU A 135 12.38 -8.17 -27.08
N PRO A 136 13.63 -8.71 -27.30
CA PRO A 136 13.80 -10.10 -27.81
C PRO A 136 13.19 -11.15 -26.83
N ASP A 137 13.06 -12.40 -27.32
CA ASP A 137 12.39 -13.53 -26.61
C ASP A 137 10.85 -13.29 -26.50
N ASN A 138 10.33 -12.32 -27.31
CA ASN A 138 8.89 -11.90 -27.32
C ASN A 138 8.43 -11.33 -25.97
N ARG A 139 9.40 -10.83 -25.18
CA ARG A 139 9.11 -10.22 -23.86
C ARG A 139 8.53 -8.82 -24.04
N HIS A 140 7.53 -8.48 -23.22
CA HIS A 140 6.98 -7.11 -23.16
C HIS A 140 7.13 -6.60 -21.73
N ARG A 141 7.75 -5.43 -21.57
CA ARG A 141 7.85 -4.77 -20.27
C ARG A 141 6.89 -3.59 -20.23
N LEU A 142 5.77 -3.78 -19.51
CA LEU A 142 4.75 -2.74 -19.29
C LEU A 142 5.04 -2.06 -17.95
N HIS A 143 5.59 -0.85 -18.02
CA HIS A 143 5.99 -0.07 -16.83
C HIS A 143 5.23 1.25 -16.79
N VAL A 144 4.65 1.51 -15.62
CA VAL A 144 3.77 2.65 -15.37
C VAL A 144 4.33 3.47 -14.20
N ASN A 145 4.37 4.81 -14.37
CA ASN A 145 4.64 5.73 -13.27
C ASN A 145 3.33 6.49 -13.00
N ILE A 146 2.85 6.40 -11.75
CA ILE A 146 1.67 7.13 -11.28
C ILE A 146 2.13 7.90 -10.04
N ASP A 147 2.10 9.23 -10.12
CA ASP A 147 2.76 10.12 -9.15
C ASP A 147 1.74 10.74 -8.20
N LEU A 148 2.22 11.11 -6.99
CA LEU A 148 1.45 11.79 -5.92
C LEU A 148 0.14 11.03 -5.51
N LEU A 149 -0.84 11.76 -4.92
CA LEU A 149 -2.05 11.19 -4.27
C LEU A 149 -2.96 10.34 -5.20
N ILE A 150 -2.77 10.43 -6.54
CA ILE A 150 -3.57 9.64 -7.50
C ILE A 150 -3.08 8.16 -7.58
N MET A 151 -2.03 7.84 -6.77
CA MET A 151 -1.48 6.47 -6.65
C MET A 151 -1.51 6.00 -5.19
N ASP A 152 -1.73 4.68 -5.00
CA ASP A 152 -1.73 4.01 -3.68
C ASP A 152 -1.71 2.47 -3.90
N ALA A 153 -1.54 1.70 -2.81
CA ALA A 153 -1.64 0.22 -2.85
C ALA A 153 -3.08 -0.22 -3.19
N SER A 154 -4.07 0.54 -2.67
CA SER A 154 -5.50 0.38 -2.98
C SER A 154 -5.76 0.62 -4.48
N SER A 155 -5.07 1.65 -5.02
CA SER A 155 -5.16 2.03 -6.43
C SER A 155 -4.64 0.88 -7.31
N PHE A 156 -3.49 0.31 -6.91
CA PHE A 156 -2.84 -0.79 -7.67
C PHE A 156 -3.72 -2.06 -7.72
N THR A 157 -4.26 -2.47 -6.56
CA THR A 157 -5.01 -3.73 -6.41
C THR A 157 -6.25 -3.78 -7.35
N LEU A 158 -7.04 -2.70 -7.31
CA LEU A 158 -8.24 -2.56 -8.14
C LEU A 158 -7.85 -2.21 -9.61
N PHE A 159 -6.66 -1.60 -9.82
CA PHE A 159 -6.17 -1.23 -11.18
C PHE A 159 -5.83 -2.47 -12.01
N PHE A 160 -4.99 -3.38 -11.46
CA PHE A 160 -4.55 -4.58 -12.20
C PHE A 160 -5.75 -5.51 -12.45
N ASP A 161 -6.73 -5.48 -11.51
CA ASP A 161 -8.00 -6.23 -11.63
C ASP A 161 -8.78 -5.78 -12.88
N GLU A 162 -8.97 -4.45 -12.99
CA GLU A 162 -9.64 -3.80 -14.16
C GLU A 162 -8.91 -4.16 -15.47
N LEU A 163 -7.58 -3.96 -15.42
CA LEU A 163 -6.69 -4.03 -16.58
C LEU A 163 -6.62 -5.46 -17.17
N ASN A 164 -6.28 -6.44 -16.31
CA ASN A 164 -6.05 -7.85 -16.73
C ASN A 164 -7.34 -8.49 -17.27
N ALA A 165 -8.50 -7.98 -16.81
CA ALA A 165 -9.84 -8.46 -17.24
C ALA A 165 -10.05 -8.17 -18.74
N LEU A 166 -9.84 -6.90 -19.12
CA LEU A 166 -10.00 -6.45 -20.52
C LEU A 166 -8.78 -6.85 -21.40
N LEU A 167 -7.62 -7.16 -20.75
CA LEU A 167 -6.40 -7.67 -21.46
C LEU A 167 -6.43 -9.22 -21.58
N ALA A 168 -7.37 -9.88 -20.87
CA ALA A 168 -7.60 -11.34 -20.99
C ALA A 168 -8.32 -11.71 -22.31
N GLY A 169 -8.66 -10.66 -23.09
CA GLY A 169 -9.38 -10.80 -24.35
C GLY A 169 -10.85 -10.51 -24.22
N GLU A 170 -11.32 -10.40 -22.96
CA GLU A 170 -12.72 -10.14 -22.63
C GLU A 170 -12.89 -8.67 -22.23
N SER A 171 -12.87 -7.80 -23.25
CA SER A 171 -13.06 -6.35 -23.09
C SER A 171 -14.51 -6.08 -22.66
N LEU A 172 -14.68 -5.53 -21.45
CA LEU A 172 -15.98 -5.09 -20.93
C LEU A 172 -16.14 -3.57 -21.10
N PRO A 173 -17.41 -3.06 -21.22
CA PRO A 173 -17.67 -1.60 -21.12
C PRO A 173 -17.29 -1.11 -19.70
N ALA A 174 -16.39 -0.11 -19.63
CA ALA A 174 -15.83 0.36 -18.35
C ALA A 174 -16.94 0.91 -17.43
N ILE A 175 -17.19 0.18 -16.33
CA ILE A 175 -18.27 0.45 -15.39
C ILE A 175 -17.70 0.68 -13.98
N ASP A 176 -18.37 1.56 -13.21
CA ASP A 176 -17.93 1.93 -11.86
C ASP A 176 -18.43 0.89 -10.85
N THR A 177 -17.64 -0.17 -10.72
CA THR A 177 -17.87 -1.24 -9.75
C THR A 177 -16.86 -1.11 -8.63
N ARG A 178 -15.57 -1.09 -9.04
CA ARG A 178 -14.44 -1.01 -8.13
C ARG A 178 -14.12 0.46 -7.77
N TYR A 179 -14.31 1.38 -8.74
CA TYR A 179 -14.16 2.84 -8.50
C TYR A 179 -15.47 3.57 -8.78
N ASP A 180 -16.30 3.79 -7.74
CA ASP A 180 -17.49 4.68 -7.84
C ASP A 180 -17.34 5.87 -6.88
N PHE A 181 -17.75 7.04 -7.36
CA PHE A 181 -17.80 8.29 -6.56
C PHE A 181 -19.14 8.40 -5.80
N ARG A 182 -20.25 8.06 -6.49
CA ARG A 182 -21.62 8.40 -6.02
C ARG A 182 -22.00 7.56 -4.79
N SER A 183 -21.61 6.27 -4.78
CA SER A 183 -21.89 5.36 -3.66
C SER A 183 -20.93 5.64 -2.50
N TYR A 184 -19.62 5.67 -2.80
CA TYR A 184 -18.56 5.75 -1.77
C TYR A 184 -18.70 7.04 -0.95
N LEU A 185 -18.77 8.20 -1.64
CA LEU A 185 -18.84 9.52 -0.99
C LEU A 185 -20.16 9.68 -0.23
N LEU A 186 -21.29 9.58 -0.96
CA LEU A 186 -22.64 9.90 -0.41
C LEU A 186 -23.01 9.01 0.80
N HIS A 187 -22.65 7.72 0.73
CA HIS A 187 -22.93 6.75 1.81
C HIS A 187 -22.00 6.97 3.00
N GLN A 188 -20.73 7.33 2.73
CA GLN A 188 -19.76 7.61 3.81
C GLN A 188 -20.17 8.86 4.60
N GLN A 189 -20.72 9.86 3.86
CA GLN A 189 -21.27 11.10 4.45
C GLN A 189 -22.55 10.81 5.23
N LYS A 190 -23.36 9.86 4.71
CA LYS A 190 -24.62 9.42 5.36
C LYS A 190 -24.30 8.88 6.76
N ILE A 191 -23.32 7.97 6.83
CA ILE A 191 -22.87 7.35 8.09
C ILE A 191 -22.16 8.38 8.98
N ASN A 192 -21.45 9.34 8.35
CA ASN A 192 -20.61 10.34 9.04
C ASN A 192 -21.45 11.32 9.90
N GLN A 193 -22.77 11.43 9.61
CA GLN A 193 -23.69 12.33 10.35
C GLN A 193 -24.09 11.76 11.75
N PRO A 194 -24.73 10.52 11.86
CA PRO A 194 -25.13 9.96 13.18
C PRO A 194 -23.95 9.55 14.09
N LEU A 195 -22.81 9.10 13.50
CA LEU A 195 -21.70 8.49 14.32
C LEU A 195 -20.96 9.51 15.19
N ARG A 196 -21.08 10.82 14.90
CA ARG A 196 -20.15 11.87 15.40
C ARG A 196 -19.87 11.83 16.92
N ASP A 197 -20.89 11.48 17.73
CA ASP A 197 -20.71 11.35 19.21
C ASP A 197 -19.95 10.05 19.56
N ASP A 198 -20.33 8.93 18.91
CA ASP A 198 -19.66 7.63 19.08
C ASP A 198 -18.19 7.73 18.64
N ALA A 199 -17.97 8.23 17.42
CA ALA A 199 -16.64 8.37 16.81
C ALA A 199 -15.75 9.35 17.60
N ARG A 200 -16.37 10.40 18.17
CA ARG A 200 -15.68 11.35 19.07
C ARG A 200 -15.22 10.62 20.35
N ALA A 201 -16.07 9.72 20.85
CA ALA A 201 -15.80 8.94 22.06
C ALA A 201 -14.64 7.96 21.85
N TYR A 202 -14.74 7.12 20.79
CA TYR A 202 -13.78 6.03 20.53
C TYR A 202 -12.43 6.56 20.03
N TRP A 203 -12.43 7.40 18.97
CA TRP A 203 -11.18 7.93 18.36
C TRP A 203 -10.35 8.75 19.38
N LEU A 204 -11.03 9.52 20.26
CA LEU A 204 -10.34 10.33 21.31
C LEU A 204 -9.81 9.40 22.41
N ALA A 205 -10.69 8.50 22.91
CA ALA A 205 -10.36 7.59 24.04
C ALA A 205 -9.15 6.72 23.73
N LYS A 206 -9.17 6.13 22.52
CA LYS A 206 -8.05 5.33 22.01
C LYS A 206 -6.82 6.22 21.90
N ALA A 207 -6.93 7.33 21.15
CA ALA A 207 -5.78 8.25 20.87
C ALA A 207 -5.17 8.89 22.15
N SER A 208 -5.92 8.84 23.27
CA SER A 208 -5.45 9.33 24.57
C SER A 208 -4.47 8.33 25.21
N THR A 209 -4.80 7.03 25.09
CA THR A 209 -4.04 5.93 25.73
C THR A 209 -3.13 5.19 24.69
N LEU A 210 -3.29 5.52 23.39
CA LEU A 210 -2.72 4.76 22.27
C LEU A 210 -1.18 4.89 22.23
N PRO A 211 -0.45 3.73 22.23
CA PRO A 211 1.04 3.68 22.11
C PRO A 211 1.64 4.68 21.08
N PRO A 212 2.72 5.44 21.48
CA PRO A 212 3.31 6.52 20.64
C PRO A 212 4.07 6.01 19.37
N ALA A 213 4.29 6.93 18.41
CA ALA A 213 5.03 6.65 17.16
C ALA A 213 6.54 6.42 17.43
N PRO A 214 7.24 5.52 16.64
CA PRO A 214 8.66 5.15 16.88
C PRO A 214 9.66 6.36 16.91
N VAL A 215 10.50 6.41 17.97
CA VAL A 215 11.62 7.37 18.07
C VAL A 215 12.85 6.75 17.35
N LEU A 216 13.28 7.39 16.26
CA LEU A 216 14.41 6.93 15.45
C LEU A 216 15.33 8.12 15.15
N PRO A 217 16.58 8.15 15.74
CA PRO A 217 17.60 9.12 15.31
C PRO A 217 18.10 8.78 13.90
N LEU A 218 18.07 9.77 13.00
CA LEU A 218 18.52 9.63 11.61
C LEU A 218 20.06 9.74 11.54
N ALA A 219 20.66 9.16 10.48
CA ALA A 219 22.12 9.21 10.23
C ALA A 219 22.59 10.67 10.11
N CYS A 220 21.81 11.47 9.37
CA CYS A 220 21.97 12.93 9.25
C CYS A 220 20.58 13.59 9.16
N GLU A 221 20.52 14.90 9.42
CA GLU A 221 19.25 15.66 9.50
C GLU A 221 18.64 15.94 8.09
N PRO A 222 17.25 15.94 7.98
CA PRO A 222 16.51 16.26 6.72
C PRO A 222 16.92 17.58 6.03
N ALA A 223 17.31 18.57 6.84
CA ALA A 223 17.69 19.92 6.37
C ALA A 223 18.96 19.89 5.49
N THR A 224 19.80 18.86 5.66
CA THR A 224 21.03 18.67 4.89
C THR A 224 20.79 17.77 3.64
N LEU A 225 19.92 16.75 3.78
CA LEU A 225 19.63 15.78 2.69
C LEU A 225 18.41 16.27 1.90
N ARG A 226 18.64 16.80 0.68
CA ARG A 226 17.56 17.10 -0.26
C ARG A 226 16.98 15.78 -0.78
N GLU A 227 17.87 15.00 -1.39
CA GLU A 227 17.55 13.73 -2.03
C GLU A 227 18.03 12.58 -1.14
N VAL A 228 17.06 11.79 -0.67
CA VAL A 228 17.34 10.61 0.17
C VAL A 228 17.64 9.39 -0.73
N ARG A 229 18.53 8.51 -0.25
CA ARG A 229 18.89 7.29 -1.00
C ARG A 229 17.86 6.20 -0.66
N ASN A 230 17.02 5.86 -1.65
CA ASN A 230 15.97 4.83 -1.52
C ASN A 230 16.52 3.52 -2.09
N THR A 231 16.72 2.54 -1.19
CA THR A 231 17.16 1.20 -1.58
C THR A 231 16.12 0.19 -1.07
N ARG A 232 15.29 -0.32 -2.00
CA ARG A 232 14.36 -1.41 -1.71
C ARG A 232 15.10 -2.75 -1.76
N ARG A 233 14.73 -3.66 -0.86
CA ARG A 233 15.26 -5.03 -0.80
C ARG A 233 14.13 -6.01 -1.12
N ARG A 234 14.47 -7.16 -1.70
CA ARG A 234 13.52 -8.25 -1.98
C ARG A 234 14.02 -9.55 -1.35
N MET A 235 13.23 -10.08 -0.40
CA MET A 235 13.52 -11.37 0.23
C MET A 235 12.63 -12.43 -0.42
N ILE A 236 13.23 -13.23 -1.32
CA ILE A 236 12.57 -14.41 -1.90
C ILE A 236 13.00 -15.63 -1.06
N VAL A 237 12.09 -16.04 -0.17
CA VAL A 237 12.31 -17.13 0.78
C VAL A 237 11.09 -18.08 0.71
N PRO A 238 11.27 -19.45 0.79
CA PRO A 238 10.15 -20.41 0.85
C PRO A 238 9.11 -20.07 1.96
N ALA A 239 7.84 -20.33 1.67
CA ALA A 239 6.70 -20.02 2.58
C ALA A 239 6.58 -21.03 3.75
N THR A 240 7.33 -22.13 3.67
CA THR A 240 7.26 -23.29 4.61
C THR A 240 7.22 -22.90 6.12
N ARG A 241 8.08 -21.94 6.52
CA ARG A 241 8.14 -21.44 7.92
C ARG A 241 6.79 -20.78 8.31
N TRP A 242 6.29 -19.91 7.42
CA TRP A 242 5.03 -19.16 7.62
C TRP A 242 3.83 -20.11 7.66
N HIS A 243 3.92 -21.22 6.90
CA HIS A 243 2.89 -22.28 6.87
C HIS A 243 2.84 -23.03 8.22
N ALA A 244 4.03 -23.31 8.77
CA ALA A 244 4.17 -23.95 10.09
C ALA A 244 3.65 -23.01 11.20
N PHE A 245 3.81 -21.69 10.97
CA PHE A 245 3.32 -20.65 11.88
C PHE A 245 1.79 -20.45 11.69
N SER A 246 1.26 -20.82 10.52
CA SER A 246 -0.21 -20.80 10.27
C SER A 246 -0.93 -21.87 11.13
N ASN A 247 -0.23 -22.99 11.40
CA ASN A 247 -0.70 -24.03 12.35
C ASN A 247 -0.73 -23.43 13.76
N ARG A 248 0.37 -22.77 14.15
CA ARG A 248 0.50 -22.07 15.45
C ARG A 248 -0.59 -20.99 15.60
N ALA A 249 -0.86 -20.23 14.53
CA ALA A 249 -1.84 -19.13 14.56
C ALA A 249 -3.24 -19.68 14.83
N GLY A 250 -3.62 -20.73 14.09
CA GLY A 250 -4.90 -21.42 14.29
C GLY A 250 -4.97 -22.17 15.61
N GLU A 251 -3.80 -22.55 16.15
CA GLU A 251 -3.66 -23.22 17.46
C GLU A 251 -3.95 -22.23 18.60
N TYR A 252 -3.56 -20.97 18.42
CA TYR A 252 -3.83 -19.90 19.40
C TYR A 252 -5.17 -19.20 19.10
N GLY A 253 -5.77 -19.49 17.94
CA GLY A 253 -7.11 -18.97 17.60
C GLY A 253 -7.07 -17.53 17.15
N VAL A 254 -6.14 -17.26 16.22
CA VAL A 254 -5.98 -15.98 15.53
C VAL A 254 -5.75 -16.26 14.03
N THR A 255 -6.04 -15.28 13.16
CA THR A 255 -5.82 -15.41 11.73
C THR A 255 -4.33 -15.19 11.42
N PRO A 256 -3.63 -16.15 10.73
CA PRO A 256 -2.19 -16.01 10.36
C PRO A 256 -1.92 -14.76 9.50
N THR A 257 -2.97 -14.26 8.84
CA THR A 257 -2.91 -13.01 8.05
C THR A 257 -2.57 -11.81 8.95
N MET A 258 -3.34 -11.68 10.05
CA MET A 258 -3.20 -10.58 11.02
C MET A 258 -2.01 -10.83 11.97
N ALA A 259 -1.79 -12.11 12.30
CA ALA A 259 -0.76 -12.54 13.28
C ALA A 259 0.67 -12.24 12.77
N LEU A 260 0.99 -12.74 11.56
CA LEU A 260 2.31 -12.54 10.92
C LEU A 260 2.52 -11.05 10.52
N ALA A 261 1.40 -10.36 10.18
CA ALA A 261 1.44 -8.95 9.75
C ALA A 261 1.87 -8.02 10.91
N THR A 262 1.09 -8.08 12.00
CA THR A 262 1.27 -7.21 13.17
C THR A 262 2.59 -7.51 13.88
N CYS A 263 2.94 -8.81 14.00
CA CYS A 263 4.17 -9.26 14.69
C CYS A 263 5.43 -8.79 13.93
N PHE A 264 5.39 -8.85 12.58
CA PHE A 264 6.51 -8.38 11.72
C PHE A 264 6.77 -6.90 11.97
N SER A 265 5.72 -6.08 11.79
CA SER A 265 5.78 -4.62 11.89
C SER A 265 6.08 -4.14 13.34
N ALA A 266 5.71 -4.96 14.35
CA ALA A 266 5.87 -4.62 15.78
C ALA A 266 7.34 -4.72 16.21
N VAL A 267 8.00 -5.83 15.83
CA VAL A 267 9.44 -6.02 16.07
C VAL A 267 10.26 -5.00 15.21
N LEU A 268 9.73 -4.76 14.01
CA LEU A 268 10.32 -3.86 13.00
C LEU A 268 10.43 -2.42 13.53
N ALA A 269 9.35 -1.93 14.16
CA ALA A 269 9.27 -0.53 14.65
C ALA A 269 9.92 -0.36 16.04
N ARG A 270 10.11 -1.49 16.78
CA ARG A 270 10.70 -1.44 18.16
C ARG A 270 12.23 -1.45 18.14
N TRP A 271 12.84 -1.60 16.95
CA TRP A 271 14.32 -1.47 16.74
C TRP A 271 14.97 -0.25 17.46
N GLY A 272 14.19 0.84 17.71
CA GLY A 272 14.69 2.01 18.47
C GLY A 272 14.29 2.01 19.94
N GLY A 273 14.01 0.82 20.50
CA GLY A 273 13.64 0.64 21.91
C GLY A 273 12.21 1.08 22.25
N LEU A 274 11.26 0.83 21.33
CA LEU A 274 9.83 1.16 21.52
C LEU A 274 9.06 -0.04 22.07
N THR A 275 8.92 -0.12 23.42
CA THR A 275 8.18 -1.22 24.09
C THR A 275 6.72 -1.31 23.60
N ARG A 276 6.09 -0.14 23.41
CA ARG A 276 4.70 -0.03 22.95
C ARG A 276 4.64 0.84 21.68
N LEU A 277 3.82 0.41 20.70
CA LEU A 277 3.77 1.00 19.35
C LEU A 277 2.47 0.63 18.61
N LEU A 278 2.06 1.53 17.70
CA LEU A 278 0.94 1.30 16.77
C LEU A 278 1.51 0.88 15.41
N LEU A 279 0.84 -0.10 14.77
CA LEU A 279 1.30 -0.66 13.47
C LEU A 279 0.25 -0.37 12.40
N ASN A 280 0.71 -0.06 11.17
CA ASN A 280 -0.18 0.14 10.03
C ASN A 280 -0.17 -1.13 9.18
N ILE A 281 -1.17 -1.99 9.41
CA ILE A 281 -1.33 -3.26 8.69
C ILE A 281 -2.64 -3.22 7.88
N THR A 282 -2.66 -3.97 6.77
CA THR A 282 -3.79 -3.99 5.84
C THR A 282 -4.92 -4.90 6.35
N LEU A 283 -6.00 -4.25 6.79
CA LEU A 283 -7.29 -4.89 7.09
C LEU A 283 -8.15 -4.85 5.82
N PHE A 284 -9.12 -5.76 5.72
CA PHE A 284 -10.03 -5.83 4.56
C PHE A 284 -11.05 -4.67 4.63
N ASP A 285 -11.51 -4.25 3.45
CA ASP A 285 -12.40 -3.08 3.28
C ASP A 285 -13.86 -3.50 3.43
N ARG A 286 -14.71 -2.53 3.84
CA ARG A 286 -16.06 -2.77 4.38
C ARG A 286 -16.94 -3.56 3.37
N GLN A 287 -17.67 -4.56 3.92
CA GLN A 287 -18.34 -5.63 3.15
C GLN A 287 -19.36 -5.07 2.13
N PRO A 288 -19.42 -5.69 0.89
CA PRO A 288 -20.29 -5.21 -0.21
C PRO A 288 -21.80 -5.23 0.16
N LEU A 289 -22.28 -4.08 0.68
CA LEU A 289 -23.71 -3.86 1.03
C LEU A 289 -24.50 -3.19 -0.12
N HIS A 290 -23.84 -2.32 -0.90
CA HIS A 290 -24.51 -1.52 -1.98
C HIS A 290 -24.14 -2.13 -3.35
N PRO A 291 -25.10 -2.24 -4.36
CA PRO A 291 -24.85 -2.82 -5.71
C PRO A 291 -23.51 -2.45 -6.38
N ALA A 292 -23.13 -1.14 -6.33
CA ALA A 292 -21.82 -0.66 -6.86
C ALA A 292 -20.65 -1.30 -6.10
N VAL A 293 -20.72 -1.18 -4.75
CA VAL A 293 -19.73 -1.77 -3.82
C VAL A 293 -19.76 -3.33 -3.89
N GLY A 294 -20.88 -3.87 -4.43
CA GLY A 294 -21.10 -5.30 -4.59
C GLY A 294 -20.06 -5.99 -5.46
N ALA A 295 -19.57 -5.28 -6.48
CA ALA A 295 -18.53 -5.77 -7.40
C ALA A 295 -17.21 -4.98 -7.19
N MET A 296 -17.12 -4.23 -6.07
CA MET A 296 -15.86 -3.63 -5.60
C MET A 296 -15.06 -4.69 -4.84
N LEU A 297 -13.73 -4.65 -4.96
CA LEU A 297 -12.85 -5.60 -4.30
C LEU A 297 -12.77 -5.26 -2.79
N ALA A 298 -13.12 -6.24 -1.94
CA ALA A 298 -12.93 -6.14 -0.47
C ALA A 298 -11.43 -6.32 -0.10
N ASP A 299 -10.64 -6.63 -1.14
CA ASP A 299 -9.16 -6.71 -1.11
C ASP A 299 -8.54 -5.29 -1.20
N PHE A 300 -9.41 -4.26 -1.33
CA PHE A 300 -9.03 -2.83 -1.26
C PHE A 300 -8.22 -2.59 0.03
N THR A 301 -6.99 -2.07 -0.14
CA THR A 301 -6.04 -1.92 0.97
C THR A 301 -6.55 -0.87 1.97
N ASN A 302 -7.23 -1.34 3.03
CA ASN A 302 -7.71 -0.47 4.10
C ASN A 302 -6.62 -0.48 5.17
N ILE A 303 -5.91 0.65 5.28
CA ILE A 303 -4.75 0.78 6.16
C ILE A 303 -5.21 1.34 7.52
N LEU A 304 -5.02 0.53 8.56
CA LEU A 304 -5.58 0.78 9.90
C LEU A 304 -4.44 0.71 10.93
N LEU A 305 -4.50 1.60 11.92
CA LEU A 305 -3.52 1.66 13.01
C LEU A 305 -4.03 0.87 14.22
N LEU A 306 -3.40 -0.29 14.49
CA LEU A 306 -3.77 -1.16 15.61
C LEU A 306 -2.74 -1.03 16.73
N ASP A 307 -3.22 -0.70 17.94
CA ASP A 307 -2.39 -0.50 19.14
C ASP A 307 -1.91 -1.86 19.71
N THR A 308 -0.60 -2.04 19.82
CA THR A 308 0.00 -3.24 20.44
C THR A 308 0.71 -2.83 21.74
N ALA A 309 0.48 -3.61 22.80
CA ALA A 309 1.04 -3.35 24.13
C ALA A 309 2.57 -3.55 24.11
N CYS A 310 2.98 -4.72 23.59
CA CYS A 310 4.40 -5.10 23.43
C CYS A 310 4.50 -6.50 22.81
N ASP A 311 5.73 -6.84 22.41
CA ASP A 311 6.16 -8.23 22.14
C ASP A 311 7.54 -8.42 22.80
N GLY A 312 8.04 -9.64 22.74
CA GLY A 312 9.19 -10.05 23.56
C GLY A 312 8.75 -11.00 24.67
N ASP A 313 7.46 -11.34 24.66
CA ASP A 313 6.85 -12.29 25.61
C ASP A 313 6.35 -13.52 24.82
N THR A 314 5.77 -14.53 25.49
CA THR A 314 5.23 -15.74 24.83
C THR A 314 4.13 -15.39 23.80
N VAL A 315 4.10 -16.16 22.70
CA VAL A 315 3.16 -15.99 21.57
C VAL A 315 1.67 -16.15 22.02
N SER A 316 1.45 -16.79 23.18
CA SER A 316 0.12 -16.91 23.81
C SER A 316 -0.44 -15.51 24.16
N ASN A 317 0.37 -14.73 24.89
CA ASN A 317 0.03 -13.36 25.33
C ASN A 317 -0.15 -12.42 24.13
N LEU A 318 0.75 -12.58 23.15
CA LEU A 318 0.80 -11.71 21.95
C LEU A 318 -0.46 -11.92 21.08
N ALA A 319 -0.84 -13.20 20.90
CA ALA A 319 -2.02 -13.60 20.09
C ALA A 319 -3.33 -13.05 20.69
N ARG A 320 -3.40 -13.02 22.02
CA ARG A 320 -4.58 -12.48 22.74
C ARG A 320 -4.71 -10.97 22.56
N LYS A 321 -3.58 -10.23 22.65
CA LYS A 321 -3.57 -8.77 22.47
C LYS A 321 -3.90 -8.40 21.01
N ASN A 322 -3.37 -9.20 20.07
CA ASN A 322 -3.63 -9.04 18.63
C ASN A 322 -5.13 -9.25 18.34
N GLN A 323 -5.73 -10.27 18.98
CA GLN A 323 -7.16 -10.60 18.81
C GLN A 323 -8.07 -9.49 19.41
N LEU A 324 -7.64 -8.93 20.56
CA LEU A 324 -8.40 -7.90 21.31
C LEU A 324 -8.48 -6.62 20.47
N THR A 325 -7.30 -6.16 20.05
CA THR A 325 -7.15 -4.95 19.24
C THR A 325 -7.79 -5.12 17.84
N PHE A 326 -7.76 -6.36 17.31
CA PHE A 326 -8.41 -6.71 16.04
C PHE A 326 -9.91 -6.40 16.12
N THR A 327 -10.59 -7.00 17.12
CA THR A 327 -12.06 -6.86 17.30
C THR A 327 -12.49 -5.38 17.46
N GLU A 328 -11.66 -4.62 18.21
CA GLU A 328 -11.88 -3.18 18.46
C GLU A 328 -11.90 -2.37 17.13
N ASP A 329 -10.79 -2.45 16.40
CA ASP A 329 -10.58 -1.65 15.19
C ASP A 329 -11.36 -2.22 13.98
N TRP A 330 -11.69 -3.52 14.02
CA TRP A 330 -12.42 -4.20 12.91
C TRP A 330 -13.88 -3.74 12.86
N GLU A 331 -14.43 -3.36 14.03
CA GLU A 331 -15.75 -2.74 14.10
C GLU A 331 -15.62 -1.28 13.63
N HIS A 332 -14.62 -0.57 14.18
CA HIS A 332 -14.46 0.89 14.01
C HIS A 332 -13.56 1.27 12.81
N ARG A 333 -13.49 0.36 11.80
CA ARG A 333 -12.75 0.59 10.53
C ARG A 333 -13.60 1.38 9.51
N HIS A 334 -14.78 1.91 9.94
CA HIS A 334 -15.67 2.74 9.08
C HIS A 334 -14.89 3.93 8.47
N TRP A 335 -13.92 4.44 9.25
CA TRP A 335 -12.88 5.37 8.79
C TRP A 335 -11.53 4.62 8.78
N SER A 336 -10.67 4.90 7.79
CA SER A 336 -9.30 4.35 7.75
C SER A 336 -8.45 4.88 8.94
N GLY A 337 -7.43 4.09 9.35
CA GLY A 337 -6.60 4.42 10.51
C GLY A 337 -5.85 5.75 10.39
N VAL A 338 -5.68 6.24 9.15
CA VAL A 338 -5.02 7.53 8.86
C VAL A 338 -5.84 8.72 9.44
N GLU A 339 -7.17 8.53 9.55
CA GLU A 339 -8.07 9.53 10.17
C GLU A 339 -7.80 9.59 11.70
N LEU A 340 -7.55 8.40 12.29
CA LEU A 340 -7.21 8.27 13.72
C LEU A 340 -5.77 8.79 13.96
N LEU A 341 -4.91 8.73 12.91
CA LEU A 341 -3.53 9.30 12.96
C LEU A 341 -3.61 10.82 13.14
N ARG A 342 -4.58 11.44 12.42
CA ARG A 342 -4.86 12.89 12.53
C ARG A 342 -5.21 13.25 13.98
N GLU A 343 -6.18 12.51 14.55
CA GLU A 343 -6.67 12.69 15.95
C GLU A 343 -5.52 12.54 16.97
N LEU A 344 -4.75 11.47 16.77
CA LEU A 344 -3.63 11.07 17.67
C LEU A 344 -2.56 12.18 17.74
N LYS A 345 -2.19 12.69 16.57
CA LYS A 345 -1.13 13.70 16.42
C LYS A 345 -1.61 15.10 16.87
N ARG A 346 -2.91 15.38 16.71
CA ARG A 346 -3.54 16.64 17.21
C ARG A 346 -3.51 16.66 18.75
N GLN A 347 -3.57 15.47 19.39
CA GLN A 347 -3.43 15.29 20.85
C GLN A 347 -1.94 15.26 21.29
N GLN A 348 -1.03 15.79 20.44
CA GLN A 348 0.42 15.96 20.74
C GLN A 348 1.14 14.58 20.89
N ARG A 349 0.45 13.50 20.53
CA ARG A 349 0.91 12.10 20.75
C ARG A 349 1.75 11.60 19.54
N TYR A 350 2.71 12.44 19.11
CA TYR A 350 3.67 12.13 18.03
C TYR A 350 5.13 12.44 18.49
N PRO A 351 5.94 11.42 18.88
CA PRO A 351 7.42 11.61 19.03
C PRO A 351 8.12 11.88 17.68
N HIS A 352 7.51 11.40 16.57
CA HIS A 352 7.96 11.69 15.19
C HIS A 352 6.73 11.83 14.27
N GLY A 353 5.73 10.94 14.45
CA GLY A 353 4.48 10.98 13.67
C GLY A 353 4.37 9.92 12.58
N ALA A 354 5.46 9.15 12.36
CA ALA A 354 5.55 8.14 11.29
C ALA A 354 5.21 6.73 11.81
N PRO A 355 4.30 5.97 11.15
CA PRO A 355 4.17 4.51 11.33
C PRO A 355 4.95 3.72 10.25
N VAL A 356 4.79 2.38 10.24
CA VAL A 356 5.35 1.50 9.19
C VAL A 356 4.20 0.72 8.51
N VAL A 357 4.14 0.79 7.16
CA VAL A 357 3.04 0.19 6.37
C VAL A 357 3.44 -1.21 5.87
N PHE A 358 2.65 -2.21 6.26
CA PHE A 358 2.78 -3.60 5.79
C PHE A 358 1.46 -4.04 5.13
N THR A 359 1.57 -4.68 3.95
CA THR A 359 0.42 -5.28 3.26
C THR A 359 0.78 -6.71 2.85
N SER A 360 -0.10 -7.67 3.18
CA SER A 360 0.05 -9.09 2.79
C SER A 360 -1.25 -9.56 2.11
N ASN A 361 -1.11 -10.30 0.98
CA ASN A 361 -2.26 -10.85 0.25
C ASN A 361 -2.21 -12.38 0.28
N LEU A 362 -3.21 -12.98 0.93
CA LEU A 362 -3.42 -14.43 0.91
C LEU A 362 -4.56 -14.74 -0.09
N GLY A 363 -4.55 -15.97 -0.62
CA GLY A 363 -5.46 -16.33 -1.71
C GLY A 363 -4.92 -15.81 -3.03
N ARG A 364 -3.59 -15.85 -3.12
CA ARG A 364 -2.81 -15.36 -4.28
C ARG A 364 -2.73 -16.45 -5.36
N SER A 365 -2.32 -16.04 -6.57
CA SER A 365 -2.16 -16.95 -7.71
C SER A 365 -0.82 -17.72 -7.61
N LEU A 366 -0.90 -19.07 -7.51
CA LEU A 366 0.26 -19.97 -7.57
C LEU A 366 0.25 -20.68 -8.94
N TYR A 367 -0.90 -21.25 -9.30
CA TYR A 367 -1.08 -22.06 -10.53
C TYR A 367 -0.92 -21.20 -11.81
N SER A 368 -1.24 -19.89 -11.72
CA SER A 368 -1.04 -18.94 -12.82
C SER A 368 0.46 -18.78 -13.14
N SER A 369 0.78 -18.40 -14.38
CA SER A 369 2.16 -18.14 -14.82
C SER A 369 2.76 -16.91 -14.14
N ARG A 370 1.89 -16.01 -13.67
CA ARG A 370 2.29 -14.72 -13.07
C ARG A 370 1.82 -14.64 -11.61
N ALA A 371 2.47 -13.75 -10.83
CA ALA A 371 2.28 -13.65 -9.36
C ALA A 371 0.82 -13.41 -8.97
N GLU A 372 0.24 -12.29 -9.41
CA GLU A 372 -1.21 -12.05 -9.31
C GLU A 372 -1.78 -11.44 -10.62
N SER A 373 -0.96 -10.67 -11.36
CA SER A 373 -1.37 -10.01 -12.62
C SER A 373 -0.98 -10.91 -13.84
N PRO A 374 -1.97 -11.67 -14.47
CA PRO A 374 -1.67 -12.70 -15.51
C PRO A 374 -0.92 -12.18 -16.76
N LEU A 375 -0.88 -10.84 -16.92
CA LEU A 375 -0.19 -10.18 -18.04
C LEU A 375 1.35 -10.15 -17.82
N GLY A 376 1.81 -9.81 -16.59
CA GLY A 376 3.24 -9.62 -16.32
C GLY A 376 3.65 -10.00 -14.90
N GLU A 377 4.95 -10.28 -14.71
CA GLU A 377 5.55 -10.46 -13.36
C GLU A 377 5.93 -9.08 -12.80
N PRO A 378 5.56 -8.73 -11.54
CA PRO A 378 5.99 -7.47 -10.92
C PRO A 378 7.51 -7.48 -10.70
N GLU A 379 8.21 -6.72 -11.56
CA GLU A 379 9.65 -6.53 -11.52
C GLU A 379 9.90 -5.27 -10.65
N TRP A 380 10.89 -5.37 -9.76
CA TRP A 380 11.05 -4.43 -8.63
C TRP A 380 11.47 -3.03 -9.12
N GLY A 381 10.58 -2.04 -8.92
CA GLY A 381 10.87 -0.63 -9.20
C GLY A 381 11.10 0.13 -7.90
N ILE A 382 10.28 1.14 -7.62
CA ILE A 382 10.25 1.86 -6.32
C ILE A 382 8.77 2.06 -5.94
N SER A 383 8.43 1.80 -4.66
CA SER A 383 7.04 1.92 -4.15
C SER A 383 6.94 3.07 -3.13
N GLN A 384 8.03 3.84 -2.97
CA GLN A 384 8.07 5.03 -2.10
C GLN A 384 7.06 6.09 -2.60
N THR A 385 5.92 6.13 -1.92
CA THR A 385 4.92 7.18 -2.05
C THR A 385 5.35 8.37 -1.16
N PRO A 386 5.32 9.66 -1.68
CA PRO A 386 5.81 10.86 -0.93
C PRO A 386 5.27 11.06 0.52
N GLN A 387 4.23 10.30 0.92
CA GLN A 387 3.67 10.39 2.29
C GLN A 387 4.30 9.31 3.22
N VAL A 388 4.63 8.12 2.67
CA VAL A 388 5.16 6.98 3.48
C VAL A 388 6.71 6.97 3.50
N TRP A 389 7.29 6.48 4.61
CA TRP A 389 8.74 6.40 4.83
C TRP A 389 9.25 4.97 4.53
N ILE A 390 8.56 3.95 5.13
CA ILE A 390 8.89 2.53 4.92
C ILE A 390 7.60 1.76 4.53
N ASP A 391 7.62 1.14 3.34
CA ASP A 391 6.48 0.37 2.77
C ASP A 391 6.90 -1.08 2.53
N HIS A 392 6.00 -2.04 2.79
CA HIS A 392 6.28 -3.49 2.65
C HIS A 392 5.20 -4.17 1.79
N LEU A 393 5.54 -4.42 0.52
CA LEU A 393 4.70 -5.16 -0.41
C LEU A 393 5.00 -6.67 -0.29
N ALA A 394 4.14 -7.41 0.43
CA ALA A 394 4.32 -8.85 0.64
C ALA A 394 3.38 -9.62 -0.30
N PHE A 395 3.99 -10.42 -1.17
CA PHE A 395 3.31 -11.26 -2.17
C PHE A 395 3.87 -12.70 -2.05
N GLU A 396 3.16 -13.66 -2.64
CA GLU A 396 3.64 -15.07 -2.70
C GLU A 396 3.37 -15.60 -4.12
N HIS A 397 4.28 -16.42 -4.65
CA HIS A 397 4.12 -17.07 -5.97
C HIS A 397 5.02 -18.31 -6.06
N HIS A 398 4.40 -19.47 -6.38
CA HIS A 398 5.08 -20.73 -6.72
C HIS A 398 5.71 -21.44 -5.48
N GLY A 399 5.35 -20.98 -4.26
CA GLY A 399 5.89 -21.54 -3.00
C GLY A 399 6.93 -20.63 -2.34
N GLU A 400 7.21 -19.48 -2.99
CA GLU A 400 8.19 -18.49 -2.53
C GLU A 400 7.46 -17.20 -2.12
N VAL A 401 7.60 -16.78 -0.87
CA VAL A 401 7.04 -15.49 -0.41
C VAL A 401 8.02 -14.34 -0.77
N TRP A 402 7.59 -13.52 -1.77
CA TRP A 402 8.37 -12.38 -2.27
C TRP A 402 8.07 -11.14 -1.40
N LEU A 403 8.97 -10.85 -0.45
CA LEU A 403 8.83 -9.70 0.47
C LEU A 403 9.61 -8.50 -0.11
N GLN A 404 8.89 -7.49 -0.62
CA GLN A 404 9.51 -6.28 -1.16
C GLN A 404 9.48 -5.18 -0.07
N TRP A 405 10.63 -4.95 0.56
CA TRP A 405 10.82 -3.96 1.62
C TRP A 405 11.36 -2.66 0.99
N ASP A 406 10.46 -1.69 0.77
CA ASP A 406 10.84 -0.34 0.33
C ASP A 406 11.32 0.46 1.56
N SER A 407 12.56 0.99 1.48
CA SER A 407 13.20 1.68 2.61
C SER A 407 14.24 2.67 2.09
N ASN A 408 14.53 3.72 2.89
CA ASN A 408 15.59 4.68 2.58
C ASN A 408 16.83 4.36 3.43
N ASP A 409 17.92 3.96 2.76
CA ASP A 409 19.17 3.54 3.43
C ASP A 409 19.83 4.72 4.15
N ALA A 410 19.77 5.90 3.50
CA ALA A 410 20.40 7.15 4.00
C ALA A 410 19.82 7.63 5.36
N LEU A 411 18.68 7.04 5.77
CA LEU A 411 17.99 7.41 7.02
C LEU A 411 18.01 6.25 8.03
N PHE A 412 17.85 5.01 7.52
CA PHE A 412 17.65 3.80 8.36
C PHE A 412 18.87 2.87 8.26
N PRO A 413 19.41 2.34 9.42
CA PRO A 413 20.63 1.48 9.44
C PRO A 413 20.39 0.11 8.75
N PRO A 414 21.12 -0.22 7.62
CA PRO A 414 20.90 -1.46 6.82
C PRO A 414 21.10 -2.75 7.62
N ALA A 415 22.12 -2.79 8.50
CA ALA A 415 22.44 -3.97 9.33
C ALA A 415 21.32 -4.24 10.34
N LEU A 416 20.71 -3.16 10.84
CA LEU A 416 19.57 -3.24 11.79
C LEU A 416 18.29 -3.71 11.04
N VAL A 417 18.14 -3.26 9.78
CA VAL A 417 17.06 -3.73 8.86
C VAL A 417 17.20 -5.25 8.62
N GLU A 418 18.45 -5.70 8.43
CA GLU A 418 18.79 -7.11 8.22
C GLU A 418 18.53 -7.94 9.49
N THR A 419 18.79 -7.34 10.66
CA THR A 419 18.57 -7.98 11.98
C THR A 419 17.07 -8.24 12.24
N LEU A 420 16.20 -7.35 11.70
CA LEU A 420 14.74 -7.49 11.81
C LEU A 420 14.25 -8.73 11.04
N PHE A 421 14.62 -8.83 9.76
CA PHE A 421 14.23 -9.97 8.90
C PHE A 421 14.92 -11.28 9.38
N ASP A 422 16.14 -11.16 9.90
CA ASP A 422 16.93 -12.30 10.38
C ASP A 422 16.27 -12.94 11.61
N ALA A 423 15.98 -12.09 12.61
CA ALA A 423 15.30 -12.50 13.85
C ALA A 423 13.83 -12.87 13.58
N TYR A 424 13.27 -12.39 12.45
CA TYR A 424 11.90 -12.73 12.01
C TYR A 424 11.85 -14.18 11.52
N CYS A 425 12.75 -14.52 10.59
CA CYS A 425 12.89 -15.90 10.07
C CYS A 425 13.29 -16.87 11.19
N GLN A 426 14.13 -16.37 12.11
CA GLN A 426 14.59 -17.13 13.27
C GLN A 426 13.43 -17.40 14.24
N LEU A 427 12.62 -16.37 14.57
CA LEU A 427 11.53 -16.50 15.58
C LEU A 427 10.45 -17.45 15.05
N ILE A 428 10.11 -17.35 13.75
CA ILE A 428 9.08 -18.19 13.12
C ILE A 428 9.52 -19.66 13.11
N ASN A 429 10.75 -19.90 12.63
CA ASN A 429 11.32 -21.25 12.51
C ASN A 429 11.39 -21.94 13.88
N GLN A 430 12.07 -21.29 14.83
CA GLN A 430 12.34 -21.85 16.17
C GLN A 430 11.03 -22.09 16.96
N LEU A 431 10.04 -21.18 16.80
CA LEU A 431 8.75 -21.23 17.54
C LEU A 431 7.92 -22.47 17.10
N CYS A 432 7.88 -22.66 15.78
CA CYS A 432 7.05 -23.70 15.16
C CYS A 432 7.73 -25.08 15.15
N ASP A 433 9.07 -25.09 15.16
CA ASP A 433 9.89 -26.31 15.11
C ASP A 433 10.22 -26.81 16.52
N ASP A 434 10.41 -25.88 17.46
CA ASP A 434 10.88 -26.19 18.83
C ASP A 434 9.97 -25.48 19.86
N GLU A 435 9.51 -26.24 20.87
CA GLU A 435 8.59 -25.75 21.90
C GLU A 435 9.28 -24.79 22.90
N SER A 436 10.61 -24.95 23.07
CA SER A 436 11.38 -24.18 24.07
C SER A 436 11.51 -22.68 23.68
N ALA A 437 11.36 -22.37 22.38
CA ALA A 437 11.51 -21.00 21.85
C ALA A 437 10.38 -20.07 22.37
N TRP A 438 9.12 -20.52 22.24
CA TRP A 438 7.95 -19.77 22.74
C TRP A 438 7.74 -19.99 24.25
N GLN A 439 8.47 -20.95 24.82
CA GLN A 439 8.38 -21.30 26.26
C GLN A 439 9.09 -20.23 27.09
N LYS A 440 10.13 -19.62 26.51
CA LYS A 440 10.86 -18.50 27.12
C LYS A 440 10.45 -17.18 26.42
N PRO A 441 10.65 -15.99 27.08
CA PRO A 441 10.42 -14.67 26.44
C PRO A 441 11.27 -14.44 25.15
N PHE A 442 10.60 -13.94 24.10
CA PHE A 442 11.24 -13.54 22.82
C PHE A 442 12.23 -12.36 23.01
N ALA A 443 12.07 -11.61 24.12
CA ALA A 443 12.94 -10.46 24.47
C ALA A 443 14.41 -10.90 24.58
N ASP A 444 14.61 -12.18 24.92
CA ASP A 444 15.94 -12.82 24.95
C ASP A 444 16.47 -13.03 23.52
N MET A 445 15.59 -13.57 22.65
CA MET A 445 15.95 -13.96 21.27
C MET A 445 16.38 -12.73 20.43
N LEU A 446 15.67 -11.59 20.61
CA LEU A 446 16.02 -10.32 19.92
C LEU A 446 17.31 -9.70 20.53
N GLU A 447 17.56 -10.00 21.82
CA GLU A 447 18.75 -9.50 22.55
C GLU A 447 20.01 -10.29 22.15
N HIS A 448 19.82 -11.54 21.69
CA HIS A 448 20.93 -12.40 21.24
C HIS A 448 21.59 -11.87 19.96
N HIS A 449 22.89 -12.14 19.80
CA HIS A 449 23.65 -11.79 18.59
C HIS A 449 23.16 -12.62 17.39
N HIS A 450 23.63 -12.28 16.16
CA HIS A 450 23.25 -13.01 14.94
C HIS A 450 23.66 -14.50 15.07
N HIS A 451 22.64 -15.38 14.95
CA HIS A 451 22.76 -16.85 15.04
C HIS A 451 23.96 -17.35 14.23
N HIS A 452 24.84 -18.17 14.87
CA HIS A 452 26.19 -18.57 14.35
C HIS A 452 26.15 -18.98 12.85
N HIS A 453 25.08 -19.71 12.48
CA HIS A 453 24.68 -19.88 11.07
C HIS A 453 23.14 -19.81 11.02
N MET A 1 -30.81 -8.28 -1.57
CA MET A 1 -31.12 -7.26 -0.55
C MET A 1 -31.72 -6.02 -1.25
N PRO A 2 -33.08 -5.89 -1.31
CA PRO A 2 -33.72 -4.72 -1.97
C PRO A 2 -33.54 -3.42 -1.14
N ASP A 3 -32.61 -2.56 -1.60
CA ASP A 3 -32.29 -1.26 -0.98
C ASP A 3 -31.74 -0.30 -2.04
N GLU A 4 -31.85 1.03 -1.76
CA GLU A 4 -31.28 2.08 -2.63
C GLU A 4 -31.41 3.46 -1.97
N SER A 5 -30.33 4.24 -2.03
CA SER A 5 -30.33 5.65 -1.63
C SER A 5 -30.23 6.51 -2.88
N SER A 6 -31.36 7.08 -3.33
CA SER A 6 -31.42 7.86 -4.57
C SER A 6 -31.02 9.32 -4.29
N TRP A 7 -29.71 9.52 -4.11
CA TRP A 7 -29.10 10.86 -4.02
C TRP A 7 -28.35 11.09 -5.33
N PRO A 8 -28.73 12.14 -6.13
CA PRO A 8 -28.08 12.43 -7.44
C PRO A 8 -26.58 12.80 -7.31
N ASN A 9 -25.82 12.64 -8.42
CA ASN A 9 -24.38 12.95 -8.44
C ASN A 9 -24.23 14.48 -8.35
N MET A 10 -23.71 14.96 -7.22
CA MET A 10 -23.57 16.39 -6.93
C MET A 10 -22.15 16.84 -7.26
N THR A 11 -21.20 15.88 -7.32
CA THR A 11 -19.76 16.13 -7.48
C THR A 11 -19.39 16.68 -8.87
N GLU A 12 -20.39 16.78 -9.76
CA GLU A 12 -20.24 17.45 -11.07
C GLU A 12 -20.08 18.97 -10.90
N SER A 13 -20.59 19.51 -9.78
CA SER A 13 -20.45 20.95 -9.44
C SER A 13 -19.77 21.14 -8.07
N THR A 14 -19.92 20.16 -7.15
CA THR A 14 -19.39 20.24 -5.78
C THR A 14 -18.05 19.45 -5.68
N PRO A 15 -16.90 20.14 -5.45
CA PRO A 15 -15.59 19.47 -5.30
C PRO A 15 -15.44 18.87 -3.87
N PHE A 16 -15.16 17.56 -3.78
CA PHE A 16 -15.04 16.86 -2.48
C PHE A 16 -13.57 16.73 -2.08
N PRO A 17 -13.19 17.07 -0.80
CA PRO A 17 -11.77 17.12 -0.35
C PRO A 17 -11.07 15.75 -0.40
N LEU A 18 -9.73 15.80 -0.50
CA LEU A 18 -8.87 14.62 -0.60
C LEU A 18 -8.94 13.80 0.70
N THR A 19 -8.74 12.48 0.58
CA THR A 19 -8.79 11.56 1.71
C THR A 19 -7.72 11.94 2.75
N PRO A 20 -8.07 11.98 4.08
CA PRO A 20 -7.17 12.46 5.16
C PRO A 20 -6.04 11.44 5.51
N VAL A 21 -5.90 10.39 4.67
CA VAL A 21 -4.82 9.42 4.78
C VAL A 21 -3.46 10.12 4.54
N GLN A 22 -2.76 10.46 5.65
CA GLN A 22 -1.52 11.30 5.67
C GLN A 22 -0.43 10.82 4.66
N HIS A 23 -0.44 9.53 4.32
CA HIS A 23 0.47 8.95 3.30
C HIS A 23 0.28 9.69 1.95
N ALA A 24 -0.95 9.61 1.40
CA ALA A 24 -1.27 10.21 0.09
C ALA A 24 -1.50 11.73 0.22
N TYR A 25 -2.26 12.09 1.26
CA TYR A 25 -2.70 13.48 1.52
C TYR A 25 -1.52 14.44 1.67
N LEU A 26 -0.62 14.16 2.64
CA LEU A 26 0.47 15.08 3.02
C LEU A 26 1.47 15.19 1.85
N THR A 27 1.83 14.03 1.26
CA THR A 27 2.84 13.97 0.20
C THR A 27 2.38 14.68 -1.10
N GLY A 28 1.08 14.55 -1.41
CA GLY A 28 0.51 15.08 -2.66
C GLY A 28 0.08 16.55 -2.55
N ARG A 29 -0.52 16.92 -1.39
CA ARG A 29 -1.06 18.28 -1.16
C ARG A 29 0.09 19.27 -0.85
N MET A 30 1.24 18.74 -0.36
CA MET A 30 2.46 19.54 -0.14
C MET A 30 3.55 19.11 -1.16
N PRO A 31 3.56 19.72 -2.40
CA PRO A 31 4.57 19.40 -3.45
C PRO A 31 5.98 19.87 -3.05
N GLY A 32 7.01 19.11 -3.43
CA GLY A 32 8.39 19.39 -3.03
C GLY A 32 8.75 18.79 -1.68
N GLN A 33 7.91 17.86 -1.18
CA GLN A 33 8.17 17.16 0.08
C GLN A 33 9.37 16.19 -0.13
N THR A 34 10.45 16.44 0.62
CA THR A 34 11.71 15.70 0.48
C THR A 34 11.58 14.31 1.14
N LEU A 35 11.10 14.28 2.40
CA LEU A 35 10.79 13.03 3.15
C LEU A 35 9.62 12.30 2.43
N GLY A 36 8.83 13.06 1.66
CA GLY A 36 7.78 12.53 0.79
C GLY A 36 8.32 11.77 -0.44
N GLY A 37 9.65 11.80 -0.64
CA GLY A 37 10.32 11.12 -1.75
C GLY A 37 9.96 11.74 -3.09
N VAL A 38 9.84 13.10 -3.08
CA VAL A 38 9.40 13.94 -4.23
C VAL A 38 7.85 13.87 -4.43
N GLY A 39 7.26 12.69 -4.15
CA GLY A 39 5.82 12.49 -4.28
C GLY A 39 5.39 11.05 -4.00
N CYS A 40 4.10 10.75 -4.22
CA CYS A 40 3.55 9.40 -4.05
C CYS A 40 3.62 8.66 -5.40
N HIS A 41 4.76 7.97 -5.63
CA HIS A 41 5.03 7.32 -6.92
C HIS A 41 4.58 5.86 -6.84
N LEU A 42 3.60 5.49 -7.68
CA LEU A 42 3.16 4.10 -7.85
C LEU A 42 3.67 3.63 -9.22
N TYR A 43 4.58 2.66 -9.20
CA TYR A 43 5.35 2.24 -10.39
C TYR A 43 5.47 0.71 -10.44
N GLN A 44 5.28 0.16 -11.65
CA GLN A 44 5.46 -1.28 -11.95
C GLN A 44 6.26 -1.40 -13.26
N GLU A 45 7.51 -1.89 -13.17
CA GLU A 45 8.31 -2.21 -14.37
C GLU A 45 8.78 -3.66 -14.30
N PHE A 46 8.08 -4.55 -14.99
CA PHE A 46 8.61 -5.87 -15.36
C PHE A 46 7.87 -6.37 -16.61
N GLU A 47 8.30 -7.50 -17.13
CA GLU A 47 7.95 -7.96 -18.48
C GLU A 47 7.00 -9.18 -18.45
N GLY A 48 6.12 -9.20 -19.44
CA GLY A 48 5.22 -10.30 -19.73
C GLY A 48 4.58 -10.11 -21.10
N HIS A 49 4.26 -11.20 -21.78
CA HIS A 49 3.65 -11.16 -23.13
C HIS A 49 2.13 -11.39 -23.02
N CYS A 50 1.34 -10.37 -23.41
CA CYS A 50 -0.13 -10.46 -23.49
C CYS A 50 -0.59 -10.21 -24.93
N LEU A 51 -0.13 -9.10 -25.51
CA LEU A 51 -0.53 -8.67 -26.87
C LEU A 51 0.42 -7.58 -27.39
N THR A 52 0.09 -7.03 -28.57
CA THR A 52 0.90 -6.01 -29.25
C THR A 52 0.44 -4.59 -28.87
N ALA A 53 1.33 -3.60 -29.07
CA ALA A 53 1.22 -2.24 -28.51
C ALA A 53 0.01 -1.42 -29.01
N SER A 54 -0.43 -1.65 -30.25
CA SER A 54 -1.49 -0.85 -30.90
C SER A 54 -2.88 -1.13 -30.27
N GLN A 55 -3.11 -2.39 -29.89
CA GLN A 55 -4.41 -2.80 -29.31
C GLN A 55 -4.46 -2.42 -27.82
N LEU A 56 -3.29 -2.48 -27.15
CA LEU A 56 -3.12 -1.98 -25.77
C LEU A 56 -3.42 -0.47 -25.72
N GLU A 57 -2.92 0.25 -26.74
CA GLU A 57 -3.11 1.71 -26.90
C GLU A 57 -4.60 2.04 -27.14
N GLN A 58 -5.26 1.24 -27.98
CA GLN A 58 -6.68 1.44 -28.32
C GLN A 58 -7.58 1.11 -27.10
N ALA A 59 -7.10 0.20 -26.24
CA ALA A 59 -7.77 -0.17 -24.98
C ALA A 59 -7.78 1.01 -23.99
N ILE A 60 -6.68 1.78 -24.00
CA ILE A 60 -6.55 3.01 -23.20
C ILE A 60 -7.52 4.08 -23.73
N THR A 61 -7.58 4.20 -25.08
CA THR A 61 -8.46 5.17 -25.77
C THR A 61 -9.93 4.98 -25.37
N THR A 62 -10.43 3.74 -25.49
CA THR A 62 -11.85 3.42 -25.26
C THR A 62 -12.22 3.52 -23.76
N LEU A 63 -11.30 3.12 -22.85
CA LEU A 63 -11.52 3.20 -21.38
C LEU A 63 -11.51 4.67 -20.88
N LEU A 64 -10.81 5.55 -21.62
CA LEU A 64 -10.73 7.00 -21.31
C LEU A 64 -11.94 7.78 -21.91
N GLN A 65 -12.42 7.34 -23.08
CA GLN A 65 -13.69 7.84 -23.69
C GLN A 65 -14.91 7.37 -22.84
N ARG A 66 -14.65 6.38 -21.98
CA ARG A 66 -15.60 5.80 -21.05
C ARG A 66 -15.42 6.48 -19.68
N HIS A 67 -16.36 6.27 -18.76
CA HIS A 67 -16.27 6.82 -17.40
C HIS A 67 -16.13 5.65 -16.39
N PRO A 68 -14.88 5.13 -16.16
CA PRO A 68 -14.64 4.00 -15.23
C PRO A 68 -14.70 4.44 -13.75
N MET A 69 -14.40 3.50 -12.82
CA MET A 69 -14.42 3.74 -11.36
C MET A 69 -13.59 5.00 -10.96
N LEU A 70 -12.51 5.25 -11.71
CA LEU A 70 -11.56 6.35 -11.44
C LEU A 70 -11.76 7.55 -12.42
N HIS A 71 -13.05 7.83 -12.83
CA HIS A 71 -13.38 8.98 -13.74
C HIS A 71 -13.37 10.36 -13.01
N ILE A 72 -12.58 10.47 -11.94
CA ILE A 72 -12.51 11.64 -11.06
C ILE A 72 -11.16 12.37 -11.22
N ALA A 73 -11.17 13.68 -10.98
CA ALA A 73 -10.07 14.59 -11.38
C ALA A 73 -9.49 15.35 -10.18
N PHE A 74 -8.16 15.29 -9.95
CA PHE A 74 -7.53 15.91 -8.76
C PHE A 74 -7.06 17.31 -9.14
N ARG A 75 -7.56 18.30 -8.42
CA ARG A 75 -7.11 19.69 -8.54
C ARG A 75 -6.07 19.96 -7.43
N PRO A 76 -4.98 20.76 -7.72
CA PRO A 76 -3.80 20.93 -6.81
C PRO A 76 -4.14 21.49 -5.39
N ASP A 77 -5.35 22.06 -5.22
CA ASP A 77 -5.81 22.60 -3.91
C ASP A 77 -6.28 21.47 -2.95
N GLY A 78 -6.33 20.23 -3.47
CA GLY A 78 -6.63 19.06 -2.64
C GLY A 78 -8.10 18.65 -2.68
N GLN A 79 -8.82 18.98 -3.77
CA GLN A 79 -10.23 18.54 -3.97
C GLN A 79 -10.35 17.85 -5.32
N GLN A 80 -11.04 16.71 -5.34
CA GLN A 80 -11.33 15.93 -6.56
C GLN A 80 -12.76 16.26 -7.08
N VAL A 81 -12.83 16.60 -8.38
CA VAL A 81 -14.06 16.99 -9.10
C VAL A 81 -14.39 15.93 -10.17
N TRP A 82 -15.67 15.76 -10.48
CA TRP A 82 -16.13 14.97 -11.64
C TRP A 82 -15.69 15.65 -12.95
N LEU A 83 -14.89 14.95 -13.78
CA LEU A 83 -14.71 15.30 -15.21
C LEU A 83 -15.11 14.11 -16.10
N PRO A 84 -15.94 14.33 -17.17
CA PRO A 84 -16.29 13.29 -18.15
C PRO A 84 -15.31 13.21 -19.34
N GLN A 85 -14.21 13.97 -19.27
CA GLN A 85 -13.28 14.21 -20.38
C GLN A 85 -12.01 13.35 -20.19
N PRO A 86 -11.58 12.56 -21.24
CA PRO A 86 -10.27 11.86 -21.22
C PRO A 86 -9.07 12.83 -21.16
N TYR A 87 -7.91 12.31 -20.72
CA TYR A 87 -6.63 13.06 -20.75
C TYR A 87 -6.02 12.95 -22.16
N TRP A 88 -5.45 11.76 -22.47
CA TRP A 88 -4.81 11.44 -23.76
C TRP A 88 -4.24 10.00 -23.68
N ASN A 89 -3.75 9.45 -24.80
CA ASN A 89 -3.12 8.12 -24.84
C ASN A 89 -1.75 8.14 -24.13
N GLY A 90 -0.80 8.93 -24.67
CA GLY A 90 0.55 9.08 -24.05
C GLY A 90 1.42 7.82 -24.13
N VAL A 91 1.03 6.89 -25.03
CA VAL A 91 1.65 5.55 -25.14
C VAL A 91 3.04 5.66 -25.79
N THR A 92 4.09 5.63 -24.95
CA THR A 92 5.47 5.80 -25.40
C THR A 92 6.08 4.42 -25.70
N VAL A 93 6.19 4.06 -26.99
CA VAL A 93 6.76 2.77 -27.43
C VAL A 93 8.08 3.01 -28.18
N HIS A 94 9.17 2.41 -27.71
CA HIS A 94 10.45 2.37 -28.43
C HIS A 94 10.83 0.93 -28.76
N ASP A 95 11.42 0.76 -29.95
CA ASP A 95 11.90 -0.54 -30.44
C ASP A 95 13.40 -0.67 -30.15
N LEU A 96 13.77 -1.78 -29.53
CA LEU A 96 15.18 -2.17 -29.31
C LEU A 96 15.44 -3.54 -29.93
N ARG A 97 14.40 -4.13 -30.56
CA ARG A 97 14.44 -5.49 -31.11
C ARG A 97 15.26 -5.49 -32.40
N HIS A 98 14.99 -4.51 -33.27
CA HIS A 98 15.75 -4.32 -34.53
C HIS A 98 17.16 -3.78 -34.18
N ASN A 99 17.23 -3.01 -33.10
CA ASN A 99 18.44 -2.31 -32.64
C ASN A 99 19.28 -3.20 -31.70
N ASP A 100 20.39 -2.65 -31.16
CA ASP A 100 21.34 -3.41 -30.30
C ASP A 100 20.85 -3.53 -28.84
N ALA A 101 21.64 -4.30 -28.06
CA ALA A 101 21.52 -4.43 -26.60
C ALA A 101 21.84 -3.08 -25.90
N GLU A 102 22.56 -2.22 -26.61
CA GLU A 102 22.87 -0.85 -26.20
C GLU A 102 21.61 0.03 -26.23
N SER A 103 20.75 -0.19 -27.23
CA SER A 103 19.47 0.51 -27.38
C SER A 103 18.48 0.06 -26.27
N ARG A 104 18.62 -1.20 -25.85
CA ARG A 104 17.89 -1.76 -24.70
C ARG A 104 18.35 -1.05 -23.41
N GLN A 105 19.68 -1.02 -23.20
CA GLN A 105 20.31 -0.38 -22.02
C GLN A 105 19.99 1.12 -21.94
N ALA A 106 19.97 1.78 -23.10
CA ALA A 106 19.76 3.23 -23.21
C ALA A 106 18.32 3.60 -22.86
N TYR A 107 17.35 2.86 -23.44
CA TYR A 107 15.91 3.10 -23.20
C TYR A 107 15.54 2.77 -21.75
N LEU A 108 15.96 1.59 -21.28
CA LEU A 108 15.61 1.06 -19.95
C LEU A 108 16.20 1.93 -18.83
N ASP A 109 17.45 2.38 -18.99
CA ASP A 109 18.07 3.34 -18.04
C ASP A 109 17.25 4.65 -18.02
N ALA A 110 16.95 5.17 -19.22
CA ALA A 110 16.28 6.45 -19.42
C ALA A 110 14.92 6.51 -18.69
N LEU A 111 14.10 5.46 -18.85
CA LEU A 111 12.74 5.41 -18.27
C LEU A 111 12.77 5.21 -16.73
N ARG A 112 13.82 4.53 -16.21
CA ARG A 112 14.03 4.37 -14.74
C ARG A 112 14.48 5.69 -14.10
N GLN A 113 15.17 6.54 -14.89
CA GLN A 113 15.57 7.88 -14.48
C GLN A 113 14.34 8.81 -14.47
N ARG A 114 13.43 8.63 -15.46
CA ARG A 114 12.14 9.38 -15.54
C ARG A 114 11.20 9.05 -14.36
N LEU A 115 11.42 7.86 -13.77
CA LEU A 115 10.71 7.40 -12.55
C LEU A 115 11.17 8.24 -11.34
N SER A 116 12.50 8.35 -11.18
CA SER A 116 13.13 9.14 -10.10
C SER A 116 12.97 10.66 -10.32
N HIS A 117 12.85 11.05 -11.61
CA HIS A 117 12.69 12.46 -12.03
C HIS A 117 11.24 12.70 -12.48
N ARG A 118 10.28 12.05 -11.80
CA ARG A 118 8.85 12.12 -12.16
C ARG A 118 8.32 13.55 -11.95
N LEU A 119 8.14 14.27 -13.07
CA LEU A 119 7.58 15.64 -13.08
C LEU A 119 6.07 15.56 -13.36
N LEU A 120 5.27 16.23 -12.52
CA LEU A 120 3.80 16.14 -12.54
C LEU A 120 3.16 17.30 -13.34
N ARG A 121 1.97 17.00 -13.90
CA ARG A 121 1.01 17.98 -14.40
C ARG A 121 -0.20 17.96 -13.44
N VAL A 122 0.09 17.91 -12.11
CA VAL A 122 -0.91 17.81 -11.01
C VAL A 122 -1.93 19.00 -11.03
N GLU A 123 -1.55 20.06 -11.76
CA GLU A 123 -2.44 21.20 -12.09
C GLU A 123 -3.64 20.73 -12.96
N ILE A 124 -3.34 19.87 -13.94
CA ILE A 124 -4.34 19.17 -14.80
C ILE A 124 -4.77 17.85 -14.11
N GLY A 125 -4.00 17.46 -13.08
CA GLY A 125 -4.31 16.31 -12.22
C GLY A 125 -3.87 14.97 -12.79
N GLU A 126 -4.57 14.56 -13.86
CA GLU A 126 -4.42 13.24 -14.47
C GLU A 126 -3.14 13.19 -15.32
N THR A 127 -2.02 12.89 -14.66
CA THR A 127 -0.72 12.79 -15.31
C THR A 127 -0.27 11.33 -15.29
N PHE A 128 -0.05 10.76 -16.47
CA PHE A 128 0.52 9.42 -16.58
C PHE A 128 1.51 9.37 -17.72
N ASP A 129 2.65 8.75 -17.43
CA ASP A 129 3.75 8.58 -18.36
C ASP A 129 4.28 7.17 -18.17
N PHE A 130 4.27 6.40 -19.25
CA PHE A 130 4.62 5.00 -19.24
C PHE A 130 5.31 4.64 -20.55
N GLN A 131 6.42 3.93 -20.42
CA GLN A 131 7.21 3.45 -21.54
C GLN A 131 6.90 1.95 -21.74
N LEU A 132 6.26 1.65 -22.88
CA LEU A 132 5.86 0.30 -23.25
C LEU A 132 6.96 -0.25 -24.20
N THR A 133 7.77 -1.13 -23.63
CA THR A 133 9.05 -1.57 -24.19
C THR A 133 8.89 -2.86 -25.05
N LEU A 134 9.11 -2.75 -26.37
CA LEU A 134 9.05 -3.91 -27.29
C LEU A 134 10.39 -4.69 -27.19
N LEU A 135 10.35 -5.86 -26.53
CA LEU A 135 11.51 -6.74 -26.33
C LEU A 135 11.51 -7.89 -27.38
N PRO A 136 12.69 -8.53 -27.64
CA PRO A 136 12.77 -9.83 -28.36
C PRO A 136 12.33 -11.03 -27.49
N ASP A 137 12.28 -12.23 -28.12
CA ASP A 137 11.93 -13.52 -27.46
C ASP A 137 10.42 -13.53 -27.07
N ASN A 138 9.63 -12.74 -27.86
CA ASN A 138 8.16 -12.57 -27.74
C ASN A 138 7.73 -11.83 -26.47
N ARG A 139 8.70 -11.42 -25.65
CA ARG A 139 8.45 -10.77 -24.36
C ARG A 139 8.21 -9.27 -24.57
N HIS A 140 7.43 -8.65 -23.67
CA HIS A 140 7.12 -7.22 -23.75
C HIS A 140 7.13 -6.65 -22.33
N ARG A 141 7.89 -5.58 -22.09
CA ARG A 141 7.98 -4.96 -20.76
C ARG A 141 7.09 -3.71 -20.72
N LEU A 142 6.49 -3.45 -19.56
CA LEU A 142 5.76 -2.21 -19.29
C LEU A 142 6.40 -1.53 -18.08
N HIS A 143 7.02 -0.37 -18.32
CA HIS A 143 7.36 0.58 -17.28
C HIS A 143 6.21 1.58 -17.17
N VAL A 144 5.34 1.40 -16.18
CA VAL A 144 4.33 2.40 -15.82
C VAL A 144 4.79 3.10 -14.53
N ASN A 145 4.69 4.43 -14.50
CA ASN A 145 4.88 5.21 -13.27
C ASN A 145 3.96 6.43 -13.30
N ILE A 146 3.14 6.54 -12.26
CA ILE A 146 2.21 7.64 -12.07
C ILE A 146 2.46 8.25 -10.69
N ASP A 147 2.33 9.57 -10.59
CA ASP A 147 2.33 10.29 -9.31
C ASP A 147 1.10 11.20 -9.32
N LEU A 148 0.06 10.79 -8.58
CA LEU A 148 -1.24 11.48 -8.55
C LEU A 148 -2.16 10.86 -7.49
N LEU A 149 -3.14 11.66 -7.05
CA LEU A 149 -4.11 11.32 -6.01
C LEU A 149 -5.38 10.63 -6.58
N ILE A 150 -5.53 10.57 -7.94
CA ILE A 150 -6.73 9.95 -8.58
C ILE A 150 -6.61 8.41 -8.70
N MET A 151 -5.68 7.81 -7.93
CA MET A 151 -5.42 6.36 -7.93
C MET A 151 -5.71 5.78 -6.55
N ASP A 152 -5.93 4.46 -6.54
CA ASP A 152 -6.37 3.71 -5.35
C ASP A 152 -5.93 2.25 -5.52
N ALA A 153 -5.59 1.62 -4.39
CA ALA A 153 -5.17 0.20 -4.35
C ALA A 153 -6.28 -0.73 -4.83
N SER A 154 -7.50 -0.53 -4.30
CA SER A 154 -8.67 -1.36 -4.61
C SER A 154 -9.09 -1.21 -6.09
N SER A 155 -9.04 0.04 -6.59
CA SER A 155 -9.39 0.37 -7.98
C SER A 155 -8.28 -0.08 -8.97
N PHE A 156 -7.04 -0.17 -8.48
CA PHE A 156 -5.87 -0.57 -9.29
C PHE A 156 -6.04 -2.02 -9.76
N THR A 157 -6.28 -2.92 -8.80
CA THR A 157 -6.48 -4.35 -9.05
C THR A 157 -7.70 -4.57 -9.96
N LEU A 158 -8.77 -3.81 -9.69
CA LEU A 158 -10.04 -3.85 -10.46
C LEU A 158 -9.81 -3.38 -11.92
N PHE A 159 -9.01 -2.31 -12.10
CA PHE A 159 -8.76 -1.69 -13.41
C PHE A 159 -8.04 -2.67 -14.34
N PHE A 160 -6.94 -3.26 -13.84
CA PHE A 160 -6.11 -4.19 -14.62
C PHE A 160 -6.79 -5.56 -14.80
N ASP A 161 -7.75 -5.90 -13.92
CA ASP A 161 -8.58 -7.12 -14.06
C ASP A 161 -9.57 -6.97 -15.24
N GLU A 162 -10.20 -5.79 -15.30
CA GLU A 162 -11.15 -5.40 -16.35
C GLU A 162 -10.42 -5.16 -17.69
N LEU A 163 -9.21 -4.57 -17.59
CA LEU A 163 -8.35 -4.28 -18.73
C LEU A 163 -7.80 -5.58 -19.33
N ASN A 164 -7.47 -6.55 -18.45
CA ASN A 164 -7.04 -7.92 -18.86
C ASN A 164 -8.08 -8.56 -19.78
N ALA A 165 -9.35 -8.49 -19.35
CA ALA A 165 -10.48 -9.05 -20.09
C ALA A 165 -10.63 -8.36 -21.46
N LEU A 166 -10.52 -7.02 -21.47
CA LEU A 166 -10.63 -6.20 -22.70
C LEU A 166 -9.48 -6.57 -23.68
N LEU A 167 -8.24 -6.70 -23.15
CA LEU A 167 -7.03 -6.99 -23.95
C LEU A 167 -7.08 -8.42 -24.52
N ALA A 168 -7.72 -9.33 -23.76
CA ALA A 168 -7.88 -10.74 -24.18
C ALA A 168 -8.99 -10.88 -25.25
N GLY A 169 -9.88 -9.88 -25.31
CA GLY A 169 -11.02 -9.91 -26.23
C GLY A 169 -12.29 -10.45 -25.58
N GLU A 170 -12.27 -10.60 -24.25
CA GLU A 170 -13.41 -11.03 -23.43
C GLU A 170 -14.43 -9.88 -23.29
N SER A 171 -15.73 -10.21 -23.45
CA SER A 171 -16.84 -9.26 -23.35
C SER A 171 -17.04 -8.83 -21.88
N LEU A 172 -16.91 -7.52 -21.61
CA LEU A 172 -17.08 -6.94 -20.26
C LEU A 172 -18.58 -6.94 -19.88
N PRO A 173 -19.00 -7.64 -18.77
CA PRO A 173 -20.40 -7.62 -18.27
C PRO A 173 -20.83 -6.23 -17.77
N ALA A 174 -22.09 -6.11 -17.30
CA ALA A 174 -22.58 -4.87 -16.72
C ALA A 174 -21.81 -4.59 -15.41
N ILE A 175 -20.97 -3.55 -15.45
CA ILE A 175 -20.11 -3.12 -14.33
C ILE A 175 -20.50 -1.68 -13.99
N ASP A 176 -21.07 -1.46 -12.79
CA ASP A 176 -21.50 -0.12 -12.38
C ASP A 176 -20.26 0.72 -12.02
N THR A 177 -19.74 1.43 -13.03
CA THR A 177 -18.63 2.37 -12.88
C THR A 177 -19.17 3.79 -12.57
N ARG A 178 -20.52 3.88 -12.44
CA ARG A 178 -21.23 5.08 -11.98
C ARG A 178 -21.21 5.17 -10.43
N TYR A 179 -20.52 4.21 -9.79
CA TYR A 179 -20.01 4.39 -8.42
C TYR A 179 -18.51 4.76 -8.54
N ASP A 180 -18.23 6.07 -8.47
CA ASP A 180 -16.85 6.61 -8.42
C ASP A 180 -16.53 7.02 -6.98
N PHE A 181 -15.32 7.55 -6.78
CA PHE A 181 -14.80 7.90 -5.45
C PHE A 181 -15.56 9.05 -4.79
N ARG A 182 -15.96 10.06 -5.57
CA ARG A 182 -16.56 11.29 -5.01
C ARG A 182 -18.07 11.14 -4.79
N SER A 183 -18.69 10.27 -5.58
CA SER A 183 -20.10 9.87 -5.39
C SER A 183 -20.22 8.84 -4.25
N TYR A 184 -19.15 8.05 -4.03
CA TYR A 184 -19.04 7.18 -2.85
C TYR A 184 -18.87 8.06 -1.60
N LEU A 185 -17.94 9.02 -1.68
CA LEU A 185 -17.63 10.00 -0.60
C LEU A 185 -18.82 10.95 -0.33
N LEU A 186 -19.73 11.09 -1.32
CA LEU A 186 -20.97 11.87 -1.17
C LEU A 186 -21.87 11.16 -0.14
N HIS A 187 -22.18 9.89 -0.44
CA HIS A 187 -23.03 9.04 0.42
C HIS A 187 -22.28 8.66 1.73
N GLN A 188 -20.94 8.67 1.66
CA GLN A 188 -20.08 8.37 2.81
C GLN A 188 -20.09 9.55 3.78
N GLN A 189 -20.07 10.79 3.28
CA GLN A 189 -20.10 12.02 4.13
C GLN A 189 -21.44 12.15 4.87
N LYS A 190 -22.51 11.59 4.27
CA LYS A 190 -23.83 11.50 4.90
C LYS A 190 -23.76 10.62 6.17
N ILE A 191 -23.11 9.44 6.06
CA ILE A 191 -22.97 8.50 7.20
C ILE A 191 -21.71 8.82 8.05
N ASN A 192 -20.78 9.65 7.52
CA ASN A 192 -19.48 9.98 8.16
C ASN A 192 -19.71 10.85 9.39
N GLN A 193 -20.48 11.92 9.21
CA GLN A 193 -20.72 12.93 10.26
C GLN A 193 -21.30 12.30 11.57
N PRO A 194 -22.38 11.44 11.53
CA PRO A 194 -22.82 10.66 12.74
C PRO A 194 -21.77 9.62 13.21
N LEU A 195 -21.12 8.95 12.23
CA LEU A 195 -20.08 7.90 12.49
C LEU A 195 -18.93 8.43 13.35
N ARG A 196 -18.64 9.73 13.19
CA ARG A 196 -17.58 10.44 13.94
C ARG A 196 -17.81 10.39 15.46
N ASP A 197 -19.09 10.46 15.88
CA ASP A 197 -19.48 10.41 17.31
C ASP A 197 -19.17 9.03 17.91
N ASP A 198 -19.66 7.97 17.24
CA ASP A 198 -19.45 6.57 17.67
C ASP A 198 -17.96 6.22 17.70
N ALA A 199 -17.29 6.46 16.58
CA ALA A 199 -15.87 6.16 16.40
C ALA A 199 -15.02 6.92 17.43
N ARG A 200 -15.20 8.26 17.53
CA ARG A 200 -14.47 9.13 18.49
C ARG A 200 -14.63 8.62 19.92
N ALA A 201 -15.86 8.20 20.28
CA ALA A 201 -16.19 7.71 21.64
C ALA A 201 -15.24 6.57 22.06
N TYR A 202 -15.14 5.54 21.20
CA TYR A 202 -14.27 4.38 21.44
C TYR A 202 -12.80 4.74 21.17
N TRP A 203 -12.56 5.76 20.32
CA TRP A 203 -11.20 6.24 20.01
C TRP A 203 -10.63 7.10 21.16
N LEU A 204 -11.50 7.65 22.03
CA LEU A 204 -11.08 8.39 23.24
C LEU A 204 -10.60 7.37 24.30
N ALA A 205 -11.38 6.28 24.42
CA ALA A 205 -11.05 5.14 25.30
C ALA A 205 -9.72 4.50 24.88
N LYS A 206 -9.56 4.29 23.56
CA LYS A 206 -8.35 3.73 22.98
C LYS A 206 -7.19 4.71 23.13
N ALA A 207 -7.38 6.00 22.78
CA ALA A 207 -6.31 7.03 22.79
C ALA A 207 -5.67 7.20 24.17
N SER A 208 -6.50 7.04 25.22
CA SER A 208 -6.05 7.07 26.63
C SER A 208 -5.13 5.87 26.95
N THR A 209 -5.44 4.71 26.34
CA THR A 209 -4.66 3.46 26.53
C THR A 209 -3.62 3.25 25.41
N LEU A 210 -3.59 4.15 24.40
CA LEU A 210 -2.65 4.06 23.26
C LEU A 210 -1.30 4.74 23.62
N PRO A 211 -0.16 4.10 23.23
CA PRO A 211 1.20 4.61 23.53
C PRO A 211 1.58 5.83 22.64
N PRO A 212 2.80 6.44 22.82
CA PRO A 212 3.32 7.48 21.90
C PRO A 212 3.69 6.89 20.52
N ALA A 213 4.07 7.78 19.59
CA ALA A 213 4.64 7.40 18.29
C ALA A 213 6.09 6.88 18.50
N PRO A 214 6.63 5.99 17.60
CA PRO A 214 7.96 5.37 17.82
C PRO A 214 9.09 6.42 17.82
N VAL A 215 9.88 6.45 18.91
CA VAL A 215 11.03 7.35 19.01
C VAL A 215 12.14 6.83 18.06
N LEU A 216 12.19 7.44 16.87
CA LEU A 216 13.17 7.10 15.84
C LEU A 216 14.01 8.35 15.58
N PRO A 217 15.33 8.34 15.97
CA PRO A 217 16.17 9.54 15.86
C PRO A 217 16.62 9.78 14.41
N LEU A 218 16.36 11.01 13.94
CA LEU A 218 16.82 11.45 12.62
C LEU A 218 18.29 11.89 12.75
N ALA A 219 19.18 11.23 11.98
CA ALA A 219 20.60 11.62 11.90
C ALA A 219 20.71 13.11 11.49
N CYS A 220 19.85 13.50 10.55
CA CYS A 220 19.63 14.89 10.14
C CYS A 220 18.16 15.07 9.72
N GLU A 221 17.65 16.31 9.84
CA GLU A 221 16.25 16.66 9.47
C GLU A 221 16.07 16.65 7.94
N PRO A 222 14.82 16.37 7.42
CA PRO A 222 14.50 16.46 5.96
C PRO A 222 14.62 17.91 5.42
N ALA A 223 14.69 18.90 6.34
CA ALA A 223 14.92 20.31 6.01
C ALA A 223 16.24 20.51 5.23
N THR A 224 17.27 19.75 5.61
CA THR A 224 18.62 19.83 5.01
C THR A 224 18.79 18.79 3.89
N LEU A 225 18.14 17.61 4.01
CA LEU A 225 18.17 16.56 2.98
C LEU A 225 17.24 16.96 1.81
N ARG A 226 17.84 17.40 0.69
CA ARG A 226 17.11 17.62 -0.57
C ARG A 226 16.76 16.24 -1.16
N GLU A 227 17.78 15.37 -1.20
CA GLU A 227 17.62 13.98 -1.64
C GLU A 227 17.57 13.09 -0.41
N VAL A 228 16.47 12.35 -0.27
CA VAL A 228 16.36 11.27 0.71
C VAL A 228 16.90 9.98 0.08
N ARG A 229 17.91 9.38 0.74
CA ARG A 229 18.55 8.15 0.27
C ARG A 229 17.76 6.95 0.81
N ASN A 230 17.25 6.11 -0.10
CA ASN A 230 16.46 4.90 0.26
C ASN A 230 17.19 3.62 -0.18
N THR A 231 17.09 2.54 0.62
CA THR A 231 17.65 1.21 0.25
C THR A 231 16.61 0.10 0.50
N ARG A 232 16.30 -0.69 -0.55
CA ARG A 232 15.40 -1.85 -0.46
C ARG A 232 16.16 -3.07 0.10
N ARG A 233 15.51 -3.81 1.00
CA ARG A 233 15.91 -5.17 1.41
C ARG A 233 14.78 -6.13 0.97
N ARG A 234 15.13 -7.38 0.64
CA ARG A 234 14.14 -8.41 0.25
C ARG A 234 14.46 -9.76 0.92
N MET A 235 13.41 -10.46 1.39
CA MET A 235 13.51 -11.83 1.91
C MET A 235 12.28 -12.63 1.46
N ILE A 236 12.45 -13.55 0.49
CA ILE A 236 11.38 -14.48 0.10
C ILE A 236 11.30 -15.61 1.16
N VAL A 237 10.28 -15.53 2.04
CA VAL A 237 10.01 -16.60 3.02
C VAL A 237 9.37 -17.80 2.29
N PRO A 238 9.95 -19.05 2.44
CA PRO A 238 9.39 -20.28 1.86
C PRO A 238 7.90 -20.50 2.20
N ALA A 239 7.15 -21.01 1.23
CA ALA A 239 5.71 -21.31 1.39
C ALA A 239 5.49 -22.33 2.53
N THR A 240 6.32 -23.39 2.56
CA THR A 240 6.27 -24.44 3.59
C THR A 240 6.51 -23.87 5.01
N ARG A 241 7.48 -22.95 5.11
CA ARG A 241 7.81 -22.26 6.38
C ARG A 241 6.62 -21.40 6.85
N TRP A 242 6.02 -20.67 5.90
CA TRP A 242 4.89 -19.76 6.18
C TRP A 242 3.66 -20.59 6.62
N HIS A 243 3.44 -21.75 5.96
CA HIS A 243 2.29 -22.64 6.24
C HIS A 243 2.40 -23.25 7.64
N ALA A 244 3.62 -23.70 7.98
CA ALA A 244 3.93 -24.30 9.29
C ALA A 244 3.67 -23.31 10.44
N PHE A 245 4.04 -22.04 10.19
CA PHE A 245 3.86 -20.95 11.17
C PHE A 245 2.38 -20.52 11.23
N SER A 246 1.71 -20.50 10.07
CA SER A 246 0.34 -19.95 9.92
C SER A 246 -0.72 -20.89 10.52
N ASN A 247 -0.54 -22.21 10.34
CA ASN A 247 -1.43 -23.23 10.92
C ASN A 247 -1.25 -23.27 12.44
N ARG A 248 0.02 -23.18 12.89
CA ARG A 248 0.38 -23.24 14.32
C ARG A 248 -0.16 -22.01 15.08
N ALA A 249 0.02 -20.81 14.47
CA ALA A 249 -0.48 -19.56 15.03
C ALA A 249 -2.02 -19.57 15.05
N GLY A 250 -2.62 -20.05 13.93
CA GLY A 250 -4.06 -20.25 13.82
C GLY A 250 -4.61 -21.28 14.82
N GLU A 251 -3.74 -22.22 15.24
CA GLU A 251 -4.10 -23.33 16.16
C GLU A 251 -4.34 -22.82 17.59
N TYR A 252 -3.69 -21.67 17.96
CA TYR A 252 -3.96 -21.02 19.27
C TYR A 252 -5.41 -20.53 19.35
N GLY A 253 -6.03 -20.28 18.19
CA GLY A 253 -7.35 -19.69 18.10
C GLY A 253 -7.28 -18.19 17.90
N VAL A 254 -6.26 -17.77 17.14
CA VAL A 254 -6.00 -16.37 16.79
C VAL A 254 -5.70 -16.27 15.29
N THR A 255 -5.85 -15.06 14.72
CA THR A 255 -5.53 -14.81 13.31
C THR A 255 -4.00 -14.83 13.11
N PRO A 256 -3.45 -15.75 12.25
CA PRO A 256 -1.99 -15.86 12.02
C PRO A 256 -1.42 -14.66 11.24
N THR A 257 -2.18 -14.18 10.25
CA THR A 257 -1.75 -13.11 9.33
C THR A 257 -1.62 -11.76 10.06
N MET A 258 -2.64 -11.39 10.85
CA MET A 258 -2.67 -10.08 11.55
C MET A 258 -1.70 -10.06 12.73
N ALA A 259 -1.64 -11.18 13.48
CA ALA A 259 -0.76 -11.32 14.67
C ALA A 259 0.73 -11.22 14.28
N LEU A 260 1.07 -11.88 13.16
CA LEU A 260 2.44 -11.83 12.57
C LEU A 260 2.73 -10.41 12.02
N ALA A 261 1.73 -9.83 11.34
CA ALA A 261 1.83 -8.50 10.69
C ALA A 261 2.21 -7.41 11.69
N THR A 262 1.51 -7.42 12.84
CA THR A 262 1.65 -6.43 13.90
C THR A 262 2.95 -6.65 14.69
N CYS A 263 3.22 -7.92 15.05
CA CYS A 263 4.41 -8.30 15.84
C CYS A 263 5.71 -7.93 15.09
N PHE A 264 5.73 -8.18 13.77
CA PHE A 264 6.89 -7.89 12.92
C PHE A 264 7.11 -6.37 12.78
N SER A 265 6.03 -5.63 12.43
CA SER A 265 6.08 -4.16 12.25
C SER A 265 6.35 -3.45 13.60
N ALA A 266 5.99 -4.13 14.71
CA ALA A 266 6.27 -3.66 16.06
C ALA A 266 7.79 -3.69 16.29
N VAL A 267 8.38 -4.90 16.27
CA VAL A 267 9.83 -5.10 16.53
C VAL A 267 10.68 -4.23 15.59
N LEU A 268 10.18 -4.04 14.35
CA LEU A 268 10.78 -3.15 13.34
C LEU A 268 10.90 -1.70 13.88
N ALA A 269 9.76 -1.10 14.27
CA ALA A 269 9.67 0.34 14.65
C ALA A 269 10.01 0.58 16.14
N ARG A 270 9.27 -0.08 17.05
CA ARG A 270 9.36 0.15 18.51
C ARG A 270 10.62 -0.42 19.20
N TRP A 271 11.51 -1.16 18.47
CA TRP A 271 12.81 -1.62 19.04
C TRP A 271 13.67 -0.44 19.58
N GLY A 272 13.31 0.83 19.21
CA GLY A 272 13.96 2.02 19.77
C GLY A 272 13.56 2.35 21.22
N GLY A 273 13.04 1.37 21.96
CA GLY A 273 12.76 1.51 23.39
C GLY A 273 11.33 1.88 23.71
N LEU A 274 10.38 1.33 22.93
CA LEU A 274 8.94 1.47 23.17
C LEU A 274 8.36 0.07 23.44
N THR A 275 8.24 -0.29 24.74
CA THR A 275 7.68 -1.59 25.19
C THR A 275 6.29 -1.90 24.58
N ARG A 276 5.58 -0.84 24.15
CA ARG A 276 4.29 -0.95 23.46
C ARG A 276 4.21 0.08 22.32
N LEU A 277 3.48 -0.28 21.23
CA LEU A 277 3.27 0.63 20.07
C LEU A 277 1.99 0.23 19.29
N LEU A 278 1.30 1.26 18.75
CA LEU A 278 0.18 1.08 17.81
C LEU A 278 0.75 1.10 16.36
N LEU A 279 0.47 0.04 15.60
CA LEU A 279 1.00 -0.13 14.22
C LEU A 279 -0.12 0.07 13.19
N ASN A 280 0.21 0.76 12.09
CA ASN A 280 -0.74 1.05 11.00
C ASN A 280 -0.56 0.03 9.86
N ILE A 281 -1.41 -1.02 9.84
CA ILE A 281 -1.45 -2.02 8.77
C ILE A 281 -2.62 -1.67 7.84
N THR A 282 -2.43 -1.84 6.52
CA THR A 282 -3.44 -1.52 5.52
C THR A 282 -4.47 -2.65 5.45
N LEU A 283 -5.67 -2.41 6.03
CA LEU A 283 -6.83 -3.31 5.94
C LEU A 283 -7.99 -2.53 5.29
N PHE A 284 -8.39 -2.95 4.08
CA PHE A 284 -9.55 -2.38 3.39
C PHE A 284 -10.82 -2.88 4.10
N ASP A 285 -11.85 -2.03 4.16
CA ASP A 285 -13.09 -2.35 4.89
C ASP A 285 -14.28 -2.07 3.98
N ARG A 286 -14.71 -3.12 3.26
CA ARG A 286 -15.81 -3.06 2.31
C ARG A 286 -17.14 -3.30 3.06
N GLN A 287 -17.85 -2.21 3.34
CA GLN A 287 -19.22 -2.26 3.86
C GLN A 287 -20.20 -2.49 2.68
N PRO A 288 -20.83 -3.70 2.54
CA PRO A 288 -21.74 -4.01 1.41
C PRO A 288 -23.17 -3.44 1.60
N LEU A 289 -23.25 -2.19 2.12
CA LEU A 289 -24.54 -1.52 2.44
C LEU A 289 -25.40 -1.32 1.18
N HIS A 290 -24.74 -0.93 0.08
CA HIS A 290 -25.37 -0.77 -1.26
C HIS A 290 -24.93 -1.93 -2.18
N PRO A 291 -25.81 -2.36 -3.15
CA PRO A 291 -25.57 -3.54 -4.02
C PRO A 291 -24.21 -3.48 -4.78
N ALA A 292 -23.91 -2.30 -5.36
CA ALA A 292 -22.66 -2.08 -6.11
C ALA A 292 -21.42 -2.25 -5.21
N VAL A 293 -21.51 -1.76 -3.97
CA VAL A 293 -20.40 -1.84 -2.99
C VAL A 293 -20.25 -3.29 -2.47
N GLY A 294 -21.31 -4.10 -2.63
CA GLY A 294 -21.28 -5.53 -2.28
C GLY A 294 -20.27 -6.33 -3.10
N ALA A 295 -20.24 -6.08 -4.42
CA ALA A 295 -19.31 -6.77 -5.34
C ALA A 295 -18.02 -5.95 -5.54
N MET A 296 -18.17 -4.62 -5.63
CA MET A 296 -17.06 -3.69 -5.88
C MET A 296 -16.57 -3.08 -4.56
N LEU A 297 -15.33 -3.39 -4.18
CA LEU A 297 -14.66 -2.72 -3.05
C LEU A 297 -14.29 -1.28 -3.48
N ALA A 298 -15.19 -0.33 -3.15
CA ALA A 298 -15.07 1.11 -3.51
C ALA A 298 -14.81 1.95 -2.25
N ASP A 299 -14.38 1.28 -1.19
CA ASP A 299 -14.15 1.87 0.14
C ASP A 299 -12.83 2.68 0.20
N PHE A 300 -11.97 2.52 -0.84
CA PHE A 300 -10.63 3.17 -0.97
C PHE A 300 -9.57 2.43 -0.11
N THR A 301 -8.29 2.80 -0.28
CA THR A 301 -7.17 2.28 0.54
C THR A 301 -7.38 2.66 2.02
N ASN A 302 -7.94 1.71 2.78
CA ASN A 302 -8.22 1.89 4.22
C ASN A 302 -7.06 1.32 5.05
N ILE A 303 -6.80 1.98 6.20
CA ILE A 303 -5.69 1.65 7.11
C ILE A 303 -6.23 1.52 8.56
N LEU A 304 -5.56 0.69 9.36
CA LEU A 304 -6.05 0.29 10.69
C LEU A 304 -4.89 0.37 11.72
N LEU A 305 -5.15 1.03 12.86
CA LEU A 305 -4.20 1.08 14.00
C LEU A 305 -4.47 -0.08 14.96
N LEU A 306 -3.59 -1.09 14.98
CA LEU A 306 -3.69 -2.25 15.89
C LEU A 306 -2.67 -2.05 17.02
N ASP A 307 -3.18 -1.94 18.25
CA ASP A 307 -2.33 -1.74 19.45
C ASP A 307 -1.63 -3.05 19.85
N THR A 308 -0.29 -2.98 19.93
CA THR A 308 0.56 -4.06 20.45
C THR A 308 1.13 -3.59 21.80
N ALA A 309 0.46 -3.99 22.90
CA ALA A 309 0.78 -3.50 24.26
C ALA A 309 1.86 -4.35 24.96
N CYS A 310 2.19 -5.52 24.38
CA CYS A 310 3.08 -6.51 25.01
C CYS A 310 4.37 -6.71 24.19
N ASP A 311 5.46 -7.11 24.87
CA ASP A 311 6.78 -7.38 24.25
C ASP A 311 7.58 -8.36 25.13
N GLY A 312 8.55 -9.07 24.51
CA GLY A 312 9.45 -9.99 25.21
C GLY A 312 8.73 -11.07 26.02
N ASP A 313 7.60 -11.57 25.50
CA ASP A 313 6.69 -12.48 26.24
C ASP A 313 6.31 -13.69 25.35
N THR A 314 5.54 -14.66 25.92
CA THR A 314 5.05 -15.85 25.17
C THR A 314 4.17 -15.44 23.97
N VAL A 315 4.33 -16.19 22.86
CA VAL A 315 3.55 -15.98 21.60
C VAL A 315 2.02 -16.09 21.86
N SER A 316 1.66 -16.83 22.93
CA SER A 316 0.27 -17.01 23.36
C SER A 316 -0.39 -15.65 23.71
N ASN A 317 0.27 -14.89 24.62
CA ASN A 317 -0.26 -13.58 25.10
C ASN A 317 -0.14 -12.49 24.01
N LEU A 318 0.91 -12.57 23.18
CA LEU A 318 1.14 -11.59 22.09
C LEU A 318 0.03 -11.68 21.04
N ALA A 319 -0.14 -12.89 20.49
CA ALA A 319 -1.08 -13.18 19.39
C ALA A 319 -2.54 -13.00 19.85
N ARG A 320 -2.81 -13.32 21.14
CA ARG A 320 -4.14 -13.16 21.75
C ARG A 320 -4.48 -11.66 21.89
N LYS A 321 -3.47 -10.87 22.31
CA LYS A 321 -3.57 -9.40 22.44
C LYS A 321 -4.00 -8.78 21.10
N ASN A 322 -3.18 -9.00 20.07
CA ASN A 322 -3.35 -8.38 18.74
C ASN A 322 -4.64 -8.84 18.04
N GLN A 323 -5.14 -10.04 18.40
CA GLN A 323 -6.36 -10.62 17.81
C GLN A 323 -7.61 -9.94 18.41
N LEU A 324 -7.65 -9.82 19.75
CA LEU A 324 -8.79 -9.20 20.48
C LEU A 324 -8.85 -7.68 20.21
N THR A 325 -7.66 -7.06 20.13
CA THR A 325 -7.51 -5.62 19.83
C THR A 325 -7.96 -5.32 18.39
N PHE A 326 -7.60 -6.22 17.45
CA PHE A 326 -8.03 -6.13 16.04
C PHE A 326 -9.56 -6.13 15.94
N THR A 327 -10.24 -6.94 16.77
CA THR A 327 -11.70 -7.09 16.72
C THR A 327 -12.43 -5.79 17.12
N GLU A 328 -11.87 -5.09 18.12
CA GLU A 328 -12.41 -3.81 18.64
C GLU A 328 -12.18 -2.67 17.64
N ASP A 329 -10.94 -2.55 17.18
CA ASP A 329 -10.53 -1.49 16.25
C ASP A 329 -11.25 -1.65 14.89
N TRP A 330 -11.29 -2.88 14.35
CA TRP A 330 -11.99 -3.21 13.07
C TRP A 330 -13.49 -2.85 13.14
N GLU A 331 -14.07 -3.06 14.32
CA GLU A 331 -15.48 -2.74 14.62
C GLU A 331 -15.77 -1.24 14.37
N HIS A 332 -14.79 -0.37 14.68
CA HIS A 332 -14.94 1.10 14.55
C HIS A 332 -14.01 1.73 13.51
N ARG A 333 -13.28 0.89 12.74
CA ARG A 333 -12.24 1.37 11.81
C ARG A 333 -12.82 2.12 10.59
N HIS A 334 -14.17 2.08 10.46
CA HIS A 334 -14.92 2.74 9.34
C HIS A 334 -14.53 4.23 9.24
N TRP A 335 -14.21 4.81 10.42
CA TRP A 335 -13.56 6.11 10.52
C TRP A 335 -12.06 5.80 10.76
N SER A 336 -11.28 5.83 9.66
CA SER A 336 -9.91 5.26 9.55
C SER A 336 -8.93 5.71 10.66
N GLY A 337 -7.84 4.93 10.85
CA GLY A 337 -6.85 5.17 11.91
C GLY A 337 -6.14 6.54 11.82
N VAL A 338 -6.12 7.16 10.64
CA VAL A 338 -5.53 8.50 10.44
C VAL A 338 -6.32 9.56 11.24
N GLU A 339 -7.63 9.30 11.43
CA GLU A 339 -8.53 10.20 12.18
C GLU A 339 -8.12 10.22 13.67
N LEU A 340 -7.82 9.03 14.22
CA LEU A 340 -7.37 8.87 15.61
C LEU A 340 -5.96 9.49 15.75
N LEU A 341 -5.01 9.01 14.92
CA LEU A 341 -3.57 9.31 15.05
C LEU A 341 -3.34 10.82 14.89
N ARG A 342 -3.82 11.40 13.77
CA ARG A 342 -3.56 12.82 13.45
C ARG A 342 -4.17 13.74 14.53
N GLU A 343 -5.34 13.35 15.08
CA GLU A 343 -6.08 14.18 16.06
C GLU A 343 -5.35 14.19 17.43
N LEU A 344 -5.03 12.99 17.91
CA LEU A 344 -4.37 12.75 19.21
C LEU A 344 -2.98 13.42 19.25
N LYS A 345 -2.25 13.31 18.13
CA LYS A 345 -0.89 13.85 18.00
C LYS A 345 -0.90 15.31 17.51
N ARG A 346 -2.08 15.81 17.03
CA ARG A 346 -2.30 17.26 16.71
C ARG A 346 -2.36 18.09 18.00
N GLN A 347 -2.52 17.40 19.14
CA GLN A 347 -2.37 18.03 20.47
C GLN A 347 -0.88 18.47 20.68
N GLN A 348 0.00 18.10 19.71
CA GLN A 348 1.39 18.57 19.59
C GLN A 348 2.27 17.92 20.67
N ARG A 349 1.70 16.92 21.38
CA ARG A 349 2.41 16.11 22.36
C ARG A 349 2.73 14.77 21.69
N TYR A 350 3.69 14.83 20.75
CA TYR A 350 4.19 13.67 20.01
C TYR A 350 5.74 13.65 20.08
N PRO A 351 6.39 12.45 20.20
CA PRO A 351 7.87 12.33 20.19
C PRO A 351 8.47 12.64 18.81
N HIS A 352 7.92 11.98 17.78
CA HIS A 352 8.32 12.16 16.36
C HIS A 352 7.08 12.18 15.45
N GLY A 353 6.03 11.43 15.84
CA GLY A 353 4.84 11.28 15.01
C GLY A 353 5.14 10.49 13.74
N ALA A 354 5.88 9.37 13.93
CA ALA A 354 6.45 8.57 12.83
C ALA A 354 5.42 7.56 12.29
N PRO A 355 4.85 7.79 11.05
CA PRO A 355 3.86 6.87 10.47
C PRO A 355 4.53 5.66 9.76
N VAL A 356 4.07 4.44 10.11
CA VAL A 356 4.57 3.19 9.51
C VAL A 356 3.39 2.46 8.81
N VAL A 357 3.50 2.28 7.48
CA VAL A 357 2.45 1.60 6.67
C VAL A 357 2.89 0.17 6.34
N PHE A 358 2.19 -0.82 6.90
CA PHE A 358 2.44 -2.24 6.62
C PHE A 358 1.38 -2.76 5.64
N THR A 359 1.75 -2.97 4.37
CA THR A 359 0.86 -3.54 3.35
C THR A 359 1.22 -5.01 3.12
N SER A 360 0.23 -5.91 3.29
CA SER A 360 0.41 -7.36 3.13
C SER A 360 -0.65 -7.88 2.15
N ASN A 361 -0.19 -8.51 1.05
CA ASN A 361 -1.08 -9.08 0.01
C ASN A 361 -0.86 -10.61 -0.04
N LEU A 362 -1.81 -11.36 0.52
CA LEU A 362 -1.75 -12.84 0.62
C LEU A 362 -2.72 -13.47 -0.39
N GLY A 363 -2.19 -14.36 -1.26
CA GLY A 363 -3.01 -15.11 -2.23
C GLY A 363 -3.27 -14.35 -3.53
N ARG A 364 -3.23 -13.01 -3.45
CA ARG A 364 -3.35 -12.10 -4.59
C ARG A 364 -2.50 -10.87 -4.30
N SER A 365 -1.51 -10.60 -5.17
CA SER A 365 -0.70 -9.37 -5.11
C SER A 365 -1.52 -8.15 -5.62
N LEU A 366 -1.20 -6.92 -5.13
CA LEU A 366 -1.87 -5.67 -5.57
C LEU A 366 -1.80 -5.53 -7.11
N TYR A 367 -0.56 -5.53 -7.61
CA TYR A 367 -0.27 -5.82 -9.01
C TYR A 367 0.07 -7.31 -9.09
N SER A 368 -0.78 -8.08 -9.78
CA SER A 368 -0.68 -9.55 -9.84
C SER A 368 0.69 -9.97 -10.44
N SER A 369 1.65 -10.24 -9.55
CA SER A 369 3.08 -10.42 -9.88
C SER A 369 3.43 -11.88 -10.22
N ARG A 370 2.40 -12.70 -10.50
CA ARG A 370 2.57 -14.13 -10.87
C ARG A 370 2.50 -14.26 -12.42
N ALA A 371 2.58 -15.51 -12.91
CA ALA A 371 2.55 -15.83 -14.36
C ALA A 371 1.16 -15.55 -15.00
N GLU A 372 0.10 -15.50 -14.18
CA GLU A 372 -1.29 -15.19 -14.64
C GLU A 372 -1.56 -13.66 -14.54
N SER A 373 -0.48 -12.88 -14.72
CA SER A 373 -0.52 -11.41 -14.67
C SER A 373 -1.37 -10.82 -15.81
N PRO A 374 -2.12 -9.69 -15.55
CA PRO A 374 -3.15 -9.16 -16.50
C PRO A 374 -2.60 -8.92 -17.93
N LEU A 375 -1.62 -8.03 -18.05
CA LEU A 375 -0.95 -7.75 -19.34
C LEU A 375 0.55 -8.14 -19.28
N GLY A 376 1.20 -7.82 -18.18
CA GLY A 376 2.61 -8.13 -17.98
C GLY A 376 2.87 -8.51 -16.54
N GLU A 377 3.85 -9.39 -16.27
CA GLU A 377 4.25 -9.72 -14.89
C GLU A 377 5.07 -8.55 -14.36
N PRO A 378 4.53 -7.77 -13.36
CA PRO A 378 5.19 -6.58 -12.81
C PRO A 378 6.11 -6.90 -11.60
N GLU A 379 7.22 -6.15 -11.49
CA GLU A 379 8.23 -6.36 -10.44
C GLU A 379 7.89 -5.56 -9.19
N TRP A 380 8.26 -6.15 -8.05
CA TRP A 380 8.23 -5.51 -6.73
C TRP A 380 8.94 -4.14 -6.80
N GLY A 381 8.29 -3.09 -6.26
CA GLY A 381 8.87 -1.75 -6.23
C GLY A 381 10.12 -1.66 -5.37
N ILE A 382 10.75 -0.48 -5.35
CA ILE A 382 11.97 -0.25 -4.57
C ILE A 382 11.59 0.59 -3.35
N SER A 383 12.56 0.82 -2.46
CA SER A 383 12.32 1.46 -1.16
C SER A 383 11.64 2.83 -1.31
N GLN A 384 10.32 2.84 -1.03
CA GLN A 384 9.50 4.05 -1.05
C GLN A 384 9.39 4.62 0.38
N THR A 385 9.41 5.95 0.48
CA THR A 385 9.04 6.69 1.69
C THR A 385 8.17 7.89 1.27
N PRO A 386 6.84 7.70 0.98
CA PRO A 386 5.90 8.81 0.71
C PRO A 386 5.42 9.45 2.02
N GLN A 387 6.34 10.23 2.63
CA GLN A 387 6.15 11.00 3.90
C GLN A 387 6.24 10.07 5.13
N VAL A 388 6.04 8.77 4.92
CA VAL A 388 6.11 7.76 5.98
C VAL A 388 7.55 7.29 6.10
N TRP A 389 7.91 6.88 7.31
CA TRP A 389 9.30 6.63 7.70
C TRP A 389 9.67 5.20 7.34
N ILE A 390 8.73 4.28 7.61
CA ILE A 390 8.79 2.89 7.16
C ILE A 390 7.51 2.58 6.38
N ASP A 391 7.67 2.03 5.18
CA ASP A 391 6.61 1.48 4.34
C ASP A 391 6.98 0.01 4.08
N HIS A 392 5.99 -0.86 4.07
CA HIS A 392 6.20 -2.30 3.88
C HIS A 392 5.35 -2.80 2.72
N LEU A 393 6.00 -3.44 1.75
CA LEU A 393 5.33 -4.15 0.65
C LEU A 393 5.48 -5.68 0.82
N ALA A 394 4.42 -6.42 0.47
CA ALA A 394 4.44 -7.91 0.43
C ALA A 394 3.61 -8.40 -0.76
N PHE A 395 4.26 -9.14 -1.69
CA PHE A 395 3.60 -9.66 -2.91
C PHE A 395 4.01 -11.12 -3.13
N GLU A 396 3.08 -11.92 -3.66
CA GLU A 396 3.25 -13.37 -3.84
C GLU A 396 3.68 -13.67 -5.30
N HIS A 397 4.64 -14.59 -5.45
CA HIS A 397 5.21 -15.02 -6.73
C HIS A 397 5.87 -16.40 -6.54
N HIS A 398 5.63 -17.34 -7.48
CA HIS A 398 6.14 -18.76 -7.40
C HIS A 398 5.41 -19.57 -6.27
N GLY A 399 4.30 -19.01 -5.76
CA GLY A 399 3.52 -19.61 -4.68
C GLY A 399 4.09 -19.29 -3.29
N GLU A 400 5.06 -18.35 -3.24
CA GLU A 400 5.75 -17.94 -2.00
C GLU A 400 5.72 -16.42 -1.91
N VAL A 401 5.77 -15.84 -0.68
CA VAL A 401 5.57 -14.39 -0.50
C VAL A 401 6.93 -13.69 -0.23
N TRP A 402 7.19 -12.65 -1.05
CA TRP A 402 8.43 -11.86 -1.03
C TRP A 402 8.22 -10.64 -0.12
N LEU A 403 9.04 -10.54 0.94
CA LEU A 403 8.95 -9.46 1.95
C LEU A 403 9.89 -8.31 1.53
N GLN A 404 9.30 -7.12 1.26
CA GLN A 404 10.04 -5.90 0.90
C GLN A 404 10.13 -4.95 2.11
N TRP A 405 11.34 -4.41 2.35
CA TRP A 405 11.58 -3.34 3.34
C TRP A 405 11.81 -2.02 2.60
N ASP A 406 10.80 -1.14 2.67
CA ASP A 406 10.87 0.20 2.09
C ASP A 406 11.19 1.20 3.21
N SER A 407 12.50 1.40 3.45
CA SER A 407 13.02 2.19 4.58
C SER A 407 14.12 3.14 4.11
N ASN A 408 14.15 4.36 4.69
CA ASN A 408 15.10 5.41 4.27
C ASN A 408 16.51 5.13 4.83
N ASP A 409 17.47 4.95 3.91
CA ASP A 409 18.90 4.68 4.20
C ASP A 409 19.56 5.85 4.96
N ALA A 410 19.18 7.09 4.61
CA ALA A 410 19.82 8.31 5.16
C ALA A 410 19.42 8.56 6.63
N LEU A 411 18.13 8.36 6.93
CA LEU A 411 17.56 8.62 8.27
C LEU A 411 17.81 7.41 9.22
N PHE A 412 17.64 6.20 8.67
CA PHE A 412 17.69 4.94 9.44
C PHE A 412 18.88 4.10 9.00
N PRO A 413 19.59 3.39 9.93
CA PRO A 413 20.63 2.42 9.56
C PRO A 413 20.03 1.15 8.90
N PRO A 414 20.37 0.85 7.59
CA PRO A 414 19.98 -0.42 6.91
C PRO A 414 20.51 -1.66 7.66
N ALA A 415 21.61 -1.48 8.43
CA ALA A 415 22.18 -2.54 9.29
C ALA A 415 21.16 -3.03 10.32
N LEU A 416 20.40 -2.09 10.92
CA LEU A 416 19.30 -2.39 11.86
C LEU A 416 18.23 -3.22 11.15
N VAL A 417 17.85 -2.78 9.94
CA VAL A 417 16.83 -3.45 9.09
C VAL A 417 17.23 -4.91 8.79
N GLU A 418 18.54 -5.12 8.60
CA GLU A 418 19.12 -6.43 8.32
C GLU A 418 19.21 -7.30 9.59
N THR A 419 19.39 -6.65 10.76
CA THR A 419 19.34 -7.32 12.08
C THR A 419 17.91 -7.80 12.39
N LEU A 420 16.91 -7.05 11.89
CA LEU A 420 15.48 -7.34 12.10
C LEU A 420 15.09 -8.68 11.46
N PHE A 421 15.38 -8.87 10.13
CA PHE A 421 15.02 -10.15 9.45
C PHE A 421 15.92 -11.31 9.88
N ASP A 422 17.13 -10.99 10.35
CA ASP A 422 18.11 -11.97 10.84
C ASP A 422 17.62 -12.59 12.17
N ALA A 423 17.04 -11.73 13.02
CA ALA A 423 16.44 -12.15 14.31
C ALA A 423 15.05 -12.75 14.12
N TYR A 424 14.36 -12.29 13.07
CA TYR A 424 13.00 -12.70 12.72
C TYR A 424 12.97 -14.16 12.24
N CYS A 425 13.86 -14.50 11.29
CA CYS A 425 14.01 -15.88 10.77
C CYS A 425 14.53 -16.81 11.88
N GLN A 426 15.31 -16.24 12.83
CA GLN A 426 15.80 -16.95 14.01
C GLN A 426 14.63 -17.36 14.93
N LEU A 427 13.79 -16.39 15.33
CA LEU A 427 12.69 -16.63 16.31
C LEU A 427 11.55 -17.49 15.69
N ILE A 428 11.39 -17.42 14.35
CA ILE A 428 10.42 -18.31 13.63
C ILE A 428 10.95 -19.75 13.58
N ASN A 429 12.26 -19.90 13.28
CA ASN A 429 12.90 -21.24 13.19
C ASN A 429 12.84 -21.95 14.55
N GLN A 430 13.05 -21.16 15.63
CA GLN A 430 12.91 -21.65 17.01
C GLN A 430 11.46 -22.06 17.29
N LEU A 431 10.52 -21.16 16.95
CA LEU A 431 9.08 -21.33 17.24
C LEU A 431 8.52 -22.59 16.55
N CYS A 432 9.02 -22.87 15.32
CA CYS A 432 8.54 -23.98 14.49
C CYS A 432 9.20 -25.33 14.88
N ASP A 433 10.51 -25.31 15.15
CA ASP A 433 11.32 -26.54 15.37
C ASP A 433 11.36 -26.95 16.86
N ASP A 434 11.11 -25.98 17.73
CA ASP A 434 11.20 -26.14 19.19
C ASP A 434 9.92 -25.58 19.84
N GLU A 435 9.09 -26.46 20.42
CA GLU A 435 7.79 -26.07 21.01
C GLU A 435 7.95 -25.29 22.34
N SER A 436 9.11 -25.44 23.00
CA SER A 436 9.40 -24.73 24.27
C SER A 436 9.80 -23.25 24.00
N ALA A 437 10.08 -22.93 22.71
CA ALA A 437 10.40 -21.54 22.28
C ALA A 437 9.20 -20.60 22.40
N TRP A 438 7.99 -21.19 22.47
CA TRP A 438 6.75 -20.44 22.75
C TRP A 438 6.82 -19.86 24.18
N GLN A 439 7.41 -20.67 25.07
CA GLN A 439 7.56 -20.35 26.51
C GLN A 439 8.83 -19.52 26.79
N LYS A 440 9.63 -19.26 25.73
CA LYS A 440 10.83 -18.40 25.82
C LYS A 440 10.56 -17.05 25.12
N PRO A 441 11.15 -15.92 25.62
CA PRO A 441 10.97 -14.59 24.99
C PRO A 441 11.64 -14.50 23.59
N PHE A 442 10.83 -14.12 22.58
CA PHE A 442 11.30 -13.90 21.19
C PHE A 442 12.30 -12.71 21.12
N ALA A 443 12.12 -11.72 22.03
CA ALA A 443 12.94 -10.49 22.09
C ALA A 443 14.38 -10.78 22.53
N ASP A 444 14.57 -11.96 23.17
CA ASP A 444 15.90 -12.47 23.55
C ASP A 444 16.74 -12.77 22.27
N MET A 445 16.07 -13.27 21.22
CA MET A 445 16.73 -13.74 19.99
C MET A 445 17.36 -12.61 19.15
N LEU A 446 17.20 -11.32 19.58
CA LEU A 446 17.85 -10.16 18.91
C LEU A 446 18.82 -9.42 19.86
N GLU A 447 18.49 -9.37 21.17
CA GLU A 447 19.38 -8.74 22.17
C GLU A 447 20.53 -9.70 22.50
N HIS A 448 20.18 -10.94 22.81
CA HIS A 448 21.12 -12.07 22.88
C HIS A 448 21.34 -12.57 21.45
N HIS A 449 22.61 -12.82 21.08
CA HIS A 449 22.99 -13.23 19.72
C HIS A 449 22.40 -14.61 19.38
N HIS A 450 22.24 -14.84 18.08
CA HIS A 450 21.45 -15.97 17.55
C HIS A 450 22.06 -17.34 17.87
N HIS A 451 21.29 -18.39 17.55
CA HIS A 451 21.74 -19.78 17.65
C HIS A 451 23.01 -19.96 16.79
N HIS A 452 24.11 -20.36 17.46
CA HIS A 452 25.47 -20.45 16.88
C HIS A 452 25.49 -21.21 15.55
N HIS A 453 24.75 -22.34 15.52
CA HIS A 453 24.52 -23.17 14.31
C HIS A 453 25.85 -23.80 13.81
N MET A 1 -25.79 19.78 -21.02
CA MET A 1 -26.99 19.23 -20.37
C MET A 1 -26.97 19.60 -18.87
N PRO A 2 -27.59 20.74 -18.46
CA PRO A 2 -27.51 21.27 -17.07
C PRO A 2 -28.46 20.52 -16.12
N ASP A 3 -28.16 20.58 -14.82
CA ASP A 3 -28.94 19.90 -13.78
C ASP A 3 -28.97 20.72 -12.48
N GLU A 4 -30.14 20.72 -11.84
CA GLU A 4 -30.39 21.39 -10.55
C GLU A 4 -30.79 20.32 -9.51
N SER A 5 -30.29 20.44 -8.28
CA SER A 5 -30.65 19.53 -7.17
C SER A 5 -30.55 20.26 -5.82
N SER A 6 -31.63 20.18 -5.03
CA SER A 6 -31.72 20.74 -3.68
C SER A 6 -31.52 19.61 -2.66
N TRP A 7 -32.35 18.55 -2.81
CA TRP A 7 -32.18 17.28 -2.08
C TRP A 7 -31.01 16.50 -2.71
N PRO A 8 -30.14 15.82 -1.89
CA PRO A 8 -28.89 15.19 -2.39
C PRO A 8 -29.12 14.12 -3.48
N ASN A 9 -28.45 14.32 -4.63
CA ASN A 9 -28.41 13.39 -5.77
C ASN A 9 -26.95 13.10 -6.14
N MET A 10 -26.72 12.23 -7.13
CA MET A 10 -25.36 11.86 -7.65
C MET A 10 -24.65 13.04 -8.39
N THR A 11 -25.22 14.24 -8.33
CA THR A 11 -24.83 15.42 -9.15
C THR A 11 -23.58 16.17 -8.58
N GLU A 12 -22.63 15.42 -7.99
CA GLU A 12 -21.35 15.96 -7.46
C GLU A 12 -20.30 16.18 -8.59
N SER A 13 -20.77 16.65 -9.75
CA SER A 13 -19.91 16.99 -10.90
C SER A 13 -19.04 18.25 -10.62
N THR A 14 -19.36 18.96 -9.54
CA THR A 14 -18.68 20.18 -9.14
C THR A 14 -17.35 19.84 -8.42
N PRO A 15 -16.26 20.68 -8.58
CA PRO A 15 -14.96 20.43 -7.90
C PRO A 15 -15.08 20.58 -6.37
N PHE A 16 -14.38 19.69 -5.64
CA PHE A 16 -14.36 19.69 -4.17
C PHE A 16 -12.92 19.82 -3.69
N PRO A 17 -12.70 20.28 -2.42
CA PRO A 17 -11.38 20.14 -1.75
C PRO A 17 -10.96 18.66 -1.62
N LEU A 18 -9.67 18.46 -1.39
CA LEU A 18 -9.06 17.12 -1.32
C LEU A 18 -9.65 16.36 -0.11
N THR A 19 -10.06 15.10 -0.34
CA THR A 19 -10.69 14.25 0.67
C THR A 19 -9.78 14.05 1.92
N PRO A 20 -10.37 13.89 3.16
CA PRO A 20 -9.61 13.80 4.44
C PRO A 20 -8.78 12.50 4.61
N VAL A 21 -8.66 11.70 3.53
CA VAL A 21 -7.74 10.56 3.46
C VAL A 21 -6.29 11.08 3.60
N GLN A 22 -5.74 11.00 4.84
CA GLN A 22 -4.46 11.66 5.26
C GLN A 22 -3.30 11.42 4.27
N HIS A 23 -3.27 10.23 3.68
CA HIS A 23 -2.24 9.83 2.72
C HIS A 23 -2.21 10.79 1.51
N ALA A 24 -3.35 10.88 0.81
CA ALA A 24 -3.52 11.74 -0.38
C ALA A 24 -3.58 13.23 0.02
N TYR A 25 -4.20 13.48 1.20
CA TYR A 25 -4.54 14.84 1.66
C TYR A 25 -3.27 15.65 1.95
N LEU A 26 -2.41 15.08 2.81
CA LEU A 26 -1.16 15.74 3.26
C LEU A 26 -0.22 15.92 2.05
N THR A 27 -0.19 14.92 1.16
CA THR A 27 0.62 14.96 -0.08
C THR A 27 0.23 16.16 -0.98
N GLY A 28 -1.09 16.45 -1.05
CA GLY A 28 -1.60 17.58 -1.83
C GLY A 28 -1.48 18.93 -1.12
N ARG A 29 -1.48 18.89 0.22
CA ARG A 29 -1.33 20.10 1.06
C ARG A 29 0.14 20.47 1.26
N MET A 30 1.06 19.55 0.87
CA MET A 30 2.51 19.85 0.77
C MET A 30 2.99 19.55 -0.67
N PRO A 31 2.70 20.44 -1.67
CA PRO A 31 3.16 20.25 -3.06
C PRO A 31 4.69 20.51 -3.17
N GLY A 32 5.45 19.45 -3.46
CA GLY A 32 6.91 19.54 -3.56
C GLY A 32 7.63 18.95 -2.35
N GLN A 33 6.91 18.16 -1.52
CA GLN A 33 7.47 17.53 -0.30
C GLN A 33 8.72 16.67 -0.64
N THR A 34 9.88 17.06 -0.09
CA THR A 34 11.19 16.45 -0.42
C THR A 34 11.29 15.01 0.10
N LEU A 35 10.56 14.71 1.20
CA LEU A 35 10.55 13.38 1.82
C LEU A 35 9.88 12.35 0.89
N GLY A 36 8.85 12.78 0.16
CA GLY A 36 8.14 11.91 -0.78
C GLY A 36 8.63 12.07 -2.23
N GLY A 37 9.81 12.69 -2.41
CA GLY A 37 10.37 12.93 -3.76
C GLY A 37 9.42 13.74 -4.65
N VAL A 38 8.76 14.73 -4.03
CA VAL A 38 7.69 15.55 -4.62
C VAL A 38 6.46 14.66 -4.92
N GLY A 39 5.65 14.42 -3.87
CA GLY A 39 4.40 13.67 -3.97
C GLY A 39 4.44 12.34 -3.23
N CYS A 40 3.50 11.44 -3.59
CA CYS A 40 3.45 10.07 -3.08
C CYS A 40 3.20 9.13 -4.26
N HIS A 41 4.20 8.99 -5.15
CA HIS A 41 4.07 8.26 -6.44
C HIS A 41 4.75 6.88 -6.34
N LEU A 42 3.93 5.81 -6.51
CA LEU A 42 4.40 4.42 -6.46
C LEU A 42 4.81 3.96 -7.88
N TYR A 43 5.78 3.06 -7.95
CA TYR A 43 6.31 2.53 -9.20
C TYR A 43 5.91 1.07 -9.30
N GLN A 44 4.96 0.75 -10.20
CA GLN A 44 4.47 -0.62 -10.41
C GLN A 44 4.56 -0.96 -11.90
N GLU A 45 5.31 -2.01 -12.21
CA GLU A 45 5.49 -2.52 -13.57
C GLU A 45 5.09 -3.99 -13.62
N PHE A 46 4.39 -4.40 -14.69
CA PHE A 46 3.82 -5.76 -14.83
C PHE A 46 4.53 -6.52 -15.95
N GLU A 47 5.16 -7.66 -15.63
CA GLU A 47 5.86 -8.50 -16.61
C GLU A 47 5.07 -9.79 -16.88
N GLY A 48 5.01 -10.16 -18.17
CA GLY A 48 4.31 -11.33 -18.64
C GLY A 48 3.99 -11.15 -20.10
N HIS A 49 2.73 -10.84 -20.42
CA HIS A 49 2.32 -10.37 -21.74
C HIS A 49 2.24 -8.85 -21.69
N CYS A 50 3.09 -8.18 -22.46
CA CYS A 50 3.18 -6.70 -22.48
C CYS A 50 2.13 -6.09 -23.44
N LEU A 51 1.28 -6.97 -24.03
CA LEU A 51 0.25 -6.60 -25.02
C LEU A 51 0.92 -6.00 -26.27
N THR A 52 0.13 -5.41 -27.16
CA THR A 52 0.66 -4.59 -28.25
C THR A 52 0.45 -3.11 -27.90
N ALA A 53 1.31 -2.23 -28.44
CA ALA A 53 1.23 -0.77 -28.21
C ALA A 53 -0.12 -0.19 -28.69
N SER A 54 -0.64 -0.77 -29.79
CA SER A 54 -1.91 -0.37 -30.42
C SER A 54 -3.10 -0.68 -29.49
N GLN A 55 -3.20 -1.94 -29.06
CA GLN A 55 -4.38 -2.46 -28.33
C GLN A 55 -4.42 -1.98 -26.87
N LEU A 56 -3.25 -1.94 -26.19
CA LEU A 56 -3.15 -1.43 -24.81
C LEU A 56 -3.58 0.04 -24.72
N GLU A 57 -3.02 0.88 -25.62
CA GLU A 57 -3.34 2.32 -25.66
C GLU A 57 -4.82 2.54 -25.97
N GLN A 58 -5.34 1.79 -26.97
CA GLN A 58 -6.76 1.85 -27.37
C GLN A 58 -7.67 1.46 -26.19
N ALA A 59 -7.24 0.45 -25.42
CA ALA A 59 -7.99 -0.09 -24.28
C ALA A 59 -8.11 0.97 -23.16
N ILE A 60 -6.98 1.58 -22.79
CA ILE A 60 -6.92 2.58 -21.69
C ILE A 60 -7.84 3.79 -22.00
N THR A 61 -7.87 4.18 -23.28
CA THR A 61 -8.58 5.40 -23.74
C THR A 61 -10.09 5.16 -23.92
N THR A 62 -10.49 3.95 -24.36
CA THR A 62 -11.91 3.56 -24.46
C THR A 62 -12.49 3.32 -23.05
N LEU A 63 -11.65 2.76 -22.17
CA LEU A 63 -11.98 2.60 -20.74
C LEU A 63 -12.07 3.96 -20.04
N LEU A 64 -11.36 4.96 -20.59
CA LEU A 64 -11.38 6.35 -20.10
C LEU A 64 -12.61 7.12 -20.65
N GLN A 65 -13.28 6.55 -21.67
CA GLN A 65 -14.58 7.03 -22.16
C GLN A 65 -15.72 6.62 -21.21
N ARG A 66 -15.48 5.51 -20.47
CA ARG A 66 -16.38 5.06 -19.39
C ARG A 66 -16.17 5.94 -18.13
N HIS A 67 -16.34 5.36 -16.92
CA HIS A 67 -15.95 6.03 -15.66
C HIS A 67 -15.03 5.09 -14.84
N PRO A 68 -13.68 5.10 -15.12
CA PRO A 68 -12.70 4.46 -14.25
C PRO A 68 -12.26 5.43 -13.12
N MET A 69 -12.03 4.92 -11.90
CA MET A 69 -11.82 5.78 -10.72
C MET A 69 -10.59 6.73 -10.86
N LEU A 70 -9.57 6.28 -11.62
CA LEU A 70 -8.29 7.04 -11.83
C LEU A 70 -8.41 8.12 -12.95
N HIS A 71 -9.65 8.43 -13.42
CA HIS A 71 -9.91 9.49 -14.44
C HIS A 71 -9.83 10.92 -13.85
N ILE A 72 -9.44 11.00 -12.58
CA ILE A 72 -9.42 12.24 -11.80
C ILE A 72 -8.03 12.92 -11.87
N ALA A 73 -8.02 14.25 -12.06
CA ALA A 73 -6.78 15.07 -12.05
C ALA A 73 -6.83 16.05 -10.86
N PHE A 74 -5.70 16.22 -10.17
CA PHE A 74 -5.60 17.09 -8.97
C PHE A 74 -5.08 18.49 -9.33
N ARG A 75 -5.73 19.52 -8.76
CA ARG A 75 -5.28 20.91 -8.82
C ARG A 75 -4.43 21.24 -7.57
N PRO A 76 -3.28 21.99 -7.72
CA PRO A 76 -2.30 22.23 -6.62
C PRO A 76 -2.87 23.10 -5.46
N ASP A 77 -4.08 23.63 -5.70
CA ASP A 77 -4.85 24.45 -4.73
C ASP A 77 -5.23 23.64 -3.47
N GLY A 78 -5.26 22.31 -3.62
CA GLY A 78 -5.78 21.40 -2.60
C GLY A 78 -7.21 21.00 -2.90
N GLN A 79 -7.52 20.93 -4.21
CA GLN A 79 -8.85 20.60 -4.75
C GLN A 79 -8.70 19.59 -5.89
N GLN A 80 -9.65 18.66 -6.01
CA GLN A 80 -9.64 17.60 -7.04
C GLN A 80 -10.82 17.77 -8.01
N VAL A 81 -10.62 17.31 -9.26
CA VAL A 81 -11.65 17.33 -10.32
C VAL A 81 -11.60 15.98 -11.06
N TRP A 82 -12.74 15.27 -11.12
CA TRP A 82 -12.86 14.06 -11.94
C TRP A 82 -13.15 14.46 -13.40
N LEU A 83 -12.26 14.08 -14.32
CA LEU A 83 -12.41 14.38 -15.76
C LEU A 83 -13.03 13.16 -16.47
N PRO A 84 -14.29 13.27 -17.01
CA PRO A 84 -14.91 12.18 -17.82
C PRO A 84 -14.38 12.15 -19.27
N GLN A 85 -13.36 12.98 -19.55
CA GLN A 85 -12.84 13.25 -20.90
C GLN A 85 -11.78 12.21 -21.27
N PRO A 86 -11.97 11.44 -22.39
CA PRO A 86 -10.93 10.52 -22.91
C PRO A 86 -9.73 11.31 -23.47
N TYR A 87 -8.66 11.39 -22.66
CA TYR A 87 -7.41 12.10 -22.99
C TYR A 87 -6.85 11.66 -24.36
N TRP A 88 -6.89 10.33 -24.62
CA TRP A 88 -6.39 9.71 -25.85
C TRP A 88 -4.85 9.79 -25.97
N ASN A 89 -4.23 8.65 -26.32
CA ASN A 89 -2.76 8.51 -26.43
C ASN A 89 -2.07 8.78 -25.07
N GLY A 90 -0.76 9.07 -25.10
CA GLY A 90 0.00 9.39 -23.87
C GLY A 90 0.79 8.21 -23.36
N VAL A 91 0.43 7.00 -23.82
CA VAL A 91 1.13 5.76 -23.46
C VAL A 91 2.48 5.72 -24.19
N THR A 92 3.55 6.08 -23.46
CA THR A 92 4.91 6.16 -24.00
C THR A 92 5.42 4.73 -24.23
N VAL A 93 5.62 4.34 -25.50
CA VAL A 93 6.16 3.02 -25.84
C VAL A 93 7.46 3.22 -26.64
N HIS A 94 8.48 2.43 -26.30
CA HIS A 94 9.77 2.42 -26.99
C HIS A 94 10.08 1.00 -27.47
N ASP A 95 10.74 0.92 -28.62
CA ASP A 95 11.00 -0.33 -29.33
C ASP A 95 12.34 -0.91 -28.88
N LEU A 96 12.29 -2.04 -28.19
CA LEU A 96 13.46 -2.89 -27.89
C LEU A 96 13.26 -4.23 -28.62
N ARG A 97 12.15 -4.31 -29.40
CA ARG A 97 11.72 -5.53 -30.10
C ARG A 97 12.53 -5.68 -31.40
N HIS A 98 12.57 -4.62 -32.20
CA HIS A 98 13.36 -4.58 -33.46
C HIS A 98 14.75 -3.97 -33.22
N ASN A 99 14.90 -3.24 -32.10
CA ASN A 99 16.21 -2.70 -31.67
C ASN A 99 17.10 -3.82 -31.08
N ASP A 100 18.42 -3.60 -31.21
CA ASP A 100 19.46 -4.55 -30.79
C ASP A 100 19.58 -4.62 -29.25
N ALA A 101 20.25 -5.67 -28.73
CA ALA A 101 20.49 -5.85 -27.28
C ALA A 101 21.31 -4.69 -26.68
N GLU A 102 22.13 -4.05 -27.54
CA GLU A 102 22.86 -2.80 -27.21
C GLU A 102 21.86 -1.70 -26.86
N SER A 103 20.89 -1.51 -27.75
CA SER A 103 19.88 -0.43 -27.68
C SER A 103 18.92 -0.67 -26.49
N ARG A 104 18.76 -1.95 -26.13
CA ARG A 104 18.04 -2.38 -24.92
C ARG A 104 18.74 -1.80 -23.66
N GLN A 105 20.07 -2.02 -23.58
CA GLN A 105 20.90 -1.61 -22.43
C GLN A 105 20.94 -0.09 -22.30
N ALA A 106 21.03 0.59 -23.46
CA ALA A 106 21.01 2.06 -23.54
C ALA A 106 19.69 2.60 -22.98
N TYR A 107 18.58 1.95 -23.36
CA TYR A 107 17.24 2.33 -22.91
C TYR A 107 16.96 1.94 -21.45
N LEU A 108 17.69 0.94 -20.92
CA LEU A 108 17.58 0.57 -19.48
C LEU A 108 18.11 1.73 -18.59
N ASP A 109 19.11 2.47 -19.11
CA ASP A 109 19.61 3.70 -18.46
C ASP A 109 18.65 4.89 -18.71
N ALA A 110 17.97 4.86 -19.86
CA ALA A 110 17.00 5.93 -20.23
C ALA A 110 15.78 5.91 -19.28
N LEU A 111 15.26 4.70 -18.98
CA LEU A 111 14.13 4.53 -18.04
C LEU A 111 14.60 4.74 -16.60
N ARG A 112 15.90 4.47 -16.33
CA ARG A 112 16.53 4.77 -15.02
C ARG A 112 16.44 6.28 -14.72
N GLN A 113 16.73 7.10 -15.76
CA GLN A 113 16.67 8.57 -15.67
C GLN A 113 15.24 9.04 -15.30
N ARG A 114 14.22 8.30 -15.76
CA ARG A 114 12.81 8.58 -15.39
C ARG A 114 12.61 8.45 -13.87
N LEU A 115 12.97 7.28 -13.28
CA LEU A 115 12.81 7.00 -11.81
C LEU A 115 13.55 8.05 -10.96
N SER A 116 14.68 8.52 -11.49
CA SER A 116 15.54 9.52 -10.83
C SER A 116 14.94 10.95 -10.94
N HIS A 117 14.15 11.18 -12.01
CA HIS A 117 13.68 12.53 -12.41
C HIS A 117 12.13 12.59 -12.43
N ARG A 118 11.48 11.91 -11.45
CA ARG A 118 10.00 11.93 -11.36
C ARG A 118 9.49 13.23 -10.74
N LEU A 119 9.01 14.13 -11.61
CA LEU A 119 8.34 15.38 -11.24
C LEU A 119 6.90 15.31 -11.77
N LEU A 120 5.92 15.45 -10.88
CA LEU A 120 4.48 15.39 -11.21
C LEU A 120 4.07 16.55 -12.16
N ARG A 121 2.98 16.35 -12.90
CA ARG A 121 2.35 17.41 -13.71
C ARG A 121 1.15 18.01 -12.94
N VAL A 122 1.32 18.10 -11.60
CA VAL A 122 0.24 18.46 -10.66
C VAL A 122 -0.19 19.93 -10.78
N GLU A 123 0.78 20.82 -11.08
CA GLU A 123 0.57 22.28 -11.12
C GLU A 123 -0.31 22.70 -12.31
N ILE A 124 -0.36 21.85 -13.36
CA ILE A 124 -1.22 22.07 -14.55
C ILE A 124 -2.46 21.15 -14.53
N GLY A 125 -2.57 20.29 -13.50
CA GLY A 125 -3.59 19.23 -13.43
C GLY A 125 -2.89 17.87 -13.50
N GLU A 126 -2.94 17.12 -12.38
CA GLU A 126 -2.08 15.95 -12.15
C GLU A 126 -2.30 14.83 -13.19
N THR A 127 -1.32 14.72 -14.08
CA THR A 127 -1.23 13.64 -15.09
C THR A 127 -0.10 12.68 -14.65
N PHE A 128 -0.02 11.51 -15.29
CA PHE A 128 0.94 10.46 -14.95
C PHE A 128 1.80 10.10 -16.18
N ASP A 129 3.03 9.66 -15.95
CA ASP A 129 4.02 9.37 -17.01
C ASP A 129 4.82 8.10 -16.69
N PHE A 130 4.83 7.15 -17.63
CA PHE A 130 5.83 6.05 -17.67
C PHE A 130 5.85 5.37 -19.04
N GLN A 131 6.81 4.46 -19.22
CA GLN A 131 7.24 3.94 -20.54
C GLN A 131 7.01 2.41 -20.64
N LEU A 132 6.76 1.92 -21.86
CA LEU A 132 6.52 0.49 -22.13
C LEU A 132 7.77 -0.07 -22.84
N THR A 133 8.37 -1.13 -22.28
CA THR A 133 9.49 -1.83 -22.89
C THR A 133 8.99 -3.12 -23.58
N LEU A 134 8.92 -3.10 -24.93
CA LEU A 134 8.56 -4.29 -25.74
C LEU A 134 9.83 -5.10 -26.12
N LEU A 135 9.78 -6.43 -25.96
CA LEU A 135 10.82 -7.37 -26.48
C LEU A 135 10.15 -8.37 -27.44
N PRO A 136 10.95 -9.11 -28.28
CA PRO A 136 10.43 -10.24 -29.09
C PRO A 136 9.73 -11.31 -28.22
N ASP A 137 8.73 -11.98 -28.84
CA ASP A 137 7.88 -13.03 -28.21
C ASP A 137 6.89 -12.40 -27.18
N ASN A 138 6.75 -11.05 -27.24
CA ASN A 138 5.78 -10.24 -26.44
C ASN A 138 5.90 -10.48 -24.91
N ARG A 139 7.03 -11.05 -24.47
CA ARG A 139 7.23 -11.50 -23.09
C ARG A 139 8.10 -10.49 -22.31
N HIS A 140 7.51 -9.33 -22.00
CA HIS A 140 8.24 -8.26 -21.33
C HIS A 140 7.31 -7.44 -20.42
N ARG A 141 7.78 -6.26 -19.96
CA ARG A 141 7.19 -5.53 -18.83
C ARG A 141 6.74 -4.12 -19.24
N LEU A 142 5.47 -3.79 -18.92
CA LEU A 142 4.93 -2.43 -19.06
C LEU A 142 5.16 -1.69 -17.73
N HIS A 143 5.67 -0.45 -17.81
CA HIS A 143 6.00 0.35 -16.61
C HIS A 143 5.00 1.51 -16.54
N VAL A 144 4.34 1.67 -15.38
CA VAL A 144 3.41 2.81 -15.14
C VAL A 144 3.66 3.44 -13.75
N ASN A 145 3.93 4.77 -13.73
CA ASN A 145 4.07 5.55 -12.49
C ASN A 145 2.88 6.51 -12.38
N ILE A 146 2.14 6.40 -11.28
CA ILE A 146 1.00 7.27 -10.97
C ILE A 146 1.13 7.65 -9.48
N ASP A 147 0.59 8.82 -9.09
CA ASP A 147 0.60 9.25 -7.69
C ASP A 147 -0.70 8.77 -7.01
N LEU A 148 -0.61 8.47 -5.70
CA LEU A 148 -1.79 8.05 -4.90
C LEU A 148 -2.58 9.29 -4.40
N LEU A 149 -2.20 10.49 -4.90
CA LEU A 149 -2.84 11.76 -4.53
C LEU A 149 -4.27 11.82 -5.11
N ILE A 150 -4.39 11.49 -6.41
CA ILE A 150 -5.70 11.54 -7.12
C ILE A 150 -6.58 10.33 -6.77
N MET A 151 -5.95 9.20 -6.41
CA MET A 151 -6.65 7.95 -6.06
C MET A 151 -5.62 6.89 -5.61
N ASP A 152 -5.97 6.09 -4.59
CA ASP A 152 -5.05 5.13 -3.96
C ASP A 152 -4.92 3.83 -4.80
N ALA A 153 -4.15 2.84 -4.29
CA ALA A 153 -3.81 1.58 -5.01
C ALA A 153 -5.07 0.75 -5.40
N SER A 154 -6.19 1.04 -4.76
CA SER A 154 -7.51 0.44 -5.04
C SER A 154 -7.89 0.52 -6.54
N SER A 155 -7.78 1.73 -7.12
CA SER A 155 -8.21 2.01 -8.52
C SER A 155 -7.36 1.23 -9.54
N PHE A 156 -6.10 0.96 -9.16
CA PHE A 156 -5.13 0.27 -10.02
C PHE A 156 -5.58 -1.17 -10.24
N THR A 157 -5.74 -1.92 -9.14
CA THR A 157 -6.11 -3.34 -9.15
C THR A 157 -7.43 -3.57 -9.94
N LEU A 158 -8.39 -2.66 -9.71
CA LEU A 158 -9.72 -2.69 -10.36
C LEU A 158 -9.56 -2.47 -11.89
N PHE A 159 -8.72 -1.49 -12.27
CA PHE A 159 -8.54 -1.10 -13.70
C PHE A 159 -7.82 -2.20 -14.51
N PHE A 160 -6.82 -2.88 -13.92
CA PHE A 160 -6.05 -3.95 -14.60
C PHE A 160 -6.92 -5.20 -14.81
N ASP A 161 -7.90 -5.41 -13.91
CA ASP A 161 -8.92 -6.46 -14.04
C ASP A 161 -9.80 -6.19 -15.30
N GLU A 162 -10.28 -4.94 -15.41
CA GLU A 162 -11.12 -4.48 -16.55
C GLU A 162 -10.33 -4.54 -17.87
N LEU A 163 -9.07 -4.10 -17.80
CA LEU A 163 -8.16 -3.90 -18.94
C LEU A 163 -8.00 -5.19 -19.76
N ASN A 164 -7.61 -6.27 -19.07
CA ASN A 164 -7.30 -7.55 -19.71
C ASN A 164 -8.58 -8.28 -20.17
N ALA A 165 -9.62 -8.21 -19.35
CA ALA A 165 -10.90 -8.94 -19.59
C ALA A 165 -11.68 -8.30 -20.76
N LEU A 166 -11.50 -6.98 -20.96
CA LEU A 166 -12.13 -6.23 -22.07
C LEU A 166 -11.37 -6.54 -23.38
N LEU A 167 -10.02 -6.60 -23.29
CA LEU A 167 -9.16 -6.97 -24.44
C LEU A 167 -9.35 -8.45 -24.82
N ALA A 168 -9.75 -9.28 -23.85
CA ALA A 168 -10.11 -10.69 -24.09
C ALA A 168 -11.54 -10.80 -24.63
N GLY A 169 -12.34 -9.75 -24.40
CA GLY A 169 -13.71 -9.64 -24.93
C GLY A 169 -14.70 -10.56 -24.21
N GLU A 170 -14.37 -10.92 -22.96
CA GLU A 170 -15.10 -11.93 -22.19
C GLU A 170 -16.10 -11.30 -21.21
N SER A 171 -16.73 -12.15 -20.39
CA SER A 171 -17.68 -11.74 -19.36
C SER A 171 -16.94 -10.92 -18.27
N LEU A 172 -17.27 -9.65 -18.17
CA LEU A 172 -16.75 -8.75 -17.15
C LEU A 172 -17.48 -9.04 -15.82
N PRO A 173 -16.79 -9.04 -14.64
CA PRO A 173 -17.46 -9.15 -13.32
C PRO A 173 -18.37 -7.93 -13.10
N ALA A 174 -19.36 -8.04 -12.20
CA ALA A 174 -20.27 -6.93 -11.93
C ALA A 174 -19.47 -5.78 -11.30
N ILE A 175 -19.24 -4.72 -12.10
CA ILE A 175 -18.41 -3.58 -11.73
C ILE A 175 -19.29 -2.33 -11.80
N ASP A 176 -19.35 -1.58 -10.69
CA ASP A 176 -20.15 -0.37 -10.62
C ASP A 176 -19.35 0.79 -11.23
N THR A 177 -19.59 1.02 -12.53
CA THR A 177 -18.91 2.09 -13.30
C THR A 177 -19.88 3.28 -13.53
N ARG A 178 -21.10 3.21 -12.95
CA ARG A 178 -22.08 4.32 -13.03
C ARG A 178 -21.79 5.35 -11.93
N TYR A 179 -21.27 4.88 -10.78
CA TYR A 179 -20.83 5.75 -9.68
C TYR A 179 -19.37 6.11 -9.89
N ASP A 180 -19.09 7.39 -10.17
CA ASP A 180 -17.72 7.93 -10.14
C ASP A 180 -17.31 8.15 -8.66
N PHE A 181 -16.11 8.70 -8.47
CA PHE A 181 -15.60 9.13 -7.15
C PHE A 181 -16.58 10.12 -6.46
N ARG A 182 -17.35 10.87 -7.29
CA ARG A 182 -18.37 11.84 -6.85
C ARG A 182 -19.47 11.20 -5.96
N SER A 183 -19.95 10.02 -6.37
CA SER A 183 -21.09 9.33 -5.72
C SER A 183 -20.64 8.64 -4.42
N TYR A 184 -19.33 8.35 -4.32
CA TYR A 184 -18.70 7.94 -3.05
C TYR A 184 -18.83 9.08 -2.02
N LEU A 185 -18.54 10.31 -2.49
CA LEU A 185 -18.62 11.54 -1.66
C LEU A 185 -20.09 11.87 -1.27
N LEU A 186 -21.05 11.55 -2.14
CA LEU A 186 -22.50 11.66 -1.83
C LEU A 186 -22.86 10.85 -0.57
N HIS A 187 -22.58 9.53 -0.65
CA HIS A 187 -22.87 8.59 0.43
C HIS A 187 -22.08 8.95 1.69
N GLN A 188 -20.79 9.31 1.48
CA GLN A 188 -19.85 9.60 2.57
C GLN A 188 -20.28 10.86 3.33
N GLN A 189 -20.89 11.81 2.61
CA GLN A 189 -21.39 13.08 3.17
C GLN A 189 -22.62 12.85 4.07
N LYS A 190 -23.49 11.94 3.63
CA LYS A 190 -24.74 11.63 4.36
C LYS A 190 -24.41 10.86 5.65
N ILE A 191 -23.42 9.95 5.58
CA ILE A 191 -22.96 9.17 6.76
C ILE A 191 -21.91 9.96 7.58
N ASN A 192 -21.43 11.09 7.03
CA ASN A 192 -20.42 11.96 7.68
C ASN A 192 -20.99 12.58 8.97
N GLN A 193 -22.28 12.91 8.95
CA GLN A 193 -22.98 13.52 10.09
C GLN A 193 -23.14 12.48 11.25
N PRO A 194 -23.87 11.29 11.07
CA PRO A 194 -24.12 10.34 12.18
C PRO A 194 -22.93 9.39 12.50
N LEU A 195 -22.29 8.78 11.47
CA LEU A 195 -21.27 7.69 11.66
C LEU A 195 -20.01 8.17 12.42
N ARG A 196 -19.65 9.46 12.24
CA ARG A 196 -18.49 10.06 12.94
C ARG A 196 -18.66 9.99 14.47
N ASP A 197 -19.90 10.11 14.96
CA ASP A 197 -20.21 10.06 16.41
C ASP A 197 -19.74 8.71 17.03
N ASP A 198 -20.02 7.62 16.31
CA ASP A 198 -19.58 6.27 16.68
C ASP A 198 -18.05 6.18 16.66
N ALA A 199 -17.46 6.71 15.58
CA ALA A 199 -16.00 6.74 15.38
C ALA A 199 -15.27 7.48 16.52
N ARG A 200 -15.91 8.53 17.05
CA ARG A 200 -15.37 9.32 18.17
C ARG A 200 -15.36 8.46 19.45
N ALA A 201 -16.46 7.72 19.66
CA ALA A 201 -16.64 6.86 20.86
C ALA A 201 -15.58 5.74 20.89
N TYR A 202 -15.29 5.17 19.72
CA TYR A 202 -14.43 3.98 19.58
C TYR A 202 -12.95 4.35 19.54
N TRP A 203 -12.58 5.24 18.61
CA TRP A 203 -11.18 5.59 18.36
C TRP A 203 -10.57 6.37 19.53
N LEU A 204 -11.37 7.22 20.19
CA LEU A 204 -10.89 8.00 21.36
C LEU A 204 -10.83 7.11 22.63
N ALA A 205 -11.67 6.05 22.69
CA ALA A 205 -11.59 5.05 23.78
C ALA A 205 -10.29 4.25 23.69
N LYS A 206 -10.00 3.76 22.47
CA LYS A 206 -8.74 3.04 22.18
C LYS A 206 -7.53 3.98 22.39
N ALA A 207 -7.72 5.27 22.00
CA ALA A 207 -6.70 6.34 22.15
C ALA A 207 -6.29 6.56 23.61
N SER A 208 -7.28 6.44 24.51
CA SER A 208 -7.08 6.57 25.96
C SER A 208 -6.24 5.39 26.50
N THR A 209 -6.25 4.26 25.77
CA THR A 209 -5.46 3.06 26.12
C THR A 209 -4.27 2.84 25.15
N LEU A 210 -4.09 3.76 24.19
CA LEU A 210 -3.15 3.58 23.06
C LEU A 210 -1.72 4.05 23.41
N PRO A 211 -0.68 3.21 23.15
CA PRO A 211 0.75 3.63 23.20
C PRO A 211 1.11 4.80 22.22
N PRO A 212 2.28 5.50 22.44
CA PRO A 212 2.79 6.57 21.51
C PRO A 212 3.25 6.04 20.14
N ALA A 213 3.42 6.98 19.17
CA ALA A 213 3.86 6.66 17.79
C ALA A 213 5.32 6.16 17.79
N PRO A 214 5.59 4.95 17.20
CA PRO A 214 6.95 4.37 17.19
C PRO A 214 7.95 5.18 16.32
N VAL A 215 9.05 5.62 16.95
CA VAL A 215 10.14 6.35 16.28
C VAL A 215 11.41 5.47 16.22
N LEU A 216 12.15 5.58 15.12
CA LEU A 216 13.40 4.83 14.89
C LEU A 216 14.56 5.81 14.69
N PRO A 217 15.81 5.42 15.13
CA PRO A 217 17.03 6.26 14.95
C PRO A 217 17.36 6.51 13.46
N LEU A 218 17.54 7.79 13.10
CA LEU A 218 17.86 8.21 11.72
C LEU A 218 19.39 8.38 11.56
N ALA A 219 19.91 8.00 10.38
CA ALA A 219 21.35 8.07 10.06
C ALA A 219 21.78 9.53 9.92
N CYS A 220 20.92 10.30 9.24
CA CYS A 220 21.04 11.76 9.11
C CYS A 220 19.66 12.40 9.31
N GLU A 221 19.63 13.73 9.42
CA GLU A 221 18.37 14.48 9.57
C GLU A 221 17.59 14.52 8.24
N PRO A 222 16.22 14.52 8.28
CA PRO A 222 15.37 14.57 7.06
C PRO A 222 15.56 15.91 6.28
N ALA A 223 16.04 16.94 7.00
CA ALA A 223 16.35 18.28 6.45
C ALA A 223 17.58 18.25 5.51
N THR A 224 18.42 17.20 5.64
CA THR A 224 19.62 17.02 4.80
C THR A 224 19.22 16.51 3.39
N LEU A 225 18.12 15.74 3.33
CA LEU A 225 17.64 15.11 2.08
C LEU A 225 16.94 16.16 1.19
N ARG A 226 17.57 16.49 0.05
CA ARG A 226 16.94 17.30 -1.02
C ARG A 226 16.36 16.36 -2.09
N GLU A 227 16.95 15.16 -2.13
CA GLU A 227 16.50 14.02 -2.95
C GLU A 227 16.26 12.82 -2.02
N VAL A 228 15.49 11.84 -2.49
CA VAL A 228 15.26 10.58 -1.76
C VAL A 228 16.05 9.43 -2.39
N ARG A 229 16.98 8.85 -1.60
CA ARG A 229 17.59 7.57 -1.91
C ARG A 229 16.71 6.48 -1.28
N ASN A 230 16.00 5.71 -2.13
CA ASN A 230 15.19 4.56 -1.70
C ASN A 230 15.77 3.28 -2.34
N THR A 231 16.36 2.43 -1.51
CA THR A 231 16.92 1.15 -1.94
C THR A 231 15.97 0.01 -1.52
N ARG A 232 15.41 -0.70 -2.53
CA ARG A 232 14.51 -1.84 -2.27
C ARG A 232 15.37 -3.08 -1.93
N ARG A 233 15.01 -3.79 -0.84
CA ARG A 233 15.72 -5.00 -0.41
C ARG A 233 14.76 -6.19 -0.29
N ARG A 234 15.14 -7.30 -0.95
CA ARG A 234 14.29 -8.50 -1.07
C ARG A 234 14.77 -9.60 -0.09
N MET A 235 13.94 -9.91 0.92
CA MET A 235 14.13 -11.09 1.79
C MET A 235 13.04 -12.11 1.43
N ILE A 236 13.43 -13.18 0.74
CA ILE A 236 12.53 -14.31 0.44
C ILE A 236 12.81 -15.45 1.44
N VAL A 237 11.75 -15.94 2.09
CA VAL A 237 11.81 -17.14 2.95
C VAL A 237 10.66 -18.09 2.53
N PRO A 238 10.92 -19.44 2.41
CA PRO A 238 9.85 -20.43 2.14
C PRO A 238 8.63 -20.25 3.06
N ALA A 239 7.49 -19.90 2.47
CA ALA A 239 6.23 -19.66 3.20
C ALA A 239 5.62 -20.98 3.71
N THR A 240 6.13 -22.13 3.21
CA THR A 240 5.71 -23.46 3.67
C THR A 240 6.08 -23.68 5.16
N ARG A 241 7.30 -23.24 5.54
CA ARG A 241 7.77 -23.31 6.94
C ARG A 241 6.93 -22.38 7.82
N TRP A 242 6.72 -21.15 7.33
CA TRP A 242 5.92 -20.13 8.01
C TRP A 242 4.45 -20.60 8.13
N HIS A 243 3.95 -21.31 7.11
CA HIS A 243 2.54 -21.80 7.06
C HIS A 243 2.33 -22.98 8.03
N ALA A 244 3.42 -23.75 8.27
CA ALA A 244 3.43 -24.81 9.28
C ALA A 244 3.23 -24.18 10.68
N PHE A 245 3.95 -23.07 10.95
CA PHE A 245 3.78 -22.31 12.20
C PHE A 245 2.43 -21.56 12.22
N SER A 246 1.95 -21.13 11.04
CA SER A 246 0.68 -20.38 10.88
C SER A 246 -0.53 -21.31 11.15
N ASN A 247 -0.33 -22.62 10.90
CA ASN A 247 -1.30 -23.68 11.26
C ASN A 247 -1.41 -23.74 12.79
N ARG A 248 -0.24 -23.71 13.47
CA ARG A 248 -0.16 -23.69 14.95
C ARG A 248 -0.72 -22.37 15.51
N ALA A 249 -0.58 -21.27 14.75
CA ALA A 249 -1.08 -19.94 15.16
C ALA A 249 -2.62 -19.92 15.15
N GLY A 250 -3.20 -20.53 14.10
CA GLY A 250 -4.65 -20.71 14.02
C GLY A 250 -5.18 -21.62 15.13
N GLU A 251 -4.41 -22.71 15.40
CA GLU A 251 -4.72 -23.68 16.48
C GLU A 251 -4.38 -23.12 17.87
N TYR A 252 -3.67 -21.97 17.89
CA TYR A 252 -3.32 -21.25 19.13
C TYR A 252 -4.47 -20.29 19.53
N GLY A 253 -5.52 -20.22 18.68
CA GLY A 253 -6.68 -19.35 18.90
C GLY A 253 -6.40 -17.89 18.55
N VAL A 254 -5.26 -17.64 17.90
CA VAL A 254 -4.85 -16.29 17.50
C VAL A 254 -4.88 -16.18 15.96
N THR A 255 -4.71 -14.95 15.43
CA THR A 255 -4.81 -14.69 14.00
C THR A 255 -3.59 -15.33 13.24
N PRO A 256 -3.83 -16.26 12.27
CA PRO A 256 -2.75 -17.05 11.62
C PRO A 256 -1.73 -16.18 10.86
N THR A 257 -2.23 -15.16 10.14
CA THR A 257 -1.40 -14.28 9.31
C THR A 257 -1.05 -12.97 10.04
N MET A 258 -2.07 -12.18 10.39
CA MET A 258 -1.90 -10.77 10.85
C MET A 258 -1.15 -10.67 12.19
N ALA A 259 -1.31 -11.68 13.07
CA ALA A 259 -0.63 -11.68 14.40
C ALA A 259 0.91 -11.70 14.25
N LEU A 260 1.38 -12.41 13.20
CA LEU A 260 2.83 -12.52 12.89
C LEU A 260 3.31 -11.27 12.14
N ALA A 261 2.47 -10.76 11.24
CA ALA A 261 2.77 -9.57 10.40
C ALA A 261 2.97 -8.32 11.28
N THR A 262 2.05 -8.15 12.24
CA THR A 262 2.07 -7.03 13.18
C THR A 262 3.20 -7.22 14.22
N CYS A 263 3.51 -8.50 14.55
CA CYS A 263 4.64 -8.84 15.44
C CYS A 263 5.98 -8.45 14.80
N PHE A 264 6.09 -8.57 13.46
CA PHE A 264 7.27 -8.15 12.68
C PHE A 264 7.54 -6.65 12.89
N SER A 265 6.53 -5.84 12.55
CA SER A 265 6.61 -4.37 12.60
C SER A 265 6.72 -3.87 14.06
N ALA A 266 6.17 -4.66 15.02
CA ALA A 266 6.22 -4.34 16.46
C ALA A 266 7.66 -4.38 16.96
N VAL A 267 8.33 -5.53 16.72
CA VAL A 267 9.72 -5.79 17.17
C VAL A 267 10.72 -4.84 16.49
N LEU A 268 10.51 -4.62 15.19
CA LEU A 268 11.35 -3.74 14.36
C LEU A 268 11.31 -2.30 14.93
N ALA A 269 10.10 -1.80 15.16
CA ALA A 269 9.86 -0.43 15.66
C ALA A 269 10.17 -0.31 17.18
N ARG A 270 10.16 -1.46 17.88
CA ARG A 270 10.46 -1.55 19.34
C ARG A 270 11.93 -1.18 19.62
N TRP A 271 12.79 -1.39 18.61
CA TRP A 271 14.23 -1.06 18.67
C TRP A 271 14.48 0.44 18.97
N GLY A 272 13.49 1.30 18.61
CA GLY A 272 13.55 2.74 18.93
C GLY A 272 13.44 3.03 20.43
N GLY A 273 13.16 1.99 21.23
CA GLY A 273 12.97 2.10 22.68
C GLY A 273 11.49 2.02 23.07
N LEU A 274 10.62 1.94 22.06
CA LEU A 274 9.16 1.88 22.25
C LEU A 274 8.75 0.44 22.61
N THR A 275 8.72 0.16 23.93
CA THR A 275 8.32 -1.15 24.46
C THR A 275 6.80 -1.37 24.27
N ARG A 276 6.09 -0.27 24.05
CA ARG A 276 4.67 -0.26 23.67
C ARG A 276 4.49 0.71 22.50
N LEU A 277 3.74 0.29 21.46
CA LEU A 277 3.60 1.03 20.18
C LEU A 277 2.36 0.57 19.37
N LEU A 278 1.84 1.47 18.52
CA LEU A 278 0.79 1.14 17.53
C LEU A 278 1.44 0.94 16.16
N LEU A 279 0.97 -0.07 15.41
CA LEU A 279 1.43 -0.37 14.05
C LEU A 279 0.29 -0.07 13.07
N ASN A 280 0.65 0.34 11.83
CA ASN A 280 -0.34 0.67 10.81
C ASN A 280 -0.50 -0.51 9.82
N ILE A 281 -1.63 -1.23 9.96
CA ILE A 281 -1.95 -2.43 9.17
C ILE A 281 -2.64 -1.97 7.88
N THR A 282 -2.12 -2.42 6.73
CA THR A 282 -2.77 -2.20 5.42
C THR A 282 -3.65 -3.42 5.09
N LEU A 283 -4.96 -3.20 5.10
CA LEU A 283 -5.98 -4.23 4.84
C LEU A 283 -6.97 -3.69 3.81
N PHE A 284 -7.49 -4.57 2.95
CA PHE A 284 -8.53 -4.21 1.97
C PHE A 284 -9.89 -4.73 2.43
N ASP A 285 -10.79 -3.81 2.78
CA ASP A 285 -12.16 -4.13 3.23
C ASP A 285 -13.14 -3.29 2.40
N ARG A 286 -13.90 -3.98 1.55
CA ARG A 286 -15.03 -3.40 0.83
C ARG A 286 -16.32 -3.97 1.42
N GLN A 287 -17.07 -3.14 2.16
CA GLN A 287 -18.40 -3.50 2.67
C GLN A 287 -19.41 -3.55 1.50
N PRO A 288 -20.26 -4.62 1.38
CA PRO A 288 -21.25 -4.75 0.29
C PRO A 288 -22.56 -3.96 0.55
N LEU A 289 -22.41 -2.65 0.89
CA LEU A 289 -23.54 -1.72 1.14
C LEU A 289 -24.52 -1.70 -0.05
N HIS A 290 -23.96 -1.59 -1.27
CA HIS A 290 -24.66 -1.84 -2.53
C HIS A 290 -24.11 -3.17 -3.08
N PRO A 291 -24.95 -4.26 -3.17
CA PRO A 291 -24.51 -5.59 -3.70
C PRO A 291 -23.77 -5.56 -5.07
N ALA A 292 -24.01 -4.51 -5.88
CA ALA A 292 -23.30 -4.28 -7.18
C ALA A 292 -21.82 -3.98 -6.91
N VAL A 293 -21.58 -3.04 -5.99
CA VAL A 293 -20.24 -2.70 -5.48
C VAL A 293 -19.65 -3.92 -4.71
N GLY A 294 -20.55 -4.65 -4.02
CA GLY A 294 -20.19 -5.82 -3.21
C GLY A 294 -19.75 -7.03 -4.03
N ALA A 295 -20.12 -7.04 -5.32
CA ALA A 295 -19.69 -8.06 -6.29
C ALA A 295 -18.39 -7.60 -6.99
N MET A 296 -18.23 -6.26 -7.08
CA MET A 296 -17.07 -5.62 -7.73
C MET A 296 -15.78 -5.84 -6.92
N LEU A 297 -14.71 -6.26 -7.60
CA LEU A 297 -13.38 -6.37 -6.99
C LEU A 297 -12.80 -4.95 -6.88
N ALA A 298 -13.01 -4.34 -5.70
CA ALA A 298 -12.64 -2.94 -5.45
C ALA A 298 -11.19 -2.84 -4.95
N ASP A 299 -10.84 -3.72 -3.99
CA ASP A 299 -9.52 -3.76 -3.32
C ASP A 299 -9.25 -2.42 -2.60
N PHE A 300 -10.30 -1.92 -1.87
CA PHE A 300 -10.22 -0.65 -1.12
C PHE A 300 -9.13 -0.72 -0.03
N THR A 301 -7.91 -0.29 -0.40
CA THR A 301 -6.75 -0.25 0.47
C THR A 301 -6.94 0.82 1.57
N ASN A 302 -7.36 0.36 2.76
CA ASN A 302 -7.56 1.19 3.95
C ASN A 302 -6.55 0.79 5.03
N ILE A 303 -6.28 1.69 6.00
CA ILE A 303 -5.33 1.44 7.09
C ILE A 303 -6.05 1.45 8.46
N LEU A 304 -5.58 0.57 9.36
CA LEU A 304 -6.12 0.41 10.72
C LEU A 304 -4.94 0.32 11.71
N LEU A 305 -5.01 1.11 12.79
CA LEU A 305 -4.00 1.12 13.86
C LEU A 305 -4.31 0.01 14.88
N LEU A 306 -3.41 -0.99 15.00
CA LEU A 306 -3.51 -2.08 16.01
C LEU A 306 -2.35 -1.90 16.99
N ASP A 307 -2.65 -1.88 18.29
CA ASP A 307 -1.66 -1.56 19.33
C ASP A 307 -1.02 -2.84 19.90
N THR A 308 0.31 -2.90 19.85
CA THR A 308 1.10 -3.86 20.64
C THR A 308 1.44 -3.20 21.98
N ALA A 309 0.65 -3.52 23.02
CA ALA A 309 0.74 -2.87 24.34
C ALA A 309 1.93 -3.37 25.18
N CYS A 310 2.55 -4.49 24.79
CA CYS A 310 3.59 -5.14 25.60
C CYS A 310 4.53 -5.99 24.73
N ASP A 311 5.79 -6.14 25.19
CA ASP A 311 6.81 -6.96 24.52
C ASP A 311 7.76 -7.55 25.60
N GLY A 312 8.71 -8.39 25.16
CA GLY A 312 9.66 -9.06 26.05
C GLY A 312 9.14 -10.41 26.54
N ASP A 313 7.96 -10.80 26.02
CA ASP A 313 7.32 -12.08 26.36
C ASP A 313 7.42 -13.05 25.19
N THR A 314 6.94 -14.28 25.41
CA THR A 314 6.86 -15.32 24.38
C THR A 314 5.60 -15.14 23.50
N VAL A 315 5.45 -16.01 22.48
CA VAL A 315 4.33 -15.99 21.51
C VAL A 315 2.94 -16.03 22.21
N SER A 316 2.90 -16.53 23.46
CA SER A 316 1.68 -16.60 24.28
C SER A 316 1.02 -15.22 24.42
N ASN A 317 1.75 -14.25 25.02
CA ASN A 317 1.21 -12.89 25.32
C ASN A 317 1.19 -11.99 24.08
N LEU A 318 2.18 -12.16 23.20
CA LEU A 318 2.32 -11.33 21.99
C LEU A 318 1.14 -11.53 21.04
N ALA A 319 0.98 -12.78 20.57
CA ALA A 319 -0.04 -13.16 19.58
C ALA A 319 -1.46 -13.02 20.15
N ARG A 320 -1.58 -13.22 21.48
CA ARG A 320 -2.85 -13.01 22.21
C ARG A 320 -3.27 -11.54 22.15
N LYS A 321 -2.31 -10.63 22.43
CA LYS A 321 -2.56 -9.19 22.36
C LYS A 321 -2.96 -8.76 20.93
N ASN A 322 -2.32 -9.38 19.91
CA ASN A 322 -2.64 -9.15 18.49
C ASN A 322 -4.06 -9.66 18.14
N GLN A 323 -4.53 -10.71 18.84
CA GLN A 323 -5.89 -11.26 18.66
C GLN A 323 -6.93 -10.29 19.27
N LEU A 324 -6.62 -9.81 20.50
CA LEU A 324 -7.51 -8.88 21.24
C LEU A 324 -7.72 -7.57 20.47
N THR A 325 -6.62 -6.90 20.11
CA THR A 325 -6.67 -5.61 19.42
C THR A 325 -7.37 -5.75 18.05
N PHE A 326 -7.16 -6.89 17.37
CA PHE A 326 -7.84 -7.20 16.09
C PHE A 326 -9.37 -7.29 16.27
N THR A 327 -9.82 -7.87 17.40
CA THR A 327 -11.26 -8.10 17.65
C THR A 327 -12.01 -6.75 17.75
N GLU A 328 -11.56 -5.88 18.68
CA GLU A 328 -12.18 -4.55 18.89
C GLU A 328 -12.10 -3.69 17.62
N ASP A 329 -10.89 -3.62 17.03
CA ASP A 329 -10.60 -2.74 15.88
C ASP A 329 -11.38 -3.14 14.62
N TRP A 330 -11.60 -4.45 14.43
CA TRP A 330 -12.39 -4.97 13.29
C TRP A 330 -13.86 -4.50 13.40
N GLU A 331 -14.35 -4.39 14.64
CA GLU A 331 -15.72 -3.92 14.94
C GLU A 331 -15.85 -2.41 14.77
N HIS A 332 -14.72 -1.70 14.79
CA HIS A 332 -14.67 -0.23 14.74
C HIS A 332 -14.09 0.24 13.39
N ARG A 333 -13.78 -0.72 12.48
CA ARG A 333 -13.12 -0.44 11.17
C ARG A 333 -14.05 0.37 10.21
N HIS A 334 -15.32 0.59 10.64
CA HIS A 334 -16.34 1.38 9.90
C HIS A 334 -15.83 2.77 9.48
N TRP A 335 -14.91 3.31 10.28
CA TRP A 335 -14.23 4.57 9.99
C TRP A 335 -12.71 4.30 10.08
N SER A 336 -11.93 5.02 9.26
CA SER A 336 -10.49 4.78 9.11
C SER A 336 -9.69 5.11 10.39
N GLY A 337 -8.56 4.40 10.58
CA GLY A 337 -7.63 4.64 11.70
C GLY A 337 -7.03 6.05 11.68
N VAL A 338 -7.09 6.71 10.51
CA VAL A 338 -6.68 8.13 10.29
C VAL A 338 -7.21 9.05 11.39
N GLU A 339 -8.49 8.83 11.78
CA GLU A 339 -9.20 9.67 12.77
C GLU A 339 -8.42 9.70 14.10
N LEU A 340 -8.13 8.50 14.61
CA LEU A 340 -7.39 8.29 15.86
C LEU A 340 -5.99 8.95 15.78
N LEU A 341 -5.27 8.64 14.68
CA LEU A 341 -3.87 9.07 14.48
C LEU A 341 -3.77 10.61 14.45
N ARG A 342 -4.81 11.23 13.88
CA ARG A 342 -4.94 12.69 13.76
C ARG A 342 -5.14 13.31 15.15
N GLU A 343 -5.94 12.63 16.01
CA GLU A 343 -6.31 13.15 17.35
C GLU A 343 -5.11 13.38 18.26
N LEU A 344 -4.27 12.36 18.44
CA LEU A 344 -3.13 12.43 19.40
C LEU A 344 -1.96 13.22 18.80
N LYS A 345 -1.97 13.37 17.47
CA LYS A 345 -1.05 14.26 16.75
C LYS A 345 -1.50 15.73 16.98
N ARG A 346 -2.83 15.91 17.03
CA ARG A 346 -3.47 17.22 17.28
C ARG A 346 -3.33 17.60 18.76
N GLN A 347 -3.28 16.56 19.64
CA GLN A 347 -3.05 16.72 21.10
C GLN A 347 -1.54 16.79 21.43
N GLN A 348 -0.70 16.70 20.38
CA GLN A 348 0.78 16.87 20.48
C GLN A 348 1.43 15.77 21.37
N ARG A 349 0.71 14.65 21.55
CA ARG A 349 1.20 13.47 22.31
C ARG A 349 1.99 12.51 21.37
N TYR A 350 2.20 12.95 20.10
CA TYR A 350 2.95 12.18 19.11
C TYR A 350 4.24 12.93 18.73
N PRO A 351 5.43 12.23 18.83
CA PRO A 351 6.74 12.80 18.39
C PRO A 351 6.79 13.09 16.88
N HIS A 352 6.01 12.33 16.08
CA HIS A 352 5.88 12.55 14.61
C HIS A 352 4.42 12.33 14.16
N GLY A 353 3.79 11.26 14.69
CA GLY A 353 2.45 10.86 14.25
C GLY A 353 2.48 10.03 12.97
N ALA A 354 3.68 9.55 12.61
CA ALA A 354 3.89 8.69 11.43
C ALA A 354 4.46 7.33 11.88
N PRO A 355 3.59 6.28 12.05
CA PRO A 355 4.05 4.90 12.37
C PRO A 355 4.52 4.17 11.10
N VAL A 356 4.91 2.89 11.26
CA VAL A 356 5.36 2.06 10.13
C VAL A 356 4.13 1.39 9.48
N VAL A 357 4.03 1.53 8.15
CA VAL A 357 2.97 0.92 7.35
C VAL A 357 3.50 -0.39 6.78
N PHE A 358 2.75 -1.49 6.96
CA PHE A 358 3.08 -2.78 6.34
C PHE A 358 1.83 -3.39 5.69
N THR A 359 2.02 -3.85 4.44
CA THR A 359 1.03 -4.66 3.73
C THR A 359 1.47 -6.13 3.81
N SER A 360 0.60 -7.01 4.31
CA SER A 360 0.86 -8.46 4.36
C SER A 360 -0.31 -9.20 3.70
N ASN A 361 -0.01 -9.98 2.65
CA ASN A 361 -1.03 -10.71 1.88
C ASN A 361 -0.47 -12.09 1.48
N LEU A 362 -0.92 -13.12 2.24
CA LEU A 362 -0.58 -14.54 2.01
C LEU A 362 -1.80 -15.27 1.40
N GLY A 363 -1.57 -16.43 0.78
CA GLY A 363 -2.64 -17.24 0.18
C GLY A 363 -2.96 -16.81 -1.24
N ARG A 364 -1.90 -16.45 -1.97
CA ARG A 364 -1.99 -15.97 -3.36
C ARG A 364 -1.71 -17.09 -4.38
N SER A 365 -1.73 -16.70 -5.67
CA SER A 365 -1.63 -17.62 -6.82
C SER A 365 -0.25 -18.31 -6.92
N LEU A 366 -0.26 -19.50 -7.53
CA LEU A 366 0.93 -20.34 -7.75
C LEU A 366 1.86 -19.68 -8.80
N TYR A 367 1.27 -18.83 -9.66
CA TYR A 367 1.99 -18.22 -10.80
C TYR A 367 2.29 -16.73 -10.55
N SER A 368 1.29 -15.98 -10.04
CA SER A 368 1.36 -14.51 -9.92
C SER A 368 1.15 -14.02 -8.48
N SER A 369 1.71 -12.84 -8.15
CA SER A 369 1.53 -12.19 -6.84
C SER A 369 0.07 -11.69 -6.66
N ARG A 370 -0.57 -11.28 -7.78
CA ARG A 370 -2.01 -10.92 -7.81
C ARG A 370 -2.70 -11.67 -8.95
N ALA A 371 -3.86 -12.27 -8.64
CA ALA A 371 -4.69 -13.01 -9.62
C ALA A 371 -5.59 -12.06 -10.43
N GLU A 372 -5.72 -10.80 -9.95
CA GLU A 372 -6.58 -9.76 -10.57
C GLU A 372 -5.95 -9.22 -11.87
N SER A 373 -4.63 -9.41 -12.04
CA SER A 373 -3.92 -9.03 -13.28
C SER A 373 -3.47 -10.33 -14.01
N PRO A 374 -4.27 -10.80 -15.04
CA PRO A 374 -4.01 -12.06 -15.77
C PRO A 374 -3.04 -11.93 -16.97
N LEU A 375 -2.53 -10.70 -17.24
CA LEU A 375 -1.55 -10.46 -18.32
C LEU A 375 -0.13 -10.42 -17.76
N GLY A 376 0.04 -9.73 -16.63
CA GLY A 376 1.34 -9.62 -15.96
C GLY A 376 1.15 -9.54 -14.45
N GLU A 377 2.11 -10.04 -13.67
CA GLU A 377 2.06 -9.91 -12.21
C GLU A 377 2.78 -8.62 -11.76
N PRO A 378 2.39 -7.99 -10.59
CA PRO A 378 2.97 -6.72 -10.14
C PRO A 378 4.42 -6.90 -9.63
N GLU A 379 5.39 -6.39 -10.40
CA GLU A 379 6.74 -6.17 -9.93
C GLU A 379 6.74 -4.91 -9.06
N TRP A 380 7.09 -5.09 -7.80
CA TRP A 380 7.31 -3.99 -6.86
C TRP A 380 8.50 -3.14 -7.34
N GLY A 381 8.25 -1.89 -7.73
CA GLY A 381 9.32 -0.98 -8.12
C GLY A 381 9.89 -0.31 -6.89
N ILE A 382 9.28 0.81 -6.51
CA ILE A 382 9.56 1.55 -5.28
C ILE A 382 8.21 2.08 -4.75
N SER A 383 7.94 1.92 -3.46
CA SER A 383 6.72 2.47 -2.79
C SER A 383 7.10 3.76 -2.02
N GLN A 384 8.41 4.08 -2.03
CA GLN A 384 9.04 5.28 -1.44
C GLN A 384 8.69 5.48 0.06
N THR A 385 8.90 6.70 0.58
CA THR A 385 8.55 7.05 1.95
C THR A 385 7.98 8.49 1.96
N PRO A 386 6.64 8.67 1.91
CA PRO A 386 5.99 10.01 1.94
C PRO A 386 6.01 10.61 3.38
N GLN A 387 4.91 11.30 3.78
CA GLN A 387 4.74 11.82 5.16
C GLN A 387 4.88 10.69 6.20
N VAL A 388 4.32 9.52 5.88
CA VAL A 388 4.34 8.36 6.77
C VAL A 388 5.62 7.52 6.51
N TRP A 389 6.25 7.05 7.59
CA TRP A 389 7.60 6.48 7.53
C TRP A 389 7.58 4.96 7.30
N ILE A 390 8.22 4.55 6.17
CA ILE A 390 8.46 3.15 5.75
C ILE A 390 7.15 2.46 5.32
N ASP A 391 7.12 2.00 4.05
CA ASP A 391 6.08 1.11 3.53
C ASP A 391 6.70 -0.27 3.27
N HIS A 392 6.49 -1.21 4.20
CA HIS A 392 6.96 -2.59 4.07
C HIS A 392 5.91 -3.41 3.32
N LEU A 393 6.22 -3.78 2.08
CA LEU A 393 5.34 -4.64 1.26
C LEU A 393 5.69 -6.10 1.55
N ALA A 394 4.65 -6.95 1.68
CA ALA A 394 4.81 -8.40 1.83
C ALA A 394 3.68 -9.10 1.06
N PHE A 395 4.06 -9.89 0.06
CA PHE A 395 3.11 -10.58 -0.82
C PHE A 395 3.59 -12.02 -1.04
N GLU A 396 2.63 -12.93 -1.26
CA GLU A 396 2.92 -14.34 -1.51
C GLU A 396 2.89 -14.59 -3.02
N HIS A 397 3.73 -15.52 -3.47
CA HIS A 397 3.92 -15.86 -4.88
C HIS A 397 4.52 -17.26 -4.95
N HIS A 398 3.78 -18.25 -5.49
CA HIS A 398 4.30 -19.63 -5.69
C HIS A 398 4.58 -20.33 -4.32
N GLY A 399 3.93 -19.82 -3.26
CA GLY A 399 4.14 -20.30 -1.89
C GLY A 399 5.44 -19.79 -1.28
N GLU A 400 5.93 -18.68 -1.84
CA GLU A 400 7.12 -17.95 -1.36
C GLU A 400 6.65 -16.61 -0.84
N VAL A 401 6.93 -16.27 0.43
CA VAL A 401 6.62 -14.94 0.97
C VAL A 401 7.82 -13.99 0.70
N TRP A 402 7.57 -13.01 -0.17
CA TRP A 402 8.55 -12.00 -0.56
C TRP A 402 8.38 -10.76 0.34
N LEU A 403 9.30 -10.60 1.31
CA LEU A 403 9.34 -9.45 2.22
C LEU A 403 10.16 -8.32 1.55
N GLN A 404 9.48 -7.26 1.13
CA GLN A 404 10.08 -6.09 0.46
C GLN A 404 10.27 -4.94 1.48
N TRP A 405 11.41 -4.25 1.38
CA TRP A 405 11.74 -3.09 2.24
C TRP A 405 11.79 -1.80 1.37
N ASP A 406 10.74 -0.95 1.48
CA ASP A 406 10.72 0.39 0.87
C ASP A 406 10.89 1.44 1.97
N SER A 407 12.08 2.03 2.02
CA SER A 407 12.45 3.06 2.98
C SER A 407 13.61 3.88 2.42
N ASN A 408 13.83 5.07 3.01
CA ASN A 408 14.97 5.90 2.65
C ASN A 408 16.25 5.26 3.20
N ASP A 409 17.15 4.88 2.29
CA ASP A 409 18.51 4.39 2.60
C ASP A 409 19.27 5.42 3.49
N ALA A 410 19.04 6.71 3.17
CA ALA A 410 19.72 7.85 3.82
C ALA A 410 19.25 8.10 5.27
N LEU A 411 17.99 7.72 5.56
CA LEU A 411 17.38 7.92 6.90
C LEU A 411 17.47 6.66 7.77
N PHE A 412 17.21 5.50 7.18
CA PHE A 412 17.18 4.23 7.90
C PHE A 412 18.32 3.35 7.39
N PRO A 413 19.43 3.19 8.20
CA PRO A 413 20.62 2.40 7.80
C PRO A 413 20.25 0.92 7.55
N PRO A 414 20.41 0.41 6.28
CA PRO A 414 20.07 -0.99 5.90
C PRO A 414 20.60 -2.07 6.87
N ALA A 415 21.81 -1.87 7.42
CA ALA A 415 22.45 -2.86 8.34
C ALA A 415 21.71 -2.93 9.68
N LEU A 416 21.26 -1.77 10.19
CA LEU A 416 20.46 -1.68 11.43
C LEU A 416 19.09 -2.35 11.22
N VAL A 417 18.45 -1.97 10.10
CA VAL A 417 17.15 -2.54 9.70
C VAL A 417 17.28 -4.05 9.46
N GLU A 418 18.45 -4.49 8.93
CA GLU A 418 18.73 -5.91 8.63
C GLU A 418 18.73 -6.74 9.91
N THR A 419 19.33 -6.16 10.97
CA THR A 419 19.41 -6.78 12.29
C THR A 419 18.01 -7.20 12.79
N LEU A 420 17.03 -6.31 12.57
CA LEU A 420 15.63 -6.48 13.02
C LEU A 420 14.82 -7.37 12.06
N PHE A 421 15.03 -7.11 10.76
CA PHE A 421 14.26 -7.68 9.64
C PHE A 421 14.54 -9.19 9.53
N ASP A 422 15.83 -9.51 9.51
CA ASP A 422 16.33 -10.88 9.35
C ASP A 422 16.19 -11.66 10.66
N ALA A 423 16.29 -10.98 11.84
CA ALA A 423 16.09 -11.64 13.16
C ALA A 423 14.68 -12.24 13.26
N TYR A 424 13.71 -11.54 12.63
CA TYR A 424 12.33 -12.04 12.50
C TYR A 424 12.31 -13.33 11.66
N CYS A 425 13.02 -13.31 10.52
CA CYS A 425 13.12 -14.46 9.60
C CYS A 425 13.81 -15.66 10.29
N GLN A 426 14.74 -15.36 11.21
CA GLN A 426 15.45 -16.36 12.01
C GLN A 426 14.50 -16.97 13.06
N LEU A 427 13.70 -16.12 13.75
CA LEU A 427 12.86 -16.57 14.88
C LEU A 427 11.59 -17.30 14.42
N ILE A 428 11.03 -16.94 13.24
CA ILE A 428 9.84 -17.66 12.69
C ILE A 428 10.25 -19.04 12.21
N ASN A 429 11.47 -19.14 11.65
CA ASN A 429 12.08 -20.42 11.26
C ASN A 429 12.37 -21.26 12.52
N GLN A 430 12.79 -20.55 13.59
CA GLN A 430 13.18 -21.18 14.86
C GLN A 430 11.95 -21.73 15.61
N LEU A 431 10.82 -21.00 15.51
CA LEU A 431 9.55 -21.38 16.16
C LEU A 431 8.90 -22.59 15.44
N CYS A 432 8.93 -22.56 14.09
CA CYS A 432 8.31 -23.62 13.27
C CYS A 432 9.14 -24.92 13.34
N ASP A 433 10.47 -24.78 13.40
CA ASP A 433 11.39 -25.93 13.38
C ASP A 433 11.56 -26.54 14.78
N ASP A 434 11.60 -25.69 15.83
CA ASP A 434 11.88 -26.15 17.20
C ASP A 434 10.87 -25.58 18.19
N GLU A 435 10.33 -26.48 19.02
CA GLU A 435 9.32 -26.17 20.04
C GLU A 435 9.91 -25.48 21.29
N SER A 436 11.22 -25.66 21.53
CA SER A 436 11.89 -25.05 22.70
C SER A 436 12.06 -23.52 22.52
N ALA A 437 11.91 -23.05 21.27
CA ALA A 437 11.89 -21.63 20.92
C ALA A 437 10.63 -20.94 21.51
N TRP A 438 9.53 -21.72 21.62
CA TRP A 438 8.26 -21.26 22.21
C TRP A 438 8.43 -20.96 23.71
N GLN A 439 9.40 -21.65 24.35
CA GLN A 439 9.64 -21.50 25.81
C GLN A 439 10.51 -20.26 26.12
N LYS A 440 11.04 -19.62 25.07
CA LYS A 440 11.89 -18.42 25.18
C LYS A 440 11.15 -17.20 24.58
N PRO A 441 11.44 -15.95 25.07
CA PRO A 441 10.97 -14.71 24.41
C PRO A 441 11.85 -14.36 23.18
N PHE A 442 11.29 -13.55 22.26
CA PHE A 442 12.00 -13.10 21.03
C PHE A 442 13.20 -12.19 21.37
N ALA A 443 13.15 -11.57 22.58
CA ALA A 443 14.19 -10.63 23.07
C ALA A 443 15.58 -11.29 23.09
N ASP A 444 15.62 -12.62 23.25
CA ASP A 444 16.85 -13.42 23.20
C ASP A 444 17.41 -13.45 21.76
N MET A 445 16.50 -13.63 20.77
CA MET A 445 16.86 -13.74 19.34
C MET A 445 17.49 -12.41 18.82
N LEU A 446 17.02 -11.25 19.35
CA LEU A 446 17.57 -9.92 19.02
C LEU A 446 18.97 -9.71 19.64
N GLU A 447 19.25 -10.43 20.74
CA GLU A 447 20.57 -10.43 21.38
C GLU A 447 21.59 -11.17 20.50
N HIS A 448 21.11 -12.22 19.79
CA HIS A 448 21.95 -13.02 18.87
C HIS A 448 22.20 -12.21 17.59
N HIS A 449 23.35 -11.50 17.57
CA HIS A 449 23.78 -10.66 16.44
C HIS A 449 24.12 -11.54 15.21
N HIS A 450 24.09 -10.91 14.03
CA HIS A 450 24.39 -11.58 12.75
C HIS A 450 25.86 -11.99 12.66
N HIS A 451 26.10 -13.11 11.98
CA HIS A 451 27.44 -13.61 11.69
C HIS A 451 27.78 -13.25 10.24
N HIS A 452 29.08 -13.27 9.91
CA HIS A 452 29.55 -12.99 8.56
C HIS A 452 29.33 -14.25 7.70
N HIS A 453 28.06 -14.43 7.27
CA HIS A 453 27.51 -15.71 6.76
C HIS A 453 27.48 -16.75 7.92
N MET A 1 -22.18 -3.48 -25.68
CA MET A 1 -21.71 -2.91 -24.40
C MET A 1 -22.54 -1.65 -24.07
N PRO A 2 -23.68 -1.81 -23.31
CA PRO A 2 -24.60 -0.69 -23.02
C PRO A 2 -24.03 0.26 -21.94
N ASP A 3 -24.01 1.57 -22.26
CA ASP A 3 -23.69 2.62 -21.29
C ASP A 3 -24.90 2.85 -20.38
N GLU A 4 -24.76 2.54 -19.08
CA GLU A 4 -25.84 2.71 -18.06
C GLU A 4 -26.23 4.22 -17.93
N SER A 5 -27.43 4.49 -17.38
CA SER A 5 -28.04 5.83 -17.29
C SER A 5 -27.11 6.90 -16.64
N SER A 6 -27.20 8.14 -17.12
CA SER A 6 -26.40 9.28 -16.58
C SER A 6 -27.01 9.78 -15.25
N TRP A 7 -26.61 9.14 -14.12
CA TRP A 7 -27.11 9.47 -12.77
C TRP A 7 -26.62 10.87 -12.33
N PRO A 8 -27.47 11.66 -11.57
CA PRO A 8 -27.10 13.02 -11.13
C PRO A 8 -25.86 13.03 -10.22
N ASN A 9 -24.87 13.83 -10.61
CA ASN A 9 -23.61 14.01 -9.88
C ASN A 9 -23.51 15.48 -9.47
N MET A 10 -23.30 15.74 -8.17
CA MET A 10 -23.27 17.12 -7.62
C MET A 10 -22.04 17.89 -8.11
N THR A 11 -20.92 17.18 -8.29
CA THR A 11 -19.65 17.76 -8.76
C THR A 11 -19.61 18.00 -10.30
N GLU A 12 -20.80 17.99 -10.94
CA GLU A 12 -20.97 18.57 -12.29
C GLU A 12 -21.05 20.10 -12.19
N SER A 13 -21.48 20.62 -11.02
CA SER A 13 -21.66 22.06 -10.78
C SER A 13 -20.84 22.57 -9.56
N THR A 14 -20.62 21.71 -8.54
CA THR A 14 -20.03 22.13 -7.25
C THR A 14 -18.70 21.39 -6.96
N PRO A 15 -17.54 22.11 -6.78
CA PRO A 15 -16.26 21.49 -6.39
C PRO A 15 -16.26 21.13 -4.87
N PHE A 16 -16.03 19.85 -4.55
CA PHE A 16 -15.97 19.37 -3.15
C PHE A 16 -14.49 19.25 -2.74
N PRO A 17 -14.11 19.58 -1.47
CA PRO A 17 -12.70 19.46 -1.01
C PRO A 17 -12.29 18.00 -0.78
N LEU A 18 -10.97 17.76 -0.69
CA LEU A 18 -10.42 16.44 -0.32
C LEU A 18 -10.76 16.09 1.14
N THR A 19 -11.09 14.81 1.36
CA THR A 19 -11.44 14.26 2.68
C THR A 19 -10.21 14.17 3.61
N PRO A 20 -10.42 13.94 4.96
CA PRO A 20 -9.31 13.72 5.93
C PRO A 20 -8.33 12.56 5.60
N VAL A 21 -8.59 11.79 4.51
CA VAL A 21 -7.69 10.71 4.07
C VAL A 21 -6.33 11.30 3.65
N GLN A 22 -5.35 11.19 4.57
CA GLN A 22 -4.03 11.89 4.49
C GLN A 22 -3.16 11.45 3.29
N HIS A 23 -3.45 10.29 2.71
CA HIS A 23 -2.61 9.72 1.64
C HIS A 23 -2.70 10.57 0.35
N ALA A 24 -3.93 10.71 -0.18
CA ALA A 24 -4.21 11.56 -1.37
C ALA A 24 -4.10 13.07 -1.03
N TYR A 25 -4.33 13.40 0.24
CA TYR A 25 -4.28 14.78 0.74
C TYR A 25 -2.86 15.36 0.60
N LEU A 26 -1.84 14.62 1.09
CA LEU A 26 -0.43 15.05 1.07
C LEU A 26 0.14 15.03 -0.37
N THR A 27 -0.32 14.07 -1.20
CA THR A 27 0.12 13.94 -2.60
C THR A 27 -0.39 15.13 -3.46
N GLY A 28 -1.63 15.56 -3.18
CA GLY A 28 -2.27 16.67 -3.90
C GLY A 28 -1.80 18.04 -3.41
N ARG A 29 -1.52 18.15 -2.10
CA ARG A 29 -1.10 19.41 -1.45
C ARG A 29 0.41 19.65 -1.60
N MET A 30 1.21 18.59 -1.77
CA MET A 30 2.69 18.71 -1.95
C MET A 30 3.12 18.03 -3.29
N PRO A 31 2.79 18.63 -4.49
CA PRO A 31 3.19 18.07 -5.79
C PRO A 31 4.56 18.63 -6.26
N GLY A 32 5.57 17.74 -6.36
CA GLY A 32 6.92 18.11 -6.80
C GLY A 32 7.97 18.00 -5.71
N GLN A 33 7.53 17.95 -4.43
CA GLN A 33 8.44 17.75 -3.28
C GLN A 33 8.93 16.28 -3.22
N THR A 34 10.18 16.09 -2.76
CA THR A 34 10.83 14.76 -2.69
C THR A 34 10.38 13.99 -1.42
N LEU A 35 10.50 14.63 -0.25
CA LEU A 35 10.18 14.02 1.06
C LEU A 35 8.95 14.74 1.67
N GLY A 36 8.10 15.31 0.78
CA GLY A 36 6.91 16.10 1.18
C GLY A 36 5.67 15.26 1.46
N GLY A 37 5.86 14.09 2.09
CA GLY A 37 4.74 13.18 2.39
C GLY A 37 4.56 12.08 1.36
N VAL A 38 5.40 12.11 0.30
CA VAL A 38 5.39 11.09 -0.77
C VAL A 38 6.64 10.16 -0.66
N GLY A 39 7.83 10.78 -0.49
CA GLY A 39 9.10 10.03 -0.50
C GLY A 39 9.38 9.39 -1.86
N CYS A 40 9.07 8.08 -1.96
CA CYS A 40 9.22 7.31 -3.20
C CYS A 40 7.99 7.55 -4.12
N HIS A 41 8.01 6.94 -5.31
CA HIS A 41 6.92 7.05 -6.31
C HIS A 41 6.55 5.65 -6.83
N LEU A 42 5.37 5.52 -7.43
CA LEU A 42 4.86 4.24 -7.97
C LEU A 42 5.45 3.97 -9.36
N TYR A 43 6.13 2.82 -9.49
CA TYR A 43 6.61 2.32 -10.78
C TYR A 43 6.06 0.91 -10.92
N GLN A 44 5.01 0.73 -11.73
CA GLN A 44 4.42 -0.61 -11.96
C GLN A 44 4.74 -1.05 -13.37
N GLU A 45 5.36 -2.23 -13.47
CA GLU A 45 5.62 -2.90 -14.74
C GLU A 45 5.01 -4.31 -14.68
N PHE A 46 4.12 -4.61 -15.64
CA PHE A 46 3.50 -5.94 -15.79
C PHE A 46 3.87 -6.49 -17.16
N GLU A 47 4.15 -7.80 -17.22
CA GLU A 47 4.38 -8.52 -18.47
C GLU A 47 3.05 -9.11 -18.96
N GLY A 48 2.87 -9.19 -20.28
CA GLY A 48 1.60 -9.62 -20.89
C GLY A 48 1.82 -10.37 -22.19
N HIS A 49 0.86 -10.25 -23.12
CA HIS A 49 0.85 -11.03 -24.39
C HIS A 49 1.59 -10.26 -25.51
N CYS A 50 1.95 -10.98 -26.58
CA CYS A 50 2.66 -10.45 -27.76
C CYS A 50 1.86 -9.40 -28.61
N LEU A 51 0.74 -8.81 -28.09
CA LEU A 51 0.00 -7.73 -28.82
C LEU A 51 0.93 -6.51 -29.07
N THR A 52 0.54 -5.61 -29.97
CA THR A 52 1.41 -4.48 -30.35
C THR A 52 1.11 -3.24 -29.48
N ALA A 53 2.03 -2.27 -29.54
CA ALA A 53 2.01 -1.05 -28.72
C ALA A 53 0.81 -0.14 -29.02
N SER A 54 0.42 -0.11 -30.31
CA SER A 54 -0.70 0.71 -30.80
C SER A 54 -2.03 0.22 -30.21
N GLN A 55 -2.17 -1.12 -30.07
CA GLN A 55 -3.37 -1.77 -29.51
C GLN A 55 -3.44 -1.58 -27.98
N LEU A 56 -2.27 -1.66 -27.30
CA LEU A 56 -2.20 -1.39 -25.84
C LEU A 56 -2.63 0.05 -25.52
N GLU A 57 -2.05 1.02 -26.24
CA GLU A 57 -2.35 2.45 -26.01
C GLU A 57 -3.79 2.78 -26.47
N GLN A 58 -4.31 2.05 -27.48
CA GLN A 58 -5.71 2.21 -27.95
C GLN A 58 -6.71 1.80 -26.86
N ALA A 59 -6.34 0.82 -26.02
CA ALA A 59 -7.15 0.39 -24.87
C ALA A 59 -7.18 1.52 -23.82
N ILE A 60 -6.00 2.12 -23.55
CA ILE A 60 -5.87 3.30 -22.65
C ILE A 60 -6.74 4.47 -23.19
N THR A 61 -6.76 4.60 -24.53
CA THR A 61 -7.53 5.62 -25.26
C THR A 61 -9.03 5.46 -24.96
N THR A 62 -9.59 4.25 -25.22
CA THR A 62 -11.05 4.00 -25.10
C THR A 62 -11.58 4.30 -23.69
N LEU A 63 -10.73 4.06 -22.66
CA LEU A 63 -11.05 4.38 -21.26
C LEU A 63 -11.36 5.88 -21.10
N LEU A 64 -10.33 6.75 -21.31
CA LEU A 64 -10.45 8.22 -21.07
C LEU A 64 -11.37 8.89 -22.12
N GLN A 65 -11.41 8.31 -23.33
CA GLN A 65 -12.22 8.79 -24.47
C GLN A 65 -13.73 8.61 -24.18
N ARG A 66 -14.05 7.70 -23.24
CA ARG A 66 -15.43 7.45 -22.80
C ARG A 66 -15.57 7.92 -21.33
N HIS A 67 -15.59 6.98 -20.36
CA HIS A 67 -15.85 7.27 -18.94
C HIS A 67 -15.15 6.17 -18.11
N PRO A 68 -13.84 6.38 -17.73
CA PRO A 68 -13.08 5.38 -16.94
C PRO A 68 -13.37 5.53 -15.43
N MET A 69 -12.88 4.59 -14.61
CA MET A 69 -13.09 4.63 -13.13
C MET A 69 -12.46 5.91 -12.50
N LEU A 70 -11.34 6.36 -13.08
CA LEU A 70 -10.54 7.51 -12.57
C LEU A 70 -10.94 8.83 -13.27
N HIS A 71 -12.24 8.97 -13.66
CA HIS A 71 -12.75 10.15 -14.42
C HIS A 71 -12.82 11.44 -13.56
N ILE A 72 -12.43 11.34 -12.28
CA ILE A 72 -12.33 12.49 -11.37
C ILE A 72 -11.03 13.27 -11.69
N ALA A 73 -11.11 14.60 -11.69
CA ALA A 73 -9.97 15.51 -11.97
C ALA A 73 -9.72 16.44 -10.76
N PHE A 74 -8.45 16.81 -10.55
CA PHE A 74 -8.01 17.59 -9.39
C PHE A 74 -7.90 19.08 -9.74
N ARG A 75 -8.22 19.92 -8.77
CA ARG A 75 -8.02 21.38 -8.83
C ARG A 75 -6.94 21.77 -7.81
N PRO A 76 -5.93 22.65 -8.21
CA PRO A 76 -4.72 22.98 -7.39
C PRO A 76 -5.01 23.47 -5.94
N ASP A 77 -6.25 23.89 -5.66
CA ASP A 77 -6.66 24.39 -4.31
C ASP A 77 -6.95 23.21 -3.33
N GLY A 78 -6.96 21.97 -3.86
CA GLY A 78 -7.27 20.78 -3.06
C GLY A 78 -8.74 20.39 -3.15
N GLN A 79 -9.27 20.37 -4.39
CA GLN A 79 -10.70 20.08 -4.66
C GLN A 79 -10.86 19.05 -5.79
N GLN A 80 -11.90 18.21 -5.70
CA GLN A 80 -12.32 17.30 -6.78
C GLN A 80 -13.39 17.96 -7.68
N VAL A 81 -13.18 17.89 -9.02
CA VAL A 81 -14.16 18.31 -10.05
C VAL A 81 -14.19 17.24 -11.15
N TRP A 82 -15.40 16.80 -11.56
CA TRP A 82 -15.55 15.81 -12.65
C TRP A 82 -15.40 16.51 -14.01
N LEU A 83 -14.30 16.21 -14.71
CA LEU A 83 -14.11 16.55 -16.13
C LEU A 83 -14.51 15.33 -16.98
N PRO A 84 -15.61 15.42 -17.81
CA PRO A 84 -16.05 14.33 -18.72
C PRO A 84 -15.27 14.33 -20.07
N GLN A 85 -14.18 15.11 -20.12
CA GLN A 85 -13.36 15.31 -21.32
C GLN A 85 -11.95 14.70 -21.08
N PRO A 86 -11.47 13.78 -21.98
CA PRO A 86 -10.18 13.05 -21.82
C PRO A 86 -8.94 13.97 -21.75
N TYR A 87 -7.92 13.53 -21.00
CA TYR A 87 -6.59 14.16 -21.02
C TYR A 87 -5.94 14.01 -22.42
N TRP A 88 -5.29 12.86 -22.67
CA TRP A 88 -4.51 12.60 -23.90
C TRP A 88 -3.77 11.25 -23.74
N ASN A 89 -3.22 10.73 -24.86
CA ASN A 89 -2.31 9.57 -24.88
C ASN A 89 -0.87 10.05 -24.50
N GLY A 90 0.19 9.53 -25.20
CA GLY A 90 1.55 10.05 -25.01
C GLY A 90 2.49 9.06 -24.31
N VAL A 91 2.13 7.77 -24.32
CA VAL A 91 2.97 6.71 -23.73
C VAL A 91 4.21 6.45 -24.62
N THR A 92 5.42 6.75 -24.11
CA THR A 92 6.69 6.59 -24.83
C THR A 92 7.01 5.10 -25.06
N VAL A 93 6.84 4.62 -26.29
CA VAL A 93 7.07 3.22 -26.62
C VAL A 93 8.52 3.04 -27.07
N HIS A 94 9.31 2.32 -26.26
CA HIS A 94 10.66 1.87 -26.65
C HIS A 94 10.59 0.38 -27.00
N ASP A 95 11.23 0.01 -28.11
CA ASP A 95 11.26 -1.36 -28.62
C ASP A 95 12.64 -1.96 -28.36
N LEU A 96 12.65 -3.13 -27.74
CA LEU A 96 13.87 -3.87 -27.37
C LEU A 96 13.91 -5.24 -28.10
N ARG A 97 13.07 -5.38 -29.15
CA ARG A 97 12.98 -6.63 -29.96
C ARG A 97 13.90 -6.57 -31.19
N HIS A 98 13.76 -5.46 -31.92
CA HIS A 98 14.44 -5.21 -33.21
C HIS A 98 15.79 -4.51 -32.99
N ASN A 99 15.92 -3.82 -31.85
CA ASN A 99 17.15 -3.14 -31.44
C ASN A 99 18.03 -4.10 -30.60
N ASP A 100 19.36 -3.93 -30.68
CA ASP A 100 20.37 -4.78 -29.97
C ASP A 100 20.44 -4.39 -28.47
N ALA A 101 21.43 -4.92 -27.72
CA ALA A 101 21.62 -4.71 -26.26
C ALA A 101 21.49 -3.25 -25.77
N GLU A 102 21.80 -2.30 -26.67
CA GLU A 102 21.72 -0.84 -26.40
C GLU A 102 20.29 -0.41 -26.01
N SER A 103 19.28 -1.21 -26.41
CA SER A 103 17.88 -0.98 -26.06
C SER A 103 17.64 -1.15 -24.55
N ARG A 104 18.20 -2.25 -23.99
CA ARG A 104 18.05 -2.58 -22.56
C ARG A 104 18.99 -1.73 -21.71
N GLN A 105 20.14 -1.34 -22.27
CA GLN A 105 21.07 -0.41 -21.62
C GLN A 105 20.40 0.98 -21.48
N ALA A 106 19.77 1.42 -22.57
CA ALA A 106 19.02 2.69 -22.65
C ALA A 106 17.75 2.64 -21.78
N TYR A 107 17.18 1.44 -21.60
CA TYR A 107 16.02 1.20 -20.72
C TYR A 107 16.32 1.62 -19.27
N LEU A 108 17.42 1.10 -18.69
CA LEU A 108 17.84 1.43 -17.30
C LEU A 108 18.08 2.95 -17.14
N ASP A 109 18.65 3.59 -18.18
CA ASP A 109 18.97 5.02 -18.16
C ASP A 109 17.72 5.89 -18.33
N ALA A 110 16.77 5.40 -19.15
CA ALA A 110 15.51 6.11 -19.46
C ALA A 110 14.65 6.21 -18.20
N LEU A 111 14.56 5.09 -17.45
CA LEU A 111 13.81 5.03 -16.18
C LEU A 111 14.45 5.95 -15.12
N ARG A 112 15.80 5.93 -15.05
CA ARG A 112 16.58 6.70 -14.05
C ARG A 112 16.33 8.22 -14.22
N GLN A 113 16.27 8.67 -15.49
CA GLN A 113 15.91 10.06 -15.84
C GLN A 113 14.42 10.33 -15.57
N ARG A 114 13.57 9.33 -15.90
CA ARG A 114 12.09 9.49 -15.90
C ARG A 114 11.55 9.74 -14.48
N LEU A 115 12.15 9.04 -13.49
CA LEU A 115 11.71 9.12 -12.08
C LEU A 115 12.33 10.35 -11.38
N SER A 116 13.55 10.74 -11.81
CA SER A 116 14.27 11.90 -11.27
C SER A 116 13.70 13.23 -11.84
N HIS A 117 12.98 13.12 -12.96
CA HIS A 117 12.35 14.25 -13.65
C HIS A 117 10.82 14.02 -13.74
N ARG A 118 10.26 13.29 -12.75
CA ARG A 118 8.81 13.00 -12.71
C ARG A 118 8.04 14.24 -12.22
N LEU A 119 7.39 14.94 -13.17
CA LEU A 119 6.44 16.03 -12.89
C LEU A 119 5.03 15.58 -13.34
N LEU A 120 4.00 16.06 -12.64
CA LEU A 120 2.60 15.65 -12.85
C LEU A 120 1.71 16.82 -13.34
N ARG A 121 0.68 16.47 -14.12
CA ARG A 121 -0.34 17.38 -14.69
C ARG A 121 -1.47 17.61 -13.64
N VAL A 122 -1.04 17.95 -12.41
CA VAL A 122 -1.87 18.07 -11.18
C VAL A 122 -3.22 18.81 -11.38
N GLU A 123 -3.21 19.87 -12.19
CA GLU A 123 -4.40 20.75 -12.38
C GLU A 123 -5.40 20.16 -13.40
N ILE A 124 -4.98 19.08 -14.09
CA ILE A 124 -5.83 18.34 -15.05
C ILE A 124 -6.38 17.05 -14.38
N GLY A 125 -5.75 16.63 -13.26
CA GLY A 125 -6.13 15.42 -12.54
C GLY A 125 -5.67 14.13 -13.20
N GLU A 126 -6.20 13.87 -14.42
CA GLU A 126 -5.71 12.78 -15.28
C GLU A 126 -4.26 13.09 -15.70
N THR A 127 -3.30 12.44 -15.03
CA THR A 127 -1.87 12.61 -15.30
C THR A 127 -1.18 11.24 -15.33
N PHE A 128 -0.41 11.00 -16.41
CA PHE A 128 0.46 9.83 -16.52
C PHE A 128 1.55 10.11 -17.56
N ASP A 129 2.79 9.79 -17.20
CA ASP A 129 3.90 9.66 -18.15
C ASP A 129 4.82 8.52 -17.67
N PHE A 130 4.94 7.50 -18.51
CA PHE A 130 5.93 6.43 -18.38
C PHE A 130 6.04 5.66 -19.71
N GLN A 131 6.96 4.70 -19.78
CA GLN A 131 7.42 4.10 -21.04
C GLN A 131 6.89 2.65 -21.23
N LEU A 132 6.49 2.33 -22.47
CA LEU A 132 6.03 1.01 -22.87
C LEU A 132 7.17 0.26 -23.56
N THR A 133 7.65 -0.82 -22.94
CA THR A 133 8.79 -1.59 -23.44
C THR A 133 8.34 -2.91 -24.09
N LEU A 134 8.82 -3.16 -25.32
CA LEU A 134 8.54 -4.40 -26.07
C LEU A 134 9.79 -5.30 -26.03
N LEU A 135 9.70 -6.42 -25.32
CA LEU A 135 10.76 -7.45 -25.25
C LEU A 135 10.35 -8.67 -26.12
N PRO A 136 11.31 -9.47 -26.68
CA PRO A 136 10.98 -10.69 -27.47
C PRO A 136 10.41 -11.85 -26.61
N ASP A 137 9.92 -12.91 -27.29
CA ASP A 137 9.36 -14.13 -26.67
C ASP A 137 8.08 -13.80 -25.84
N ASN A 138 7.14 -13.09 -26.52
CA ASN A 138 5.78 -12.74 -26.01
C ASN A 138 5.80 -11.67 -24.89
N ARG A 139 7.01 -11.21 -24.51
CA ARG A 139 7.23 -10.36 -23.33
C ARG A 139 6.88 -8.89 -23.62
N HIS A 140 5.62 -8.50 -23.40
CA HIS A 140 5.18 -7.11 -23.54
C HIS A 140 5.03 -6.53 -22.13
N ARG A 141 5.71 -5.41 -21.85
CA ARG A 141 5.81 -4.87 -20.48
C ARG A 141 5.54 -3.36 -20.46
N LEU A 142 4.36 -2.98 -19.91
CA LEU A 142 3.99 -1.56 -19.75
C LEU A 142 4.45 -1.05 -18.39
N HIS A 143 5.18 0.08 -18.41
CA HIS A 143 5.52 0.86 -17.22
C HIS A 143 4.62 2.10 -17.22
N VAL A 144 3.91 2.35 -16.11
CA VAL A 144 3.06 3.55 -15.95
C VAL A 144 3.33 4.20 -14.57
N ASN A 145 3.56 5.56 -14.57
CA ASN A 145 3.71 6.34 -13.32
C ASN A 145 2.59 7.40 -13.28
N ILE A 146 1.79 7.38 -12.20
CA ILE A 146 0.63 8.28 -12.00
C ILE A 146 0.64 8.77 -10.54
N ASP A 147 1.00 10.04 -10.31
CA ASP A 147 0.98 10.62 -8.95
C ASP A 147 -0.17 11.64 -8.86
N LEU A 148 -1.27 11.26 -8.17
CA LEU A 148 -2.42 12.15 -7.83
C LEU A 148 -3.47 11.36 -6.98
N LEU A 149 -4.65 11.97 -6.74
CA LEU A 149 -5.69 11.45 -5.83
C LEU A 149 -6.59 10.39 -6.48
N ILE A 150 -6.48 10.25 -7.82
CA ILE A 150 -7.45 9.47 -8.64
C ILE A 150 -7.25 7.94 -8.48
N MET A 151 -6.16 7.56 -7.78
CA MET A 151 -5.86 6.15 -7.45
C MET A 151 -5.30 6.07 -6.03
N ASP A 152 -5.61 4.96 -5.35
CA ASP A 152 -5.00 4.55 -4.06
C ASP A 152 -4.69 3.05 -4.19
N ALA A 153 -4.20 2.38 -3.13
CA ALA A 153 -3.87 0.93 -3.18
C ALA A 153 -5.06 0.08 -3.73
N SER A 154 -6.26 0.40 -3.23
CA SER A 154 -7.53 -0.26 -3.60
C SER A 154 -7.95 0.07 -5.07
N SER A 155 -8.00 1.38 -5.35
CA SER A 155 -8.47 1.92 -6.65
C SER A 155 -7.51 1.60 -7.80
N PHE A 156 -6.23 1.40 -7.46
CA PHE A 156 -5.17 1.10 -8.44
C PHE A 156 -5.28 -0.37 -8.88
N THR A 157 -5.70 -1.25 -7.95
CA THR A 157 -5.99 -2.67 -8.26
C THR A 157 -7.17 -2.77 -9.27
N LEU A 158 -8.22 -1.95 -9.06
CA LEU A 158 -9.41 -1.93 -9.94
C LEU A 158 -9.01 -1.41 -11.35
N PHE A 159 -8.20 -0.33 -11.40
CA PHE A 159 -7.74 0.29 -12.67
C PHE A 159 -6.80 -0.67 -13.44
N PHE A 160 -5.99 -1.42 -12.68
CA PHE A 160 -5.08 -2.44 -13.22
C PHE A 160 -5.88 -3.58 -13.87
N ASP A 161 -7.04 -3.89 -13.29
CA ASP A 161 -7.96 -4.90 -13.83
C ASP A 161 -8.71 -4.34 -15.08
N GLU A 162 -9.13 -3.07 -14.99
CA GLU A 162 -9.95 -2.39 -16.01
C GLU A 162 -9.21 -2.32 -17.36
N LEU A 163 -8.05 -1.64 -17.33
CA LEU A 163 -7.19 -1.41 -18.51
C LEU A 163 -6.76 -2.75 -19.12
N ASN A 164 -6.24 -3.64 -18.26
CA ASN A 164 -5.59 -4.90 -18.68
C ASN A 164 -6.60 -5.98 -19.12
N ALA A 165 -7.89 -5.82 -18.78
CA ALA A 165 -8.97 -6.70 -19.30
C ALA A 165 -9.23 -6.40 -20.77
N LEU A 166 -9.21 -5.11 -21.14
CA LEU A 166 -9.35 -4.68 -22.54
C LEU A 166 -8.07 -5.03 -23.34
N LEU A 167 -6.92 -5.13 -22.65
CA LEU A 167 -5.66 -5.64 -23.24
C LEU A 167 -5.77 -7.17 -23.50
N ALA A 168 -6.42 -7.86 -22.56
CA ALA A 168 -6.67 -9.31 -22.64
C ALA A 168 -7.73 -9.65 -23.70
N GLY A 169 -8.52 -8.64 -24.08
CA GLY A 169 -9.67 -8.83 -24.99
C GLY A 169 -10.88 -9.40 -24.28
N GLU A 170 -10.73 -9.65 -22.96
CA GLU A 170 -11.77 -10.20 -22.10
C GLU A 170 -12.60 -9.04 -21.58
N SER A 171 -13.73 -8.78 -22.25
CA SER A 171 -14.63 -7.69 -21.86
C SER A 171 -15.25 -8.01 -20.49
N LEU A 172 -14.89 -7.19 -19.49
CA LEU A 172 -15.42 -7.29 -18.14
C LEU A 172 -16.89 -6.81 -18.07
N PRO A 173 -17.69 -7.27 -17.04
CA PRO A 173 -19.07 -6.77 -16.83
C PRO A 173 -19.11 -5.26 -16.53
N ALA A 174 -20.33 -4.70 -16.42
CA ALA A 174 -20.52 -3.26 -16.18
C ALA A 174 -19.93 -2.84 -14.81
N ILE A 175 -18.88 -1.99 -14.84
CA ILE A 175 -18.26 -1.40 -13.65
C ILE A 175 -19.03 -0.15 -13.22
N ASP A 176 -19.03 0.15 -11.90
CA ASP A 176 -19.53 1.43 -11.38
C ASP A 176 -18.72 2.61 -11.95
N THR A 177 -19.20 3.10 -13.10
CA THR A 177 -18.75 4.36 -13.73
C THR A 177 -19.83 5.43 -13.54
N ARG A 178 -21.04 4.95 -13.21
CA ARG A 178 -22.22 5.77 -12.89
C ARG A 178 -22.20 6.14 -11.41
N TYR A 179 -21.66 5.23 -10.59
CA TYR A 179 -21.41 5.46 -9.17
C TYR A 179 -19.90 5.44 -8.95
N ASP A 180 -19.29 6.62 -8.98
CA ASP A 180 -17.84 6.79 -8.78
C ASP A 180 -17.55 7.17 -7.33
N PHE A 181 -16.27 7.46 -7.06
CA PHE A 181 -15.77 7.82 -5.73
C PHE A 181 -16.63 8.92 -5.06
N ARG A 182 -17.01 9.94 -5.86
CA ARG A 182 -17.82 11.09 -5.37
C ARG A 182 -19.25 10.68 -4.99
N SER A 183 -19.81 9.67 -5.67
CA SER A 183 -21.17 9.17 -5.40
C SER A 183 -21.23 8.53 -4.00
N TYR A 184 -20.19 7.75 -3.69
CA TYR A 184 -20.00 7.11 -2.38
C TYR A 184 -19.43 8.10 -1.35
N LEU A 185 -18.77 9.19 -1.83
CA LEU A 185 -18.12 10.22 -0.98
C LEU A 185 -19.19 11.09 -0.32
N LEU A 186 -20.08 11.63 -1.16
CA LEU A 186 -21.25 12.41 -0.72
C LEU A 186 -22.09 11.58 0.27
N HIS A 187 -22.46 10.36 -0.16
CA HIS A 187 -23.26 9.43 0.66
C HIS A 187 -22.56 9.09 1.99
N GLN A 188 -21.21 9.01 1.95
CA GLN A 188 -20.39 8.78 3.15
C GLN A 188 -20.60 9.90 4.17
N GLN A 189 -20.35 11.15 3.74
CA GLN A 189 -20.33 12.32 4.64
C GLN A 189 -21.72 12.57 5.30
N LYS A 190 -22.80 12.16 4.60
CA LYS A 190 -24.17 12.25 5.13
C LYS A 190 -24.37 11.26 6.30
N ILE A 191 -24.09 9.96 6.05
CA ILE A 191 -24.33 8.88 7.05
C ILE A 191 -23.21 8.81 8.12
N ASN A 192 -22.06 9.42 7.81
CA ASN A 192 -20.89 9.47 8.71
C ASN A 192 -20.94 10.71 9.61
N GLN A 193 -21.83 11.69 9.32
CA GLN A 193 -22.02 12.88 10.20
C GLN A 193 -22.57 12.43 11.60
N PRO A 194 -23.73 11.68 11.73
CA PRO A 194 -24.20 11.15 13.05
C PRO A 194 -23.31 9.99 13.57
N LEU A 195 -22.56 9.37 12.64
CA LEU A 195 -21.61 8.29 12.97
C LEU A 195 -20.33 8.87 13.58
N ARG A 196 -19.97 10.11 13.20
CA ARG A 196 -18.76 10.80 13.70
C ARG A 196 -18.94 11.20 15.18
N ASP A 197 -20.20 11.27 15.64
CA ASP A 197 -20.53 11.51 17.05
C ASP A 197 -20.02 10.35 17.92
N ASP A 198 -20.37 9.12 17.52
CA ASP A 198 -19.89 7.88 18.18
C ASP A 198 -18.39 7.68 17.91
N ALA A 199 -17.97 7.96 16.67
CA ALA A 199 -16.59 7.76 16.23
C ALA A 199 -15.62 8.62 17.05
N ARG A 200 -16.02 9.87 17.35
CA ARG A 200 -15.20 10.77 18.17
C ARG A 200 -15.10 10.23 19.62
N ALA A 201 -16.18 9.61 20.13
CA ALA A 201 -16.22 9.07 21.51
C ALA A 201 -15.21 7.91 21.70
N TYR A 202 -15.29 6.90 20.82
CA TYR A 202 -14.48 5.65 20.94
C TYR A 202 -13.04 5.87 20.45
N TRP A 203 -12.86 6.69 19.40
CA TRP A 203 -11.52 7.05 18.87
C TRP A 203 -10.79 8.01 19.83
N LEU A 204 -11.54 8.76 20.70
CA LEU A 204 -10.92 9.63 21.75
C LEU A 204 -10.37 8.73 22.88
N ALA A 205 -11.17 7.71 23.24
CA ALA A 205 -10.77 6.70 24.24
C ALA A 205 -9.49 5.98 23.79
N LYS A 206 -9.46 5.61 22.49
CA LYS A 206 -8.29 4.98 21.87
C LYS A 206 -7.15 6.02 21.67
N ALA A 207 -7.53 7.31 21.48
CA ALA A 207 -6.55 8.43 21.33
C ALA A 207 -5.93 8.82 22.68
N SER A 208 -6.49 8.32 23.79
CA SER A 208 -5.92 8.51 25.13
C SER A 208 -4.96 7.36 25.50
N THR A 209 -5.19 6.15 24.95
CA THR A 209 -4.42 4.94 25.30
C THR A 209 -3.36 4.58 24.23
N LEU A 210 -3.43 5.15 23.00
CA LEU A 210 -2.50 4.75 21.91
C LEU A 210 -1.05 5.23 22.23
N PRO A 211 -0.02 4.34 22.13
CA PRO A 211 1.39 4.69 22.41
C PRO A 211 1.97 5.66 21.34
N PRO A 212 3.08 6.43 21.66
CA PRO A 212 3.66 7.45 20.73
C PRO A 212 3.95 6.94 19.29
N ALA A 213 3.68 7.81 18.29
CA ALA A 213 3.93 7.51 16.86
C ALA A 213 5.43 7.20 16.62
N PRO A 214 5.76 6.16 15.75
CA PRO A 214 7.11 5.52 15.68
C PRO A 214 8.31 6.49 15.71
N VAL A 215 9.20 6.32 16.72
CA VAL A 215 10.47 7.05 16.78
C VAL A 215 11.59 6.13 16.30
N LEU A 216 11.99 6.34 15.04
CA LEU A 216 13.10 5.62 14.42
C LEU A 216 14.17 6.64 14.05
N PRO A 217 15.43 6.47 14.56
CA PRO A 217 16.50 7.47 14.34
C PRO A 217 16.90 7.53 12.86
N LEU A 218 16.85 8.73 12.29
CA LEU A 218 17.15 8.97 10.87
C LEU A 218 18.60 9.48 10.75
N ALA A 219 19.29 9.05 9.68
CA ALA A 219 20.69 9.44 9.40
C ALA A 219 20.82 10.97 9.29
N CYS A 220 19.84 11.59 8.59
CA CYS A 220 19.70 13.05 8.48
C CYS A 220 18.21 13.41 8.42
N GLU A 221 17.90 14.68 8.65
CA GLU A 221 16.53 15.23 8.51
C GLU A 221 16.10 15.31 7.03
N PRO A 222 14.75 15.28 6.71
CA PRO A 222 14.23 15.34 5.31
C PRO A 222 14.74 16.57 4.51
N ALA A 223 15.12 17.65 5.24
CA ALA A 223 15.69 18.88 4.66
C ALA A 223 16.97 18.59 3.83
N THR A 224 17.78 17.65 4.33
CA THR A 224 19.02 17.21 3.68
C THR A 224 18.74 16.34 2.44
N LEU A 225 17.68 15.51 2.52
CA LEU A 225 17.30 14.58 1.44
C LEU A 225 16.69 15.35 0.26
N ARG A 226 17.48 15.48 -0.83
CA ARG A 226 17.05 16.09 -2.10
C ARG A 226 16.55 15.00 -3.04
N GLU A 227 17.06 13.79 -2.81
CA GLU A 227 16.72 12.56 -3.55
C GLU A 227 16.51 11.42 -2.54
N VAL A 228 15.64 10.48 -2.89
CA VAL A 228 15.31 9.33 -2.01
C VAL A 228 16.11 8.08 -2.43
N ARG A 229 16.62 7.36 -1.40
CA ARG A 229 17.29 6.06 -1.58
C ARG A 229 16.34 4.97 -1.06
N ASN A 230 15.97 4.01 -1.93
CA ASN A 230 15.13 2.86 -1.55
C ASN A 230 15.94 1.56 -1.74
N THR A 231 16.12 0.80 -0.66
CA THR A 231 16.79 -0.52 -0.69
C THR A 231 15.88 -1.56 -0.02
N ARG A 232 15.27 -2.42 -0.86
CA ARG A 232 14.50 -3.58 -0.40
C ARG A 232 15.43 -4.78 -0.26
N ARG A 233 15.16 -5.61 0.75
CA ARG A 233 15.84 -6.89 0.97
C ARG A 233 14.78 -8.00 0.91
N ARG A 234 15.05 -9.07 0.14
CA ARG A 234 14.07 -10.14 -0.12
C ARG A 234 14.66 -11.50 0.29
N MET A 235 13.98 -12.19 1.21
CA MET A 235 14.32 -13.58 1.62
C MET A 235 13.36 -14.56 0.93
N ILE A 236 13.87 -15.76 0.59
CA ILE A 236 13.04 -16.86 0.04
C ILE A 236 12.90 -17.96 1.10
N VAL A 237 11.65 -18.25 1.49
CA VAL A 237 11.32 -19.37 2.38
C VAL A 237 10.13 -20.16 1.75
N PRO A 238 10.17 -21.54 1.71
CA PRO A 238 9.03 -22.36 1.21
C PRO A 238 7.69 -22.06 1.93
N ALA A 239 6.57 -22.14 1.17
CA ALA A 239 5.21 -21.87 1.72
C ALA A 239 4.75 -22.96 2.70
N THR A 240 5.44 -24.12 2.69
CA THR A 240 5.26 -25.19 3.70
C THR A 240 5.71 -24.69 5.08
N ARG A 241 6.85 -23.98 5.09
CA ARG A 241 7.44 -23.40 6.30
C ARG A 241 6.54 -22.29 6.83
N TRP A 242 6.03 -21.44 5.92
CA TRP A 242 5.06 -20.38 6.26
C TRP A 242 3.79 -20.98 6.87
N HIS A 243 3.32 -22.09 6.29
CA HIS A 243 2.13 -22.82 6.77
C HIS A 243 2.37 -23.39 8.18
N ALA A 244 3.63 -23.77 8.47
CA ALA A 244 4.03 -24.25 9.81
C ALA A 244 3.96 -23.12 10.85
N PHE A 245 4.52 -21.94 10.49
CA PHE A 245 4.50 -20.74 11.37
C PHE A 245 3.04 -20.30 11.62
N SER A 246 2.24 -20.37 10.56
CA SER A 246 0.83 -20.00 10.55
C SER A 246 -0.05 -21.01 11.32
N ASN A 247 0.36 -22.29 11.31
CA ASN A 247 -0.36 -23.37 12.03
C ASN A 247 -0.10 -23.27 13.54
N ARG A 248 1.12 -22.82 13.89
CA ARG A 248 1.52 -22.56 15.28
C ARG A 248 0.80 -21.31 15.83
N ALA A 249 0.58 -20.31 14.97
CA ALA A 249 -0.22 -19.11 15.33
C ALA A 249 -1.71 -19.48 15.43
N GLY A 250 -2.15 -20.36 14.52
CA GLY A 250 -3.51 -20.90 14.52
C GLY A 250 -3.79 -21.79 15.72
N GLU A 251 -2.70 -22.37 16.29
CA GLU A 251 -2.74 -23.17 17.54
C GLU A 251 -3.13 -22.26 18.73
N TYR A 252 -2.57 -21.03 18.73
CA TYR A 252 -2.92 -19.99 19.72
C TYR A 252 -4.34 -19.43 19.49
N GLY A 253 -4.96 -19.76 18.34
CA GLY A 253 -6.32 -19.33 18.01
C GLY A 253 -6.37 -17.91 17.46
N VAL A 254 -5.18 -17.33 17.24
CA VAL A 254 -5.01 -15.97 16.73
C VAL A 254 -4.97 -16.02 15.18
N THR A 255 -5.27 -14.90 14.52
CA THR A 255 -5.23 -14.84 13.06
C THR A 255 -3.75 -14.92 12.61
N PRO A 256 -3.34 -15.99 11.85
CA PRO A 256 -1.91 -16.30 11.58
C PRO A 256 -1.13 -15.15 10.91
N THR A 257 -1.58 -14.75 9.72
CA THR A 257 -0.88 -13.75 8.90
C THR A 257 -0.88 -12.35 9.55
N MET A 258 -2.00 -11.99 10.20
CA MET A 258 -2.15 -10.69 10.90
C MET A 258 -1.22 -10.62 12.14
N ALA A 259 -1.11 -11.74 12.88
CA ALA A 259 -0.30 -11.81 14.12
C ALA A 259 1.20 -11.57 13.81
N LEU A 260 1.69 -12.26 12.77
CA LEU A 260 3.09 -12.16 12.32
C LEU A 260 3.36 -10.78 11.67
N ALA A 261 2.39 -10.27 10.88
CA ALA A 261 2.54 -8.96 10.19
C ALA A 261 2.63 -7.80 11.19
N THR A 262 1.80 -7.86 12.24
CA THR A 262 1.75 -6.85 13.31
C THR A 262 3.01 -6.94 14.19
N CYS A 263 3.58 -8.16 14.34
CA CYS A 263 4.79 -8.40 15.15
C CYS A 263 6.05 -7.86 14.44
N PHE A 264 6.17 -8.10 13.13
CA PHE A 264 7.31 -7.58 12.33
C PHE A 264 7.23 -6.04 12.26
N SER A 265 6.00 -5.52 12.17
CA SER A 265 5.71 -4.08 12.20
C SER A 265 6.09 -3.49 13.55
N ALA A 266 5.78 -4.27 14.62
CA ALA A 266 6.00 -3.86 16.01
C ALA A 266 7.46 -3.58 16.26
N VAL A 267 8.28 -4.62 16.13
CA VAL A 267 9.72 -4.58 16.46
C VAL A 267 10.44 -3.42 15.75
N LEU A 268 10.17 -3.28 14.43
CA LEU A 268 10.77 -2.23 13.60
C LEU A 268 10.46 -0.84 14.18
N ALA A 269 9.16 -0.54 14.36
CA ALA A 269 8.70 0.81 14.75
C ALA A 269 8.99 1.13 16.23
N ARG A 270 8.91 0.10 17.10
CA ARG A 270 9.03 0.25 18.57
C ARG A 270 10.50 0.21 19.01
N TRP A 271 11.41 -0.07 18.06
CA TRP A 271 12.87 -0.16 18.27
C TRP A 271 13.41 1.06 19.05
N GLY A 272 12.77 2.23 18.86
CA GLY A 272 13.17 3.47 19.56
C GLY A 272 12.70 3.57 21.03
N GLY A 273 12.51 2.43 21.71
CA GLY A 273 12.32 2.38 23.16
C GLY A 273 10.87 2.32 23.62
N LEU A 274 10.00 1.79 22.77
CA LEU A 274 8.55 1.62 23.05
C LEU A 274 8.23 0.14 23.33
N THR A 275 8.13 -0.28 24.60
CA THR A 275 7.63 -1.64 24.95
C THR A 275 6.24 -1.93 24.33
N ARG A 276 5.50 -0.85 24.00
CA ARG A 276 4.22 -0.92 23.27
C ARG A 276 4.12 0.21 22.22
N LEU A 277 3.44 -0.06 21.08
CA LEU A 277 3.24 0.92 19.98
C LEU A 277 2.01 0.49 19.14
N LEU A 278 1.31 1.45 18.50
CA LEU A 278 0.20 1.14 17.56
C LEU A 278 0.75 0.96 16.13
N LEU A 279 0.51 -0.21 15.53
CA LEU A 279 1.10 -0.56 14.21
C LEU A 279 0.05 -0.58 13.12
N ASN A 280 0.48 -0.21 11.92
CA ASN A 280 -0.38 -0.18 10.74
C ASN A 280 -0.20 -1.44 9.89
N ILE A 281 -1.26 -2.26 9.89
CA ILE A 281 -1.37 -3.45 9.04
C ILE A 281 -2.66 -3.32 8.20
N THR A 282 -2.62 -3.87 6.98
CA THR A 282 -3.72 -3.76 6.01
C THR A 282 -4.79 -4.85 6.28
N LEU A 283 -5.98 -4.41 6.72
CA LEU A 283 -7.15 -5.28 6.91
C LEU A 283 -8.12 -5.07 5.74
N PHE A 284 -8.84 -6.15 5.39
CA PHE A 284 -9.88 -6.12 4.37
C PHE A 284 -11.25 -5.87 5.03
N ASP A 285 -11.77 -4.65 4.84
CA ASP A 285 -13.13 -4.29 5.26
C ASP A 285 -13.80 -3.54 4.11
N ARG A 286 -14.58 -4.26 3.31
CA ARG A 286 -15.24 -3.69 2.13
C ARG A 286 -16.74 -3.56 2.44
N GLN A 287 -17.22 -2.31 2.51
CA GLN A 287 -18.60 -2.00 2.91
C GLN A 287 -19.55 -2.22 1.70
N PRO A 288 -20.46 -3.25 1.74
CA PRO A 288 -21.47 -3.46 0.69
C PRO A 288 -22.82 -2.78 1.02
N LEU A 289 -22.71 -1.56 1.61
CA LEU A 289 -23.86 -0.74 2.06
C LEU A 289 -24.81 -0.42 0.88
N HIS A 290 -24.23 -0.29 -0.32
CA HIS A 290 -24.97 -0.03 -1.57
C HIS A 290 -24.99 -1.33 -2.42
N PRO A 291 -26.18 -1.81 -2.91
CA PRO A 291 -26.29 -3.05 -3.76
C PRO A 291 -25.38 -3.05 -5.02
N ALA A 292 -25.07 -1.85 -5.56
CA ALA A 292 -24.22 -1.69 -6.76
C ALA A 292 -22.73 -2.01 -6.49
N VAL A 293 -22.32 -1.97 -5.20
CA VAL A 293 -20.93 -2.31 -4.77
C VAL A 293 -20.60 -3.80 -5.06
N GLY A 294 -21.65 -4.60 -5.34
CA GLY A 294 -21.50 -5.98 -5.82
C GLY A 294 -20.73 -6.07 -7.14
N ALA A 295 -20.82 -5.01 -7.97
CA ALA A 295 -20.09 -4.92 -9.26
C ALA A 295 -18.70 -4.28 -9.08
N MET A 296 -18.58 -3.40 -8.07
CA MET A 296 -17.31 -2.71 -7.71
C MET A 296 -16.20 -3.75 -7.43
N LEU A 297 -15.13 -3.74 -8.26
CA LEU A 297 -14.09 -4.78 -8.23
C LEU A 297 -13.14 -4.57 -7.04
N ALA A 298 -13.34 -5.42 -6.02
CA ALA A 298 -12.53 -5.45 -4.78
C ALA A 298 -12.60 -4.08 -4.03
N ASP A 299 -11.54 -3.25 -4.17
CA ASP A 299 -11.43 -1.93 -3.51
C ASP A 299 -11.74 -2.02 -1.98
N PHE A 300 -10.80 -2.61 -1.21
CA PHE A 300 -11.04 -3.01 0.20
C PHE A 300 -9.91 -2.62 1.16
N THR A 301 -8.82 -2.06 0.65
CA THR A 301 -7.59 -1.86 1.46
C THR A 301 -7.81 -0.73 2.50
N ASN A 302 -8.17 -1.14 3.72
CA ASN A 302 -8.36 -0.24 4.87
C ASN A 302 -7.19 -0.43 5.83
N ILE A 303 -6.60 0.69 6.25
CA ILE A 303 -5.46 0.71 7.16
C ILE A 303 -5.97 0.73 8.62
N LEU A 304 -5.41 -0.12 9.48
CA LEU A 304 -5.87 -0.26 10.88
C LEU A 304 -4.64 -0.12 11.81
N LEU A 305 -4.85 0.59 12.94
CA LEU A 305 -3.82 0.87 13.94
C LEU A 305 -4.08 0.02 15.20
N LEU A 306 -3.37 -1.13 15.32
CA LEU A 306 -3.51 -2.06 16.47
C LEU A 306 -2.45 -1.74 17.54
N ASP A 307 -2.90 -1.41 18.77
CA ASP A 307 -1.99 -1.08 19.88
C ASP A 307 -1.31 -2.37 20.40
N THR A 308 -0.18 -2.76 19.79
CA THR A 308 0.63 -3.90 20.27
C THR A 308 1.15 -3.57 21.68
N ALA A 309 0.48 -4.13 22.69
CA ALA A 309 0.62 -3.74 24.11
C ALA A 309 1.93 -4.26 24.74
N CYS A 310 2.61 -5.18 24.05
CA CYS A 310 3.90 -5.73 24.48
C CYS A 310 4.61 -6.31 23.26
N ASP A 311 5.93 -6.06 23.16
CA ASP A 311 6.81 -6.69 22.17
C ASP A 311 8.20 -6.91 22.81
N GLY A 312 8.97 -7.86 22.25
CA GLY A 312 10.22 -8.30 22.86
C GLY A 312 10.00 -9.32 23.97
N ASP A 313 8.77 -9.85 24.03
CA ASP A 313 8.31 -10.77 25.08
C ASP A 313 7.99 -12.15 24.46
N THR A 314 7.65 -13.14 25.30
CA THR A 314 7.27 -14.50 24.85
C THR A 314 6.06 -14.46 23.89
N VAL A 315 6.07 -15.31 22.83
CA VAL A 315 4.97 -15.34 21.82
C VAL A 315 3.62 -15.77 22.46
N SER A 316 3.71 -16.40 23.65
CA SER A 316 2.55 -16.74 24.48
C SER A 316 1.69 -15.49 24.76
N ASN A 317 2.36 -14.43 25.26
CA ASN A 317 1.72 -13.14 25.55
C ASN A 317 1.50 -12.32 24.27
N LEU A 318 2.49 -12.32 23.34
CA LEU A 318 2.42 -11.51 22.10
C LEU A 318 1.18 -11.88 21.26
N ALA A 319 0.93 -13.19 21.14
CA ALA A 319 -0.19 -13.71 20.34
C ALA A 319 -1.55 -13.38 20.99
N ARG A 320 -1.72 -13.77 22.27
CA ARG A 320 -3.01 -13.65 22.99
C ARG A 320 -3.41 -12.16 23.21
N LYS A 321 -2.42 -11.33 23.55
CA LYS A 321 -2.63 -9.89 23.83
C LYS A 321 -3.04 -9.15 22.55
N ASN A 322 -2.29 -9.38 21.47
CA ASN A 322 -2.54 -8.73 20.16
C ASN A 322 -3.77 -9.35 19.47
N GLN A 323 -4.22 -10.53 19.96
CA GLN A 323 -5.50 -11.14 19.52
C GLN A 323 -6.68 -10.32 20.08
N LEU A 324 -6.60 -9.98 21.38
CA LEU A 324 -7.64 -9.19 22.09
C LEU A 324 -7.68 -7.78 21.49
N THR A 325 -6.48 -7.22 21.23
CA THR A 325 -6.33 -5.91 20.60
C THR A 325 -6.91 -5.94 19.17
N PHE A 326 -6.67 -7.05 18.44
CA PHE A 326 -7.23 -7.27 17.09
C PHE A 326 -8.76 -7.30 17.15
N THR A 327 -9.30 -8.01 18.15
CA THR A 327 -10.75 -8.20 18.34
C THR A 327 -11.45 -6.85 18.62
N GLU A 328 -10.79 -6.02 19.43
CA GLU A 328 -11.30 -4.70 19.83
C GLU A 328 -11.26 -3.71 18.64
N ASP A 329 -10.14 -3.71 17.91
CA ASP A 329 -9.93 -2.83 16.76
C ASP A 329 -10.76 -3.28 15.55
N TRP A 330 -11.07 -4.58 15.47
CA TRP A 330 -11.93 -5.15 14.42
C TRP A 330 -13.42 -4.93 14.80
N GLU A 331 -13.68 -4.64 16.08
CA GLU A 331 -15.01 -4.20 16.53
C GLU A 331 -15.24 -2.72 16.14
N HIS A 332 -14.13 -1.99 15.89
CA HIS A 332 -14.18 -0.54 15.58
C HIS A 332 -13.55 -0.20 14.18
N ARG A 333 -13.26 -1.22 13.34
CA ARG A 333 -12.51 -1.00 12.06
C ARG A 333 -13.37 -0.36 10.94
N HIS A 334 -14.68 -0.17 11.21
CA HIS A 334 -15.66 0.33 10.21
C HIS A 334 -15.26 1.72 9.66
N TRP A 335 -14.53 2.51 10.47
CA TRP A 335 -13.77 3.66 9.99
C TRP A 335 -12.29 3.34 10.22
N SER A 336 -11.49 3.47 9.16
CA SER A 336 -10.05 3.16 9.20
C SER A 336 -9.27 4.08 10.17
N GLY A 337 -8.05 3.64 10.54
CA GLY A 337 -7.14 4.37 11.43
C GLY A 337 -6.88 5.83 11.05
N VAL A 338 -7.21 6.21 9.80
CA VAL A 338 -7.07 7.59 9.29
C VAL A 338 -7.61 8.65 10.27
N GLU A 339 -8.84 8.44 10.81
CA GLU A 339 -9.49 9.41 11.73
C GLU A 339 -8.70 9.60 13.04
N LEU A 340 -8.11 8.51 13.56
CA LEU A 340 -7.22 8.59 14.74
C LEU A 340 -5.96 9.40 14.37
N LEU A 341 -5.25 8.96 13.31
CA LEU A 341 -3.94 9.53 12.89
C LEU A 341 -4.11 11.02 12.54
N ARG A 342 -5.30 11.38 12.05
CA ARG A 342 -5.71 12.77 11.80
C ARG A 342 -5.70 13.57 13.10
N GLU A 343 -6.53 13.14 14.05
CA GLU A 343 -6.72 13.86 15.34
C GLU A 343 -5.47 13.75 16.25
N LEU A 344 -4.59 12.79 15.92
CA LEU A 344 -3.29 12.58 16.59
C LEU A 344 -2.30 13.67 16.14
N LYS A 345 -2.29 13.96 14.82
CA LYS A 345 -1.43 15.02 14.24
C LYS A 345 -2.09 16.41 14.36
N ARG A 346 -3.42 16.43 14.59
CA ARG A 346 -4.16 17.66 14.93
C ARG A 346 -3.90 18.03 16.39
N GLN A 347 -3.68 17.00 17.22
CA GLN A 347 -3.21 17.16 18.61
C GLN A 347 -1.69 17.51 18.61
N GLN A 348 -1.02 17.22 17.47
CA GLN A 348 0.31 17.77 17.09
C GLN A 348 1.46 17.23 17.98
N ARG A 349 1.17 16.19 18.79
CA ARG A 349 2.16 15.56 19.67
C ARG A 349 2.72 14.27 19.05
N TYR A 350 2.49 14.08 17.74
CA TYR A 350 3.02 12.93 16.98
C TYR A 350 4.54 13.14 16.71
N PRO A 351 5.44 12.28 17.29
CA PRO A 351 6.91 12.38 17.08
C PRO A 351 7.34 12.34 15.60
N HIS A 352 6.69 11.46 14.79
CA HIS A 352 6.95 11.37 13.32
C HIS A 352 5.65 11.10 12.55
N GLY A 353 4.82 10.17 13.07
CA GLY A 353 3.55 9.78 12.40
C GLY A 353 3.76 9.19 11.01
N ALA A 354 4.85 8.41 10.85
CA ALA A 354 5.27 7.85 9.55
C ALA A 354 4.42 6.60 9.17
N PRO A 355 3.72 6.61 7.97
CA PRO A 355 2.87 5.48 7.53
C PRO A 355 3.70 4.24 7.09
N VAL A 356 3.78 3.25 7.99
CA VAL A 356 4.42 1.95 7.72
C VAL A 356 3.33 0.92 7.35
N VAL A 357 3.37 0.34 6.14
CA VAL A 357 2.30 -0.56 5.67
C VAL A 357 2.82 -2.02 5.62
N PHE A 358 2.35 -2.82 6.59
CA PHE A 358 2.70 -4.25 6.69
C PHE A 358 1.49 -5.11 6.31
N THR A 359 1.63 -5.90 5.24
CA THR A 359 0.57 -6.81 4.78
C THR A 359 1.18 -8.21 4.47
N SER A 360 0.51 -9.24 5.00
CA SER A 360 0.82 -10.65 4.72
C SER A 360 -0.47 -11.34 4.24
N ASN A 361 -0.60 -11.55 2.92
CA ASN A 361 -1.77 -12.21 2.32
C ASN A 361 -1.31 -13.10 1.16
N LEU A 362 -1.28 -14.42 1.41
CA LEU A 362 -0.89 -15.44 0.42
C LEU A 362 -2.14 -16.20 -0.09
N GLY A 363 -1.94 -17.06 -1.11
CA GLY A 363 -3.03 -17.83 -1.73
C GLY A 363 -3.26 -17.45 -3.18
N ARG A 364 -2.81 -16.22 -3.56
CA ARG A 364 -2.84 -15.76 -4.96
C ARG A 364 -1.51 -16.11 -5.64
N SER A 365 -1.60 -16.86 -6.74
CA SER A 365 -0.44 -17.43 -7.44
C SER A 365 0.20 -16.40 -8.40
N LEU A 366 1.49 -16.08 -8.16
CA LEU A 366 2.28 -15.16 -9.02
C LEU A 366 3.02 -15.95 -10.12
N TYR A 367 3.34 -17.24 -9.86
CA TYR A 367 4.07 -18.11 -10.84
C TYR A 367 3.24 -18.28 -12.14
N SER A 368 1.91 -18.11 -12.00
CA SER A 368 0.93 -18.19 -13.09
C SER A 368 1.18 -17.12 -14.19
N SER A 369 0.71 -17.42 -15.42
CA SER A 369 0.86 -16.53 -16.59
C SER A 369 0.02 -15.25 -16.42
N ARG A 370 -0.99 -15.30 -15.53
CA ARG A 370 -1.68 -14.11 -15.02
C ARG A 370 -1.84 -14.25 -13.49
N ALA A 371 -1.27 -13.30 -12.73
CA ALA A 371 -1.37 -13.28 -11.25
C ALA A 371 -2.46 -12.31 -10.77
N GLU A 372 -2.24 -11.03 -11.09
CA GLU A 372 -3.02 -9.90 -10.58
C GLU A 372 -3.75 -9.21 -11.75
N SER A 373 -3.12 -9.28 -12.94
CA SER A 373 -3.67 -8.76 -14.19
C SER A 373 -4.54 -9.85 -14.87
N PRO A 374 -5.64 -9.44 -15.58
CA PRO A 374 -6.38 -10.36 -16.49
C PRO A 374 -5.50 -10.95 -17.60
N LEU A 375 -4.56 -10.14 -18.11
CA LEU A 375 -3.74 -10.49 -19.28
C LEU A 375 -2.47 -11.25 -18.88
N GLY A 376 -1.75 -10.73 -17.87
CA GLY A 376 -0.36 -11.14 -17.63
C GLY A 376 0.06 -11.20 -16.17
N GLU A 377 1.31 -11.63 -15.95
CA GLU A 377 1.94 -11.66 -14.63
C GLU A 377 2.69 -10.34 -14.38
N PRO A 378 2.45 -9.64 -13.22
CA PRO A 378 3.20 -8.41 -12.87
C PRO A 378 4.56 -8.70 -12.21
N GLU A 379 5.50 -7.76 -12.37
CA GLU A 379 6.81 -7.78 -11.70
C GLU A 379 6.67 -7.22 -10.27
N TRP A 380 7.41 -7.79 -9.30
CA TRP A 380 7.42 -7.29 -7.92
C TRP A 380 8.21 -5.96 -7.84
N GLY A 381 7.52 -4.87 -7.44
CA GLY A 381 8.09 -3.51 -7.42
C GLY A 381 8.62 -3.10 -6.05
N ILE A 382 9.07 -1.83 -5.94
CA ILE A 382 9.69 -1.29 -4.71
C ILE A 382 8.74 -0.26 -4.07
N SER A 383 8.75 -0.19 -2.70
CA SER A 383 7.86 0.70 -1.92
C SER A 383 6.37 0.34 -2.15
N GLN A 384 6.11 -0.99 -2.22
CA GLN A 384 4.81 -1.58 -2.62
C GLN A 384 4.39 -1.05 -4.01
N THR A 385 3.69 0.10 -4.00
CA THR A 385 3.25 0.84 -5.17
C THR A 385 2.91 2.28 -4.73
N PRO A 386 1.84 2.52 -3.88
CA PRO A 386 1.29 3.87 -3.68
C PRO A 386 2.04 4.69 -2.59
N GLN A 387 3.24 5.21 -2.97
CA GLN A 387 4.05 6.19 -2.20
C GLN A 387 4.08 5.90 -0.67
N VAL A 388 4.77 4.81 -0.28
CA VAL A 388 5.01 4.47 1.15
C VAL A 388 6.51 4.48 1.44
N TRP A 389 6.89 4.80 2.69
CA TRP A 389 8.31 4.91 3.10
C TRP A 389 8.86 3.56 3.57
N ILE A 390 7.96 2.69 4.10
CA ILE A 390 8.31 1.31 4.50
C ILE A 390 7.30 0.31 3.89
N ASP A 391 7.86 -0.61 3.08
CA ASP A 391 7.15 -1.67 2.33
C ASP A 391 7.28 -3.01 3.06
N HIS A 392 6.20 -3.80 3.05
CA HIS A 392 6.23 -5.21 3.45
C HIS A 392 5.25 -6.00 2.57
N LEU A 393 5.76 -6.61 1.49
CA LEU A 393 4.98 -7.49 0.60
C LEU A 393 5.45 -8.96 0.75
N ALA A 394 4.48 -9.87 0.89
CA ALA A 394 4.72 -11.32 0.85
C ALA A 394 3.94 -11.89 -0.33
N PHE A 395 4.66 -12.51 -1.29
CA PHE A 395 4.06 -13.05 -2.52
C PHE A 395 4.52 -14.50 -2.76
N GLU A 396 3.82 -15.17 -3.70
CA GLU A 396 4.04 -16.58 -4.02
C GLU A 396 4.95 -16.68 -5.25
N HIS A 397 5.76 -17.75 -5.34
CA HIS A 397 6.55 -18.08 -6.53
C HIS A 397 6.92 -19.57 -6.49
N HIS A 398 6.27 -20.40 -7.31
CA HIS A 398 6.60 -21.85 -7.46
C HIS A 398 6.44 -22.60 -6.10
N GLY A 399 5.47 -22.13 -5.30
CA GLY A 399 5.16 -22.72 -3.99
C GLY A 399 6.07 -22.20 -2.88
N GLU A 400 6.79 -21.12 -3.15
CA GLU A 400 7.74 -20.49 -2.20
C GLU A 400 7.23 -19.08 -1.89
N VAL A 401 7.06 -18.75 -0.60
CA VAL A 401 6.69 -17.39 -0.19
C VAL A 401 7.96 -16.51 -0.12
N TRP A 402 8.09 -15.66 -1.15
CA TRP A 402 9.17 -14.67 -1.26
C TRP A 402 8.71 -13.39 -0.53
N LEU A 403 9.33 -13.12 0.63
CA LEU A 403 9.03 -11.94 1.44
C LEU A 403 10.05 -10.83 1.15
N GLN A 404 9.56 -9.64 0.73
CA GLN A 404 10.39 -8.43 0.59
C GLN A 404 9.98 -7.39 1.64
N TRP A 405 10.97 -6.61 2.10
CA TRP A 405 10.76 -5.45 2.98
C TRP A 405 11.66 -4.31 2.50
N ASP A 406 11.04 -3.21 2.03
CA ASP A 406 11.78 -1.98 1.66
C ASP A 406 11.66 -0.94 2.78
N SER A 407 12.70 -0.12 2.90
CA SER A 407 12.73 1.05 3.75
C SER A 407 13.58 2.12 3.04
N ASN A 408 13.43 3.39 3.44
CA ASN A 408 14.29 4.47 2.94
C ASN A 408 15.73 4.20 3.42
N ASP A 409 16.62 3.83 2.48
CA ASP A 409 18.05 3.55 2.74
C ASP A 409 18.77 4.79 3.32
N ALA A 410 18.40 5.97 2.78
CA ALA A 410 18.98 7.27 3.16
C ALA A 410 18.74 7.62 4.65
N LEU A 411 17.64 7.09 5.22
CA LEU A 411 17.23 7.37 6.62
C LEU A 411 17.59 6.21 7.55
N PHE A 412 17.31 4.98 7.10
CA PHE A 412 17.41 3.77 7.90
C PHE A 412 18.71 3.03 7.54
N PRO A 413 19.66 2.82 8.50
CA PRO A 413 20.92 2.09 8.25
C PRO A 413 20.67 0.59 7.91
N PRO A 414 21.21 0.07 6.75
CA PRO A 414 20.99 -1.34 6.31
C PRO A 414 21.48 -2.38 7.34
N ALA A 415 22.51 -2.00 8.13
CA ALA A 415 23.06 -2.87 9.21
C ALA A 415 22.08 -2.99 10.39
N LEU A 416 21.29 -1.92 10.63
CA LEU A 416 20.23 -1.91 11.66
C LEU A 416 19.10 -2.83 11.22
N VAL A 417 18.64 -2.61 9.96
CA VAL A 417 17.57 -3.41 9.33
C VAL A 417 17.97 -4.91 9.27
N GLU A 418 19.30 -5.16 9.12
CA GLU A 418 19.89 -6.50 9.08
C GLU A 418 19.56 -7.28 10.36
N THR A 419 19.91 -6.67 11.51
CA THR A 419 19.71 -7.26 12.84
C THR A 419 18.21 -7.51 13.12
N LEU A 420 17.35 -6.64 12.56
CA LEU A 420 15.89 -6.71 12.73
C LEU A 420 15.30 -7.92 11.98
N PHE A 421 15.56 -8.02 10.66
CA PHE A 421 14.99 -9.12 9.84
C PHE A 421 15.62 -10.47 10.22
N ASP A 422 16.86 -10.41 10.72
CA ASP A 422 17.59 -11.59 11.21
C ASP A 422 16.88 -12.15 12.45
N ALA A 423 16.45 -11.25 13.35
CA ALA A 423 15.72 -11.62 14.58
C ALA A 423 14.30 -12.13 14.28
N TYR A 424 13.71 -11.65 13.16
CA TYR A 424 12.36 -12.10 12.71
C TYR A 424 12.41 -13.55 12.24
N CYS A 425 13.39 -13.84 11.36
CA CYS A 425 13.58 -15.17 10.77
C CYS A 425 14.13 -16.16 11.83
N GLN A 426 14.87 -15.65 12.83
CA GLN A 426 15.29 -16.47 13.99
C GLN A 426 14.10 -16.82 14.90
N LEU A 427 13.17 -15.85 15.08
CA LEU A 427 11.95 -16.06 15.90
C LEU A 427 11.09 -17.20 15.32
N ILE A 428 10.63 -17.00 14.06
CA ILE A 428 9.67 -17.91 13.42
C ILE A 428 10.26 -19.31 13.18
N ASN A 429 11.56 -19.36 12.81
CA ASN A 429 12.29 -20.62 12.57
C ASN A 429 12.38 -21.43 13.86
N GLN A 430 12.82 -20.76 14.95
CA GLN A 430 13.01 -21.39 16.27
C GLN A 430 11.66 -21.77 16.90
N LEU A 431 10.60 -21.01 16.58
CA LEU A 431 9.25 -21.17 17.14
C LEU A 431 8.64 -22.52 16.70
N CYS A 432 8.74 -22.82 15.41
CA CYS A 432 8.22 -24.08 14.83
C CYS A 432 9.24 -25.23 15.00
N ASP A 433 10.52 -24.88 15.22
CA ASP A 433 11.60 -25.87 15.44
C ASP A 433 11.57 -26.40 16.89
N ASP A 434 11.23 -25.49 17.82
CA ASP A 434 11.35 -25.72 19.28
C ASP A 434 10.07 -25.30 20.02
N GLU A 435 9.57 -26.20 20.86
CA GLU A 435 8.37 -26.00 21.70
C GLU A 435 8.58 -24.96 22.81
N SER A 436 9.82 -24.89 23.35
CA SER A 436 10.15 -23.98 24.47
C SER A 436 10.48 -22.56 23.97
N ALA A 437 10.64 -22.42 22.63
CA ALA A 437 10.76 -21.10 21.96
C ALA A 437 9.46 -20.29 22.10
N TRP A 438 8.37 -21.00 22.43
CA TRP A 438 7.08 -20.37 22.77
C TRP A 438 7.19 -19.63 24.12
N GLN A 439 8.06 -20.17 25.01
CA GLN A 439 8.38 -19.56 26.32
C GLN A 439 9.66 -18.69 26.25
N LYS A 440 10.32 -18.64 25.06
CA LYS A 440 11.45 -17.72 24.84
C LYS A 440 10.88 -16.32 24.51
N PRO A 441 11.41 -15.22 25.13
CA PRO A 441 11.07 -13.85 24.70
C PRO A 441 11.66 -13.53 23.32
N PHE A 442 11.03 -12.61 22.57
CA PHE A 442 11.58 -12.15 21.30
C PHE A 442 12.91 -11.39 21.53
N ALA A 443 13.01 -10.71 22.69
CA ALA A 443 14.23 -9.97 23.10
C ALA A 443 15.48 -10.89 23.10
N ASP A 444 15.25 -12.19 23.34
CA ASP A 444 16.31 -13.22 23.30
C ASP A 444 16.92 -13.34 21.89
N MET A 445 16.09 -13.24 20.84
CA MET A 445 16.51 -13.47 19.43
C MET A 445 17.58 -12.45 18.94
N LEU A 446 17.60 -11.23 19.54
CA LEU A 446 18.56 -10.16 19.16
C LEU A 446 19.66 -9.95 20.22
N GLU A 447 19.56 -10.62 21.40
CA GLU A 447 20.59 -10.52 22.47
C GLU A 447 21.36 -11.85 22.62
N HIS A 448 20.82 -12.91 22.02
CA HIS A 448 21.44 -14.24 21.96
C HIS A 448 21.79 -14.53 20.51
N HIS A 449 23.08 -14.75 20.26
CA HIS A 449 23.60 -15.18 18.94
C HIS A 449 22.96 -16.50 18.49
N HIS A 450 23.05 -16.81 17.19
CA HIS A 450 22.47 -18.05 16.61
C HIS A 450 23.04 -19.30 17.32
N HIS A 451 22.15 -20.23 17.66
CA HIS A 451 22.54 -21.57 18.14
C HIS A 451 23.13 -22.39 16.97
N HIS A 452 23.83 -23.49 17.28
CA HIS A 452 24.50 -24.32 16.26
C HIS A 452 23.47 -25.05 15.37
N HIS A 453 23.07 -24.38 14.29
CA HIS A 453 22.20 -24.93 13.24
C HIS A 453 22.95 -26.06 12.50
N MET A 1 -29.71 20.17 7.23
CA MET A 1 -28.82 21.01 8.04
C MET A 1 -28.47 22.30 7.26
N PRO A 2 -28.49 23.50 7.93
CA PRO A 2 -28.21 24.79 7.26
C PRO A 2 -26.72 24.95 6.86
N ASP A 3 -25.81 24.31 7.62
CA ASP A 3 -24.36 24.37 7.33
C ASP A 3 -23.96 23.20 6.42
N GLU A 4 -23.01 23.47 5.51
CA GLU A 4 -22.46 22.47 4.59
C GLU A 4 -20.94 22.71 4.52
N SER A 5 -20.16 21.89 5.23
CA SER A 5 -18.69 22.00 5.26
C SER A 5 -18.14 21.61 3.88
N SER A 6 -17.06 22.29 3.45
CA SER A 6 -16.46 22.11 2.12
C SER A 6 -15.75 20.75 1.99
N TRP A 7 -16.58 19.71 1.78
CA TRP A 7 -16.15 18.34 1.49
C TRP A 7 -16.55 18.02 0.02
N PRO A 8 -15.92 17.00 -0.65
CA PRO A 8 -16.42 16.53 -1.97
C PRO A 8 -17.84 15.92 -1.90
N ASN A 9 -18.76 16.51 -2.68
CA ASN A 9 -20.13 15.97 -2.88
C ASN A 9 -20.13 15.11 -4.16
N MET A 10 -21.29 14.49 -4.47
CA MET A 10 -21.47 13.71 -5.71
C MET A 10 -21.60 14.63 -6.96
N THR A 11 -21.63 15.96 -6.74
CA THR A 11 -21.63 16.97 -7.81
C THR A 11 -20.17 17.19 -8.32
N GLU A 12 -19.58 16.11 -8.88
CA GLU A 12 -18.17 16.07 -9.35
C GLU A 12 -17.89 17.07 -10.50
N SER A 13 -18.96 17.48 -11.20
CA SER A 13 -18.89 18.46 -12.31
C SER A 13 -18.41 19.85 -11.82
N THR A 14 -18.67 20.15 -10.53
CA THR A 14 -18.24 21.40 -9.88
C THR A 14 -17.00 21.12 -9.00
N PRO A 15 -16.05 22.11 -8.87
CA PRO A 15 -14.83 21.95 -8.02
C PRO A 15 -15.17 21.83 -6.52
N PHE A 16 -14.50 20.88 -5.84
CA PHE A 16 -14.59 20.70 -4.38
C PHE A 16 -13.17 20.51 -3.81
N PRO A 17 -12.88 20.96 -2.55
CA PRO A 17 -11.54 20.80 -1.91
C PRO A 17 -11.04 19.34 -1.85
N LEU A 18 -9.71 19.18 -1.65
CA LEU A 18 -9.08 17.85 -1.53
C LEU A 18 -9.59 17.14 -0.25
N THR A 19 -9.83 15.84 -0.37
CA THR A 19 -10.28 14.99 0.75
C THR A 19 -9.15 14.87 1.80
N PRO A 20 -9.45 15.00 3.14
CA PRO A 20 -8.45 14.95 4.25
C PRO A 20 -7.64 13.61 4.39
N VAL A 21 -7.73 12.71 3.38
CA VAL A 21 -6.88 11.52 3.26
C VAL A 21 -5.39 11.91 3.35
N GLN A 22 -4.62 11.17 4.18
CA GLN A 22 -3.23 11.48 4.55
C GLN A 22 -2.29 11.59 3.34
N HIS A 23 -2.55 10.76 2.30
CA HIS A 23 -1.77 10.81 1.05
C HIS A 23 -2.06 12.13 0.30
N ALA A 24 -3.36 12.37 0.05
CA ALA A 24 -3.84 13.51 -0.75
C ALA A 24 -3.47 14.87 -0.12
N TYR A 25 -3.51 14.90 1.21
CA TYR A 25 -3.34 16.14 1.97
C TYR A 25 -1.85 16.47 2.18
N LEU A 26 -1.06 15.48 2.64
CA LEU A 26 0.35 15.70 3.07
C LEU A 26 1.23 16.17 1.90
N THR A 27 1.31 15.36 0.83
CA THR A 27 2.09 15.73 -0.37
C THR A 27 1.31 16.73 -1.26
N GLY A 28 0.01 16.94 -0.93
CA GLY A 28 -0.76 18.07 -1.46
C GLY A 28 -0.22 19.42 -0.97
N ARG A 29 0.36 19.42 0.26
CA ARG A 29 1.00 20.61 0.86
C ARG A 29 2.53 20.57 0.69
N MET A 30 3.08 19.37 0.35
CA MET A 30 4.53 19.17 0.09
C MET A 30 4.73 18.63 -1.36
N PRO A 31 4.63 19.52 -2.41
CA PRO A 31 4.65 19.09 -3.84
C PRO A 31 6.05 18.66 -4.33
N GLY A 32 6.14 17.45 -4.92
CA GLY A 32 7.36 16.96 -5.55
C GLY A 32 8.41 16.40 -4.58
N GLN A 33 8.24 16.68 -3.28
CA GLN A 33 9.16 16.22 -2.23
C GLN A 33 9.02 14.69 -2.05
N THR A 34 10.15 13.97 -2.19
CA THR A 34 10.20 12.49 -2.09
C THR A 34 9.83 12.03 -0.66
N LEU A 35 10.35 12.76 0.32
CA LEU A 35 10.12 12.51 1.76
C LEU A 35 8.72 13.02 2.20
N GLY A 36 8.08 13.86 1.37
CA GLY A 36 6.87 14.61 1.76
C GLY A 36 5.56 13.83 1.66
N GLY A 37 5.61 12.48 1.76
CA GLY A 37 4.40 11.67 1.78
C GLY A 37 4.11 10.96 0.46
N VAL A 38 5.17 10.58 -0.25
CA VAL A 38 5.09 9.68 -1.43
C VAL A 38 6.09 8.51 -1.29
N GLY A 39 6.91 8.53 -0.21
CA GLY A 39 8.00 7.56 -0.03
C GLY A 39 9.20 7.93 -0.88
N CYS A 40 9.04 7.83 -2.21
CA CYS A 40 10.00 8.33 -3.21
C CYS A 40 9.31 8.33 -4.59
N HIS A 41 9.26 7.15 -5.24
CA HIS A 41 8.55 6.91 -6.51
C HIS A 41 7.94 5.50 -6.48
N LEU A 42 6.98 5.21 -7.39
CA LEU A 42 6.39 3.86 -7.54
C LEU A 42 6.67 3.31 -8.96
N TYR A 43 7.16 2.05 -9.04
CA TYR A 43 7.36 1.31 -10.33
C TYR A 43 6.61 -0.04 -10.25
N GLN A 44 5.48 -0.16 -10.96
CA GLN A 44 4.77 -1.44 -11.12
C GLN A 44 5.06 -1.95 -12.55
N GLU A 45 5.90 -3.00 -12.67
CA GLU A 45 6.46 -3.44 -13.96
C GLU A 45 6.04 -4.89 -14.26
N PHE A 46 5.21 -5.03 -15.30
CA PHE A 46 4.55 -6.29 -15.68
C PHE A 46 5.32 -6.95 -16.84
N GLU A 47 5.83 -8.19 -16.67
CA GLU A 47 6.56 -8.90 -17.75
C GLU A 47 5.82 -10.18 -18.20
N GLY A 48 5.87 -10.42 -19.52
CA GLY A 48 5.24 -11.57 -20.15
C GLY A 48 4.67 -11.18 -21.49
N HIS A 49 3.49 -11.73 -21.83
CA HIS A 49 2.71 -11.27 -22.98
C HIS A 49 1.27 -10.99 -22.49
N CYS A 50 0.86 -9.73 -22.59
CA CYS A 50 -0.49 -9.30 -22.19
C CYS A 50 -1.21 -8.73 -23.41
N LEU A 51 -0.48 -7.91 -24.18
CA LEU A 51 -1.02 -7.15 -25.30
C LEU A 51 0.13 -6.55 -26.14
N THR A 52 -0.23 -5.92 -27.26
CA THR A 52 0.70 -5.14 -28.10
C THR A 52 0.57 -3.63 -27.75
N ALA A 53 1.49 -2.80 -28.30
CA ALA A 53 1.47 -1.32 -28.09
C ALA A 53 0.22 -0.68 -28.71
N SER A 54 -0.29 -1.32 -29.78
CA SER A 54 -1.49 -0.89 -30.50
C SER A 54 -2.74 -1.12 -29.61
N GLN A 55 -2.81 -2.29 -28.98
CA GLN A 55 -3.90 -2.64 -28.04
C GLN A 55 -3.77 -1.83 -26.73
N LEU A 56 -2.53 -1.42 -26.40
CA LEU A 56 -2.23 -0.62 -25.19
C LEU A 56 -2.74 0.80 -25.33
N GLU A 57 -2.50 1.39 -26.52
CA GLU A 57 -2.97 2.74 -26.84
C GLU A 57 -4.51 2.76 -26.84
N GLN A 58 -5.12 1.76 -27.53
CA GLN A 58 -6.59 1.61 -27.62
C GLN A 58 -7.22 1.43 -26.22
N ALA A 59 -6.53 0.66 -25.35
CA ALA A 59 -7.01 0.34 -23.99
C ALA A 59 -7.11 1.62 -23.14
N ILE A 60 -6.00 2.38 -23.06
CA ILE A 60 -5.93 3.65 -22.29
C ILE A 60 -6.93 4.69 -22.83
N THR A 61 -7.09 4.73 -24.17
CA THR A 61 -8.08 5.61 -24.84
C THR A 61 -9.51 5.33 -24.31
N THR A 62 -9.88 4.03 -24.28
CA THR A 62 -11.22 3.59 -23.85
C THR A 62 -11.44 3.79 -22.33
N LEU A 63 -10.38 3.54 -21.53
CA LEU A 63 -10.43 3.63 -20.05
C LEU A 63 -10.48 5.11 -19.58
N LEU A 64 -10.00 6.04 -20.43
CA LEU A 64 -10.07 7.50 -20.16
C LEU A 64 -11.41 8.10 -20.68
N GLN A 65 -11.94 7.55 -21.79
CA GLN A 65 -13.30 7.92 -22.29
C GLN A 65 -14.40 7.34 -21.37
N ARG A 66 -14.01 6.29 -20.62
CA ARG A 66 -14.78 5.75 -19.49
C ARG A 66 -14.78 6.79 -18.35
N HIS A 67 -15.58 6.57 -17.31
CA HIS A 67 -15.55 7.39 -16.09
C HIS A 67 -15.02 6.55 -14.91
N PRO A 68 -13.66 6.43 -14.74
CA PRO A 68 -13.06 5.80 -13.55
C PRO A 68 -12.73 6.83 -12.45
N MET A 69 -12.66 6.35 -11.21
CA MET A 69 -12.58 7.20 -10.00
C MET A 69 -11.35 8.14 -10.00
N LEU A 70 -10.25 7.68 -10.64
CA LEU A 70 -8.94 8.37 -10.63
C LEU A 70 -8.80 9.43 -11.75
N HIS A 71 -9.87 9.65 -12.55
CA HIS A 71 -9.82 10.61 -13.71
C HIS A 71 -10.19 12.05 -13.25
N ILE A 72 -9.86 12.39 -12.01
CA ILE A 72 -9.94 13.76 -11.49
C ILE A 72 -8.58 14.48 -11.66
N ALA A 73 -8.65 15.81 -11.80
CA ALA A 73 -7.46 16.67 -11.80
C ALA A 73 -7.38 17.37 -10.45
N PHE A 74 -6.26 17.18 -9.77
CA PHE A 74 -5.98 17.78 -8.45
C PHE A 74 -5.15 19.05 -8.66
N ARG A 75 -5.73 20.19 -8.27
CA ARG A 75 -5.08 21.51 -8.35
C ARG A 75 -4.21 21.74 -7.10
N PRO A 76 -3.02 22.44 -7.24
CA PRO A 76 -2.15 22.80 -6.09
C PRO A 76 -2.81 23.86 -5.16
N ASP A 77 -3.90 24.48 -5.67
CA ASP A 77 -4.75 25.41 -4.92
C ASP A 77 -5.48 24.68 -3.75
N GLY A 78 -5.62 23.34 -3.88
CA GLY A 78 -6.27 22.51 -2.86
C GLY A 78 -7.70 22.14 -3.21
N GLN A 79 -7.99 22.07 -4.52
CA GLN A 79 -9.32 21.67 -5.05
C GLN A 79 -9.14 20.62 -6.14
N GLN A 80 -10.05 19.64 -6.21
CA GLN A 80 -10.11 18.64 -7.30
C GLN A 80 -11.38 18.84 -8.15
N VAL A 81 -11.25 18.57 -9.46
CA VAL A 81 -12.34 18.66 -10.44
C VAL A 81 -12.36 17.35 -11.25
N TRP A 82 -13.55 16.76 -11.46
CA TRP A 82 -13.69 15.56 -12.31
C TRP A 82 -13.47 15.93 -13.78
N LEU A 83 -12.72 15.10 -14.52
CA LEU A 83 -12.53 15.25 -15.98
C LEU A 83 -13.14 14.04 -16.70
N PRO A 84 -14.20 14.25 -17.55
CA PRO A 84 -14.72 13.20 -18.46
C PRO A 84 -13.95 13.17 -19.81
N GLN A 85 -13.00 14.13 -19.96
CA GLN A 85 -12.20 14.33 -21.18
C GLN A 85 -10.88 13.54 -21.05
N PRO A 86 -10.55 12.61 -22.01
CA PRO A 86 -9.23 11.95 -22.05
C PRO A 86 -8.09 12.96 -22.40
N TYR A 87 -6.99 12.96 -21.62
CA TYR A 87 -5.83 13.82 -21.91
C TYR A 87 -5.06 13.23 -23.10
N TRP A 88 -4.20 12.24 -22.83
CA TRP A 88 -3.43 11.49 -23.84
C TRP A 88 -3.17 10.08 -23.31
N ASN A 89 -2.42 9.29 -24.08
CA ASN A 89 -2.12 7.89 -23.74
C ASN A 89 -0.91 7.78 -22.82
N GLY A 90 0.15 8.56 -23.15
CA GLY A 90 1.43 8.50 -22.43
C GLY A 90 2.18 7.19 -22.69
N VAL A 91 1.75 6.45 -23.74
CA VAL A 91 2.33 5.15 -24.11
C VAL A 91 3.62 5.37 -24.93
N THR A 92 4.75 5.34 -24.21
CA THR A 92 6.10 5.40 -24.79
C THR A 92 6.49 4.00 -25.29
N VAL A 93 6.51 3.82 -26.62
CA VAL A 93 6.74 2.52 -27.25
C VAL A 93 8.25 2.34 -27.50
N HIS A 94 8.87 1.53 -26.64
CA HIS A 94 10.28 1.10 -26.78
C HIS A 94 10.27 -0.23 -27.55
N ASP A 95 10.58 -0.18 -28.85
CA ASP A 95 10.51 -1.35 -29.75
C ASP A 95 11.92 -1.94 -30.02
N LEU A 96 12.32 -2.87 -29.14
CA LEU A 96 13.63 -3.56 -29.20
C LEU A 96 13.56 -4.74 -30.20
N ARG A 97 12.33 -5.10 -30.59
CA ARG A 97 12.03 -6.18 -31.54
C ARG A 97 12.70 -5.93 -32.91
N HIS A 98 12.69 -4.67 -33.38
CA HIS A 98 13.34 -4.26 -34.64
C HIS A 98 14.72 -3.65 -34.36
N ASN A 99 14.80 -2.89 -33.27
CA ASN A 99 15.99 -2.07 -32.95
C ASN A 99 17.06 -2.88 -32.21
N ASP A 100 18.24 -2.27 -32.06
CA ASP A 100 19.43 -2.89 -31.47
C ASP A 100 19.45 -2.70 -29.93
N ALA A 101 20.43 -3.32 -29.26
CA ALA A 101 20.60 -3.27 -27.80
C ALA A 101 20.82 -1.83 -27.27
N GLU A 102 21.16 -0.85 -28.14
CA GLU A 102 21.37 0.56 -27.71
C GLU A 102 20.02 1.21 -27.31
N SER A 103 18.90 0.70 -27.87
CA SER A 103 17.53 1.17 -27.52
C SER A 103 17.10 0.59 -26.16
N ARG A 104 17.63 -0.61 -25.84
CA ARG A 104 17.53 -1.22 -24.51
C ARG A 104 18.25 -0.31 -23.50
N GLN A 105 19.47 0.09 -23.86
CA GLN A 105 20.31 0.98 -23.05
C GLN A 105 19.58 2.31 -22.79
N ALA A 106 18.99 2.85 -23.86
CA ALA A 106 18.24 4.12 -23.85
C ALA A 106 16.96 4.04 -23.00
N TYR A 107 16.47 2.81 -22.73
CA TYR A 107 15.36 2.57 -21.79
C TYR A 107 15.83 2.75 -20.33
N LEU A 108 17.07 2.29 -20.03
CA LEU A 108 17.68 2.50 -18.69
C LEU A 108 17.96 4.00 -18.46
N ASP A 109 18.39 4.70 -19.53
CA ASP A 109 18.55 6.17 -19.54
C ASP A 109 17.19 6.86 -19.30
N ALA A 110 16.13 6.32 -19.92
CA ALA A 110 14.77 6.86 -19.82
C ALA A 110 14.28 6.85 -18.35
N LEU A 111 14.47 5.70 -17.66
CA LEU A 111 14.00 5.50 -16.27
C LEU A 111 14.87 6.25 -15.27
N ARG A 112 16.19 6.32 -15.55
CA ARG A 112 17.15 7.02 -14.67
C ARG A 112 16.81 8.53 -14.66
N GLN A 113 16.46 9.06 -15.84
CA GLN A 113 15.99 10.45 -16.00
C GLN A 113 14.56 10.62 -15.45
N ARG A 114 13.73 9.57 -15.59
CA ARG A 114 12.27 9.63 -15.28
C ARG A 114 12.04 9.86 -13.77
N LEU A 115 12.82 9.15 -12.94
CA LEU A 115 12.71 9.24 -11.46
C LEU A 115 13.46 10.49 -10.92
N SER A 116 14.57 10.87 -11.58
CA SER A 116 15.43 11.99 -11.14
C SER A 116 14.85 13.35 -11.59
N HIS A 117 14.03 13.32 -12.64
CA HIS A 117 13.38 14.50 -13.23
C HIS A 117 11.85 14.29 -13.20
N ARG A 118 11.34 13.64 -12.12
CA ARG A 118 9.89 13.53 -11.91
C ARG A 118 9.35 14.93 -11.51
N LEU A 119 8.72 15.60 -12.48
CA LEU A 119 8.07 16.90 -12.26
C LEU A 119 6.57 16.71 -12.44
N LEU A 120 5.86 16.69 -11.32
CA LEU A 120 4.41 16.41 -11.26
C LEU A 120 3.62 17.48 -12.04
N ARG A 121 2.71 17.03 -12.92
CA ARG A 121 1.83 17.90 -13.69
C ARG A 121 0.56 18.23 -12.86
N VAL A 122 0.77 18.52 -11.56
CA VAL A 122 -0.28 18.89 -10.59
C VAL A 122 -1.14 20.09 -11.06
N GLU A 123 -0.51 21.02 -11.81
CA GLU A 123 -1.21 22.18 -12.39
C GLU A 123 -2.25 21.73 -13.44
N ILE A 124 -1.95 20.60 -14.11
CA ILE A 124 -2.84 19.98 -15.12
C ILE A 124 -3.65 18.80 -14.50
N GLY A 125 -3.23 18.37 -13.31
CA GLY A 125 -3.81 17.22 -12.62
C GLY A 125 -3.31 15.88 -13.18
N GLU A 126 -3.77 15.52 -14.39
CA GLU A 126 -3.48 14.20 -15.01
C GLU A 126 -1.96 14.01 -15.25
N THR A 127 -1.32 13.28 -14.32
CA THR A 127 0.10 12.89 -14.41
C THR A 127 0.16 11.35 -14.51
N PHE A 128 0.83 10.84 -15.56
CA PHE A 128 0.88 9.40 -15.87
C PHE A 128 2.07 9.10 -16.80
N ASP A 129 2.64 7.89 -16.64
CA ASP A 129 3.71 7.37 -17.52
C ASP A 129 3.48 5.86 -17.77
N PHE A 130 3.40 5.50 -19.06
CA PHE A 130 3.33 4.11 -19.53
C PHE A 130 4.52 3.88 -20.45
N GLN A 131 5.41 2.92 -20.15
CA GLN A 131 6.55 2.59 -21.02
C GLN A 131 6.56 1.08 -21.31
N LEU A 132 6.30 0.71 -22.58
CA LEU A 132 6.32 -0.70 -23.04
C LEU A 132 7.65 -0.97 -23.73
N THR A 133 8.35 -1.99 -23.22
CA THR A 133 9.61 -2.46 -23.77
C THR A 133 9.36 -3.84 -24.41
N LEU A 134 9.38 -3.89 -25.75
CA LEU A 134 8.97 -5.06 -26.52
C LEU A 134 10.21 -5.70 -27.20
N LEU A 135 10.67 -6.83 -26.62
CA LEU A 135 11.70 -7.71 -27.22
C LEU A 135 11.01 -8.72 -28.18
N PRO A 136 11.75 -9.33 -29.17
CA PRO A 136 11.18 -10.37 -30.07
C PRO A 136 10.64 -11.59 -29.29
N ASP A 137 9.68 -12.30 -29.91
CA ASP A 137 8.88 -13.41 -29.31
C ASP A 137 7.85 -12.86 -28.26
N ASN A 138 7.68 -11.51 -28.26
CA ASN A 138 6.61 -10.78 -27.52
C ASN A 138 6.61 -10.98 -25.99
N ARG A 139 7.66 -11.61 -25.40
CA ARG A 139 7.76 -11.79 -23.94
C ARG A 139 8.75 -10.76 -23.38
N HIS A 140 8.24 -9.59 -22.98
CA HIS A 140 9.05 -8.60 -22.25
C HIS A 140 8.16 -7.70 -21.35
N ARG A 141 8.71 -6.60 -20.80
CA ARG A 141 8.12 -5.86 -19.67
C ARG A 141 7.53 -4.48 -20.08
N LEU A 142 6.46 -4.12 -19.37
CA LEU A 142 5.70 -2.88 -19.51
C LEU A 142 5.47 -2.33 -18.11
N HIS A 143 6.12 -1.21 -17.73
CA HIS A 143 5.84 -0.59 -16.43
C HIS A 143 4.78 0.49 -16.60
N VAL A 144 3.81 0.46 -15.69
CA VAL A 144 2.82 1.52 -15.51
C VAL A 144 3.08 2.16 -14.14
N ASN A 145 3.13 3.49 -14.12
CA ASN A 145 3.24 4.25 -12.89
C ASN A 145 2.54 5.60 -13.06
N ILE A 146 1.63 5.87 -12.14
CA ILE A 146 0.93 7.14 -12.05
C ILE A 146 1.35 7.79 -10.71
N ASP A 147 2.11 8.90 -10.78
CA ASP A 147 2.65 9.56 -9.57
C ASP A 147 1.73 10.72 -9.22
N LEU A 148 0.90 10.52 -8.18
CA LEU A 148 -0.06 11.53 -7.70
C LEU A 148 -0.38 11.34 -6.21
N LEU A 149 -1.03 12.37 -5.65
CA LEU A 149 -1.45 12.39 -4.24
C LEU A 149 -2.83 11.71 -4.03
N ILE A 150 -3.66 11.61 -5.09
CA ILE A 150 -5.10 11.29 -4.93
C ILE A 150 -5.36 9.80 -4.64
N MET A 151 -4.48 8.89 -5.11
CA MET A 151 -4.71 7.42 -5.01
C MET A 151 -3.40 6.65 -4.98
N ASP A 152 -3.51 5.35 -4.62
CA ASP A 152 -2.35 4.46 -4.42
C ASP A 152 -2.70 2.98 -4.75
N ALA A 153 -3.02 2.16 -3.73
CA ALA A 153 -3.17 0.69 -3.88
C ALA A 153 -4.44 0.30 -4.67
N SER A 154 -5.60 0.82 -4.22
CA SER A 154 -6.93 0.49 -4.82
C SER A 154 -7.01 0.87 -6.31
N SER A 155 -6.19 1.85 -6.72
CA SER A 155 -6.11 2.30 -8.10
C SER A 155 -5.57 1.18 -9.00
N PHE A 156 -4.41 0.60 -8.62
CA PHE A 156 -3.72 -0.44 -9.40
C PHE A 156 -4.41 -1.80 -9.30
N THR A 157 -5.00 -2.12 -8.12
CA THR A 157 -5.66 -3.43 -7.90
C THR A 157 -6.85 -3.59 -8.87
N LEU A 158 -7.68 -2.53 -8.96
CA LEU A 158 -8.82 -2.48 -9.90
C LEU A 158 -8.33 -2.39 -11.35
N PHE A 159 -7.32 -1.52 -11.59
CA PHE A 159 -6.76 -1.26 -12.94
C PHE A 159 -6.31 -2.57 -13.62
N PHE A 160 -5.46 -3.33 -12.93
CA PHE A 160 -4.93 -4.60 -13.44
C PHE A 160 -6.02 -5.68 -13.56
N ASP A 161 -6.97 -5.73 -12.60
CA ASP A 161 -8.04 -6.76 -12.60
C ASP A 161 -8.89 -6.65 -13.87
N GLU A 162 -9.49 -5.46 -14.06
CA GLU A 162 -10.34 -5.16 -15.23
C GLU A 162 -9.52 -5.29 -16.54
N LEU A 163 -8.44 -4.50 -16.63
CA LEU A 163 -7.65 -4.35 -17.87
C LEU A 163 -7.14 -5.71 -18.37
N ASN A 164 -6.46 -6.47 -17.50
CA ASN A 164 -5.81 -7.74 -17.88
C ASN A 164 -6.84 -8.82 -18.26
N ALA A 165 -8.07 -8.72 -17.72
CA ALA A 165 -9.19 -9.60 -18.09
C ALA A 165 -9.70 -9.27 -19.51
N LEU A 166 -9.85 -7.95 -19.78
CA LEU A 166 -10.26 -7.43 -21.09
C LEU A 166 -9.22 -7.82 -22.17
N LEU A 167 -7.94 -7.79 -21.78
CA LEU A 167 -6.80 -8.09 -22.66
C LEU A 167 -6.67 -9.60 -22.93
N ALA A 168 -7.15 -10.41 -21.97
CA ALA A 168 -7.22 -11.88 -22.13
C ALA A 168 -8.47 -12.29 -22.94
N GLY A 169 -9.46 -11.37 -23.01
CA GLY A 169 -10.78 -11.68 -23.58
C GLY A 169 -11.65 -12.47 -22.60
N GLU A 170 -11.27 -12.44 -21.32
CA GLU A 170 -11.96 -13.14 -20.23
C GLU A 170 -13.02 -12.22 -19.58
N SER A 171 -14.01 -12.85 -18.93
CA SER A 171 -15.18 -12.20 -18.32
C SER A 171 -14.77 -11.09 -17.32
N LEU A 172 -15.17 -9.85 -17.65
CA LEU A 172 -15.07 -8.69 -16.75
C LEU A 172 -16.11 -8.85 -15.62
N PRO A 173 -15.71 -8.75 -14.31
CA PRO A 173 -16.67 -8.80 -13.17
C PRO A 173 -17.57 -7.56 -13.12
N ALA A 174 -18.67 -7.63 -12.35
CA ALA A 174 -19.50 -6.47 -12.08
C ALA A 174 -18.70 -5.47 -11.22
N ILE A 175 -18.41 -4.29 -11.79
CA ILE A 175 -17.57 -3.26 -11.18
C ILE A 175 -18.40 -1.97 -11.02
N ASP A 176 -18.75 -1.64 -9.76
CA ASP A 176 -19.46 -0.39 -9.44
C ASP A 176 -18.42 0.74 -9.30
N THR A 177 -18.21 1.46 -10.41
CA THR A 177 -17.42 2.71 -10.43
C THR A 177 -18.39 3.92 -10.35
N ARG A 178 -19.70 3.62 -10.19
CA ARG A 178 -20.77 4.63 -10.04
C ARG A 178 -20.64 5.31 -8.67
N TYR A 179 -20.18 4.55 -7.68
CA TYR A 179 -19.74 5.09 -6.39
C TYR A 179 -18.23 5.35 -6.46
N ASP A 180 -17.89 6.59 -6.79
CA ASP A 180 -16.50 7.09 -6.74
C ASP A 180 -16.19 7.55 -5.32
N PHE A 181 -14.96 8.06 -5.11
CA PHE A 181 -14.54 8.65 -3.81
C PHE A 181 -15.52 9.78 -3.38
N ARG A 182 -16.00 10.57 -4.38
CA ARG A 182 -16.85 11.77 -4.18
C ARG A 182 -18.30 11.38 -3.78
N SER A 183 -18.78 10.25 -4.31
CA SER A 183 -20.13 9.72 -4.01
C SER A 183 -20.10 9.05 -2.63
N TYR A 184 -19.06 8.22 -2.42
CA TYR A 184 -18.82 7.51 -1.16
C TYR A 184 -18.62 8.50 0.00
N LEU A 185 -17.94 9.64 -0.29
CA LEU A 185 -17.62 10.68 0.71
C LEU A 185 -18.92 11.33 1.21
N LEU A 186 -19.74 11.81 0.27
CA LEU A 186 -21.03 12.45 0.58
C LEU A 186 -21.93 11.51 1.41
N HIS A 187 -21.94 10.22 1.01
CA HIS A 187 -22.75 9.18 1.66
C HIS A 187 -22.19 8.79 3.05
N GLN A 188 -20.85 8.77 3.21
CA GLN A 188 -20.23 8.39 4.49
C GLN A 188 -20.35 9.55 5.50
N GLN A 189 -20.42 10.81 4.99
CA GLN A 189 -20.66 12.02 5.82
C GLN A 189 -22.08 11.97 6.41
N LYS A 190 -23.03 11.45 5.61
CA LYS A 190 -24.44 11.29 6.04
C LYS A 190 -24.54 10.40 7.30
N ILE A 191 -23.77 9.30 7.32
CA ILE A 191 -23.72 8.37 8.48
C ILE A 191 -22.59 8.73 9.49
N ASN A 192 -21.67 9.66 9.10
CA ASN A 192 -20.55 10.11 9.97
C ASN A 192 -21.04 11.15 10.98
N GLN A 193 -21.73 12.20 10.49
CA GLN A 193 -22.17 13.35 11.31
C GLN A 193 -23.04 12.93 12.56
N PRO A 194 -24.09 12.06 12.43
CA PRO A 194 -24.89 11.61 13.61
C PRO A 194 -24.12 10.62 14.53
N LEU A 195 -23.08 9.97 13.98
CA LEU A 195 -22.21 9.05 14.74
C LEU A 195 -20.99 9.77 15.36
N ARG A 196 -20.67 10.97 14.84
CA ARG A 196 -19.34 11.63 15.02
C ARG A 196 -18.95 11.81 16.50
N ASP A 197 -19.88 12.33 17.31
CA ASP A 197 -19.63 12.65 18.73
C ASP A 197 -19.45 11.38 19.57
N ASP A 198 -20.28 10.36 19.26
CA ASP A 198 -20.25 9.05 19.92
C ASP A 198 -18.89 8.38 19.70
N ALA A 199 -18.56 8.19 18.41
CA ALA A 199 -17.32 7.55 17.98
C ALA A 199 -16.08 8.36 18.42
N ARG A 200 -16.20 9.69 18.44
CA ARG A 200 -15.10 10.59 18.90
C ARG A 200 -14.71 10.26 20.35
N ALA A 201 -15.73 9.93 21.18
CA ALA A 201 -15.53 9.58 22.60
C ALA A 201 -14.71 8.27 22.76
N TYR A 202 -15.14 7.20 22.07
CA TYR A 202 -14.47 5.86 22.14
C TYR A 202 -13.03 5.93 21.55
N TRP A 203 -12.88 6.69 20.47
CA TRP A 203 -11.59 6.90 19.79
C TRP A 203 -10.67 7.85 20.58
N LEU A 204 -11.24 8.69 21.47
CA LEU A 204 -10.47 9.61 22.35
C LEU A 204 -9.90 8.81 23.53
N ALA A 205 -10.70 7.85 24.02
CA ALA A 205 -10.25 6.86 25.02
C ALA A 205 -9.06 6.08 24.47
N LYS A 206 -9.21 5.61 23.22
CA LYS A 206 -8.14 4.91 22.50
C LYS A 206 -6.94 5.84 22.29
N ALA A 207 -7.18 7.08 21.82
CA ALA A 207 -6.11 8.05 21.45
C ALA A 207 -5.19 8.37 22.64
N SER A 208 -5.74 8.25 23.86
CA SER A 208 -5.01 8.45 25.11
C SER A 208 -4.05 7.26 25.41
N THR A 209 -4.50 6.01 25.11
CA THR A 209 -3.67 4.81 25.33
C THR A 209 -2.78 4.48 24.10
N LEU A 210 -3.05 5.14 22.95
CA LEU A 210 -2.30 4.89 21.71
C LEU A 210 -0.86 5.43 21.83
N PRO A 211 0.17 4.59 21.51
CA PRO A 211 1.61 4.96 21.62
C PRO A 211 2.04 6.01 20.57
N PRO A 212 3.23 6.68 20.77
CA PRO A 212 3.80 7.60 19.77
C PRO A 212 3.94 6.98 18.35
N ALA A 213 3.34 7.65 17.32
CA ALA A 213 3.43 7.25 15.90
C ALA A 213 4.90 6.96 15.50
N PRO A 214 5.18 5.75 14.87
CA PRO A 214 6.49 5.04 14.91
C PRO A 214 7.74 5.93 15.02
N VAL A 215 8.50 5.74 16.12
CA VAL A 215 9.72 6.52 16.41
C VAL A 215 10.98 5.60 16.35
N LEU A 216 11.73 5.76 15.25
CA LEU A 216 13.09 5.21 15.06
C LEU A 216 13.99 6.40 14.69
N PRO A 217 15.16 6.59 15.39
CA PRO A 217 16.11 7.68 15.05
C PRO A 217 16.52 7.62 13.56
N LEU A 218 16.35 8.75 12.87
CA LEU A 218 16.60 8.85 11.42
C LEU A 218 18.08 9.09 11.15
N ALA A 219 18.61 8.54 10.04
CA ALA A 219 20.05 8.60 9.70
C ALA A 219 20.54 10.07 9.55
N CYS A 220 19.61 10.94 9.14
CA CYS A 220 19.80 12.40 9.13
C CYS A 220 18.46 13.10 9.47
N GLU A 221 18.50 14.45 9.61
CA GLU A 221 17.31 15.25 9.88
C GLU A 221 16.42 15.29 8.61
N PRO A 222 15.08 14.95 8.71
CA PRO A 222 14.20 14.83 7.51
C PRO A 222 14.00 16.16 6.74
N ALA A 223 14.16 17.29 7.46
CA ALA A 223 14.04 18.65 6.89
C ALA A 223 15.29 19.04 6.06
N THR A 224 16.42 18.34 6.28
CA THR A 224 17.65 18.55 5.52
C THR A 224 17.57 17.86 4.14
N LEU A 225 16.84 16.72 4.09
CA LEU A 225 16.78 15.82 2.92
C LEU A 225 15.83 16.35 1.83
N ARG A 226 16.36 16.44 0.60
CA ARG A 226 15.58 16.72 -0.62
C ARG A 226 15.20 15.40 -1.29
N GLU A 227 16.22 14.54 -1.47
CA GLU A 227 16.08 13.23 -2.14
C GLU A 227 16.33 12.10 -1.15
N VAL A 228 15.33 11.20 -1.00
CA VAL A 228 15.49 9.92 -0.31
C VAL A 228 15.54 8.78 -1.34
N ARG A 229 16.69 8.06 -1.40
CA ARG A 229 16.81 6.84 -2.22
C ARG A 229 16.37 5.65 -1.36
N ASN A 230 15.27 5.00 -1.76
CA ASN A 230 14.74 3.83 -1.04
C ASN A 230 15.45 2.56 -1.50
N THR A 231 16.09 1.87 -0.55
CA THR A 231 16.81 0.61 -0.79
C THR A 231 15.92 -0.54 -0.30
N ARG A 232 15.39 -1.34 -1.26
CA ARG A 232 14.49 -2.45 -0.96
C ARG A 232 15.23 -3.79 -0.89
N ARG A 233 14.84 -4.60 0.11
CA ARG A 233 15.22 -6.01 0.23
C ARG A 233 14.05 -6.89 -0.24
N ARG A 234 14.39 -8.06 -0.79
CA ARG A 234 13.39 -9.03 -1.25
C ARG A 234 13.84 -10.44 -0.81
N MET A 235 13.06 -11.05 0.10
CA MET A 235 13.39 -12.34 0.70
C MET A 235 12.65 -13.47 -0.02
N ILE A 236 13.41 -14.27 -0.78
CA ILE A 236 12.92 -15.54 -1.33
C ILE A 236 13.03 -16.62 -0.23
N VAL A 237 11.95 -16.81 0.52
CA VAL A 237 11.82 -17.86 1.54
C VAL A 237 10.67 -18.80 1.13
N PRO A 238 10.94 -20.15 1.01
CA PRO A 238 9.87 -21.13 0.69
C PRO A 238 8.81 -21.21 1.79
N ALA A 239 7.60 -21.64 1.42
CA ALA A 239 6.45 -21.74 2.33
C ALA A 239 6.65 -22.83 3.40
N THR A 240 7.65 -23.70 3.22
CA THR A 240 8.02 -24.76 4.18
C THR A 240 8.14 -24.20 5.62
N ARG A 241 8.83 -23.05 5.75
CA ARG A 241 9.03 -22.37 7.06
C ARG A 241 7.83 -21.49 7.45
N TRP A 242 7.41 -20.62 6.50
CA TRP A 242 6.40 -19.56 6.76
C TRP A 242 5.02 -20.19 7.08
N HIS A 243 4.66 -21.23 6.32
CA HIS A 243 3.40 -21.97 6.48
C HIS A 243 3.48 -22.90 7.70
N ALA A 244 4.69 -23.39 8.05
CA ALA A 244 4.89 -24.15 9.31
C ALA A 244 4.60 -23.28 10.55
N PHE A 245 5.02 -21.99 10.47
CA PHE A 245 4.73 -20.98 11.50
C PHE A 245 3.23 -20.59 11.44
N SER A 246 2.66 -20.62 10.22
CA SER A 246 1.23 -20.35 9.99
C SER A 246 0.36 -21.50 10.54
N ASN A 247 0.93 -22.71 10.65
CA ASN A 247 0.26 -23.87 11.28
C ASN A 247 0.40 -23.81 12.80
N ARG A 248 1.52 -23.21 13.29
CA ARG A 248 1.73 -22.96 14.72
C ARG A 248 0.60 -22.05 15.25
N ALA A 249 0.53 -20.82 14.73
CA ALA A 249 -0.44 -19.80 15.20
C ALA A 249 -1.88 -20.13 14.75
N GLY A 250 -2.00 -20.79 13.58
CA GLY A 250 -3.30 -21.22 13.04
C GLY A 250 -4.01 -22.22 13.95
N GLU A 251 -3.31 -23.32 14.29
CA GLU A 251 -3.86 -24.40 15.15
C GLU A 251 -3.94 -23.94 16.62
N TYR A 252 -3.19 -22.87 16.96
CA TYR A 252 -3.23 -22.24 18.30
C TYR A 252 -4.62 -21.64 18.59
N GLY A 253 -5.38 -21.35 17.52
CA GLY A 253 -6.74 -20.82 17.60
C GLY A 253 -6.82 -19.33 17.31
N VAL A 254 -5.75 -18.76 16.75
CA VAL A 254 -5.69 -17.34 16.35
C VAL A 254 -5.36 -17.25 14.86
N THR A 255 -5.40 -16.02 14.33
CA THR A 255 -5.05 -15.74 12.92
C THR A 255 -3.52 -15.59 12.79
N PRO A 256 -2.83 -16.46 11.99
CA PRO A 256 -1.35 -16.44 11.84
C PRO A 256 -0.83 -15.24 11.03
N THR A 257 -1.60 -14.88 9.98
CA THR A 257 -1.24 -13.81 9.05
C THR A 257 -1.27 -12.43 9.77
N MET A 258 -2.18 -12.30 10.77
CA MET A 258 -2.35 -11.06 11.54
C MET A 258 -1.39 -11.02 12.73
N ALA A 259 -1.23 -12.17 13.43
CA ALA A 259 -0.37 -12.29 14.62
C ALA A 259 1.11 -12.01 14.26
N LEU A 260 1.52 -12.48 13.08
CA LEU A 260 2.88 -12.24 12.55
C LEU A 260 3.02 -10.74 12.16
N ALA A 261 2.01 -10.21 11.44
CA ALA A 261 2.05 -8.82 10.90
C ALA A 261 2.14 -7.75 12.01
N THR A 262 1.39 -7.97 13.12
CA THR A 262 1.36 -7.04 14.27
C THR A 262 2.67 -7.12 15.07
N CYS A 263 3.12 -8.36 15.37
CA CYS A 263 4.35 -8.60 16.15
C CYS A 263 5.60 -8.09 15.41
N PHE A 264 5.63 -8.28 14.09
CA PHE A 264 6.75 -7.83 13.23
C PHE A 264 6.84 -6.31 13.22
N SER A 265 5.71 -5.66 12.86
CA SER A 265 5.60 -4.19 12.74
C SER A 265 5.92 -3.49 14.07
N ALA A 266 5.57 -4.15 15.20
CA ALA A 266 5.83 -3.63 16.55
C ALA A 266 7.33 -3.69 16.87
N VAL A 267 7.89 -4.91 16.97
CA VAL A 267 9.28 -5.15 17.43
C VAL A 267 10.33 -4.36 16.59
N LEU A 268 10.06 -4.31 15.28
CA LEU A 268 10.88 -3.58 14.30
C LEU A 268 10.94 -2.07 14.60
N ALA A 269 9.76 -1.43 14.65
CA ALA A 269 9.65 0.05 14.78
C ALA A 269 9.86 0.53 16.23
N ARG A 270 9.59 -0.35 17.20
CA ARG A 270 9.61 -0.04 18.64
C ARG A 270 10.97 -0.25 19.30
N TRP A 271 11.95 -0.75 18.53
CA TRP A 271 13.37 -0.80 18.96
C TRP A 271 13.85 0.56 19.59
N GLY A 272 13.18 1.68 19.22
CA GLY A 272 13.43 3.01 19.82
C GLY A 272 13.12 3.12 21.34
N GLY A 273 12.72 2.00 21.97
CA GLY A 273 12.58 1.91 23.44
C GLY A 273 11.15 1.93 23.97
N LEU A 274 10.19 2.33 23.12
CA LEU A 274 8.75 2.32 23.47
C LEU A 274 8.10 1.09 22.80
N THR A 275 8.25 -0.07 23.45
CA THR A 275 8.10 -1.41 22.85
C THR A 275 6.65 -1.84 22.47
N ARG A 276 5.63 -0.98 22.66
CA ARG A 276 4.25 -1.22 22.16
C ARG A 276 3.90 -0.23 21.02
N LEU A 277 2.93 -0.58 20.14
CA LEU A 277 2.55 0.27 18.97
C LEU A 277 1.13 -0.03 18.44
N LEU A 278 0.51 1.01 17.86
CA LEU A 278 -0.63 0.87 16.94
C LEU A 278 -0.07 0.60 15.51
N LEU A 279 -0.31 -0.62 14.99
CA LEU A 279 0.29 -1.09 13.72
C LEU A 279 -0.64 -0.72 12.56
N ASN A 280 -0.06 -0.31 11.43
CA ASN A 280 -0.83 0.04 10.22
C ASN A 280 -0.70 -1.08 9.19
N ILE A 281 -1.80 -1.82 9.02
CA ILE A 281 -1.88 -3.00 8.15
C ILE A 281 -3.09 -2.86 7.20
N THR A 282 -2.95 -3.44 6.00
CA THR A 282 -3.99 -3.39 4.95
C THR A 282 -5.06 -4.48 5.20
N LEU A 283 -6.27 -4.05 5.61
CA LEU A 283 -7.48 -4.90 5.64
C LEU A 283 -8.32 -4.60 4.40
N PHE A 284 -9.10 -5.59 3.98
CA PHE A 284 -10.01 -5.47 2.84
C PHE A 284 -11.43 -5.30 3.37
N ASP A 285 -11.98 -4.08 3.22
CA ASP A 285 -13.32 -3.73 3.73
C ASP A 285 -14.14 -3.00 2.67
N ARG A 286 -15.29 -3.57 2.31
CA ARG A 286 -16.34 -2.86 1.57
C ARG A 286 -17.50 -2.54 2.54
N GLN A 287 -17.56 -1.28 3.01
CA GLN A 287 -18.69 -0.81 3.84
C GLN A 287 -19.99 -0.86 3.02
N PRO A 288 -20.94 -1.81 3.33
CA PRO A 288 -22.16 -2.00 2.54
C PRO A 288 -23.31 -1.12 3.06
N LEU A 289 -23.04 0.20 3.14
CA LEU A 289 -24.03 1.21 3.57
C LEU A 289 -25.19 1.27 2.55
N HIS A 290 -24.84 1.24 1.25
CA HIS A 290 -25.79 1.07 0.14
C HIS A 290 -25.61 -0.32 -0.54
N PRO A 291 -26.71 -0.95 -1.07
CA PRO A 291 -26.64 -2.24 -1.82
C PRO A 291 -25.75 -2.20 -3.08
N ALA A 292 -25.49 -0.99 -3.61
CA ALA A 292 -24.62 -0.76 -4.79
C ALA A 292 -23.16 -1.17 -4.52
N VAL A 293 -22.75 -1.11 -3.24
CA VAL A 293 -21.41 -1.52 -2.78
C VAL A 293 -21.20 -3.05 -2.97
N GLY A 294 -22.33 -3.79 -3.10
CA GLY A 294 -22.31 -5.22 -3.42
C GLY A 294 -21.70 -5.52 -4.80
N ALA A 295 -21.86 -4.56 -5.74
CA ALA A 295 -21.27 -4.65 -7.11
C ALA A 295 -19.85 -4.04 -7.13
N MET A 296 -19.43 -3.39 -6.03
CA MET A 296 -18.07 -2.83 -5.87
C MET A 296 -17.11 -3.94 -5.40
N LEU A 297 -15.81 -3.76 -5.66
CA LEU A 297 -14.77 -4.76 -5.36
C LEU A 297 -14.56 -4.91 -3.84
N ALA A 298 -14.41 -6.17 -3.38
CA ALA A 298 -14.31 -6.52 -1.94
C ALA A 298 -12.88 -6.34 -1.39
N ASP A 299 -11.92 -6.06 -2.28
CA ASP A 299 -10.49 -5.90 -1.91
C ASP A 299 -10.14 -4.42 -1.64
N PHE A 300 -11.17 -3.58 -1.36
CA PHE A 300 -11.00 -2.14 -1.08
C PHE A 300 -10.01 -1.93 0.09
N THR A 301 -8.92 -1.20 -0.20
CA THR A 301 -7.83 -0.96 0.75
C THR A 301 -8.31 -0.04 1.89
N ASN A 302 -8.68 -0.65 3.02
CA ASN A 302 -8.96 0.05 4.27
C ASN A 302 -7.82 -0.32 5.23
N ILE A 303 -6.96 0.66 5.55
CA ILE A 303 -5.84 0.46 6.48
C ILE A 303 -6.31 0.80 7.90
N LEU A 304 -5.83 0.03 8.88
CA LEU A 304 -6.36 0.05 10.27
C LEU A 304 -5.18 0.12 11.26
N LEU A 305 -5.42 0.78 12.41
CA LEU A 305 -4.41 0.95 13.47
C LEU A 305 -4.76 0.06 14.68
N LEU A 306 -4.16 -1.15 14.70
CA LEU A 306 -4.35 -2.16 15.77
C LEU A 306 -3.32 -1.96 16.89
N ASP A 307 -3.75 -1.59 18.09
CA ASP A 307 -2.82 -1.37 19.24
C ASP A 307 -2.43 -2.71 19.93
N THR A 308 -1.14 -3.09 19.79
CA THR A 308 -0.53 -4.17 20.57
C THR A 308 -0.08 -3.59 21.92
N ALA A 309 -0.88 -3.84 22.97
CA ALA A 309 -0.62 -3.35 24.33
C ALA A 309 0.39 -4.23 25.10
N CYS A 310 0.69 -5.42 24.55
CA CYS A 310 1.44 -6.48 25.26
C CYS A 310 2.80 -6.72 24.57
N ASP A 311 3.85 -6.92 25.38
CA ASP A 311 5.24 -7.07 24.90
C ASP A 311 6.10 -7.77 25.98
N GLY A 312 7.30 -8.25 25.58
CA GLY A 312 8.32 -8.77 26.51
C GLY A 312 8.12 -10.22 26.89
N ASP A 313 6.86 -10.68 26.81
CA ASP A 313 6.45 -12.00 27.29
C ASP A 313 6.18 -12.90 26.06
N THR A 314 5.79 -14.14 26.32
CA THR A 314 5.60 -15.20 25.31
C THR A 314 4.62 -14.80 24.18
N VAL A 315 4.72 -15.50 23.03
CA VAL A 315 3.87 -15.24 21.84
C VAL A 315 2.37 -15.47 22.15
N SER A 316 2.08 -16.21 23.24
CA SER A 316 0.72 -16.41 23.79
C SER A 316 -0.04 -15.07 23.96
N ASN A 317 0.65 -14.07 24.54
CA ASN A 317 0.07 -12.74 24.82
C ASN A 317 -0.19 -11.97 23.52
N LEU A 318 0.78 -12.02 22.59
CA LEU A 318 0.69 -11.33 21.29
C LEU A 318 -0.48 -11.89 20.47
N ALA A 319 -0.54 -13.21 20.38
CA ALA A 319 -1.55 -13.93 19.59
C ALA A 319 -2.98 -13.66 20.10
N ARG A 320 -3.14 -13.65 21.43
CA ARG A 320 -4.45 -13.49 22.09
C ARG A 320 -4.93 -12.01 22.03
N LYS A 321 -4.08 -11.09 22.50
CA LYS A 321 -4.46 -9.67 22.68
C LYS A 321 -4.57 -8.93 21.33
N ASN A 322 -3.77 -9.33 20.33
CA ASN A 322 -3.83 -8.73 18.97
C ASN A 322 -5.00 -9.33 18.16
N GLN A 323 -5.50 -10.52 18.58
CA GLN A 323 -6.72 -11.11 17.98
C GLN A 323 -7.96 -10.34 18.50
N LEU A 324 -7.91 -9.97 19.79
CA LEU A 324 -8.97 -9.18 20.46
C LEU A 324 -9.05 -7.79 19.82
N THR A 325 -7.89 -7.11 19.75
CA THR A 325 -7.75 -5.79 19.13
C THR A 325 -8.14 -5.83 17.62
N PHE A 326 -7.79 -6.93 16.94
CA PHE A 326 -8.16 -7.17 15.53
C PHE A 326 -9.69 -7.14 15.37
N THR A 327 -10.36 -8.08 16.03
CA THR A 327 -11.82 -8.29 15.94
C THR A 327 -12.60 -7.00 16.31
N GLU A 328 -12.10 -6.31 17.33
CA GLU A 328 -12.72 -5.09 17.88
C GLU A 328 -12.71 -3.96 16.84
N ASP A 329 -11.50 -3.60 16.38
CA ASP A 329 -11.29 -2.52 15.40
C ASP A 329 -11.77 -2.92 14.00
N TRP A 330 -11.84 -4.22 13.70
CA TRP A 330 -12.26 -4.73 12.38
C TRP A 330 -13.75 -4.41 12.15
N GLU A 331 -14.53 -4.42 13.23
CA GLU A 331 -15.93 -3.97 13.21
C GLU A 331 -15.97 -2.44 13.19
N HIS A 332 -15.11 -1.83 14.01
CA HIS A 332 -15.06 -0.37 14.23
C HIS A 332 -14.05 0.34 13.30
N ARG A 333 -13.87 -0.22 12.09
CA ARG A 333 -13.00 0.36 11.02
C ARG A 333 -13.70 1.56 10.30
N HIS A 334 -14.90 1.95 10.80
CA HIS A 334 -15.74 3.04 10.24
C HIS A 334 -14.98 4.39 10.26
N TRP A 335 -14.11 4.54 11.28
CA TRP A 335 -13.03 5.55 11.28
C TRP A 335 -11.73 4.79 10.99
N SER A 336 -11.32 4.79 9.72
CA SER A 336 -10.10 4.13 9.24
C SER A 336 -8.84 4.74 9.89
N GLY A 337 -7.71 4.01 9.79
CA GLY A 337 -6.42 4.50 10.25
C GLY A 337 -6.03 5.88 9.67
N VAL A 338 -6.61 6.23 8.50
CA VAL A 338 -6.48 7.58 7.91
C VAL A 338 -7.12 8.63 8.84
N GLU A 339 -8.41 8.43 9.15
CA GLU A 339 -9.22 9.36 9.97
C GLU A 339 -8.70 9.45 11.42
N LEU A 340 -8.19 8.33 11.93
CA LEU A 340 -7.64 8.22 13.29
C LEU A 340 -6.33 9.04 13.39
N LEU A 341 -5.40 8.75 12.47
CA LEU A 341 -4.06 9.39 12.42
C LEU A 341 -4.22 10.91 12.13
N ARG A 342 -5.23 11.24 11.31
CA ARG A 342 -5.61 12.63 10.98
C ARG A 342 -6.02 13.38 12.25
N GLU A 343 -6.88 12.72 13.04
CA GLU A 343 -7.47 13.29 14.27
C GLU A 343 -6.39 13.45 15.37
N LEU A 344 -5.40 12.55 15.34
CA LEU A 344 -4.25 12.55 16.26
C LEU A 344 -3.39 13.81 16.02
N LYS A 345 -3.05 14.03 14.73
CA LYS A 345 -2.23 15.18 14.30
C LYS A 345 -3.05 16.49 14.29
N ARG A 346 -4.40 16.36 14.24
CA ARG A 346 -5.35 17.51 14.23
C ARG A 346 -5.20 18.27 15.54
N GLN A 347 -5.06 17.52 16.65
CA GLN A 347 -4.85 18.07 18.00
C GLN A 347 -3.42 18.67 18.18
N GLN A 348 -2.61 18.59 17.09
CA GLN A 348 -1.22 19.09 16.99
C GLN A 348 -0.25 18.10 17.70
N ARG A 349 -0.80 16.97 18.19
CA ARG A 349 -0.01 15.93 18.85
C ARG A 349 0.35 14.87 17.80
N TYR A 350 1.26 15.26 16.89
CA TYR A 350 1.93 14.35 15.96
C TYR A 350 3.31 14.00 16.59
N PRO A 351 3.47 12.79 17.19
CA PRO A 351 4.74 12.39 17.86
C PRO A 351 5.94 12.36 16.90
N HIS A 352 5.74 11.73 15.74
CA HIS A 352 6.70 11.75 14.62
C HIS A 352 5.93 11.73 13.30
N GLY A 353 4.87 10.90 13.25
CA GLY A 353 4.04 10.75 12.06
C GLY A 353 4.75 10.01 10.94
N ALA A 354 5.42 8.89 11.31
CA ALA A 354 6.12 8.02 10.36
C ALA A 354 5.13 7.00 9.77
N PRO A 355 4.73 7.13 8.47
CA PRO A 355 3.79 6.20 7.83
C PRO A 355 4.50 4.89 7.41
N VAL A 356 4.02 3.76 7.97
CA VAL A 356 4.49 2.41 7.64
C VAL A 356 3.26 1.54 7.28
N VAL A 357 3.34 0.74 6.20
CA VAL A 357 2.26 -0.22 5.83
C VAL A 357 2.86 -1.62 5.64
N PHE A 358 2.23 -2.60 6.30
CA PHE A 358 2.60 -4.02 6.23
C PHE A 358 1.38 -4.83 5.75
N THR A 359 1.55 -5.58 4.66
CA THR A 359 0.51 -6.46 4.13
C THR A 359 1.11 -7.83 3.79
N SER A 360 0.35 -8.91 4.08
CA SER A 360 0.75 -10.29 3.80
C SER A 360 -0.36 -10.99 3.00
N ASN A 361 -0.13 -11.12 1.69
CA ASN A 361 -1.10 -11.71 0.76
C ASN A 361 -0.67 -13.15 0.44
N LEU A 362 -1.34 -14.12 1.07
CA LEU A 362 -1.14 -15.57 0.83
C LEU A 362 -2.24 -16.07 -0.11
N GLY A 363 -2.11 -17.31 -0.57
CA GLY A 363 -3.11 -17.94 -1.45
C GLY A 363 -3.16 -17.31 -2.83
N ARG A 364 -2.02 -16.72 -3.25
CA ARG A 364 -1.88 -16.10 -4.59
C ARG A 364 -1.51 -17.17 -5.64
N SER A 365 -1.46 -16.74 -6.90
CA SER A 365 -1.21 -17.62 -8.04
C SER A 365 0.21 -18.24 -7.98
N LEU A 366 0.27 -19.53 -8.22
CA LEU A 366 1.53 -20.26 -8.37
C LEU A 366 2.18 -19.99 -9.74
N TYR A 367 1.42 -19.34 -10.66
CA TYR A 367 1.89 -19.07 -12.03
C TYR A 367 2.22 -17.56 -12.19
N SER A 368 1.24 -16.68 -11.92
CA SER A 368 1.51 -15.22 -11.86
C SER A 368 2.10 -14.87 -10.49
N SER A 369 3.11 -13.98 -10.47
CA SER A 369 3.79 -13.51 -9.23
C SER A 369 2.78 -12.96 -8.21
N ARG A 370 1.74 -12.31 -8.76
CA ARG A 370 0.60 -11.77 -8.02
C ARG A 370 -0.67 -12.12 -8.82
N ALA A 371 -1.70 -12.66 -8.14
CA ALA A 371 -2.89 -13.26 -8.80
C ALA A 371 -3.85 -12.23 -9.44
N GLU A 372 -3.66 -10.95 -9.08
CA GLU A 372 -4.51 -9.84 -9.56
C GLU A 372 -4.20 -9.47 -11.03
N SER A 373 -3.18 -10.13 -11.60
CA SER A 373 -2.92 -10.17 -13.05
C SER A 373 -3.18 -11.60 -13.57
N PRO A 374 -4.39 -11.86 -14.19
CA PRO A 374 -4.74 -13.20 -14.74
C PRO A 374 -3.75 -13.76 -15.79
N LEU A 375 -3.57 -13.06 -16.92
CA LEU A 375 -2.93 -13.65 -18.13
C LEU A 375 -1.38 -13.60 -18.08
N GLY A 376 -0.79 -12.77 -17.19
CA GLY A 376 0.66 -12.54 -17.20
C GLY A 376 1.27 -12.37 -15.82
N GLU A 377 2.61 -12.26 -15.79
CA GLU A 377 3.42 -12.22 -14.56
C GLU A 377 3.73 -10.76 -14.18
N PRO A 378 3.09 -10.18 -13.12
CA PRO A 378 3.41 -8.81 -12.66
C PRO A 378 4.66 -8.82 -11.74
N GLU A 379 5.76 -8.27 -12.25
CA GLU A 379 7.05 -8.31 -11.56
C GLU A 379 7.19 -7.14 -10.57
N TRP A 380 7.74 -7.47 -9.40
CA TRP A 380 8.16 -6.48 -8.40
C TRP A 380 9.40 -5.72 -8.91
N GLY A 381 9.25 -4.39 -9.08
CA GLY A 381 10.33 -3.55 -9.59
C GLY A 381 11.23 -3.05 -8.48
N ILE A 382 11.52 -1.74 -8.49
CA ILE A 382 12.28 -1.06 -7.45
C ILE A 382 11.49 0.21 -7.07
N SER A 383 11.47 0.55 -5.76
CA SER A 383 10.70 1.68 -5.19
C SER A 383 9.21 1.59 -5.58
N GLN A 384 8.41 0.94 -4.71
CA GLN A 384 6.95 0.80 -4.89
C GLN A 384 6.18 1.47 -3.73
N THR A 385 6.87 2.42 -3.06
CA THR A 385 6.29 3.23 -1.97
C THR A 385 5.21 4.18 -2.52
N PRO A 386 3.93 4.04 -2.05
CA PRO A 386 2.81 4.91 -2.50
C PRO A 386 2.70 6.24 -1.71
N GLN A 387 3.19 6.24 -0.46
CA GLN A 387 3.00 7.35 0.51
C GLN A 387 3.99 7.17 1.68
N VAL A 388 4.20 5.91 2.01
CA VAL A 388 4.89 5.48 3.24
C VAL A 388 6.40 5.38 3.03
N TRP A 389 7.17 5.56 4.13
CA TRP A 389 8.64 5.54 4.09
C TRP A 389 9.15 4.09 4.28
N ILE A 390 8.33 3.26 4.94
CA ILE A 390 8.54 1.80 5.01
C ILE A 390 7.29 1.12 4.47
N ASP A 391 7.45 0.32 3.41
CA ASP A 391 6.37 -0.48 2.81
C ASP A 391 6.82 -1.95 2.82
N HIS A 392 5.90 -2.86 3.10
CA HIS A 392 6.20 -4.30 3.07
C HIS A 392 5.07 -5.06 2.37
N LEU A 393 5.33 -5.41 1.10
CA LEU A 393 4.48 -6.31 0.31
C LEU A 393 4.93 -7.75 0.56
N ALA A 394 3.98 -8.68 0.57
CA ALA A 394 4.26 -10.12 0.63
C ALA A 394 3.26 -10.85 -0.27
N PHE A 395 3.77 -11.60 -1.25
CA PHE A 395 2.92 -12.41 -2.16
C PHE A 395 3.46 -13.83 -2.23
N GLU A 396 2.55 -14.82 -2.30
CA GLU A 396 2.89 -16.23 -2.34
C GLU A 396 2.78 -16.75 -3.78
N HIS A 397 3.91 -17.15 -4.35
CA HIS A 397 4.00 -17.63 -5.74
C HIS A 397 4.80 -18.95 -5.75
N HIS A 398 4.12 -20.04 -6.18
CA HIS A 398 4.70 -21.41 -6.28
C HIS A 398 4.96 -21.99 -4.87
N GLY A 399 4.25 -21.45 -3.87
CA GLY A 399 4.52 -21.76 -2.47
C GLY A 399 5.88 -21.22 -2.04
N GLU A 400 6.24 -20.06 -2.58
CA GLU A 400 7.42 -19.27 -2.17
C GLU A 400 6.92 -17.87 -1.87
N VAL A 401 7.03 -17.42 -0.62
CA VAL A 401 6.52 -16.11 -0.20
C VAL A 401 7.63 -15.04 -0.36
N TRP A 402 7.47 -14.24 -1.44
CA TRP A 402 8.38 -13.15 -1.78
C TRP A 402 8.02 -11.92 -0.95
N LEU A 403 8.93 -11.55 -0.04
CA LEU A 403 8.76 -10.37 0.82
C LEU A 403 9.44 -9.17 0.16
N GLN A 404 8.66 -8.22 -0.39
CA GLN A 404 9.19 -6.95 -0.94
C GLN A 404 9.11 -5.92 0.18
N TRP A 405 10.25 -5.29 0.50
CA TRP A 405 10.32 -4.35 1.62
C TRP A 405 11.11 -3.11 1.19
N ASP A 406 10.38 -2.03 0.91
CA ASP A 406 10.98 -0.70 0.67
C ASP A 406 11.22 -0.01 2.02
N SER A 407 12.34 0.70 2.11
CA SER A 407 12.65 1.57 3.25
C SER A 407 13.52 2.71 2.74
N ASN A 408 13.16 3.96 3.13
CA ASN A 408 13.98 5.14 2.83
C ASN A 408 15.34 4.95 3.52
N ASP A 409 16.41 4.78 2.72
CA ASP A 409 17.77 4.45 3.23
C ASP A 409 18.28 5.56 4.17
N ALA A 410 18.17 6.80 3.69
CA ALA A 410 18.70 7.99 4.40
C ALA A 410 17.86 8.36 5.66
N LEU A 411 16.80 7.59 5.95
CA LEU A 411 15.98 7.75 7.17
C LEU A 411 16.13 6.53 8.09
N PHE A 412 16.04 5.33 7.50
CA PHE A 412 16.01 4.06 8.25
C PHE A 412 17.22 3.21 7.83
N PRO A 413 18.31 3.18 8.68
CA PRO A 413 19.56 2.41 8.39
C PRO A 413 19.30 0.89 8.18
N PRO A 414 19.54 0.35 6.94
CA PRO A 414 19.35 -1.08 6.63
C PRO A 414 20.21 -2.04 7.47
N ALA A 415 21.29 -1.52 8.09
CA ALA A 415 22.11 -2.30 9.06
C ALA A 415 21.29 -2.70 10.29
N LEU A 416 20.48 -1.75 10.78
CA LEU A 416 19.55 -1.97 11.90
C LEU A 416 18.41 -2.89 11.45
N VAL A 417 17.79 -2.52 10.32
CA VAL A 417 16.70 -3.29 9.66
C VAL A 417 17.09 -4.77 9.46
N GLU A 418 18.37 -4.99 9.15
CA GLU A 418 18.94 -6.33 8.93
C GLU A 418 18.88 -7.16 10.22
N THR A 419 19.47 -6.61 11.30
CA THR A 419 19.61 -7.30 12.60
C THR A 419 18.23 -7.65 13.20
N LEU A 420 17.28 -6.73 13.06
CA LEU A 420 15.91 -6.87 13.60
C LEU A 420 15.12 -7.95 12.84
N PHE A 421 15.19 -7.90 11.49
CA PHE A 421 14.52 -8.90 10.64
C PHE A 421 15.19 -10.27 10.78
N ASP A 422 16.51 -10.29 10.99
CA ASP A 422 17.30 -11.54 11.03
C ASP A 422 16.95 -12.32 12.30
N ALA A 423 16.77 -11.57 13.39
CA ALA A 423 16.37 -12.12 14.70
C ALA A 423 14.89 -12.56 14.68
N TYR A 424 14.06 -11.84 13.87
CA TYR A 424 12.63 -12.15 13.75
C TYR A 424 12.40 -13.39 12.84
N CYS A 425 13.19 -13.48 11.77
CA CYS A 425 13.14 -14.59 10.80
C CYS A 425 13.74 -15.85 11.45
N GLN A 426 14.66 -15.61 12.40
CA GLN A 426 15.23 -16.65 13.25
C GLN A 426 14.16 -17.20 14.20
N LEU A 427 13.34 -16.32 14.84
CA LEU A 427 12.30 -16.75 15.82
C LEU A 427 11.09 -17.41 15.10
N ILE A 428 10.89 -17.08 13.81
CA ILE A 428 9.91 -17.79 12.94
C ILE A 428 10.38 -19.24 12.72
N ASN A 429 11.67 -19.38 12.33
CA ASN A 429 12.33 -20.69 12.13
C ASN A 429 12.39 -21.44 13.47
N GLN A 430 12.60 -20.67 14.55
CA GLN A 430 12.79 -21.19 15.91
C GLN A 430 11.51 -21.83 16.42
N LEU A 431 10.36 -21.17 16.17
CA LEU A 431 9.06 -21.62 16.70
C LEU A 431 8.60 -22.89 15.94
N CYS A 432 8.78 -22.93 14.61
CA CYS A 432 8.41 -24.09 13.79
C CYS A 432 9.35 -25.30 14.06
N ASP A 433 10.62 -25.02 14.39
CA ASP A 433 11.67 -26.04 14.59
C ASP A 433 11.68 -26.57 16.04
N ASP A 434 11.39 -25.69 17.00
CA ASP A 434 11.54 -25.97 18.45
C ASP A 434 10.19 -25.84 19.16
N GLU A 435 9.86 -26.84 19.96
CA GLU A 435 8.53 -26.97 20.60
C GLU A 435 8.41 -26.09 21.87
N SER A 436 9.54 -25.74 22.48
CA SER A 436 9.58 -24.86 23.67
C SER A 436 9.61 -23.37 23.29
N ALA A 437 9.89 -23.08 21.99
CA ALA A 437 10.01 -21.71 21.45
C ALA A 437 8.70 -20.89 21.56
N TRP A 438 7.58 -21.59 21.79
CA TRP A 438 6.29 -20.97 22.15
C TRP A 438 6.43 -20.07 23.41
N GLN A 439 7.12 -20.61 24.43
CA GLN A 439 7.26 -19.95 25.76
C GLN A 439 8.62 -19.25 25.94
N LYS A 440 9.40 -19.12 24.84
CA LYS A 440 10.70 -18.41 24.87
C LYS A 440 10.51 -16.92 24.50
N PRO A 441 11.13 -15.96 25.26
CA PRO A 441 10.99 -14.49 25.01
C PRO A 441 11.81 -14.03 23.79
N PHE A 442 11.11 -13.35 22.85
CA PHE A 442 11.73 -12.70 21.68
C PHE A 442 12.69 -11.55 22.10
N ALA A 443 12.48 -11.03 23.33
CA ALA A 443 13.30 -9.96 23.95
C ALA A 443 14.80 -10.29 23.97
N ASP A 444 15.13 -11.60 23.97
CA ASP A 444 16.52 -12.09 23.90
C ASP A 444 17.15 -11.76 22.55
N MET A 445 16.43 -12.09 21.47
CA MET A 445 16.98 -12.06 20.10
C MET A 445 17.08 -10.63 19.54
N LEU A 446 16.23 -9.70 20.01
CA LEU A 446 16.31 -8.29 19.57
C LEU A 446 17.44 -7.54 20.32
N GLU A 447 17.71 -7.98 21.57
CA GLU A 447 18.74 -7.39 22.44
C GLU A 447 20.15 -7.85 21.98
N HIS A 448 20.22 -9.11 21.53
CA HIS A 448 21.46 -9.72 21.04
C HIS A 448 21.64 -9.40 19.54
N HIS A 449 22.82 -8.85 19.21
CA HIS A 449 23.10 -8.26 17.87
C HIS A 449 23.99 -9.18 16.99
N HIS A 450 24.14 -10.46 17.39
CA HIS A 450 24.89 -11.47 16.59
C HIS A 450 24.08 -12.76 16.48
N HIS A 451 23.67 -13.11 15.24
CA HIS A 451 22.94 -14.35 14.93
C HIS A 451 23.44 -14.90 13.58
N HIS A 452 22.72 -15.90 13.02
CA HIS A 452 23.09 -16.65 11.80
C HIS A 452 23.46 -15.73 10.62
N HIS A 453 22.66 -14.66 10.42
CA HIS A 453 22.76 -13.75 9.27
C HIS A 453 22.59 -14.55 7.94
N MET A 1 -25.48 -8.52 6.75
CA MET A 1 -26.81 -7.90 6.74
C MET A 1 -26.73 -6.55 6.02
N PRO A 2 -27.23 -6.45 4.74
CA PRO A 2 -27.18 -5.18 3.97
C PRO A 2 -28.36 -4.26 4.33
N ASP A 3 -28.20 -2.97 4.02
CA ASP A 3 -29.24 -1.95 4.19
C ASP A 3 -29.33 -1.13 2.90
N GLU A 4 -30.31 -1.47 2.04
CA GLU A 4 -30.55 -0.80 0.77
C GLU A 4 -31.33 0.50 1.03
N SER A 5 -30.60 1.51 1.51
CA SER A 5 -31.14 2.80 1.92
C SER A 5 -30.13 3.90 1.57
N SER A 6 -29.56 3.79 0.36
CA SER A 6 -28.53 4.71 -0.15
C SER A 6 -28.92 5.21 -1.54
N TRP A 7 -28.39 6.37 -1.89
CA TRP A 7 -28.80 7.13 -3.07
C TRP A 7 -27.83 6.89 -4.25
N PRO A 8 -28.28 7.16 -5.52
CA PRO A 8 -27.37 7.29 -6.68
C PRO A 8 -26.48 8.54 -6.53
N ASN A 9 -25.46 8.69 -7.40
CA ASN A 9 -24.53 9.83 -7.32
C ASN A 9 -25.31 11.14 -7.57
N MET A 10 -25.48 11.94 -6.50
CA MET A 10 -26.09 13.26 -6.58
C MET A 10 -25.01 14.35 -6.62
N THR A 11 -23.79 13.96 -6.23
CA THR A 11 -22.60 14.81 -6.30
C THR A 11 -21.79 14.53 -7.57
N GLU A 12 -22.44 13.89 -8.57
CA GLU A 12 -21.79 13.32 -9.78
C GLU A 12 -21.08 14.40 -10.65
N SER A 13 -21.58 15.64 -10.56
CA SER A 13 -21.13 16.77 -11.39
C SER A 13 -20.62 17.94 -10.52
N THR A 14 -20.81 17.83 -9.18
CA THR A 14 -20.28 18.81 -8.23
C THR A 14 -18.83 18.40 -7.84
N PRO A 15 -17.79 19.24 -8.13
CA PRO A 15 -16.41 18.98 -7.67
C PRO A 15 -16.32 19.06 -6.13
N PHE A 16 -15.88 17.96 -5.51
CA PHE A 16 -15.88 17.77 -4.05
C PHE A 16 -14.44 17.95 -3.53
N PRO A 17 -14.21 18.64 -2.36
CA PRO A 17 -12.85 18.72 -1.74
C PRO A 17 -12.30 17.32 -1.35
N LEU A 18 -11.00 17.25 -1.03
CA LEU A 18 -10.38 15.99 -0.54
C LEU A 18 -10.97 15.59 0.83
N THR A 19 -10.80 14.30 1.16
CA THR A 19 -11.37 13.66 2.35
C THR A 19 -10.66 14.13 3.66
N PRO A 20 -11.25 13.84 4.89
CA PRO A 20 -10.58 14.14 6.20
C PRO A 20 -9.18 13.50 6.39
N VAL A 21 -8.75 12.69 5.39
CA VAL A 21 -7.35 12.26 5.24
C VAL A 21 -6.45 13.50 4.95
N GLN A 22 -6.05 14.17 6.05
CA GLN A 22 -5.19 15.38 6.02
C GLN A 22 -3.78 15.04 5.51
N HIS A 23 -3.42 13.76 5.59
CA HIS A 23 -2.13 13.23 5.09
C HIS A 23 -2.00 13.47 3.57
N ALA A 24 -3.08 13.14 2.83
CA ALA A 24 -3.17 13.36 1.37
C ALA A 24 -3.38 14.84 1.06
N TYR A 25 -4.22 15.49 1.87
CA TYR A 25 -4.60 16.92 1.70
C TYR A 25 -3.37 17.85 1.88
N LEU A 26 -2.45 17.44 2.76
CA LEU A 26 -1.18 18.14 3.02
C LEU A 26 -0.34 18.08 1.74
N THR A 27 -0.03 16.85 1.30
CA THR A 27 0.79 16.56 0.11
C THR A 27 0.20 17.20 -1.18
N GLY A 28 -1.13 17.32 -1.21
CA GLY A 28 -1.84 17.87 -2.37
C GLY A 28 -1.55 19.35 -2.61
N ARG A 29 -1.53 20.14 -1.51
CA ARG A 29 -1.30 21.60 -1.59
C ARG A 29 0.18 21.94 -1.31
N MET A 30 0.96 20.97 -0.79
CA MET A 30 2.40 21.16 -0.46
C MET A 30 3.29 20.29 -1.38
N PRO A 31 3.66 20.79 -2.61
CA PRO A 31 4.64 20.16 -3.50
C PRO A 31 6.06 20.80 -3.40
N GLY A 32 7.08 20.03 -3.81
CA GLY A 32 8.47 20.53 -3.82
C GLY A 32 9.33 19.91 -2.72
N GLN A 33 8.67 19.35 -1.69
CA GLN A 33 9.35 18.64 -0.59
C GLN A 33 9.32 17.13 -0.86
N THR A 34 10.40 16.44 -0.46
CA THR A 34 10.53 14.99 -0.63
C THR A 34 10.04 14.26 0.65
N LEU A 35 10.74 14.49 1.78
CA LEU A 35 10.40 13.85 3.08
C LEU A 35 9.32 14.65 3.84
N GLY A 36 8.93 15.81 3.31
CA GLY A 36 7.93 16.69 3.94
C GLY A 36 6.49 16.33 3.56
N GLY A 37 6.20 15.02 3.49
CA GLY A 37 4.93 14.55 2.96
C GLY A 37 5.10 13.90 1.58
N VAL A 38 5.88 12.80 1.54
CA VAL A 38 6.17 12.01 0.31
C VAL A 38 4.86 11.76 -0.49
N GLY A 39 4.88 12.06 -1.81
CA GLY A 39 3.70 11.85 -2.67
C GLY A 39 3.34 10.38 -2.86
N CYS A 40 4.40 9.54 -2.89
CA CYS A 40 4.34 8.09 -3.19
C CYS A 40 3.83 7.81 -4.62
N HIS A 41 4.64 7.04 -5.36
CA HIS A 41 4.33 6.58 -6.72
C HIS A 41 4.29 5.05 -6.75
N LEU A 42 3.12 4.51 -7.13
CA LEU A 42 2.95 3.07 -7.40
C LEU A 42 3.45 2.84 -8.83
N TYR A 43 4.61 2.20 -8.97
CA TYR A 43 5.16 1.82 -10.26
C TYR A 43 5.28 0.31 -10.33
N GLN A 44 5.08 -0.25 -11.52
CA GLN A 44 5.33 -1.66 -11.82
C GLN A 44 6.00 -1.73 -13.21
N GLU A 45 7.32 -1.98 -13.24
CA GLU A 45 8.08 -2.12 -14.50
C GLU A 45 8.90 -3.42 -14.51
N PHE A 46 8.42 -4.42 -15.23
CA PHE A 46 9.22 -5.61 -15.58
C PHE A 46 8.72 -6.16 -16.93
N GLU A 47 9.40 -7.19 -17.41
CA GLU A 47 9.27 -7.69 -18.78
C GLU A 47 8.22 -8.80 -18.83
N GLY A 48 7.44 -8.84 -19.90
CA GLY A 48 6.43 -9.87 -20.10
C GLY A 48 5.76 -9.76 -21.45
N HIS A 49 5.14 -10.85 -21.90
CA HIS A 49 4.37 -10.90 -23.15
C HIS A 49 3.01 -11.55 -22.89
N CYS A 50 1.94 -10.78 -23.13
CA CYS A 50 0.55 -11.28 -23.14
C CYS A 50 -0.03 -11.08 -24.54
N LEU A 51 0.14 -9.83 -25.04
CA LEU A 51 -0.38 -9.42 -26.35
C LEU A 51 0.46 -8.24 -26.92
N THR A 52 -0.01 -7.67 -28.04
CA THR A 52 0.65 -6.56 -28.74
C THR A 52 0.11 -5.20 -28.20
N ALA A 53 0.96 -4.16 -28.30
CA ALA A 53 0.65 -2.79 -27.82
C ALA A 53 -0.64 -2.23 -28.44
N SER A 54 -0.83 -2.51 -29.75
CA SER A 54 -1.98 -2.03 -30.54
C SER A 54 -3.33 -2.35 -29.85
N GLN A 55 -3.45 -3.58 -29.32
CA GLN A 55 -4.69 -4.07 -28.70
C GLN A 55 -4.77 -3.63 -27.21
N LEU A 56 -3.60 -3.54 -26.57
CA LEU A 56 -3.47 -3.17 -25.14
C LEU A 56 -3.95 -1.72 -24.92
N GLU A 57 -3.37 -0.80 -25.71
CA GLU A 57 -3.65 0.64 -25.64
C GLU A 57 -5.11 0.95 -26.06
N GLN A 58 -5.60 0.25 -27.11
CA GLN A 58 -6.97 0.44 -27.63
C GLN A 58 -8.03 0.15 -26.55
N ALA A 59 -7.79 -0.92 -25.76
CA ALA A 59 -8.68 -1.32 -24.66
C ALA A 59 -8.67 -0.28 -23.52
N ILE A 60 -7.45 0.16 -23.11
CA ILE A 60 -7.28 1.16 -22.03
C ILE A 60 -8.03 2.47 -22.38
N THR A 61 -7.86 2.93 -23.63
CA THR A 61 -8.45 4.20 -24.10
C THR A 61 -10.00 4.12 -24.21
N THR A 62 -10.54 2.90 -24.39
CA THR A 62 -12.01 2.66 -24.41
C THR A 62 -12.61 2.79 -22.99
N LEU A 63 -11.89 2.25 -21.98
CA LEU A 63 -12.29 2.34 -20.56
C LEU A 63 -12.17 3.81 -20.07
N LEU A 64 -11.07 4.47 -20.44
CA LEU A 64 -10.82 5.89 -20.10
C LEU A 64 -11.69 6.85 -20.95
N GLN A 65 -12.26 6.35 -22.06
CA GLN A 65 -13.25 7.10 -22.86
C GLN A 65 -14.55 7.25 -22.05
N ARG A 66 -14.84 6.23 -21.23
CA ARG A 66 -15.97 6.24 -20.28
C ARG A 66 -15.57 7.00 -18.99
N HIS A 67 -16.18 6.66 -17.84
CA HIS A 67 -15.85 7.27 -16.54
C HIS A 67 -15.54 6.17 -15.48
N PRO A 68 -14.31 5.56 -15.50
CA PRO A 68 -13.83 4.69 -14.40
C PRO A 68 -13.39 5.54 -13.19
N MET A 69 -13.35 4.94 -12.00
CA MET A 69 -13.11 5.69 -10.73
C MET A 69 -11.67 6.26 -10.61
N LEU A 70 -10.77 5.86 -11.53
CA LEU A 70 -9.35 6.36 -11.57
C LEU A 70 -9.17 7.45 -12.64
N HIS A 71 -10.29 7.90 -13.23
CA HIS A 71 -10.32 8.93 -14.32
C HIS A 71 -10.48 10.35 -13.71
N ILE A 72 -9.90 10.52 -12.52
CA ILE A 72 -10.05 11.72 -11.71
C ILE A 72 -8.84 12.65 -11.92
N ALA A 73 -9.12 13.95 -12.06
CA ALA A 73 -8.09 15.00 -12.16
C ALA A 73 -8.08 15.80 -10.86
N PHE A 74 -6.89 15.91 -10.25
CA PHE A 74 -6.67 16.75 -9.06
C PHE A 74 -6.30 18.17 -9.50
N ARG A 75 -7.04 19.16 -8.98
CA ARG A 75 -6.68 20.58 -9.13
C ARG A 75 -5.93 21.02 -7.85
N PRO A 76 -4.90 21.94 -7.96
CA PRO A 76 -3.92 22.27 -6.84
C PRO A 76 -4.62 22.84 -5.58
N ASP A 77 -5.89 23.25 -5.75
CA ASP A 77 -6.74 23.85 -4.70
C ASP A 77 -7.14 22.84 -3.60
N GLY A 78 -6.79 21.55 -3.80
CA GLY A 78 -7.23 20.48 -2.92
C GLY A 78 -8.63 20.01 -3.25
N GLN A 79 -8.95 19.99 -4.56
CA GLN A 79 -10.29 19.67 -5.07
C GLN A 79 -10.25 18.48 -6.04
N GLN A 80 -11.19 17.55 -5.85
CA GLN A 80 -11.43 16.40 -6.73
C GLN A 80 -12.42 16.80 -7.86
N VAL A 81 -11.98 16.65 -9.12
CA VAL A 81 -12.85 16.84 -10.31
C VAL A 81 -12.78 15.56 -11.15
N TRP A 82 -13.94 14.92 -11.41
CA TRP A 82 -14.01 13.64 -12.12
C TRP A 82 -14.44 13.87 -13.58
N LEU A 83 -13.50 13.70 -14.52
CA LEU A 83 -13.74 13.95 -15.96
C LEU A 83 -14.14 12.64 -16.69
N PRO A 84 -15.02 12.72 -17.73
CA PRO A 84 -15.27 11.61 -18.67
C PRO A 84 -14.37 11.69 -19.95
N GLN A 85 -13.53 12.74 -20.04
CA GLN A 85 -12.66 13.04 -21.19
C GLN A 85 -11.22 12.61 -20.87
N PRO A 86 -10.69 11.51 -21.50
CA PRO A 86 -9.31 11.00 -21.21
C PRO A 86 -8.20 11.98 -21.63
N TYR A 87 -6.95 11.67 -21.23
CA TYR A 87 -5.77 12.39 -21.71
C TYR A 87 -5.62 12.12 -23.24
N TRP A 88 -5.12 10.93 -23.60
CA TRP A 88 -5.02 10.45 -24.99
C TRP A 88 -4.40 9.05 -24.98
N ASN A 89 -3.13 8.97 -24.55
CA ASN A 89 -2.35 7.72 -24.62
C ASN A 89 -1.15 7.82 -23.64
N GLY A 90 -0.15 8.65 -24.03
CA GLY A 90 1.02 8.92 -23.17
C GLY A 90 2.05 7.79 -23.11
N VAL A 91 1.81 6.72 -23.90
CA VAL A 91 2.69 5.54 -23.95
C VAL A 91 3.89 5.80 -24.89
N THR A 92 5.10 5.90 -24.33
CA THR A 92 6.35 6.09 -25.12
C THR A 92 6.95 4.72 -25.47
N VAL A 93 6.95 4.37 -26.78
CA VAL A 93 7.42 3.06 -27.28
C VAL A 93 8.93 3.12 -27.61
N HIS A 94 9.69 2.14 -27.10
CA HIS A 94 11.15 2.01 -27.31
C HIS A 94 11.43 0.73 -28.10
N ASP A 95 11.87 0.87 -29.36
CA ASP A 95 12.12 -0.28 -30.26
C ASP A 95 13.51 -0.90 -30.01
N LEU A 96 13.53 -2.20 -29.63
CA LEU A 96 14.75 -3.04 -29.64
C LEU A 96 14.52 -4.27 -30.52
N ARG A 97 13.47 -4.19 -31.34
CA ARG A 97 13.14 -5.19 -32.35
C ARG A 97 14.13 -5.06 -33.53
N HIS A 98 14.47 -3.79 -33.85
CA HIS A 98 15.47 -3.45 -34.89
C HIS A 98 16.77 -2.95 -34.23
N ASN A 99 16.65 -2.28 -33.06
CA ASN A 99 17.82 -1.72 -32.34
C ASN A 99 18.52 -2.78 -31.46
N ASP A 100 19.79 -2.48 -31.11
CA ASP A 100 20.72 -3.41 -30.42
C ASP A 100 20.65 -3.24 -28.89
N ALA A 101 21.26 -4.21 -28.17
CA ALA A 101 21.36 -4.20 -26.70
C ALA A 101 22.06 -2.94 -26.15
N GLU A 102 22.97 -2.34 -26.94
CA GLU A 102 23.61 -1.05 -26.61
C GLU A 102 22.53 0.03 -26.44
N SER A 103 21.65 0.09 -27.45
CA SER A 103 20.56 1.07 -27.53
C SER A 103 19.51 0.81 -26.42
N ARG A 104 19.40 -0.48 -26.02
CA ARG A 104 18.51 -0.93 -24.91
C ARG A 104 18.97 -0.32 -23.59
N GLN A 105 20.26 -0.51 -23.29
CA GLN A 105 20.91 0.04 -22.09
C GLN A 105 20.84 1.58 -22.10
N ALA A 106 20.90 2.16 -23.31
CA ALA A 106 20.77 3.61 -23.52
C ALA A 106 19.35 4.12 -23.19
N TYR A 107 18.32 3.34 -23.56
CA TYR A 107 16.92 3.70 -23.32
C TYR A 107 16.59 3.58 -21.83
N LEU A 108 16.92 2.41 -21.24
CA LEU A 108 16.65 2.11 -19.81
C LEU A 108 17.33 3.15 -18.89
N ASP A 109 18.59 3.51 -19.20
CA ASP A 109 19.36 4.51 -18.41
C ASP A 109 18.72 5.90 -18.53
N ALA A 110 18.41 6.29 -19.78
CA ALA A 110 17.87 7.62 -20.12
C ALA A 110 16.51 7.85 -19.45
N LEU A 111 15.61 6.85 -19.56
CA LEU A 111 14.27 6.94 -18.97
C LEU A 111 14.34 6.84 -17.45
N ARG A 112 15.32 6.07 -16.90
CA ARG A 112 15.45 5.85 -15.44
C ARG A 112 15.65 7.16 -14.65
N GLN A 113 16.61 7.98 -15.11
CA GLN A 113 16.93 9.26 -14.45
C GLN A 113 15.77 10.25 -14.62
N ARG A 114 15.22 10.27 -15.84
CA ARG A 114 14.12 11.16 -16.21
C ARG A 114 12.81 10.78 -15.47
N LEU A 115 12.65 9.48 -15.17
CA LEU A 115 11.44 8.91 -14.51
C LEU A 115 11.42 9.33 -13.04
N SER A 116 12.58 9.15 -12.39
CA SER A 116 12.79 9.51 -10.97
C SER A 116 12.69 11.04 -10.78
N HIS A 117 13.01 11.79 -11.85
CA HIS A 117 12.92 13.26 -11.87
C HIS A 117 11.49 13.72 -12.23
N ARG A 118 10.75 12.86 -12.95
CA ARG A 118 9.39 13.12 -13.47
C ARG A 118 8.34 12.94 -12.37
N LEU A 119 7.72 14.06 -11.96
CA LEU A 119 6.57 14.09 -11.06
C LEU A 119 5.52 14.96 -11.74
N LEU A 120 4.73 14.35 -12.65
CA LEU A 120 3.64 15.04 -13.37
C LEU A 120 2.30 14.45 -12.92
N ARG A 121 1.52 15.23 -12.14
CA ARG A 121 0.18 14.80 -11.67
C ARG A 121 -0.83 15.97 -11.68
N VAL A 122 -0.33 17.22 -11.56
CA VAL A 122 -1.19 18.42 -11.39
C VAL A 122 -1.33 19.21 -12.72
N GLU A 123 -0.57 18.79 -13.76
CA GLU A 123 -0.46 19.55 -15.04
C GLU A 123 -1.82 19.57 -15.77
N ILE A 124 -2.35 18.36 -16.05
CA ILE A 124 -3.71 18.17 -16.58
C ILE A 124 -4.61 17.61 -15.47
N GLY A 125 -3.98 17.07 -14.41
CA GLY A 125 -4.68 16.23 -13.43
C GLY A 125 -4.91 14.82 -13.98
N GLU A 126 -5.71 14.77 -15.06
CA GLU A 126 -5.90 13.57 -15.89
C GLU A 126 -4.59 13.28 -16.66
N THR A 127 -3.70 12.53 -15.98
CA THR A 127 -2.35 12.20 -16.47
C THR A 127 -1.98 10.77 -15.99
N PHE A 128 -1.58 9.92 -16.94
CA PHE A 128 -1.14 8.53 -16.66
C PHE A 128 0.25 8.33 -17.29
N ASP A 129 1.16 7.65 -16.55
CA ASP A 129 2.54 7.41 -17.00
C ASP A 129 2.68 5.97 -17.51
N PHE A 130 3.10 5.84 -18.78
CA PHE A 130 3.36 4.55 -19.44
C PHE A 130 4.65 4.65 -20.27
N GLN A 131 5.60 3.75 -20.00
CA GLN A 131 6.85 3.62 -20.77
C GLN A 131 6.93 2.18 -21.30
N LEU A 132 6.69 2.00 -22.60
CA LEU A 132 6.70 0.70 -23.26
C LEU A 132 8.02 0.52 -24.00
N THR A 133 8.66 -0.62 -23.83
CA THR A 133 9.93 -0.97 -24.46
C THR A 133 9.81 -2.37 -25.11
N LEU A 134 9.67 -2.44 -26.46
CA LEU A 134 9.56 -3.73 -27.16
C LEU A 134 10.98 -4.34 -27.26
N LEU A 135 11.11 -5.59 -26.79
CA LEU A 135 12.40 -6.28 -26.63
C LEU A 135 12.41 -7.60 -27.43
N PRO A 136 13.62 -8.18 -27.72
CA PRO A 136 13.74 -9.60 -28.20
C PRO A 136 13.17 -10.62 -27.17
N ASP A 137 12.97 -11.89 -27.61
CA ASP A 137 12.32 -12.97 -26.80
C ASP A 137 10.80 -12.74 -26.66
N ASN A 138 10.24 -11.96 -27.64
CA ASN A 138 8.78 -11.65 -27.77
C ASN A 138 8.23 -10.78 -26.63
N ARG A 139 9.09 -10.43 -25.66
CA ARG A 139 8.70 -9.74 -24.43
C ARG A 139 8.69 -8.22 -24.65
N HIS A 140 8.19 -7.50 -23.65
CA HIS A 140 8.26 -6.04 -23.59
C HIS A 140 8.42 -5.60 -22.13
N ARG A 141 9.21 -4.55 -21.93
CA ARG A 141 9.41 -3.93 -20.62
C ARG A 141 8.40 -2.79 -20.54
N LEU A 142 7.34 -3.02 -19.76
CA LEU A 142 6.25 -2.06 -19.60
C LEU A 142 6.30 -1.49 -18.19
N HIS A 143 6.43 -0.17 -18.14
CA HIS A 143 6.35 0.63 -16.94
C HIS A 143 4.98 1.31 -16.90
N VAL A 144 4.24 1.10 -15.81
CA VAL A 144 3.06 1.90 -15.46
C VAL A 144 3.37 2.62 -14.14
N ASN A 145 2.83 3.84 -13.97
CA ASN A 145 3.00 4.61 -12.72
C ASN A 145 1.75 5.48 -12.45
N ILE A 146 1.25 5.38 -11.21
CA ILE A 146 0.09 6.14 -10.69
C ILE A 146 0.53 6.85 -9.38
N ASP A 147 0.05 8.08 -9.15
CA ASP A 147 0.30 8.82 -7.88
C ASP A 147 -0.84 8.52 -6.90
N LEU A 148 -0.51 8.39 -5.60
CA LEU A 148 -1.45 7.95 -4.54
C LEU A 148 -2.34 9.11 -4.02
N LEU A 149 -2.21 10.30 -4.62
CA LEU A 149 -3.03 11.47 -4.29
C LEU A 149 -4.38 11.43 -5.03
N ILE A 150 -4.32 11.11 -6.35
CA ILE A 150 -5.52 11.15 -7.23
C ILE A 150 -6.41 9.91 -7.02
N MET A 151 -5.79 8.79 -6.60
CA MET A 151 -6.51 7.51 -6.38
C MET A 151 -5.60 6.51 -5.63
N ASP A 152 -6.21 5.44 -5.14
CA ASP A 152 -5.57 4.43 -4.26
C ASP A 152 -5.10 3.18 -5.06
N ALA A 153 -4.24 2.36 -4.41
CA ALA A 153 -3.65 1.13 -4.97
C ALA A 153 -4.69 0.06 -5.41
N SER A 154 -5.87 0.06 -4.76
CA SER A 154 -6.96 -0.89 -5.04
C SER A 154 -7.48 -0.74 -6.49
N SER A 155 -7.49 0.52 -6.98
CA SER A 155 -7.97 0.85 -8.34
C SER A 155 -7.02 0.28 -9.42
N PHE A 156 -5.72 0.14 -9.05
CA PHE A 156 -4.70 -0.46 -9.93
C PHE A 156 -4.99 -1.96 -10.12
N THR A 157 -5.17 -2.67 -9.00
CA THR A 157 -5.44 -4.12 -8.97
C THR A 157 -6.71 -4.46 -9.78
N LEU A 158 -7.79 -3.70 -9.51
CA LEU A 158 -9.11 -3.89 -10.16
C LEU A 158 -8.99 -3.69 -11.69
N PHE A 159 -8.40 -2.54 -12.07
CA PHE A 159 -8.32 -2.11 -13.48
C PHE A 159 -7.54 -3.12 -14.33
N PHE A 160 -6.26 -3.35 -13.97
CA PHE A 160 -5.33 -4.18 -14.79
C PHE A 160 -5.71 -5.68 -14.81
N ASP A 161 -6.44 -6.13 -13.77
CA ASP A 161 -6.94 -7.52 -13.70
C ASP A 161 -8.02 -7.76 -14.76
N GLU A 162 -9.11 -6.98 -14.68
CA GLU A 162 -10.27 -7.13 -15.58
C GLU A 162 -9.91 -6.68 -17.00
N LEU A 163 -9.02 -5.68 -17.10
CA LEU A 163 -8.50 -5.19 -18.39
C LEU A 163 -7.84 -6.33 -19.17
N ASN A 164 -7.02 -7.13 -18.46
CA ASN A 164 -6.31 -8.30 -19.03
C ASN A 164 -7.29 -9.35 -19.60
N ALA A 165 -8.47 -9.47 -18.97
CA ALA A 165 -9.54 -10.35 -19.48
C ALA A 165 -10.02 -9.85 -20.86
N LEU A 166 -10.28 -8.52 -20.94
CA LEU A 166 -10.67 -7.84 -22.19
C LEU A 166 -9.54 -7.91 -23.25
N LEU A 167 -8.28 -7.93 -22.77
CA LEU A 167 -7.08 -8.03 -23.62
C LEU A 167 -6.96 -9.45 -24.22
N ALA A 168 -7.39 -10.45 -23.44
CA ALA A 168 -7.45 -11.86 -23.87
C ALA A 168 -8.56 -12.09 -24.91
N GLY A 169 -9.48 -11.10 -25.01
CA GLY A 169 -10.60 -11.14 -25.94
C GLY A 169 -11.93 -11.35 -25.21
N GLU A 170 -11.84 -11.70 -23.91
CA GLU A 170 -13.01 -11.95 -23.06
C GLU A 170 -13.70 -10.61 -22.72
N SER A 171 -14.78 -10.34 -23.46
CA SER A 171 -15.58 -9.13 -23.28
C SER A 171 -16.14 -9.05 -21.83
N LEU A 172 -15.75 -7.99 -21.11
CA LEU A 172 -16.22 -7.73 -19.74
C LEU A 172 -17.74 -7.45 -19.73
N PRO A 173 -18.48 -7.90 -18.65
CA PRO A 173 -19.93 -7.58 -18.48
C PRO A 173 -20.16 -6.09 -18.15
N ALA A 174 -21.44 -5.70 -17.95
CA ALA A 174 -21.77 -4.32 -17.53
C ALA A 174 -21.18 -4.06 -16.13
N ILE A 175 -20.17 -3.17 -16.06
CA ILE A 175 -19.47 -2.83 -14.81
C ILE A 175 -20.01 -1.49 -14.30
N ASP A 176 -20.32 -1.42 -12.99
CA ASP A 176 -20.79 -0.19 -12.35
C ASP A 176 -19.61 0.78 -12.15
N THR A 177 -19.42 1.65 -13.15
CA THR A 177 -18.43 2.74 -13.12
C THR A 177 -19.11 4.06 -12.67
N ARG A 178 -20.44 3.97 -12.45
CA ARG A 178 -21.30 5.12 -12.09
C ARG A 178 -21.12 5.55 -10.63
N TYR A 179 -20.44 4.72 -9.81
CA TYR A 179 -20.21 5.01 -8.38
C TYR A 179 -18.69 5.19 -8.16
N ASP A 180 -18.25 6.44 -7.87
CA ASP A 180 -16.81 6.77 -7.68
C ASP A 180 -16.47 6.98 -6.18
N PHE A 181 -15.20 7.33 -5.91
CA PHE A 181 -14.64 7.45 -4.56
C PHE A 181 -15.32 8.57 -3.74
N ARG A 182 -15.60 9.70 -4.41
CA ARG A 182 -16.33 10.87 -3.83
C ARG A 182 -17.70 10.44 -3.27
N SER A 183 -18.43 9.66 -4.07
CA SER A 183 -19.80 9.22 -3.76
C SER A 183 -19.81 8.10 -2.69
N TYR A 184 -18.67 7.40 -2.53
CA TYR A 184 -18.47 6.46 -1.40
C TYR A 184 -18.45 7.24 -0.07
N LEU A 185 -17.66 8.33 -0.07
CA LEU A 185 -17.49 9.22 1.10
C LEU A 185 -18.69 10.16 1.28
N LEU A 186 -19.53 10.31 0.23
CA LEU A 186 -20.83 11.01 0.35
C LEU A 186 -21.75 10.22 1.29
N HIS A 187 -21.83 8.91 1.05
CA HIS A 187 -22.62 7.98 1.88
C HIS A 187 -22.04 7.91 3.32
N GLN A 188 -20.69 7.93 3.43
CA GLN A 188 -19.99 7.91 4.73
C GLN A 188 -20.29 9.21 5.50
N GLN A 189 -20.29 10.34 4.78
CA GLN A 189 -20.52 11.69 5.34
C GLN A 189 -21.92 11.79 5.99
N LYS A 190 -22.90 11.18 5.31
CA LYS A 190 -24.29 11.12 5.78
C LYS A 190 -24.39 10.39 7.13
N ILE A 191 -23.87 9.14 7.17
CA ILE A 191 -23.94 8.27 8.37
C ILE A 191 -22.94 8.74 9.47
N ASN A 192 -21.95 9.57 9.08
CA ASN A 192 -20.91 10.09 10.01
C ASN A 192 -21.51 11.07 11.02
N GLN A 193 -22.45 11.91 10.56
CA GLN A 193 -23.07 12.96 11.39
C GLN A 193 -23.80 12.39 12.63
N PRO A 194 -24.68 11.31 12.52
CA PRO A 194 -25.18 10.58 13.72
C PRO A 194 -24.09 9.77 14.44
N LEU A 195 -23.23 9.09 13.66
CA LEU A 195 -22.27 8.09 14.19
C LEU A 195 -21.24 8.73 15.13
N ARG A 196 -20.81 9.98 14.82
CA ARG A 196 -19.67 10.64 15.48
C ARG A 196 -19.86 10.80 17.02
N ASP A 197 -21.10 10.73 17.51
CA ASP A 197 -21.39 10.84 18.96
C ASP A 197 -20.74 9.68 19.73
N ASP A 198 -21.14 8.45 19.39
CA ASP A 198 -20.66 7.23 20.04
C ASP A 198 -19.26 6.88 19.50
N ALA A 199 -19.08 7.07 18.19
CA ALA A 199 -17.82 6.79 17.49
C ALA A 199 -16.66 7.56 18.11
N ARG A 200 -16.78 8.90 18.20
CA ARG A 200 -15.73 9.78 18.79
C ARG A 200 -15.51 9.45 20.28
N ALA A 201 -16.56 9.04 20.99
CA ALA A 201 -16.45 8.60 22.40
C ALA A 201 -15.52 7.37 22.53
N TYR A 202 -15.64 6.45 21.56
CA TYR A 202 -14.78 5.25 21.45
C TYR A 202 -13.36 5.63 20.98
N TRP A 203 -13.30 6.54 19.99
CA TRP A 203 -12.06 6.97 19.33
C TRP A 203 -11.18 7.75 20.30
N LEU A 204 -11.82 8.51 21.21
CA LEU A 204 -11.15 9.38 22.20
C LEU A 204 -10.57 8.50 23.32
N ALA A 205 -11.27 7.40 23.65
CA ALA A 205 -10.79 6.40 24.62
C ALA A 205 -9.41 5.86 24.18
N LYS A 206 -9.34 5.43 22.91
CA LYS A 206 -8.09 4.96 22.31
C LYS A 206 -7.12 6.12 22.06
N ALA A 207 -7.63 7.32 21.71
CA ALA A 207 -6.82 8.52 21.43
C ALA A 207 -6.20 9.10 22.74
N SER A 208 -6.70 8.60 23.88
CA SER A 208 -6.17 8.94 25.20
C SER A 208 -4.99 8.04 25.58
N THR A 209 -5.06 6.74 25.18
CA THR A 209 -4.10 5.71 25.64
C THR A 209 -3.19 5.14 24.52
N LEU A 210 -3.35 5.56 23.25
CA LEU A 210 -2.57 4.97 22.13
C LEU A 210 -1.11 5.48 22.14
N PRO A 211 -0.11 4.60 21.79
CA PRO A 211 1.32 4.99 21.76
C PRO A 211 1.63 6.05 20.68
N PRO A 212 2.55 7.03 20.97
CA PRO A 212 2.90 8.10 19.99
C PRO A 212 3.82 7.58 18.85
N ALA A 213 4.12 8.49 17.90
CA ALA A 213 4.93 8.19 16.70
C ALA A 213 6.29 7.54 17.06
N PRO A 214 6.61 6.32 16.49
CA PRO A 214 7.83 5.54 16.83
C PRO A 214 9.13 6.32 16.59
N VAL A 215 9.98 6.39 17.61
CA VAL A 215 11.30 7.02 17.51
C VAL A 215 12.32 5.98 17.03
N LEU A 216 12.57 5.98 15.71
CA LEU A 216 13.54 5.10 15.06
C LEU A 216 14.77 5.93 14.70
N PRO A 217 16.02 5.33 14.71
CA PRO A 217 17.26 6.09 14.48
C PRO A 217 17.30 6.73 13.07
N LEU A 218 17.44 8.06 13.04
CA LEU A 218 17.73 8.84 11.83
C LEU A 218 19.20 9.27 11.89
N ALA A 219 19.96 8.98 10.83
CA ALA A 219 21.35 9.42 10.70
C ALA A 219 21.42 10.95 10.55
N CYS A 220 20.45 11.52 9.80
CA CYS A 220 20.40 12.95 9.50
C CYS A 220 18.96 13.48 9.62
N GLU A 221 18.83 14.81 9.81
CA GLU A 221 17.52 15.49 9.86
C GLU A 221 16.87 15.50 8.46
N PRO A 222 15.55 15.14 8.35
CA PRO A 222 14.82 15.04 7.05
C PRO A 222 14.88 16.32 6.18
N ALA A 223 14.92 17.48 6.85
CA ALA A 223 14.87 18.81 6.19
C ALA A 223 16.18 19.15 5.42
N THR A 224 17.31 18.52 5.81
CA THR A 224 18.60 18.73 5.12
C THR A 224 18.61 18.00 3.76
N LEU A 225 18.01 16.80 3.72
CA LEU A 225 18.09 15.90 2.56
C LEU A 225 17.01 16.26 1.52
N ARG A 226 17.46 16.89 0.42
CA ARG A 226 16.63 17.13 -0.77
C ARG A 226 16.52 15.82 -1.58
N GLU A 227 17.66 15.10 -1.65
CA GLU A 227 17.75 13.76 -2.25
C GLU A 227 18.14 12.75 -1.16
N VAL A 228 17.33 11.69 -1.00
CA VAL A 228 17.59 10.61 -0.04
C VAL A 228 18.10 9.36 -0.76
N ARG A 229 19.01 8.62 -0.11
CA ARG A 229 19.39 7.27 -0.54
C ARG A 229 18.42 6.29 0.13
N ASN A 230 17.55 5.69 -0.69
CA ASN A 230 16.66 4.60 -0.31
C ASN A 230 17.03 3.37 -1.13
N THR A 231 17.10 2.23 -0.48
CA THR A 231 17.31 0.95 -1.15
C THR A 231 16.19 0.00 -0.73
N ARG A 232 15.43 -0.46 -1.74
CA ARG A 232 14.35 -1.42 -1.53
C ARG A 232 14.96 -2.82 -1.36
N ARG A 233 14.66 -3.48 -0.24
CA ARG A 233 15.15 -4.83 0.06
C ARG A 233 13.98 -5.82 -0.04
N ARG A 234 13.94 -6.60 -1.13
CA ARG A 234 12.99 -7.68 -1.30
C ARG A 234 13.73 -9.01 -1.15
N MET A 235 13.29 -9.85 -0.21
CA MET A 235 13.90 -11.16 0.03
C MET A 235 12.80 -12.22 0.14
N ILE A 236 12.97 -13.31 -0.60
CA ILE A 236 12.09 -14.47 -0.53
C ILE A 236 12.35 -15.23 0.78
N VAL A 237 11.33 -15.32 1.65
CA VAL A 237 11.32 -16.28 2.76
C VAL A 237 10.36 -17.43 2.34
N PRO A 238 10.90 -18.67 2.14
CA PRO A 238 10.07 -19.85 1.77
C PRO A 238 8.84 -20.04 2.68
N ALA A 239 7.66 -20.10 2.05
CA ALA A 239 6.36 -20.14 2.75
C ALA A 239 6.11 -21.50 3.46
N THR A 240 6.96 -22.51 3.20
CA THR A 240 6.93 -23.83 3.87
C THR A 240 6.88 -23.71 5.42
N ARG A 241 7.82 -22.93 5.99
CA ARG A 241 7.88 -22.65 7.45
C ARG A 241 6.74 -21.72 7.87
N TRP A 242 6.48 -20.70 7.03
CA TRP A 242 5.43 -19.69 7.28
C TRP A 242 4.06 -20.36 7.43
N HIS A 243 3.84 -21.45 6.65
CA HIS A 243 2.57 -22.20 6.61
C HIS A 243 2.43 -23.13 7.83
N ALA A 244 3.57 -23.61 8.34
CA ALA A 244 3.61 -24.44 9.58
C ALA A 244 3.21 -23.59 10.80
N PHE A 245 3.71 -22.34 10.83
CA PHE A 245 3.34 -21.36 11.85
C PHE A 245 1.87 -20.91 11.63
N SER A 246 1.50 -20.75 10.35
CA SER A 246 0.19 -20.22 9.92
C SER A 246 -0.96 -21.14 10.32
N ASN A 247 -0.75 -22.46 10.13
CA ASN A 247 -1.76 -23.48 10.46
C ASN A 247 -1.94 -23.51 11.98
N ARG A 248 -0.80 -23.49 12.70
CA ARG A 248 -0.77 -23.51 14.18
C ARG A 248 -1.41 -22.23 14.77
N ALA A 249 -1.20 -21.09 14.11
CA ALA A 249 -1.72 -19.77 14.54
C ALA A 249 -3.24 -19.74 14.39
N GLY A 250 -3.71 -20.31 13.26
CA GLY A 250 -5.14 -20.47 13.00
C GLY A 250 -5.81 -21.34 14.04
N GLU A 251 -5.15 -22.47 14.39
CA GLU A 251 -5.63 -23.42 15.42
C GLU A 251 -5.56 -22.80 16.83
N TYR A 252 -4.61 -21.86 17.02
CA TYR A 252 -4.43 -21.16 18.31
C TYR A 252 -5.58 -20.17 18.57
N GLY A 253 -6.28 -19.78 17.48
CA GLY A 253 -7.48 -18.95 17.56
C GLY A 253 -7.22 -17.50 17.18
N VAL A 254 -6.18 -17.27 16.37
CA VAL A 254 -5.86 -15.95 15.79
C VAL A 254 -5.67 -16.10 14.27
N THR A 255 -5.95 -15.02 13.51
CA THR A 255 -5.82 -15.02 12.05
C THR A 255 -4.33 -14.95 11.67
N PRO A 256 -3.78 -15.97 10.94
CA PRO A 256 -2.33 -16.08 10.66
C PRO A 256 -1.77 -14.91 9.81
N THR A 257 -2.52 -14.50 8.78
CA THR A 257 -2.13 -13.40 7.87
C THR A 257 -1.93 -12.09 8.65
N MET A 258 -2.87 -11.79 9.56
CA MET A 258 -2.83 -10.60 10.44
C MET A 258 -1.78 -10.75 11.55
N ALA A 259 -1.65 -11.97 12.12
CA ALA A 259 -0.78 -12.24 13.29
C ALA A 259 0.70 -12.03 12.94
N LEU A 260 1.11 -12.59 11.79
CA LEU A 260 2.50 -12.49 11.28
C LEU A 260 2.78 -11.07 10.73
N ALA A 261 1.75 -10.44 10.12
CA ALA A 261 1.87 -9.06 9.58
C ALA A 261 2.17 -8.05 10.71
N THR A 262 1.36 -8.15 11.78
CA THR A 262 1.49 -7.32 12.98
C THR A 262 2.78 -7.66 13.74
N CYS A 263 3.16 -8.96 13.76
CA CYS A 263 4.38 -9.42 14.46
C CYS A 263 5.63 -8.76 13.90
N PHE A 264 5.83 -8.83 12.57
CA PHE A 264 7.03 -8.28 11.91
C PHE A 264 7.15 -6.77 12.10
N SER A 265 6.04 -6.07 11.82
CA SER A 265 5.97 -4.60 11.88
C SER A 265 6.22 -4.10 13.33
N ALA A 266 5.66 -4.84 14.32
CA ALA A 266 5.81 -4.54 15.75
C ALA A 266 7.28 -4.67 16.18
N VAL A 267 7.84 -5.87 16.04
CA VAL A 267 9.24 -6.20 16.45
C VAL A 267 10.26 -5.17 15.90
N LEU A 268 10.12 -4.87 14.59
CA LEU A 268 11.02 -3.97 13.85
C LEU A 268 10.93 -2.52 14.39
N ALA A 269 9.69 -2.04 14.59
CA ALA A 269 9.42 -0.63 14.96
C ALA A 269 9.70 -0.38 16.45
N ARG A 270 9.33 -1.35 17.31
CA ARG A 270 9.39 -1.21 18.78
C ARG A 270 10.83 -1.32 19.28
N TRP A 271 11.75 -1.72 18.38
CA TRP A 271 13.20 -1.67 18.60
C TRP A 271 13.65 -0.25 19.03
N GLY A 272 12.90 0.80 18.60
CA GLY A 272 13.19 2.19 18.99
C GLY A 272 12.86 2.51 20.47
N GLY A 273 12.43 1.50 21.23
CA GLY A 273 12.18 1.64 22.67
C GLY A 273 10.75 1.99 23.00
N LEU A 274 9.80 1.46 22.21
CA LEU A 274 8.35 1.65 22.45
C LEU A 274 7.73 0.26 22.65
N THR A 275 7.67 -0.22 23.92
CA THR A 275 7.14 -1.56 24.28
C THR A 275 5.73 -1.81 23.69
N ARG A 276 4.91 -0.75 23.68
CA ARG A 276 3.64 -0.70 22.95
C ARG A 276 3.83 0.26 21.76
N LEU A 277 3.26 -0.08 20.58
CA LEU A 277 3.47 0.73 19.36
C LEU A 277 2.30 0.54 18.38
N LEU A 278 1.96 1.62 17.65
CA LEU A 278 0.85 1.65 16.67
C LEU A 278 1.39 1.31 15.25
N LEU A 279 0.97 0.17 14.72
CA LEU A 279 1.39 -0.32 13.39
C LEU A 279 0.19 -0.27 12.44
N ASN A 280 0.42 0.23 11.22
CA ASN A 280 -0.57 0.20 10.15
C ASN A 280 -0.51 -1.14 9.40
N ILE A 281 -1.70 -1.72 9.17
CA ILE A 281 -1.88 -2.91 8.32
C ILE A 281 -3.04 -2.61 7.35
N THR A 282 -3.00 -3.24 6.17
CA THR A 282 -3.97 -2.98 5.10
C THR A 282 -5.27 -3.82 5.29
N LEU A 283 -6.38 -3.14 5.64
CA LEU A 283 -7.70 -3.78 5.76
C LEU A 283 -8.57 -3.40 4.55
N PHE A 284 -9.12 -4.43 3.87
CA PHE A 284 -10.05 -4.27 2.74
C PHE A 284 -11.39 -4.90 3.15
N ASP A 285 -12.42 -4.06 3.38
CA ASP A 285 -13.73 -4.50 3.92
C ASP A 285 -14.86 -4.00 3.04
N ARG A 286 -15.48 -4.94 2.29
CA ARG A 286 -16.53 -4.64 1.30
C ARG A 286 -17.87 -4.32 1.98
N GLN A 287 -18.43 -3.15 1.67
CA GLN A 287 -19.78 -2.76 2.09
C GLN A 287 -20.76 -3.04 0.93
N PRO A 288 -21.54 -4.18 0.95
CA PRO A 288 -22.40 -4.61 -0.18
C PRO A 288 -23.86 -4.09 -0.05
N LEU A 289 -24.06 -3.08 0.83
CA LEU A 289 -25.39 -2.51 1.13
C LEU A 289 -26.00 -1.73 -0.06
N HIS A 290 -25.10 -1.15 -0.89
CA HIS A 290 -25.48 -0.42 -2.11
C HIS A 290 -25.16 -1.32 -3.33
N PRO A 291 -26.16 -1.57 -4.26
CA PRO A 291 -26.02 -2.49 -5.43
C PRO A 291 -24.72 -2.30 -6.27
N ALA A 292 -24.39 -1.05 -6.62
CA ALA A 292 -23.19 -0.72 -7.44
C ALA A 292 -21.86 -1.08 -6.71
N VAL A 293 -21.88 -0.97 -5.36
CA VAL A 293 -20.69 -1.28 -4.52
C VAL A 293 -20.60 -2.81 -4.27
N GLY A 294 -21.71 -3.54 -4.54
CA GLY A 294 -21.70 -5.00 -4.55
C GLY A 294 -20.82 -5.56 -5.68
N ALA A 295 -20.73 -4.81 -6.79
CA ALA A 295 -19.88 -5.15 -7.95
C ALA A 295 -18.43 -4.65 -7.79
N MET A 296 -18.14 -3.94 -6.68
CA MET A 296 -16.80 -3.40 -6.39
C MET A 296 -15.93 -4.49 -5.71
N LEU A 297 -14.65 -4.55 -6.13
CA LEU A 297 -13.69 -5.56 -5.63
C LEU A 297 -13.15 -5.14 -4.25
N ALA A 298 -13.77 -5.70 -3.19
CA ALA A 298 -13.46 -5.42 -1.79
C ALA A 298 -13.66 -3.93 -1.42
N ASP A 299 -12.54 -3.18 -1.37
CA ASP A 299 -12.51 -1.80 -0.83
C ASP A 299 -11.10 -1.23 -1.03
N PHE A 300 -10.90 0.07 -0.75
CA PHE A 300 -9.59 0.73 -0.85
C PHE A 300 -8.70 0.40 0.38
N THR A 301 -7.41 0.79 0.29
CA THR A 301 -6.39 0.52 1.31
C THR A 301 -6.61 1.42 2.53
N ASN A 302 -7.26 0.88 3.56
CA ASN A 302 -7.43 1.55 4.85
C ASN A 302 -6.32 1.08 5.79
N ILE A 303 -5.43 2.00 6.15
CA ILE A 303 -4.36 1.76 7.11
C ILE A 303 -4.86 2.15 8.52
N LEU A 304 -5.14 1.13 9.34
CA LEU A 304 -5.69 1.32 10.69
C LEU A 304 -4.53 1.22 11.70
N LEU A 305 -4.47 2.17 12.65
CA LEU A 305 -3.43 2.20 13.68
C LEU A 305 -3.73 1.14 14.75
N LEU A 306 -3.14 -0.04 14.57
CA LEU A 306 -3.29 -1.19 15.46
C LEU A 306 -2.19 -1.15 16.52
N ASP A 307 -2.57 -0.80 17.74
CA ASP A 307 -1.62 -0.67 18.86
C ASP A 307 -1.32 -2.07 19.46
N THR A 308 -0.13 -2.59 19.13
CA THR A 308 0.43 -3.78 19.77
C THR A 308 0.79 -3.42 21.23
N ALA A 309 0.11 -4.04 22.21
CA ALA A 309 0.24 -3.68 23.64
C ALA A 309 1.64 -4.01 24.21
N CYS A 310 2.29 -5.04 23.65
CA CYS A 310 3.62 -5.48 24.09
C CYS A 310 4.28 -6.34 23.01
N ASP A 311 5.62 -6.36 23.01
CA ASP A 311 6.45 -7.31 22.23
C ASP A 311 7.73 -7.61 23.04
N GLY A 312 8.46 -8.67 22.66
CA GLY A 312 9.61 -9.14 23.44
C GLY A 312 9.19 -10.14 24.52
N ASP A 313 7.89 -10.50 24.50
CA ASP A 313 7.24 -11.33 25.54
C ASP A 313 6.91 -12.71 24.93
N THR A 314 6.34 -13.63 25.75
CA THR A 314 5.91 -14.96 25.29
C THR A 314 4.81 -14.83 24.19
N VAL A 315 4.86 -15.71 23.16
CA VAL A 315 3.98 -15.65 21.97
C VAL A 315 2.49 -15.72 22.35
N SER A 316 2.21 -16.37 23.49
CA SER A 316 0.86 -16.52 24.04
C SER A 316 0.22 -15.15 24.33
N ASN A 317 0.90 -14.35 25.17
CA ASN A 317 0.41 -12.99 25.54
C ASN A 317 0.35 -12.08 24.31
N LEU A 318 1.34 -12.18 23.41
CA LEU A 318 1.42 -11.34 22.18
C LEU A 318 0.21 -11.57 21.27
N ALA A 319 -0.17 -12.86 21.12
CA ALA A 319 -1.33 -13.28 20.32
C ALA A 319 -2.64 -12.86 20.99
N ARG A 320 -2.65 -12.81 22.34
CA ARG A 320 -3.83 -12.40 23.15
C ARG A 320 -4.06 -10.85 23.06
N LYS A 321 -2.96 -10.08 23.02
CA LYS A 321 -3.03 -8.60 22.96
C LYS A 321 -3.55 -8.15 21.59
N ASN A 322 -2.98 -8.74 20.54
CA ASN A 322 -3.34 -8.45 19.14
C ASN A 322 -4.71 -9.05 18.77
N GLN A 323 -5.17 -10.08 19.53
CA GLN A 323 -6.54 -10.65 19.37
C GLN A 323 -7.60 -9.64 19.86
N LEU A 324 -7.31 -9.01 21.02
CA LEU A 324 -8.20 -8.01 21.65
C LEU A 324 -8.40 -6.80 20.71
N THR A 325 -7.29 -6.23 20.24
CA THR A 325 -7.29 -5.04 19.38
C THR A 325 -7.81 -5.38 17.96
N PHE A 326 -7.67 -6.66 17.54
CA PHE A 326 -8.27 -7.16 16.28
C PHE A 326 -9.80 -7.04 16.33
N THR A 327 -10.38 -7.44 17.48
CA THR A 327 -11.83 -7.43 17.70
C THR A 327 -12.35 -5.98 17.84
N GLU A 328 -11.59 -5.18 18.60
CA GLU A 328 -11.93 -3.79 18.95
C GLU A 328 -11.94 -2.88 17.71
N ASP A 329 -10.83 -2.90 16.97
CA ASP A 329 -10.60 -1.98 15.85
C ASP A 329 -11.39 -2.39 14.59
N TRP A 330 -11.72 -3.69 14.44
CA TRP A 330 -12.58 -4.14 13.33
C TRP A 330 -14.06 -3.72 13.54
N GLU A 331 -14.42 -3.40 14.79
CA GLU A 331 -15.70 -2.72 15.08
C GLU A 331 -15.62 -1.24 14.64
N HIS A 332 -14.43 -0.64 14.80
CA HIS A 332 -14.16 0.79 14.51
C HIS A 332 -13.60 1.00 13.09
N ARG A 333 -13.67 -0.05 12.26
CA ARG A 333 -13.18 -0.08 10.86
C ARG A 333 -13.86 0.99 9.93
N HIS A 334 -14.91 1.66 10.43
CA HIS A 334 -15.74 2.58 9.62
C HIS A 334 -15.09 3.99 9.42
N TRP A 335 -13.83 4.19 9.85
CA TRP A 335 -13.05 5.42 9.55
C TRP A 335 -11.63 5.02 9.08
N SER A 336 -10.86 6.00 8.60
CA SER A 336 -9.43 5.80 8.29
C SER A 336 -8.58 6.02 9.57
N GLY A 337 -7.54 5.18 9.75
CA GLY A 337 -6.58 5.36 10.85
C GLY A 337 -5.77 6.66 10.74
N VAL A 338 -5.77 7.24 9.52
CA VAL A 338 -5.12 8.54 9.23
C VAL A 338 -5.70 9.66 10.09
N GLU A 339 -7.02 9.62 10.34
CA GLU A 339 -7.73 10.64 11.14
C GLU A 339 -7.27 10.59 12.63
N LEU A 340 -6.94 9.37 13.11
CA LEU A 340 -6.32 9.18 14.45
C LEU A 340 -4.85 9.69 14.44
N LEU A 341 -4.09 9.38 13.36
CA LEU A 341 -2.65 9.75 13.22
C LEU A 341 -2.52 11.28 13.20
N ARG A 342 -3.47 11.92 12.51
CA ARG A 342 -3.60 13.39 12.40
C ARG A 342 -3.76 13.99 13.81
N GLU A 343 -4.62 13.35 14.61
CA GLU A 343 -4.87 13.77 15.99
C GLU A 343 -3.61 13.58 16.84
N LEU A 344 -2.85 12.51 16.55
CA LEU A 344 -1.58 12.19 17.23
C LEU A 344 -0.46 13.21 16.85
N LYS A 345 -0.60 13.86 15.68
CA LYS A 345 0.31 14.94 15.27
C LYS A 345 0.05 16.24 16.08
N ARG A 346 -1.13 16.32 16.71
CA ARG A 346 -1.44 17.31 17.75
C ARG A 346 -0.97 16.75 19.12
N GLN A 347 -1.20 15.45 19.32
CA GLN A 347 -0.98 14.68 20.57
C GLN A 347 0.49 14.18 20.70
N GLN A 348 1.47 15.11 20.64
CA GLN A 348 2.93 14.83 20.81
C GLN A 348 3.57 14.36 19.49
N ARG A 349 3.76 15.33 18.59
CA ARG A 349 4.35 15.12 17.25
C ARG A 349 5.87 14.86 17.32
N TYR A 350 6.24 13.61 17.70
CA TYR A 350 7.64 13.17 17.70
C TYR A 350 8.21 13.22 16.26
N PRO A 351 9.49 13.71 16.08
CA PRO A 351 10.03 14.17 14.75
C PRO A 351 10.12 13.10 13.64
N HIS A 352 9.69 11.85 13.93
CA HIS A 352 9.60 10.80 12.91
C HIS A 352 8.25 10.95 12.17
N GLY A 353 7.18 11.25 12.96
CA GLY A 353 5.83 11.60 12.46
C GLY A 353 5.08 10.48 11.72
N ALA A 354 5.77 9.36 11.49
CA ALA A 354 5.27 8.24 10.71
C ALA A 354 5.27 6.97 11.57
N PRO A 355 4.30 6.03 11.37
CA PRO A 355 4.37 4.67 11.93
C PRO A 355 5.10 3.72 10.96
N VAL A 356 4.86 2.42 11.10
CA VAL A 356 5.35 1.41 10.17
C VAL A 356 4.14 0.66 9.58
N VAL A 357 4.00 0.72 8.25
CA VAL A 357 2.89 0.09 7.52
C VAL A 357 3.33 -1.30 7.04
N PHE A 358 2.35 -2.23 6.95
CA PHE A 358 2.55 -3.57 6.37
C PHE A 358 1.43 -3.81 5.33
N THR A 359 1.81 -3.81 4.04
CA THR A 359 0.91 -4.12 2.91
C THR A 359 1.15 -5.57 2.45
N SER A 360 0.14 -6.43 2.62
CA SER A 360 0.26 -7.86 2.30
C SER A 360 -0.88 -8.34 1.37
N ASN A 361 -0.51 -8.94 0.22
CA ASN A 361 -1.44 -9.63 -0.69
C ASN A 361 -1.03 -11.12 -0.80
N LEU A 362 -1.75 -11.98 -0.07
CA LEU A 362 -1.59 -13.45 -0.11
C LEU A 362 -2.79 -14.08 -0.86
N GLY A 363 -2.68 -15.39 -1.15
CA GLY A 363 -3.74 -16.15 -1.84
C GLY A 363 -3.92 -15.73 -3.30
N ARG A 364 -2.84 -15.18 -3.88
CA ARG A 364 -2.81 -14.67 -5.27
C ARG A 364 -2.47 -15.83 -6.25
N SER A 365 -2.35 -15.56 -7.57
CA SER A 365 -2.11 -16.60 -8.59
C SER A 365 -0.68 -17.17 -8.46
N LEU A 366 -0.57 -18.47 -8.10
CA LEU A 366 0.71 -19.13 -7.85
C LEU A 366 1.43 -19.43 -9.19
N TYR A 367 2.18 -18.41 -9.70
CA TYR A 367 2.97 -18.52 -10.95
C TYR A 367 3.69 -17.18 -11.19
N SER A 368 2.89 -16.11 -11.29
CA SER A 368 3.37 -14.76 -11.64
C SER A 368 4.10 -14.09 -10.46
N SER A 369 5.11 -13.24 -10.79
CA SER A 369 5.82 -12.40 -9.82
C SER A 369 4.82 -11.47 -9.11
N ARG A 370 4.00 -10.78 -9.92
CA ARG A 370 2.80 -10.04 -9.48
C ARG A 370 1.66 -10.29 -10.48
N ALA A 371 0.53 -10.80 -9.98
CA ALA A 371 -0.60 -11.26 -10.82
C ALA A 371 -1.64 -10.15 -11.07
N GLU A 372 -1.53 -9.03 -10.34
CA GLU A 372 -2.49 -7.89 -10.42
C GLU A 372 -2.42 -7.24 -11.82
N SER A 373 -1.22 -7.29 -12.42
CA SER A 373 -1.01 -7.04 -13.85
C SER A 373 -0.59 -8.37 -14.50
N PRO A 374 -1.54 -9.14 -15.12
CA PRO A 374 -1.22 -10.36 -15.89
C PRO A 374 -0.91 -10.07 -17.38
N LEU A 375 -0.98 -8.77 -17.76
CA LEU A 375 -0.77 -8.30 -19.16
C LEU A 375 0.73 -8.08 -19.45
N GLY A 376 1.48 -7.79 -18.39
CA GLY A 376 2.95 -7.78 -18.40
C GLY A 376 3.44 -8.27 -17.05
N GLU A 377 4.54 -9.04 -17.01
CA GLU A 377 5.06 -9.60 -15.75
C GLU A 377 5.87 -8.51 -15.02
N PRO A 378 5.33 -7.91 -13.90
CA PRO A 378 5.95 -6.75 -13.21
C PRO A 378 6.79 -7.14 -11.96
N GLU A 379 7.83 -6.32 -11.67
CA GLU A 379 8.76 -6.56 -10.56
C GLU A 379 8.17 -6.03 -9.25
N TRP A 380 8.53 -6.70 -8.14
CA TRP A 380 8.22 -6.22 -6.78
C TRP A 380 8.93 -4.86 -6.57
N GLY A 381 8.15 -3.77 -6.46
CA GLY A 381 8.68 -2.40 -6.48
C GLY A 381 8.83 -1.80 -5.09
N ILE A 382 8.44 -0.51 -4.94
CA ILE A 382 8.51 0.23 -3.66
C ILE A 382 7.08 0.51 -3.12
N SER A 383 7.02 1.21 -1.96
CA SER A 383 5.77 1.59 -1.24
C SER A 383 4.61 1.98 -2.18
N GLN A 384 3.44 1.36 -1.93
CA GLN A 384 2.22 1.55 -2.75
C GLN A 384 1.06 2.15 -1.91
N THR A 385 1.36 2.51 -0.66
CA THR A 385 0.37 3.08 0.29
C THR A 385 0.35 4.63 0.22
N PRO A 386 -0.85 5.26 0.47
CA PRO A 386 -1.04 6.74 0.40
C PRO A 386 -0.05 7.57 1.26
N GLN A 387 0.96 8.16 0.57
CA GLN A 387 1.88 9.20 1.11
C GLN A 387 2.77 8.72 2.28
N VAL A 388 3.03 7.41 2.34
CA VAL A 388 3.76 6.78 3.46
C VAL A 388 5.30 6.75 3.24
N TRP A 389 6.05 6.86 4.37
CA TRP A 389 7.53 6.87 4.40
C TRP A 389 8.08 5.43 4.51
N ILE A 390 7.65 4.67 5.54
CA ILE A 390 8.10 3.27 5.75
C ILE A 390 6.92 2.31 5.49
N ASP A 391 7.09 1.44 4.50
CA ASP A 391 6.12 0.40 4.12
C ASP A 391 6.81 -0.97 4.15
N HIS A 392 6.11 -2.01 4.61
CA HIS A 392 6.59 -3.40 4.54
C HIS A 392 5.64 -4.22 3.68
N LEU A 393 6.08 -4.48 2.46
CA LEU A 393 5.33 -5.21 1.45
C LEU A 393 5.55 -6.71 1.63
N ALA A 394 4.52 -7.51 1.38
CA ALA A 394 4.57 -8.97 1.40
C ALA A 394 3.68 -9.48 0.27
N PHE A 395 4.28 -10.18 -0.69
CA PHE A 395 3.63 -10.55 -1.95
C PHE A 395 3.77 -12.05 -2.21
N GLU A 396 2.86 -12.59 -3.02
CA GLU A 396 2.84 -14.01 -3.35
C GLU A 396 3.50 -14.24 -4.73
N HIS A 397 4.27 -15.35 -4.85
CA HIS A 397 4.92 -15.78 -6.11
C HIS A 397 5.26 -17.29 -6.01
N HIS A 398 4.55 -18.13 -6.78
CA HIS A 398 4.80 -19.61 -6.87
C HIS A 398 4.42 -20.34 -5.54
N GLY A 399 3.74 -19.61 -4.64
CA GLY A 399 3.40 -20.11 -3.31
C GLY A 399 4.28 -19.50 -2.23
N GLU A 400 5.39 -18.90 -2.65
CA GLU A 400 6.42 -18.33 -1.77
C GLU A 400 6.14 -16.83 -1.51
N VAL A 401 6.48 -16.34 -0.31
CA VAL A 401 6.17 -14.96 0.10
C VAL A 401 7.44 -14.07 0.10
N TRP A 402 7.43 -13.07 -0.81
CA TRP A 402 8.52 -12.09 -1.00
C TRP A 402 8.21 -10.81 -0.19
N LEU A 403 9.00 -10.56 0.88
CA LEU A 403 8.85 -9.36 1.73
C LEU A 403 9.81 -8.25 1.25
N GLN A 404 9.25 -7.09 0.86
CA GLN A 404 10.00 -5.89 0.46
C GLN A 404 9.90 -4.87 1.62
N TRP A 405 11.02 -4.21 2.00
CA TRP A 405 11.05 -3.30 3.18
C TRP A 405 11.55 -1.91 2.75
N ASP A 406 10.59 -0.98 2.64
CA ASP A 406 10.86 0.44 2.36
C ASP A 406 11.33 1.15 3.63
N SER A 407 12.63 1.46 3.67
CA SER A 407 13.25 2.30 4.68
C SER A 407 14.35 3.11 4.00
N ASN A 408 14.50 4.39 4.41
CA ASN A 408 15.58 5.24 3.90
C ASN A 408 16.93 4.62 4.31
N ASP A 409 17.70 4.15 3.31
CA ASP A 409 18.95 3.37 3.53
C ASP A 409 19.99 4.22 4.29
N ALA A 410 20.00 5.52 3.98
CA ALA A 410 20.92 6.49 4.56
C ALA A 410 20.54 6.85 6.01
N LEU A 411 19.23 6.91 6.31
CA LEU A 411 18.72 7.37 7.63
C LEU A 411 18.62 6.21 8.63
N PHE A 412 18.22 5.03 8.13
CA PHE A 412 18.02 3.82 8.94
C PHE A 412 19.10 2.80 8.54
N PRO A 413 19.91 2.25 9.52
CA PRO A 413 21.00 1.29 9.21
C PRO A 413 20.45 -0.05 8.61
N PRO A 414 20.77 -0.35 7.30
CA PRO A 414 20.28 -1.59 6.62
C PRO A 414 20.72 -2.90 7.31
N ALA A 415 21.86 -2.85 8.03
CA ALA A 415 22.37 -3.99 8.82
C ALA A 415 21.40 -4.33 9.97
N LEU A 416 20.88 -3.28 10.61
CA LEU A 416 19.89 -3.40 11.70
C LEU A 416 18.57 -3.98 11.17
N VAL A 417 18.09 -3.40 10.04
CA VAL A 417 16.83 -3.83 9.38
C VAL A 417 16.91 -5.32 9.00
N GLU A 418 18.11 -5.75 8.56
CA GLU A 418 18.41 -7.15 8.22
C GLU A 418 18.34 -8.04 9.47
N THR A 419 18.90 -7.57 10.60
CA THR A 419 18.92 -8.30 11.88
C THR A 419 17.49 -8.49 12.44
N LEU A 420 16.62 -7.49 12.22
CA LEU A 420 15.23 -7.52 12.70
C LEU A 420 14.40 -8.55 11.91
N PHE A 421 14.72 -8.72 10.61
CA PHE A 421 14.12 -9.79 9.77
C PHE A 421 14.79 -11.14 10.02
N ASP A 422 16.09 -11.13 10.38
CA ASP A 422 16.89 -12.35 10.59
C ASP A 422 16.35 -13.08 11.83
N ALA A 423 16.19 -12.30 12.89
CA ALA A 423 15.59 -12.72 14.16
C ALA A 423 14.13 -13.16 13.98
N TYR A 424 13.41 -12.47 13.09
CA TYR A 424 12.01 -12.78 12.74
C TYR A 424 11.90 -14.13 12.00
N CYS A 425 12.84 -14.35 11.09
CA CYS A 425 12.93 -15.58 10.28
C CYS A 425 13.25 -16.77 11.19
N GLN A 426 14.03 -16.50 12.25
CA GLN A 426 14.43 -17.50 13.24
C GLN A 426 13.33 -17.77 14.27
N LEU A 427 12.52 -16.77 14.66
CA LEU A 427 11.43 -17.00 15.65
C LEU A 427 10.26 -17.76 15.00
N ILE A 428 10.09 -17.61 13.67
CA ILE A 428 9.14 -18.43 12.89
C ILE A 428 9.66 -19.87 12.83
N ASN A 429 10.88 -20.05 12.31
CA ASN A 429 11.50 -21.38 12.07
C ASN A 429 11.60 -22.22 13.36
N GLN A 430 12.07 -21.56 14.42
CA GLN A 430 12.35 -22.19 15.73
C GLN A 430 11.01 -22.66 16.35
N LEU A 431 9.95 -21.84 16.22
CA LEU A 431 8.63 -22.14 16.80
C LEU A 431 7.86 -23.16 15.93
N CYS A 432 8.03 -23.08 14.60
CA CYS A 432 7.34 -23.99 13.65
C CYS A 432 7.80 -25.42 13.85
N ASP A 433 9.13 -25.60 13.84
CA ASP A 433 9.77 -26.91 13.94
C ASP A 433 9.74 -27.41 15.40
N ASP A 434 9.86 -26.48 16.36
CA ASP A 434 9.83 -26.79 17.81
C ASP A 434 8.67 -26.04 18.49
N GLU A 435 7.62 -26.78 18.87
CA GLU A 435 6.41 -26.22 19.50
C GLU A 435 6.70 -25.54 20.85
N SER A 436 7.59 -26.17 21.65
CA SER A 436 7.89 -25.72 23.05
C SER A 436 8.51 -24.30 23.11
N ALA A 437 8.89 -23.77 21.95
CA ALA A 437 9.31 -22.36 21.78
C ALA A 437 8.23 -21.34 22.21
N TRP A 438 6.97 -21.80 22.40
CA TRP A 438 5.85 -20.97 22.90
C TRP A 438 6.22 -20.16 24.16
N GLN A 439 6.88 -20.83 25.13
CA GLN A 439 7.18 -20.24 26.46
C GLN A 439 8.37 -19.26 26.41
N LYS A 440 9.18 -19.34 25.34
CA LYS A 440 10.37 -18.48 25.17
C LYS A 440 9.93 -17.05 24.78
N PRO A 441 10.47 -15.99 25.47
CA PRO A 441 10.15 -14.59 25.15
C PRO A 441 10.91 -14.09 23.92
N PHE A 442 10.22 -13.29 23.07
CA PHE A 442 10.77 -12.73 21.81
C PHE A 442 11.99 -11.83 22.04
N ALA A 443 12.17 -11.37 23.29
CA ALA A 443 13.33 -10.58 23.72
C ALA A 443 14.67 -11.20 23.29
N ASP A 444 14.81 -12.51 23.54
CA ASP A 444 16.02 -13.28 23.19
C ASP A 444 16.16 -13.46 21.68
N MET A 445 15.03 -13.47 20.95
CA MET A 445 15.04 -13.54 19.48
C MET A 445 15.70 -12.26 18.90
N LEU A 446 15.46 -11.10 19.52
CA LEU A 446 16.12 -9.82 19.15
C LEU A 446 17.65 -9.86 19.43
N GLU A 447 18.04 -10.67 20.45
CA GLU A 447 19.46 -10.90 20.77
C GLU A 447 20.07 -11.87 19.74
N HIS A 448 19.23 -12.75 19.16
CA HIS A 448 19.68 -13.78 18.20
C HIS A 448 20.36 -13.10 17.00
N HIS A 449 21.63 -13.51 16.78
CA HIS A 449 22.51 -12.90 15.79
C HIS A 449 22.17 -13.39 14.36
N HIS A 450 23.05 -13.07 13.40
CA HIS A 450 22.82 -13.37 11.97
C HIS A 450 22.80 -14.89 11.70
N HIS A 451 22.06 -15.30 10.64
CA HIS A 451 21.95 -16.70 10.18
C HIS A 451 23.34 -17.36 9.99
N HIS A 452 23.66 -18.32 10.88
CA HIS A 452 24.90 -19.10 10.83
C HIS A 452 24.73 -20.30 9.86
N HIS A 453 24.10 -21.39 10.36
CA HIS A 453 23.96 -22.68 9.66
C HIS A 453 23.31 -23.68 10.66
N MET A 1 -19.95 -12.17 -9.46
CA MET A 1 -20.34 -10.87 -8.86
C MET A 1 -21.82 -10.58 -9.17
N PRO A 2 -22.62 -10.04 -8.17
CA PRO A 2 -24.05 -9.67 -8.38
C PRO A 2 -24.26 -8.72 -9.58
N ASP A 3 -24.99 -9.22 -10.59
CA ASP A 3 -25.25 -8.49 -11.85
C ASP A 3 -26.28 -7.38 -11.60
N GLU A 4 -25.79 -6.21 -11.17
CA GLU A 4 -26.63 -5.04 -10.80
C GLU A 4 -25.99 -3.74 -11.33
N SER A 5 -26.69 -2.62 -11.06
CA SER A 5 -26.24 -1.27 -11.46
C SER A 5 -26.48 -0.26 -10.33
N SER A 6 -25.95 0.97 -10.51
CA SER A 6 -26.16 2.11 -9.60
C SER A 6 -26.73 3.29 -10.36
N TRP A 7 -27.18 4.30 -9.60
CA TRP A 7 -27.64 5.59 -10.14
C TRP A 7 -26.64 6.70 -9.76
N PRO A 8 -26.58 7.82 -10.56
CA PRO A 8 -25.73 9.00 -10.24
C PRO A 8 -26.24 9.77 -9.00
N ASN A 9 -25.37 10.63 -8.43
CA ASN A 9 -25.67 11.40 -7.21
C ASN A 9 -25.82 12.91 -7.54
N MET A 10 -26.15 13.71 -6.50
CA MET A 10 -26.52 15.12 -6.66
C MET A 10 -25.31 16.02 -6.95
N THR A 11 -24.24 15.86 -6.17
CA THR A 11 -23.13 16.84 -6.11
C THR A 11 -21.87 16.31 -6.85
N GLU A 12 -22.09 15.49 -7.88
CA GLU A 12 -21.02 14.72 -8.54
C GLU A 12 -20.24 15.50 -9.61
N SER A 13 -20.90 16.50 -10.23
CA SER A 13 -20.28 17.31 -11.30
C SER A 13 -19.69 18.61 -10.74
N THR A 14 -19.73 18.78 -9.40
CA THR A 14 -19.03 19.86 -8.69
C THR A 14 -17.70 19.32 -8.12
N PRO A 15 -16.54 19.99 -8.37
CA PRO A 15 -15.25 19.62 -7.75
C PRO A 15 -15.23 19.93 -6.24
N PHE A 16 -14.49 19.13 -5.48
CA PHE A 16 -14.35 19.30 -4.01
C PHE A 16 -12.87 19.44 -3.65
N PRO A 17 -12.52 20.12 -2.52
CA PRO A 17 -11.13 20.14 -1.99
C PRO A 17 -10.62 18.74 -1.56
N LEU A 18 -9.34 18.66 -1.17
CA LEU A 18 -8.72 17.40 -0.74
C LEU A 18 -9.29 16.92 0.59
N THR A 19 -9.65 15.63 0.63
CA THR A 19 -10.10 14.93 1.83
C THR A 19 -8.97 14.98 2.89
N PRO A 20 -9.28 15.31 4.20
CA PRO A 20 -8.24 15.51 5.25
C PRO A 20 -7.41 14.23 5.59
N VAL A 21 -7.67 13.12 4.86
CA VAL A 21 -6.77 11.95 4.80
C VAL A 21 -5.32 12.40 4.56
N GLN A 22 -4.41 12.00 5.48
CA GLN A 22 -2.97 12.39 5.52
C GLN A 22 -2.27 12.31 4.15
N HIS A 23 -2.68 11.32 3.35
CA HIS A 23 -2.10 11.00 2.05
C HIS A 23 -2.31 12.14 1.04
N ALA A 24 -3.58 12.50 0.79
CA ALA A 24 -3.95 13.55 -0.17
C ALA A 24 -3.61 14.94 0.38
N TYR A 25 -3.95 15.13 1.67
CA TYR A 25 -3.84 16.44 2.35
C TYR A 25 -2.38 16.95 2.40
N LEU A 26 -1.45 16.11 2.90
CA LEU A 26 -0.02 16.48 3.05
C LEU A 26 0.67 16.58 1.68
N THR A 27 0.65 15.48 0.91
CA THR A 27 1.38 15.38 -0.38
C THR A 27 0.90 16.43 -1.40
N GLY A 28 -0.41 16.74 -1.37
CA GLY A 28 -1.01 17.74 -2.27
C GLY A 28 -0.60 19.17 -1.94
N ARG A 29 -0.12 19.39 -0.70
CA ARG A 29 0.36 20.69 -0.23
C ARG A 29 1.90 20.74 -0.10
N MET A 30 2.56 19.59 -0.34
CA MET A 30 4.04 19.49 -0.33
C MET A 30 4.56 19.30 -1.78
N PRO A 31 4.93 20.42 -2.51
CA PRO A 31 5.42 20.33 -3.90
C PRO A 31 6.86 19.77 -3.98
N GLY A 32 7.00 18.55 -4.53
CA GLY A 32 8.31 17.93 -4.79
C GLY A 32 8.96 17.30 -3.55
N GLN A 33 8.26 17.31 -2.39
CA GLN A 33 8.80 16.78 -1.13
C GLN A 33 8.87 15.23 -1.16
N THR A 34 10.08 14.70 -0.92
CA THR A 34 10.38 13.28 -0.96
C THR A 34 10.30 12.67 0.45
N LEU A 35 11.05 13.27 1.39
CA LEU A 35 11.18 12.76 2.76
C LEU A 35 10.09 13.32 3.69
N GLY A 36 8.94 13.68 3.10
CA GLY A 36 7.68 13.82 3.82
C GLY A 36 6.85 12.54 3.74
N GLY A 37 7.54 11.40 3.47
CA GLY A 37 6.92 10.08 3.36
C GLY A 37 6.47 9.71 1.94
N VAL A 38 6.92 10.51 0.96
CA VAL A 38 6.55 10.37 -0.47
C VAL A 38 5.00 10.41 -0.67
N GLY A 39 4.35 9.20 -0.74
CA GLY A 39 2.92 9.09 -1.08
C GLY A 39 2.52 9.78 -2.40
N CYS A 40 3.54 10.06 -3.24
CA CYS A 40 3.40 10.97 -4.39
C CYS A 40 3.25 10.22 -5.71
N HIS A 41 4.34 9.60 -6.19
CA HIS A 41 4.42 9.03 -7.57
C HIS A 41 5.10 7.65 -7.47
N LEU A 42 4.36 6.56 -7.85
CA LEU A 42 4.88 5.17 -7.72
C LEU A 42 5.18 4.57 -9.10
N TYR A 43 6.24 3.77 -9.18
CA TYR A 43 6.61 3.06 -10.43
C TYR A 43 6.34 1.57 -10.27
N GLN A 44 5.78 0.96 -11.32
CA GLN A 44 5.65 -0.50 -11.45
C GLN A 44 6.24 -0.89 -12.82
N GLU A 45 7.42 -1.54 -12.81
CA GLU A 45 8.14 -1.91 -14.05
C GLU A 45 8.35 -3.43 -14.07
N PHE A 46 7.50 -4.18 -14.77
CA PHE A 46 7.70 -5.63 -14.99
C PHE A 46 6.98 -6.08 -16.26
N GLU A 47 7.17 -7.35 -16.63
CA GLU A 47 6.81 -7.88 -17.95
C GLU A 47 5.36 -8.37 -18.00
N GLY A 48 4.76 -8.25 -19.17
CA GLY A 48 3.45 -8.81 -19.47
C GLY A 48 3.34 -9.08 -20.96
N HIS A 49 2.11 -9.06 -21.48
CA HIS A 49 1.85 -9.26 -22.92
C HIS A 49 1.10 -8.02 -23.46
N CYS A 50 1.71 -7.33 -24.43
CA CYS A 50 1.20 -6.06 -24.99
C CYS A 50 0.38 -6.28 -26.26
N LEU A 51 0.23 -7.58 -26.67
CA LEU A 51 -0.40 -8.05 -27.94
C LEU A 51 -0.12 -7.13 -29.14
N THR A 52 -0.95 -6.09 -29.34
CA THR A 52 -0.75 -5.06 -30.36
C THR A 52 -0.82 -3.69 -29.67
N ALA A 53 0.02 -2.74 -30.10
CA ALA A 53 0.13 -1.41 -29.47
C ALA A 53 -1.20 -0.63 -29.59
N SER A 54 -1.87 -0.80 -30.74
CA SER A 54 -3.16 -0.16 -31.04
C SER A 54 -4.29 -0.64 -30.12
N GLN A 55 -4.17 -1.86 -29.57
CA GLN A 55 -5.16 -2.42 -28.63
C GLN A 55 -5.02 -1.76 -27.24
N LEU A 56 -3.76 -1.69 -26.76
CA LEU A 56 -3.43 -1.18 -25.42
C LEU A 56 -3.78 0.32 -25.29
N GLU A 57 -3.37 1.12 -26.30
CA GLU A 57 -3.60 2.58 -26.31
C GLU A 57 -5.09 2.93 -26.42
N GLN A 58 -5.81 2.15 -27.26
CA GLN A 58 -7.26 2.35 -27.50
C GLN A 58 -8.03 2.09 -26.21
N ALA A 59 -7.65 1.01 -25.52
CA ALA A 59 -8.28 0.58 -24.27
C ALA A 59 -8.25 1.70 -23.22
N ILE A 60 -7.05 2.31 -23.04
CA ILE A 60 -6.86 3.45 -22.12
C ILE A 60 -7.80 4.61 -22.51
N THR A 61 -7.77 4.97 -23.80
CA THR A 61 -8.60 6.07 -24.36
C THR A 61 -10.13 5.82 -24.15
N THR A 62 -10.54 4.53 -24.16
CA THR A 62 -11.96 4.13 -24.00
C THR A 62 -12.41 4.33 -22.54
N LEU A 63 -11.57 3.90 -21.57
CA LEU A 63 -11.86 4.08 -20.13
C LEU A 63 -11.90 5.58 -19.76
N LEU A 64 -10.99 6.37 -20.36
CA LEU A 64 -10.93 7.83 -20.14
C LEU A 64 -12.16 8.57 -20.75
N GLN A 65 -12.77 7.98 -21.80
CA GLN A 65 -14.02 8.52 -22.40
C GLN A 65 -15.25 8.14 -21.54
N ARG A 66 -15.13 7.01 -20.84
CA ARG A 66 -16.16 6.49 -19.90
C ARG A 66 -16.09 7.31 -18.57
N HIS A 67 -16.88 6.92 -17.55
CA HIS A 67 -16.75 7.49 -16.19
C HIS A 67 -16.37 6.38 -15.17
N PRO A 68 -15.08 5.89 -15.17
CA PRO A 68 -14.59 4.98 -14.13
C PRO A 68 -13.97 5.75 -12.95
N MET A 69 -13.57 5.04 -11.88
CA MET A 69 -13.06 5.65 -10.65
C MET A 69 -11.79 6.52 -10.86
N LEU A 70 -11.02 6.25 -11.96
CA LEU A 70 -9.75 6.97 -12.24
C LEU A 70 -9.95 8.13 -13.26
N HIS A 71 -11.23 8.55 -13.51
CA HIS A 71 -11.52 9.71 -14.41
C HIS A 71 -11.32 11.06 -13.67
N ILE A 72 -11.00 10.97 -12.37
CA ILE A 72 -10.71 12.13 -11.51
C ILE A 72 -9.22 12.55 -11.63
N ALA A 73 -8.99 13.87 -11.74
CA ALA A 73 -7.66 14.48 -11.80
C ALA A 73 -7.56 15.63 -10.78
N PHE A 74 -6.33 15.97 -10.36
CA PHE A 74 -6.10 16.94 -9.27
C PHE A 74 -5.80 18.35 -9.82
N ARG A 75 -6.21 19.39 -9.09
CA ARG A 75 -5.86 20.79 -9.38
C ARG A 75 -4.98 21.34 -8.26
N PRO A 76 -3.86 22.08 -8.57
CA PRO A 76 -2.80 22.46 -7.58
C PRO A 76 -3.28 23.46 -6.49
N ASP A 77 -4.54 23.92 -6.63
CA ASP A 77 -5.23 24.74 -5.61
C ASP A 77 -5.62 23.89 -4.39
N GLY A 78 -5.57 22.55 -4.54
CA GLY A 78 -5.98 21.61 -3.50
C GLY A 78 -7.40 21.13 -3.68
N GLN A 79 -7.84 21.02 -4.95
CA GLN A 79 -9.18 20.52 -5.29
C GLN A 79 -9.07 19.29 -6.21
N GLN A 80 -9.82 18.24 -5.88
CA GLN A 80 -9.96 17.04 -6.72
C GLN A 80 -11.21 17.18 -7.63
N VAL A 81 -10.99 17.08 -8.96
CA VAL A 81 -12.02 17.35 -9.99
C VAL A 81 -12.28 16.09 -10.83
N TRP A 82 -13.55 15.68 -10.93
CA TRP A 82 -13.95 14.51 -11.74
C TRP A 82 -14.19 14.96 -13.20
N LEU A 83 -13.24 14.62 -14.10
CA LEU A 83 -13.27 15.06 -15.52
C LEU A 83 -13.84 13.94 -16.42
N PRO A 84 -14.96 14.20 -17.17
CA PRO A 84 -15.58 13.19 -18.07
C PRO A 84 -14.95 13.19 -19.49
N GLN A 85 -13.89 13.99 -19.69
CA GLN A 85 -13.24 14.18 -21.00
C GLN A 85 -11.96 13.33 -21.13
N PRO A 86 -11.84 12.48 -22.21
CA PRO A 86 -10.62 11.69 -22.49
C PRO A 86 -9.49 12.61 -23.01
N TYR A 87 -8.45 12.82 -22.17
CA TYR A 87 -7.32 13.72 -22.50
C TYR A 87 -6.55 13.19 -23.74
N TRP A 88 -5.60 12.28 -23.52
CA TRP A 88 -4.84 11.58 -24.57
C TRP A 88 -4.36 10.25 -23.99
N ASN A 89 -4.06 9.26 -24.87
CA ASN A 89 -3.60 7.93 -24.42
C ASN A 89 -2.22 8.01 -23.75
N GLY A 90 -1.33 8.88 -24.29
CA GLY A 90 -0.02 9.16 -23.69
C GLY A 90 0.98 8.02 -23.85
N VAL A 91 0.71 7.11 -24.79
CA VAL A 91 1.51 5.90 -24.99
C VAL A 91 2.80 6.20 -25.80
N THR A 92 3.92 6.33 -25.08
CA THR A 92 5.24 6.54 -25.67
C THR A 92 5.94 5.18 -25.90
N VAL A 93 6.04 4.76 -27.17
CA VAL A 93 6.53 3.43 -27.55
C VAL A 93 8.05 3.49 -27.84
N HIS A 94 8.85 2.78 -27.03
CA HIS A 94 10.31 2.64 -27.26
C HIS A 94 10.58 1.24 -27.85
N ASP A 95 11.12 1.21 -29.09
CA ASP A 95 11.42 -0.03 -29.81
C ASP A 95 12.76 -0.61 -29.32
N LEU A 96 12.74 -1.86 -28.87
CA LEU A 96 13.94 -2.62 -28.46
C LEU A 96 14.10 -3.90 -29.31
N ARG A 97 13.14 -4.18 -30.23
CA ARG A 97 13.12 -5.45 -31.00
C ARG A 97 13.91 -5.32 -32.33
N HIS A 98 13.77 -4.17 -33.02
CA HIS A 98 14.61 -3.88 -34.23
C HIS A 98 15.95 -3.30 -33.78
N ASN A 99 15.90 -2.48 -32.71
CA ASN A 99 17.10 -1.89 -32.08
C ASN A 99 17.84 -2.94 -31.22
N ASP A 100 19.13 -2.69 -30.97
CA ASP A 100 20.03 -3.61 -30.21
C ASP A 100 20.02 -3.34 -28.69
N ALA A 101 20.95 -4.03 -28.00
CA ALA A 101 21.23 -3.86 -26.56
C ALA A 101 21.68 -2.43 -26.22
N GLU A 102 22.12 -1.67 -27.24
CA GLU A 102 22.41 -0.23 -27.11
C GLU A 102 21.13 0.50 -26.64
N SER A 103 20.00 0.18 -27.30
CA SER A 103 18.67 0.74 -26.99
C SER A 103 18.08 0.16 -25.70
N ARG A 104 18.49 -1.07 -25.35
CA ARG A 104 18.08 -1.72 -24.08
C ARG A 104 18.71 -0.96 -22.91
N GLN A 105 20.01 -0.68 -23.03
CA GLN A 105 20.75 0.14 -22.06
C GLN A 105 20.12 1.54 -22.03
N ALA A 106 19.91 2.11 -23.23
CA ALA A 106 19.37 3.48 -23.41
C ALA A 106 17.97 3.64 -22.79
N TYR A 107 17.18 2.56 -22.81
CA TYR A 107 15.85 2.52 -22.21
C TYR A 107 15.95 2.74 -20.68
N LEU A 108 16.61 1.79 -19.98
CA LEU A 108 16.73 1.82 -18.50
C LEU A 108 17.61 3.02 -18.03
N ASP A 109 18.51 3.49 -18.90
CA ASP A 109 19.43 4.62 -18.60
C ASP A 109 18.65 5.93 -18.55
N ALA A 110 17.80 6.12 -19.59
CA ALA A 110 16.92 7.29 -19.70
C ALA A 110 15.85 7.29 -18.60
N LEU A 111 15.36 6.08 -18.25
CA LEU A 111 14.35 5.91 -17.18
C LEU A 111 14.91 6.24 -15.81
N ARG A 112 16.19 5.90 -15.58
CA ARG A 112 16.88 6.18 -14.29
C ARG A 112 17.02 7.70 -14.11
N GLN A 113 17.33 8.39 -15.22
CA GLN A 113 17.40 9.85 -15.28
C GLN A 113 15.99 10.46 -15.13
N ARG A 114 14.98 9.77 -15.70
CA ARG A 114 13.59 10.27 -15.79
C ARG A 114 12.91 10.25 -14.41
N LEU A 115 13.15 9.17 -13.63
CA LEU A 115 12.59 9.03 -12.26
C LEU A 115 13.33 9.98 -11.27
N SER A 116 14.56 10.38 -11.66
CA SER A 116 15.35 11.36 -10.90
C SER A 116 14.96 12.81 -11.33
N HIS A 117 14.44 12.95 -12.56
CA HIS A 117 13.97 14.23 -13.13
C HIS A 117 12.44 14.18 -13.24
N ARG A 118 11.81 13.56 -12.23
CA ARG A 118 10.34 13.48 -12.11
C ARG A 118 9.76 14.90 -11.89
N LEU A 119 9.21 15.47 -12.97
CA LEU A 119 8.44 16.72 -12.93
C LEU A 119 6.99 16.37 -13.25
N LEU A 120 6.21 16.10 -12.19
CA LEU A 120 4.78 15.83 -12.32
C LEU A 120 4.06 17.09 -12.79
N ARG A 121 3.17 16.95 -13.78
CA ARG A 121 2.34 18.05 -14.32
C ARG A 121 1.07 18.24 -13.46
N VAL A 122 1.26 18.18 -12.13
CA VAL A 122 0.25 18.47 -11.09
C VAL A 122 -0.45 19.85 -11.32
N GLU A 123 0.26 20.79 -11.99
CA GLU A 123 -0.27 22.12 -12.35
C GLU A 123 -1.51 22.00 -13.27
N ILE A 124 -1.41 21.16 -14.32
CA ILE A 124 -2.52 20.95 -15.27
C ILE A 124 -3.38 19.76 -14.80
N GLY A 125 -2.83 18.99 -13.84
CA GLY A 125 -3.54 17.90 -13.18
C GLY A 125 -3.40 16.56 -13.88
N GLU A 126 -3.58 16.58 -15.20
CA GLU A 126 -3.42 15.39 -16.04
C GLU A 126 -1.92 15.07 -16.15
N THR A 127 -1.43 14.30 -15.16
CA THR A 127 -0.04 13.81 -15.11
C THR A 127 -0.04 12.29 -14.96
N PHE A 128 0.66 11.65 -15.89
CA PHE A 128 0.81 10.20 -15.98
C PHE A 128 1.99 9.93 -16.91
N ASP A 129 2.88 9.02 -16.51
CA ASP A 129 4.14 8.75 -17.23
C ASP A 129 4.31 7.26 -17.38
N PHE A 130 4.34 6.77 -18.63
CA PHE A 130 4.49 5.34 -18.91
C PHE A 130 5.07 5.10 -20.30
N GLN A 131 5.79 3.96 -20.44
CA GLN A 131 6.48 3.56 -21.67
C GLN A 131 5.97 2.18 -22.10
N LEU A 132 5.66 2.03 -23.38
CA LEU A 132 5.31 0.74 -23.99
C LEU A 132 6.51 0.27 -24.81
N THR A 133 7.20 -0.77 -24.34
CA THR A 133 8.39 -1.30 -25.00
C THR A 133 8.20 -2.78 -25.36
N LEU A 134 8.55 -3.16 -26.62
CA LEU A 134 8.38 -4.53 -27.14
C LEU A 134 9.75 -5.13 -27.58
N LEU A 135 9.98 -6.39 -27.18
CA LEU A 135 11.12 -7.26 -27.58
C LEU A 135 10.55 -8.45 -28.39
N PRO A 136 11.42 -9.32 -29.01
CA PRO A 136 10.99 -10.67 -29.48
C PRO A 136 10.30 -11.51 -28.39
N ASP A 137 9.69 -12.65 -28.82
CA ASP A 137 9.00 -13.63 -27.94
C ASP A 137 7.67 -13.02 -27.36
N ASN A 138 7.25 -11.85 -27.92
CA ASN A 138 5.98 -11.15 -27.57
C ASN A 138 5.85 -10.82 -26.06
N ARG A 139 7.00 -10.80 -25.36
CA ARG A 139 7.05 -10.63 -23.90
C ARG A 139 8.12 -9.58 -23.56
N HIS A 140 7.66 -8.40 -23.13
CA HIS A 140 8.54 -7.33 -22.65
C HIS A 140 7.79 -6.52 -21.58
N ARG A 141 8.30 -5.33 -21.20
CA ARG A 141 7.97 -4.70 -19.93
C ARG A 141 6.91 -3.62 -20.16
N LEU A 142 5.88 -3.63 -19.32
CA LEU A 142 4.94 -2.54 -19.24
C LEU A 142 5.44 -1.59 -18.15
N HIS A 143 6.08 -0.49 -18.58
CA HIS A 143 6.49 0.59 -17.71
C HIS A 143 5.27 1.44 -17.42
N VAL A 144 4.88 1.55 -16.16
CA VAL A 144 3.81 2.46 -15.72
C VAL A 144 4.29 3.22 -14.47
N ASN A 145 3.96 4.51 -14.40
CA ASN A 145 4.24 5.36 -13.23
C ASN A 145 3.14 6.45 -13.16
N ILE A 146 2.41 6.48 -12.03
CA ILE A 146 1.23 7.34 -11.83
C ILE A 146 1.30 7.92 -10.41
N ASP A 147 0.67 9.08 -10.18
CA ASP A 147 0.58 9.67 -8.84
C ASP A 147 -0.63 9.08 -8.10
N LEU A 148 -0.47 8.88 -6.78
CA LEU A 148 -1.48 8.25 -5.93
C LEU A 148 -2.58 9.25 -5.48
N LEU A 149 -2.46 10.49 -5.94
CA LEU A 149 -3.37 11.58 -5.55
C LEU A 149 -4.63 11.53 -6.44
N ILE A 150 -4.44 11.34 -7.77
CA ILE A 150 -5.56 11.22 -8.74
C ILE A 150 -6.20 9.81 -8.67
N MET A 151 -5.46 8.81 -8.17
CA MET A 151 -5.97 7.44 -8.01
C MET A 151 -5.17 6.70 -6.91
N ASP A 152 -5.86 6.18 -5.88
CA ASP A 152 -5.24 5.41 -4.79
C ASP A 152 -4.85 3.99 -5.28
N ALA A 153 -4.10 3.22 -4.46
CA ALA A 153 -3.72 1.83 -4.77
C ALA A 153 -4.96 0.93 -5.01
N SER A 154 -6.07 1.26 -4.30
CA SER A 154 -7.39 0.59 -4.48
C SER A 154 -7.93 0.79 -5.91
N SER A 155 -7.79 2.03 -6.42
CA SER A 155 -8.20 2.40 -7.78
C SER A 155 -7.25 1.76 -8.83
N PHE A 156 -5.97 1.60 -8.45
CA PHE A 156 -4.95 1.01 -9.34
C PHE A 156 -5.17 -0.51 -9.50
N THR A 157 -5.61 -1.18 -8.42
CA THR A 157 -5.85 -2.64 -8.42
C THR A 157 -7.15 -2.99 -9.18
N LEU A 158 -8.14 -2.08 -9.12
CA LEU A 158 -9.39 -2.21 -9.88
C LEU A 158 -9.08 -2.06 -11.40
N PHE A 159 -8.30 -0.99 -11.73
CA PHE A 159 -7.84 -0.72 -13.12
C PHE A 159 -6.95 -1.86 -13.64
N PHE A 160 -6.16 -2.45 -12.73
CA PHE A 160 -5.25 -3.57 -13.03
C PHE A 160 -6.05 -4.76 -13.58
N ASP A 161 -7.17 -5.08 -12.91
CA ASP A 161 -8.03 -6.21 -13.27
C ASP A 161 -8.71 -5.96 -14.63
N GLU A 162 -9.23 -4.72 -14.81
CA GLU A 162 -9.83 -4.28 -16.10
C GLU A 162 -8.81 -4.47 -17.24
N LEU A 163 -7.56 -4.04 -16.96
CA LEU A 163 -6.44 -4.07 -17.91
C LEU A 163 -6.13 -5.52 -18.35
N ASN A 164 -6.04 -6.45 -17.36
CA ASN A 164 -5.81 -7.89 -17.62
C ASN A 164 -6.90 -8.46 -18.56
N ALA A 165 -8.16 -8.11 -18.29
CA ALA A 165 -9.31 -8.66 -19.04
C ALA A 165 -9.32 -8.19 -20.51
N LEU A 166 -9.10 -6.88 -20.74
CA LEU A 166 -9.15 -6.30 -22.11
C LEU A 166 -7.90 -6.65 -22.96
N LEU A 167 -6.73 -6.84 -22.29
CA LEU A 167 -5.51 -7.31 -22.98
C LEU A 167 -5.65 -8.80 -23.34
N ALA A 168 -6.31 -9.57 -22.45
CA ALA A 168 -6.62 -11.00 -22.69
C ALA A 168 -7.73 -11.18 -23.74
N GLY A 169 -8.43 -10.07 -24.06
CA GLY A 169 -9.47 -10.06 -25.10
C GLY A 169 -10.73 -10.78 -24.65
N GLU A 170 -10.99 -10.76 -23.34
CA GLU A 170 -12.16 -11.40 -22.73
C GLU A 170 -13.24 -10.35 -22.47
N SER A 171 -14.50 -10.71 -22.77
CA SER A 171 -15.66 -9.80 -22.63
C SER A 171 -15.87 -9.44 -21.15
N LEU A 172 -15.83 -8.13 -20.85
CA LEU A 172 -16.00 -7.60 -19.48
C LEU A 172 -17.38 -8.01 -18.91
N PRO A 173 -17.44 -8.62 -17.68
CA PRO A 173 -18.72 -8.88 -16.96
C PRO A 173 -19.35 -7.56 -16.48
N ALA A 174 -20.52 -7.63 -15.80
CA ALA A 174 -21.16 -6.42 -15.28
C ALA A 174 -20.23 -5.73 -14.26
N ILE A 175 -19.63 -4.60 -14.69
CA ILE A 175 -18.79 -3.74 -13.86
C ILE A 175 -19.46 -2.38 -13.86
N ASP A 176 -20.09 -2.03 -12.73
CA ASP A 176 -20.84 -0.77 -12.62
C ASP A 176 -19.87 0.38 -12.38
N THR A 177 -19.85 1.31 -13.33
CA THR A 177 -19.01 2.51 -13.29
C THR A 177 -19.81 3.73 -12.76
N ARG A 178 -21.12 3.54 -12.52
CA ARG A 178 -22.06 4.61 -12.11
C ARG A 178 -21.84 4.96 -10.63
N TYR A 179 -21.42 3.94 -9.85
CA TYR A 179 -20.95 4.13 -8.47
C TYR A 179 -19.46 4.46 -8.53
N ASP A 180 -19.16 5.75 -8.46
CA ASP A 180 -17.80 6.29 -8.62
C ASP A 180 -17.25 6.73 -7.25
N PHE A 181 -15.98 7.19 -7.25
CA PHE A 181 -15.31 7.81 -6.08
C PHE A 181 -16.17 8.96 -5.50
N ARG A 182 -16.79 9.74 -6.40
CA ARG A 182 -17.68 10.87 -6.04
C ARG A 182 -18.95 10.40 -5.28
N SER A 183 -19.47 9.22 -5.68
CA SER A 183 -20.67 8.61 -5.06
C SER A 183 -20.31 7.95 -3.71
N TYR A 184 -19.05 7.47 -3.62
CA TYR A 184 -18.50 6.82 -2.42
C TYR A 184 -18.44 7.82 -1.24
N LEU A 185 -17.82 8.99 -1.50
CA LEU A 185 -17.65 10.06 -0.49
C LEU A 185 -19.00 10.68 -0.08
N LEU A 186 -19.97 10.76 -1.02
CA LEU A 186 -21.32 11.28 -0.74
C LEU A 186 -22.05 10.36 0.26
N HIS A 187 -22.08 9.07 -0.07
CA HIS A 187 -22.79 8.06 0.75
C HIS A 187 -22.11 7.90 2.11
N GLN A 188 -20.77 7.89 2.10
CA GLN A 188 -19.93 7.76 3.31
C GLN A 188 -20.18 8.94 4.26
N GLN A 189 -20.28 10.16 3.68
CA GLN A 189 -20.53 11.40 4.43
C GLN A 189 -21.83 11.30 5.24
N LYS A 190 -22.92 10.92 4.54
CA LYS A 190 -24.27 10.93 5.12
C LYS A 190 -24.44 9.86 6.21
N ILE A 191 -23.84 8.66 6.01
CA ILE A 191 -23.87 7.58 7.03
C ILE A 191 -22.91 7.88 8.18
N ASN A 192 -21.88 8.71 7.94
CA ASN A 192 -20.91 9.10 8.97
C ASN A 192 -21.51 10.15 9.92
N GLN A 193 -22.41 11.00 9.42
CA GLN A 193 -23.00 12.12 10.20
C GLN A 193 -23.62 11.66 11.58
N PRO A 194 -24.45 10.55 11.66
CA PRO A 194 -24.88 9.99 12.97
C PRO A 194 -23.84 9.03 13.61
N LEU A 195 -23.12 8.25 12.77
CA LEU A 195 -22.20 7.16 13.24
C LEU A 195 -20.93 7.73 13.89
N ARG A 196 -20.58 8.96 13.52
CA ARG A 196 -19.36 9.67 13.97
C ARG A 196 -19.36 9.85 15.50
N ASP A 197 -20.55 9.77 16.13
CA ASP A 197 -20.70 9.87 17.60
C ASP A 197 -19.97 8.70 18.30
N ASP A 198 -20.33 7.46 17.91
CA ASP A 198 -19.70 6.23 18.44
C ASP A 198 -18.26 6.14 17.94
N ALA A 199 -18.08 6.46 16.65
CA ALA A 199 -16.78 6.42 15.95
C ALA A 199 -15.75 7.35 16.61
N ARG A 200 -16.23 8.51 17.08
CA ARG A 200 -15.43 9.49 17.83
C ARG A 200 -14.97 8.87 19.14
N ALA A 201 -15.91 8.22 19.83
CA ALA A 201 -15.67 7.61 21.16
C ALA A 201 -14.52 6.59 21.13
N TYR A 202 -14.39 5.85 20.01
CA TYR A 202 -13.34 4.83 19.86
C TYR A 202 -11.96 5.48 19.64
N TRP A 203 -11.90 6.40 18.67
CA TRP A 203 -10.64 7.00 18.20
C TRP A 203 -10.13 8.12 19.13
N LEU A 204 -11.03 8.69 19.95
CA LEU A 204 -10.70 9.73 20.96
C LEU A 204 -10.17 9.02 22.22
N ALA A 205 -10.84 7.91 22.61
CA ALA A 205 -10.38 7.03 23.72
C ALA A 205 -8.97 6.52 23.44
N LYS A 206 -8.79 6.05 22.18
CA LYS A 206 -7.48 5.66 21.66
C LYS A 206 -6.50 6.84 21.76
N ALA A 207 -6.84 7.99 21.16
CA ALA A 207 -5.95 9.18 21.10
C ALA A 207 -5.53 9.72 22.49
N SER A 208 -6.24 9.29 23.55
CA SER A 208 -5.92 9.65 24.95
C SER A 208 -4.82 8.72 25.53
N THR A 209 -4.88 7.42 25.22
CA THR A 209 -4.03 6.37 25.85
C THR A 209 -3.00 5.77 24.84
N LEU A 210 -3.07 6.19 23.56
CA LEU A 210 -2.25 5.62 22.48
C LEU A 210 -0.95 6.44 22.33
N PRO A 211 0.24 5.78 22.18
CA PRO A 211 1.55 6.48 22.02
C PRO A 211 1.62 7.34 20.74
N PRO A 212 2.61 8.29 20.65
CA PRO A 212 2.85 9.09 19.43
C PRO A 212 3.52 8.26 18.31
N ALA A 213 3.86 8.91 17.18
CA ALA A 213 4.57 8.27 16.07
C ALA A 213 6.02 7.95 16.49
N PRO A 214 6.54 6.71 16.17
CA PRO A 214 7.86 6.23 16.67
C PRO A 214 9.06 7.09 16.19
N VAL A 215 10.01 7.36 17.11
CA VAL A 215 11.24 8.10 16.78
C VAL A 215 12.34 7.11 16.35
N LEU A 216 12.50 6.92 15.03
CA LEU A 216 13.54 6.06 14.49
C LEU A 216 14.86 6.84 14.41
N PRO A 217 16.04 6.20 14.72
CA PRO A 217 17.34 6.86 14.62
C PRO A 217 17.62 7.29 13.17
N LEU A 218 17.96 8.57 12.99
CA LEU A 218 18.30 9.14 11.66
C LEU A 218 19.81 9.30 11.56
N ALA A 219 20.39 8.78 10.46
CA ALA A 219 21.83 8.94 10.16
C ALA A 219 22.15 10.40 9.89
N CYS A 220 21.23 11.05 9.15
CA CYS A 220 21.26 12.48 8.87
C CYS A 220 19.82 13.04 8.86
N GLU A 221 19.72 14.38 8.90
CA GLU A 221 18.43 15.10 8.87
C GLU A 221 17.69 14.85 7.53
N PRO A 222 16.32 14.69 7.54
CA PRO A 222 15.53 14.48 6.31
C PRO A 222 15.56 15.71 5.37
N ALA A 223 15.85 16.90 5.96
CA ALA A 223 16.01 18.15 5.19
C ALA A 223 17.33 18.16 4.38
N THR A 224 18.34 17.44 4.87
CA THR A 224 19.68 17.39 4.27
C THR A 224 19.69 16.53 2.98
N LEU A 225 18.89 15.46 2.97
CA LEU A 225 18.80 14.54 1.80
C LEU A 225 17.59 14.94 0.93
N ARG A 226 17.85 15.24 -0.36
CA ARG A 226 16.79 15.60 -1.34
C ARG A 226 16.28 14.35 -2.08
N GLU A 227 17.17 13.36 -2.27
CA GLU A 227 16.85 12.12 -3.02
C GLU A 227 17.58 10.93 -2.40
N VAL A 228 16.80 9.95 -1.89
CA VAL A 228 17.31 8.73 -1.26
C VAL A 228 17.15 7.51 -2.19
N ARG A 229 18.03 6.51 -2.00
CA ARG A 229 17.94 5.21 -2.69
C ARG A 229 17.19 4.23 -1.77
N ASN A 230 16.00 3.82 -2.21
CA ASN A 230 15.24 2.73 -1.57
C ASN A 230 15.66 1.40 -2.24
N THR A 231 16.40 0.57 -1.51
CA THR A 231 16.83 -0.75 -1.98
C THR A 231 16.01 -1.80 -1.23
N ARG A 232 15.20 -2.55 -1.98
CA ARG A 232 14.29 -3.54 -1.40
C ARG A 232 15.05 -4.84 -1.06
N ARG A 233 14.83 -5.29 0.17
CA ARG A 233 15.36 -6.55 0.69
C ARG A 233 14.34 -7.64 0.32
N ARG A 234 14.70 -8.47 -0.67
CA ARG A 234 13.80 -9.48 -1.25
C ARG A 234 14.27 -10.88 -0.84
N MET A 235 13.46 -11.56 -0.01
CA MET A 235 13.76 -12.93 0.46
C MET A 235 12.60 -13.86 0.08
N ILE A 236 12.95 -15.01 -0.51
CA ILE A 236 12.00 -16.03 -0.92
C ILE A 236 12.21 -17.29 -0.06
N VAL A 237 11.16 -17.71 0.64
CA VAL A 237 11.14 -18.93 1.46
C VAL A 237 9.87 -19.70 1.08
N PRO A 238 9.94 -21.07 0.90
CA PRO A 238 8.74 -21.89 0.60
C PRO A 238 7.65 -21.72 1.68
N ALA A 239 6.38 -21.76 1.26
CA ALA A 239 5.20 -21.61 2.15
C ALA A 239 5.13 -22.71 3.23
N THR A 240 5.96 -23.76 3.09
CA THR A 240 6.11 -24.85 4.06
C THR A 240 6.30 -24.35 5.52
N ARG A 241 7.36 -23.56 5.76
CA ARG A 241 7.68 -23.04 7.12
C ARG A 241 6.62 -22.03 7.58
N TRP A 242 6.17 -21.19 6.63
CA TRP A 242 5.15 -20.16 6.90
C TRP A 242 3.83 -20.84 7.33
N HIS A 243 3.55 -22.00 6.73
CA HIS A 243 2.36 -22.81 7.03
C HIS A 243 2.50 -23.47 8.41
N ALA A 244 3.73 -23.83 8.78
CA ALA A 244 4.03 -24.43 10.10
C ALA A 244 3.82 -23.42 11.25
N PHE A 245 4.15 -22.14 10.96
CA PHE A 245 3.88 -21.03 11.88
C PHE A 245 2.36 -20.78 11.97
N SER A 246 1.72 -20.71 10.78
CA SER A 246 0.28 -20.45 10.64
C SER A 246 -0.57 -21.62 11.17
N ASN A 247 0.05 -22.82 11.22
CA ASN A 247 -0.58 -24.05 11.73
C ASN A 247 -0.70 -23.94 13.25
N ARG A 248 0.41 -23.55 13.89
CA ARG A 248 0.49 -23.46 15.35
C ARG A 248 -0.20 -22.18 15.85
N ALA A 249 -0.20 -21.11 15.05
CA ALA A 249 -0.87 -19.84 15.40
C ALA A 249 -2.40 -20.01 15.32
N GLY A 250 -2.84 -20.68 14.24
CA GLY A 250 -4.25 -21.02 14.05
C GLY A 250 -4.75 -22.03 15.09
N GLU A 251 -3.86 -22.96 15.48
CA GLU A 251 -4.14 -23.98 16.51
C GLU A 251 -4.17 -23.33 17.91
N TYR A 252 -3.34 -22.29 18.08
CA TYR A 252 -3.26 -21.49 19.33
C TYR A 252 -4.57 -20.67 19.54
N GLY A 253 -5.25 -20.36 18.41
CA GLY A 253 -6.52 -19.64 18.44
C GLY A 253 -6.41 -18.18 18.02
N VAL A 254 -5.20 -17.73 17.63
CA VAL A 254 -4.99 -16.37 17.10
C VAL A 254 -4.94 -16.39 15.56
N THR A 255 -5.12 -15.21 14.95
CA THR A 255 -4.94 -15.03 13.50
C THR A 255 -3.43 -14.93 13.20
N PRO A 256 -2.84 -15.85 12.36
CA PRO A 256 -1.40 -15.82 12.01
C PRO A 256 -1.03 -14.57 11.20
N THR A 257 -1.97 -14.12 10.36
CA THR A 257 -1.81 -12.94 9.51
C THR A 257 -1.52 -11.68 10.34
N MET A 258 -2.42 -11.39 11.31
CA MET A 258 -2.38 -10.13 12.09
C MET A 258 -1.28 -10.18 13.17
N ALA A 259 -1.06 -11.38 13.74
CA ALA A 259 -0.06 -11.58 14.82
C ALA A 259 1.37 -11.38 14.28
N LEU A 260 1.66 -12.00 13.12
CA LEU A 260 2.96 -11.89 12.44
C LEU A 260 3.18 -10.45 11.92
N ALA A 261 2.11 -9.88 11.34
CA ALA A 261 2.12 -8.52 10.76
C ALA A 261 2.58 -7.48 11.78
N THR A 262 1.90 -7.50 12.94
CA THR A 262 2.15 -6.57 14.03
C THR A 262 3.50 -6.86 14.71
N CYS A 263 3.92 -8.13 14.79
CA CYS A 263 5.20 -8.51 15.43
C CYS A 263 6.41 -7.91 14.65
N PHE A 264 6.32 -7.96 13.31
CA PHE A 264 7.40 -7.49 12.42
C PHE A 264 7.39 -5.95 12.30
N SER A 265 6.18 -5.37 12.21
CA SER A 265 6.01 -3.91 12.03
C SER A 265 6.33 -3.14 13.33
N ALA A 266 5.86 -3.70 14.47
CA ALA A 266 6.06 -3.09 15.80
C ALA A 266 7.54 -3.00 16.12
N VAL A 267 8.23 -4.15 16.14
CA VAL A 267 9.65 -4.23 16.58
C VAL A 267 10.59 -3.34 15.72
N LEU A 268 10.31 -3.27 14.41
CA LEU A 268 11.08 -2.42 13.47
C LEU A 268 11.03 -0.94 13.93
N ALA A 269 9.81 -0.48 14.22
CA ALA A 269 9.54 0.90 14.66
C ALA A 269 9.81 1.08 16.18
N ARG A 270 9.80 -0.04 16.93
CA ARG A 270 9.92 -0.09 18.40
C ARG A 270 11.34 0.28 18.81
N TRP A 271 12.29 0.03 17.91
CA TRP A 271 13.73 0.30 18.12
C TRP A 271 13.98 1.75 18.61
N GLY A 272 13.05 2.67 18.29
CA GLY A 272 13.07 4.04 18.80
C GLY A 272 12.75 4.20 20.30
N GLY A 273 12.66 3.08 21.04
CA GLY A 273 12.38 3.10 22.49
C GLY A 273 10.89 3.12 22.84
N LEU A 274 10.02 2.92 21.84
CA LEU A 274 8.56 2.89 22.04
C LEU A 274 8.09 1.44 22.32
N THR A 275 8.07 1.07 23.63
CA THR A 275 7.64 -0.27 24.10
C THR A 275 6.19 -0.58 23.67
N ARG A 276 5.34 0.46 23.70
CA ARG A 276 3.97 0.42 23.14
C ARG A 276 3.95 1.27 21.85
N LEU A 277 3.11 0.90 20.86
CA LEU A 277 3.18 1.52 19.51
C LEU A 277 1.86 1.30 18.72
N LEU A 278 1.55 2.26 17.82
CA LEU A 278 0.40 2.17 16.87
C LEU A 278 0.96 1.81 15.48
N LEU A 279 0.49 0.69 14.89
CA LEU A 279 1.00 0.19 13.59
C LEU A 279 -0.10 0.24 12.53
N ASN A 280 0.27 0.56 11.28
CA ASN A 280 -0.67 0.65 10.14
C ASN A 280 -0.70 -0.71 9.40
N ILE A 281 -1.76 -1.50 9.63
CA ILE A 281 -1.97 -2.78 8.92
C ILE A 281 -3.13 -2.60 7.93
N THR A 282 -2.99 -3.15 6.71
CA THR A 282 -4.08 -3.16 5.72
C THR A 282 -4.94 -4.42 5.92
N LEU A 283 -6.13 -4.22 6.48
CA LEU A 283 -7.13 -5.28 6.69
C LEU A 283 -8.12 -5.30 5.51
N PHE A 284 -8.69 -6.47 5.24
CA PHE A 284 -9.75 -6.64 4.23
C PHE A 284 -11.11 -6.82 4.95
N ASP A 285 -12.08 -5.95 4.62
CA ASP A 285 -13.44 -5.99 5.20
C ASP A 285 -14.46 -5.88 4.06
N ARG A 286 -15.31 -6.91 3.92
CA ARG A 286 -16.25 -7.05 2.79
C ARG A 286 -17.56 -6.31 3.10
N GLN A 287 -17.67 -5.07 2.63
CA GLN A 287 -18.90 -4.27 2.73
C GLN A 287 -19.65 -4.24 1.38
N PRO A 288 -20.71 -5.08 1.17
CA PRO A 288 -21.60 -5.01 -0.01
C PRO A 288 -22.87 -4.16 0.27
N LEU A 289 -22.67 -3.10 1.09
CA LEU A 289 -23.74 -2.18 1.55
C LEU A 289 -24.55 -1.59 0.37
N HIS A 290 -23.83 -1.19 -0.68
CA HIS A 290 -24.42 -0.65 -1.92
C HIS A 290 -24.34 -1.74 -3.02
N PRO A 291 -25.48 -2.05 -3.73
CA PRO A 291 -25.56 -3.17 -4.74
C PRO A 291 -24.45 -3.16 -5.82
N ALA A 292 -24.01 -1.97 -6.25
CA ALA A 292 -22.95 -1.83 -7.28
C ALA A 292 -21.55 -2.20 -6.75
N VAL A 293 -21.37 -2.17 -5.41
CA VAL A 293 -20.10 -2.59 -4.75
C VAL A 293 -19.89 -4.11 -4.92
N GLY A 294 -20.99 -4.86 -5.21
CA GLY A 294 -20.91 -6.30 -5.51
C GLY A 294 -19.94 -6.64 -6.65
N ALA A 295 -19.73 -5.67 -7.56
CA ALA A 295 -18.83 -5.80 -8.73
C ALA A 295 -17.37 -5.39 -8.39
N MET A 296 -16.98 -5.50 -7.09
CA MET A 296 -15.59 -5.23 -6.63
C MET A 296 -14.65 -6.38 -7.03
N LEU A 297 -13.51 -6.02 -7.66
CA LEU A 297 -12.47 -6.99 -8.03
C LEU A 297 -11.33 -6.94 -6.99
N ALA A 298 -11.43 -7.84 -5.98
CA ALA A 298 -10.42 -8.04 -4.92
C ALA A 298 -10.15 -6.79 -4.02
N ASP A 299 -10.97 -5.74 -4.18
CA ASP A 299 -10.80 -4.47 -3.42
C ASP A 299 -11.65 -4.48 -2.14
N PHE A 300 -10.96 -4.54 -0.99
CA PHE A 300 -11.58 -4.52 0.36
C PHE A 300 -10.72 -3.61 1.29
N THR A 301 -9.99 -2.66 0.66
CA THR A 301 -8.94 -1.86 1.33
C THR A 301 -9.49 -1.00 2.50
N ASN A 302 -9.24 -1.48 3.74
CA ASN A 302 -9.54 -0.75 4.98
C ASN A 302 -8.30 -0.84 5.89
N ILE A 303 -7.63 0.30 6.15
CA ILE A 303 -6.42 0.33 6.99
C ILE A 303 -6.76 0.78 8.42
N LEU A 304 -6.19 0.07 9.40
CA LEU A 304 -6.53 0.23 10.83
C LEU A 304 -5.21 0.30 11.64
N LEU A 305 -5.18 1.19 12.66
CA LEU A 305 -4.02 1.36 13.55
C LEU A 305 -4.18 0.44 14.77
N LEU A 306 -3.34 -0.61 14.85
CA LEU A 306 -3.43 -1.59 15.94
C LEU A 306 -2.59 -1.14 17.13
N ASP A 307 -3.19 -1.26 18.33
CA ASP A 307 -2.52 -0.98 19.61
C ASP A 307 -1.64 -2.17 20.02
N THR A 308 -0.35 -1.89 20.23
CA THR A 308 0.60 -2.79 20.89
C THR A 308 0.74 -2.34 22.35
N ALA A 309 0.46 -3.25 23.29
CA ALA A 309 0.49 -2.95 24.74
C ALA A 309 1.94 -2.76 25.25
N CYS A 310 2.78 -3.75 24.96
CA CYS A 310 4.20 -3.76 25.37
C CYS A 310 4.94 -4.90 24.65
N ASP A 311 6.26 -4.96 24.88
CA ASP A 311 7.17 -5.96 24.30
C ASP A 311 8.13 -6.49 25.39
N GLY A 312 9.01 -7.42 25.00
CA GLY A 312 10.02 -7.98 25.92
C GLY A 312 9.48 -9.16 26.70
N ASP A 313 8.22 -9.50 26.45
CA ASP A 313 7.52 -10.62 27.08
C ASP A 313 7.36 -11.75 26.05
N THR A 314 6.88 -12.91 26.51
CA THR A 314 6.74 -14.13 25.73
C THR A 314 5.87 -13.92 24.45
N VAL A 315 6.29 -14.53 23.32
CA VAL A 315 5.63 -14.38 22.00
C VAL A 315 4.18 -14.94 22.03
N SER A 316 3.93 -15.86 22.97
CA SER A 316 2.59 -16.40 23.27
C SER A 316 1.61 -15.27 23.63
N ASN A 317 2.01 -14.44 24.61
CA ASN A 317 1.17 -13.35 25.14
C ASN A 317 1.10 -12.17 24.17
N LEU A 318 2.19 -11.94 23.42
CA LEU A 318 2.26 -10.87 22.41
C LEU A 318 1.23 -11.14 21.28
N ALA A 319 1.19 -12.41 20.82
CA ALA A 319 0.25 -12.87 19.77
C ALA A 319 -1.21 -12.79 20.27
N ARG A 320 -1.40 -13.03 21.58
CA ARG A 320 -2.72 -12.97 22.24
C ARG A 320 -3.22 -11.50 22.35
N LYS A 321 -2.27 -10.56 22.57
CA LYS A 321 -2.59 -9.12 22.64
C LYS A 321 -2.89 -8.56 21.24
N ASN A 322 -2.23 -9.14 20.21
CA ASN A 322 -2.50 -8.80 18.80
C ASN A 322 -3.93 -9.22 18.44
N GLN A 323 -4.36 -10.38 18.96
CA GLN A 323 -5.72 -10.92 18.77
C GLN A 323 -6.78 -10.04 19.48
N LEU A 324 -6.48 -9.65 20.73
CA LEU A 324 -7.42 -8.92 21.61
C LEU A 324 -7.78 -7.56 20.99
N THR A 325 -6.73 -6.76 20.71
CA THR A 325 -6.89 -5.41 20.15
C THR A 325 -7.37 -5.47 18.68
N PHE A 326 -7.12 -6.61 17.99
CA PHE A 326 -7.67 -6.86 16.63
C PHE A 326 -9.19 -6.92 16.70
N THR A 327 -9.73 -7.86 17.48
CA THR A 327 -11.19 -8.08 17.59
C THR A 327 -11.92 -6.78 18.00
N GLU A 328 -11.29 -6.03 18.91
CA GLU A 328 -11.84 -4.79 19.46
C GLU A 328 -11.90 -3.67 18.40
N ASP A 329 -10.73 -3.29 17.86
CA ASP A 329 -10.61 -2.09 16.99
C ASP A 329 -10.90 -2.37 15.50
N TRP A 330 -10.80 -3.63 15.07
CA TRP A 330 -11.29 -4.05 13.73
C TRP A 330 -12.83 -4.05 13.72
N GLU A 331 -13.47 -4.12 14.90
CA GLU A 331 -14.91 -3.84 15.00
C GLU A 331 -15.16 -2.32 14.87
N HIS A 332 -14.18 -1.50 15.30
CA HIS A 332 -14.29 -0.02 15.31
C HIS A 332 -13.89 0.59 13.94
N ARG A 333 -13.54 -0.29 12.97
CA ARG A 333 -13.14 0.14 11.58
C ARG A 333 -14.27 0.91 10.83
N HIS A 334 -15.46 1.02 11.47
CA HIS A 334 -16.61 1.82 10.99
C HIS A 334 -16.19 3.26 10.61
N TRP A 335 -15.15 3.75 11.31
CA TRP A 335 -14.41 4.97 10.93
C TRP A 335 -12.96 4.51 10.65
N SER A 336 -12.34 5.05 9.59
CA SER A 336 -11.00 4.60 9.12
C SER A 336 -9.89 4.84 10.18
N GLY A 337 -8.82 4.02 10.10
CA GLY A 337 -7.63 4.21 10.95
C GLY A 337 -6.89 5.51 10.65
N VAL A 338 -7.14 6.09 9.46
CA VAL A 338 -6.60 7.41 9.07
C VAL A 338 -7.17 8.51 9.99
N GLU A 339 -8.43 8.33 10.42
CA GLU A 339 -9.15 9.29 11.26
C GLU A 339 -8.68 9.24 12.72
N LEU A 340 -8.23 8.04 13.15
CA LEU A 340 -7.55 7.85 14.45
C LEU A 340 -6.23 8.63 14.42
N LEU A 341 -5.45 8.38 13.34
CA LEU A 341 -4.12 8.98 13.11
C LEU A 341 -4.22 10.50 13.13
N ARG A 342 -5.11 11.02 12.29
CA ARG A 342 -5.32 12.45 12.07
C ARG A 342 -5.63 13.15 13.40
N GLU A 343 -6.57 12.56 14.17
CA GLU A 343 -7.00 13.11 15.47
C GLU A 343 -5.81 13.16 16.48
N LEU A 344 -5.06 12.05 16.54
CA LEU A 344 -3.92 11.88 17.47
C LEU A 344 -2.75 12.82 17.12
N LYS A 345 -2.57 13.14 15.83
CA LYS A 345 -1.50 14.05 15.39
C LYS A 345 -2.00 15.51 15.38
N ARG A 346 -3.35 15.71 15.41
CA ARG A 346 -3.98 17.05 15.63
C ARG A 346 -3.92 17.43 17.12
N GLN A 347 -3.61 16.43 17.97
CA GLN A 347 -3.26 16.65 19.39
C GLN A 347 -1.89 17.38 19.52
N GLN A 348 -1.16 17.45 18.38
CA GLN A 348 0.13 18.17 18.19
C GLN A 348 1.31 17.34 18.77
N ARG A 349 1.02 16.12 19.26
CA ARG A 349 2.04 15.23 19.84
C ARG A 349 2.43 14.19 18.77
N TYR A 350 3.10 14.68 17.72
CA TYR A 350 3.65 13.86 16.63
C TYR A 350 5.13 14.23 16.40
N PRO A 351 6.09 13.30 16.67
CA PRO A 351 7.51 13.49 16.27
C PRO A 351 7.72 13.30 14.75
N HIS A 352 6.81 12.53 14.11
CA HIS A 352 6.82 12.26 12.65
C HIS A 352 5.39 12.36 12.08
N GLY A 353 4.45 11.82 12.86
CA GLY A 353 3.02 11.75 12.48
C GLY A 353 2.67 10.49 11.69
N ALA A 354 3.68 9.70 11.29
CA ALA A 354 3.50 8.47 10.48
C ALA A 354 4.04 7.22 11.22
N PRO A 355 3.27 6.08 11.22
CA PRO A 355 3.79 4.74 11.59
C PRO A 355 4.30 3.99 10.33
N VAL A 356 4.75 2.72 10.47
CA VAL A 356 5.22 1.92 9.32
C VAL A 356 4.03 1.20 8.63
N VAL A 357 4.08 1.06 7.28
CA VAL A 357 2.97 0.44 6.49
C VAL A 357 3.27 -1.04 6.30
N PHE A 358 2.32 -1.90 6.71
CA PHE A 358 2.41 -3.35 6.56
C PHE A 358 1.12 -3.87 5.88
N THR A 359 1.26 -4.45 4.69
CA THR A 359 0.15 -5.05 3.93
C THR A 359 0.07 -6.54 4.28
N SER A 360 -1.06 -6.98 4.84
CA SER A 360 -1.19 -8.33 5.42
C SER A 360 -2.39 -9.08 4.81
N ASN A 361 -2.09 -9.96 3.85
CA ASN A 361 -3.06 -10.85 3.19
C ASN A 361 -2.36 -12.19 2.93
N LEU A 362 -2.77 -13.26 3.62
CA LEU A 362 -2.26 -14.63 3.36
C LEU A 362 -3.34 -15.50 2.70
N GLY A 363 -2.93 -16.35 1.73
CA GLY A 363 -3.84 -17.29 1.08
C GLY A 363 -4.18 -16.96 -0.38
N ARG A 364 -3.19 -16.51 -1.19
CA ARG A 364 -3.44 -16.25 -2.65
C ARG A 364 -3.37 -17.57 -3.42
N SER A 365 -3.88 -17.56 -4.67
CA SER A 365 -3.74 -18.69 -5.59
C SER A 365 -2.25 -18.82 -6.00
N LEU A 366 -1.64 -19.95 -5.62
CA LEU A 366 -0.17 -20.14 -5.67
C LEU A 366 0.20 -21.51 -6.27
N TYR A 367 -0.80 -22.28 -6.74
CA TYR A 367 -0.57 -23.59 -7.37
C TYR A 367 0.20 -23.40 -8.69
N SER A 368 -0.27 -22.41 -9.47
CA SER A 368 0.46 -21.86 -10.62
C SER A 368 1.59 -20.93 -10.12
N SER A 369 2.64 -20.75 -10.96
CA SER A 369 3.80 -19.90 -10.62
C SER A 369 3.35 -18.49 -10.22
N ARG A 370 2.48 -17.89 -11.05
CA ARG A 370 1.68 -16.71 -10.67
C ARG A 370 0.25 -16.85 -11.25
N ALA A 371 -0.74 -16.98 -10.36
CA ALA A 371 -2.18 -16.91 -10.72
C ALA A 371 -2.75 -15.52 -10.41
N GLU A 372 -2.19 -14.88 -9.37
CA GLU A 372 -2.64 -13.56 -8.86
C GLU A 372 -2.41 -12.44 -9.91
N SER A 373 -1.36 -12.59 -10.71
CA SER A 373 -1.12 -11.82 -11.92
C SER A 373 -1.45 -12.75 -13.10
N PRO A 374 -2.66 -12.64 -13.74
CA PRO A 374 -3.09 -13.56 -14.82
C PRO A 374 -2.15 -13.52 -16.05
N LEU A 375 -2.10 -12.38 -16.76
CA LEU A 375 -1.17 -12.16 -17.89
C LEU A 375 -0.23 -10.99 -17.56
N GLY A 376 -0.82 -9.92 -16.99
CA GLY A 376 -0.10 -8.70 -16.66
C GLY A 376 0.55 -8.83 -15.31
N GLU A 377 1.88 -8.72 -15.26
CA GLU A 377 2.66 -8.91 -14.03
C GLU A 377 3.60 -7.70 -13.84
N PRO A 378 3.26 -6.76 -12.88
CA PRO A 378 4.08 -5.58 -12.57
C PRO A 378 4.99 -5.78 -11.31
N GLU A 379 6.13 -5.04 -11.24
CA GLU A 379 7.09 -5.16 -10.12
C GLU A 379 6.56 -4.48 -8.85
N TRP A 380 6.20 -5.29 -7.87
CA TRP A 380 5.71 -4.82 -6.58
C TRP A 380 6.89 -4.37 -5.69
N GLY A 381 6.74 -3.21 -5.04
CA GLY A 381 7.77 -2.65 -4.17
C GLY A 381 7.28 -1.43 -3.43
N ILE A 382 7.21 -0.29 -4.17
CA ILE A 382 6.76 0.99 -3.60
C ILE A 382 5.39 1.36 -4.19
N SER A 383 4.47 1.82 -3.32
CA SER A 383 3.13 2.31 -3.72
C SER A 383 2.71 3.46 -2.80
N GLN A 384 2.66 3.16 -1.49
CA GLN A 384 2.21 4.08 -0.42
C GLN A 384 0.73 4.50 -0.54
N THR A 385 -0.13 3.88 0.29
CA THR A 385 -1.51 4.32 0.54
C THR A 385 -1.57 5.56 1.48
N PRO A 386 -0.66 5.74 2.51
CA PRO A 386 -0.46 7.04 3.19
C PRO A 386 0.87 7.73 2.77
N GLN A 387 1.47 8.55 3.66
CA GLN A 387 2.78 9.19 3.42
C GLN A 387 3.81 8.73 4.48
N VAL A 388 4.43 7.55 4.20
CA VAL A 388 5.43 6.88 5.06
C VAL A 388 6.67 6.48 4.21
N TRP A 389 7.84 6.41 4.86
CA TRP A 389 9.13 6.17 4.18
C TRP A 389 9.43 4.66 4.00
N ILE A 390 8.50 3.79 4.50
CA ILE A 390 8.69 2.32 4.51
C ILE A 390 7.40 1.58 4.06
N ASP A 391 7.56 0.80 2.96
CA ASP A 391 6.54 -0.15 2.46
C ASP A 391 6.90 -1.57 2.94
N HIS A 392 5.89 -2.36 3.33
CA HIS A 392 6.05 -3.80 3.59
C HIS A 392 5.04 -4.59 2.75
N LEU A 393 5.54 -5.20 1.67
CA LEU A 393 4.73 -6.05 0.78
C LEU A 393 5.19 -7.52 0.89
N ALA A 394 4.21 -8.43 0.84
CA ALA A 394 4.42 -9.87 0.77
C ALA A 394 3.36 -10.47 -0.16
N PHE A 395 3.74 -11.43 -1.01
CA PHE A 395 2.82 -12.10 -1.97
C PHE A 395 3.19 -13.58 -2.06
N GLU A 396 2.18 -14.47 -2.17
CA GLU A 396 2.43 -15.91 -2.25
C GLU A 396 2.22 -16.37 -3.70
N HIS A 397 3.33 -16.82 -4.33
CA HIS A 397 3.37 -17.27 -5.73
C HIS A 397 4.20 -18.57 -5.81
N HIS A 398 3.69 -19.57 -6.56
CA HIS A 398 4.39 -20.88 -6.80
C HIS A 398 4.54 -21.70 -5.48
N GLY A 399 3.62 -21.46 -4.54
CA GLY A 399 3.66 -22.09 -3.22
C GLY A 399 4.82 -21.60 -2.36
N GLU A 400 5.26 -20.36 -2.64
CA GLU A 400 6.38 -19.69 -1.94
C GLU A 400 5.92 -18.30 -1.53
N VAL A 401 6.35 -17.82 -0.35
CA VAL A 401 6.03 -16.46 0.11
C VAL A 401 7.25 -15.54 -0.17
N TRP A 402 6.98 -14.47 -0.93
CA TRP A 402 7.98 -13.51 -1.42
C TRP A 402 7.90 -12.23 -0.56
N LEU A 403 8.99 -11.92 0.15
CA LEU A 403 9.04 -10.78 1.09
C LEU A 403 9.74 -9.57 0.45
N GLN A 404 8.98 -8.52 0.11
CA GLN A 404 9.52 -7.24 -0.41
C GLN A 404 9.57 -6.20 0.74
N TRP A 405 10.78 -5.91 1.24
CA TRP A 405 10.99 -4.90 2.31
C TRP A 405 11.57 -3.62 1.68
N ASP A 406 10.72 -2.61 1.46
CA ASP A 406 11.13 -1.30 0.88
C ASP A 406 11.27 -0.25 1.98
N SER A 407 12.47 0.34 2.06
CA SER A 407 12.81 1.37 3.05
C SER A 407 13.99 2.22 2.54
N ASN A 408 14.23 3.36 3.20
CA ASN A 408 15.40 4.21 2.92
C ASN A 408 16.66 3.46 3.40
N ASP A 409 17.52 3.04 2.47
CA ASP A 409 18.67 2.15 2.79
C ASP A 409 19.86 2.96 3.34
N ALA A 410 20.01 4.21 2.86
CA ALA A 410 21.09 5.11 3.31
C ALA A 410 20.71 5.87 4.60
N LEU A 411 19.44 6.30 4.67
CA LEU A 411 18.96 7.16 5.78
C LEU A 411 18.76 6.29 7.06
N PHE A 412 18.12 5.11 6.90
CA PHE A 412 17.91 4.14 8.01
C PHE A 412 18.94 2.99 7.86
N PRO A 413 19.60 2.51 8.98
CA PRO A 413 20.72 1.55 8.88
C PRO A 413 20.27 0.15 8.38
N PRO A 414 20.84 -0.35 7.23
CA PRO A 414 20.52 -1.69 6.69
C PRO A 414 20.94 -2.83 7.64
N ALA A 415 22.00 -2.58 8.45
CA ALA A 415 22.48 -3.54 9.48
C ALA A 415 21.44 -3.70 10.61
N LEU A 416 20.74 -2.60 10.92
CA LEU A 416 19.68 -2.57 11.96
C LEU A 416 18.50 -3.45 11.50
N VAL A 417 18.08 -3.26 10.23
CA VAL A 417 17.03 -4.08 9.59
C VAL A 417 17.45 -5.56 9.57
N GLU A 418 18.74 -5.79 9.25
CA GLU A 418 19.33 -7.13 9.14
C GLU A 418 19.34 -7.86 10.51
N THR A 419 19.51 -7.08 11.61
CA THR A 419 19.47 -7.62 12.98
C THR A 419 18.07 -8.13 13.34
N LEU A 420 17.08 -7.24 13.14
CA LEU A 420 15.69 -7.54 13.48
C LEU A 420 15.09 -8.60 12.55
N PHE A 421 15.55 -8.63 11.28
CA PHE A 421 15.05 -9.57 10.26
C PHE A 421 15.40 -11.02 10.63
N ASP A 422 16.61 -11.22 11.17
CA ASP A 422 17.06 -12.55 11.64
C ASP A 422 16.20 -13.00 12.83
N ALA A 423 15.93 -12.05 13.75
CA ALA A 423 15.09 -12.30 14.94
C ALA A 423 13.62 -12.59 14.54
N TYR A 424 13.19 -12.06 13.37
CA TYR A 424 11.87 -12.35 12.78
C TYR A 424 11.85 -13.78 12.20
N CYS A 425 12.94 -14.14 11.51
CA CYS A 425 13.14 -15.49 10.96
C CYS A 425 13.20 -16.51 12.09
N GLN A 426 13.85 -16.13 13.20
CA GLN A 426 14.09 -17.00 14.37
C GLN A 426 12.84 -17.18 15.24
N LEU A 427 11.95 -16.16 15.31
CA LEU A 427 10.70 -16.28 16.10
C LEU A 427 9.80 -17.34 15.43
N ILE A 428 9.81 -17.38 14.09
CA ILE A 428 9.06 -18.37 13.29
C ILE A 428 9.77 -19.75 13.33
N ASN A 429 11.08 -19.73 13.08
CA ASN A 429 11.92 -20.94 12.89
C ASN A 429 11.96 -21.79 14.16
N GLN A 430 12.14 -21.12 15.31
CA GLN A 430 12.26 -21.77 16.62
C GLN A 430 10.87 -22.18 17.15
N LEU A 431 9.81 -21.45 16.74
CA LEU A 431 8.41 -21.75 17.16
C LEU A 431 7.90 -23.03 16.48
N CYS A 432 8.14 -23.13 15.16
CA CYS A 432 7.71 -24.27 14.34
C CYS A 432 8.55 -25.52 14.67
N ASP A 433 9.77 -25.29 15.20
CA ASP A 433 10.68 -26.36 15.63
C ASP A 433 10.40 -26.80 17.08
N ASP A 434 10.11 -25.81 17.95
CA ASP A 434 10.10 -26.00 19.42
C ASP A 434 8.85 -25.34 20.03
N GLU A 435 8.15 -26.11 20.87
CA GLU A 435 6.91 -25.65 21.55
C GLU A 435 7.22 -24.77 22.79
N SER A 436 8.45 -24.91 23.34
CA SER A 436 8.92 -24.09 24.49
C SER A 436 9.19 -22.63 24.04
N ALA A 437 9.28 -22.42 22.72
CA ALA A 437 9.57 -21.11 22.10
C ALA A 437 8.42 -20.09 22.27
N TRP A 438 7.19 -20.58 22.57
CA TRP A 438 6.07 -19.71 22.95
C TRP A 438 6.37 -18.99 24.28
N GLN A 439 7.06 -19.71 25.19
CA GLN A 439 7.47 -19.20 26.51
C GLN A 439 8.75 -18.32 26.41
N LYS A 440 9.35 -18.25 25.20
CA LYS A 440 10.49 -17.37 24.94
C LYS A 440 10.00 -15.94 24.63
N PRO A 441 10.59 -14.90 25.28
CA PRO A 441 10.40 -13.48 24.88
C PRO A 441 11.06 -13.18 23.53
N PHE A 442 10.58 -12.13 22.83
CA PHE A 442 11.23 -11.68 21.60
C PHE A 442 12.61 -11.04 21.92
N ALA A 443 12.71 -10.48 23.15
CA ALA A 443 13.97 -9.91 23.69
C ALA A 443 15.12 -10.94 23.64
N ASP A 444 14.77 -12.23 23.84
CA ASP A 444 15.69 -13.36 23.75
C ASP A 444 16.27 -13.48 22.31
N MET A 445 15.36 -13.43 21.32
CA MET A 445 15.71 -13.64 19.90
C MET A 445 16.59 -12.49 19.35
N LEU A 446 16.28 -11.24 19.73
CA LEU A 446 16.98 -10.06 19.18
C LEU A 446 18.38 -9.88 19.81
N GLU A 447 18.57 -10.39 21.05
CA GLU A 447 19.89 -10.34 21.74
C GLU A 447 20.76 -11.56 21.43
N HIS A 448 20.30 -12.41 20.52
CA HIS A 448 21.11 -13.50 19.96
C HIS A 448 21.85 -12.99 18.72
N HIS A 449 23.09 -13.47 18.52
CA HIS A 449 23.82 -13.23 17.26
C HIS A 449 23.07 -13.89 16.10
N HIS A 450 23.14 -13.27 14.91
CA HIS A 450 22.32 -13.64 13.75
C HIS A 450 22.48 -15.14 13.42
N HIS A 451 21.46 -15.90 13.86
CA HIS A 451 21.51 -17.36 13.97
C HIS A 451 21.24 -18.03 12.61
N HIS A 452 19.98 -17.96 12.11
CA HIS A 452 19.58 -18.65 10.84
C HIS A 452 18.43 -17.92 10.13
N HIS A 453 18.41 -18.10 8.79
CA HIS A 453 17.31 -17.69 7.92
C HIS A 453 16.83 -18.97 7.19
N MET A 1 -23.93 -0.71 11.84
CA MET A 1 -25.40 -0.64 11.81
C MET A 1 -25.89 -0.42 10.36
N PRO A 2 -27.04 -1.06 9.94
CA PRO A 2 -27.61 -0.92 8.57
C PRO A 2 -27.74 0.54 8.09
N ASP A 3 -26.96 0.91 7.05
CA ASP A 3 -26.97 2.26 6.47
C ASP A 3 -28.30 2.52 5.70
N GLU A 4 -28.82 3.74 5.83
CA GLU A 4 -30.08 4.16 5.18
C GLU A 4 -29.81 5.09 3.99
N SER A 5 -30.84 5.30 3.16
CA SER A 5 -30.79 6.10 1.93
C SER A 5 -30.22 7.53 2.12
N SER A 6 -29.65 8.10 1.04
CA SER A 6 -28.99 9.43 1.07
C SER A 6 -29.60 10.35 -0.01
N TRP A 7 -29.52 11.67 0.23
CA TRP A 7 -29.90 12.72 -0.75
C TRP A 7 -28.87 12.71 -1.91
N PRO A 8 -29.27 13.06 -3.19
CA PRO A 8 -28.32 13.11 -4.35
C PRO A 8 -27.17 14.13 -4.17
N ASN A 9 -25.96 13.76 -4.64
CA ASN A 9 -24.73 14.56 -4.46
C ASN A 9 -24.72 15.78 -5.37
N MET A 10 -24.56 16.96 -4.76
CA MET A 10 -24.50 18.24 -5.49
C MET A 10 -23.17 18.39 -6.24
N THR A 11 -22.11 17.72 -5.75
CA THR A 11 -20.74 17.86 -6.28
C THR A 11 -20.35 16.68 -7.22
N GLU A 12 -21.34 15.89 -7.67
CA GLU A 12 -21.08 14.72 -8.56
C GLU A 12 -20.88 15.17 -10.02
N SER A 13 -21.51 16.29 -10.38
CA SER A 13 -21.54 16.82 -11.75
C SER A 13 -20.47 17.92 -11.93
N THR A 14 -20.15 18.58 -10.81
CA THR A 14 -19.16 19.66 -10.75
C THR A 14 -17.83 19.10 -10.16
N PRO A 15 -16.69 19.88 -10.21
CA PRO A 15 -15.46 19.55 -9.44
C PRO A 15 -15.75 19.37 -7.94
N PHE A 16 -15.15 18.33 -7.35
CA PHE A 16 -15.30 18.00 -5.93
C PHE A 16 -13.90 17.89 -5.28
N PRO A 17 -13.73 18.29 -3.98
CA PRO A 17 -12.42 18.25 -3.31
C PRO A 17 -11.91 16.82 -3.04
N LEU A 18 -10.70 16.73 -2.47
CA LEU A 18 -10.13 15.46 -2.02
C LEU A 18 -10.93 14.92 -0.81
N THR A 19 -10.82 13.60 -0.59
CA THR A 19 -11.47 12.89 0.53
C THR A 19 -11.10 13.54 1.89
N PRO A 20 -12.10 13.76 2.84
CA PRO A 20 -11.87 14.43 4.16
C PRO A 20 -10.79 13.73 5.04
N VAL A 21 -10.35 12.54 4.62
CA VAL A 21 -9.25 11.80 5.23
C VAL A 21 -7.88 12.46 4.86
N GLN A 22 -7.01 12.62 5.88
CA GLN A 22 -5.68 13.25 5.76
C GLN A 22 -4.76 12.49 4.78
N HIS A 23 -5.10 11.24 4.49
CA HIS A 23 -4.43 10.42 3.45
C HIS A 23 -4.32 11.20 2.12
N ALA A 24 -5.48 11.72 1.68
CA ALA A 24 -5.62 12.46 0.42
C ALA A 24 -4.96 13.85 0.53
N TYR A 25 -5.12 14.51 1.69
CA TYR A 25 -4.61 15.88 1.88
C TYR A 25 -3.08 15.94 2.00
N LEU A 26 -2.50 15.13 2.90
CA LEU A 26 -1.05 15.11 3.23
C LEU A 26 -0.21 14.89 1.95
N THR A 27 -0.57 13.86 1.16
CA THR A 27 0.13 13.53 -0.10
C THR A 27 -0.12 14.64 -1.17
N GLY A 28 -1.27 15.33 -1.06
CA GLY A 28 -1.64 16.43 -1.96
C GLY A 28 -0.87 17.72 -1.70
N ARG A 29 -0.49 17.95 -0.43
CA ARG A 29 0.22 19.16 -0.02
C ARG A 29 1.73 18.96 -0.11
N MET A 30 2.16 17.68 -0.23
CA MET A 30 3.56 17.31 -0.48
C MET A 30 3.63 16.45 -1.76
N PRO A 31 3.47 17.06 -3.00
CA PRO A 31 3.50 16.32 -4.28
C PRO A 31 4.94 15.90 -4.62
N GLY A 32 5.14 14.58 -4.84
CA GLY A 32 6.47 14.04 -5.19
C GLY A 32 7.46 13.91 -4.02
N GLN A 33 7.14 14.52 -2.86
CA GLN A 33 7.97 14.47 -1.66
C GLN A 33 7.92 13.06 -1.03
N THR A 34 9.11 12.47 -0.82
CA THR A 34 9.25 11.08 -0.35
C THR A 34 8.71 10.90 1.09
N LEU A 35 8.82 11.95 1.93
CA LEU A 35 8.29 11.94 3.31
C LEU A 35 6.76 12.23 3.32
N GLY A 36 6.18 12.55 2.15
CA GLY A 36 4.73 12.60 1.97
C GLY A 36 4.06 11.22 2.01
N GLY A 37 4.91 10.17 2.03
CA GLY A 37 4.46 8.78 2.15
C GLY A 37 4.58 8.00 0.85
N VAL A 38 5.58 8.34 0.02
CA VAL A 38 5.82 7.67 -1.27
C VAL A 38 7.32 7.36 -1.43
N GLY A 39 7.63 6.23 -2.08
CA GLY A 39 9.00 5.89 -2.44
C GLY A 39 9.45 6.64 -3.69
N CYS A 40 9.81 7.94 -3.50
CA CYS A 40 10.18 8.89 -4.57
C CYS A 40 8.95 9.15 -5.50
N HIS A 41 8.75 8.25 -6.48
CA HIS A 41 7.56 8.18 -7.34
C HIS A 41 7.22 6.70 -7.54
N LEU A 42 5.93 6.34 -7.50
CA LEU A 42 5.51 4.93 -7.60
C LEU A 42 5.34 4.49 -9.08
N TYR A 43 5.68 3.22 -9.36
CA TYR A 43 5.47 2.58 -10.66
C TYR A 43 4.90 1.16 -10.46
N GLN A 44 4.11 0.72 -11.45
CA GLN A 44 3.45 -0.60 -11.48
C GLN A 44 3.78 -1.24 -12.84
N GLU A 45 4.39 -2.44 -12.85
CA GLU A 45 4.81 -3.12 -14.10
C GLU A 45 4.13 -4.48 -14.25
N PHE A 46 3.80 -4.85 -15.51
CA PHE A 46 3.23 -6.17 -15.85
C PHE A 46 3.87 -6.69 -17.14
N GLU A 47 4.53 -7.87 -17.05
CA GLU A 47 5.19 -8.52 -18.19
C GLU A 47 4.28 -9.62 -18.76
N GLY A 48 3.80 -9.43 -19.99
CA GLY A 48 3.01 -10.44 -20.70
C GLY A 48 2.80 -10.08 -22.16
N HIS A 49 2.77 -11.09 -23.05
CA HIS A 49 2.36 -10.87 -24.44
C HIS A 49 0.83 -11.10 -24.51
N CYS A 50 0.09 -10.01 -24.75
CA CYS A 50 -1.39 -10.03 -24.86
C CYS A 50 -1.82 -9.52 -26.25
N LEU A 51 -1.24 -8.36 -26.64
CA LEU A 51 -1.67 -7.60 -27.83
C LEU A 51 -0.55 -6.63 -28.26
N THR A 52 -0.81 -5.81 -29.30
CA THR A 52 0.16 -4.81 -29.80
C THR A 52 -0.10 -3.41 -29.20
N ALA A 53 0.85 -2.48 -29.45
CA ALA A 53 0.79 -1.08 -28.95
C ALA A 53 -0.47 -0.35 -29.46
N SER A 54 -0.86 -0.63 -30.71
CA SER A 54 -2.00 0.01 -31.39
C SER A 54 -3.31 -0.24 -30.62
N GLN A 55 -3.49 -1.50 -30.19
CA GLN A 55 -4.68 -1.94 -29.47
C GLN A 55 -4.68 -1.43 -28.01
N LEU A 56 -3.46 -1.24 -27.45
CA LEU A 56 -3.27 -0.63 -26.11
C LEU A 56 -3.73 0.85 -26.13
N GLU A 57 -3.29 1.58 -27.18
CA GLU A 57 -3.60 3.00 -27.38
C GLU A 57 -5.11 3.21 -27.63
N GLN A 58 -5.73 2.27 -28.35
CA GLN A 58 -7.19 2.19 -28.55
C GLN A 58 -7.91 2.16 -27.18
N ALA A 59 -7.43 1.27 -26.29
CA ALA A 59 -8.02 1.04 -24.96
C ALA A 59 -7.95 2.29 -24.07
N ILE A 60 -6.77 2.93 -24.07
CA ILE A 60 -6.49 4.14 -23.26
C ILE A 60 -7.41 5.31 -23.68
N THR A 61 -7.60 5.47 -25.01
CA THR A 61 -8.53 6.49 -25.55
C THR A 61 -9.99 6.22 -25.09
N THR A 62 -10.37 4.92 -25.05
CA THR A 62 -11.72 4.49 -24.66
C THR A 62 -12.01 4.82 -23.17
N LEU A 63 -10.98 4.68 -22.30
CA LEU A 63 -11.10 5.03 -20.85
C LEU A 63 -11.26 6.56 -20.67
N LEU A 64 -10.49 7.33 -21.44
CA LEU A 64 -10.48 8.81 -21.35
C LEU A 64 -11.75 9.44 -21.97
N GLN A 65 -12.42 8.68 -22.85
CA GLN A 65 -13.68 9.09 -23.49
C GLN A 65 -14.88 8.73 -22.59
N ARG A 66 -14.90 7.47 -22.12
CA ARG A 66 -15.98 6.88 -21.30
C ARG A 66 -15.75 7.23 -19.80
N HIS A 67 -16.58 6.71 -18.88
CA HIS A 67 -16.34 6.84 -17.42
C HIS A 67 -16.00 5.46 -16.79
N PRO A 68 -14.67 5.12 -16.69
CA PRO A 68 -14.17 4.07 -15.77
C PRO A 68 -14.12 4.59 -14.32
N MET A 69 -13.57 3.79 -13.40
CA MET A 69 -13.43 4.17 -11.99
C MET A 69 -12.44 5.34 -11.83
N LEU A 70 -11.27 5.24 -12.50
CA LEU A 70 -10.18 6.24 -12.38
C LEU A 70 -10.35 7.42 -13.38
N HIS A 71 -11.61 7.72 -13.79
CA HIS A 71 -11.91 8.78 -14.79
C HIS A 71 -11.75 10.22 -14.24
N ILE A 72 -11.32 10.32 -12.98
CA ILE A 72 -11.00 11.59 -12.31
C ILE A 72 -9.50 11.90 -12.39
N ALA A 73 -9.13 13.18 -12.37
CA ALA A 73 -7.74 13.66 -12.45
C ALA A 73 -7.50 14.75 -11.38
N PHE A 74 -6.27 14.78 -10.78
CA PHE A 74 -5.96 15.73 -9.69
C PHE A 74 -5.31 16.99 -10.27
N ARG A 75 -5.92 18.15 -9.96
CA ARG A 75 -5.43 19.46 -10.39
C ARG A 75 -4.83 20.18 -9.14
N PRO A 76 -3.71 20.99 -9.27
CA PRO A 76 -3.01 21.67 -8.13
C PRO A 76 -3.92 22.57 -7.25
N ASP A 77 -5.19 22.77 -7.67
CA ASP A 77 -6.24 23.44 -6.85
C ASP A 77 -6.42 22.76 -5.48
N GLY A 78 -6.11 21.44 -5.41
CA GLY A 78 -6.35 20.63 -4.22
C GLY A 78 -7.64 19.83 -4.34
N GLN A 79 -8.11 19.66 -5.58
CA GLN A 79 -9.39 18.99 -5.89
C GLN A 79 -9.20 17.97 -7.02
N GLN A 80 -10.20 17.07 -7.16
CA GLN A 80 -10.22 16.03 -8.21
C GLN A 80 -11.51 16.17 -9.06
N VAL A 81 -11.31 16.30 -10.39
CA VAL A 81 -12.40 16.56 -11.36
C VAL A 81 -12.52 15.36 -12.30
N TRP A 82 -13.74 14.96 -12.63
CA TRP A 82 -13.99 13.88 -13.62
C TRP A 82 -13.80 14.44 -15.06
N LEU A 83 -12.87 13.83 -15.81
CA LEU A 83 -12.55 14.21 -17.21
C LEU A 83 -13.26 13.28 -18.21
N PRO A 84 -14.28 13.78 -18.97
CA PRO A 84 -14.89 13.04 -20.11
C PRO A 84 -14.16 13.31 -21.45
N GLN A 85 -12.98 13.97 -21.37
CA GLN A 85 -12.23 14.45 -22.54
C GLN A 85 -10.89 13.70 -22.64
N PRO A 86 -10.64 12.93 -23.74
CA PRO A 86 -9.33 12.27 -23.98
C PRO A 86 -8.21 13.31 -24.20
N TYR A 87 -7.27 13.41 -23.23
CA TYR A 87 -6.12 14.33 -23.31
C TYR A 87 -5.18 13.88 -24.46
N TRP A 88 -4.59 12.68 -24.30
CA TRP A 88 -3.82 11.93 -25.33
C TRP A 88 -3.60 10.51 -24.80
N ASN A 89 -2.97 9.65 -25.62
CA ASN A 89 -2.48 8.35 -25.16
C ASN A 89 -1.13 8.54 -24.47
N GLY A 90 -0.13 9.06 -25.20
CA GLY A 90 1.18 9.36 -24.61
C GLY A 90 2.02 8.13 -24.33
N VAL A 91 1.69 7.01 -25.00
CA VAL A 91 2.38 5.74 -24.83
C VAL A 91 3.78 5.85 -25.44
N THR A 92 4.78 6.15 -24.60
CA THR A 92 6.17 6.23 -25.03
C THR A 92 6.73 4.81 -25.14
N VAL A 93 6.84 4.33 -26.38
CA VAL A 93 7.32 2.98 -26.69
C VAL A 93 8.83 3.04 -26.89
N HIS A 94 9.56 2.21 -26.14
CA HIS A 94 11.01 2.05 -26.30
C HIS A 94 11.27 0.59 -26.70
N ASP A 95 11.96 0.42 -27.81
CA ASP A 95 12.37 -0.88 -28.34
C ASP A 95 13.59 -1.41 -27.57
N LEU A 96 13.46 -2.58 -26.97
CA LEU A 96 14.58 -3.32 -26.36
C LEU A 96 14.70 -4.71 -27.04
N ARG A 97 13.79 -5.00 -28.00
CA ARG A 97 13.68 -6.32 -28.66
C ARG A 97 14.47 -6.40 -29.99
N HIS A 98 14.85 -5.24 -30.55
CA HIS A 98 15.73 -5.16 -31.75
C HIS A 98 17.10 -4.57 -31.37
N ASN A 99 17.10 -3.65 -30.38
CA ASN A 99 18.34 -3.07 -29.79
C ASN A 99 19.21 -4.16 -29.14
N ASP A 100 20.52 -3.89 -29.04
CA ASP A 100 21.51 -4.81 -28.40
C ASP A 100 21.38 -4.76 -26.86
N ALA A 101 22.25 -5.52 -26.16
CA ALA A 101 22.18 -5.73 -24.70
C ALA A 101 22.48 -4.43 -23.91
N GLU A 102 23.53 -3.69 -24.35
CA GLU A 102 23.92 -2.41 -23.68
C GLU A 102 22.92 -1.29 -23.93
N SER A 103 22.22 -1.35 -25.07
CA SER A 103 21.14 -0.41 -25.40
C SER A 103 19.92 -0.69 -24.51
N ARG A 104 19.55 -1.98 -24.42
CA ARG A 104 18.46 -2.48 -23.55
C ARG A 104 18.66 -2.03 -22.09
N GLN A 105 19.91 -2.17 -21.60
CA GLN A 105 20.31 -1.74 -20.25
C GLN A 105 20.17 -0.20 -20.11
N ALA A 106 20.61 0.51 -21.16
CA ALA A 106 20.62 1.99 -21.20
C ALA A 106 19.21 2.59 -21.16
N TYR A 107 18.22 1.87 -21.73
CA TYR A 107 16.80 2.28 -21.67
C TYR A 107 16.27 2.20 -20.23
N LEU A 108 16.56 1.07 -19.57
CA LEU A 108 16.11 0.78 -18.19
C LEU A 108 16.68 1.81 -17.19
N ASP A 109 17.94 2.20 -17.44
CA ASP A 109 18.67 3.17 -16.59
C ASP A 109 18.19 4.61 -16.88
N ALA A 110 17.91 4.90 -18.16
CA ALA A 110 17.43 6.22 -18.61
C ALA A 110 16.07 6.56 -17.99
N LEU A 111 15.10 5.64 -18.16
CA LEU A 111 13.72 5.81 -17.65
C LEU A 111 13.68 5.84 -16.10
N ARG A 112 14.72 5.26 -15.46
CA ARG A 112 14.88 5.28 -13.99
C ARG A 112 15.05 6.73 -13.47
N GLN A 113 15.86 7.54 -14.18
CA GLN A 113 16.08 8.95 -13.78
C GLN A 113 14.80 9.79 -14.06
N ARG A 114 14.07 9.43 -15.13
CA ARG A 114 12.80 10.06 -15.51
C ARG A 114 11.64 9.58 -14.60
N LEU A 115 11.87 8.51 -13.88
CA LEU A 115 10.91 7.95 -12.91
C LEU A 115 10.93 8.83 -11.64
N SER A 116 12.13 9.03 -11.09
CA SER A 116 12.33 9.65 -9.78
C SER A 116 12.41 11.19 -9.86
N HIS A 117 13.20 11.72 -10.82
CA HIS A 117 13.59 13.16 -10.85
C HIS A 117 12.73 14.00 -11.80
N ARG A 118 12.04 13.37 -12.76
CA ARG A 118 11.12 14.07 -13.68
C ARG A 118 9.78 14.31 -12.97
N LEU A 119 9.34 15.57 -12.96
CA LEU A 119 8.03 15.99 -12.45
C LEU A 119 6.98 15.71 -13.54
N LEU A 120 5.97 14.89 -13.20
CA LEU A 120 4.88 14.51 -14.12
C LEU A 120 3.80 15.62 -14.22
N ARG A 121 2.82 15.41 -15.12
CA ARG A 121 1.90 16.47 -15.61
C ARG A 121 0.77 16.80 -14.59
N VAL A 122 1.02 16.58 -13.28
CA VAL A 122 0.07 16.90 -12.18
C VAL A 122 -0.30 18.40 -12.18
N GLU A 123 0.65 19.21 -12.66
CA GLU A 123 0.51 20.66 -12.89
C GLU A 123 -0.68 21.01 -13.83
N ILE A 124 -1.01 20.11 -14.77
CA ILE A 124 -2.04 20.33 -15.81
C ILE A 124 -3.40 19.78 -15.36
N GLY A 125 -3.37 18.91 -14.34
CA GLY A 125 -4.55 18.17 -13.91
C GLY A 125 -4.58 16.79 -14.54
N GLU A 126 -4.55 16.76 -15.88
CA GLU A 126 -4.52 15.50 -16.67
C GLU A 126 -3.09 14.94 -16.64
N THR A 127 -2.85 14.03 -15.68
CA THR A 127 -1.52 13.46 -15.43
C THR A 127 -1.56 11.93 -15.54
N PHE A 128 -0.67 11.42 -16.40
CA PHE A 128 -0.47 9.99 -16.66
C PHE A 128 0.83 9.84 -17.49
N ASP A 129 1.67 8.85 -17.13
CA ASP A 129 2.82 8.46 -17.97
C ASP A 129 3.00 6.94 -17.90
N PHE A 130 3.30 6.33 -19.05
CA PHE A 130 3.56 4.88 -19.14
C PHE A 130 4.53 4.60 -20.31
N GLN A 131 5.65 3.96 -19.95
CA GLN A 131 6.68 3.49 -20.86
C GLN A 131 6.33 2.05 -21.26
N LEU A 132 6.22 1.76 -22.56
CA LEU A 132 5.95 0.41 -23.06
C LEU A 132 7.28 -0.23 -23.47
N THR A 133 7.75 -1.16 -22.63
CA THR A 133 9.04 -1.83 -22.77
C THR A 133 8.89 -3.06 -23.67
N LEU A 134 9.33 -2.96 -24.93
CA LEU A 134 9.35 -4.10 -25.85
C LEU A 134 10.58 -4.96 -25.57
N LEU A 135 10.40 -6.04 -24.78
CA LEU A 135 11.47 -6.99 -24.43
C LEU A 135 11.57 -8.10 -25.50
N PRO A 136 12.78 -8.74 -25.69
CA PRO A 136 12.92 -9.95 -26.56
C PRO A 136 12.01 -11.12 -26.12
N ASP A 137 11.97 -12.18 -26.96
CA ASP A 137 11.12 -13.39 -26.73
C ASP A 137 9.61 -13.00 -26.80
N ASN A 138 9.33 -11.92 -27.57
CA ASN A 138 7.95 -11.41 -27.86
C ASN A 138 7.24 -10.86 -26.59
N ARG A 139 8.02 -10.57 -25.52
CA ARG A 139 7.48 -10.17 -24.21
C ARG A 139 7.29 -8.66 -24.16
N HIS A 140 6.09 -8.20 -23.73
CA HIS A 140 5.79 -6.77 -23.56
C HIS A 140 5.61 -6.49 -22.08
N ARG A 141 6.29 -5.47 -21.55
CA ARG A 141 6.20 -5.08 -20.14
C ARG A 141 5.74 -3.63 -20.08
N LEU A 142 4.54 -3.39 -19.53
CA LEU A 142 3.98 -2.04 -19.41
C LEU A 142 4.40 -1.43 -18.05
N HIS A 143 5.39 -0.53 -18.12
CA HIS A 143 5.86 0.27 -16.99
C HIS A 143 5.01 1.55 -16.89
N VAL A 144 4.02 1.57 -15.99
CA VAL A 144 3.21 2.79 -15.73
C VAL A 144 3.71 3.48 -14.46
N ASN A 145 4.04 4.77 -14.56
CA ASN A 145 4.46 5.60 -13.41
C ASN A 145 3.65 6.90 -13.42
N ILE A 146 3.01 7.21 -12.28
CA ILE A 146 2.05 8.33 -12.18
C ILE A 146 2.29 9.15 -10.90
N ASP A 147 2.00 10.46 -10.96
CA ASP A 147 2.02 11.36 -9.78
C ASP A 147 0.66 12.09 -9.74
N LEU A 148 -0.21 11.63 -8.82
CA LEU A 148 -1.55 12.21 -8.59
C LEU A 148 -2.18 11.62 -7.31
N LEU A 149 -3.26 12.26 -6.84
CA LEU A 149 -4.04 11.83 -5.67
C LEU A 149 -5.17 10.86 -6.03
N ILE A 150 -5.51 10.75 -7.33
CA ILE A 150 -6.72 10.04 -7.78
C ILE A 150 -6.51 8.51 -7.96
N MET A 151 -5.28 8.02 -7.68
CA MET A 151 -4.97 6.58 -7.74
C MET A 151 -4.44 6.11 -6.37
N ASP A 152 -4.83 4.87 -6.03
CA ASP A 152 -4.50 4.20 -4.76
C ASP A 152 -4.46 2.68 -5.05
N ALA A 153 -4.13 1.84 -4.05
CA ALA A 153 -4.15 0.37 -4.20
C ALA A 153 -5.60 -0.16 -4.40
N SER A 154 -6.58 0.61 -3.88
CA SER A 154 -8.01 0.37 -4.10
C SER A 154 -8.39 0.67 -5.58
N SER A 155 -7.98 1.88 -6.03
CA SER A 155 -8.18 2.33 -7.43
C SER A 155 -7.36 1.48 -8.43
N PHE A 156 -6.29 0.82 -7.92
CA PHE A 156 -5.47 -0.12 -8.70
C PHE A 156 -6.30 -1.35 -9.12
N THR A 157 -6.93 -2.03 -8.14
CA THR A 157 -7.69 -3.27 -8.39
C THR A 157 -8.86 -3.04 -9.37
N LEU A 158 -9.49 -1.85 -9.22
CA LEU A 158 -10.56 -1.40 -10.13
C LEU A 158 -10.01 -1.23 -11.57
N PHE A 159 -8.94 -0.43 -11.73
CA PHE A 159 -8.30 -0.16 -13.03
C PHE A 159 -7.70 -1.44 -13.66
N PHE A 160 -7.22 -2.35 -12.81
CA PHE A 160 -6.54 -3.59 -13.23
C PHE A 160 -7.50 -4.45 -14.04
N ASP A 161 -8.75 -4.55 -13.55
CA ASP A 161 -9.84 -5.27 -14.22
C ASP A 161 -10.23 -4.59 -15.54
N GLU A 162 -10.45 -3.26 -15.45
CA GLU A 162 -10.88 -2.43 -16.60
C GLU A 162 -9.82 -2.40 -17.72
N LEU A 163 -8.56 -2.62 -17.32
CA LEU A 163 -7.41 -2.64 -18.24
C LEU A 163 -7.49 -3.89 -19.12
N ASN A 164 -7.44 -5.09 -18.49
CA ASN A 164 -7.46 -6.37 -19.22
C ASN A 164 -8.77 -6.57 -20.02
N ALA A 165 -9.87 -5.98 -19.53
CA ALA A 165 -11.18 -6.02 -20.19
C ALA A 165 -11.12 -5.37 -21.59
N LEU A 166 -10.57 -4.14 -21.63
CA LEU A 166 -10.41 -3.35 -22.87
C LEU A 166 -9.30 -3.93 -23.77
N LEU A 167 -8.27 -4.54 -23.14
CA LEU A 167 -7.15 -5.20 -23.86
C LEU A 167 -7.58 -6.56 -24.45
N ALA A 168 -8.72 -7.09 -23.97
CA ALA A 168 -9.30 -8.36 -24.46
C ALA A 168 -10.29 -8.10 -25.62
N GLY A 169 -10.17 -6.93 -26.28
CA GLY A 169 -11.08 -6.55 -27.36
C GLY A 169 -12.38 -5.94 -26.84
N GLU A 170 -12.25 -5.22 -25.70
CA GLU A 170 -13.39 -4.54 -25.02
C GLU A 170 -14.42 -5.58 -24.49
N SER A 171 -13.92 -6.79 -24.19
CA SER A 171 -14.75 -7.84 -23.58
C SER A 171 -14.83 -7.55 -22.06
N LEU A 172 -16.03 -7.17 -21.59
CA LEU A 172 -16.25 -6.68 -20.23
C LEU A 172 -16.78 -7.80 -19.33
N PRO A 173 -16.15 -8.07 -18.15
CA PRO A 173 -16.79 -8.84 -17.04
C PRO A 173 -17.89 -7.99 -16.39
N ALA A 174 -18.56 -8.53 -15.35
CA ALA A 174 -19.61 -7.77 -14.66
C ALA A 174 -18.97 -6.61 -13.87
N ILE A 175 -19.16 -5.38 -14.41
CA ILE A 175 -18.59 -4.13 -13.86
C ILE A 175 -19.74 -3.19 -13.55
N ASP A 176 -19.96 -2.88 -12.26
CA ASP A 176 -21.01 -1.94 -11.84
C ASP A 176 -20.49 -0.49 -11.97
N THR A 177 -20.75 0.10 -13.14
CA THR A 177 -20.47 1.52 -13.44
C THR A 177 -21.66 2.41 -13.01
N ARG A 178 -22.70 1.77 -12.42
CA ARG A 178 -23.93 2.47 -11.94
C ARG A 178 -23.57 3.36 -10.74
N TYR A 179 -22.59 2.91 -9.96
CA TYR A 179 -22.14 3.61 -8.75
C TYR A 179 -20.68 4.04 -8.96
N ASP A 180 -20.48 5.36 -9.13
CA ASP A 180 -19.13 5.94 -9.29
C ASP A 180 -18.46 6.18 -7.92
N PHE A 181 -17.18 6.58 -7.97
CA PHE A 181 -16.40 6.97 -6.77
C PHE A 181 -17.05 8.17 -6.06
N ARG A 182 -17.45 9.18 -6.87
CA ARG A 182 -18.15 10.42 -6.40
C ARG A 182 -19.44 10.08 -5.58
N SER A 183 -20.10 8.98 -5.97
CA SER A 183 -21.36 8.50 -5.37
C SER A 183 -21.09 7.88 -3.99
N TYR A 184 -19.92 7.22 -3.86
CA TYR A 184 -19.50 6.57 -2.61
C TYR A 184 -19.28 7.62 -1.50
N LEU A 185 -18.54 8.70 -1.84
CA LEU A 185 -18.20 9.77 -0.88
C LEU A 185 -19.46 10.48 -0.35
N LEU A 186 -20.48 10.64 -1.24
CA LEU A 186 -21.81 11.17 -0.86
C LEU A 186 -22.40 10.41 0.34
N HIS A 187 -22.62 9.10 0.14
CA HIS A 187 -23.38 8.27 1.10
C HIS A 187 -22.54 7.95 2.33
N GLN A 188 -21.25 7.70 2.11
CA GLN A 188 -20.32 7.26 3.16
C GLN A 188 -20.11 8.40 4.18
N GLN A 189 -20.04 9.65 3.68
CA GLN A 189 -19.99 10.85 4.55
C GLN A 189 -21.37 11.11 5.20
N LYS A 190 -22.45 10.83 4.46
CA LYS A 190 -23.85 11.03 4.93
C LYS A 190 -24.15 10.19 6.18
N ILE A 191 -23.59 8.95 6.23
CA ILE A 191 -23.75 8.05 7.40
C ILE A 191 -22.65 8.31 8.47
N ASN A 192 -21.60 9.06 8.06
CA ASN A 192 -20.48 9.44 8.96
C ASN A 192 -20.84 10.68 9.81
N GLN A 193 -21.69 11.57 9.27
CA GLN A 193 -22.09 12.84 9.94
C GLN A 193 -22.92 12.63 11.24
N PRO A 194 -23.96 11.71 11.30
CA PRO A 194 -24.63 11.36 12.59
C PRO A 194 -23.67 10.65 13.55
N LEU A 195 -22.78 9.83 12.98
CA LEU A 195 -21.77 9.04 13.70
C LEU A 195 -20.58 9.92 14.16
N ARG A 196 -20.46 11.14 13.59
CA ARG A 196 -19.31 12.06 13.78
C ARG A 196 -19.00 12.32 15.26
N ASP A 197 -20.05 12.43 16.07
CA ASP A 197 -19.95 12.72 17.51
C ASP A 197 -19.27 11.55 18.25
N ASP A 198 -19.63 10.33 17.82
CA ASP A 198 -19.02 9.09 18.29
C ASP A 198 -17.60 8.93 17.72
N ALA A 199 -17.41 9.42 16.48
CA ALA A 199 -16.12 9.37 15.78
C ALA A 199 -15.08 10.22 16.52
N ARG A 200 -15.55 11.37 17.05
CA ARG A 200 -14.75 12.29 17.84
C ARG A 200 -14.31 11.60 19.15
N ALA A 201 -15.30 11.27 19.99
CA ALA A 201 -15.07 10.81 21.38
C ALA A 201 -14.33 9.45 21.45
N TYR A 202 -14.82 8.47 20.67
CA TYR A 202 -14.39 7.07 20.80
C TYR A 202 -13.04 6.78 20.09
N TRP A 203 -12.85 7.31 18.87
CA TRP A 203 -11.56 7.12 18.14
C TRP A 203 -10.42 7.93 18.82
N LEU A 204 -10.77 9.07 19.47
CA LEU A 204 -9.80 9.87 20.27
C LEU A 204 -9.46 9.14 21.58
N ALA A 205 -10.48 8.51 22.20
CA ALA A 205 -10.30 7.72 23.44
C ALA A 205 -9.36 6.52 23.16
N LYS A 206 -9.51 5.95 21.95
CA LYS A 206 -8.64 4.85 21.48
C LYS A 206 -7.19 5.36 21.32
N ALA A 207 -7.05 6.54 20.68
CA ALA A 207 -5.75 7.20 20.43
C ALA A 207 -5.01 7.50 21.74
N SER A 208 -5.76 8.03 22.72
CA SER A 208 -5.24 8.49 24.02
C SER A 208 -4.62 7.31 24.80
N THR A 209 -5.23 6.13 24.67
CA THR A 209 -4.77 4.90 25.34
C THR A 209 -3.73 4.14 24.48
N LEU A 210 -3.70 4.44 23.16
CA LEU A 210 -2.68 3.91 22.23
C LEU A 210 -1.34 4.66 22.43
N PRO A 211 -0.17 3.99 22.17
CA PRO A 211 1.18 4.64 22.18
C PRO A 211 1.39 5.55 20.93
N PRO A 212 2.44 6.45 20.92
CA PRO A 212 2.74 7.32 19.75
C PRO A 212 3.12 6.53 18.48
N ALA A 213 2.84 7.14 17.30
CA ALA A 213 3.18 6.56 15.99
C ALA A 213 4.73 6.53 15.79
N PRO A 214 5.26 5.42 15.13
CA PRO A 214 6.70 5.04 15.10
C PRO A 214 7.72 6.18 15.23
N VAL A 215 8.55 6.07 16.28
CA VAL A 215 9.58 7.05 16.60
C VAL A 215 10.93 6.51 16.12
N LEU A 216 11.36 6.97 14.95
CA LEU A 216 12.68 6.67 14.37
C LEU A 216 13.24 7.99 13.83
N PRO A 217 14.33 8.56 14.45
CA PRO A 217 14.89 9.88 14.03
C PRO A 217 15.45 9.84 12.60
N LEU A 218 15.39 10.98 11.90
CA LEU A 218 15.94 11.11 10.56
C LEU A 218 17.43 11.50 10.68
N ALA A 219 18.36 10.66 10.14
CA ALA A 219 19.81 10.95 10.18
C ALA A 219 20.15 12.20 9.33
N CYS A 220 19.31 12.47 8.32
CA CYS A 220 19.40 13.68 7.47
C CYS A 220 17.99 14.18 7.08
N GLU A 221 17.94 15.45 6.62
CA GLU A 221 16.69 16.11 6.15
C GLU A 221 16.50 15.89 4.63
N PRO A 222 15.22 15.83 4.12
CA PRO A 222 14.92 15.45 2.70
C PRO A 222 15.53 16.43 1.67
N ALA A 223 15.68 17.70 2.08
CA ALA A 223 16.16 18.79 1.21
C ALA A 223 17.65 18.61 0.80
N THR A 224 18.42 17.92 1.67
CA THR A 224 19.84 17.61 1.41
C THR A 224 19.99 16.43 0.43
N LEU A 225 19.08 15.44 0.51
CA LEU A 225 19.13 14.25 -0.34
C LEU A 225 18.64 14.60 -1.76
N ARG A 226 19.60 14.79 -2.69
CA ARG A 226 19.30 15.05 -4.12
C ARG A 226 18.74 13.79 -4.76
N GLU A 227 19.49 12.70 -4.54
CA GLU A 227 19.15 11.39 -5.08
C GLU A 227 18.54 10.55 -3.95
N VAL A 228 17.27 10.19 -4.12
CA VAL A 228 16.53 9.32 -3.20
C VAL A 228 16.35 7.94 -3.86
N ARG A 229 16.71 6.87 -3.12
CA ARG A 229 16.59 5.48 -3.61
C ARG A 229 15.70 4.69 -2.65
N ASN A 230 14.51 4.30 -3.14
CA ASN A 230 13.59 3.43 -2.40
C ASN A 230 14.13 2.00 -2.41
N THR A 231 14.35 1.42 -1.22
CA THR A 231 15.05 0.14 -1.07
C THR A 231 14.04 -0.99 -0.80
N ARG A 232 13.87 -1.87 -1.80
CA ARG A 232 13.15 -3.13 -1.65
C ARG A 232 14.11 -4.19 -1.09
N ARG A 233 14.02 -4.45 0.22
CA ARG A 233 14.72 -5.55 0.88
C ARG A 233 13.78 -6.76 0.90
N ARG A 234 14.06 -7.76 0.05
CA ARG A 234 13.20 -8.95 -0.08
C ARG A 234 13.79 -10.11 0.73
N MET A 235 13.09 -10.50 1.80
CA MET A 235 13.35 -11.72 2.54
C MET A 235 12.39 -12.78 2.01
N ILE A 236 12.90 -13.68 1.16
CA ILE A 236 12.11 -14.75 0.57
C ILE A 236 12.23 -16.02 1.43
N VAL A 237 11.08 -16.60 1.80
CA VAL A 237 11.01 -17.87 2.54
C VAL A 237 10.01 -18.80 1.81
N PRO A 238 10.36 -20.10 1.59
CA PRO A 238 9.40 -21.11 1.08
C PRO A 238 8.20 -21.35 2.04
N ALA A 239 7.08 -21.82 1.48
CA ALA A 239 5.84 -22.10 2.22
C ALA A 239 6.01 -23.28 3.21
N THR A 240 7.13 -24.02 3.07
CA THR A 240 7.50 -25.12 3.96
C THR A 240 7.53 -24.63 5.44
N ARG A 241 8.31 -23.57 5.71
CA ARG A 241 8.42 -22.97 7.06
C ARG A 241 7.29 -21.96 7.32
N TRP A 242 6.95 -21.15 6.28
CA TRP A 242 5.93 -20.08 6.37
C TRP A 242 4.60 -20.64 6.88
N HIS A 243 4.08 -21.64 6.16
CA HIS A 243 2.78 -22.26 6.46
C HIS A 243 2.84 -23.11 7.74
N ALA A 244 3.98 -23.81 7.98
CA ALA A 244 4.18 -24.62 9.22
C ALA A 244 4.06 -23.75 10.50
N PHE A 245 4.69 -22.56 10.44
CA PHE A 245 4.62 -21.56 11.52
C PHE A 245 3.17 -21.02 11.61
N SER A 246 2.61 -20.69 10.45
CA SER A 246 1.28 -20.04 10.33
C SER A 246 0.15 -20.91 10.93
N ASN A 247 0.25 -22.25 10.77
CA ASN A 247 -0.69 -23.21 11.38
C ASN A 247 -0.59 -23.12 12.90
N ARG A 248 0.65 -23.15 13.39
CA ARG A 248 0.98 -23.10 14.84
C ARG A 248 0.53 -21.77 15.49
N ALA A 249 0.60 -20.68 14.71
CA ALA A 249 0.11 -19.35 15.12
C ALA A 249 -1.42 -19.36 15.17
N GLY A 250 -2.04 -20.04 14.18
CA GLY A 250 -3.48 -20.25 14.15
C GLY A 250 -3.98 -21.10 15.31
N GLU A 251 -3.13 -22.07 15.76
CA GLU A 251 -3.45 -22.96 16.89
C GLU A 251 -3.45 -22.19 18.22
N TYR A 252 -2.70 -21.06 18.27
CA TYR A 252 -2.72 -20.11 19.41
C TYR A 252 -4.09 -19.45 19.59
N GLY A 253 -4.96 -19.57 18.57
CA GLY A 253 -6.26 -18.91 18.56
C GLY A 253 -6.16 -17.46 18.11
N VAL A 254 -5.08 -17.16 17.36
CA VAL A 254 -4.84 -15.83 16.77
C VAL A 254 -4.82 -15.98 15.24
N THR A 255 -4.67 -14.87 14.48
CA THR A 255 -4.76 -14.91 13.02
C THR A 255 -3.45 -15.50 12.43
N PRO A 256 -3.54 -16.65 11.66
CA PRO A 256 -2.36 -17.45 11.23
C PRO A 256 -1.23 -16.64 10.53
N THR A 257 -1.52 -16.12 9.33
CA THR A 257 -0.51 -15.45 8.47
C THR A 257 -0.25 -14.00 8.90
N MET A 258 -1.30 -13.31 9.37
CA MET A 258 -1.20 -11.90 9.81
C MET A 258 -0.38 -11.76 11.11
N ALA A 259 -0.27 -12.85 11.90
CA ALA A 259 0.60 -12.89 13.10
C ALA A 259 2.07 -12.67 12.70
N LEU A 260 2.47 -13.29 11.58
CA LEU A 260 3.82 -13.17 10.98
C LEU A 260 4.08 -11.74 10.49
N ALA A 261 3.13 -11.24 9.67
CA ALA A 261 3.24 -9.93 9.00
C ALA A 261 3.24 -8.76 10.02
N THR A 262 2.42 -8.90 11.07
CA THR A 262 2.35 -7.94 12.18
C THR A 262 3.65 -8.00 12.99
N CYS A 263 4.14 -9.22 13.28
CA CYS A 263 5.37 -9.43 14.10
C CYS A 263 6.62 -8.83 13.43
N PHE A 264 6.66 -8.81 12.09
CA PHE A 264 7.73 -8.18 11.32
C PHE A 264 7.76 -6.67 11.63
N SER A 265 6.64 -6.00 11.34
CA SER A 265 6.50 -4.54 11.46
C SER A 265 6.53 -4.10 12.95
N ALA A 266 6.12 -5.02 13.84
CA ALA A 266 6.09 -4.80 15.29
C ALA A 266 7.53 -4.67 15.80
N VAL A 267 8.30 -5.75 15.65
CA VAL A 267 9.70 -5.83 16.08
C VAL A 267 10.56 -4.71 15.43
N LEU A 268 10.20 -4.33 14.18
CA LEU A 268 10.86 -3.26 13.40
C LEU A 268 10.74 -1.88 14.09
N ALA A 269 9.50 -1.43 14.31
CA ALA A 269 9.21 -0.06 14.79
C ALA A 269 9.32 0.04 16.34
N ARG A 270 8.80 -0.98 17.03
CA ARG A 270 8.82 -1.11 18.53
C ARG A 270 10.27 -1.05 19.10
N TRP A 271 11.25 -1.51 18.29
CA TRP A 271 12.68 -1.53 18.71
C TRP A 271 13.20 -0.10 19.05
N GLY A 272 12.53 0.93 18.50
CA GLY A 272 12.89 2.34 18.74
C GLY A 272 12.51 2.88 20.14
N GLY A 273 12.38 1.98 21.13
CA GLY A 273 12.17 2.34 22.54
C GLY A 273 10.74 2.17 23.02
N LEU A 274 9.80 1.98 22.07
CA LEU A 274 8.36 1.89 22.37
C LEU A 274 7.92 0.42 22.38
N THR A 275 7.96 -0.20 23.57
CA THR A 275 7.58 -1.63 23.79
C THR A 275 6.15 -1.92 23.28
N ARG A 276 5.26 -0.94 23.46
CA ARG A 276 3.94 -0.92 22.83
C ARG A 276 4.01 0.08 21.66
N LEU A 277 3.51 -0.32 20.49
CA LEU A 277 3.55 0.55 19.28
C LEU A 277 2.53 0.05 18.25
N LEU A 278 1.70 0.97 17.74
CA LEU A 278 0.58 0.66 16.81
C LEU A 278 1.08 0.55 15.34
N LEU A 279 0.74 -0.58 14.68
CA LEU A 279 1.06 -0.85 13.26
C LEU A 279 -0.23 -0.82 12.44
N ASN A 280 -0.16 -0.31 11.21
CA ASN A 280 -1.32 -0.22 10.30
C ASN A 280 -1.40 -1.49 9.41
N ILE A 281 -2.45 -2.30 9.62
CA ILE A 281 -2.72 -3.51 8.80
C ILE A 281 -3.78 -3.14 7.77
N THR A 282 -3.46 -3.17 6.46
CA THR A 282 -4.48 -2.84 5.45
C THR A 282 -5.38 -4.08 5.21
N LEU A 283 -6.59 -4.02 5.79
CA LEU A 283 -7.67 -4.98 5.53
C LEU A 283 -8.55 -4.44 4.40
N PHE A 284 -9.16 -5.37 3.66
CA PHE A 284 -10.13 -5.05 2.61
C PHE A 284 -11.51 -5.57 3.03
N ASP A 285 -12.44 -4.65 3.27
CA ASP A 285 -13.82 -5.01 3.62
C ASP A 285 -14.77 -4.31 2.65
N ARG A 286 -15.22 -5.07 1.65
CA ARG A 286 -16.24 -4.60 0.71
C ARG A 286 -17.59 -4.40 1.43
N GLN A 287 -17.80 -3.18 1.94
CA GLN A 287 -19.09 -2.77 2.52
C GLN A 287 -20.04 -2.36 1.37
N PRO A 288 -21.06 -3.24 1.01
CA PRO A 288 -21.94 -3.00 -0.13
C PRO A 288 -23.16 -2.17 0.30
N LEU A 289 -22.88 -0.89 0.62
CA LEU A 289 -23.89 0.13 1.00
C LEU A 289 -25.06 0.17 -0.01
N HIS A 290 -24.74 0.05 -1.31
CA HIS A 290 -25.72 -0.29 -2.36
C HIS A 290 -25.46 -1.73 -2.88
N PRO A 291 -26.52 -2.49 -3.32
CA PRO A 291 -26.38 -3.82 -3.96
C PRO A 291 -25.35 -3.87 -5.13
N ALA A 292 -25.26 -2.75 -5.89
CA ALA A 292 -24.30 -2.62 -7.02
C ALA A 292 -22.83 -2.58 -6.53
N VAL A 293 -22.62 -2.10 -5.29
CA VAL A 293 -21.28 -2.02 -4.68
C VAL A 293 -20.78 -3.42 -4.23
N GLY A 294 -21.69 -4.42 -4.27
CA GLY A 294 -21.35 -5.82 -4.01
C GLY A 294 -20.13 -6.33 -4.80
N ALA A 295 -19.98 -5.84 -6.05
CA ALA A 295 -18.83 -6.21 -6.93
C ALA A 295 -17.81 -5.03 -7.05
N MET A 296 -18.19 -3.85 -6.55
CA MET A 296 -17.32 -2.65 -6.60
C MET A 296 -16.39 -2.61 -5.36
N LEU A 297 -15.06 -2.63 -5.62
CA LEU A 297 -14.07 -2.51 -4.54
C LEU A 297 -13.92 -1.01 -4.17
N ALA A 298 -14.67 -0.59 -3.14
CA ALA A 298 -14.69 0.79 -2.66
C ALA A 298 -13.73 0.95 -1.45
N ASP A 299 -14.13 0.35 -0.31
CA ASP A 299 -13.30 0.31 0.91
C ASP A 299 -12.40 -0.94 0.86
N PHE A 300 -11.33 -0.84 0.06
CA PHE A 300 -10.37 -1.95 -0.16
C PHE A 300 -9.10 -1.72 0.69
N THR A 301 -8.72 -0.46 0.88
CA THR A 301 -7.56 -0.08 1.70
C THR A 301 -8.03 0.63 2.99
N ASN A 302 -8.10 -0.15 4.09
CA ASN A 302 -8.53 0.35 5.40
C ASN A 302 -7.55 -0.19 6.46
N ILE A 303 -6.83 0.74 7.12
CA ILE A 303 -5.66 0.41 7.95
C ILE A 303 -6.02 0.30 9.46
N LEU A 304 -5.78 -0.89 10.04
CA LEU A 304 -6.15 -1.24 11.42
C LEU A 304 -4.95 -1.01 12.35
N LEU A 305 -5.17 -0.27 13.43
CA LEU A 305 -4.14 0.10 14.39
C LEU A 305 -3.98 -0.98 15.49
N LEU A 306 -3.00 -1.88 15.28
CA LEU A 306 -2.74 -3.01 16.18
C LEU A 306 -1.40 -2.78 16.93
N ASP A 307 -1.50 -2.60 18.25
CA ASP A 307 -0.36 -2.25 19.12
C ASP A 307 0.40 -3.51 19.61
N THR A 308 1.74 -3.50 19.44
CA THR A 308 2.67 -4.48 20.04
C THR A 308 2.57 -4.48 21.59
N ALA A 309 2.90 -5.62 22.24
CA ALA A 309 2.85 -5.75 23.72
C ALA A 309 4.16 -5.27 24.38
N CYS A 310 5.20 -6.15 24.36
CA CYS A 310 6.52 -5.88 25.00
C CYS A 310 7.42 -7.12 24.83
N ASP A 311 8.64 -7.01 25.38
CA ASP A 311 9.64 -8.10 25.39
C ASP A 311 9.88 -8.55 26.84
N GLY A 312 10.70 -9.59 27.00
CA GLY A 312 11.12 -10.08 28.33
C GLY A 312 10.34 -11.32 28.77
N ASP A 313 9.28 -11.65 28.03
CA ASP A 313 8.40 -12.81 28.31
C ASP A 313 8.12 -13.55 26.99
N THR A 314 7.34 -14.64 27.06
CA THR A 314 7.00 -15.51 25.92
C THR A 314 6.37 -14.71 24.74
N VAL A 315 6.52 -15.26 23.53
CA VAL A 315 5.93 -14.69 22.29
C VAL A 315 4.38 -14.72 22.34
N SER A 316 3.84 -15.59 23.24
CA SER A 316 2.40 -15.72 23.52
C SER A 316 1.78 -14.36 23.92
N ASN A 317 2.62 -13.47 24.47
CA ASN A 317 2.23 -12.11 24.87
C ASN A 317 1.83 -11.28 23.65
N LEU A 318 2.68 -11.33 22.58
CA LEU A 318 2.41 -10.63 21.31
C LEU A 318 1.15 -11.21 20.66
N ALA A 319 1.05 -12.55 20.67
CA ALA A 319 -0.07 -13.31 20.06
C ALA A 319 -1.43 -12.87 20.64
N ARG A 320 -1.57 -12.94 21.97
CA ARG A 320 -2.83 -12.65 22.68
C ARG A 320 -3.16 -11.15 22.63
N LYS A 321 -2.11 -10.32 22.67
CA LYS A 321 -2.21 -8.85 22.50
C LYS A 321 -2.85 -8.51 21.15
N ASN A 322 -2.29 -9.11 20.10
CA ASN A 322 -2.72 -8.89 18.72
C ASN A 322 -4.16 -9.33 18.53
N GLN A 323 -4.49 -10.53 19.02
CA GLN A 323 -5.85 -11.13 18.91
C GLN A 323 -6.92 -10.25 19.60
N LEU A 324 -6.60 -9.80 20.83
CA LEU A 324 -7.53 -9.03 21.69
C LEU A 324 -7.94 -7.69 21.04
N THR A 325 -6.92 -6.88 20.74
CA THR A 325 -7.12 -5.51 20.25
C THR A 325 -7.41 -5.47 18.74
N PHE A 326 -7.09 -6.56 18.00
CA PHE A 326 -7.49 -6.70 16.58
C PHE A 326 -9.03 -6.70 16.47
N THR A 327 -9.69 -7.52 17.31
CA THR A 327 -11.16 -7.63 17.34
C THR A 327 -11.82 -6.30 17.74
N GLU A 328 -11.25 -5.65 18.77
CA GLU A 328 -11.70 -4.36 19.30
C GLU A 328 -11.62 -3.26 18.22
N ASP A 329 -10.44 -3.15 17.62
CA ASP A 329 -10.14 -2.09 16.67
C ASP A 329 -10.89 -2.31 15.35
N TRP A 330 -11.02 -3.61 14.96
CA TRP A 330 -11.78 -4.04 13.76
C TRP A 330 -13.28 -3.71 13.92
N GLU A 331 -13.76 -3.76 15.16
CA GLU A 331 -15.16 -3.46 15.50
C GLU A 331 -15.49 -2.00 15.13
N HIS A 332 -14.49 -1.10 15.22
CA HIS A 332 -14.65 0.31 14.80
C HIS A 332 -13.76 0.70 13.58
N ARG A 333 -13.25 -0.31 12.84
CA ARG A 333 -12.32 -0.08 11.70
C ARG A 333 -13.02 0.11 10.33
N HIS A 334 -14.36 0.28 10.28
CA HIS A 334 -15.05 0.67 9.01
C HIS A 334 -14.67 2.10 8.57
N TRP A 335 -13.90 2.82 9.43
CA TRP A 335 -13.24 4.09 9.09
C TRP A 335 -11.74 3.90 9.30
N SER A 336 -10.92 4.38 8.33
CA SER A 336 -9.48 4.11 8.29
C SER A 336 -8.71 4.68 9.51
N GLY A 337 -7.63 3.97 9.88
CA GLY A 337 -6.74 4.35 10.98
C GLY A 337 -6.03 5.69 10.77
N VAL A 338 -6.03 6.20 9.52
CA VAL A 338 -5.41 7.50 9.17
C VAL A 338 -5.87 8.62 10.14
N GLU A 339 -7.20 8.73 10.32
CA GLU A 339 -7.82 9.82 11.11
C GLU A 339 -7.61 9.64 12.63
N LEU A 340 -7.51 8.39 13.08
CA LEU A 340 -7.23 8.06 14.49
C LEU A 340 -5.75 8.41 14.82
N LEU A 341 -4.85 8.14 13.87
CA LEU A 341 -3.39 8.42 13.99
C LEU A 341 -3.15 9.94 13.81
N ARG A 342 -3.95 10.56 12.94
CA ARG A 342 -3.90 12.02 12.63
C ARG A 342 -4.38 12.81 13.84
N GLU A 343 -5.35 12.24 14.57
CA GLU A 343 -5.85 12.81 15.81
C GLU A 343 -4.76 12.75 16.88
N LEU A 344 -4.17 11.54 17.05
CA LEU A 344 -3.10 11.28 18.02
C LEU A 344 -1.89 12.21 17.79
N LYS A 345 -1.58 12.44 16.51
CA LYS A 345 -0.52 13.36 16.07
C LYS A 345 -0.84 14.81 16.51
N ARG A 346 -2.11 15.19 16.37
CA ARG A 346 -2.63 16.53 16.74
C ARG A 346 -2.71 16.67 18.29
N GLN A 347 -2.74 15.51 19.00
CA GLN A 347 -2.78 15.46 20.49
C GLN A 347 -1.38 15.69 21.12
N GLN A 348 -0.43 16.30 20.36
CA GLN A 348 0.96 16.57 20.81
C GLN A 348 1.75 15.24 21.03
N ARG A 349 1.22 14.14 20.46
CA ARG A 349 1.81 12.79 20.62
C ARG A 349 2.56 12.42 19.31
N TYR A 350 3.47 13.32 18.89
CA TYR A 350 4.33 13.13 17.71
C TYR A 350 5.81 13.36 18.11
N PRO A 351 6.54 12.30 18.60
CA PRO A 351 8.01 12.35 18.78
C PRO A 351 8.73 12.23 17.41
N HIS A 352 8.08 11.48 16.50
CA HIS A 352 8.42 11.43 15.07
C HIS A 352 7.13 11.23 14.25
N GLY A 353 6.24 10.33 14.75
CA GLY A 353 4.90 10.14 14.19
C GLY A 353 4.90 9.58 12.77
N ALA A 354 5.61 8.46 12.55
CA ALA A 354 5.76 7.85 11.21
C ALA A 354 4.55 6.94 10.88
N PRO A 355 3.92 7.09 9.66
CA PRO A 355 2.84 6.19 9.21
C PRO A 355 3.36 4.90 8.52
N VAL A 356 3.50 3.80 9.30
CA VAL A 356 3.95 2.50 8.77
C VAL A 356 2.73 1.55 8.55
N VAL A 357 2.57 1.10 7.31
CA VAL A 357 1.49 0.18 6.88
C VAL A 357 2.16 -1.08 6.34
N PHE A 358 1.52 -2.25 6.38
CA PHE A 358 2.00 -3.43 5.64
C PHE A 358 0.86 -4.06 4.82
N THR A 359 1.14 -4.29 3.52
CA THR A 359 0.19 -4.95 2.61
C THR A 359 0.58 -6.43 2.44
N SER A 360 -0.21 -7.33 3.05
CA SER A 360 0.05 -8.77 3.03
C SER A 360 -1.22 -9.50 2.54
N ASN A 361 -1.09 -10.25 1.42
CA ASN A 361 -2.21 -11.02 0.83
C ASN A 361 -1.71 -12.40 0.42
N LEU A 362 -2.29 -13.43 1.04
CA LEU A 362 -1.98 -14.85 0.81
C LEU A 362 -3.10 -15.50 -0.02
N GLY A 363 -2.86 -16.74 -0.46
CA GLY A 363 -3.76 -17.42 -1.42
C GLY A 363 -3.47 -16.97 -2.84
N ARG A 364 -2.17 -16.74 -3.12
CA ARG A 364 -1.67 -16.30 -4.42
C ARG A 364 -1.27 -17.52 -5.28
N SER A 365 -0.73 -17.24 -6.48
CA SER A 365 -0.45 -18.28 -7.49
C SER A 365 0.83 -19.08 -7.14
N LEU A 366 0.65 -20.40 -6.87
CA LEU A 366 1.74 -21.35 -6.60
C LEU A 366 1.98 -22.21 -7.86
N TYR A 367 0.95 -22.98 -8.27
CA TYR A 367 1.04 -23.93 -9.40
C TYR A 367 1.41 -23.19 -10.72
N SER A 368 0.53 -22.29 -11.15
CA SER A 368 0.78 -21.41 -12.29
C SER A 368 1.61 -20.19 -11.84
N SER A 369 2.36 -19.60 -12.78
CA SER A 369 3.11 -18.36 -12.53
C SER A 369 2.12 -17.20 -12.27
N ARG A 370 1.01 -17.18 -13.05
CA ARG A 370 -0.13 -16.31 -12.76
C ARG A 370 -1.46 -17.10 -12.95
N ALA A 371 -2.25 -17.20 -11.87
CA ALA A 371 -3.62 -17.75 -11.92
C ALA A 371 -4.64 -16.60 -12.00
N GLU A 372 -4.54 -15.68 -11.02
CA GLU A 372 -5.54 -14.60 -10.81
C GLU A 372 -5.15 -13.29 -11.54
N SER A 373 -4.00 -13.30 -12.23
CA SER A 373 -3.57 -12.17 -13.06
C SER A 373 -3.94 -12.48 -14.53
N PRO A 374 -5.04 -11.83 -15.09
CA PRO A 374 -5.61 -12.20 -16.42
C PRO A 374 -4.65 -11.98 -17.60
N LEU A 375 -3.91 -10.85 -17.59
CA LEU A 375 -3.15 -10.38 -18.77
C LEU A 375 -1.63 -10.64 -18.64
N GLY A 376 -1.04 -10.32 -17.48
CA GLY A 376 0.43 -10.31 -17.34
C GLY A 376 0.90 -10.73 -15.96
N GLU A 377 2.22 -10.95 -15.86
CA GLU A 377 2.90 -11.29 -14.60
C GLU A 377 3.02 -10.03 -13.72
N PRO A 378 2.64 -10.10 -12.40
CA PRO A 378 2.94 -9.01 -11.45
C PRO A 378 4.47 -8.92 -11.25
N GLU A 379 5.07 -7.86 -11.81
CA GLU A 379 6.53 -7.67 -11.80
C GLU A 379 6.99 -7.20 -10.41
N TRP A 380 8.07 -7.82 -9.96
CA TRP A 380 8.72 -7.49 -8.69
C TRP A 380 9.54 -6.20 -8.86
N GLY A 381 9.38 -5.24 -7.93
CA GLY A 381 10.09 -3.97 -8.03
C GLY A 381 9.89 -3.11 -6.81
N ILE A 382 10.32 -1.84 -6.92
CA ILE A 382 10.26 -0.88 -5.81
C ILE A 382 9.12 0.10 -6.06
N SER A 383 8.69 0.81 -5.01
CA SER A 383 7.73 1.93 -5.12
C SER A 383 6.40 1.46 -5.76
N GLN A 384 5.70 0.55 -5.09
CA GLN A 384 4.38 0.03 -5.55
C GLN A 384 3.49 -0.23 -4.33
N THR A 385 3.75 0.56 -3.29
CA THR A 385 3.09 0.49 -2.00
C THR A 385 2.17 1.73 -1.80
N PRO A 386 1.18 1.72 -0.84
CA PRO A 386 0.30 2.90 -0.54
C PRO A 386 1.07 4.09 0.10
N GLN A 387 0.33 5.06 0.71
CA GLN A 387 0.95 6.16 1.48
C GLN A 387 1.62 5.58 2.75
N VAL A 388 2.89 5.20 2.60
CA VAL A 388 3.69 4.55 3.65
C VAL A 388 5.05 5.26 3.81
N TRP A 389 5.54 5.31 5.04
CA TRP A 389 6.95 5.63 5.31
C TRP A 389 7.76 4.31 5.26
N ILE A 390 7.11 3.23 5.74
CA ILE A 390 7.61 1.84 5.66
C ILE A 390 6.42 0.91 5.33
N ASP A 391 6.57 0.06 4.27
CA ASP A 391 5.60 -1.02 3.99
C ASP A 391 6.27 -2.39 3.95
N HIS A 392 5.59 -3.41 4.49
CA HIS A 392 5.96 -4.82 4.32
C HIS A 392 4.95 -5.53 3.38
N LEU A 393 5.43 -5.90 2.19
CA LEU A 393 4.64 -6.66 1.21
C LEU A 393 4.80 -8.17 1.47
N ALA A 394 3.72 -8.93 1.26
CA ALA A 394 3.79 -10.41 1.27
C ALA A 394 2.87 -10.96 0.17
N PHE A 395 3.46 -11.68 -0.80
CA PHE A 395 2.74 -12.30 -1.93
C PHE A 395 3.46 -13.60 -2.32
N GLU A 396 2.69 -14.63 -2.68
CA GLU A 396 3.23 -15.97 -3.00
C GLU A 396 3.36 -16.15 -4.52
N HIS A 397 4.44 -16.81 -4.94
CA HIS A 397 4.71 -17.17 -6.33
C HIS A 397 5.54 -18.46 -6.32
N HIS A 398 4.92 -19.58 -6.79
CA HIS A 398 5.55 -20.92 -6.88
C HIS A 398 5.93 -21.50 -5.51
N GLY A 399 5.13 -21.16 -4.49
CA GLY A 399 5.34 -21.62 -3.11
C GLY A 399 6.25 -20.71 -2.31
N GLU A 400 6.86 -19.75 -2.98
CA GLU A 400 7.77 -18.79 -2.35
C GLU A 400 6.99 -17.54 -1.98
N VAL A 401 6.89 -17.24 -0.68
CA VAL A 401 6.24 -16.01 -0.21
C VAL A 401 7.32 -14.91 -0.08
N TRP A 402 7.23 -13.94 -0.99
CA TRP A 402 8.15 -12.81 -1.06
C TRP A 402 7.76 -11.80 0.03
N LEU A 403 8.46 -11.84 1.17
CA LEU A 403 8.31 -10.83 2.22
C LEU A 403 9.22 -9.66 1.87
N GLN A 404 8.63 -8.59 1.35
CA GLN A 404 9.37 -7.40 0.91
C GLN A 404 9.27 -6.31 1.96
N TRP A 405 10.31 -5.49 2.05
CA TRP A 405 10.35 -4.29 2.88
C TRP A 405 10.68 -3.14 1.92
N ASP A 406 9.66 -2.38 1.54
CA ASP A 406 9.75 -1.38 0.45
C ASP A 406 9.69 0.03 1.05
N SER A 407 10.88 0.52 1.46
CA SER A 407 11.04 1.85 2.09
C SER A 407 12.49 2.32 1.98
N ASN A 408 12.74 3.62 2.26
CA ASN A 408 14.10 4.13 2.41
C ASN A 408 14.65 3.72 3.79
N ASP A 409 15.62 2.79 3.78
CA ASP A 409 16.35 2.34 5.00
C ASP A 409 17.61 3.20 5.16
N ALA A 410 18.11 3.69 4.00
CA ALA A 410 19.31 4.53 3.90
C ALA A 410 19.12 5.93 4.51
N LEU A 411 17.88 6.25 4.94
CA LEU A 411 17.57 7.52 5.60
C LEU A 411 18.13 7.48 7.05
N PHE A 412 17.84 6.40 7.78
CA PHE A 412 18.42 6.15 9.12
C PHE A 412 18.84 4.66 9.28
N PRO A 413 20.08 4.26 8.86
CA PRO A 413 20.66 2.94 9.19
C PRO A 413 21.91 3.00 10.13
N PRO A 414 21.78 2.68 11.46
CA PRO A 414 22.97 2.37 12.29
C PRO A 414 23.05 0.87 12.72
N ALA A 415 22.27 0.44 13.74
CA ALA A 415 22.17 -0.97 14.17
C ALA A 415 20.98 -1.71 13.55
N LEU A 416 19.80 -1.03 13.62
CA LEU A 416 18.47 -1.69 13.51
C LEU A 416 18.22 -2.48 12.21
N VAL A 417 18.78 -2.03 11.07
CA VAL A 417 18.54 -2.69 9.76
C VAL A 417 19.04 -4.16 9.79
N GLU A 418 20.25 -4.32 10.32
CA GLU A 418 20.92 -5.64 10.43
C GLU A 418 20.44 -6.40 11.68
N THR A 419 20.39 -5.70 12.83
CA THR A 419 20.04 -6.28 14.16
C THR A 419 18.68 -7.01 14.11
N LEU A 420 17.71 -6.36 13.47
CA LEU A 420 16.35 -6.86 13.34
C LEU A 420 16.25 -7.94 12.26
N PHE A 421 17.02 -7.78 11.15
CA PHE A 421 17.08 -8.78 10.04
C PHE A 421 17.45 -10.18 10.60
N ASP A 422 18.55 -10.21 11.35
CA ASP A 422 19.03 -11.43 12.01
C ASP A 422 18.00 -11.93 13.04
N ALA A 423 17.46 -11.00 13.85
CA ALA A 423 16.46 -11.31 14.91
C ALA A 423 15.20 -12.01 14.35
N TYR A 424 14.76 -11.62 13.12
CA TYR A 424 13.62 -12.25 12.45
C TYR A 424 13.93 -13.72 12.14
N CYS A 425 15.08 -13.94 11.48
CA CYS A 425 15.53 -15.28 11.09
C CYS A 425 15.72 -16.21 12.31
N GLN A 426 16.07 -15.60 13.46
CA GLN A 426 16.22 -16.31 14.73
C GLN A 426 14.85 -16.79 15.25
N LEU A 427 13.91 -15.83 15.51
CA LEU A 427 12.63 -16.14 16.18
C LEU A 427 11.65 -16.93 15.28
N ILE A 428 11.68 -16.68 13.96
CA ILE A 428 10.80 -17.38 12.99
C ILE A 428 11.22 -18.86 12.88
N ASN A 429 12.51 -19.10 12.59
CA ASN A 429 13.04 -20.46 12.40
C ASN A 429 12.95 -21.28 13.70
N GLN A 430 13.29 -20.65 14.83
CA GLN A 430 13.32 -21.32 16.14
C GLN A 430 11.91 -21.72 16.62
N LEU A 431 10.92 -20.83 16.41
CA LEU A 431 9.53 -21.04 16.91
C LEU A 431 8.82 -22.17 16.14
N CYS A 432 8.98 -22.17 14.81
CA CYS A 432 8.36 -23.18 13.93
C CYS A 432 9.06 -24.55 14.12
N ASP A 433 10.39 -24.52 14.33
CA ASP A 433 11.22 -25.73 14.43
C ASP A 433 11.09 -26.39 15.82
N ASP A 434 10.96 -25.56 16.87
CA ASP A 434 10.95 -26.04 18.28
C ASP A 434 9.59 -25.76 18.92
N GLU A 435 9.00 -26.83 19.47
CA GLU A 435 7.72 -26.80 20.18
C GLU A 435 7.82 -25.98 21.49
N SER A 436 9.00 -25.92 22.09
CA SER A 436 9.22 -25.21 23.37
C SER A 436 9.50 -23.70 23.15
N ALA A 437 9.84 -23.31 21.91
CA ALA A 437 10.31 -21.94 21.58
C ALA A 437 9.21 -20.88 21.70
N TRP A 438 7.95 -21.29 21.45
CA TRP A 438 6.78 -20.39 21.65
C TRP A 438 6.40 -20.26 23.13
N GLN A 439 6.99 -21.14 23.97
CA GLN A 439 6.89 -21.03 25.44
C GLN A 439 8.17 -20.36 26.02
N LYS A 440 9.11 -19.97 25.14
CA LYS A 440 10.36 -19.27 25.53
C LYS A 440 10.24 -17.76 25.23
N PRO A 441 10.97 -16.88 26.00
CA PRO A 441 11.05 -15.43 25.69
C PRO A 441 11.79 -15.14 24.35
N PHE A 442 11.11 -14.42 23.44
CA PHE A 442 11.63 -14.04 22.11
C PHE A 442 12.68 -12.90 22.18
N ALA A 443 12.68 -12.16 23.32
CA ALA A 443 13.58 -11.01 23.58
C ALA A 443 15.08 -11.38 23.48
N ASP A 444 15.37 -12.69 23.63
CA ASP A 444 16.72 -13.27 23.42
C ASP A 444 17.26 -12.90 22.03
N MET A 445 16.40 -13.10 21.02
CA MET A 445 16.73 -12.93 19.59
C MET A 445 17.14 -11.48 19.25
N LEU A 446 16.57 -10.53 19.99
CA LEU A 446 16.87 -9.09 19.82
C LEU A 446 18.30 -8.76 20.31
N GLU A 447 18.73 -9.42 21.38
CA GLU A 447 20.06 -9.19 22.00
C GLU A 447 21.18 -9.92 21.21
N HIS A 448 20.79 -10.94 20.42
CA HIS A 448 21.75 -11.74 19.63
C HIS A 448 22.24 -10.98 18.39
N HIS A 449 23.57 -11.08 18.14
CA HIS A 449 24.27 -10.44 17.02
C HIS A 449 23.97 -11.17 15.68
N HIS A 450 24.85 -10.98 14.67
CA HIS A 450 24.70 -11.63 13.35
C HIS A 450 24.89 -13.16 13.45
N HIS A 451 23.89 -13.91 12.97
CA HIS A 451 24.02 -15.35 12.75
C HIS A 451 24.63 -15.60 11.36
N HIS A 452 25.04 -16.85 11.10
CA HIS A 452 25.60 -17.25 9.80
C HIS A 452 24.52 -17.12 8.70
N HIS A 453 24.76 -16.21 7.74
CA HIS A 453 23.90 -15.97 6.57
C HIS A 453 24.79 -15.55 5.38
#